data_6BGO
#
_entry.id   6BGO
#
_cell.length_a   1
_cell.length_b   1
_cell.length_c   1
_cell.angle_alpha   90.00
_cell.angle_beta   90.00
_cell.angle_gamma   90.00
#
_symmetry.space_group_name_H-M   'P 1'
#
loop_
_entity.id
_entity.type
_entity.pdbx_description
1 polymer 'Proteasome subunit alpha'
2 polymer 'Proteasome subunit beta'
3 polymer 'Bacterial proteasome activator'
#
loop_
_entity_poly.entity_id
_entity_poly.type
_entity_poly.pdbx_seq_one_letter_code
_entity_poly.pdbx_strand_id
1 'polypeptide(L)'
;MSFPYFISPEQAMRERSELARKGIARAKSVVALAYAGGVLFVAENPSRSLQKISELYDRVGFAAAGKFNEFDNLRRGGIQ
FADTRGYAYDRRDVTGRQLANVYAQTLGTIFTEQAKPYEVELCVAEVAHYGETKRPELYRITYDGSIADEPHFVVMGGTT
EPIANALKESYAENASLTDALRIAVAALRAGSADTSGGDQPTLGVASLEVAVLDANRPRRAFRRITGSALQALLVDQESP
QSDGESSG
;
A,C,D,E,F,G,H,I,J,K,L,M,N,O
2 'polypeptide(L)'
;TTIVALKYPGGVVMAGDRRSTQGNMISGRDVRKVYITDDYTATGIAGTAAVAVEFARLYAVELEHYEKLEGVPLTFAGKI
NRLAIMVRGNLAAAMQGLLALPLLAGYDIHASDPQSAGRIVSFDAAGGWNIEEEGYQAVGSGSLFAKSSMKKLYSQVTDG
DSGLRVAVEALYDAADDDSATGGPDLVRGIFPTAVIIDADGAVDVPESRIAELARAIIESRSGADTFGSDGGEKHHHHHH
;
P,Q,R,S,T,U,V,W,X,Y,Z,a,b,c
3 'polypeptide(L)'
;MVIGLSTGSDDDDVEVIGGVDPRLIAVQENDSDESSLTDLVEQPAKVMRIGTMIKQLLEEVRAAPLDEASRNRLRDIHAT
SIRELEDGLAPELREELDRLTLPFNEDAVPSDAELRIAQAQLVGWLEGLFHGIQTALFAQQMAARAQLQQMRQGALPPGV
GKSGQHGHGTGQYL
;
d,e,f,g,h,i,j
#
# COMPACT_ATOMS: atom_id res chain seq x y z
N TYR A 5 14.45 21.23 -78.88
CA TYR A 5 14.00 22.61 -78.71
C TYR A 5 14.67 23.28 -77.52
N PHE A 6 15.12 22.46 -76.57
CA PHE A 6 15.77 22.97 -75.37
C PHE A 6 17.21 23.37 -75.66
N ILE A 7 17.77 24.22 -74.80
CA ILE A 7 19.14 24.69 -74.95
C ILE A 7 20.12 23.79 -74.21
N SER A 8 20.84 24.39 -73.26
CA SER A 8 21.82 23.64 -72.47
C SER A 8 21.86 24.14 -71.03
N PRO A 9 22.63 23.47 -70.19
CA PRO A 9 22.76 23.85 -68.78
C PRO A 9 23.75 24.98 -68.57
N GLU A 10 24.88 24.92 -69.27
CA GLU A 10 25.90 25.97 -69.15
C GLU A 10 25.34 27.30 -69.62
N GLN A 11 24.60 27.27 -70.72
CA GLN A 11 23.98 28.46 -71.28
C GLN A 11 22.98 29.02 -70.28
N ALA A 12 22.21 28.13 -69.65
CA ALA A 12 21.22 28.54 -68.67
C ALA A 12 21.91 29.21 -67.49
N MET A 13 23.04 28.64 -67.06
CA MET A 13 23.80 29.19 -65.96
C MET A 13 24.29 30.60 -66.30
N ARG A 14 24.76 30.77 -67.54
CA ARG A 14 25.24 32.07 -67.98
C ARG A 14 24.09 33.08 -67.96
N GLU A 15 22.93 32.64 -68.42
CA GLU A 15 21.75 33.50 -68.42
C GLU A 15 21.38 33.91 -67.00
N ARG A 16 21.46 32.96 -66.08
CA ARG A 16 21.15 33.23 -64.69
C ARG A 16 22.11 34.27 -64.13
N SER A 17 23.39 34.13 -64.46
CA SER A 17 24.37 35.08 -63.98
C SER A 17 24.07 36.46 -64.52
N GLU A 18 23.72 36.54 -65.80
CA GLU A 18 23.41 37.83 -66.40
C GLU A 18 22.21 38.48 -65.73
N LEU A 19 21.20 37.67 -65.45
CA LEU A 19 19.99 38.18 -64.80
C LEU A 19 20.32 38.72 -63.42
N ALA A 20 21.15 37.98 -62.70
CA ALA A 20 21.55 38.41 -61.36
C ALA A 20 22.31 39.72 -61.42
N ARG A 21 23.19 39.84 -62.41
CA ARG A 21 23.97 41.05 -62.57
C ARG A 21 23.06 42.23 -62.85
N LYS A 22 22.06 42.03 -63.70
CA LYS A 22 21.14 43.10 -64.02
C LYS A 22 20.37 43.53 -62.78
N GLY A 23 19.94 42.56 -61.99
CA GLY A 23 19.22 42.88 -60.78
C GLY A 23 20.08 43.69 -59.82
N ILE A 24 21.34 43.30 -59.67
CA ILE A 24 22.24 44.01 -58.78
C ILE A 24 22.47 45.44 -59.26
N ALA A 25 22.59 45.60 -60.58
CA ALA A 25 22.87 46.90 -61.19
C ALA A 25 21.80 47.99 -60.99
N ARG A 26 20.53 47.61 -61.11
CA ARG A 26 19.45 48.57 -60.93
C ARG A 26 19.06 48.67 -59.47
N ALA A 27 19.90 49.31 -58.66
CA ALA A 27 19.63 49.46 -57.23
C ALA A 27 20.36 50.63 -56.61
N LYS A 28 19.89 51.06 -55.44
CA LYS A 28 20.52 52.18 -54.72
C LYS A 28 21.91 51.75 -54.25
N SER A 29 22.83 52.70 -54.21
CA SER A 29 24.21 52.39 -53.85
C SER A 29 24.44 52.59 -52.35
N VAL A 30 25.25 51.71 -51.79
CA VAL A 30 25.62 51.75 -50.38
C VAL A 30 27.14 51.73 -50.30
N VAL A 31 27.69 52.46 -49.33
CA VAL A 31 29.12 52.37 -49.07
C VAL A 31 29.37 52.12 -47.59
N ALA A 32 30.46 51.42 -47.31
CA ALA A 32 30.91 51.19 -45.95
C ALA A 32 32.42 51.40 -45.93
N LEU A 33 32.90 52.21 -44.98
CA LEU A 33 34.33 52.49 -44.95
C LEU A 33 34.84 52.60 -43.52
N ALA A 34 36.12 52.28 -43.34
CA ALA A 34 36.73 52.36 -42.03
C ALA A 34 37.17 53.78 -41.73
N TYR A 35 36.92 54.20 -40.50
CA TYR A 35 37.37 55.50 -40.00
C TYR A 35 37.81 55.32 -38.56
N ALA A 36 38.27 56.42 -37.98
CA ALA A 36 38.97 56.37 -36.69
C ALA A 36 38.14 55.66 -35.63
N GLY A 37 36.85 55.98 -35.53
CA GLY A 37 36.01 55.39 -34.49
C GLY A 37 35.36 54.07 -34.83
N GLY A 38 35.63 53.51 -36.01
CA GLY A 38 35.07 52.22 -36.37
C GLY A 38 34.77 52.09 -37.85
N VAL A 39 33.50 51.83 -38.17
CA VAL A 39 33.05 51.67 -39.55
C VAL A 39 31.82 52.53 -39.77
N LEU A 40 31.71 53.09 -40.98
CA LEU A 40 30.64 54.00 -41.35
C LEU A 40 29.87 53.44 -42.54
N PHE A 41 28.55 53.31 -42.38
CA PHE A 41 27.64 52.92 -43.45
C PHE A 41 26.87 54.15 -43.93
N VAL A 42 26.92 54.41 -45.24
CA VAL A 42 26.19 55.52 -45.86
C VAL A 42 25.49 54.98 -47.09
N ALA A 43 24.16 54.97 -47.04
CA ALA A 43 23.35 54.44 -48.12
C ALA A 43 22.41 55.52 -48.62
N GLU A 44 22.09 55.41 -49.90
CA GLU A 44 21.14 56.30 -50.56
C GLU A 44 19.75 55.65 -50.43
N ASN A 45 18.94 56.17 -49.52
CA ASN A 45 17.68 55.53 -49.15
C ASN A 45 16.59 56.58 -48.98
N PRO A 46 15.59 56.63 -49.88
CA PRO A 46 14.53 57.65 -49.78
C PRO A 46 13.48 57.36 -48.71
N SER A 47 13.04 56.11 -48.60
CA SER A 47 12.01 55.73 -47.63
C SER A 47 12.48 55.99 -46.20
N ARG A 48 11.50 56.17 -45.32
CA ARG A 48 11.77 56.35 -43.89
C ARG A 48 11.55 55.08 -43.08
N SER A 49 10.80 54.12 -43.62
CA SER A 49 10.52 52.85 -42.94
C SER A 49 11.44 51.73 -43.39
N LEU A 50 11.75 51.65 -44.68
CA LEU A 50 12.56 50.56 -45.23
C LEU A 50 14.04 50.91 -45.11
N GLN A 51 14.81 50.01 -44.50
CA GLN A 51 16.20 50.27 -44.19
C GLN A 51 17.11 49.22 -44.82
N LYS A 52 18.33 49.66 -45.18
CA LYS A 52 19.34 48.79 -45.77
C LYS A 52 20.59 48.67 -44.92
N ILE A 53 20.54 49.08 -43.66
CA ILE A 53 21.67 48.98 -42.75
C ILE A 53 21.15 48.49 -41.41
N SER A 54 21.85 47.56 -40.78
CA SER A 54 21.25 46.96 -39.60
C SER A 54 22.30 46.43 -38.65
N GLU A 55 21.97 46.47 -37.36
CA GLU A 55 22.73 45.77 -36.34
C GLU A 55 22.55 44.26 -36.53
N LEU A 56 23.63 43.51 -36.43
CA LEU A 56 23.53 42.06 -36.40
C LEU A 56 23.85 41.49 -35.03
N TYR A 57 24.94 41.93 -34.43
CA TYR A 57 25.28 41.53 -33.08
C TYR A 57 26.04 42.68 -32.46
N ASP A 58 26.48 42.49 -31.22
CA ASP A 58 27.10 43.56 -30.43
C ASP A 58 28.04 44.42 -31.26
N ARG A 59 28.99 43.82 -31.98
CA ARG A 59 29.99 44.57 -32.73
C ARG A 59 29.92 44.29 -34.22
N VAL A 60 28.87 43.64 -34.70
CA VAL A 60 28.79 43.21 -36.10
C VAL A 60 27.62 43.93 -36.73
N GLY A 61 27.90 44.67 -37.80
CA GLY A 61 26.89 45.38 -38.56
C GLY A 61 26.74 44.78 -39.96
N PHE A 62 25.76 45.29 -40.70
CA PHE A 62 25.31 44.64 -41.93
C PHE A 62 24.70 45.67 -42.87
N ALA A 63 25.15 45.68 -44.12
CA ALA A 63 24.53 46.50 -45.16
C ALA A 63 24.29 45.64 -46.39
N ALA A 64 23.29 46.03 -47.18
CA ALA A 64 22.91 45.22 -48.32
C ALA A 64 22.34 46.10 -49.41
N ALA A 65 22.34 45.53 -50.61
CA ALA A 65 21.84 46.20 -51.81
C ALA A 65 21.25 45.16 -52.74
N GLY A 66 20.02 45.39 -53.15
CA GLY A 66 19.38 44.58 -54.14
C GLY A 66 17.88 44.70 -54.00
N LYS A 67 17.24 43.53 -53.95
CA LYS A 67 15.80 43.31 -53.72
C LYS A 67 15.46 43.31 -52.23
N PHE A 68 14.62 44.26 -51.78
CA PHE A 68 14.46 44.47 -50.34
C PHE A 68 13.97 43.22 -49.61
N ASN A 69 12.88 42.60 -50.08
CA ASN A 69 12.38 41.41 -49.37
C ASN A 69 13.46 40.33 -49.18
N GLU A 70 14.44 40.23 -50.09
CA GLU A 70 15.37 39.11 -49.96
C GLU A 70 16.51 39.46 -49.02
N PHE A 71 17.11 40.61 -49.26
CA PHE A 71 18.19 41.10 -48.43
C PHE A 71 17.63 41.28 -47.02
N ASP A 72 16.38 41.70 -46.92
CA ASP A 72 15.73 41.85 -45.63
C ASP A 72 15.62 40.48 -44.98
N ASN A 73 15.26 39.47 -45.76
CA ASN A 73 15.13 38.12 -45.26
C ASN A 73 16.47 37.60 -44.75
N LEU A 74 17.55 37.88 -45.47
CA LEU A 74 18.85 37.45 -45.00
C LEU A 74 19.13 38.17 -43.68
N ARG A 75 18.85 39.47 -43.63
CA ARG A 75 19.00 40.22 -42.39
C ARG A 75 18.41 39.46 -41.22
N ARG A 76 17.18 38.98 -41.38
CA ARG A 76 16.51 38.27 -40.31
C ARG A 76 17.20 36.95 -40.00
N GLY A 77 17.55 36.18 -41.03
CA GLY A 77 18.27 34.94 -40.79
C GLY A 77 19.56 35.16 -40.03
N GLY A 78 20.30 36.21 -40.38
CA GLY A 78 21.54 36.49 -39.70
C GLY A 78 21.33 36.85 -38.25
N ILE A 79 20.34 37.69 -37.98
CA ILE A 79 19.99 38.02 -36.60
C ILE A 79 19.69 36.74 -35.81
N GLN A 80 18.81 35.91 -36.36
CA GLN A 80 18.50 34.61 -35.77
C GLN A 80 19.77 33.84 -35.42
N PHE A 81 20.67 33.58 -36.35
CA PHE A 81 21.78 32.69 -35.98
C PHE A 81 22.64 33.17 -34.81
N ALA A 82 22.95 34.46 -34.79
CA ALA A 82 23.79 35.00 -33.74
C ALA A 82 23.22 34.85 -32.35
N ASP A 83 21.94 35.13 -32.15
CA ASP A 83 21.39 35.05 -30.80
C ASP A 83 21.46 33.65 -30.22
N THR A 84 21.07 32.66 -31.02
CA THR A 84 21.11 31.29 -30.53
C THR A 84 22.54 30.88 -30.24
N ARG A 85 23.46 31.25 -31.13
CA ARG A 85 24.84 30.87 -30.90
C ARG A 85 25.37 31.49 -29.62
N GLY A 86 25.06 32.75 -29.39
CA GLY A 86 25.54 33.43 -28.20
C GLY A 86 24.98 32.77 -26.97
N TYR A 87 23.70 32.43 -27.00
CA TYR A 87 23.10 31.80 -25.82
C TYR A 87 23.77 30.47 -25.53
N ALA A 88 24.05 29.68 -26.56
CA ALA A 88 24.72 28.41 -26.35
C ALA A 88 26.15 28.57 -25.81
N TYR A 89 26.92 29.51 -26.35
CA TYR A 89 28.30 29.71 -25.90
C TYR A 89 28.49 31.08 -25.27
N ASP A 90 28.61 32.14 -26.07
CA ASP A 90 28.67 33.43 -25.39
C ASP A 90 28.71 34.54 -26.43
N ARG A 91 28.55 35.78 -25.95
CA ARG A 91 28.44 36.92 -26.87
C ARG A 91 29.75 37.14 -27.61
N ARG A 92 30.87 37.15 -26.89
CA ARG A 92 32.17 37.38 -27.50
C ARG A 92 32.62 36.25 -28.41
N ASP A 93 31.84 35.18 -28.55
CA ASP A 93 32.22 34.11 -29.46
C ASP A 93 31.70 34.31 -30.87
N VAL A 94 30.59 35.02 -31.04
CA VAL A 94 30.08 35.35 -32.35
C VAL A 94 30.97 36.42 -32.95
N THR A 95 31.47 36.16 -34.16
CA THR A 95 32.39 37.05 -34.84
C THR A 95 31.84 37.40 -36.21
N GLY A 96 32.30 38.51 -36.78
CA GLY A 96 31.87 38.87 -38.12
C GLY A 96 32.23 37.82 -39.15
N ARG A 97 33.32 37.10 -38.90
CA ARG A 97 33.80 36.09 -39.83
C ARG A 97 32.82 34.92 -39.96
N GLN A 98 32.35 34.40 -38.83
CA GLN A 98 31.43 33.26 -38.84
C GLN A 98 30.14 33.61 -39.55
N LEU A 99 29.63 34.81 -39.28
CA LEU A 99 28.41 35.26 -39.94
C LEU A 99 28.61 35.43 -41.44
N ALA A 100 29.75 35.99 -41.83
CA ALA A 100 30.01 36.24 -43.24
C ALA A 100 30.02 34.91 -43.96
N ASN A 101 30.65 33.93 -43.33
CA ASN A 101 30.70 32.58 -43.86
C ASN A 101 29.31 31.96 -44.01
N VAL A 102 28.45 32.11 -43.02
CA VAL A 102 27.15 31.43 -43.10
C VAL A 102 26.32 31.89 -44.27
N TYR A 103 26.33 33.19 -44.50
CA TYR A 103 25.57 33.74 -45.59
C TYR A 103 26.06 33.18 -46.91
N ALA A 104 27.36 33.11 -47.10
CA ALA A 104 27.87 32.63 -48.37
C ALA A 104 27.46 31.20 -48.68
N GLN A 105 27.61 30.32 -47.70
CA GLN A 105 27.25 28.94 -47.92
C GLN A 105 25.76 28.82 -48.20
N THR A 106 24.97 29.55 -47.41
CA THR A 106 23.53 29.47 -47.59
C THR A 106 23.16 29.96 -48.98
N LEU A 107 23.75 31.06 -49.41
CA LEU A 107 23.43 31.62 -50.69
C LEU A 107 23.77 30.63 -51.79
N GLY A 108 24.95 30.02 -51.73
CA GLY A 108 25.30 29.10 -52.79
C GLY A 108 24.36 27.92 -52.87
N THR A 109 24.06 27.33 -51.72
CA THR A 109 23.18 26.17 -51.76
C THR A 109 21.79 26.55 -52.24
N ILE A 110 21.32 27.69 -51.73
CA ILE A 110 20.01 28.16 -52.06
C ILE A 110 19.92 28.40 -53.54
N PHE A 111 20.92 29.05 -54.12
CA PHE A 111 20.85 29.35 -55.55
C PHE A 111 20.80 28.06 -56.34
N THR A 112 21.66 27.11 -55.98
CA THR A 112 21.69 25.86 -56.75
C THR A 112 20.35 25.11 -56.68
N GLU A 113 19.70 25.10 -55.52
CA GLU A 113 18.43 24.37 -55.43
C GLU A 113 17.14 25.17 -55.67
N GLN A 114 17.23 26.50 -55.71
CA GLN A 114 16.01 27.31 -55.86
C GLN A 114 15.66 27.68 -57.27
N ALA A 115 14.70 28.58 -57.41
CA ALA A 115 14.31 28.92 -58.77
C ALA A 115 15.03 30.16 -59.24
N LYS A 116 14.93 31.23 -58.47
CA LYS A 116 15.55 32.48 -58.84
C LYS A 116 16.67 32.84 -57.87
N PRO A 117 17.83 33.29 -58.37
CA PRO A 117 18.92 33.66 -57.45
C PRO A 117 18.63 34.98 -56.75
N TYR A 118 19.10 35.09 -55.51
CA TYR A 118 18.89 36.31 -54.74
C TYR A 118 19.70 37.45 -55.34
N GLU A 119 19.00 38.45 -55.88
CA GLU A 119 19.64 39.61 -56.49
C GLU A 119 20.11 40.57 -55.39
N VAL A 120 21.04 40.06 -54.58
CA VAL A 120 21.50 40.79 -53.41
C VAL A 120 23.03 40.85 -53.37
N GLU A 121 23.54 41.85 -52.67
CA GLU A 121 24.96 42.02 -52.40
C GLU A 121 25.08 42.45 -50.95
N LEU A 122 25.88 41.73 -50.18
CA LEU A 122 25.97 41.89 -48.75
C LEU A 122 27.34 42.40 -48.34
N CYS A 123 27.36 43.13 -47.24
CA CYS A 123 28.57 43.58 -46.60
C CYS A 123 28.41 43.36 -45.10
N VAL A 124 29.27 42.55 -44.52
CA VAL A 124 29.27 42.31 -43.08
C VAL A 124 30.47 43.05 -42.50
N ALA A 125 30.23 43.84 -41.45
CA ALA A 125 31.31 44.63 -40.86
C ALA A 125 31.49 44.26 -39.39
N GLU A 126 32.73 44.35 -38.93
CA GLU A 126 33.05 44.06 -37.54
C GLU A 126 34.11 45.03 -37.04
N VAL A 127 33.99 45.43 -35.78
CA VAL A 127 34.99 46.24 -35.10
C VAL A 127 35.43 45.51 -33.84
N ALA A 128 36.46 46.05 -33.18
CA ALA A 128 36.96 45.42 -31.97
C ALA A 128 36.02 45.72 -30.79
N HIS A 129 36.23 45.01 -29.68
CA HIS A 129 35.44 45.22 -28.48
C HIS A 129 35.92 46.47 -27.76
N TYR A 130 35.28 46.79 -26.64
CA TYR A 130 35.67 47.94 -25.83
C TYR A 130 37.05 47.71 -25.21
N GLY A 131 37.87 48.76 -25.18
CA GLY A 131 39.20 48.69 -24.59
C GLY A 131 40.17 47.73 -25.23
N GLU A 132 40.05 47.54 -26.54
CA GLU A 132 40.95 46.65 -27.26
C GLU A 132 41.31 47.28 -28.59
N THR A 133 42.45 46.91 -29.15
CA THR A 133 42.86 47.47 -30.43
C THR A 133 42.87 46.41 -31.53
N LYS A 134 42.17 46.71 -32.62
CA LYS A 134 42.12 45.79 -33.75
C LYS A 134 41.51 46.56 -34.93
N ARG A 135 41.94 46.20 -36.13
CA ARG A 135 41.50 46.92 -37.32
C ARG A 135 40.08 46.50 -37.71
N PRO A 136 39.26 47.43 -38.21
CA PRO A 136 37.92 47.04 -38.68
C PRO A 136 38.02 46.06 -39.85
N GLU A 137 37.12 45.08 -39.86
CA GLU A 137 37.07 44.07 -40.91
C GLU A 137 35.79 44.24 -41.72
N LEU A 138 35.94 44.29 -43.04
CA LEU A 138 34.82 44.36 -43.97
C LEU A 138 34.86 43.14 -44.87
N TYR A 139 33.73 42.47 -45.00
CA TYR A 139 33.59 41.36 -45.93
C TYR A 139 32.47 41.71 -46.88
N ARG A 140 32.65 41.38 -48.16
CA ARG A 140 31.59 41.47 -49.16
C ARG A 140 31.21 40.07 -49.64
N ILE A 141 29.92 39.74 -49.55
CA ILE A 141 29.39 38.47 -50.02
C ILE A 141 28.52 38.76 -51.23
N THR A 142 28.82 38.09 -52.35
CA THR A 142 28.07 38.30 -53.57
C THR A 142 27.00 37.20 -53.73
N TYR A 143 26.19 37.33 -54.78
CA TYR A 143 24.97 36.52 -54.93
C TYR A 143 25.25 35.02 -55.06
N ASP A 144 26.40 34.65 -55.61
CA ASP A 144 26.78 33.25 -55.83
C ASP A 144 27.29 32.56 -54.57
N GLY A 145 27.75 33.30 -53.57
CA GLY A 145 28.43 32.70 -52.44
C GLY A 145 29.86 33.17 -52.27
N SER A 146 30.41 33.90 -53.24
CA SER A 146 31.76 34.41 -53.14
C SER A 146 31.87 35.42 -52.01
N ILE A 147 33.01 35.40 -51.34
CA ILE A 147 33.26 36.28 -50.21
C ILE A 147 34.64 36.90 -50.37
N ALA A 148 34.74 38.22 -50.16
CA ALA A 148 35.97 38.95 -50.35
C ALA A 148 36.30 39.80 -49.13
N ASP A 149 37.57 39.81 -48.74
CA ASP A 149 38.03 40.54 -47.56
C ASP A 149 38.56 41.90 -47.98
N GLU A 150 37.93 42.95 -47.48
CA GLU A 150 38.19 44.32 -47.90
C GLU A 150 38.94 45.06 -46.81
N PRO A 151 39.99 45.80 -47.13
CA PRO A 151 40.78 46.44 -46.07
C PRO A 151 40.27 47.82 -45.70
N HIS A 152 39.58 48.50 -46.63
CA HIS A 152 39.32 49.92 -46.49
C HIS A 152 37.85 50.27 -46.70
N PHE A 153 37.23 49.82 -47.80
CA PHE A 153 35.84 50.17 -48.04
C PHE A 153 35.20 49.18 -49.01
N VAL A 154 33.87 49.09 -48.88
CA VAL A 154 33.02 48.25 -49.74
C VAL A 154 32.00 49.17 -50.38
N VAL A 155 31.74 48.96 -51.67
CA VAL A 155 30.68 49.65 -52.38
C VAL A 155 29.75 48.61 -53.00
N MET A 156 28.46 48.76 -52.76
CA MET A 156 27.47 47.78 -53.18
C MET A 156 26.36 48.44 -53.98
N GLY A 157 25.86 47.73 -54.97
CA GLY A 157 24.67 48.11 -55.73
C GLY A 157 24.84 49.27 -56.68
N GLY A 158 24.01 49.32 -57.72
CA GLY A 158 24.12 50.34 -58.75
C GLY A 158 25.41 50.22 -59.56
N THR A 159 25.84 51.36 -60.09
CA THR A 159 27.14 51.48 -60.76
C THR A 159 28.22 51.73 -59.72
N THR A 160 29.03 50.70 -59.44
CA THR A 160 30.05 50.71 -58.39
C THR A 160 31.38 51.34 -58.83
N GLU A 161 31.65 51.44 -60.15
CA GLU A 161 32.94 51.95 -60.61
C GLU A 161 33.19 53.40 -60.16
N PRO A 162 32.31 54.37 -60.46
CA PRO A 162 32.70 55.76 -60.14
C PRO A 162 32.84 56.01 -58.65
N ILE A 163 31.92 55.43 -57.87
CA ILE A 163 31.98 55.57 -56.42
C ILE A 163 33.26 54.93 -55.89
N ALA A 164 33.60 53.74 -56.41
CA ALA A 164 34.80 53.04 -55.93
C ALA A 164 36.06 53.84 -56.25
N ASN A 165 36.09 54.52 -57.39
CA ASN A 165 37.25 55.30 -57.76
C ASN A 165 37.37 56.58 -56.94
N ALA A 166 36.27 57.34 -56.83
CA ALA A 166 36.24 58.53 -55.98
C ALA A 166 36.69 58.22 -54.56
N LEU A 167 36.24 57.08 -54.01
CA LEU A 167 36.71 56.65 -52.70
C LEU A 167 38.20 56.32 -52.74
N LYS A 168 38.65 55.73 -53.86
CA LYS A 168 40.06 55.39 -54.00
C LYS A 168 40.97 56.62 -53.89
N GLU A 169 40.50 57.79 -54.40
CA GLU A 169 41.27 59.04 -54.30
C GLU A 169 41.14 59.76 -52.96
N SER A 170 39.90 59.86 -52.44
CA SER A 170 39.54 60.51 -51.18
C SER A 170 39.81 59.70 -49.89
N TYR A 171 39.93 58.38 -49.93
CA TYR A 171 40.04 57.62 -48.67
C TYR A 171 41.29 58.00 -47.88
N ALA A 172 41.14 58.07 -46.54
CA ALA A 172 42.25 58.35 -45.63
C ALA A 172 42.05 57.58 -44.34
N GLU A 173 43.02 56.75 -43.96
CA GLU A 173 42.85 55.95 -42.76
C GLU A 173 42.88 56.85 -41.55
N ASN A 174 42.02 56.55 -40.57
CA ASN A 174 41.98 57.34 -39.35
C ASN A 174 41.37 58.72 -39.61
N ALA A 175 40.54 58.82 -40.63
CA ALA A 175 39.75 60.03 -40.84
C ALA A 175 38.69 60.13 -39.76
N SER A 176 38.38 61.35 -39.33
CA SER A 176 37.36 61.46 -38.29
C SER A 176 35.99 61.11 -38.88
N LEU A 177 34.97 61.19 -38.02
CA LEU A 177 33.61 60.84 -38.43
C LEU A 177 33.08 61.83 -39.48
N THR A 178 33.36 63.12 -39.30
CA THR A 178 32.86 64.13 -40.23
C THR A 178 33.56 64.02 -41.59
N ASP A 179 34.88 63.82 -41.59
CA ASP A 179 35.63 63.72 -42.83
C ASP A 179 35.21 62.48 -43.62
N ALA A 180 35.12 61.34 -42.94
CA ALA A 180 34.66 60.11 -43.59
C ALA A 180 33.24 60.24 -44.10
N LEU A 181 32.39 61.02 -43.40
CA LEU A 181 31.05 61.25 -43.93
C LEU A 181 31.08 62.10 -45.19
N ARG A 182 31.92 63.14 -45.21
CA ARG A 182 32.04 63.98 -46.41
C ARG A 182 32.57 63.17 -47.59
N ILE A 183 33.61 62.38 -47.35
CA ILE A 183 34.20 61.54 -48.39
C ILE A 183 33.17 60.56 -48.93
N ALA A 184 32.40 59.95 -48.04
CA ALA A 184 31.44 58.92 -48.43
C ALA A 184 30.26 59.50 -49.20
N VAL A 185 29.76 60.66 -48.77
CA VAL A 185 28.66 61.28 -49.50
C VAL A 185 29.15 61.81 -50.85
N ALA A 186 30.34 62.39 -50.86
CA ALA A 186 30.90 62.90 -52.10
C ALA A 186 31.08 61.78 -53.12
N ALA A 187 31.76 60.69 -52.72
CA ALA A 187 31.98 59.56 -53.63
C ALA A 187 30.67 58.90 -54.01
N LEU A 188 29.68 58.95 -53.13
CA LEU A 188 28.37 58.37 -53.43
C LEU A 188 27.67 59.17 -54.51
N ARG A 189 27.89 60.49 -54.54
CA ARG A 189 27.27 61.35 -55.56
C ARG A 189 27.78 61.05 -56.96
N ALA A 190 29.05 60.66 -57.09
CA ALA A 190 29.65 60.41 -58.39
C ALA A 190 28.78 59.49 -59.26
N LEU A 203 24.50 64.05 -51.59
CA LEU A 203 23.26 64.60 -52.12
C LEU A 203 22.54 65.45 -51.08
N GLY A 204 21.22 65.45 -51.15
CA GLY A 204 20.39 66.22 -50.24
C GLY A 204 20.38 65.62 -48.85
N VAL A 205 20.04 66.44 -47.85
CA VAL A 205 19.99 65.98 -46.47
C VAL A 205 18.97 64.87 -46.31
N ALA A 206 17.86 64.99 -47.03
CA ALA A 206 16.81 63.98 -47.01
C ALA A 206 17.24 62.74 -47.78
N SER A 207 16.56 61.62 -47.51
CA SER A 207 16.81 60.32 -48.14
C SER A 207 18.22 59.72 -48.00
N LEU A 208 18.82 59.89 -46.83
CA LEU A 208 20.14 59.34 -46.54
C LEU A 208 20.05 58.43 -45.31
N GLU A 209 20.61 57.21 -45.39
CA GLU A 209 20.56 56.34 -44.24
C GLU A 209 22.00 56.22 -43.75
N VAL A 210 22.28 56.74 -42.57
CA VAL A 210 23.64 56.77 -42.06
C VAL A 210 23.68 56.13 -40.67
N ALA A 211 24.63 55.21 -40.48
CA ALA A 211 24.84 54.55 -39.20
C ALA A 211 26.33 54.27 -39.03
N VAL A 212 26.73 54.02 -37.79
CA VAL A 212 28.13 53.75 -37.50
C VAL A 212 28.24 52.50 -36.64
N LEU A 213 29.40 51.86 -36.72
CA LEU A 213 29.83 50.85 -35.75
C LEU A 213 30.89 51.53 -34.90
N ASP A 214 30.43 52.26 -33.89
CA ASP A 214 31.31 53.06 -33.05
C ASP A 214 32.07 52.13 -32.12
N ALA A 215 33.39 52.00 -32.32
CA ALA A 215 34.18 51.10 -31.49
C ALA A 215 34.27 51.55 -30.04
N ASN A 216 33.83 52.76 -29.72
CA ASN A 216 34.01 53.26 -28.37
C ASN A 216 32.84 52.90 -27.45
N ARG A 217 31.73 52.43 -27.99
CA ARG A 217 30.58 52.06 -27.18
C ARG A 217 30.96 50.87 -26.32
N PRO A 218 30.38 50.74 -25.12
CA PRO A 218 30.75 49.61 -24.24
C PRO A 218 30.34 48.24 -24.81
N ARG A 219 29.10 48.09 -25.28
CA ARG A 219 28.65 46.79 -25.76
C ARG A 219 28.09 46.85 -27.17
N ARG A 220 26.89 47.41 -27.33
CA ARG A 220 26.24 47.54 -28.64
C ARG A 220 26.85 48.70 -29.41
N ALA A 221 27.62 48.38 -30.45
CA ALA A 221 28.39 49.37 -31.21
C ALA A 221 27.59 50.09 -32.28
N PHE A 222 26.55 49.44 -32.80
CA PHE A 222 25.77 50.04 -33.89
C PHE A 222 24.99 51.24 -33.39
N ARG A 223 24.95 52.31 -34.18
CA ARG A 223 24.27 53.54 -33.74
C ARG A 223 23.90 54.36 -34.96
N ARG A 224 22.60 54.65 -35.12
CA ARG A 224 22.15 55.45 -36.25
C ARG A 224 22.40 56.93 -36.02
N ILE A 225 22.66 57.64 -37.10
CA ILE A 225 22.87 59.09 -37.11
C ILE A 225 21.83 59.69 -38.04
N THR A 226 20.76 60.23 -37.45
CA THR A 226 19.61 60.72 -38.21
C THR A 226 19.23 62.13 -37.76
N GLY A 227 18.41 62.78 -38.58
CA GLY A 227 17.89 64.11 -38.29
C GLY A 227 18.78 65.34 -38.18
N SER A 228 18.49 66.12 -37.15
CA SER A 228 19.16 67.39 -36.90
C SER A 228 20.65 67.25 -36.65
N ALA A 229 21.07 66.24 -35.91
CA ALA A 229 22.49 66.04 -35.66
C ALA A 229 23.22 65.77 -36.96
N LEU A 230 22.61 64.95 -37.81
CA LEU A 230 23.19 64.64 -39.11
C LEU A 230 23.28 65.89 -39.96
N GLN A 231 22.23 66.72 -39.91
CA GLN A 231 22.23 67.95 -40.68
C GLN A 231 23.37 68.87 -40.22
N ALA A 232 23.56 68.95 -38.90
CA ALA A 232 24.61 69.78 -38.33
C ALA A 232 25.98 69.28 -38.78
N LEU A 233 26.14 67.96 -38.79
CA LEU A 233 27.39 67.35 -39.21
C LEU A 233 27.67 67.66 -40.67
N LEU A 234 26.63 67.62 -41.50
CA LEU A 234 26.77 67.91 -42.91
C LEU A 234 26.43 69.36 -43.22
N SER B 8 -26.51 -18.35 75.44
CA SER B 8 -26.82 -19.21 74.30
C SER B 8 -27.25 -18.39 73.09
N PRO B 9 -27.19 -19.00 71.91
CA PRO B 9 -27.57 -18.32 70.68
C PRO B 9 -29.04 -17.89 70.68
N GLU B 10 -29.92 -18.75 71.17
CA GLU B 10 -31.34 -18.43 71.23
C GLU B 10 -31.59 -17.23 72.14
N GLN B 11 -30.89 -17.23 73.28
CA GLN B 11 -30.99 -16.14 74.23
C GLN B 11 -30.50 -14.85 73.60
N ALA B 12 -29.41 -14.94 72.85
CA ALA B 12 -28.85 -13.78 72.16
C ALA B 12 -29.85 -13.24 71.15
N MET B 13 -30.51 -14.15 70.43
CA MET B 13 -31.51 -13.76 69.44
C MET B 13 -32.66 -13.04 70.12
N ARG B 14 -33.08 -13.55 71.28
CA ARG B 14 -34.17 -12.91 72.02
C ARG B 14 -33.76 -11.52 72.46
N GLU B 15 -32.52 -11.38 72.91
CA GLU B 15 -32.00 -10.09 73.33
C GLU B 15 -31.99 -9.11 72.15
N ARG B 16 -31.59 -9.60 70.98
CA ARG B 16 -31.54 -8.77 69.79
C ARG B 16 -32.94 -8.29 69.45
N SER B 17 -33.92 -9.19 69.54
CA SER B 17 -35.28 -8.81 69.24
C SER B 17 -35.76 -7.74 70.20
N GLU B 18 -35.43 -7.90 71.48
CA GLU B 18 -35.86 -6.92 72.47
C GLU B 18 -35.23 -5.56 72.18
N LEU B 19 -33.96 -5.56 71.82
CA LEU B 19 -33.25 -4.32 71.52
C LEU B 19 -33.90 -3.62 70.34
N ALA B 20 -34.23 -4.40 69.32
CA ALA B 20 -34.85 -3.86 68.12
C ALA B 20 -36.21 -3.24 68.47
N ARG B 21 -36.96 -3.94 69.32
CA ARG B 21 -38.27 -3.46 69.72
C ARG B 21 -38.13 -2.13 70.45
N LYS B 22 -37.14 -2.04 71.34
CA LYS B 22 -36.94 -0.81 72.08
C LYS B 22 -36.60 0.33 71.13
N GLY B 23 -35.74 0.05 70.16
CA GLY B 23 -35.37 1.07 69.21
C GLY B 23 -36.57 1.56 68.43
N ILE B 24 -37.42 0.63 68.00
CA ILE B 24 -38.62 1.00 67.25
C ILE B 24 -39.56 1.84 68.10
N ALA B 25 -39.69 1.49 69.38
CA ALA B 25 -40.60 2.17 70.30
C ALA B 25 -40.30 3.65 70.57
N ARG B 26 -39.03 3.99 70.75
CA ARG B 26 -38.65 5.37 71.01
C ARG B 26 -38.45 6.14 69.70
N ALA B 27 -39.54 6.44 69.02
CA ALA B 27 -39.46 7.16 67.75
C ALA B 27 -40.75 7.90 67.40
N LYS B 28 -40.65 8.87 66.49
CA LYS B 28 -41.81 9.63 66.05
C LYS B 28 -42.77 8.71 65.29
N SER B 29 -44.06 8.98 65.41
CA SER B 29 -45.08 8.13 64.79
C SER B 29 -45.45 8.64 63.41
N VAL B 30 -45.67 7.70 62.50
CA VAL B 30 -46.08 7.99 61.13
C VAL B 30 -47.35 7.20 60.84
N VAL B 31 -48.25 7.78 60.07
CA VAL B 31 -49.41 7.05 59.60
C VAL B 31 -49.57 7.20 58.10
N ALA B 32 -50.10 6.16 57.47
CA ALA B 32 -50.43 6.17 56.06
C ALA B 32 -51.80 5.55 55.89
N LEU B 33 -52.69 6.23 55.17
CA LEU B 33 -54.04 5.71 55.03
C LEU B 33 -54.61 5.98 53.64
N ALA B 34 -55.51 5.11 53.21
CA ALA B 34 -56.13 5.28 51.90
C ALA B 34 -57.27 6.25 51.99
N TYR B 35 -57.37 7.11 50.97
CA TYR B 35 -58.47 8.05 50.82
C TYR B 35 -58.82 8.13 49.35
N ALA B 36 -59.83 8.95 49.06
CA ALA B 36 -60.45 8.95 47.74
C ALA B 36 -59.41 9.17 46.64
N GLY B 37 -58.53 10.14 46.81
CA GLY B 37 -57.56 10.45 45.77
C GLY B 37 -56.27 9.65 45.78
N GLY B 38 -56.13 8.69 46.70
CA GLY B 38 -54.94 7.86 46.73
C GLY B 38 -54.54 7.44 48.13
N VAL B 39 -53.33 7.80 48.53
CA VAL B 39 -52.80 7.47 49.85
C VAL B 39 -52.22 8.73 50.49
N LEU B 40 -52.37 8.84 51.82
CA LEU B 40 -51.95 10.00 52.58
C LEU B 40 -50.94 9.59 53.64
N PHE B 41 -49.78 10.23 53.63
CA PHE B 41 -48.75 10.08 54.65
C PHE B 41 -48.74 11.29 55.57
N VAL B 42 -48.86 11.05 56.87
CA VAL B 42 -48.83 12.10 57.88
C VAL B 42 -47.89 11.66 58.99
N ALA B 43 -46.77 12.37 59.11
CA ALA B 43 -45.74 12.03 60.08
C ALA B 43 -45.51 13.21 61.01
N GLU B 44 -45.13 12.89 62.23
CA GLU B 44 -44.79 13.88 63.24
C GLU B 44 -43.29 14.15 63.13
N ASN B 45 -42.92 15.28 62.52
CA ASN B 45 -41.54 15.56 62.16
C ASN B 45 -41.20 17.02 62.46
N PRO B 46 -40.35 17.29 63.46
CA PRO B 46 -40.03 18.68 63.81
C PRO B 46 -39.04 19.36 62.86
N SER B 47 -37.99 18.65 62.44
CA SER B 47 -36.97 19.20 61.55
C SER B 47 -37.58 19.61 60.21
N ARG B 48 -36.90 20.56 59.55
CA ARG B 48 -37.29 21.01 58.22
C ARG B 48 -36.46 20.40 57.11
N SER B 49 -35.29 19.87 57.43
CA SER B 49 -34.40 19.23 56.47
C SER B 49 -34.54 17.72 56.43
N LEU B 50 -34.69 17.08 57.59
CA LEU B 50 -34.75 15.62 57.68
C LEU B 50 -36.18 15.16 57.47
N GLN B 51 -36.37 14.23 56.53
CA GLN B 51 -37.69 13.80 56.11
C GLN B 51 -37.85 12.29 56.27
N LYS B 52 -39.08 11.87 56.58
CA LYS B 52 -39.43 10.47 56.75
C LYS B 52 -40.46 9.98 55.74
N ILE B 53 -40.71 10.74 54.67
CA ILE B 53 -41.64 10.35 53.63
C ILE B 53 -40.99 10.68 52.29
N SER B 54 -41.11 9.77 51.32
CA SER B 54 -40.33 10.00 50.11
C SER B 54 -40.98 9.33 48.91
N GLU B 55 -40.80 9.97 47.75
CA GLU B 55 -41.09 9.33 46.48
C GLU B 55 -40.12 8.19 46.24
N LEU B 56 -40.62 7.04 45.78
CA LEU B 56 -39.76 5.97 45.33
C LEU B 56 -39.77 5.80 43.82
N TYR B 57 -40.96 5.76 43.24
CA TYR B 57 -41.10 5.71 41.79
C TYR B 57 -42.39 6.40 41.45
N ASP B 58 -42.71 6.42 40.15
CA ASP B 58 -43.85 7.18 39.63
C ASP B 58 -45.07 7.10 40.56
N ARG B 59 -45.50 5.89 40.93
CA ARG B 59 -46.70 5.71 41.72
C ARG B 59 -46.43 5.05 43.06
N VAL B 60 -45.16 4.93 43.46
CA VAL B 60 -44.80 4.19 44.67
C VAL B 60 -44.17 5.17 45.64
N GLY B 61 -44.76 5.27 46.84
CA GLY B 61 -44.26 6.11 47.90
C GLY B 61 -43.75 5.26 49.06
N PHE B 62 -43.15 5.95 50.05
CA PHE B 62 -42.36 5.28 51.08
C PHE B 62 -42.37 6.11 52.35
N ALA B 63 -42.68 5.47 53.47
CA ALA B 63 -42.56 6.12 54.78
C ALA B 63 -41.83 5.18 55.74
N ALA B 64 -41.17 5.76 56.72
CA ALA B 64 -40.35 4.97 57.62
C ALA B 64 -40.29 5.60 58.99
N ALA B 65 -39.93 4.77 59.96
CA ALA B 65 -39.81 5.17 61.35
C ALA B 65 -38.71 4.36 62.01
N GLY B 66 -37.79 5.07 62.62
CA GLY B 66 -36.76 4.46 63.42
C GLY B 66 -35.58 5.39 63.51
N LYS B 67 -34.40 4.82 63.22
CA LYS B 67 -33.09 5.48 63.13
C LYS B 67 -32.88 6.14 61.76
N PHE B 68 -32.71 7.48 61.73
CA PHE B 68 -32.77 8.19 60.46
C PHE B 68 -31.72 7.71 59.46
N ASN B 69 -30.45 7.65 59.87
CA ASN B 69 -29.41 7.21 58.92
C ASN B 69 -29.74 5.85 58.26
N GLU B 70 -30.45 4.95 58.97
CA GLU B 70 -30.64 3.63 58.38
C GLU B 70 -31.82 3.59 57.44
N PHE B 71 -32.95 4.11 57.93
CA PHE B 71 -34.15 4.18 57.14
C PHE B 71 -33.85 5.07 55.94
N ASP B 72 -33.04 6.11 56.14
CA ASP B 72 -32.64 6.98 55.06
C ASP B 72 -31.83 6.17 54.05
N ASN B 73 -30.95 5.31 54.55
CA ASN B 73 -30.13 4.48 53.68
C ASN B 73 -30.99 3.53 52.86
N LEU B 74 -32.02 2.95 53.48
CA LEU B 74 -32.90 2.07 52.72
C LEU B 74 -33.58 2.92 51.66
N ARG B 75 -34.06 4.10 52.04
CA ARG B 75 -34.66 5.01 51.07
C ARG B 75 -33.81 5.09 49.81
N ARG B 76 -32.51 5.32 50.00
CA ARG B 76 -31.61 5.46 48.86
C ARG B 76 -31.49 4.15 48.08
N GLY B 77 -31.30 3.03 48.78
CA GLY B 77 -31.25 1.75 48.09
C GLY B 77 -32.49 1.49 47.26
N GLY B 78 -33.66 1.81 47.81
CA GLY B 78 -34.89 1.58 47.07
C GLY B 78 -34.99 2.45 45.83
N ILE B 79 -34.62 3.73 45.96
CA ILE B 79 -34.57 4.61 44.80
C ILE B 79 -33.66 4.02 43.73
N GLN B 80 -32.44 3.67 44.11
CA GLN B 80 -31.52 2.99 43.21
C GLN B 80 -32.17 1.83 42.48
N PHE B 81 -32.73 0.85 43.17
CA PHE B 81 -33.20 -0.32 42.40
C PHE B 81 -34.25 -0.02 41.31
N ALA B 82 -35.20 0.83 41.64
CA ALA B 82 -36.25 1.15 40.70
C ALA B 82 -35.76 1.77 39.41
N ASP B 83 -34.85 2.74 39.48
CA ASP B 83 -34.41 3.40 38.25
C ASP B 83 -33.75 2.45 37.28
N THR B 84 -32.84 1.62 37.79
CA THR B 84 -32.16 0.68 36.92
C THR B 84 -33.15 -0.30 36.34
N ARG B 85 -34.08 -0.78 37.17
CA ARG B 85 -35.03 -1.74 36.65
C ARG B 85 -35.87 -1.12 35.54
N GLY B 86 -36.31 0.11 35.74
CA GLY B 86 -37.14 0.77 34.76
C GLY B 86 -36.37 0.94 33.46
N TYR B 87 -35.11 1.35 33.57
CA TYR B 87 -34.34 1.55 32.36
C TYR B 87 -34.19 0.24 31.60
N ALA B 88 -33.93 -0.86 32.31
CA ALA B 88 -33.83 -2.14 31.63
C ALA B 88 -35.13 -2.61 30.97
N TYR B 89 -36.26 -2.45 31.66
CA TYR B 89 -37.55 -2.88 31.10
C TYR B 89 -38.48 -1.70 30.89
N ASP B 90 -39.12 -1.18 31.94
CA ASP B 90 -39.92 0.01 31.67
C ASP B 90 -40.50 0.54 32.98
N ARG B 91 -41.05 1.74 32.92
CA ARG B 91 -41.54 2.40 34.13
C ARG B 91 -42.71 1.65 34.72
N ARG B 92 -43.70 1.29 33.88
CA ARG B 92 -44.88 0.58 34.36
C ARG B 92 -44.60 -0.84 34.82
N ASP B 93 -43.36 -1.32 34.75
CA ASP B 93 -43.04 -2.65 35.24
C ASP B 93 -42.65 -2.67 36.71
N VAL B 94 -42.10 -1.57 37.21
CA VAL B 94 -41.79 -1.46 38.63
C VAL B 94 -43.08 -1.28 39.40
N THR B 95 -43.30 -2.14 40.39
CA THR B 95 -44.53 -2.15 41.17
C THR B 95 -44.17 -2.02 42.65
N GLY B 96 -45.14 -1.58 43.46
CA GLY B 96 -44.91 -1.49 44.88
C GLY B 96 -44.59 -2.84 45.49
N ARG B 97 -45.12 -3.90 44.90
CA ARG B 97 -44.93 -5.25 45.41
C ARG B 97 -43.47 -5.69 45.32
N GLN B 98 -42.85 -5.49 44.17
CA GLN B 98 -41.46 -5.89 43.97
C GLN B 98 -40.54 -5.17 44.91
N LEU B 99 -40.76 -3.87 45.09
CA LEU B 99 -39.95 -3.09 46.00
C LEU B 99 -40.15 -3.54 47.45
N ALA B 100 -41.39 -3.83 47.83
CA ALA B 100 -41.68 -4.23 49.20
C ALA B 100 -40.92 -5.50 49.48
N ASN B 101 -40.95 -6.39 48.51
CA ASN B 101 -40.22 -7.66 48.61
C ASN B 101 -38.72 -7.46 48.77
N VAL B 102 -38.13 -6.56 47.98
CA VAL B 102 -36.67 -6.44 48.03
C VAL B 102 -36.17 -6.01 49.39
N TYR B 103 -36.87 -5.08 50.00
CA TYR B 103 -36.46 -4.59 51.28
C TYR B 103 -36.51 -5.71 52.30
N ALA B 104 -37.56 -6.52 52.29
CA ALA B 104 -37.65 -7.58 53.28
C ALA B 104 -36.52 -8.58 53.20
N GLN B 105 -36.21 -9.03 52.00
CA GLN B 105 -35.14 -10.00 51.84
C GLN B 105 -33.82 -9.39 52.27
N THR B 106 -33.60 -8.15 51.86
CA THR B 106 -32.35 -7.51 52.19
C THR B 106 -32.23 -7.37 53.70
N LEU B 107 -33.30 -6.96 54.35
CA LEU B 107 -33.27 -6.76 55.77
C LEU B 107 -32.97 -8.06 56.47
N GLY B 108 -33.62 -9.15 56.07
CA GLY B 108 -33.37 -10.40 56.76
C GLY B 108 -31.92 -10.85 56.63
N THR B 109 -31.41 -10.79 55.40
CA THR B 109 -30.04 -11.25 55.21
C THR B 109 -29.06 -10.36 55.96
N ILE B 110 -29.33 -9.06 55.89
CA ILE B 110 -28.45 -8.11 56.51
C ILE B 110 -28.45 -8.34 57.99
N PHE B 111 -29.60 -8.56 58.60
CA PHE B 111 -29.64 -8.73 60.04
C PHE B 111 -28.86 -9.98 60.42
N THR B 112 -29.07 -11.07 59.69
CA THR B 112 -28.38 -12.30 60.04
C THR B 112 -26.86 -12.16 59.94
N GLU B 113 -26.36 -11.46 58.92
CA GLU B 113 -24.91 -11.33 58.80
C GLU B 113 -24.24 -10.10 59.42
N GLN B 114 -25.04 -9.11 59.85
CA GLN B 114 -24.46 -7.87 60.40
C GLN B 114 -24.30 -7.86 61.89
N ALA B 115 -23.97 -6.68 62.41
CA ALA B 115 -23.76 -6.65 63.85
C ALA B 115 -25.01 -6.20 64.57
N LYS B 116 -25.56 -5.08 64.16
CA LYS B 116 -26.73 -4.53 64.80
C LYS B 116 -27.92 -4.52 63.85
N PRO B 117 -29.10 -4.95 64.29
CA PRO B 117 -30.26 -4.93 63.38
C PRO B 117 -30.77 -3.52 63.14
N TYR B 118 -31.30 -3.28 61.94
CA TYR B 118 -31.82 -1.97 61.60
C TYR B 118 -33.09 -1.70 62.40
N GLU B 119 -33.02 -0.73 63.30
CA GLU B 119 -34.16 -0.35 64.13
C GLU B 119 -35.13 0.51 63.31
N VAL B 120 -35.68 -0.11 62.27
CA VAL B 120 -36.52 0.60 61.31
C VAL B 120 -37.83 -0.16 61.09
N GLU B 121 -38.83 0.59 60.66
CA GLU B 121 -40.12 0.05 60.26
C GLU B 121 -40.53 0.80 58.99
N LEU B 122 -40.85 0.05 57.95
CA LEU B 122 -41.09 0.59 56.63
C LEU B 122 -42.53 0.39 56.21
N CYS B 123 -43.00 1.31 55.38
CA CYS B 123 -44.30 1.23 54.74
C CYS B 123 -44.11 1.63 53.28
N VAL B 124 -44.41 0.71 52.37
CA VAL B 124 -44.36 1.00 50.95
C VAL B 124 -45.79 1.12 50.45
N ALA B 125 -46.08 2.20 49.73
CA ALA B 125 -47.44 2.45 49.25
C ALA B 125 -47.47 2.53 47.73
N GLU B 126 -48.58 2.09 47.15
CA GLU B 126 -48.76 2.15 45.71
C GLU B 126 -50.20 2.50 45.38
N VAL B 127 -50.37 3.28 44.31
CA VAL B 127 -51.69 3.62 43.78
C VAL B 127 -51.72 3.21 42.31
N ALA B 128 -52.90 3.30 41.72
CA ALA B 128 -53.05 2.93 40.31
C ALA B 128 -52.48 4.04 39.41
N HIS B 129 -52.33 3.72 38.13
CA HIS B 129 -51.84 4.70 37.16
C HIS B 129 -52.96 5.66 36.78
N TYR B 130 -52.65 6.61 35.90
CA TYR B 130 -53.64 7.56 35.43
C TYR B 130 -54.71 6.85 34.58
N GLY B 131 -55.96 7.25 34.76
CA GLY B 131 -57.06 6.69 33.99
C GLY B 131 -57.33 5.21 34.17
N GLU B 132 -57.05 4.70 35.38
CA GLU B 132 -57.28 3.30 35.68
C GLU B 132 -57.86 3.18 37.08
N THR B 133 -58.59 2.10 37.34
CA THR B 133 -59.19 1.91 38.66
C THR B 133 -58.57 0.72 39.39
N LYS B 134 -58.08 0.98 40.60
CA LYS B 134 -57.49 -0.08 41.41
C LYS B 134 -57.32 0.46 42.82
N ARG B 135 -57.43 -0.44 43.80
CA ARG B 135 -57.39 -0.01 45.20
C ARG B 135 -55.96 0.28 45.63
N PRO B 136 -55.75 1.29 46.50
CA PRO B 136 -54.39 1.53 47.00
C PRO B 136 -53.89 0.34 47.80
N GLU B 137 -52.60 0.05 47.65
CA GLU B 137 -51.96 -1.06 48.36
C GLU B 137 -50.94 -0.50 49.35
N LEU B 138 -51.02 -0.97 50.58
CA LEU B 138 -50.08 -0.62 51.64
C LEU B 138 -49.40 -1.88 52.13
N TYR B 139 -48.08 -1.87 52.20
CA TYR B 139 -47.32 -2.95 52.76
C TYR B 139 -46.52 -2.40 53.93
N ARG B 140 -46.44 -3.16 55.02
CA ARG B 140 -45.54 -2.85 56.13
C ARG B 140 -44.44 -3.90 56.22
N ILE B 141 -43.19 -3.46 56.21
CA ILE B 141 -42.02 -4.32 56.36
C ILE B 141 -41.39 -4.02 57.71
N THR B 142 -41.23 -5.06 58.52
CA THR B 142 -40.64 -4.89 59.85
C THR B 142 -39.15 -5.24 59.81
N TYR B 143 -38.48 -5.04 60.95
CA TYR B 143 -37.01 -5.09 61.02
C TYR B 143 -36.44 -6.45 60.66
N ASP B 144 -37.16 -7.53 60.91
CA ASP B 144 -36.70 -8.89 60.66
C ASP B 144 -36.82 -9.31 59.20
N GLY B 145 -37.66 -8.65 58.41
CA GLY B 145 -37.96 -9.11 57.07
C GLY B 145 -39.42 -9.45 56.85
N SER B 146 -40.23 -9.48 57.91
CA SER B 146 -41.65 -9.76 57.78
C SER B 146 -42.34 -8.67 57.00
N ILE B 147 -43.33 -9.06 56.21
CA ILE B 147 -44.07 -8.15 55.36
C ILE B 147 -45.55 -8.45 55.51
N ALA B 148 -46.36 -7.39 55.68
CA ALA B 148 -47.78 -7.53 55.92
C ALA B 148 -48.57 -6.64 54.97
N ASP B 149 -49.68 -7.19 54.43
CA ASP B 149 -50.51 -6.48 53.47
C ASP B 149 -51.68 -5.83 54.19
N GLU B 150 -51.74 -4.50 54.12
CA GLU B 150 -52.69 -3.70 54.89
C GLU B 150 -53.76 -3.16 53.97
N PRO B 151 -55.04 -3.25 54.35
CA PRO B 151 -56.09 -2.82 53.43
C PRO B 151 -56.45 -1.34 53.56
N HIS B 152 -56.18 -0.75 54.74
CA HIS B 152 -56.75 0.55 55.05
C HIS B 152 -55.69 1.54 55.55
N PHE B 153 -54.88 1.15 56.54
CA PHE B 153 -53.89 2.09 57.06
C PHE B 153 -52.76 1.35 57.77
N VAL B 154 -51.61 2.01 57.80
CA VAL B 154 -50.41 1.54 58.49
C VAL B 154 -50.01 2.59 59.50
N VAL B 155 -49.62 2.15 60.69
CA VAL B 155 -49.07 3.02 61.72
C VAL B 155 -47.70 2.49 62.12
N MET B 156 -46.70 3.38 62.11
CA MET B 156 -45.33 3.00 62.36
C MET B 156 -44.71 3.85 63.45
N GLY B 157 -43.85 3.23 64.25
CA GLY B 157 -43.03 3.91 65.23
C GLY B 157 -43.76 4.43 66.46
N GLY B 158 -43.03 4.57 67.57
CA GLY B 158 -43.63 5.00 68.83
C GLY B 158 -44.61 3.96 69.38
N THR B 159 -45.57 4.45 70.17
CA THR B 159 -46.68 3.65 70.66
C THR B 159 -47.78 3.61 69.59
N THR B 160 -47.91 2.45 68.93
CA THR B 160 -48.83 2.26 67.80
C THR B 160 -50.25 1.91 68.22
N GLU B 161 -50.47 1.41 69.46
CA GLU B 161 -51.80 0.98 69.85
C GLU B 161 -52.82 2.14 69.84
N PRO B 162 -52.60 3.27 70.53
CA PRO B 162 -53.69 4.26 70.58
C PRO B 162 -54.03 4.86 69.23
N ILE B 163 -52.99 5.15 68.44
CA ILE B 163 -53.18 5.68 67.11
C ILE B 163 -53.92 4.67 66.24
N ALA B 164 -53.55 3.39 66.33
CA ALA B 164 -54.20 2.37 65.51
C ALA B 164 -55.66 2.22 65.89
N ASN B 165 -56.00 2.38 67.17
CA ASN B 165 -57.38 2.25 67.58
C ASN B 165 -58.22 3.46 67.17
N ALA B 166 -57.71 4.68 67.43
CA ALA B 166 -58.38 5.90 66.99
C ALA B 166 -58.66 5.87 65.49
N LEU B 167 -57.69 5.39 64.70
CA LEU B 167 -57.92 5.22 63.27
C LEU B 167 -58.98 4.16 63.01
N LYS B 168 -58.97 3.10 63.83
CA LYS B 168 -59.97 2.04 63.67
C LYS B 168 -61.40 2.58 63.80
N GLU B 169 -61.63 3.57 64.69
CA GLU B 169 -62.96 4.17 64.87
C GLU B 169 -63.30 5.24 63.83
N SER B 170 -62.34 6.14 63.54
CA SER B 170 -62.47 7.25 62.58
C SER B 170 -62.31 6.88 61.08
N TYR B 171 -61.69 5.76 60.72
CA TYR B 171 -61.42 5.52 59.29
C TYR B 171 -62.72 5.40 58.48
N ALA B 172 -62.70 5.97 57.27
CA ALA B 172 -63.82 5.91 56.33
C ALA B 172 -63.31 5.81 54.90
N GLU B 173 -63.69 4.77 54.18
CA GLU B 173 -63.17 4.62 52.82
C GLU B 173 -63.75 5.70 51.94
N ASN B 174 -62.91 6.22 51.05
CA ASN B 174 -63.37 7.27 50.12
C ASN B 174 -63.60 8.58 50.87
N ALA B 175 -62.90 8.77 51.98
CA ALA B 175 -62.89 10.07 52.64
C ALA B 175 -62.10 11.07 51.79
N SER B 176 -62.54 12.32 51.79
CA SER B 176 -61.79 13.28 50.97
C SER B 176 -60.43 13.55 51.60
N LEU B 177 -59.66 14.42 50.96
CA LEU B 177 -58.31 14.75 51.43
C LEU B 177 -58.35 15.46 52.78
N THR B 178 -59.30 16.38 52.96
CA THR B 178 -59.37 17.14 54.21
C THR B 178 -59.83 16.25 55.37
N ASP B 179 -60.83 15.40 55.13
CA ASP B 179 -61.34 14.51 56.17
C ASP B 179 -60.27 13.52 56.60
N ALA B 180 -59.61 12.89 55.64
CA ALA B 180 -58.54 11.95 55.95
C ALA B 180 -57.39 12.65 56.67
N LEU B 181 -57.14 13.93 56.35
CA LEU B 181 -56.11 14.65 57.09
C LEU B 181 -56.54 14.90 58.53
N ARG B 182 -57.81 15.26 58.76
CA ARG B 182 -58.30 15.46 60.11
C ARG B 182 -58.24 14.18 60.92
N ILE B 183 -58.70 13.08 60.32
CA ILE B 183 -58.69 11.78 60.97
C ILE B 183 -57.27 11.39 61.34
N ALA B 184 -56.33 11.59 60.41
CA ALA B 184 -54.95 11.16 60.61
C ALA B 184 -54.25 12.00 61.68
N VAL B 185 -54.47 13.31 61.68
CA VAL B 185 -53.85 14.15 62.70
C VAL B 185 -54.48 13.87 64.06
N ALA B 186 -55.80 13.69 64.09
CA ALA B 186 -56.48 13.40 65.33
C ALA B 186 -55.97 12.09 65.94
N ALA B 187 -55.96 11.01 65.14
CA ALA B 187 -55.50 9.71 65.65
C ALA B 187 -54.02 9.76 65.98
N LEU B 188 -53.25 10.61 65.30
CA LEU B 188 -51.83 10.75 65.60
C LEU B 188 -51.62 11.42 66.95
N ARG B 189 -52.52 12.33 67.34
CA ARG B 189 -52.41 13.00 68.64
C ARG B 189 -52.62 12.04 69.81
N ALA B 190 -53.45 11.02 69.64
CA ALA B 190 -53.76 10.09 70.71
C ALA B 190 -52.49 9.55 71.39
N LEU B 203 -51.78 17.85 66.06
CA LEU B 203 -51.01 18.77 66.88
C LEU B 203 -50.92 20.15 66.25
N GLY B 204 -49.81 20.84 66.50
CA GLY B 204 -49.57 22.17 65.98
C GLY B 204 -49.31 22.15 64.49
N VAL B 205 -49.52 23.29 63.83
CA VAL B 205 -49.30 23.39 62.39
C VAL B 205 -47.84 23.12 62.05
N ALA B 206 -46.94 23.59 62.90
CA ALA B 206 -45.50 23.37 62.71
C ALA B 206 -45.12 21.92 62.99
N SER B 207 -43.97 21.51 62.45
CA SER B 207 -43.41 20.17 62.61
C SER B 207 -44.27 18.99 62.14
N LEU B 208 -44.96 19.17 61.02
CA LEU B 208 -45.80 18.13 60.45
C LEU B 208 -45.31 17.81 59.03
N GLU B 209 -45.10 16.54 58.71
CA GLU B 209 -44.64 16.25 57.36
C GLU B 209 -45.80 15.54 56.67
N VAL B 210 -46.39 16.18 55.67
CA VAL B 210 -47.57 15.65 55.01
C VAL B 210 -47.31 15.58 53.51
N ALA B 211 -47.62 14.42 52.92
CA ALA B 211 -47.50 14.20 51.49
C ALA B 211 -48.60 13.24 51.05
N VAL B 212 -48.86 13.24 49.75
CA VAL B 212 -49.90 12.37 49.20
C VAL B 212 -49.36 11.61 47.99
N LEU B 213 -49.98 10.46 47.72
CA LEU B 213 -49.83 9.75 46.45
C LEU B 213 -51.14 10.00 45.71
N ASP B 214 -51.20 11.14 45.03
CA ASP B 214 -52.41 11.57 44.35
C ASP B 214 -52.59 10.74 43.08
N ALA B 215 -53.61 9.88 43.07
CA ALA B 215 -53.84 9.02 41.91
C ALA B 215 -54.22 9.78 40.65
N ASN B 216 -54.52 11.07 40.77
CA ASN B 216 -55.01 11.81 39.62
C ASN B 216 -53.90 12.43 38.80
N ARG B 217 -52.67 12.49 39.32
CA ARG B 217 -51.56 13.07 38.60
C ARG B 217 -51.26 12.19 37.39
N PRO B 218 -50.77 12.78 36.30
CA PRO B 218 -50.50 11.99 35.09
C PRO B 218 -49.39 10.95 35.27
N ARG B 219 -48.25 11.34 35.84
CA ARG B 219 -47.14 10.40 35.96
C ARG B 219 -46.63 10.28 37.40
N ARG B 220 -45.92 11.31 37.88
CA ARG B 220 -45.38 11.34 39.24
C ARG B 220 -46.49 11.68 40.23
N ALA B 221 -46.91 10.69 41.01
CA ALA B 221 -48.06 10.81 41.92
C ALA B 221 -47.72 11.45 43.25
N PHE B 222 -46.48 11.34 43.70
CA PHE B 222 -46.10 11.86 45.00
C PHE B 222 -46.11 13.39 44.99
N ARG B 223 -46.63 13.99 46.06
CA ARG B 223 -46.75 15.45 46.11
C ARG B 223 -46.82 15.90 47.55
N ARG B 224 -45.88 16.77 47.97
CA ARG B 224 -45.88 17.27 49.33
C ARG B 224 -46.90 18.38 49.51
N ILE B 225 -47.46 18.45 50.71
CA ILE B 225 -48.43 19.46 51.12
C ILE B 225 -47.83 20.20 52.31
N THR B 226 -47.26 21.38 52.07
CA THR B 226 -46.53 22.13 53.08
C THR B 226 -47.00 23.57 53.13
N GLY B 227 -46.63 24.26 54.20
CA GLY B 227 -46.93 25.67 54.39
C GLY B 227 -48.34 26.20 54.54
N SER B 228 -48.58 27.30 53.84
CA SER B 228 -49.85 28.03 53.88
C SER B 228 -51.04 27.21 53.40
N ALA B 229 -50.86 26.42 52.35
CA ALA B 229 -51.96 25.60 51.84
C ALA B 229 -52.36 24.58 52.91
N LEU B 230 -51.36 23.99 53.55
CA LEU B 230 -51.61 23.01 54.61
C LEU B 230 -52.33 23.69 55.76
N GLN B 231 -51.91 24.90 56.10
CA GLN B 231 -52.54 25.62 57.20
C GLN B 231 -54.00 25.89 56.88
N ALA B 232 -54.27 26.27 55.63
CA ALA B 232 -55.64 26.55 55.19
C ALA B 232 -56.49 25.29 55.28
N LEU B 233 -55.90 24.17 54.88
CA LEU B 233 -56.60 22.89 54.93
C LEU B 233 -56.93 22.53 56.37
N LEU B 234 -56.00 22.78 57.27
CA LEU B 234 -56.20 22.47 58.68
C LEU B 234 -56.70 23.69 59.44
N SER C 8 -20.66 -30.21 73.55
CA SER C 8 -19.95 -31.02 72.57
C SER C 8 -20.54 -30.84 71.17
N PRO C 9 -19.79 -31.22 70.16
CA PRO C 9 -20.24 -31.10 68.77
C PRO C 9 -21.48 -31.95 68.50
N GLU C 10 -21.52 -33.16 69.03
CA GLU C 10 -22.66 -34.04 68.82
C GLU C 10 -23.91 -33.44 69.45
N GLN C 11 -23.74 -32.87 70.64
CA GLN C 11 -24.84 -32.23 71.35
C GLN C 11 -25.34 -31.04 70.55
N ALA C 12 -24.40 -30.27 69.98
CA ALA C 12 -24.74 -29.12 69.17
C ALA C 12 -25.53 -29.56 67.95
N MET C 13 -25.12 -30.66 67.34
CA MET C 13 -25.80 -31.19 66.16
C MET C 13 -27.22 -31.59 66.53
N ARG C 14 -27.38 -32.22 67.70
CA ARG C 14 -28.71 -32.63 68.14
C ARG C 14 -29.59 -31.40 68.36
N GLU C 15 -29.01 -30.35 68.93
CA GLU C 15 -29.74 -29.12 69.17
C GLU C 15 -30.19 -28.52 67.84
N ARG C 16 -29.29 -28.55 66.85
CA ARG C 16 -29.60 -28.00 65.54
C ARG C 16 -30.75 -28.77 64.93
N SER C 17 -30.73 -30.09 65.05
CA SER C 17 -31.79 -30.89 64.50
C SER C 17 -33.11 -30.54 65.16
N GLU C 18 -33.09 -30.39 66.48
CA GLU C 18 -34.32 -30.05 67.20
C GLU C 18 -34.86 -28.70 66.74
N LEU C 19 -33.96 -27.73 66.56
CA LEU C 19 -34.37 -26.41 66.13
C LEU C 19 -35.02 -26.47 64.76
N ALA C 20 -34.41 -27.26 63.87
CA ALA C 20 -34.93 -27.40 62.52
C ALA C 20 -36.32 -28.03 62.55
N ARG C 21 -36.47 -29.03 63.41
CA ARG C 21 -37.75 -29.71 63.53
C ARG C 21 -38.82 -28.74 64.01
N LYS C 22 -38.47 -27.90 64.99
CA LYS C 22 -39.42 -26.93 65.51
C LYS C 22 -39.84 -25.97 64.41
N GLY C 23 -38.86 -25.52 63.63
CA GLY C 23 -39.15 -24.59 62.56
C GLY C 23 -40.10 -25.22 61.54
N ILE C 24 -39.85 -26.48 61.19
CA ILE C 24 -40.70 -27.16 60.23
C ILE C 24 -42.11 -27.32 60.76
N ALA C 25 -42.22 -27.62 62.06
CA ALA C 25 -43.52 -27.85 62.70
C ALA C 25 -44.49 -26.67 62.71
N ARG C 26 -43.98 -25.48 63.00
CA ARG C 26 -44.83 -24.29 63.04
C ARG C 26 -44.96 -23.67 61.65
N ALA C 27 -45.71 -24.34 60.77
CA ALA C 27 -45.90 -23.84 59.41
C ALA C 27 -47.18 -24.35 58.76
N LYS C 28 -47.62 -23.67 57.70
CA LYS C 28 -48.81 -24.07 56.97
C LYS C 28 -48.56 -25.41 56.28
N SER C 29 -49.60 -26.23 56.17
CA SER C 29 -49.47 -27.56 55.59
C SER C 29 -49.75 -27.54 54.10
N VAL C 30 -48.99 -28.35 53.37
CA VAL C 30 -49.13 -28.51 51.93
C VAL C 30 -49.28 -29.98 51.63
N VAL C 31 -50.10 -30.31 50.64
CA VAL C 31 -50.18 -31.69 50.17
C VAL C 31 -50.04 -31.73 48.66
N ALA C 32 -49.46 -32.83 48.18
CA ALA C 32 -49.34 -33.10 46.76
C ALA C 32 -49.71 -34.56 46.53
N LEU C 33 -50.62 -34.82 45.59
CA LEU C 33 -51.04 -36.19 45.37
C LEU C 33 -51.27 -36.46 43.88
N ALA C 34 -51.10 -37.73 43.51
CA ALA C 34 -51.30 -38.13 42.13
C ALA C 34 -52.78 -38.38 41.87
N TYR C 35 -53.23 -37.91 40.70
CA TYR C 35 -54.58 -38.16 40.23
C TYR C 35 -54.52 -38.40 38.74
N ALA C 36 -55.69 -38.66 38.16
CA ALA C 36 -55.77 -39.15 36.80
C ALA C 36 -55.02 -38.25 35.82
N GLY C 37 -55.22 -36.94 35.92
CA GLY C 37 -54.60 -36.03 34.98
C GLY C 37 -53.20 -35.55 35.32
N GLY C 38 -52.62 -36.05 36.41
CA GLY C 38 -51.26 -35.67 36.76
C GLY C 38 -51.02 -35.61 38.25
N VAL C 39 -50.62 -34.44 38.74
CA VAL C 39 -50.34 -34.21 40.17
C VAL C 39 -51.07 -32.95 40.62
N LEU C 40 -51.55 -32.97 41.86
CA LEU C 40 -52.32 -31.88 42.44
C LEU C 40 -51.63 -31.35 43.69
N PHE C 41 -51.38 -30.04 43.70
CA PHE C 41 -50.85 -29.33 44.87
C PHE C 41 -51.96 -28.53 45.53
N VAL C 42 -52.16 -28.75 46.83
CA VAL C 42 -53.16 -28.02 47.61
C VAL C 42 -52.49 -27.56 48.89
N ALA C 43 -52.33 -26.26 49.04
CA ALA C 43 -51.68 -25.66 50.18
C ALA C 43 -52.62 -24.70 50.88
N GLU C 44 -52.43 -24.59 52.18
CA GLU C 44 -53.17 -23.67 53.02
C GLU C 44 -52.40 -22.36 53.06
N ASN C 45 -52.87 -21.36 52.30
CA ASN C 45 -52.12 -20.13 52.08
C ASN C 45 -53.06 -18.93 52.13
N PRO C 46 -52.95 -18.07 53.18
CA PRO C 46 -53.86 -16.92 53.28
C PRO C 46 -53.52 -15.75 52.36
N SER C 47 -52.23 -15.42 52.23
CA SER C 47 -51.80 -14.30 51.40
C SER C 47 -52.17 -14.53 49.94
N ARG C 48 -52.29 -13.42 49.21
CA ARG C 48 -52.56 -13.45 47.78
C ARG C 48 -51.32 -13.24 46.93
N SER C 49 -50.26 -12.67 47.50
CA SER C 49 -49.00 -12.43 46.81
C SER C 49 -47.96 -13.51 47.05
N LEU C 50 -47.85 -14.01 48.27
CA LEU C 50 -46.83 -15.00 48.63
C LEU C 50 -47.34 -16.40 48.31
N GLN C 51 -46.55 -17.15 47.56
CA GLN C 51 -46.97 -18.45 47.06
C GLN C 51 -45.99 -19.55 47.48
N LYS C 52 -46.54 -20.75 47.70
CA LYS C 52 -45.75 -21.91 48.09
C LYS C 52 -45.81 -23.03 47.06
N ILE C 53 -46.27 -22.76 45.85
CA ILE C 53 -46.33 -23.75 44.78
C ILE C 53 -45.85 -23.07 43.50
N SER C 54 -45.03 -23.77 42.72
CA SER C 54 -44.42 -23.05 41.60
C SER C 54 -44.06 -24.01 40.48
N GLU C 55 -44.13 -23.47 39.25
CA GLU C 55 -43.56 -24.15 38.10
C GLU C 55 -42.04 -24.15 38.21
N LEU C 56 -41.40 -25.27 37.92
CA LEU C 56 -39.95 -25.31 37.81
C LEU C 56 -39.49 -25.47 36.38
N TYR C 57 -40.07 -26.42 35.65
CA TYR C 57 -39.78 -26.59 34.25
C TYR C 57 -41.03 -27.13 33.60
N ASP C 58 -40.94 -27.39 32.29
CA ASP C 58 -42.09 -27.78 31.50
C ASP C 58 -43.02 -28.75 32.24
N ARG C 59 -42.48 -29.85 32.77
CA ARG C 59 -43.30 -30.87 33.42
C ARG C 59 -42.95 -31.06 34.89
N VAL C 60 -42.16 -30.16 35.46
CA VAL C 60 -41.67 -30.33 36.83
C VAL C 60 -42.23 -29.20 37.67
N GLY C 61 -42.94 -29.56 38.74
CA GLY C 61 -43.51 -28.61 39.68
C GLY C 61 -42.82 -28.74 41.04
N PHE C 62 -43.19 -27.82 41.94
CA PHE C 62 -42.43 -27.63 43.18
C PHE C 62 -43.35 -27.06 44.26
N ALA C 63 -43.35 -27.70 45.43
CA ALA C 63 -44.04 -27.15 46.59
C ALA C 63 -43.12 -27.18 47.80
N ALA C 64 -43.36 -26.28 48.74
CA ALA C 64 -42.46 -26.14 49.87
C ALA C 64 -43.22 -25.66 51.09
N ALA C 65 -42.60 -25.90 52.23
CA ALA C 65 -43.15 -25.52 53.52
C ALA C 65 -42.01 -25.19 54.48
N GLY C 66 -42.10 -24.01 55.06
CA GLY C 66 -41.18 -23.60 56.09
C GLY C 66 -41.15 -22.10 56.17
N LYS C 67 -39.93 -21.57 56.14
CA LYS C 67 -39.56 -20.15 56.10
C LYS C 67 -39.59 -19.59 54.68
N PHE C 68 -40.47 -18.60 54.42
CA PHE C 68 -40.74 -18.21 53.03
C PHE C 68 -39.48 -17.73 52.29
N ASN C 69 -38.72 -16.79 52.87
CA ASN C 69 -37.53 -16.32 52.17
C ASN C 69 -36.58 -17.44 51.76
N GLU C 70 -36.53 -18.56 52.52
CA GLU C 70 -35.52 -19.56 52.19
C GLU C 70 -36.03 -20.52 51.11
N PHE C 71 -37.23 -21.03 51.34
CA PHE C 71 -37.87 -21.93 50.39
C PHE C 71 -38.06 -21.16 49.09
N ASP C 72 -38.36 -19.86 49.20
CA ASP C 72 -38.49 -19.02 48.03
C ASP C 72 -37.15 -18.94 47.31
N ASN C 73 -36.08 -18.80 48.08
CA ASN C 73 -34.74 -18.73 47.51
C ASN C 73 -34.39 -20.01 46.78
N LEU C 74 -34.75 -21.17 47.36
CA LEU C 74 -34.48 -22.42 46.68
C LEU C 74 -35.28 -22.42 45.38
N ARG C 75 -36.55 -22.02 45.47
CA ARG C 75 -37.38 -21.90 44.26
C ARG C 75 -36.60 -21.23 43.14
N ARG C 76 -36.00 -20.09 43.45
CA ARG C 76 -35.27 -19.34 42.45
C ARG C 76 -34.04 -20.11 41.95
N GLY C 77 -33.26 -20.67 42.87
CA GLY C 77 -32.12 -21.47 42.46
C GLY C 77 -32.52 -22.60 41.54
N GLY C 78 -33.62 -23.27 41.84
CA GLY C 78 -34.05 -24.38 41.01
C GLY C 78 -34.46 -23.92 39.63
N ILE C 79 -35.21 -22.82 39.55
CA ILE C 79 -35.55 -22.24 38.25
C ILE C 79 -34.29 -21.95 37.45
N GLN C 80 -33.35 -21.24 38.06
CA GLN C 80 -32.05 -20.98 37.44
C GLN C 80 -31.45 -22.26 36.86
N PHE C 81 -31.23 -23.30 37.64
CA PHE C 81 -30.48 -24.42 37.06
C PHE C 81 -31.11 -25.04 35.81
N ALA C 82 -32.42 -25.22 35.83
CA ALA C 82 -33.09 -25.84 34.71
C ALA C 82 -32.95 -25.09 33.40
N ASP C 83 -33.11 -23.77 33.41
CA ASP C 83 -33.03 -23.04 32.15
C ASP C 83 -31.68 -23.17 31.48
N THR C 84 -30.62 -22.99 32.25
CA THR C 84 -29.29 -23.10 31.68
C THR C 84 -29.05 -24.50 31.17
N ARG C 85 -29.47 -25.50 31.95
CA ARG C 85 -29.24 -26.86 31.49
C ARG C 85 -29.96 -27.14 30.19
N GLY C 86 -31.21 -26.67 30.09
CA GLY C 86 -31.97 -26.89 28.89
C GLY C 86 -31.33 -26.22 27.70
N TYR C 87 -30.85 -25.01 27.89
CA TYR C 87 -30.23 -24.31 26.79
C TYR C 87 -28.99 -25.05 26.32
N ALA C 88 -28.19 -25.55 27.25
CA ALA C 88 -27.01 -26.31 26.85
C ALA C 88 -27.33 -27.62 26.14
N TYR C 89 -28.33 -28.36 26.62
CA TYR C 89 -28.68 -29.64 26.00
C TYR C 89 -30.10 -29.60 25.43
N ASP C 90 -31.13 -29.73 26.26
CA ASP C 90 -32.44 -29.57 25.66
C ASP C 90 -33.51 -29.65 26.76
N ARG C 91 -34.74 -29.30 26.39
CA ARG C 91 -35.81 -29.22 27.37
C ARG C 91 -36.14 -30.60 27.93
N ARG C 92 -36.30 -31.58 27.06
CA ARG C 92 -36.63 -32.94 27.49
C ARG C 92 -35.51 -33.63 28.26
N ASP C 93 -34.36 -32.99 28.44
CA ASP C 93 -33.29 -33.60 29.23
C ASP C 93 -33.38 -33.28 30.70
N VAL C 94 -33.95 -32.14 31.06
CA VAL C 94 -34.17 -31.80 32.46
C VAL C 94 -35.29 -32.66 33.00
N THR C 95 -35.04 -33.35 34.10
CA THR C 95 -35.98 -34.28 34.69
C THR C 95 -36.19 -33.89 36.15
N GLY C 96 -37.32 -34.34 36.72
CA GLY C 96 -37.58 -34.07 38.13
C GLY C 96 -36.53 -34.68 39.02
N ARG C 97 -35.94 -35.79 38.57
CA ARG C 97 -34.93 -36.50 39.36
C ARG C 97 -33.67 -35.66 39.56
N GLN C 98 -33.16 -35.09 38.47
CA GLN C 98 -31.93 -34.30 38.54
C GLN C 98 -32.10 -33.10 39.45
N LEU C 99 -33.25 -32.44 39.34
CA LEU C 99 -33.54 -31.29 40.19
C LEU C 99 -33.66 -31.69 41.65
N ALA C 100 -34.32 -32.81 41.91
CA ALA C 100 -34.53 -33.27 43.28
C ALA C 100 -33.18 -33.51 43.90
N ASN C 101 -32.30 -34.12 43.12
CA ASN C 101 -30.93 -34.38 43.57
C ASN C 101 -30.17 -33.10 43.87
N VAL C 102 -30.28 -32.09 43.02
CA VAL C 102 -29.46 -30.89 43.24
C VAL C 102 -29.78 -30.20 44.55
N TYR C 103 -31.06 -30.13 44.86
CA TYR C 103 -31.47 -29.47 46.09
C TYR C 103 -30.90 -30.20 47.27
N ALA C 104 -30.96 -31.53 47.28
CA ALA C 104 -30.47 -32.26 48.44
C ALA C 104 -29.00 -32.04 48.70
N GLN C 105 -28.18 -32.12 47.66
CA GLN C 105 -26.76 -31.93 47.84
C GLN C 105 -26.48 -30.52 48.32
N THR C 106 -27.16 -29.56 47.70
CA THR C 106 -26.92 -28.18 48.08
C THR C 106 -27.30 -27.98 49.53
N LEU C 107 -28.43 -28.52 49.94
CA LEU C 107 -28.89 -28.33 51.29
C LEU C 107 -27.90 -28.92 52.26
N GLY C 108 -27.41 -30.13 52.00
CA GLY C 108 -26.49 -30.73 52.95
C GLY C 108 -25.22 -29.92 53.09
N THR C 109 -24.65 -29.52 51.95
CA THR C 109 -23.40 -28.76 52.04
C THR C 109 -23.62 -27.44 52.74
N ILE C 110 -24.72 -26.80 52.38
CA ILE C 110 -25.04 -25.50 52.91
C ILE C 110 -25.21 -25.61 54.40
N PHE C 111 -25.92 -26.63 54.88
CA PHE C 111 -26.14 -26.74 56.31
C PHE C 111 -24.81 -26.93 57.02
N THR C 112 -23.98 -27.81 56.49
CA THR C 112 -22.70 -28.07 57.16
C THR C 112 -21.82 -26.82 57.24
N GLU C 113 -21.80 -26.01 56.18
CA GLU C 113 -20.95 -24.82 56.23
C GLU C 113 -21.59 -23.50 56.70
N GLN C 114 -22.91 -23.46 56.82
CA GLN C 114 -23.60 -22.21 57.19
C GLN C 114 -23.85 -22.04 58.65
N ALA C 115 -24.64 -21.02 58.98
CA ALA C 115 -24.87 -20.81 60.41
C ALA C 115 -26.16 -21.47 60.85
N LYS C 116 -27.24 -21.17 60.16
CA LYS C 116 -28.53 -21.71 60.52
C LYS C 116 -29.06 -22.63 59.43
N PRO C 117 -29.60 -23.79 59.78
CA PRO C 117 -30.13 -24.68 58.74
C PRO C 117 -31.44 -24.17 58.17
N TYR C 118 -31.66 -24.44 56.88
CA TYR C 118 -32.89 -24.00 56.22
C TYR C 118 -34.07 -24.79 56.78
N GLU C 119 -34.96 -24.09 57.48
CA GLU C 119 -36.16 -24.69 58.06
C GLU C 119 -37.20 -24.90 56.96
N VAL C 120 -36.85 -25.75 56.00
CA VAL C 120 -37.68 -25.95 54.81
C VAL C 120 -37.90 -27.45 54.57
N GLU C 121 -38.97 -27.74 53.87
CA GLU C 121 -39.30 -29.08 53.41
C GLU C 121 -39.81 -28.94 51.99
N LEU C 122 -39.22 -29.70 51.07
CA LEU C 122 -39.46 -29.55 49.65
C LEU C 122 -40.13 -30.79 49.09
N CYS C 123 -40.90 -30.57 48.03
CA CYS C 123 -41.51 -31.63 47.26
C CYS C 123 -41.34 -31.26 45.80
N VAL C 124 -40.65 -32.11 45.04
CA VAL C 124 -40.49 -31.91 43.61
C VAL C 124 -41.37 -32.94 42.91
N ALA C 125 -42.19 -32.48 41.96
CA ALA C 125 -43.11 -33.36 41.27
C ALA C 125 -42.84 -33.37 39.77
N GLU C 126 -43.07 -34.51 39.14
CA GLU C 126 -42.89 -34.65 37.71
C GLU C 126 -43.98 -35.52 37.12
N VAL C 127 -44.42 -35.18 35.91
CA VAL C 127 -45.38 -35.98 35.16
C VAL C 127 -44.75 -36.30 33.80
N ALA C 128 -45.42 -37.17 33.04
CA ALA C 128 -44.91 -37.54 31.72
C ALA C 128 -45.17 -36.41 30.72
N HIS C 129 -44.53 -36.53 29.56
CA HIS C 129 -44.72 -35.55 28.49
C HIS C 129 -46.05 -35.79 27.78
N TYR C 130 -46.35 -34.96 26.80
CA TYR C 130 -47.57 -35.12 26.01
C TYR C 130 -47.51 -36.41 25.19
N GLY C 131 -48.65 -37.11 25.10
CA GLY C 131 -48.75 -38.33 24.32
C GLY C 131 -47.86 -39.47 24.76
N GLU C 132 -47.60 -39.56 26.05
CA GLU C 132 -46.78 -40.64 26.59
C GLU C 132 -47.38 -41.13 27.90
N THR C 133 -47.10 -42.38 28.25
CA THR C 133 -47.64 -42.93 29.49
C THR C 133 -46.55 -43.20 30.51
N LYS C 134 -46.71 -42.64 31.71
CA LYS C 134 -45.74 -42.85 32.78
C LYS C 134 -46.37 -42.35 34.07
N ARG C 135 -46.01 -42.98 35.18
CA ARG C 135 -46.62 -42.66 36.46
C ARG C 135 -46.04 -41.35 37.02
N PRO C 136 -46.85 -40.52 37.69
CA PRO C 136 -46.30 -39.32 38.32
C PRO C 136 -45.28 -39.69 39.40
N GLU C 137 -44.22 -38.90 39.48
CA GLU C 137 -43.17 -39.10 40.46
C GLU C 137 -43.16 -37.94 41.45
N LEU C 138 -43.15 -38.28 42.74
CA LEU C 138 -43.07 -37.31 43.83
C LEU C 138 -41.82 -37.60 44.64
N TYR C 139 -41.02 -36.57 44.88
CA TYR C 139 -39.87 -36.69 45.74
C TYR C 139 -40.04 -35.69 46.87
N ARG C 140 -39.68 -36.08 48.08
CA ARG C 140 -39.61 -35.18 49.22
C ARG C 140 -38.15 -35.01 49.67
N ILE C 141 -37.70 -33.77 49.74
CA ILE C 141 -36.35 -33.43 50.20
C ILE C 141 -36.50 -32.73 51.55
N THR C 142 -35.81 -33.25 52.56
CA THR C 142 -35.88 -32.67 53.89
C THR C 142 -34.67 -31.76 54.12
N TYR C 143 -34.66 -31.09 55.29
CA TYR C 143 -33.72 -30.00 55.57
C TYR C 143 -32.26 -30.44 55.55
N ASP C 144 -31.98 -31.70 55.91
CA ASP C 144 -30.63 -32.22 55.99
C ASP C 144 -30.04 -32.61 54.64
N GLY C 145 -30.87 -32.84 53.63
CA GLY C 145 -30.41 -33.41 52.37
C GLY C 145 -31.03 -34.74 52.02
N SER C 146 -31.76 -35.35 52.96
CA SER C 146 -32.42 -36.63 52.69
C SER C 146 -33.50 -36.46 51.63
N ILE C 147 -33.63 -37.49 50.80
CA ILE C 147 -34.58 -37.48 49.70
C ILE C 147 -35.33 -38.81 49.70
N ALA C 148 -36.65 -38.74 49.56
CA ALA C 148 -37.51 -39.91 49.63
C ALA C 148 -38.44 -39.97 48.42
N ASP C 149 -38.60 -41.18 47.86
CA ASP C 149 -39.43 -41.38 46.67
C ASP C 149 -40.82 -41.83 47.09
N GLU C 150 -41.82 -41.03 46.76
CA GLU C 150 -43.20 -41.22 47.22
C GLU C 150 -44.06 -41.72 46.08
N PRO C 151 -44.89 -42.73 46.30
CA PRO C 151 -45.65 -43.28 45.17
C PRO C 151 -47.00 -42.60 44.97
N HIS C 152 -47.54 -41.99 46.03
CA HIS C 152 -48.94 -41.58 46.01
C HIS C 152 -49.12 -40.12 46.46
N PHE C 153 -48.55 -39.73 47.61
CA PHE C 153 -48.75 -38.36 48.05
C PHE C 153 -47.64 -37.96 49.04
N VAL C 154 -47.43 -36.65 49.11
CA VAL C 154 -46.48 -36.02 50.02
C VAL C 154 -47.24 -35.02 50.85
N VAL C 155 -46.95 -34.98 52.15
CA VAL C 155 -47.49 -33.97 53.05
C VAL C 155 -46.32 -33.26 53.73
N MET C 156 -46.35 -31.93 53.69
CA MET C 156 -45.26 -31.12 54.19
C MET C 156 -45.76 -30.06 55.16
N GLY C 157 -44.94 -29.80 56.18
CA GLY C 157 -45.16 -28.71 57.12
C GLY C 157 -46.29 -28.90 58.11
N GLY C 158 -46.20 -28.23 59.26
CA GLY C 158 -47.18 -28.39 60.32
C GLY C 158 -47.16 -29.79 60.93
N THR C 159 -48.32 -30.19 61.47
CA THR C 159 -48.54 -31.55 61.95
C THR C 159 -48.95 -32.44 60.77
N THR C 160 -48.01 -33.30 60.33
CA THR C 160 -48.20 -34.14 59.15
C THR C 160 -48.93 -35.46 59.43
N GLU C 161 -48.99 -35.91 60.71
CA GLU C 161 -49.61 -37.20 60.99
C GLU C 161 -51.10 -37.23 60.61
N PRO C 162 -51.96 -36.32 61.09
CA PRO C 162 -53.40 -36.52 60.81
C PRO C 162 -53.73 -36.41 59.34
N ILE C 163 -53.10 -35.45 58.65
CA ILE C 163 -53.30 -35.29 57.22
C ILE C 163 -52.83 -36.53 56.47
N ALA C 164 -51.66 -37.05 56.86
CA ALA C 164 -51.12 -38.23 56.18
C ALA C 164 -52.03 -39.44 56.37
N ASN C 165 -52.65 -39.56 57.54
CA ASN C 165 -53.53 -40.70 57.78
C ASN C 165 -54.86 -40.57 57.04
N ALA C 166 -55.49 -39.39 57.13
CA ALA C 166 -56.72 -39.11 56.37
C ALA C 166 -56.52 -39.38 54.88
N LEU C 167 -55.38 -38.97 54.33
CA LEU C 167 -55.05 -39.29 52.94
C LEU C 167 -54.88 -40.78 52.76
N LYS C 168 -54.28 -41.44 53.75
CA LYS C 168 -54.10 -42.89 53.67
C LYS C 168 -55.42 -43.64 53.51
N GLU C 169 -56.50 -43.15 54.14
CA GLU C 169 -57.83 -43.77 54.03
C GLU C 169 -58.60 -43.37 52.76
N SER C 170 -58.59 -42.07 52.43
CA SER C 170 -59.26 -41.47 51.27
C SER C 170 -58.54 -41.61 49.91
N TYR C 171 -57.24 -41.87 49.85
CA TYR C 171 -56.56 -41.87 48.55
C TYR C 171 -57.09 -42.95 47.61
N ALA C 172 -57.22 -42.59 46.33
CA ALA C 172 -57.66 -43.51 45.28
C ALA C 172 -56.93 -43.20 43.97
N GLU C 173 -56.23 -44.19 43.42
CA GLU C 173 -55.47 -43.92 42.20
C GLU C 173 -56.43 -43.69 41.06
N ASN C 174 -56.09 -42.72 40.20
CA ASN C 174 -56.93 -42.42 39.05
C ASN C 174 -58.22 -41.73 39.48
N ALA C 175 -58.18 -41.05 40.62
CA ALA C 175 -59.29 -40.19 41.00
C ALA C 175 -59.33 -38.97 40.10
N SER C 176 -60.54 -38.49 39.79
CA SER C 176 -60.58 -37.32 38.93
C SER C 176 -60.07 -36.10 39.67
N LEU C 177 -60.08 -34.96 38.97
CA LEU C 177 -59.58 -33.71 39.55
C LEU C 177 -60.45 -33.25 40.73
N THR C 178 -61.77 -33.37 40.59
CA THR C 178 -62.66 -32.91 41.64
C THR C 178 -62.57 -33.82 42.88
N ASP C 179 -62.53 -35.13 42.68
CA ASP C 179 -62.42 -36.06 43.80
C ASP C 179 -61.12 -35.89 44.55
N ALA C 180 -60.01 -35.81 43.82
CA ALA C 180 -58.71 -35.58 44.45
C ALA C 180 -58.67 -34.24 45.16
N LEU C 181 -59.38 -33.23 44.65
CA LEU C 181 -59.45 -31.96 45.36
C LEU C 181 -60.23 -32.10 46.66
N ARG C 182 -61.35 -32.83 46.64
CA ARG C 182 -62.14 -33.04 47.86
C ARG C 182 -61.33 -33.82 48.89
N ILE C 183 -60.68 -34.89 48.46
CA ILE C 183 -59.86 -35.70 49.34
C ILE C 183 -58.75 -34.86 49.97
N ALA C 184 -58.10 -34.03 49.16
CA ALA C 184 -56.96 -33.25 49.62
C ALA C 184 -57.38 -32.14 50.59
N VAL C 185 -58.49 -31.47 50.30
CA VAL C 185 -58.97 -30.44 51.22
C VAL C 185 -59.47 -31.07 52.51
N ALA C 186 -60.18 -32.18 52.40
CA ALA C 186 -60.68 -32.88 53.57
C ALA C 186 -59.54 -33.30 54.48
N ALA C 187 -58.55 -34.02 53.92
CA ALA C 187 -57.41 -34.49 54.72
C ALA C 187 -56.60 -33.31 55.24
N LEU C 188 -56.58 -32.20 54.51
CA LEU C 188 -55.85 -31.01 54.96
C LEU C 188 -56.52 -30.39 56.19
N ARG C 189 -57.86 -30.49 56.27
CA ARG C 189 -58.59 -29.96 57.41
C ARG C 189 -58.29 -30.70 58.70
N ALA C 190 -58.02 -32.00 58.62
CA ALA C 190 -57.78 -32.80 59.81
C ALA C 190 -56.73 -32.18 60.74
N LEU C 203 -61.18 -26.39 54.05
CA LEU C 203 -61.57 -25.19 54.78
C LEU C 203 -62.40 -24.25 53.92
N GLY C 204 -62.25 -22.95 54.18
CA GLY C 204 -62.97 -21.92 53.44
C GLY C 204 -62.45 -21.77 52.03
N VAL C 205 -63.27 -21.21 51.14
CA VAL C 205 -62.86 -21.00 49.75
C VAL C 205 -61.66 -20.07 49.67
N ALA C 206 -61.64 -19.06 50.53
CA ALA C 206 -60.54 -18.11 50.58
C ALA C 206 -59.29 -18.73 51.19
N SER C 207 -58.13 -18.13 50.89
CA SER C 207 -56.82 -18.56 51.39
C SER C 207 -56.39 -19.99 51.04
N LEU C 208 -56.68 -20.43 49.82
CA LEU C 208 -56.30 -21.76 49.35
C LEU C 208 -55.42 -21.61 48.11
N GLU C 209 -54.27 -22.29 48.06
CA GLU C 209 -53.46 -22.16 46.86
C GLU C 209 -53.50 -23.51 46.18
N VAL C 210 -54.11 -23.57 45.00
CA VAL C 210 -54.31 -24.83 44.30
C VAL C 210 -53.75 -24.72 42.89
N ALA C 211 -52.95 -25.72 42.50
CA ALA C 211 -52.37 -25.80 41.17
C ALA C 211 -52.25 -27.26 40.78
N VAL C 212 -52.12 -27.50 39.47
CA VAL C 212 -51.99 -28.86 38.97
C VAL C 212 -50.81 -28.96 38.02
N LEU C 213 -50.28 -30.18 37.89
CA LEU C 213 -49.37 -30.55 36.82
C LEU C 213 -50.21 -31.40 35.87
N ASP C 214 -50.93 -30.74 34.98
CA ASP C 214 -51.86 -31.40 34.08
C ASP C 214 -51.05 -32.10 32.99
N ALA C 215 -51.06 -33.43 33.00
CA ALA C 215 -50.29 -34.18 32.01
C ALA C 215 -50.81 -34.01 30.59
N ASN C 216 -51.97 -33.41 30.41
CA ASN C 216 -52.56 -33.34 29.08
C ASN C 216 -52.13 -32.10 28.31
N ARG C 217 -51.52 -31.12 28.98
CA ARG C 217 -51.07 -29.90 28.32
C ARG C 217 -49.96 -30.27 27.34
N PRO C 218 -49.83 -29.53 26.24
CA PRO C 218 -48.79 -29.87 25.25
C PRO C 218 -47.36 -29.68 25.77
N ARG C 219 -47.06 -28.55 26.41
CA ARG C 219 -45.70 -28.31 26.86
C ARG C 219 -45.63 -27.96 28.34
N ARG C 220 -46.05 -26.75 28.71
CA ARG C 220 -46.05 -26.28 30.10
C ARG C 220 -47.23 -26.89 30.84
N ALA C 221 -46.95 -27.83 31.75
CA ALA C 221 -47.96 -28.61 32.44
C ALA C 221 -48.55 -27.91 33.66
N PHE C 222 -47.78 -27.02 34.28
CA PHE C 222 -48.23 -26.37 35.50
C PHE C 222 -49.37 -25.40 35.19
N ARG C 223 -50.39 -25.38 36.06
CA ARG C 223 -51.57 -24.54 35.80
C ARG C 223 -52.28 -24.26 37.11
N ARG C 224 -52.42 -22.98 37.47
CA ARG C 224 -53.11 -22.63 38.70
C ARG C 224 -54.63 -22.69 38.52
N ILE C 225 -55.31 -23.04 39.61
CA ILE C 225 -56.76 -23.12 39.67
C ILE C 225 -57.20 -22.17 40.77
N THR C 226 -57.66 -20.97 40.39
CA THR C 226 -57.99 -19.91 41.32
C THR C 226 -59.37 -19.34 41.02
N GLY C 227 -59.90 -18.59 41.99
CA GLY C 227 -61.18 -17.90 41.86
C GLY C 227 -62.50 -18.63 41.70
N SER C 228 -63.30 -18.12 40.77
CA SER C 228 -64.64 -18.63 40.51
C SER C 228 -64.67 -20.07 40.05
N ALA C 229 -63.73 -20.47 39.19
CA ALA C 229 -63.70 -21.85 38.72
C ALA C 229 -63.46 -22.79 39.90
N LEU C 230 -62.53 -22.39 40.77
CA LEU C 230 -62.21 -23.19 41.95
C LEU C 230 -63.43 -23.27 42.85
N GLN C 231 -64.14 -22.17 43.00
CA GLN C 231 -65.33 -22.16 43.84
C GLN C 231 -66.38 -23.11 43.28
N ALA C 232 -66.55 -23.10 41.96
CA ALA C 232 -67.52 -23.97 41.29
C ALA C 232 -67.14 -25.42 41.51
N LEU C 233 -65.84 -25.72 41.42
CA LEU C 233 -65.35 -27.08 41.61
C LEU C 233 -65.62 -27.53 43.03
N LEU C 234 -65.43 -26.63 43.99
CA LEU C 234 -65.66 -26.96 45.39
C LEU C 234 -67.05 -26.53 45.83
N SER D 8 -7.97 -32.26 74.25
CA SER D 8 -6.70 -32.28 73.55
C SER D 8 -6.89 -32.70 72.09
N PRO D 9 -5.88 -32.41 71.27
CA PRO D 9 -5.93 -32.75 69.85
C PRO D 9 -6.02 -34.26 69.62
N GLU D 10 -5.26 -35.03 70.39
CA GLU D 10 -5.27 -36.48 70.25
C GLU D 10 -6.66 -37.02 70.59
N GLN D 11 -7.25 -36.48 71.65
CA GLN D 11 -8.58 -36.88 72.09
C GLN D 11 -9.60 -36.55 71.00
N ALA D 12 -9.44 -35.37 70.39
CA ALA D 12 -10.33 -34.95 69.32
C ALA D 12 -10.21 -35.89 68.14
N MET D 13 -8.99 -36.31 67.82
CA MET D 13 -8.75 -37.23 66.72
C MET D 13 -9.42 -38.57 67.00
N ARG D 14 -9.33 -39.03 68.25
CA ARG D 14 -9.97 -40.28 68.63
C ARG D 14 -11.48 -40.18 68.47
N GLU D 15 -12.02 -39.04 68.88
CA GLU D 15 -13.46 -38.81 68.77
C GLU D 15 -13.87 -38.82 67.30
N ARG D 16 -13.06 -38.21 66.44
CA ARG D 16 -13.35 -38.16 65.01
C ARG D 16 -13.36 -39.57 64.46
N SER D 17 -12.39 -40.38 64.87
CA SER D 17 -12.34 -41.75 64.38
C SER D 17 -13.59 -42.51 64.81
N GLU D 18 -14.00 -42.33 66.06
CA GLU D 18 -15.19 -43.02 66.55
C GLU D 18 -16.42 -42.60 65.76
N LEU D 19 -16.53 -41.31 65.48
CA LEU D 19 -17.68 -40.80 64.73
C LEU D 19 -17.70 -41.41 63.34
N ALA D 20 -16.54 -41.48 62.71
CA ALA D 20 -16.43 -42.05 61.37
C ALA D 20 -16.84 -43.51 61.39
N ARG D 21 -16.40 -44.24 62.41
CA ARG D 21 -16.72 -45.64 62.55
C ARG D 21 -18.23 -45.82 62.69
N LYS D 22 -18.86 -44.97 63.48
CA LYS D 22 -20.30 -45.07 63.68
C LYS D 22 -21.03 -44.82 62.36
N GLY D 23 -20.56 -43.83 61.61
CA GLY D 23 -21.19 -43.53 60.35
C GLY D 23 -21.08 -44.69 59.40
N ILE D 24 -19.90 -45.32 59.35
CA ILE D 24 -19.70 -46.46 58.46
C ILE D 24 -20.59 -47.63 58.87
N ALA D 25 -20.75 -47.84 60.16
CA ALA D 25 -21.53 -48.95 60.70
C ALA D 25 -23.03 -48.95 60.36
N ARG D 26 -23.65 -47.78 60.44
CA ARG D 26 -25.08 -47.68 60.13
C ARG D 26 -25.29 -47.47 58.63
N ALA D 27 -25.08 -48.51 57.84
CA ALA D 27 -25.24 -48.40 56.39
C ALA D 27 -25.51 -49.76 55.73
N LYS D 28 -26.05 -49.71 54.51
CA LYS D 28 -26.32 -50.93 53.75
C LYS D 28 -25.01 -51.62 53.40
N SER D 29 -25.03 -52.94 53.35
CA SER D 29 -23.82 -53.72 53.09
C SER D 29 -23.66 -54.00 51.60
N VAL D 30 -22.42 -53.96 51.14
CA VAL D 30 -22.06 -54.25 49.76
C VAL D 30 -20.98 -55.32 49.77
N VAL D 31 -21.03 -56.21 48.79
CA VAL D 31 -19.94 -57.17 48.62
C VAL D 31 -19.45 -57.17 47.17
N ALA D 32 -18.17 -57.44 47.01
CA ALA D 32 -17.57 -57.60 45.69
C ALA D 32 -16.66 -58.82 45.75
N LEU D 33 -16.82 -59.73 44.79
CA LEU D 33 -16.01 -60.94 44.81
C LEU D 33 -15.60 -61.37 43.41
N ALA D 34 -14.47 -62.06 43.34
CA ALA D 34 -13.98 -62.54 42.06
C ALA D 34 -14.65 -63.84 41.68
N TYR D 35 -15.01 -63.96 40.41
CA TYR D 35 -15.58 -65.18 39.86
C TYR D 35 -15.00 -65.36 38.46
N ALA D 36 -15.42 -66.46 37.84
CA ALA D 36 -14.77 -66.91 36.61
C ALA D 36 -14.74 -65.81 35.54
N GLY D 37 -15.87 -65.12 35.35
CA GLY D 37 -15.94 -64.11 34.30
C GLY D 37 -15.49 -62.71 34.69
N GLY D 38 -15.01 -62.52 35.91
CA GLY D 38 -14.52 -61.22 36.33
C GLY D 38 -14.77 -60.92 37.78
N VAL D 39 -15.51 -59.84 38.05
CA VAL D 39 -15.83 -59.41 39.42
C VAL D 39 -17.33 -59.15 39.51
N LEU D 40 -17.90 -59.45 40.67
CA LEU D 40 -19.34 -59.34 40.92
C LEU D 40 -19.58 -58.41 42.09
N PHE D 41 -20.40 -57.37 41.86
CA PHE D 41 -20.87 -56.46 42.90
C PHE D 41 -22.31 -56.78 43.25
N VAL D 42 -22.58 -57.00 44.53
CA VAL D 42 -23.93 -57.26 45.03
C VAL D 42 -24.15 -56.40 46.25
N ALA D 43 -25.06 -55.43 46.12
CA ALA D 43 -25.35 -54.49 47.18
C ALA D 43 -26.82 -54.58 47.55
N GLU D 44 -27.09 -54.29 48.81
CA GLU D 44 -28.44 -54.23 49.35
C GLU D 44 -28.94 -52.80 49.20
N ASN D 45 -29.79 -52.57 48.19
CA ASN D 45 -30.19 -51.23 47.80
C ASN D 45 -31.68 -51.19 47.50
N PRO D 46 -32.49 -50.51 48.34
CA PRO D 46 -33.94 -50.47 48.10
C PRO D 46 -34.38 -49.51 46.99
N SER D 47 -33.78 -48.31 46.95
CA SER D 47 -34.16 -47.32 45.94
C SER D 47 -33.87 -47.82 44.53
N ARG D 48 -34.61 -47.24 43.57
CA ARG D 48 -34.42 -47.55 42.16
C ARG D 48 -33.60 -46.50 41.42
N SER D 49 -33.48 -45.30 41.98
CA SER D 49 -32.72 -44.21 41.38
C SER D 49 -31.31 -44.08 41.96
N LEU D 50 -31.16 -44.24 43.27
CA LEU D 50 -29.87 -44.07 43.94
C LEU D 50 -29.08 -45.37 43.88
N GLN D 51 -27.85 -45.28 43.39
CA GLN D 51 -27.03 -46.45 43.14
C GLN D 51 -25.70 -46.36 43.89
N LYS D 52 -25.20 -47.54 44.30
CA LYS D 52 -23.93 -47.65 45.01
C LYS D 52 -22.90 -48.47 44.24
N ILE D 53 -23.11 -48.71 42.95
CA ILE D 53 -22.16 -49.43 42.12
C ILE D 53 -22.06 -48.70 40.79
N SER D 54 -20.85 -48.56 40.27
CA SER D 54 -20.74 -47.69 39.09
C SER D 54 -19.54 -48.08 38.25
N GLU D 55 -19.69 -47.86 36.94
CA GLU D 55 -18.56 -47.90 36.02
C GLU D 55 -17.64 -46.72 36.31
N LEU D 56 -16.33 -46.97 36.33
CA LEU D 56 -15.37 -45.87 36.38
C LEU D 56 -14.63 -45.69 35.07
N TYR D 57 -14.12 -46.78 34.52
CA TYR D 57 -13.49 -46.73 33.23
C TYR D 57 -13.71 -48.08 32.57
N ASP D 58 -13.15 -48.24 31.36
CA ASP D 58 -13.41 -49.42 30.54
C ASP D 58 -13.44 -50.71 31.37
N ARG D 59 -12.40 -50.97 32.18
CA ARG D 59 -12.32 -52.21 32.93
C ARG D 59 -12.30 -51.98 34.43
N VAL D 60 -12.61 -50.77 34.89
CA VAL D 60 -12.49 -50.43 36.31
C VAL D 60 -13.88 -50.10 36.83
N GLY D 61 -14.31 -50.82 37.86
CA GLY D 61 -15.59 -50.61 38.51
C GLY D 61 -15.39 -50.09 39.93
N PHE D 62 -16.50 -49.74 40.58
CA PHE D 62 -16.46 -48.97 41.82
C PHE D 62 -17.71 -49.27 42.65
N ALA D 63 -17.51 -49.60 43.93
CA ALA D 63 -18.63 -49.74 44.85
C ALA D 63 -18.30 -48.99 46.13
N ALA D 64 -19.34 -48.55 46.83
CA ALA D 64 -19.14 -47.72 48.00
C ALA D 64 -20.27 -47.93 48.99
N ALA D 65 -19.97 -47.54 50.23
CA ALA D 65 -20.90 -47.66 51.34
C ALA D 65 -20.65 -46.52 52.31
N GLY D 66 -21.71 -45.81 52.62
CA GLY D 66 -21.68 -44.79 53.63
C GLY D 66 -22.80 -43.79 53.39
N LYS D 67 -22.42 -42.53 53.39
CA LYS D 67 -23.23 -41.35 53.09
C LYS D 67 -23.34 -41.09 51.59
N PHE D 68 -24.56 -41.16 51.03
CA PHE D 68 -24.70 -41.18 49.57
C PHE D 68 -24.09 -39.95 48.89
N ASN D 69 -24.45 -38.75 49.33
CA ASN D 69 -23.89 -37.55 48.69
C ASN D 69 -22.35 -37.56 48.63
N GLU D 70 -21.68 -38.19 49.61
CA GLU D 70 -20.22 -38.07 49.61
C GLU D 70 -19.58 -39.12 48.72
N PHE D 71 -20.00 -40.36 48.91
CA PHE D 71 -19.51 -41.47 48.12
C PHE D 71 -19.91 -41.19 46.66
N ASP D 72 -21.08 -40.59 46.45
CA ASP D 72 -21.52 -40.23 45.13
C ASP D 72 -20.57 -39.18 44.57
N ASN D 73 -20.17 -38.21 45.40
CA ASN D 73 -19.26 -37.17 44.98
C ASN D 73 -17.90 -37.76 44.58
N LEU D 74 -17.42 -38.73 45.34
CA LEU D 74 -16.15 -39.36 44.98
C LEU D 74 -16.35 -40.05 43.64
N ARG D 75 -17.47 -40.76 43.49
CA ARG D 75 -17.79 -41.40 42.21
C ARG D 75 -17.55 -40.43 41.06
N ARG D 76 -18.09 -39.22 41.19
CA ARG D 76 -17.95 -38.22 40.13
C ARG D 76 -16.49 -37.79 39.94
N GLY D 77 -15.80 -37.50 41.04
CA GLY D 77 -14.40 -37.15 40.93
C GLY D 77 -13.58 -38.23 40.24
N GLY D 78 -13.85 -39.49 40.56
CA GLY D 78 -13.11 -40.57 39.94
C GLY D 78 -13.38 -40.66 38.45
N ILE D 79 -14.66 -40.55 38.07
CA ILE D 79 -15.00 -40.51 36.65
C ILE D 79 -14.24 -39.40 35.94
N GLN D 80 -14.32 -38.18 36.49
CA GLN D 80 -13.55 -37.06 35.98
C GLN D 80 -12.09 -37.42 35.75
N PHE D 81 -11.35 -37.88 36.75
CA PHE D 81 -9.92 -38.05 36.51
C PHE D 81 -9.55 -38.99 35.36
N ALA D 82 -10.25 -40.11 35.27
CA ALA D 82 -9.94 -41.08 34.24
C ALA D 82 -10.10 -40.56 32.82
N ASP D 83 -11.19 -39.84 32.54
CA ASP D 83 -11.40 -39.39 31.17
C ASP D 83 -10.30 -38.46 30.69
N THR D 84 -9.93 -37.49 31.53
CA THR D 84 -8.90 -36.55 31.14
C THR D 84 -7.58 -37.29 30.96
N ARG D 85 -7.29 -38.21 31.89
CA ARG D 85 -6.02 -38.93 31.76
C ARG D 85 -5.97 -39.73 30.47
N GLY D 86 -7.07 -40.39 30.13
CA GLY D 86 -7.11 -41.19 28.94
C GLY D 86 -6.92 -40.32 27.71
N TYR D 87 -7.58 -39.18 27.69
CA TYR D 87 -7.45 -38.31 26.54
C TYR D 87 -6.00 -37.85 26.37
N ALA D 88 -5.34 -37.50 27.48
CA ALA D 88 -3.94 -37.08 27.38
C ALA D 88 -3.01 -38.21 26.93
N TYR D 89 -3.19 -39.42 27.45
CA TYR D 89 -2.33 -40.55 27.07
C TYR D 89 -3.10 -41.64 26.35
N ASP D 90 -3.86 -42.47 27.08
CA ASP D 90 -4.67 -43.42 26.32
C ASP D 90 -5.52 -44.23 27.28
N ARG D 91 -6.47 -44.98 26.71
CA ARG D 91 -7.43 -45.71 27.54
C ARG D 91 -6.75 -46.80 28.34
N ARG D 92 -5.91 -47.61 27.68
CA ARG D 92 -5.21 -48.70 28.36
C ARG D 92 -4.18 -48.23 29.36
N ASP D 93 -3.97 -46.92 29.54
CA ASP D 93 -3.03 -46.44 30.54
C ASP D 93 -3.66 -46.23 31.90
N VAL D 94 -4.95 -45.93 31.94
CA VAL D 94 -5.67 -45.80 33.21
C VAL D 94 -5.87 -47.20 33.78
N THR D 95 -5.44 -47.38 35.03
CA THR D 95 -5.49 -48.67 35.70
C THR D 95 -6.25 -48.51 37.00
N GLY D 96 -6.77 -49.63 37.53
CA GLY D 96 -7.45 -49.59 38.81
C GLY D 96 -6.54 -49.12 39.92
N ARG D 97 -5.24 -49.38 39.79
CA ARG D 97 -4.27 -49.02 40.81
C ARG D 97 -4.15 -47.51 40.97
N GLN D 98 -4.00 -46.80 39.85
CA GLN D 98 -3.84 -45.35 39.88
C GLN D 98 -5.05 -44.69 40.49
N LEU D 99 -6.23 -45.15 40.12
CA LEU D 99 -7.46 -44.60 40.67
C LEU D 99 -7.58 -44.87 42.16
N ALA D 100 -7.22 -46.08 42.58
CA ALA D 100 -7.33 -46.46 43.98
C ALA D 100 -6.45 -45.54 44.79
N ASN D 101 -5.27 -45.29 44.27
CA ASN D 101 -4.31 -44.38 44.89
C ASN D 101 -4.86 -42.96 45.00
N VAL D 102 -5.48 -42.45 43.95
CA VAL D 102 -5.91 -41.05 44.00
C VAL D 102 -6.92 -40.79 45.09
N TYR D 103 -7.86 -41.71 45.23
CA TYR D 103 -8.89 -41.54 46.23
C TYR D 103 -8.27 -41.52 47.61
N ALA D 104 -7.32 -42.40 47.88
CA ALA D 104 -6.75 -42.43 49.22
C ALA D 104 -6.04 -41.14 49.60
N GLN D 105 -5.22 -40.61 48.69
CA GLN D 105 -4.52 -39.38 48.98
C GLN D 105 -5.50 -38.25 49.18
N THR D 106 -6.50 -38.19 48.29
CA THR D 106 -7.46 -37.11 48.40
C THR D 106 -8.19 -37.20 49.72
N LEU D 107 -8.60 -38.40 50.11
CA LEU D 107 -9.34 -38.57 51.33
C LEU D 107 -8.50 -38.13 52.51
N GLY D 108 -7.24 -38.54 52.56
CA GLY D 108 -6.44 -38.15 53.71
C GLY D 108 -6.27 -36.65 53.81
N THR D 109 -5.95 -36.01 52.69
CA THR D 109 -5.74 -34.57 52.76
C THR D 109 -7.03 -33.86 53.12
N ILE D 110 -8.12 -34.32 52.52
CA ILE D 110 -9.40 -33.71 52.73
C ILE D 110 -9.77 -33.83 54.18
N PHE D 111 -9.58 -35.00 54.78
CA PHE D 111 -9.96 -35.17 56.17
C PHE D 111 -9.16 -34.24 57.04
N THR D 112 -7.85 -34.18 56.81
CA THR D 112 -7.02 -33.32 57.66
C THR D 112 -7.41 -31.85 57.56
N GLU D 113 -7.75 -31.37 56.37
CA GLU D 113 -8.11 -29.95 56.26
C GLU D 113 -9.60 -29.59 56.36
N GLN D 114 -10.49 -30.59 56.32
CA GLN D 114 -11.93 -30.29 56.34
C GLN D 114 -12.56 -30.31 57.69
N ALA D 115 -13.89 -30.25 57.72
CA ALA D 115 -14.53 -30.22 59.03
C ALA D 115 -14.94 -31.62 59.44
N LYS D 116 -15.70 -32.29 58.60
CA LYS D 116 -16.18 -33.61 58.92
C LYS D 116 -15.58 -34.65 58.00
N PRO D 117 -15.13 -35.80 58.53
CA PRO D 117 -14.56 -36.82 57.65
C PRO D 117 -15.63 -37.54 56.85
N TYR D 118 -15.27 -37.95 55.63
CA TYR D 118 -16.21 -38.64 54.76
C TYR D 118 -16.50 -40.03 55.33
N GLU D 119 -17.74 -40.24 55.77
CA GLU D 119 -18.18 -41.50 56.33
C GLU D 119 -18.42 -42.51 55.20
N VAL D 120 -17.35 -42.81 54.47
CA VAL D 120 -17.44 -43.65 53.29
C VAL D 120 -16.40 -44.77 53.34
N GLU D 121 -16.71 -45.83 52.61
CA GLU D 121 -15.81 -46.96 52.41
C GLU D 121 -15.90 -47.34 50.94
N LEU D 122 -14.75 -47.40 50.28
CA LEU D 122 -14.67 -47.57 48.84
C LEU D 122 -14.04 -48.90 48.48
N CYS D 123 -14.45 -49.41 47.33
CA CYS D 123 -13.86 -50.59 46.73
C CYS D 123 -13.69 -50.31 45.26
N VAL D 124 -12.45 -50.36 44.77
CA VAL D 124 -12.16 -50.18 43.36
C VAL D 124 -11.79 -51.55 42.80
N ALA D 125 -12.41 -51.93 41.69
CA ALA D 125 -12.18 -53.24 41.10
C ALA D 125 -11.65 -53.11 39.69
N GLU D 126 -10.80 -54.06 39.28
CA GLU D 126 -10.25 -54.07 37.94
C GLU D 126 -10.15 -55.50 37.44
N VAL D 127 -10.40 -55.68 36.16
CA VAL D 127 -10.23 -56.97 35.48
C VAL D 127 -9.29 -56.76 34.30
N ALA D 128 -8.88 -57.86 33.67
CA ALA D 128 -7.98 -57.78 32.53
C ALA D 128 -8.74 -57.30 31.29
N HIS D 129 -7.98 -56.96 30.25
CA HIS D 129 -8.58 -56.53 28.99
C HIS D 129 -9.07 -57.75 28.20
N TYR D 130 -9.65 -57.50 27.04
CA TYR D 130 -10.11 -58.58 26.18
C TYR D 130 -8.93 -59.40 25.65
N GLY D 131 -9.10 -60.72 25.59
CA GLY D 131 -8.07 -61.61 25.09
C GLY D 131 -6.76 -61.64 25.85
N GLU D 132 -6.83 -61.43 27.16
CA GLU D 132 -5.64 -61.44 28.00
C GLU D 132 -5.96 -62.15 29.30
N THR D 133 -4.94 -62.71 29.94
CA THR D 133 -5.16 -63.41 31.21
C THR D 133 -4.52 -62.69 32.37
N LYS D 134 -5.31 -62.40 33.40
CA LYS D 134 -4.80 -61.72 34.59
C LYS D 134 -5.87 -61.83 35.67
N ARG D 135 -5.42 -61.89 36.92
CA ARG D 135 -6.36 -62.09 38.02
C ARG D 135 -7.09 -60.79 38.37
N PRO D 136 -8.37 -60.85 38.74
CA PRO D 136 -9.07 -59.63 39.16
C PRO D 136 -8.41 -59.03 40.40
N GLU D 137 -8.35 -57.70 40.43
CA GLU D 137 -7.76 -56.97 41.54
C GLU D 137 -8.85 -56.18 42.25
N LEU D 138 -8.90 -56.32 43.58
CA LEU D 138 -9.82 -55.58 44.43
C LEU D 138 -9.00 -54.76 45.41
N TYR D 139 -9.32 -53.49 45.52
CA TYR D 139 -8.72 -52.62 46.51
C TYR D 139 -9.83 -52.06 47.37
N ARG D 140 -9.59 -51.97 48.68
CA ARG D 140 -10.50 -51.28 49.60
C ARG D 140 -9.80 -50.04 50.17
N ILE D 141 -10.46 -48.89 50.01
CA ILE D 141 -9.97 -47.62 50.55
C ILE D 141 -10.89 -47.21 51.68
N THR D 142 -10.32 -46.97 52.85
CA THR D 142 -11.09 -46.58 54.02
C THR D 142 -11.08 -45.04 54.18
N TYR D 143 -11.83 -44.56 55.17
CA TYR D 143 -12.13 -43.12 55.31
C TYR D 143 -10.87 -42.28 55.55
N ASP D 144 -9.85 -42.84 56.19
CA ASP D 144 -8.63 -42.13 56.52
C ASP D 144 -7.65 -42.00 55.36
N GLY D 145 -7.78 -42.83 54.34
CA GLY D 145 -6.77 -42.90 53.29
C GLY D 145 -6.09 -44.24 53.18
N SER D 146 -6.31 -45.16 54.12
CA SER D 146 -5.72 -46.48 54.07
C SER D 146 -6.26 -47.26 52.88
N ILE D 147 -5.39 -48.06 52.28
CA ILE D 147 -5.74 -48.85 51.12
C ILE D 147 -5.22 -50.26 51.31
N ALA D 148 -6.07 -51.25 51.01
CA ALA D 148 -5.75 -52.65 51.23
C ALA D 148 -6.01 -53.47 49.97
N ASP D 149 -5.09 -54.38 49.66
CA ASP D 149 -5.17 -55.22 48.46
C ASP D 149 -5.81 -56.55 48.82
N GLU D 150 -6.96 -56.83 48.20
CA GLU D 150 -7.79 -57.99 48.55
C GLU D 150 -7.69 -59.02 47.45
N PRO D 151 -7.51 -60.30 47.78
CA PRO D 151 -7.31 -61.30 46.73
C PRO D 151 -8.62 -61.91 46.24
N HIS D 152 -9.67 -61.89 47.08
CA HIS D 152 -10.84 -62.70 46.82
C HIS D 152 -12.13 -61.90 46.92
N PHE D 153 -12.34 -61.15 48.01
CA PHE D 153 -13.59 -60.41 48.14
C PHE D 153 -13.43 -59.25 49.14
N VAL D 154 -14.27 -58.24 48.94
CA VAL D 154 -14.35 -57.08 49.79
C VAL D 154 -15.78 -56.98 50.31
N VAL D 155 -15.92 -56.66 51.60
CA VAL D 155 -17.22 -56.39 52.19
C VAL D 155 -17.18 -55.01 52.82
N MET D 156 -18.18 -54.19 52.51
CA MET D 156 -18.21 -52.80 52.93
C MET D 156 -19.53 -52.47 53.60
N GLY D 157 -19.46 -51.62 54.63
CA GLY D 157 -20.62 -51.04 55.28
C GLY D 157 -21.42 -51.99 56.16
N GLY D 158 -22.13 -51.43 57.15
CA GLY D 158 -22.88 -52.23 58.10
C GLY D 158 -21.97 -53.08 58.99
N THR D 159 -22.52 -54.20 59.47
CA THR D 159 -21.76 -55.20 60.20
C THR D 159 -21.08 -56.15 59.20
N THR D 160 -19.76 -56.00 59.06
CA THR D 160 -18.96 -56.73 58.08
C THR D 160 -18.52 -58.12 58.55
N GLU D 161 -18.51 -58.38 59.88
CA GLU D 161 -18.01 -59.67 60.36
C GLU D 161 -18.82 -60.85 59.83
N PRO D 162 -20.17 -60.92 60.01
CA PRO D 162 -20.85 -62.16 59.63
C PRO D 162 -20.80 -62.42 58.13
N ILE D 163 -20.96 -61.37 57.33
CA ILE D 163 -20.88 -61.49 55.89
C ILE D 163 -19.48 -61.95 55.48
N ALA D 164 -18.45 -61.37 56.10
CA ALA D 164 -17.07 -61.73 55.74
C ALA D 164 -16.78 -63.19 56.08
N ASN D 165 -17.36 -63.69 57.18
CA ASN D 165 -17.12 -65.08 57.55
C ASN D 165 -17.88 -66.06 56.65
N ALA D 166 -19.18 -65.79 56.43
CA ALA D 166 -19.97 -66.60 55.50
C ALA D 166 -19.30 -66.70 54.12
N LEU D 167 -18.76 -65.58 53.63
CA LEU D 167 -18.00 -65.60 52.38
C LEU D 167 -16.74 -66.43 52.54
N LYS D 168 -16.09 -66.34 53.72
CA LYS D 168 -14.89 -67.11 53.97
C LYS D 168 -15.13 -68.62 53.82
N GLU D 169 -16.32 -69.12 54.22
CA GLU D 169 -16.66 -70.54 54.09
C GLU D 169 -17.15 -70.93 52.69
N SER D 170 -18.03 -70.13 52.10
CA SER D 170 -18.63 -70.31 50.77
C SER D 170 -17.75 -69.93 49.56
N TYR D 171 -16.73 -69.09 49.69
CA TYR D 171 -16.00 -68.63 48.51
C TYR D 171 -15.31 -69.77 47.76
N ALA D 172 -15.36 -69.71 46.43
CA ALA D 172 -14.70 -70.69 45.56
C ALA D 172 -14.17 -70.00 44.31
N GLU D 173 -12.87 -70.11 44.05
CA GLU D 173 -12.32 -69.42 42.90
C GLU D 173 -12.82 -70.07 41.63
N ASN D 174 -13.12 -69.24 40.63
CA ASN D 174 -13.60 -69.75 39.35
C ASN D 174 -15.02 -70.29 39.48
N ALA D 175 -15.77 -69.77 40.45
CA ALA D 175 -17.20 -70.06 40.52
C ALA D 175 -17.92 -69.37 39.37
N SER D 176 -18.96 -70.00 38.85
CA SER D 176 -19.66 -69.35 37.75
C SER D 176 -20.42 -68.13 38.27
N LEU D 177 -21.11 -67.44 37.35
CA LEU D 177 -21.86 -66.24 37.70
C LEU D 177 -23.01 -66.55 38.64
N THR D 178 -23.72 -67.66 38.40
CA THR D 178 -24.87 -68.01 39.23
C THR D 178 -24.43 -68.44 40.63
N ASP D 179 -23.37 -69.25 40.71
CA ASP D 179 -22.88 -69.71 42.02
C ASP D 179 -22.37 -68.56 42.85
N ALA D 180 -21.56 -67.69 42.25
CA ALA D 180 -21.06 -66.51 42.95
C ALA D 180 -22.20 -65.60 43.37
N LEU D 181 -23.27 -65.52 42.57
CA LEU D 181 -24.43 -64.73 42.99
C LEU D 181 -25.12 -65.36 44.19
N ARG D 182 -25.27 -66.69 44.20
CA ARG D 182 -25.89 -67.37 45.34
C ARG D 182 -25.05 -67.19 46.60
N ILE D 183 -23.75 -67.38 46.49
CA ILE D 183 -22.84 -67.22 47.61
C ILE D 183 -22.91 -65.80 48.16
N ALA D 184 -22.93 -64.81 47.26
CA ALA D 184 -22.91 -63.41 47.67
C ALA D 184 -24.21 -62.99 48.32
N VAL D 185 -25.35 -63.43 47.79
CA VAL D 185 -26.63 -63.08 48.40
C VAL D 185 -26.77 -63.81 49.74
N ALA D 186 -26.36 -65.07 49.79
CA ALA D 186 -26.44 -65.84 51.03
C ALA D 186 -25.61 -65.18 52.12
N ALA D 187 -24.33 -64.90 51.84
CA ALA D 187 -23.46 -64.28 52.83
C ALA D 187 -23.93 -62.88 53.18
N LEU D 188 -24.58 -62.20 52.23
CA LEU D 188 -25.12 -60.87 52.51
C LEU D 188 -26.28 -60.93 53.48
N ARG D 189 -27.06 -62.02 53.44
CA ARG D 189 -28.19 -62.18 54.35
C ARG D 189 -27.75 -62.35 55.80
N ALA D 190 -26.61 -62.98 56.03
CA ALA D 190 -26.12 -63.24 57.37
C ALA D 190 -26.16 -61.98 58.25
N LEU D 203 -31.68 -62.08 50.04
CA LEU D 203 -32.99 -61.58 50.46
C LEU D 203 -34.01 -61.66 49.33
N GLY D 204 -34.94 -60.72 49.32
CA GLY D 204 -35.98 -60.66 48.31
C GLY D 204 -35.43 -60.22 46.96
N VAL D 205 -36.15 -60.55 45.90
CA VAL D 205 -35.73 -60.18 44.54
C VAL D 205 -35.65 -58.67 44.40
N ALA D 206 -36.59 -57.96 45.03
CA ALA D 206 -36.60 -56.50 44.99
C ALA D 206 -35.50 -55.91 45.85
N SER D 207 -35.15 -54.65 45.57
CA SER D 207 -34.12 -53.89 46.29
C SER D 207 -32.71 -54.49 46.29
N LEU D 208 -32.29 -55.06 45.17
CA LEU D 208 -30.96 -55.63 45.03
C LEU D 208 -30.22 -54.92 43.90
N GLU D 209 -28.99 -54.47 44.12
CA GLU D 209 -28.30 -53.81 43.02
C GLU D 209 -27.16 -54.74 42.64
N VAL D 210 -27.22 -55.31 41.44
CA VAL D 210 -26.25 -56.30 41.00
C VAL D 210 -25.65 -55.87 39.68
N ALA D 211 -24.32 -55.90 39.60
CA ALA D 211 -23.58 -55.58 38.38
C ALA D 211 -22.33 -56.44 38.33
N VAL D 212 -21.76 -56.55 37.13
CA VAL D 212 -20.56 -57.34 36.94
C VAL D 212 -19.52 -56.55 36.18
N LEU D 213 -18.26 -56.92 36.36
CA LEU D 213 -17.16 -56.52 35.51
C LEU D 213 -16.82 -57.74 34.67
N ASP D 214 -17.56 -57.92 33.59
CA ASP D 214 -17.45 -59.11 32.74
C ASP D 214 -16.17 -58.99 31.93
N ALA D 215 -15.18 -59.84 32.21
CA ALA D 215 -13.91 -59.77 31.50
C ALA D 215 -14.03 -60.14 30.02
N ASN D 216 -15.17 -60.67 29.60
CA ASN D 216 -15.28 -61.14 28.22
C ASN D 216 -15.75 -60.05 27.27
N ARG D 217 -16.25 -58.93 27.78
CA ARG D 217 -16.71 -57.86 26.92
C ARG D 217 -15.52 -57.28 26.18
N PRO D 218 -15.73 -56.76 24.96
CA PRO D 218 -14.59 -56.23 24.19
C PRO D 218 -13.96 -54.99 24.82
N ARG D 219 -14.77 -54.00 25.22
CA ARG D 219 -14.19 -52.76 25.76
C ARG D 219 -14.75 -52.41 27.13
N ARG D 220 -16.01 -51.96 27.19
CA ARG D 220 -16.68 -51.58 28.43
C ARG D 220 -17.13 -52.85 29.16
N ALA D 221 -16.47 -53.18 30.26
CA ALA D 221 -16.70 -54.42 30.99
C ALA D 221 -17.86 -54.36 31.96
N PHE D 222 -18.18 -53.18 32.47
CA PHE D 222 -19.24 -53.04 33.46
C PHE D 222 -20.61 -53.32 32.83
N ARG D 223 -21.46 -54.06 33.55
CA ARG D 223 -22.76 -54.44 32.99
C ARG D 223 -23.72 -54.75 34.12
N ARG D 224 -24.84 -54.02 34.18
CA ARG D 224 -25.83 -54.26 35.23
C ARG D 224 -26.69 -55.48 34.90
N ILE D 225 -27.11 -56.18 35.95
CA ILE D 225 -27.98 -57.34 35.87
C ILE D 225 -29.23 -57.02 36.69
N THR D 226 -30.31 -56.64 36.01
CA THR D 226 -31.53 -56.17 36.66
C THR D 226 -32.75 -56.88 36.11
N GLY D 227 -33.86 -56.76 36.82
CA GLY D 227 -35.14 -57.32 36.41
C GLY D 227 -35.39 -58.81 36.26
N SER D 228 -36.06 -59.15 35.17
CA SER D 228 -36.46 -60.52 34.87
C SER D 228 -35.29 -61.49 34.73
N ALA D 229 -34.22 -61.06 34.08
CA ALA D 229 -33.05 -61.94 33.92
C ALA D 229 -32.48 -62.28 35.29
N LEU D 230 -32.39 -61.27 36.15
CA LEU D 230 -31.88 -61.47 37.50
C LEU D 230 -32.79 -62.42 38.26
N GLN D 231 -34.10 -62.25 38.09
CA GLN D 231 -35.05 -63.13 38.78
C GLN D 231 -34.86 -64.57 38.32
N ALA D 232 -34.66 -64.76 37.02
CA ALA D 232 -34.47 -66.08 36.46
C ALA D 232 -33.20 -66.71 37.01
N LEU D 233 -32.16 -65.90 37.13
CA LEU D 233 -30.88 -66.37 37.66
C LEU D 233 -31.05 -66.80 39.11
N LEU D 234 -31.82 -66.03 39.87
CA LEU D 234 -32.05 -66.34 41.27
C LEU D 234 -33.34 -67.12 41.46
N SER E 8 2.89 -25.48 78.25
CA SER E 8 3.87 -24.53 77.73
C SER E 8 4.36 -24.94 76.35
N PRO E 9 4.96 -24.00 75.63
CA PRO E 9 5.47 -24.27 74.29
C PRO E 9 6.57 -25.34 74.29
N GLU E 10 7.47 -25.27 75.27
CA GLU E 10 8.56 -26.24 75.36
C GLU E 10 8.00 -27.63 75.60
N GLN E 11 7.00 -27.71 76.47
CA GLN E 11 6.35 -28.97 76.79
C GLN E 11 5.68 -29.52 75.53
N ALA E 12 5.04 -28.64 74.78
CA ALA E 12 4.37 -29.04 73.54
C ALA E 12 5.39 -29.58 72.56
N MET E 13 6.55 -28.93 72.46
CA MET E 13 7.60 -29.36 71.56
C MET E 13 8.09 -30.75 71.97
N ARG E 14 8.24 -30.97 73.27
CA ARG E 14 8.68 -32.28 73.76
C ARG E 14 7.66 -33.34 73.39
N GLU E 15 6.38 -33.01 73.54
CA GLU E 15 5.31 -33.94 73.21
C GLU E 15 5.36 -34.27 71.71
N ARG E 16 5.61 -33.25 70.88
CA ARG E 16 5.68 -33.45 69.44
C ARG E 16 6.83 -34.39 69.12
N SER E 17 7.97 -34.19 69.78
CA SER E 17 9.11 -35.05 69.52
C SER E 17 8.78 -36.49 69.90
N GLU E 18 8.12 -36.66 71.04
CA GLU E 18 7.77 -38.01 71.47
C GLU E 18 6.83 -38.68 70.47
N LEU E 19 5.86 -37.92 69.98
CA LEU E 19 4.90 -38.45 69.02
C LEU E 19 5.62 -38.89 67.75
N ALA E 20 6.55 -38.05 67.30
CA ALA E 20 7.31 -38.35 66.10
C ALA E 20 8.12 -39.63 66.29
N ARG E 21 8.73 -39.76 67.47
CA ARG E 21 9.53 -40.93 67.76
C ARG E 21 8.67 -42.17 67.73
N LYS E 22 7.47 -42.09 68.31
CA LYS E 22 6.57 -43.24 68.33
C LYS E 22 6.20 -43.63 66.90
N GLY E 23 5.92 -42.63 66.07
CA GLY E 23 5.54 -42.91 64.70
C GLY E 23 6.68 -43.60 63.97
N ILE E 24 7.91 -43.12 64.18
CA ILE E 24 9.07 -43.73 63.52
C ILE E 24 9.26 -45.17 63.97
N ALA E 25 9.05 -45.41 65.26
CA ALA E 25 9.26 -46.74 65.86
C ALA E 25 8.37 -47.86 65.33
N ARG E 26 7.08 -47.57 65.13
CA ARG E 26 6.16 -48.57 64.64
C ARG E 26 6.16 -48.60 63.11
N ALA E 27 7.24 -49.13 62.53
CA ALA E 27 7.36 -49.20 61.07
C ALA E 27 8.31 -50.29 60.60
N LYS E 28 8.19 -50.67 59.33
CA LYS E 28 9.06 -51.68 58.74
C LYS E 28 10.49 -51.15 58.68
N SER E 29 11.46 -52.04 58.84
CA SER E 29 12.85 -51.63 58.86
C SER E 29 13.48 -51.71 57.47
N VAL E 30 14.34 -50.74 57.18
CA VAL E 30 15.06 -50.67 55.93
C VAL E 30 16.54 -50.55 56.24
N VAL E 31 17.38 -51.18 55.42
CA VAL E 31 18.82 -50.99 55.54
C VAL E 31 19.42 -50.63 54.19
N ALA E 32 20.49 -49.85 54.25
CA ALA E 32 21.26 -49.50 53.06
C ALA E 32 22.73 -49.62 53.42
N LEU E 33 23.50 -50.35 52.61
CA LEU E 33 24.91 -50.52 52.93
C LEU E 33 25.78 -50.51 51.68
N ALA E 34 27.03 -50.11 51.86
CA ALA E 34 27.97 -50.05 50.74
C ALA E 34 28.56 -51.42 50.50
N TYR E 35 28.68 -51.78 49.23
CA TYR E 35 29.33 -53.00 48.80
C TYR E 35 30.12 -52.70 47.54
N ALA E 36 30.80 -53.74 47.05
CA ALA E 36 31.80 -53.56 46.00
C ALA E 36 31.21 -52.82 44.79
N GLY E 37 30.02 -53.22 44.34
CA GLY E 37 29.45 -52.61 43.15
C GLY E 37 28.63 -51.35 43.36
N GLY E 38 28.54 -50.86 44.60
CA GLY E 38 27.81 -49.63 44.86
C GLY E 38 27.13 -49.62 46.22
N VAL E 39 25.81 -49.46 46.21
CA VAL E 39 25.01 -49.42 47.43
C VAL E 39 23.83 -50.36 47.28
N LEU E 40 23.45 -51.00 48.40
CA LEU E 40 22.39 -52.00 48.42
C LEU E 40 21.30 -51.57 49.39
N PHE E 41 20.07 -51.51 48.90
CA PHE E 41 18.88 -51.26 49.71
C PHE E 41 18.10 -52.56 49.91
N VAL E 42 17.83 -52.90 51.16
CA VAL E 42 17.06 -54.09 51.52
C VAL E 42 16.02 -53.68 52.55
N ALA E 43 14.76 -53.73 52.16
CA ALA E 43 13.66 -53.32 53.01
C ALA E 43 12.70 -54.48 53.19
N GLU E 44 12.06 -54.49 54.35
CA GLU E 44 11.03 -55.48 54.68
C GLU E 44 9.69 -54.90 54.25
N ASN E 45 9.18 -55.40 53.12
CA ASN E 45 8.01 -54.82 52.47
C ASN E 45 7.08 -55.93 51.97
N PRO E 46 5.90 -56.09 52.57
CA PRO E 46 4.98 -57.16 52.15
C PRO E 46 4.21 -56.86 50.86
N SER E 47 3.73 -55.63 50.69
CA SER E 47 2.96 -55.26 49.51
C SER E 47 3.80 -55.40 48.25
N ARG E 48 3.10 -55.57 47.12
CA ARG E 48 3.73 -55.64 45.81
C ARG E 48 3.64 -54.33 45.03
N SER E 49 2.70 -53.45 45.40
CA SER E 49 2.53 -52.17 44.74
C SER E 49 3.21 -51.01 45.47
N LEU E 50 3.17 -51.00 46.80
CA LEU E 50 3.72 -49.91 47.60
C LEU E 50 5.21 -50.16 47.85
N GLN E 51 6.04 -49.18 47.52
CA GLN E 51 7.47 -49.34 47.56
C GLN E 51 8.11 -48.28 48.45
N LYS E 52 9.22 -48.66 49.11
CA LYS E 52 9.97 -47.78 49.98
C LYS E 52 11.40 -47.53 49.50
N ILE E 53 11.71 -47.86 48.25
CA ILE E 53 13.02 -47.62 47.67
C ILE E 53 12.82 -47.08 46.27
N SER E 54 13.59 -46.06 45.89
CA SER E 54 13.27 -45.43 44.63
C SER E 54 14.50 -44.78 44.00
N GLU E 55 14.51 -44.75 42.67
CA GLU E 55 15.45 -43.94 41.93
C GLU E 55 15.11 -42.47 42.13
N LEU E 56 16.13 -41.64 42.36
CA LEU E 56 15.93 -40.20 42.38
C LEU E 56 16.55 -39.53 41.16
N TYR E 57 17.79 -39.87 40.86
CA TYR E 57 18.43 -39.35 39.66
C TYR E 57 19.42 -40.42 39.20
N ASP E 58 20.13 -40.10 38.13
CA ASP E 58 21.02 -41.08 37.48
C ASP E 58 21.78 -41.94 38.49
N ARG E 59 22.47 -41.33 39.45
CA ARG E 59 23.28 -42.07 40.40
C ARG E 59 22.81 -41.90 41.83
N VAL E 60 21.63 -41.33 42.06
CA VAL E 60 21.17 -41.01 43.40
C VAL E 60 19.92 -41.84 43.68
N GLY E 61 19.97 -42.64 44.75
CA GLY E 61 18.85 -43.46 45.18
C GLY E 61 18.31 -42.96 46.51
N PHE E 62 17.21 -43.57 46.95
CA PHE E 62 16.41 -43.03 48.04
C PHE E 62 15.66 -44.16 48.74
N ALA E 63 15.77 -44.22 50.06
CA ALA E 63 14.96 -45.14 50.86
C ALA E 63 14.35 -44.40 52.03
N ALA E 64 13.21 -44.89 52.50
CA ALA E 64 12.49 -44.18 53.54
C ALA E 64 11.72 -45.16 54.41
N ALA E 65 11.38 -44.68 55.59
CA ALA E 65 10.64 -45.46 56.58
C ALA E 65 9.75 -44.51 57.39
N GLY E 66 8.48 -44.85 57.43
CA GLY E 66 7.54 -44.15 58.27
C GLY E 66 6.14 -44.35 57.73
N LYS E 67 5.45 -43.22 57.58
CA LYS E 67 4.12 -43.06 56.99
C LYS E 67 4.17 -42.99 55.46
N PHE E 68 3.54 -43.95 54.76
CA PHE E 68 3.77 -44.08 53.33
C PHE E 68 3.40 -42.82 52.54
N ASN E 69 2.18 -42.29 52.74
CA ASN E 69 1.79 -41.09 52.00
C ASN E 69 2.80 -39.95 52.14
N GLU E 70 3.50 -39.83 53.29
CA GLU E 70 4.35 -38.65 53.45
C GLU E 70 5.72 -38.88 52.83
N PHE E 71 6.32 -40.00 53.17
CA PHE E 71 7.62 -40.37 52.62
C PHE E 71 7.46 -40.49 51.11
N ASP E 72 6.30 -40.98 50.66
CA ASP E 72 6.02 -41.08 49.25
C ASP E 72 5.98 -39.67 48.65
N ASN E 73 5.35 -38.74 49.37
CA ASN E 73 5.26 -37.37 48.91
C ASN E 73 6.64 -36.73 48.79
N LEU E 74 7.52 -37.00 49.75
CA LEU E 74 8.86 -36.47 49.66
C LEU E 74 9.52 -37.08 48.43
N ARG E 75 9.35 -38.39 48.25
CA ARG E 75 9.88 -39.04 47.06
C ARG E 75 9.57 -38.24 45.81
N ARG E 76 8.30 -37.85 45.67
CA ARG E 76 7.87 -37.10 44.49
C ARG E 76 8.53 -35.73 44.44
N GLY E 77 8.53 -35.00 45.56
CA GLY E 77 9.20 -33.72 45.58
C GLY E 77 10.66 -33.80 45.18
N GLY E 78 11.35 -34.84 45.66
CA GLY E 78 12.75 -34.99 45.31
C GLY E 78 12.95 -35.26 43.84
N ILE E 79 12.12 -36.15 43.27
CA ILE E 79 12.16 -36.40 41.84
C ILE E 79 11.98 -35.10 41.07
N GLN E 80 10.92 -34.36 41.41
CA GLN E 80 10.69 -33.04 40.82
C GLN E 80 11.94 -32.17 40.85
N PHE E 81 12.55 -31.91 42.00
CA PHE E 81 13.65 -30.94 41.98
C PHE E 81 14.82 -31.29 41.05
N ALA E 82 15.21 -32.55 41.04
CA ALA E 82 16.33 -32.97 40.24
C ALA E 82 16.13 -32.77 38.74
N ASP E 83 14.97 -33.11 38.20
CA ASP E 83 14.78 -32.98 36.77
C ASP E 83 14.90 -31.53 36.30
N THR E 84 14.24 -30.63 37.01
CA THR E 84 14.30 -29.22 36.61
C THR E 84 15.73 -28.72 36.74
N ARG E 85 16.40 -29.09 37.81
CA ARG E 85 17.78 -28.60 37.98
C ARG E 85 18.66 -29.10 36.84
N GLY E 86 18.51 -30.36 36.48
CA GLY E 86 19.32 -30.93 35.42
C GLY E 86 19.06 -30.23 34.12
N TYR E 87 17.80 -29.97 33.83
CA TYR E 87 17.47 -29.30 32.58
C TYR E 87 18.10 -27.91 32.53
N ALA E 88 18.04 -27.18 33.65
CA ALA E 88 18.65 -25.86 33.67
C ALA E 88 20.18 -25.90 33.52
N TYR E 89 20.85 -26.83 34.21
CA TYR E 89 22.31 -26.91 34.12
C TYR E 89 22.76 -28.22 33.49
N ASP E 90 22.74 -29.32 34.23
CA ASP E 90 23.08 -30.57 33.54
C ASP E 90 22.93 -31.74 34.49
N ARG E 91 22.99 -32.95 33.94
CA ARG E 91 22.73 -34.15 34.73
C ARG E 91 23.82 -34.35 35.77
N ARG E 92 25.08 -34.24 35.37
CA ARG E 92 26.19 -34.43 36.30
C ARG E 92 26.31 -33.34 37.34
N ASP E 93 25.45 -32.33 37.33
CA ASP E 93 25.50 -31.29 38.36
C ASP E 93 24.65 -31.62 39.57
N VAL E 94 23.59 -32.40 39.40
CA VAL E 94 22.78 -32.86 40.53
C VAL E 94 23.56 -33.91 41.29
N THR E 95 23.71 -33.71 42.58
CA THR E 95 24.49 -34.58 43.44
C THR E 95 23.63 -35.05 44.59
N GLY E 96 24.02 -36.17 45.21
CA GLY E 96 23.28 -36.65 46.38
C GLY E 96 23.29 -35.65 47.51
N ARG E 97 24.35 -34.85 47.59
CA ARG E 97 24.49 -33.87 48.66
C ARG E 97 23.42 -32.78 48.59
N GLN E 98 23.23 -32.21 47.40
CA GLN E 98 22.26 -31.13 47.23
C GLN E 98 20.86 -31.60 47.56
N LEU E 99 20.51 -32.81 47.11
CA LEU E 99 19.21 -33.37 47.41
C LEU E 99 19.02 -33.64 48.89
N ALA E 100 20.06 -34.15 49.54
CA ALA E 100 19.98 -34.48 50.95
C ALA E 100 19.70 -33.20 51.72
N ASN E 101 20.40 -32.15 51.32
CA ASN E 101 20.21 -30.83 51.91
C ASN E 101 18.78 -30.31 51.72
N VAL E 102 18.22 -30.44 50.53
CA VAL E 102 16.90 -29.85 50.30
C VAL E 102 15.83 -30.43 51.20
N TYR E 103 15.88 -31.75 51.36
CA TYR E 103 14.90 -32.40 52.18
C TYR E 103 14.99 -31.92 53.60
N ALA E 104 16.19 -31.78 54.14
CA ALA E 104 16.32 -31.36 55.52
C ALA E 104 15.74 -29.97 55.78
N GLN E 105 16.06 -29.03 54.91
CA GLN E 105 15.56 -27.68 55.10
C GLN E 105 14.05 -27.67 54.98
N THR E 106 13.54 -28.40 53.99
CA THR E 106 12.10 -28.41 53.78
C THR E 106 11.42 -29.01 55.01
N LEU E 107 11.97 -30.10 55.51
CA LEU E 107 11.37 -30.77 56.65
C LEU E 107 11.34 -29.85 57.83
N GLY E 108 12.44 -29.15 58.12
CA GLY E 108 12.43 -28.29 59.29
C GLY E 108 11.41 -27.18 59.17
N THR E 109 11.38 -26.52 58.00
CA THR E 109 10.44 -25.43 57.88
C THR E 109 9.01 -25.93 57.95
N ILE E 110 8.77 -27.06 57.29
CA ILE E 110 7.46 -27.62 57.23
C ILE E 110 7.02 -27.97 58.62
N PHE E 111 7.87 -28.58 59.42
CA PHE E 111 7.47 -28.99 60.75
C PHE E 111 7.11 -27.76 61.57
N THR E 112 7.96 -26.73 61.50
CA THR E 112 7.69 -25.55 62.30
C THR E 112 6.37 -24.86 61.92
N GLU E 113 6.04 -24.82 60.64
CA GLU E 113 4.79 -24.16 60.26
C GLU E 113 3.54 -25.05 60.10
N GLN E 114 3.71 -26.37 60.12
CA GLN E 114 2.57 -27.27 59.89
C GLN E 114 1.90 -27.74 61.14
N ALA E 115 1.00 -28.71 60.98
CA ALA E 115 0.30 -29.16 62.18
C ALA E 115 0.97 -30.39 62.75
N LYS E 116 1.15 -31.40 61.94
CA LYS E 116 1.74 -32.64 62.39
C LYS E 116 3.10 -32.87 61.74
N PRO E 117 4.11 -33.28 62.49
CA PRO E 117 5.42 -33.53 61.87
C PRO E 117 5.42 -34.81 61.05
N TYR E 118 6.22 -34.81 59.98
CA TYR E 118 6.30 -35.98 59.11
C TYR E 118 7.01 -37.11 59.85
N GLU E 119 6.28 -38.17 60.15
CA GLU E 119 6.82 -39.34 60.84
C GLU E 119 7.63 -40.18 59.85
N VAL E 120 8.70 -39.58 59.35
CA VAL E 120 9.50 -40.20 58.30
C VAL E 120 10.98 -40.16 58.67
N GLU E 121 11.73 -41.09 58.07
CA GLU E 121 13.17 -41.14 58.17
C GLU E 121 13.69 -41.48 56.78
N LEU E 122 14.61 -40.65 56.30
CA LEU E 122 15.08 -40.72 54.92
C LEU E 122 16.55 -41.12 54.87
N CYS E 123 16.89 -41.76 53.77
CA CYS E 123 18.28 -42.10 53.45
C CYS E 123 18.48 -41.79 51.98
N VAL E 124 19.40 -40.89 51.68
CA VAL E 124 19.75 -40.57 50.30
C VAL E 124 21.11 -41.18 50.02
N ALA E 125 21.22 -41.91 48.92
CA ALA E 125 22.46 -42.60 48.58
C ALA E 125 22.99 -42.12 47.24
N GLU E 126 24.32 -42.10 47.11
CA GLU E 126 24.95 -41.70 45.87
C GLU E 126 26.18 -42.58 45.63
N VAL E 127 26.42 -42.89 44.35
CA VAL E 127 27.61 -43.60 43.92
C VAL E 127 28.31 -42.76 42.86
N ALA E 128 29.51 -43.18 42.47
CA ALA E 128 30.25 -42.46 41.45
C ALA E 128 29.68 -42.72 40.06
N HIS E 129 30.12 -41.93 39.08
CA HIS E 129 29.67 -42.11 37.71
C HIS E 129 30.42 -43.28 37.07
N TYR E 130 30.11 -43.56 35.81
CA TYR E 130 30.79 -44.63 35.08
C TYR E 130 32.26 -44.27 34.85
N GLY E 131 33.14 -45.26 34.99
CA GLY E 131 34.56 -45.08 34.77
C GLY E 131 35.26 -44.10 35.68
N GLU E 132 34.79 -44.01 36.92
CA GLU E 132 35.40 -43.12 37.90
C GLU E 132 35.45 -43.83 39.25
N THR E 133 36.39 -43.42 40.10
CA THR E 133 36.50 -44.04 41.42
C THR E 133 36.14 -43.07 42.54
N LYS E 134 35.21 -43.48 43.39
CA LYS E 134 34.80 -42.64 44.51
C LYS E 134 33.96 -43.51 45.44
N ARG E 135 34.04 -43.21 46.74
CA ARG E 135 33.37 -44.03 47.73
C ARG E 135 31.87 -43.73 47.76
N PRO E 136 31.00 -44.73 47.96
CA PRO E 136 29.57 -44.46 48.10
C PRO E 136 29.30 -43.56 49.29
N GLU E 137 28.36 -42.64 49.13
CA GLU E 137 27.95 -41.71 50.18
C GLU E 137 26.53 -42.01 50.60
N LEU E 138 26.33 -42.13 51.91
CA LEU E 138 25.02 -42.34 52.51
C LEU E 138 24.74 -41.18 53.46
N TYR E 139 23.56 -40.58 53.31
CA TYR E 139 23.11 -39.55 54.23
C TYR E 139 21.81 -40.02 54.84
N ARG E 140 21.63 -39.77 56.13
CA ARG E 140 20.35 -40.00 56.81
C ARG E 140 19.76 -38.66 57.25
N ILE E 141 18.53 -38.40 56.84
CA ILE E 141 17.79 -37.19 57.22
C ILE E 141 16.67 -37.62 58.15
N THR E 142 16.62 -37.01 59.32
CA THR E 142 15.59 -37.34 60.31
C THR E 142 14.44 -36.32 60.22
N TYR E 143 13.39 -36.57 61.03
CA TYR E 143 12.12 -35.84 60.89
C TYR E 143 12.25 -34.34 61.16
N ASP E 144 13.19 -33.94 62.01
CA ASP E 144 13.39 -32.54 62.38
C ASP E 144 14.15 -31.73 61.35
N GLY E 145 14.91 -32.37 60.46
CA GLY E 145 15.81 -31.66 59.58
C GLY E 145 17.26 -32.04 59.76
N SER E 146 17.60 -32.80 60.81
CA SER E 146 18.97 -33.22 61.04
C SER E 146 19.44 -34.15 59.93
N ILE E 147 20.71 -34.01 59.59
CA ILE E 147 21.31 -34.80 58.52
C ILE E 147 22.64 -35.34 59.00
N ALA E 148 22.89 -36.63 58.76
CA ALA E 148 24.08 -37.30 59.24
C ALA E 148 24.78 -38.04 58.10
N ASP E 149 26.11 -37.96 58.05
CA ASP E 149 26.91 -38.57 57.01
C ASP E 149 27.41 -39.93 57.48
N GLU E 150 27.00 -40.98 56.78
CA GLU E 150 27.26 -42.36 57.19
C GLU E 150 28.31 -42.98 56.29
N PRO E 151 29.30 -43.67 56.84
CA PRO E 151 30.37 -44.19 56.00
C PRO E 151 30.09 -45.57 55.44
N HIS E 152 29.23 -46.35 56.12
CA HIS E 152 29.12 -47.77 55.85
C HIS E 152 27.67 -48.21 55.65
N PHE E 153 26.77 -47.87 56.57
CA PHE E 153 25.39 -48.33 56.42
C PHE E 153 24.45 -47.45 57.22
N VAL E 154 23.19 -47.43 56.77
CA VAL E 154 22.11 -46.71 57.41
C VAL E 154 21.01 -47.72 57.71
N VAL E 155 20.42 -47.61 58.91
CA VAL E 155 19.26 -48.41 59.28
C VAL E 155 18.14 -47.47 59.68
N MET E 156 16.95 -47.68 59.11
CA MET E 156 15.83 -46.79 59.30
C MET E 156 14.60 -47.57 59.74
N GLY E 157 13.81 -46.95 60.60
CA GLY E 157 12.50 -47.45 61.00
C GLY E 157 12.50 -48.67 61.92
N GLY E 158 11.43 -48.83 62.70
CA GLY E 158 11.35 -49.91 63.67
C GLY E 158 12.37 -49.78 64.79
N THR E 159 12.74 -50.92 65.36
CA THR E 159 13.83 -51.01 66.34
C THR E 159 15.16 -51.12 65.60
N THR E 160 15.93 -50.03 65.60
CA THR E 160 17.19 -49.91 64.85
C THR E 160 18.40 -50.49 65.60
N GLU E 161 18.32 -50.65 66.93
CA GLU E 161 19.50 -51.11 67.68
C GLU E 161 19.95 -52.51 67.25
N PRO E 162 19.10 -53.56 67.26
CA PRO E 162 19.66 -54.89 66.98
C PRO E 162 20.20 -55.03 65.57
N ILE E 163 19.48 -54.47 64.60
CA ILE E 163 19.92 -54.50 63.22
C ILE E 163 21.24 -53.74 63.07
N ALA E 164 21.35 -52.58 63.72
CA ALA E 164 22.57 -51.79 63.61
C ALA E 164 23.76 -52.53 64.21
N ASN E 165 23.54 -53.28 65.28
CA ASN E 165 24.63 -54.01 65.91
C ASN E 165 25.06 -55.23 65.08
N ALA E 166 24.07 -56.03 64.65
CA ALA E 166 24.35 -57.17 63.77
C ALA E 166 25.13 -56.73 62.53
N LEU E 167 24.76 -55.59 61.94
CA LEU E 167 25.52 -55.04 60.82
C LEU E 167 26.91 -54.63 61.26
N LYS E 168 27.01 -54.08 62.48
CA LYS E 168 28.31 -53.68 63.01
C LYS E 168 29.30 -54.85 63.07
N GLU E 169 28.81 -56.07 63.39
CA GLU E 169 29.67 -57.26 63.44
C GLU E 169 29.94 -57.89 62.08
N SER E 170 28.89 -58.03 61.25
CA SER E 170 28.93 -58.62 59.90
C SER E 170 29.45 -57.71 58.76
N TYR E 171 29.46 -56.38 58.90
CA TYR E 171 29.83 -55.54 57.75
C TYR E 171 31.27 -55.78 57.30
N ALA E 172 31.47 -55.78 55.98
CA ALA E 172 32.80 -55.94 55.36
C ALA E 172 32.88 -55.09 54.11
N GLU E 173 33.86 -54.18 54.05
CA GLU E 173 33.93 -53.31 52.88
C GLU E 173 34.35 -54.13 51.67
N ASN E 174 33.75 -53.81 50.52
CA ASN E 174 34.09 -54.51 49.29
C ASN E 174 33.54 -55.95 49.32
N ALA E 175 32.47 -56.17 50.08
CA ALA E 175 31.76 -57.44 50.01
C ALA E 175 31.02 -57.53 48.68
N SER E 176 30.92 -58.72 48.13
CA SER E 176 30.22 -58.83 46.87
C SER E 176 28.72 -58.61 47.09
N LEU E 177 27.96 -58.67 45.99
CA LEU E 177 26.52 -58.45 46.05
C LEU E 177 25.81 -59.53 46.86
N THR E 178 26.22 -60.79 46.71
CA THR E 178 25.57 -61.89 47.43
C THR E 178 25.88 -61.83 48.92
N ASP E 179 27.15 -61.55 49.28
CA ASP E 179 27.54 -61.49 50.68
C ASP E 179 26.84 -60.33 51.38
N ALA E 180 26.84 -59.15 50.76
CA ALA E 180 26.15 -58.00 51.33
C ALA E 180 24.66 -58.26 51.45
N LEU E 181 24.08 -59.03 50.52
CA LEU E 181 22.67 -59.38 50.65
C LEU E 181 22.43 -60.30 51.83
N ARG E 182 23.31 -61.29 52.03
CA ARG E 182 23.18 -62.19 53.18
C ARG E 182 23.33 -61.43 54.49
N ILE E 183 24.34 -60.57 54.57
CA ILE E 183 24.58 -59.78 55.77
C ILE E 183 23.37 -58.90 56.07
N ALA E 184 22.82 -58.27 55.03
CA ALA E 184 21.71 -57.32 55.22
C ALA E 184 20.42 -58.04 55.62
N VAL E 185 20.13 -59.20 55.01
CA VAL E 185 18.92 -59.93 55.40
C VAL E 185 19.09 -60.50 56.80
N ALA E 186 20.28 -61.02 57.10
CA ALA E 186 20.55 -61.57 58.42
C ALA E 186 20.37 -60.51 59.50
N ALA E 187 21.05 -59.36 59.34
CA ALA E 187 20.94 -58.30 60.34
C ALA E 187 19.53 -57.73 60.39
N LEU E 188 18.80 -57.78 59.27
CA LEU E 188 17.42 -57.31 59.26
C LEU E 188 16.52 -58.22 60.07
N ARG E 189 16.82 -59.52 60.09
CA ARG E 189 16.03 -60.48 60.87
C ARG E 189 16.14 -60.24 62.37
N ALA E 190 17.29 -59.79 62.84
CA ALA E 190 17.53 -59.59 64.26
C ALA E 190 16.40 -58.79 64.93
N LEU E 203 14.60 -63.07 56.19
CA LEU E 203 13.30 -63.72 56.34
C LEU E 203 12.94 -64.54 55.11
N GLY E 204 11.64 -64.64 54.84
CA GLY E 204 11.14 -65.38 53.70
C GLY E 204 11.45 -64.69 52.38
N VAL E 205 11.44 -65.46 51.29
CA VAL E 205 11.72 -64.90 49.97
C VAL E 205 10.69 -63.85 49.61
N ALA E 206 9.44 -64.09 49.99
CA ALA E 206 8.35 -63.15 49.73
C ALA E 206 8.45 -61.92 50.63
N SER E 207 7.81 -60.84 50.21
CA SER E 207 7.77 -59.56 50.94
C SER E 207 9.12 -58.88 51.22
N LEU E 208 10.03 -58.94 50.25
CA LEU E 208 11.34 -58.31 50.37
C LEU E 208 11.52 -57.30 49.23
N GLU E 209 11.93 -56.07 49.53
CA GLU E 209 12.12 -55.13 48.44
C GLU E 209 13.61 -54.87 48.36
N VAL E 210 14.24 -55.31 47.27
CA VAL E 210 15.68 -55.22 47.13
C VAL E 210 16.03 -54.49 45.84
N ALA E 211 16.92 -53.51 45.95
CA ALA E 211 17.40 -52.76 44.80
C ALA E 211 18.85 -52.37 45.04
N VAL E 212 19.54 -52.02 43.96
CA VAL E 212 20.94 -51.64 44.05
C VAL E 212 21.18 -50.33 43.32
N LEU E 213 22.23 -49.63 43.73
CA LEU E 213 22.82 -48.54 42.97
C LEU E 213 24.11 -49.10 42.38
N ASP E 214 23.99 -49.78 41.26
CA ASP E 214 25.11 -50.47 40.64
C ASP E 214 26.02 -49.42 39.99
N ALA E 215 27.22 -49.24 40.53
CA ALA E 215 28.13 -48.25 39.99
C ALA E 215 28.62 -48.58 38.59
N ASN E 216 28.37 -49.80 38.10
CA ASN E 216 28.93 -50.20 36.82
C ASN E 216 28.02 -49.84 35.64
N ARG E 217 26.77 -49.48 35.91
CA ARG E 217 25.84 -49.13 34.84
C ARG E 217 26.34 -47.85 34.17
N PRO E 218 26.08 -47.68 32.88
CA PRO E 218 26.58 -46.48 32.18
C PRO E 218 25.94 -45.18 32.68
N ARG E 219 24.61 -45.14 32.82
CA ARG E 219 23.96 -43.89 33.22
C ARG E 219 23.06 -44.08 34.44
N ARG E 220 21.90 -44.72 34.25
CA ARG E 220 20.94 -44.98 35.33
C ARG E 220 21.43 -46.15 36.17
N ALA E 221 21.88 -45.85 37.40
CA ALA E 221 22.50 -46.84 38.28
C ALA E 221 21.50 -47.67 39.08
N PHE E 222 20.32 -47.14 39.33
CA PHE E 222 19.34 -47.84 40.15
C PHE E 222 18.79 -49.05 39.39
N ARG E 223 18.64 -50.18 40.11
CA ARG E 223 18.19 -51.41 39.44
C ARG E 223 17.57 -52.33 40.48
N ARG E 224 16.31 -52.71 40.28
CA ARG E 224 15.64 -53.60 41.21
C ARG E 224 16.05 -55.06 40.98
N ILE E 225 16.07 -55.82 42.06
CA ILE E 225 16.39 -57.25 42.05
C ILE E 225 15.19 -57.96 42.64
N THR E 226 14.34 -58.53 41.77
CA THR E 226 13.08 -59.14 42.17
C THR E 226 12.93 -60.53 41.58
N GLY E 227 11.99 -61.29 42.11
CA GLY E 227 11.65 -62.62 41.63
C GLY E 227 12.63 -63.78 41.69
N SER E 228 12.67 -64.52 40.59
CA SER E 228 13.48 -65.72 40.46
C SER E 228 14.98 -65.49 40.62
N ALA E 229 15.49 -64.39 40.07
CA ALA E 229 16.91 -64.09 40.20
C ALA E 229 17.25 -63.88 41.67
N LEU E 230 16.39 -63.15 42.37
CA LEU E 230 16.59 -62.88 43.78
C LEU E 230 16.55 -64.19 44.56
N GLN E 231 15.62 -65.07 44.20
CA GLN E 231 15.51 -66.35 44.88
C GLN E 231 16.79 -67.17 44.69
N ALA E 232 17.32 -67.15 43.47
CA ALA E 232 18.54 -67.88 43.15
C ALA E 232 19.71 -67.32 43.96
N LEU E 233 19.76 -66.00 44.08
CA LEU E 233 20.81 -65.35 44.85
C LEU E 233 20.73 -65.75 46.31
N LEU E 234 19.51 -65.82 46.83
CA LEU E 234 19.31 -66.19 48.23
C LEU E 234 19.01 -67.68 48.36
N SER F 8 2.62 -12.21 81.44
CA SER F 8 2.65 -10.87 80.89
C SER F 8 3.59 -10.79 79.70
N PRO F 9 3.44 -9.73 78.90
CA PRO F 9 4.26 -9.55 77.71
C PRO F 9 5.74 -9.39 78.06
N GLU F 10 6.04 -8.64 79.12
CA GLU F 10 7.42 -8.42 79.53
C GLU F 10 8.04 -9.74 79.96
N GLN F 11 7.28 -10.54 80.68
CA GLN F 11 7.74 -11.85 81.14
C GLN F 11 8.00 -12.75 79.93
N ALA F 12 7.12 -12.68 78.94
CA ALA F 12 7.27 -13.47 77.73
C ALA F 12 8.55 -13.05 77.00
N MET F 13 8.82 -11.76 76.96
CA MET F 13 10.00 -11.23 76.30
C MET F 13 11.25 -11.75 77.02
N ARG F 14 11.21 -11.76 78.35
CA ARG F 14 12.34 -12.24 79.13
C ARG F 14 12.57 -13.72 78.84
N GLU F 15 11.49 -14.48 78.74
CA GLU F 15 11.58 -15.90 78.44
C GLU F 15 12.20 -16.11 77.07
N ARG F 16 11.79 -15.29 76.10
CA ARG F 16 12.31 -15.38 74.75
C ARG F 16 13.81 -15.12 74.76
N SER F 17 14.22 -14.10 75.52
CA SER F 17 15.64 -13.79 75.58
C SER F 17 16.41 -14.96 76.17
N GLU F 18 15.87 -15.56 77.23
CA GLU F 18 16.55 -16.68 77.86
C GLU F 18 16.68 -17.85 76.88
N LEU F 19 15.62 -18.11 76.12
CA LEU F 19 15.64 -19.20 75.16
C LEU F 19 16.70 -18.96 74.10
N ALA F 20 16.77 -17.72 73.64
CA ALA F 20 17.75 -17.36 72.62
C ALA F 20 19.16 -17.55 73.16
N ARG F 21 19.37 -17.15 74.40
CA ARG F 21 20.67 -17.28 75.03
C ARG F 21 21.06 -18.74 75.12
N LYS F 22 20.12 -19.60 75.50
CA LYS F 22 20.40 -21.02 75.61
C LYS F 22 20.79 -21.58 74.25
N GLY F 23 20.06 -21.18 73.22
CA GLY F 23 20.34 -21.66 71.88
C GLY F 23 21.73 -21.25 71.45
N ILE F 24 22.11 -20.01 71.73
CA ILE F 24 23.43 -19.52 71.35
C ILE F 24 24.52 -20.29 72.09
N ALA F 25 24.27 -20.58 73.37
CA ALA F 25 25.25 -21.26 74.23
C ALA F 25 25.63 -22.67 73.80
N ARG F 26 24.66 -23.48 73.38
CA ARG F 26 24.94 -24.84 72.96
C ARG F 26 25.32 -24.89 71.48
N ALA F 27 26.52 -24.41 71.16
CA ALA F 27 26.97 -24.39 69.77
C ALA F 27 28.49 -24.37 69.65
N LYS F 28 29.00 -24.73 68.46
CA LYS F 28 30.43 -24.73 68.20
C LYS F 28 30.94 -23.30 68.23
N SER F 29 32.18 -23.12 68.68
CA SER F 29 32.76 -21.79 68.81
C SER F 29 33.53 -21.39 67.56
N VAL F 30 33.41 -20.11 67.21
CA VAL F 30 34.10 -19.54 66.07
C VAL F 30 34.88 -18.32 66.56
N VAL F 31 36.06 -18.11 65.99
CA VAL F 31 36.80 -16.88 66.26
C VAL F 31 37.22 -16.21 64.96
N ALA F 32 37.30 -14.88 65.01
CA ALA F 32 37.79 -14.09 63.89
C ALA F 32 38.73 -13.04 64.47
N LEU F 33 39.93 -12.94 63.91
CA LEU F 33 40.89 -11.97 64.44
C LEU F 33 41.71 -11.32 63.34
N ALA F 34 42.15 -10.10 63.61
CA ALA F 34 42.96 -9.36 62.65
C ALA F 34 44.41 -9.80 62.75
N TYR F 35 45.04 -9.96 61.59
CA TYR F 35 46.46 -10.26 61.50
C TYR F 35 47.02 -9.47 60.31
N ALA F 36 48.33 -9.64 60.11
CA ALA F 36 49.06 -8.78 59.19
C ALA F 36 48.43 -8.77 57.80
N GLY F 37 48.08 -9.94 57.28
CA GLY F 37 47.54 -10.03 55.93
C GLY F 37 46.03 -9.83 55.79
N GLY F 38 45.33 -9.55 56.88
CA GLY F 38 43.90 -9.32 56.82
C GLY F 38 43.15 -9.80 58.03
N VAL F 39 42.21 -10.71 57.83
CA VAL F 39 41.38 -11.28 58.90
C VAL F 39 41.39 -12.80 58.77
N LEU F 40 41.36 -13.48 59.93
CA LEU F 40 41.43 -14.92 60.00
C LEU F 40 40.20 -15.47 60.72
N PHE F 41 39.49 -16.39 60.06
CA PHE F 41 38.37 -17.11 60.65
C PHE F 41 38.80 -18.54 60.97
N VAL F 42 38.59 -18.94 62.23
CA VAL F 42 38.91 -20.29 62.69
C VAL F 42 37.71 -20.80 63.48
N ALA F 43 37.05 -21.81 62.94
CA ALA F 43 35.86 -22.38 63.54
C ALA F 43 36.08 -23.86 63.81
N GLU F 44 35.42 -24.33 64.85
CA GLU F 44 35.42 -25.74 65.23
C GLU F 44 34.26 -26.41 64.51
N ASN F 45 34.56 -27.14 63.44
CA ASN F 45 33.54 -27.67 62.54
C ASN F 45 33.89 -29.10 62.14
N PRO F 46 33.11 -30.10 62.59
CA PRO F 46 33.43 -31.50 62.26
C PRO F 46 33.04 -31.92 60.84
N SER F 47 31.84 -31.50 60.40
CA SER F 47 31.36 -31.87 59.06
C SER F 47 32.27 -31.33 57.97
N ARG F 48 32.22 -32.01 56.82
CA ARG F 48 32.97 -31.59 55.64
C ARG F 48 32.12 -30.84 54.62
N SER F 49 30.81 -30.98 54.69
CA SER F 49 29.88 -30.31 53.79
C SER F 49 29.29 -29.02 54.38
N LEU F 50 28.95 -29.02 55.66
CA LEU F 50 28.31 -27.88 56.31
C LEU F 50 29.37 -26.91 56.80
N GLN F 51 29.25 -25.65 56.39
CA GLN F 51 30.26 -24.64 56.66
C GLN F 51 29.67 -23.46 57.42
N LYS F 52 30.50 -22.85 58.28
CA LYS F 52 30.12 -21.68 59.07
C LYS F 52 30.94 -20.44 58.73
N ILE F 53 31.66 -20.44 57.62
CA ILE F 53 32.46 -19.29 57.20
C ILE F 53 32.24 -19.12 55.70
N SER F 54 32.07 -17.89 55.24
CA SER F 54 31.67 -17.75 53.84
C SER F 54 32.11 -16.41 53.28
N GLU F 55 32.41 -16.41 51.99
CA GLU F 55 32.56 -15.16 51.24
C GLU F 55 31.22 -14.48 51.12
N LEU F 56 31.19 -13.17 51.32
CA LEU F 56 29.99 -12.38 51.05
C LEU F 56 30.16 -11.51 49.82
N TYR F 57 31.26 -10.77 49.75
CA TYR F 57 31.56 -9.98 48.58
C TYR F 57 33.07 -9.92 48.46
N ASP F 58 33.54 -9.19 47.45
CA ASP F 58 34.96 -9.15 47.12
C ASP F 58 35.86 -9.10 48.37
N ARG F 59 35.61 -8.17 49.29
CA ARG F 59 36.46 -8.00 50.46
C ARG F 59 35.72 -8.23 51.76
N VAL F 60 34.50 -8.77 51.70
CA VAL F 60 33.66 -8.88 52.89
C VAL F 60 33.43 -10.37 53.14
N GLY F 61 33.80 -10.82 54.34
CA GLY F 61 33.61 -12.19 54.77
C GLY F 61 32.58 -12.27 55.91
N PHE F 62 32.25 -13.49 56.29
CA PHE F 62 31.09 -13.73 57.15
C PHE F 62 31.29 -15.03 57.93
N ALA F 63 31.11 -14.96 59.25
CA ALA F 63 31.10 -16.15 60.09
C ALA F 63 29.89 -16.12 61.01
N ALA F 64 29.43 -17.30 61.41
CA ALA F 64 28.21 -17.39 62.19
C ALA F 64 28.27 -18.58 63.11
N ALA F 65 27.42 -18.51 64.13
CA ALA F 65 27.30 -19.56 65.14
C ALA F 65 25.86 -19.61 65.62
N GLY F 66 25.29 -20.80 65.57
CA GLY F 66 23.99 -21.05 66.12
C GLY F 66 23.38 -22.26 65.45
N LYS F 67 22.14 -22.07 65.00
CA LYS F 67 21.32 -23.00 64.22
C LYS F 67 21.64 -22.94 62.72
N PHE F 68 22.13 -24.05 62.14
CA PHE F 68 22.70 -23.98 60.79
C PHE F 68 21.71 -23.47 59.75
N ASN F 69 20.51 -24.06 59.67
CA ASN F 69 19.54 -23.60 58.67
C ASN F 69 19.29 -22.08 58.73
N GLU F 70 19.39 -21.46 59.92
CA GLU F 70 19.01 -20.04 59.98
C GLU F 70 20.18 -19.15 59.60
N PHE F 71 21.32 -19.41 60.21
CA PHE F 71 22.53 -18.67 59.93
C PHE F 71 22.86 -18.90 58.46
N ASP F 72 22.61 -20.10 57.96
CA ASP F 72 22.82 -20.40 56.56
C ASP F 72 21.89 -19.54 55.71
N ASN F 73 20.65 -19.42 56.16
CA ASN F 73 19.67 -18.61 55.45
C ASN F 73 20.09 -17.14 55.39
N LEU F 74 20.63 -16.63 56.49
CA LEU F 74 21.10 -15.26 56.48
C LEU F 74 22.25 -15.17 55.49
N ARG F 75 23.16 -16.14 55.54
CA ARG F 75 24.25 -16.19 54.58
C ARG F 75 23.73 -15.93 53.16
N ARG F 76 22.68 -16.65 52.78
CA ARG F 76 22.13 -16.52 51.44
C ARG F 76 21.53 -15.13 51.22
N GLY F 77 20.75 -14.64 52.18
CA GLY F 77 20.20 -13.30 52.05
C GLY F 77 21.28 -12.26 51.86
N GLY F 78 22.37 -12.38 52.62
CA GLY F 78 23.45 -11.41 52.49
C GLY F 78 24.12 -11.46 51.14
N ILE F 79 24.38 -12.67 50.65
CA ILE F 79 24.93 -12.82 49.30
C ILE F 79 24.01 -12.14 48.28
N GLN F 80 22.72 -12.47 48.33
CA GLN F 80 21.73 -11.82 47.48
C GLN F 80 21.87 -10.29 47.53
N PHE F 81 21.80 -9.65 48.67
CA PHE F 81 21.78 -8.18 48.62
C PHE F 81 22.98 -7.53 47.93
N ALA F 82 24.16 -8.04 48.22
CA ALA F 82 25.37 -7.47 47.66
C ALA F 82 25.43 -7.52 46.14
N ASP F 83 25.08 -8.64 45.53
CA ASP F 83 25.19 -8.71 44.07
C ASP F 83 24.31 -7.71 43.36
N THR F 84 23.06 -7.61 43.79
CA THR F 84 22.15 -6.67 43.17
C THR F 84 22.64 -5.25 43.38
N ARG F 85 23.09 -4.96 44.59
CA ARG F 85 23.56 -3.60 44.83
C ARG F 85 24.74 -3.26 43.94
N GLY F 86 25.67 -4.19 43.81
CA GLY F 86 26.85 -3.95 42.99
C GLY F 86 26.46 -3.73 41.56
N TYR F 87 25.54 -4.54 41.05
CA TYR F 87 25.12 -4.37 39.68
C TYR F 87 24.50 -3.00 39.46
N ALA F 88 23.67 -2.56 40.39
CA ALA F 88 23.06 -1.24 40.24
C ALA F 88 24.08 -0.10 40.31
N TYR F 89 25.04 -0.18 41.24
CA TYR F 89 26.04 0.90 41.38
C TYR F 89 27.44 0.39 41.07
N ASP F 90 28.09 -0.32 41.99
CA ASP F 90 29.37 -0.87 41.60
C ASP F 90 29.93 -1.74 42.73
N ARG F 91 31.00 -2.48 42.41
CA ARG F 91 31.53 -3.43 43.38
C ARG F 91 32.12 -2.70 44.57
N ARG F 92 32.95 -1.68 44.34
CA ARG F 92 33.57 -0.93 45.41
C ARG F 92 32.60 -0.11 46.25
N ASP F 93 31.29 -0.13 45.94
CA ASP F 93 30.33 0.59 46.75
C ASP F 93 29.76 -0.25 47.88
N VAL F 94 29.71 -1.57 47.71
CA VAL F 94 29.28 -2.46 48.78
C VAL F 94 30.38 -2.52 49.82
N THR F 95 30.03 -2.25 51.07
CA THR F 95 30.98 -2.20 52.17
C THR F 95 30.51 -3.14 53.27
N GLY F 96 31.44 -3.56 54.13
CA GLY F 96 31.07 -4.41 55.25
C GLY F 96 30.07 -3.74 56.18
N ARG F 97 30.12 -2.41 56.23
CA ARG F 97 29.24 -1.65 57.12
C ARG F 97 27.78 -1.76 56.70
N GLN F 98 27.50 -1.57 55.42
CA GLN F 98 26.13 -1.62 54.92
C GLN F 98 25.52 -3.00 55.14
N LEU F 99 26.30 -4.04 54.88
CA LEU F 99 25.84 -5.39 55.10
C LEU F 99 25.57 -5.67 56.57
N ALA F 100 26.47 -5.20 57.43
CA ALA F 100 26.32 -5.45 58.86
C ALA F 100 25.03 -4.82 59.32
N ASN F 101 24.78 -3.63 58.83
CA ASN F 101 23.54 -2.91 59.14
C ASN F 101 22.30 -3.66 58.67
N VAL F 102 22.32 -4.21 57.46
CA VAL F 102 21.10 -4.84 56.94
C VAL F 102 20.66 -6.02 57.79
N TYR F 103 21.63 -6.82 58.19
CA TYR F 103 21.31 -7.98 58.98
C TYR F 103 20.68 -7.57 60.28
N ALA F 104 21.21 -6.55 60.94
CA ALA F 104 20.65 -6.16 62.23
C ALA F 104 19.20 -5.71 62.14
N GLN F 105 18.91 -4.86 61.17
CA GLN F 105 17.54 -4.39 61.03
C GLN F 105 16.62 -5.54 60.71
N THR F 106 17.07 -6.40 59.81
CA THR F 106 16.22 -7.52 59.43
C THR F 106 15.96 -8.40 60.63
N LEU F 107 16.99 -8.68 61.41
CA LEU F 107 16.85 -9.54 62.54
C LEU F 107 15.87 -8.95 63.53
N GLY F 108 15.98 -7.66 63.82
CA GLY F 108 15.08 -7.08 64.80
C GLY F 108 13.63 -7.15 64.34
N THR F 109 13.40 -6.78 63.09
CA THR F 109 12.01 -6.79 62.62
C THR F 109 11.47 -8.21 62.60
N ILE F 110 12.30 -9.12 62.13
CA ILE F 110 11.91 -10.50 62.01
C ILE F 110 11.58 -11.03 63.37
N PHE F 111 12.39 -10.75 64.37
CA PHE F 111 12.13 -11.31 65.70
C PHE F 111 10.81 -10.76 66.21
N THR F 112 10.59 -9.46 66.06
CA THR F 112 9.36 -8.89 66.59
C THR F 112 8.11 -9.47 65.91
N GLU F 113 8.16 -9.71 64.61
CA GLU F 113 6.97 -10.26 63.95
C GLU F 113 6.88 -11.79 63.80
N GLN F 114 7.96 -12.50 64.08
CA GLN F 114 7.96 -13.96 63.88
C GLN F 114 7.60 -14.77 65.09
N ALA F 115 7.79 -16.07 64.99
CA ALA F 115 7.41 -16.88 66.14
C ALA F 115 8.61 -17.15 67.03
N LYS F 116 9.66 -17.66 66.45
CA LYS F 116 10.85 -18.00 67.21
C LYS F 116 12.02 -17.13 66.78
N PRO F 117 12.80 -16.60 67.74
CA PRO F 117 13.95 -15.77 67.36
C PRO F 117 15.09 -16.60 66.80
N TYR F 118 15.83 -16.03 65.86
CA TYR F 118 16.95 -16.74 65.26
C TYR F 118 18.06 -16.90 66.27
N GLU F 119 18.33 -18.14 66.67
CA GLU F 119 19.38 -18.46 67.63
C GLU F 119 20.74 -18.40 66.94
N VAL F 120 21.09 -17.21 66.47
CA VAL F 120 22.29 -17.01 65.67
C VAL F 120 23.11 -15.85 66.22
N GLU F 121 24.40 -15.88 65.92
CA GLU F 121 25.33 -14.81 66.22
C GLU F 121 26.22 -14.66 65.00
N LEU F 122 26.30 -13.43 64.50
CA LEU F 122 26.96 -13.14 63.24
C LEU F 122 28.19 -12.27 63.45
N CYS F 123 29.15 -12.45 62.56
CA CYS F 123 30.34 -11.61 62.49
C CYS F 123 30.58 -11.28 61.03
N VAL F 124 30.56 -10.01 60.69
CA VAL F 124 30.84 -9.55 59.34
C VAL F 124 32.23 -8.91 59.36
N ALA F 125 33.09 -9.32 58.44
CA ALA F 125 34.46 -8.82 58.41
C ALA F 125 34.74 -8.13 57.07
N GLU F 126 35.60 -7.11 57.13
CA GLU F 126 35.99 -6.39 55.93
C GLU F 126 37.46 -6.01 56.02
N VAL F 127 38.14 -6.06 54.87
CA VAL F 127 39.52 -5.62 54.74
C VAL F 127 39.59 -4.56 53.64
N ALA F 128 40.74 -3.92 53.51
CA ALA F 128 40.90 -2.90 52.48
C ALA F 128 41.05 -3.53 51.11
N HIS F 129 40.97 -2.71 50.07
CA HIS F 129 41.14 -3.19 48.70
C HIS F 129 42.62 -3.38 48.40
N TYR F 130 42.92 -3.82 47.18
CA TYR F 130 44.30 -4.00 46.76
C TYR F 130 45.02 -2.66 46.68
N GLY F 131 46.28 -2.62 47.11
CA GLY F 131 47.09 -1.42 47.04
C GLY F 131 46.60 -0.24 47.85
N GLU F 132 45.96 -0.51 48.97
CA GLU F 132 45.46 0.55 49.84
C GLU F 132 45.69 0.16 51.30
N THR F 133 45.78 1.15 52.17
CA THR F 133 46.01 0.86 53.58
C THR F 133 44.81 1.23 54.44
N LYS F 134 44.33 0.27 55.22
CA LYS F 134 43.19 0.51 56.10
C LYS F 134 43.10 -0.66 57.06
N ARG F 135 42.63 -0.38 58.28
CA ARG F 135 42.58 -1.42 59.30
C ARG F 135 41.41 -2.37 59.07
N PRO F 136 41.57 -3.67 59.35
CA PRO F 136 40.43 -4.58 59.24
C PRO F 136 39.31 -4.19 60.19
N GLU F 137 38.07 -4.33 59.72
CA GLU F 137 36.89 -4.01 60.52
C GLU F 137 36.12 -5.29 60.81
N LEU F 138 35.79 -5.50 62.08
CA LEU F 138 34.98 -6.62 62.53
C LEU F 138 33.72 -6.07 63.19
N TYR F 139 32.57 -6.59 62.78
CA TYR F 139 31.31 -6.26 63.41
C TYR F 139 30.70 -7.54 63.92
N ARG F 140 30.11 -7.49 65.12
CA ARG F 140 29.31 -8.60 65.64
C ARG F 140 27.85 -8.19 65.74
N ILE F 141 26.97 -8.97 65.13
CA ILE F 141 25.53 -8.75 65.17
C ILE F 141 24.92 -9.87 66.00
N THR F 142 24.16 -9.50 67.03
CA THR F 142 23.53 -10.48 67.91
C THR F 142 22.08 -10.70 67.48
N TYR F 143 21.42 -11.65 68.17
CA TYR F 143 20.11 -12.15 67.72
C TYR F 143 19.02 -11.09 67.72
N ASP F 144 19.12 -10.09 68.60
CA ASP F 144 18.12 -9.03 68.74
C ASP F 144 18.23 -7.94 67.68
N GLY F 145 19.39 -7.80 67.04
CA GLY F 145 19.64 -6.67 66.17
C GLY F 145 20.78 -5.78 66.61
N SER F 146 21.31 -6.00 67.82
CA SER F 146 22.44 -5.22 68.31
C SER F 146 23.68 -5.48 67.46
N ILE F 147 24.46 -4.43 67.27
CA ILE F 147 25.66 -4.50 66.46
C ILE F 147 26.80 -3.82 67.21
N ALA F 148 27.96 -4.46 67.25
CA ALA F 148 29.11 -3.98 68.00
C ALA F 148 30.36 -3.94 67.12
N ASP F 149 31.14 -2.86 67.24
CA ASP F 149 32.34 -2.66 66.44
C ASP F 149 33.55 -3.14 67.23
N GLU F 150 34.24 -4.15 66.68
CA GLU F 150 35.33 -4.84 67.38
C GLU F 150 36.65 -4.44 66.76
N PRO F 151 37.66 -4.13 67.56
CA PRO F 151 38.92 -3.65 66.98
C PRO F 151 39.90 -4.77 66.66
N HIS F 152 39.77 -5.91 67.35
CA HIS F 152 40.83 -6.91 67.34
C HIS F 152 40.29 -8.32 67.03
N PHE F 153 39.25 -8.76 67.75
CA PHE F 153 38.76 -10.12 67.50
C PHE F 153 37.32 -10.26 67.98
N VAL F 154 36.62 -11.22 67.37
CA VAL F 154 35.26 -11.58 67.71
C VAL F 154 35.25 -13.06 68.05
N VAL F 155 34.52 -13.41 69.11
CA VAL F 155 34.30 -14.81 69.48
C VAL F 155 32.80 -15.06 69.53
N MET F 156 32.36 -16.11 68.85
CA MET F 156 30.93 -16.39 68.74
C MET F 156 30.64 -17.83 69.14
N GLY F 157 29.47 -18.02 69.76
CA GLY F 157 28.93 -19.34 70.07
C GLY F 157 29.63 -20.09 71.17
N GLY F 158 28.90 -21.00 71.83
CA GLY F 158 29.44 -21.75 72.96
C GLY F 158 29.71 -20.86 74.16
N THR F 159 30.67 -21.30 74.98
CA THR F 159 31.19 -20.52 76.09
C THR F 159 32.27 -19.57 75.58
N THR F 160 31.95 -18.28 75.49
CA THR F 160 32.84 -17.27 74.91
C THR F 160 33.86 -16.69 75.90
N GLU F 161 33.62 -16.83 77.21
CA GLU F 161 34.53 -16.21 78.19
C GLU F 161 35.95 -16.77 78.09
N PRO F 162 36.20 -18.10 78.18
CA PRO F 162 37.60 -18.54 78.24
C PRO F 162 38.37 -18.25 76.96
N ILE F 163 37.72 -18.44 75.82
CA ILE F 163 38.33 -18.15 74.54
C ILE F 163 38.64 -16.66 74.43
N ALA F 164 37.69 -15.81 74.86
CA ALA F 164 37.90 -14.37 74.77
C ALA F 164 39.05 -13.92 75.64
N ASN F 165 39.23 -14.56 76.80
CA ASN F 165 40.32 -14.18 77.69
C ASN F 165 41.67 -14.66 77.18
N ALA F 166 41.76 -15.93 76.77
CA ALA F 166 42.98 -16.47 76.16
C ALA F 166 43.44 -15.61 74.98
N LEU F 167 42.48 -15.18 74.14
CA LEU F 167 42.82 -14.27 73.05
C LEU F 167 43.28 -12.92 73.59
N LYS F 168 42.66 -12.47 74.69
CA LYS F 168 43.05 -11.20 75.31
C LYS F 168 44.54 -11.21 75.72
N GLU F 169 45.05 -12.35 76.18
CA GLU F 169 46.48 -12.46 76.58
C GLU F 169 47.43 -12.70 75.40
N SER F 170 47.06 -13.60 74.48
CA SER F 170 47.82 -13.98 73.28
C SER F 170 47.75 -13.01 72.08
N TYR F 171 46.73 -12.14 71.97
CA TYR F 171 46.60 -11.35 70.74
C TYR F 171 47.79 -10.40 70.54
N ALA F 172 48.22 -10.27 69.28
CA ALA F 172 49.30 -9.38 68.89
C ALA F 172 49.02 -8.78 67.51
N GLU F 173 48.97 -7.46 67.41
CA GLU F 173 48.65 -6.86 66.13
C GLU F 173 49.80 -7.09 65.16
N ASN F 174 49.45 -7.36 63.91
CA ASN F 174 50.47 -7.58 62.89
C ASN F 174 51.18 -8.93 63.11
N ALA F 175 50.48 -9.86 63.75
CA ALA F 175 50.99 -11.22 63.82
C ALA F 175 50.90 -11.88 62.45
N SER F 176 51.86 -12.73 62.12
CA SER F 176 51.78 -13.37 60.81
C SER F 176 50.62 -14.36 60.78
N LEU F 177 50.45 -15.00 59.63
CA LEU F 177 49.36 -15.96 59.45
C LEU F 177 49.53 -17.18 60.35
N THR F 178 50.76 -17.68 60.49
CA THR F 178 50.99 -18.87 61.30
C THR F 178 50.81 -18.57 62.79
N ASP F 179 51.32 -17.42 63.26
CA ASP F 179 51.19 -17.05 64.66
C ASP F 179 49.73 -16.83 65.04
N ALA F 180 49.00 -16.08 64.21
CA ALA F 180 47.59 -15.85 64.45
C ALA F 180 46.80 -17.16 64.41
N LEU F 181 47.22 -18.12 63.58
CA LEU F 181 46.57 -19.42 63.59
C LEU F 181 46.83 -20.17 64.89
N ARG F 182 48.08 -20.13 65.37
CA ARG F 182 48.40 -20.79 66.63
C ARG F 182 47.63 -20.17 67.80
N ILE F 183 47.62 -18.84 67.85
CA ILE F 183 46.89 -18.12 68.90
C ILE F 183 45.41 -18.48 68.86
N ALA F 184 44.82 -18.51 67.66
CA ALA F 184 43.39 -18.75 67.51
C ALA F 184 43.02 -20.19 67.87
N VAL F 185 43.83 -21.16 67.45
CA VAL F 185 43.53 -22.54 67.81
C VAL F 185 43.74 -22.76 69.30
N ALA F 186 44.80 -22.18 69.85
CA ALA F 186 45.07 -22.31 71.27
C ALA F 186 43.93 -21.75 72.10
N ALA F 187 43.53 -20.50 71.83
CA ALA F 187 42.45 -19.87 72.58
C ALA F 187 41.13 -20.58 72.34
N LEU F 188 40.97 -21.20 71.16
CA LEU F 188 39.75 -21.94 70.87
C LEU F 188 39.67 -23.21 71.72
N ARG F 189 40.82 -23.81 72.02
CA ARG F 189 40.85 -25.02 72.85
C ARG F 189 40.41 -24.76 74.28
N ALA F 190 40.69 -23.57 74.81
CA ALA F 190 40.36 -23.24 76.19
C ALA F 190 38.90 -23.58 76.53
N LEU F 203 42.95 -27.87 68.58
CA LEU F 203 42.58 -29.27 68.68
C LEU F 203 43.25 -30.10 67.59
N GLY F 204 42.57 -31.16 67.17
CA GLY F 204 43.06 -32.04 66.13
C GLY F 204 43.05 -31.40 64.77
N VAL F 205 43.87 -31.92 63.85
CA VAL F 205 43.93 -31.37 62.50
C VAL F 205 42.57 -31.49 61.80
N ALA F 206 41.88 -32.59 62.06
CA ALA F 206 40.56 -32.83 61.49
C ALA F 206 39.52 -31.93 62.16
N SER F 207 38.39 -31.74 61.48
CA SER F 207 37.26 -30.93 61.96
C SER F 207 37.53 -29.46 62.26
N LEU F 208 38.37 -28.82 61.44
CA LEU F 208 38.68 -27.41 61.61
C LEU F 208 38.32 -26.66 60.33
N GLU F 209 37.61 -25.53 60.44
CA GLU F 209 37.27 -24.80 59.23
C GLU F 209 38.05 -23.49 59.31
N VAL F 210 39.01 -23.32 58.41
CA VAL F 210 39.89 -22.16 58.45
C VAL F 210 39.86 -21.45 57.10
N ALA F 211 39.67 -20.13 57.14
CA ALA F 211 39.68 -19.30 55.95
C ALA F 211 40.25 -17.94 56.31
N VAL F 212 40.68 -17.20 55.28
CA VAL F 212 41.25 -15.88 55.49
C VAL F 212 40.60 -14.87 54.56
N LEU F 213 40.65 -13.61 54.97
CA LEU F 213 40.38 -12.47 54.11
C LEU F 213 41.74 -11.85 53.82
N ASP F 214 42.43 -12.41 52.83
CA ASP F 214 43.79 -12.01 52.50
C ASP F 214 43.74 -10.66 51.79
N ALA F 215 44.23 -9.60 52.45
CA ALA F 215 44.19 -8.28 51.86
C ALA F 215 45.08 -8.14 50.63
N ASN F 216 45.93 -9.13 50.35
CA ASN F 216 46.86 -8.99 49.25
C ASN F 216 46.31 -9.46 47.92
N ARG F 217 45.19 -10.19 47.93
CA ARG F 217 44.59 -10.68 46.70
C ARG F 217 44.11 -9.50 45.88
N PRO F 218 44.12 -9.61 44.55
CA PRO F 218 43.69 -8.47 43.72
C PRO F 218 42.22 -8.11 43.88
N ARG F 219 41.31 -9.10 43.83
CA ARG F 219 39.89 -8.79 43.90
C ARG F 219 39.18 -9.57 45.00
N ARG F 220 38.96 -10.88 44.78
CA ARG F 220 38.31 -11.75 45.75
C ARG F 220 39.29 -12.13 46.86
N ALA F 221 39.08 -11.57 48.05
CA ALA F 221 39.99 -11.72 49.18
C ALA F 221 39.80 -12.99 49.97
N PHE F 222 38.60 -13.55 49.96
CA PHE F 222 38.33 -14.74 50.76
C PHE F 222 39.05 -15.95 50.18
N ARG F 223 39.63 -16.78 51.06
CA ARG F 223 40.41 -17.93 50.59
C ARG F 223 40.47 -18.98 51.69
N ARG F 224 39.99 -20.18 51.40
CA ARG F 224 40.02 -21.26 52.38
C ARG F 224 41.40 -21.89 52.48
N ILE F 225 41.74 -22.34 53.68
CA ILE F 225 43.00 -23.02 53.98
C ILE F 225 42.65 -24.39 54.52
N THR F 226 42.73 -25.41 53.67
CA THR F 226 42.30 -26.76 54.01
C THR F 226 43.37 -27.78 53.67
N GLY F 227 43.21 -28.98 54.20
CA GLY F 227 44.11 -30.10 53.95
C GLY F 227 45.57 -30.10 54.36
N SER F 228 46.40 -30.56 53.42
CA SER F 228 47.83 -30.72 53.63
C SER F 228 48.56 -29.42 53.95
N ALA F 229 48.20 -28.34 53.27
CA ALA F 229 48.84 -27.05 53.53
C ALA F 229 48.55 -26.62 54.97
N LEU F 230 47.31 -26.80 55.39
CA LEU F 230 46.92 -26.46 56.75
C LEU F 230 47.68 -27.31 57.74
N GLN F 231 47.83 -28.59 57.43
CA GLN F 231 48.56 -29.49 58.33
C GLN F 231 50.01 -29.04 58.46
N ALA F 232 50.61 -28.65 57.34
CA ALA F 232 52.00 -28.18 57.33
C ALA F 232 52.13 -26.92 58.17
N LEU F 233 51.16 -26.03 58.04
CA LEU F 233 51.16 -24.79 58.81
C LEU F 233 51.07 -25.09 60.29
N LEU F 234 50.24 -26.05 60.66
CA LEU F 234 50.06 -26.42 62.05
C LEU F 234 50.95 -27.61 62.42
N SER G 8 -8.14 -3.98 81.56
CA SER G 8 -8.99 -3.11 80.76
C SER G 8 -8.17 -2.37 79.71
N PRO G 9 -8.85 -1.84 78.71
CA PRO G 9 -8.19 -1.10 77.63
C PRO G 9 -7.47 0.15 78.15
N GLU G 10 -8.11 0.88 79.05
CA GLU G 10 -7.50 2.09 79.61
C GLU G 10 -6.23 1.74 80.37
N GLN G 11 -6.29 0.65 81.13
CA GLN G 11 -5.14 0.18 81.90
C GLN G 11 -4.03 -0.21 80.95
N ALA G 12 -4.39 -0.87 79.85
CA ALA G 12 -3.40 -1.28 78.86
C ALA G 12 -2.74 -0.06 78.24
N MET G 13 -3.53 0.98 77.97
CA MET G 13 -3.02 2.21 77.40
C MET G 13 -2.04 2.86 78.36
N ARG G 14 -2.37 2.85 79.65
CA ARG G 14 -1.49 3.42 80.66
C ARG G 14 -0.17 2.65 80.71
N GLU G 15 -0.27 1.33 80.61
CA GLU G 15 0.92 0.49 80.63
C GLU G 15 1.79 0.80 79.42
N ARG G 16 1.16 0.99 78.26
CA ARG G 16 1.89 1.30 77.04
C ARG G 16 2.62 2.63 77.21
N SER G 17 1.94 3.60 77.79
CA SER G 17 2.57 4.90 77.99
C SER G 17 3.77 4.76 78.90
N GLU G 18 3.63 3.99 79.97
CA GLU G 18 4.74 3.80 80.89
C GLU G 18 5.92 3.14 80.21
N LEU G 19 5.64 2.14 79.38
CA LEU G 19 6.69 1.43 78.66
C LEU G 19 7.42 2.37 77.73
N ALA G 20 6.67 3.22 77.05
CA ALA G 20 7.25 4.18 76.12
C ALA G 20 8.15 5.15 76.88
N ARG G 21 7.67 5.60 78.04
CA ARG G 21 8.43 6.53 78.85
C ARG G 21 9.74 5.89 79.28
N LYS G 22 9.70 4.63 79.69
CA LYS G 22 10.91 3.95 80.12
C LYS G 22 11.89 3.86 78.96
N GLY G 23 11.39 3.52 77.78
CA GLY G 23 12.24 3.41 76.63
C GLY G 23 12.92 4.73 76.32
N ILE G 24 12.16 5.81 76.39
CA ILE G 24 12.71 7.14 76.11
C ILE G 24 13.78 7.51 77.13
N ALA G 25 13.53 7.15 78.39
CA ALA G 25 14.44 7.49 79.49
C ALA G 25 15.84 6.88 79.43
N ARG G 26 15.93 5.61 79.04
CA ARG G 26 17.22 4.94 78.95
C ARG G 26 17.85 5.17 77.57
N ALA G 27 18.32 6.39 77.33
CA ALA G 27 18.93 6.72 76.04
C ALA G 27 19.89 7.90 76.13
N LYS G 28 20.76 8.02 75.13
CA LYS G 28 21.72 9.12 75.07
C LYS G 28 20.97 10.43 74.87
N SER G 29 21.49 11.51 75.44
CA SER G 29 20.83 12.80 75.38
C SER G 29 21.32 13.62 74.20
N VAL G 30 20.39 14.35 73.58
CA VAL G 30 20.67 15.22 72.46
C VAL G 30 20.13 16.60 72.79
N VAL G 31 20.84 17.63 72.36
CA VAL G 31 20.32 18.99 72.48
C VAL G 31 20.41 19.72 71.15
N ALA G 32 19.45 20.62 70.94
CA ALA G 32 19.45 21.49 69.77
C ALA G 32 19.11 22.88 70.23
N LEU G 33 19.92 23.87 69.84
CA LEU G 33 19.67 25.23 70.30
C LEU G 33 19.96 26.25 69.21
N ALA G 34 19.26 27.38 69.29
CA ALA G 34 19.46 28.45 68.32
C ALA G 34 20.66 29.29 68.70
N TYR G 35 21.46 29.64 67.69
CA TYR G 35 22.58 30.55 67.86
C TYR G 35 22.64 31.44 66.64
N ALA G 36 23.63 32.34 66.65
CA ALA G 36 23.67 33.43 65.68
C ALA G 36 23.61 32.92 64.25
N GLY G 37 24.39 31.90 63.93
CA GLY G 37 24.43 31.39 62.56
C GLY G 37 23.39 30.36 62.19
N GLY G 38 22.48 30.02 63.10
CA GLY G 38 21.44 29.07 62.78
C GLY G 38 21.03 28.21 63.96
N VAL G 39 21.16 26.89 63.81
CA VAL G 39 20.81 25.93 64.85
C VAL G 39 21.97 24.95 65.03
N LEU G 40 22.18 24.53 66.28
CA LEU G 40 23.29 23.66 66.66
C LEU G 40 22.74 22.38 67.29
N PHE G 41 23.14 21.24 66.74
CA PHE G 41 22.83 19.92 67.30
C PHE G 41 24.08 19.36 67.97
N VAL G 42 23.96 18.97 69.23
CA VAL G 42 25.04 18.35 69.99
C VAL G 42 24.48 17.12 70.70
N ALA G 43 24.95 15.96 70.29
CA ALA G 43 24.48 14.70 70.82
C ALA G 43 25.65 13.93 71.41
N GLU G 44 25.33 13.13 72.43
CA GLU G 44 26.30 12.25 73.07
C GLU G 44 26.24 10.91 72.34
N ASN G 45 27.23 10.66 71.50
CA ASN G 45 27.21 9.51 70.60
C ASN G 45 28.59 8.86 70.54
N PRO G 46 28.74 7.63 71.07
CA PRO G 46 30.06 6.98 71.07
C PRO G 46 30.47 6.37 69.73
N SER G 47 29.52 5.70 69.04
CA SER G 47 29.81 5.07 67.77
C SER G 47 30.26 6.09 66.72
N ARG G 48 31.00 5.60 65.73
CA ARG G 48 31.45 6.41 64.60
C ARG G 48 30.60 6.22 63.36
N SER G 49 29.87 5.11 63.27
CA SER G 49 29.01 4.81 62.13
C SER G 49 27.55 5.20 62.36
N LEU G 50 27.02 4.96 63.56
CA LEU G 50 25.62 5.21 63.87
C LEU G 50 25.44 6.66 64.29
N GLN G 51 24.51 7.36 63.63
CA GLN G 51 24.34 8.78 63.83
C GLN G 51 22.91 9.11 64.25
N LYS G 52 22.77 10.16 65.07
CA LYS G 52 21.47 10.62 65.55
C LYS G 52 21.15 12.04 65.09
N ILE G 53 21.86 12.56 64.11
CA ILE G 53 21.61 13.90 63.57
C ILE G 53 21.71 13.81 62.06
N SER G 54 20.80 14.46 61.34
CA SER G 54 20.79 14.22 59.91
C SER G 54 20.19 15.39 59.16
N GLU G 55 20.70 15.59 57.94
CA GLU G 55 20.06 16.48 56.99
C GLU G 55 18.72 15.88 56.54
N LEU G 56 17.69 16.70 56.48
CA LEU G 56 16.43 16.27 55.89
C LEU G 56 16.17 16.94 54.54
N TYR G 57 16.34 18.26 54.48
CA TYR G 57 16.21 18.96 53.22
C TYR G 57 17.14 20.16 53.31
N ASP G 58 17.14 20.97 52.24
CA ASP G 58 18.08 22.08 52.12
C ASP G 58 18.30 22.82 53.44
N ARG G 59 17.23 23.25 54.11
CA ARG G 59 17.35 24.04 55.33
C ARG G 59 16.73 23.35 56.53
N VAL G 60 16.39 22.07 56.42
CA VAL G 60 15.67 21.38 57.48
C VAL G 60 16.56 20.25 58.00
N GLY G 61 16.85 20.28 59.29
CA GLY G 61 17.63 19.26 59.96
C GLY G 61 16.78 18.46 60.93
N PHE G 62 17.39 17.42 61.51
CA PHE G 62 16.64 16.39 62.23
C PHE G 62 17.53 15.75 63.28
N ALA G 63 17.04 15.68 64.52
CA ALA G 63 17.73 14.92 65.57
C ALA G 63 16.73 14.05 66.29
N ALA G 64 17.21 12.96 66.85
CA ALA G 64 16.33 11.98 67.45
C ALA G 64 17.03 11.27 68.60
N ALA G 65 16.20 10.68 69.45
CA ALA G 65 16.65 9.94 70.62
C ALA G 65 15.68 8.81 70.90
N GLY G 66 16.24 7.62 71.01
CA GLY G 66 15.47 6.47 71.42
C GLY G 66 16.15 5.21 70.92
N LYS G 67 15.35 4.38 70.27
CA LYS G 67 15.71 3.13 69.59
C LYS G 67 16.23 3.39 68.17
N PHE G 68 17.50 3.03 67.90
CA PHE G 68 18.14 3.48 66.66
C PHE G 68 17.39 3.02 65.41
N ASN G 69 17.09 1.72 65.29
CA ASN G 69 16.39 1.26 64.09
C ASN G 69 15.10 2.03 63.81
N GLU G 70 14.40 2.52 64.86
CA GLU G 70 13.10 3.14 64.58
C GLU G 70 13.26 4.60 64.18
N PHE G 71 14.02 5.32 65.00
CA PHE G 71 14.29 6.73 64.73
C PHE G 71 15.02 6.80 63.41
N ASP G 72 15.88 5.83 63.12
CA ASP G 72 16.59 5.77 61.85
C ASP G 72 15.57 5.58 60.74
N ASN G 73 14.58 4.72 60.96
CA ASN G 73 13.55 4.46 59.97
C ASN G 73 12.74 5.72 59.70
N LEU G 74 12.42 6.48 60.73
CA LEU G 74 11.70 7.73 60.51
C LEU G 74 12.59 8.64 59.69
N ARG G 75 13.87 8.72 60.05
CA ARG G 75 14.82 9.51 59.28
C ARG G 75 14.66 9.25 57.79
N ARG G 76 14.62 7.97 57.42
CA ARG G 76 14.50 7.59 56.02
C ARG G 76 13.16 8.02 55.44
N GLY G 77 12.07 7.74 56.16
CA GLY G 77 10.77 8.17 55.69
C GLY G 77 10.71 9.68 55.45
N GLY G 78 11.29 10.45 56.36
CA GLY G 78 11.27 11.89 56.20
C GLY G 78 12.05 12.34 54.99
N ILE G 79 13.24 11.76 54.78
CA ILE G 79 14.02 12.05 53.58
C ILE G 79 13.19 11.77 52.34
N GLN G 80 12.62 10.57 52.27
CA GLN G 80 11.73 10.20 51.18
C GLN G 80 10.67 11.28 50.92
N PHE G 81 9.87 11.67 51.90
CA PHE G 81 8.78 12.59 51.55
C PHE G 81 9.21 13.91 50.92
N ALA G 82 10.26 14.50 51.46
CA ALA G 82 10.71 15.78 50.97
C ALA G 82 11.16 15.77 49.52
N ASP G 83 11.92 14.76 49.10
CA ASP G 83 12.40 14.76 47.72
C ASP G 83 11.27 14.71 46.71
N THR G 84 10.32 13.82 46.94
CA THR G 84 9.20 13.70 46.00
C THR G 84 8.40 14.99 45.99
N ARG G 85 8.18 15.57 47.18
CA ARG G 85 7.40 16.79 47.21
C ARG G 85 8.10 17.90 46.44
N GLY G 86 9.41 18.01 46.62
CA GLY G 86 10.16 19.06 45.95
C GLY G 86 10.09 18.86 44.46
N TYR G 87 10.24 17.62 44.01
CA TYR G 87 10.20 17.38 42.58
C TYR G 87 8.84 17.77 42.01
N ALA G 88 7.77 17.44 42.71
CA ALA G 88 6.45 17.81 42.22
C ALA G 88 6.21 19.33 42.19
N TYR G 89 6.65 20.04 43.24
CA TYR G 89 6.44 21.49 43.29
C TYR G 89 7.77 22.24 43.29
N ASP G 90 8.48 22.29 44.42
CA ASP G 90 9.79 22.92 44.33
C ASP G 90 10.50 22.82 45.67
N ARG G 91 11.79 23.17 45.66
CA ARG G 91 12.59 23.00 46.86
C ARG G 91 12.14 23.95 47.96
N ARG G 92 11.95 25.22 47.63
CA ARG G 92 11.52 26.21 48.62
C ARG G 92 10.10 26.00 49.13
N ASP G 93 9.38 24.98 48.65
CA ASP G 93 8.04 24.72 49.16
C ASP G 93 8.04 23.77 50.34
N VAL G 94 9.02 22.89 50.43
CA VAL G 94 9.16 22.01 51.60
C VAL G 94 9.64 22.84 52.77
N THR G 95 8.91 22.77 53.88
CA THR G 95 9.20 23.56 55.07
C THR G 95 9.35 22.62 56.25
N GLY G 96 10.03 23.10 57.30
CA GLY G 96 10.15 22.29 58.51
C GLY G 96 8.81 21.97 59.13
N ARG G 97 7.84 22.87 58.93
CA ARG G 97 6.51 22.69 59.52
C ARG G 97 5.78 21.49 58.93
N GLN G 98 5.78 21.36 57.61
CA GLN G 98 5.09 20.26 56.94
C GLN G 98 5.67 18.93 57.35
N LEU G 99 7.00 18.86 57.42
CA LEU G 99 7.66 17.63 57.83
C LEU G 99 7.35 17.29 59.28
N ALA G 100 7.34 18.29 60.15
CA ALA G 100 7.09 18.07 61.57
C ALA G 100 5.71 17.47 61.71
N ASN G 101 4.77 18.03 60.96
CA ASN G 101 3.40 17.55 60.94
C ASN G 101 3.31 16.10 60.47
N VAL G 102 4.02 15.75 59.41
CA VAL G 102 3.84 14.40 58.86
C VAL G 102 4.25 13.31 59.85
N TYR G 103 5.35 13.56 60.54
CA TYR G 103 5.82 12.59 61.50
C TYR G 103 4.79 12.40 62.59
N ALA G 104 4.22 13.47 63.10
CA ALA G 104 3.26 13.33 64.20
C ALA G 104 2.05 12.50 63.82
N GLN G 105 1.47 12.78 62.66
CA GLN G 105 0.30 12.04 62.24
C GLN G 105 0.65 10.58 62.04
N THR G 106 1.80 10.35 61.40
CA THR G 106 2.19 8.97 61.14
C THR G 106 2.39 8.23 62.44
N LEU G 107 3.06 8.88 63.40
CA LEU G 107 3.33 8.24 64.66
C LEU G 107 2.03 7.89 65.35
N GLY G 108 1.08 8.81 65.40
CA GLY G 108 -0.15 8.50 66.10
C GLY G 108 -0.89 7.33 65.47
N THR G 109 -1.02 7.36 64.15
CA THR G 109 -1.74 6.28 63.50
C THR G 109 -1.04 4.95 63.69
N ILE G 110 0.28 5.00 63.55
CA ILE G 110 1.08 3.82 63.65
C ILE G 110 0.95 3.25 65.03
N PHE G 111 1.01 4.08 66.06
CA PHE G 111 0.93 3.56 67.41
C PHE G 111 -0.41 2.89 67.63
N THR G 112 -1.48 3.56 67.19
CA THR G 112 -2.81 2.99 67.40
C THR G 112 -2.99 1.64 66.70
N GLU G 113 -2.47 1.50 65.49
CA GLU G 113 -2.64 0.22 64.80
C GLU G 113 -1.52 -0.84 64.95
N GLN G 114 -0.38 -0.46 65.52
CA GLN G 114 0.74 -1.39 65.61
C GLN G 114 0.82 -2.15 66.90
N ALA G 115 1.94 -2.84 67.09
CA ALA G 115 2.02 -3.63 68.32
C ALA G 115 2.75 -2.85 69.40
N LYS G 116 3.94 -2.38 69.08
CA LYS G 116 4.75 -1.67 70.05
C LYS G 116 4.93 -0.22 69.63
N PRO G 117 4.79 0.74 70.55
CA PRO G 117 4.98 2.14 70.17
C PRO G 117 6.45 2.48 69.96
N TYR G 118 6.71 3.40 69.04
CA TYR G 118 8.09 3.80 68.74
C TYR G 118 8.66 4.58 69.92
N GLU G 119 9.65 3.98 70.58
CA GLU G 119 10.30 4.61 71.73
C GLU G 119 11.28 5.68 71.23
N VAL G 120 10.71 6.70 70.58
CA VAL G 120 11.52 7.72 69.94
C VAL G 120 11.03 9.12 70.35
N GLU G 121 11.94 10.08 70.24
CA GLU G 121 11.65 11.49 70.45
C GLU G 121 12.38 12.24 69.36
N LEU G 122 11.65 13.08 68.64
CA LEU G 122 12.14 13.75 67.45
C LEU G 122 12.22 15.25 67.65
N CYS G 123 13.15 15.85 66.94
CA CYS G 123 13.29 17.29 66.88
C CYS G 123 13.55 17.65 65.43
N VAL G 124 12.67 18.44 64.84
CA VAL G 124 12.85 18.93 63.47
C VAL G 124 13.23 20.40 63.56
N ALA G 125 14.30 20.78 62.86
CA ALA G 125 14.79 22.15 62.92
C ALA G 125 14.77 22.78 61.54
N GLU G 126 14.53 24.09 61.50
CA GLU G 126 14.53 24.83 60.25
C GLU G 126 15.15 26.20 60.46
N VAL G 127 15.88 26.67 59.44
CA VAL G 127 16.45 28.01 59.43
C VAL G 127 15.97 28.71 58.15
N ALA G 128 16.25 30.01 58.05
CA ALA G 128 15.83 30.76 56.87
C ALA G 128 16.74 30.44 55.69
N HIS G 129 16.32 30.87 54.51
CA HIS G 129 17.12 30.67 53.30
C HIS G 129 18.25 31.68 53.25
N TYR G 130 19.07 31.60 52.20
CA TYR G 130 20.17 32.54 52.02
C TYR G 130 19.64 33.95 51.77
N GLY G 131 20.29 34.95 52.35
CA GLY G 131 19.92 36.34 52.15
C GLY G 131 18.54 36.74 52.64
N GLU G 132 18.07 36.09 53.69
CA GLU G 132 16.76 36.40 54.25
C GLU G 132 16.85 36.37 55.77
N THR G 133 15.95 37.09 56.43
CA THR G 133 15.96 37.12 57.89
C THR G 133 14.73 36.45 58.48
N LYS G 134 14.96 35.48 59.37
CA LYS G 134 13.86 34.78 60.02
C LYS G 134 14.44 33.98 61.17
N ARG G 135 13.64 33.82 62.22
CA ARG G 135 14.13 33.15 63.42
C ARG G 135 14.16 31.64 63.23
N PRO G 136 15.16 30.94 63.78
CA PRO G 136 15.15 29.47 63.70
C PRO G 136 13.94 28.88 64.40
N GLU G 137 13.38 27.83 63.80
CA GLU G 137 12.22 27.15 64.35
C GLU G 137 12.61 25.75 64.77
N LEU G 138 12.25 25.39 66.00
CA LEU G 138 12.47 24.06 66.55
C LEU G 138 11.12 23.45 66.90
N TYR G 139 10.89 22.22 66.45
CA TYR G 139 9.69 21.49 66.83
C TYR G 139 10.15 20.21 67.49
N ARG G 140 9.46 19.80 68.56
CA ARG G 140 9.66 18.50 69.19
C ARG G 140 8.41 17.64 68.99
N ILE G 141 8.60 16.45 68.44
CA ILE G 141 7.52 15.49 68.24
C ILE G 141 7.77 14.32 69.19
N THR G 142 6.77 14.00 70.01
CA THR G 142 6.90 12.92 70.96
C THR G 142 6.25 11.64 70.40
N TYR G 143 6.38 10.54 71.16
CA TYR G 143 6.05 9.20 70.66
C TYR G 143 4.57 9.04 70.29
N ASP G 144 3.68 9.77 70.95
CA ASP G 144 2.24 9.68 70.72
C ASP G 144 1.76 10.44 69.50
N GLY G 145 2.53 11.40 69.01
CA GLY G 145 2.05 12.31 67.98
C GLY G 145 2.00 13.76 68.39
N SER G 146 2.21 14.06 69.67
CA SER G 146 2.21 15.44 70.15
C SER G 146 3.38 16.20 69.54
N ILE G 147 3.13 17.47 69.26
CA ILE G 147 4.13 18.33 68.66
C ILE G 147 4.15 19.65 69.41
N ALA G 148 5.35 20.14 69.73
CA ALA G 148 5.52 21.36 70.51
C ALA G 148 6.48 22.32 69.83
N ASP G 149 6.14 23.60 69.84
CA ASP G 149 6.94 24.64 69.19
C ASP G 149 7.86 25.28 70.21
N GLU G 150 9.17 25.16 69.99
CA GLU G 150 10.19 25.57 70.95
C GLU G 150 10.87 26.82 70.45
N PRO G 151 11.08 27.83 71.30
CA PRO G 151 11.65 29.09 70.80
C PRO G 151 13.17 29.11 70.86
N HIS G 152 13.76 28.30 71.75
CA HIS G 152 15.17 28.48 72.08
C HIS G 152 15.95 27.16 72.00
N PHE G 153 15.47 26.10 72.64
CA PHE G 153 16.22 24.84 72.59
C PHE G 153 15.31 23.66 72.90
N VAL G 154 15.74 22.50 72.39
CA VAL G 154 15.07 21.23 72.61
C VAL G 154 16.08 20.28 73.24
N VAL G 155 15.64 19.52 74.24
CA VAL G 155 16.44 18.47 74.84
C VAL G 155 15.68 17.15 74.74
N MET G 156 16.35 16.12 74.23
CA MET G 156 15.71 14.84 73.98
C MET G 156 16.49 13.71 74.61
N GLY G 157 15.75 12.70 75.10
CA GLY G 157 16.32 11.46 75.59
C GLY G 157 17.05 11.53 76.91
N GLY G 158 17.11 10.41 77.62
CA GLY G 158 17.72 10.37 78.94
C GLY G 158 16.95 11.18 79.98
N THR G 159 17.67 11.65 80.99
CA THR G 159 17.14 12.59 81.98
C THR G 159 17.25 14.01 81.44
N THR G 160 16.10 14.58 81.04
CA THR G 160 16.04 15.90 80.40
C THR G 160 16.01 17.07 81.38
N GLU G 161 15.64 16.83 82.66
CA GLU G 161 15.52 17.95 83.60
C GLU G 161 16.85 18.68 83.82
N PRO G 162 17.96 18.02 84.21
CA PRO G 162 19.15 18.83 84.54
C PRO G 162 19.72 19.57 83.35
N ILE G 163 19.74 18.91 82.20
CA ILE G 163 20.22 19.55 80.97
C ILE G 163 19.32 20.73 80.61
N ALA G 164 18.00 20.56 80.72
CA ALA G 164 17.08 21.64 80.38
C ALA G 164 17.26 22.83 81.30
N ASN G 165 17.56 22.59 82.57
CA ASN G 165 17.74 23.69 83.51
C ASN G 165 19.07 24.42 83.29
N ALA G 166 20.17 23.65 83.17
CA ALA G 166 21.48 24.24 82.86
C ALA G 166 21.41 25.10 81.60
N LEU G 167 20.70 24.63 80.57
CA LEU G 167 20.48 25.44 79.37
C LEU G 167 19.65 26.67 79.69
N LYS G 168 18.67 26.51 80.58
CA LYS G 168 17.82 27.63 80.98
C LYS G 168 18.63 28.78 81.59
N GLU G 169 19.71 28.46 82.34
CA GLU G 169 20.58 29.49 82.93
C GLU G 169 21.63 30.06 81.97
N SER G 170 22.29 29.17 81.21
CA SER G 170 23.34 29.49 80.23
C SER G 170 22.86 30.02 78.86
N TYR G 171 21.61 29.78 78.43
CA TYR G 171 21.24 30.17 77.07
C TYR G 171 21.34 31.68 76.84
N ALA G 172 21.81 32.07 75.66
CA ALA G 172 21.91 33.47 75.25
C ALA G 172 21.63 33.59 73.75
N GLU G 173 20.64 34.40 73.39
CA GLU G 173 20.30 34.51 71.97
C GLU G 173 21.42 35.22 71.24
N ASN G 174 21.72 34.75 70.04
CA ASN G 174 22.76 35.37 69.22
C ASN G 174 24.15 35.06 69.81
N ALA G 175 24.26 33.94 70.53
CA ALA G 175 25.57 33.47 70.94
C ALA G 175 26.33 32.95 69.72
N SER G 176 27.64 33.12 69.72
CA SER G 176 28.38 32.63 68.56
C SER G 176 28.40 31.11 68.57
N LEU G 177 29.06 30.54 67.55
CA LEU G 177 29.13 29.09 67.42
C LEU G 177 29.92 28.45 68.57
N THR G 178 31.03 29.09 68.97
CA THR G 178 31.86 28.53 70.03
C THR G 178 31.16 28.61 71.39
N ASP G 179 30.52 29.75 71.68
CA ASP G 179 29.82 29.92 72.95
C ASP G 179 28.65 28.94 73.07
N ALA G 180 27.84 28.85 72.01
CA ALA G 180 26.73 27.90 72.01
C ALA G 180 27.22 26.46 72.13
N LEU G 181 28.40 26.16 71.56
CA LEU G 181 28.96 24.82 71.74
C LEU G 181 29.36 24.58 73.19
N ARG G 182 29.99 25.57 73.83
CA ARG G 182 30.38 25.43 75.23
C ARG G 182 29.16 25.26 76.13
N ILE G 183 28.14 26.09 75.90
CA ILE G 183 26.90 26.02 76.68
C ILE G 183 26.26 24.66 76.52
N ALA G 184 26.21 24.16 75.28
CA ALA G 184 25.52 22.90 74.98
C ALA G 184 26.27 21.70 75.56
N VAL G 185 27.60 21.69 75.47
CA VAL G 185 28.36 20.59 76.05
C VAL G 185 28.29 20.64 77.57
N ALA G 186 28.40 21.84 78.13
CA ALA G 186 28.32 22.00 79.57
C ALA G 186 26.98 21.50 80.11
N ALA G 187 25.87 22.00 79.54
CA ALA G 187 24.54 21.57 79.99
C ALA G 187 24.31 20.09 79.72
N LEU G 188 24.94 19.55 78.68
CA LEU G 188 24.81 18.14 78.37
C LEU G 188 25.49 17.28 79.43
N ARG G 189 26.59 17.80 80.02
CA ARG G 189 27.30 17.07 81.06
C ARG G 189 26.49 16.93 82.34
N ALA G 190 25.66 17.91 82.65
CA ALA G 190 24.87 17.90 83.88
C ALA G 190 24.12 16.57 84.08
N LEU G 203 31.76 16.76 77.79
CA LEU G 203 32.56 15.59 78.12
C LEU G 203 33.86 15.54 77.32
N GLY G 204 34.31 14.34 77.02
CA GLY G 204 35.53 14.12 76.27
C GLY G 204 35.38 14.50 74.81
N VAL G 205 36.49 14.78 74.14
CA VAL G 205 36.45 15.14 72.73
C VAL G 205 35.87 14.01 71.88
N ALA G 206 36.19 12.77 72.26
CA ALA G 206 35.68 11.60 71.56
C ALA G 206 34.21 11.38 71.88
N SER G 207 33.53 10.62 71.02
CA SER G 207 32.11 10.27 71.15
C SER G 207 31.11 11.43 71.21
N LEU G 208 31.35 12.46 70.40
CA LEU G 208 30.47 13.63 70.33
C LEU G 208 29.98 13.80 68.89
N GLU G 209 28.67 13.96 68.68
CA GLU G 209 28.22 14.14 67.31
C GLU G 209 27.71 15.57 67.24
N VAL G 210 28.39 16.40 66.47
CA VAL G 210 28.07 17.82 66.40
C VAL G 210 27.85 18.22 64.94
N ALA G 211 26.74 18.92 64.69
CA ALA G 211 26.42 19.43 63.36
C ALA G 211 25.68 20.74 63.51
N VAL G 212 25.65 21.52 62.43
CA VAL G 212 24.98 22.81 62.45
C VAL G 212 24.04 22.93 61.25
N LEU G 213 23.03 23.78 61.40
CA LEU G 213 22.23 24.28 60.30
C LEU G 213 22.69 25.72 60.08
N ASP G 214 23.77 25.87 59.33
CA ASP G 214 24.40 27.16 59.12
C ASP G 214 23.54 27.97 58.16
N ALA G 215 22.91 29.04 58.65
CA ALA G 215 22.04 29.84 57.81
C ALA G 215 22.79 30.58 56.71
N ASN G 216 24.12 30.60 56.75
CA ASN G 216 24.87 31.39 55.78
C ASN G 216 25.19 30.62 54.51
N ARG G 217 25.03 29.30 54.52
CA ARG G 217 25.32 28.49 53.35
C ARG G 217 24.34 28.86 52.24
N PRO G 218 24.76 28.76 50.98
CA PRO G 218 23.84 29.15 49.88
C PRO G 218 22.62 28.24 49.76
N ARG G 219 22.80 26.92 49.78
CA ARG G 219 21.66 26.02 49.59
C ARG G 219 21.54 25.00 50.72
N ARG G 220 22.42 24.00 50.74
CA ARG G 220 22.43 22.95 51.77
C ARG G 220 23.05 23.50 53.06
N ALA G 221 22.21 23.71 54.07
CA ALA G 221 22.62 24.35 55.32
C ALA G 221 23.27 23.41 56.31
N PHE G 222 22.93 22.13 56.26
CA PHE G 222 23.45 21.17 57.23
C PHE G 222 24.94 20.95 57.01
N ARG G 223 25.69 20.88 58.11
CA ARG G 223 27.15 20.75 57.99
C ARG G 223 27.70 20.14 59.28
N ARG G 224 28.38 18.99 59.16
CA ARG G 224 28.96 18.35 60.35
C ARG G 224 30.26 19.03 60.75
N ILE G 225 30.51 19.02 62.05
CA ILE G 225 31.73 19.57 62.65
C ILE G 225 32.40 18.42 63.41
N THR G 226 33.43 17.83 62.81
CA THR G 226 34.07 16.63 63.34
C THR G 226 35.58 16.80 63.37
N GLY G 227 36.25 15.93 64.10
CA GLY G 227 37.70 15.89 64.21
C GLY G 227 38.51 17.02 64.80
N SER G 228 39.60 17.35 64.10
CA SER G 228 40.55 18.36 64.53
C SER G 228 39.97 19.75 64.68
N ALA G 229 39.10 20.15 63.75
CA ALA G 229 38.48 21.46 63.83
C ALA G 229 37.63 21.55 65.11
N LEU G 230 36.90 20.49 65.38
CA LEU G 230 36.06 20.44 66.58
C LEU G 230 36.93 20.51 67.82
N GLN G 231 38.06 19.80 67.80
CA GLN G 231 38.96 19.81 68.94
C GLN G 231 39.50 21.21 69.18
N ALA G 232 39.85 21.90 68.10
CA ALA G 232 40.38 23.26 68.19
C ALA G 232 39.31 24.19 68.76
N LEU G 233 38.08 24.01 68.33
CA LEU G 233 36.97 24.82 68.82
C LEU G 233 36.77 24.60 70.32
N LEU G 234 36.88 23.34 70.74
CA LEU G 234 36.71 23.00 72.15
C LEU G 234 38.06 22.95 72.87
N SER H 8 -21.15 -6.72 79.06
CA SER H 8 -22.14 -6.81 78.00
C SER H 8 -21.93 -5.74 76.94
N PRO H 9 -22.53 -5.94 75.77
CA PRO H 9 -22.40 -4.98 74.66
C PRO H 9 -22.98 -3.62 75.03
N GLU H 10 -24.13 -3.61 75.69
CA GLU H 10 -24.77 -2.34 76.07
C GLU H 10 -23.88 -1.59 77.05
N GLN H 11 -23.29 -2.32 77.98
CA GLN H 11 -22.40 -1.73 78.98
C GLN H 11 -21.17 -1.15 78.27
N ALA H 12 -20.66 -1.88 77.28
CA ALA H 12 -19.51 -1.43 76.52
C ALA H 12 -19.85 -0.14 75.78
N MET H 13 -21.05 -0.09 75.21
CA MET H 13 -21.51 1.09 74.48
C MET H 13 -21.58 2.28 75.42
N ARG H 14 -22.08 2.06 76.63
CA ARG H 14 -22.18 3.13 77.63
C ARG H 14 -20.80 3.63 77.99
N GLU H 15 -19.85 2.70 78.14
CA GLU H 15 -18.49 3.06 78.47
C GLU H 15 -17.88 3.90 77.34
N ARG H 16 -18.16 3.51 76.10
CA ARG H 16 -17.65 4.23 74.95
C ARG H 16 -18.19 5.65 74.96
N SER H 17 -19.49 5.79 75.24
CA SER H 17 -20.08 7.11 75.27
C SER H 17 -19.43 7.96 76.34
N GLU H 18 -19.20 7.38 77.51
CA GLU H 18 -18.56 8.12 78.60
C GLU H 18 -17.17 8.57 78.21
N LEU H 19 -16.42 7.70 77.55
CA LEU H 19 -15.06 8.02 77.13
C LEU H 19 -15.08 9.17 76.15
N ALA H 20 -16.03 9.12 75.21
CA ALA H 20 -16.15 10.17 74.21
C ALA H 20 -16.48 11.49 74.87
N ARG H 21 -17.37 11.44 75.85
CA ARG H 21 -17.77 12.65 76.56
C ARG H 21 -16.56 13.25 77.27
N LYS H 22 -15.76 12.41 77.90
CA LYS H 22 -14.58 12.89 78.61
C LYS H 22 -13.62 13.56 77.64
N GLY H 23 -13.43 12.93 76.48
CA GLY H 23 -12.53 13.48 75.50
C GLY H 23 -13.01 14.83 75.03
N ILE H 24 -14.31 14.96 74.80
CA ILE H 24 -14.87 16.23 74.34
C ILE H 24 -14.70 17.31 75.40
N ALA H 25 -14.89 16.93 76.66
CA ALA H 25 -14.81 17.87 77.79
C ALA H 25 -13.46 18.54 78.02
N ARG H 26 -12.37 17.77 77.91
CA ARG H 26 -11.04 18.32 78.10
C ARG H 26 -10.50 18.91 76.81
N ALA H 27 -11.04 20.06 76.39
CA ALA H 27 -10.60 20.70 75.17
C ALA H 27 -10.88 22.19 75.15
N LYS H 28 -10.19 22.92 74.26
CA LYS H 28 -10.38 24.36 74.12
C LYS H 28 -11.79 24.62 73.58
N SER H 29 -12.37 25.74 74.00
CA SER H 29 -13.74 26.07 73.61
C SER H 29 -13.76 26.94 72.35
N VAL H 30 -14.74 26.68 71.51
CA VAL H 30 -14.96 27.43 70.28
C VAL H 30 -16.38 27.93 70.27
N VAL H 31 -16.60 29.13 69.74
CA VAL H 31 -17.96 29.61 69.53
C VAL H 31 -18.13 30.11 68.11
N ALA H 32 -19.36 29.96 67.61
CA ALA H 32 -19.72 30.49 66.29
C ALA H 32 -21.08 31.15 66.44
N LEU H 33 -21.21 32.40 65.98
CA LEU H 33 -22.48 33.09 66.13
C LEU H 33 -22.79 33.96 64.91
N ALA H 34 -24.09 34.15 64.68
CA ALA H 34 -24.52 34.97 63.56
C ALA H 34 -24.47 36.44 63.93
N TYR H 35 -24.00 37.25 62.99
CA TYR H 35 -23.98 38.69 63.12
C TYR H 35 -24.33 39.29 61.76
N ALA H 36 -24.37 40.62 61.73
CA ALA H 36 -24.93 41.34 60.60
C ALA H 36 -24.26 40.92 59.29
N GLY H 37 -22.94 40.84 59.28
CA GLY H 37 -22.23 40.52 58.04
C GLY H 37 -22.03 39.04 57.74
N GLY H 38 -22.57 38.16 58.57
CA GLY H 38 -22.46 36.73 58.31
C GLY H 38 -22.36 35.90 59.57
N VAL H 39 -21.26 35.15 59.69
CA VAL H 39 -21.01 34.28 60.85
C VAL H 39 -19.60 34.53 61.36
N LEU H 40 -19.44 34.45 62.69
CA LEU H 40 -18.19 34.74 63.36
C LEU H 40 -17.74 33.52 64.15
N PHE H 41 -16.51 33.07 63.88
CA PHE H 41 -15.85 32.00 64.64
C PHE H 41 -14.80 32.61 65.56
N VAL H 42 -14.88 32.28 66.85
CA VAL H 42 -13.92 32.73 67.85
C VAL H 42 -13.53 31.53 68.70
N ALA H 43 -12.28 31.13 68.58
CA ALA H 43 -11.77 29.96 69.28
C ALA H 43 -10.59 30.37 70.15
N GLU H 44 -10.44 29.65 71.25
CA GLU H 44 -9.32 29.82 72.17
C GLU H 44 -8.21 28.89 71.72
N ASN H 45 -7.19 29.46 71.08
CA ASN H 45 -6.15 28.68 70.41
C ASN H 45 -4.78 29.31 70.66
N PRO H 46 -3.91 28.65 71.44
CA PRO H 46 -2.59 29.23 71.73
C PRO H 46 -1.58 29.12 70.60
N SER H 47 -1.53 27.95 69.93
CA SER H 47 -0.57 27.72 68.85
C SER H 47 -0.81 28.70 67.69
N ARG H 48 0.26 28.91 66.92
CA ARG H 48 0.19 29.76 65.74
C ARG H 48 0.09 28.96 64.44
N SER H 49 0.46 27.68 64.48
CA SER H 49 0.40 26.80 63.32
C SER H 49 -0.86 25.94 63.27
N LEU H 50 -1.30 25.42 64.41
CA LEU H 50 -2.44 24.52 64.48
C LEU H 50 -3.73 25.32 64.59
N GLN H 51 -4.67 25.06 63.70
CA GLN H 51 -5.88 25.86 63.60
C GLN H 51 -7.12 24.98 63.76
N LYS H 52 -8.18 25.58 64.33
CA LYS H 52 -9.45 24.89 64.54
C LYS H 52 -10.60 25.56 63.78
N ILE H 53 -10.31 26.42 62.82
CA ILE H 53 -11.33 27.07 62.01
C ILE H 53 -10.85 27.06 60.57
N SER H 54 -11.75 26.76 59.63
CA SER H 54 -11.24 26.56 58.28
C SER H 54 -12.32 26.85 57.24
N GLU H 55 -11.87 27.32 56.08
CA GLU H 55 -12.71 27.40 54.90
C GLU H 55 -13.01 25.98 54.42
N LEU H 56 -14.26 25.72 54.06
CA LEU H 56 -14.60 24.47 53.40
C LEU H 56 -14.93 24.67 51.94
N TYR H 57 -15.79 25.64 51.64
CA TYR H 57 -16.10 25.99 50.27
C TYR H 57 -16.42 27.46 50.25
N ASP H 58 -16.77 27.96 49.05
CA ASP H 58 -16.97 29.39 48.84
C ASP H 58 -17.68 30.08 50.01
N ARG H 59 -18.83 29.54 50.44
CA ARG H 59 -19.62 30.18 51.49
C ARG H 59 -19.78 29.30 52.71
N VAL H 60 -19.02 28.20 52.80
CA VAL H 60 -19.21 27.23 53.87
C VAL H 60 -17.94 27.19 54.70
N GLY H 61 -18.07 27.47 56.01
CA GLY H 61 -16.98 27.43 56.95
C GLY H 61 -17.16 26.28 57.93
N PHE H 62 -16.14 26.08 58.78
CA PHE H 62 -16.02 24.87 59.58
C PHE H 62 -15.21 25.16 60.84
N ALA H 63 -15.75 24.78 62.00
CA ALA H 63 -15.01 24.83 63.25
C ALA H 63 -15.16 23.51 63.98
N ALA H 64 -14.17 23.19 64.81
CA ALA H 64 -14.15 21.90 65.47
C ALA H 64 -13.45 22.01 66.80
N ALA H 65 -13.74 21.02 67.64
CA ALA H 65 -13.17 20.92 68.97
C ALA H 65 -13.02 19.45 69.34
N GLY H 66 -11.82 19.10 69.74
CA GLY H 66 -11.54 17.79 70.27
C GLY H 66 -10.08 17.48 70.11
N LYS H 67 -9.82 16.31 69.53
CA LYS H 67 -8.51 15.76 69.16
C LYS H 67 -8.04 16.30 67.80
N PHE H 68 -6.92 17.02 67.76
CA PHE H 68 -6.55 17.77 66.56
C PHE H 68 -6.40 16.87 65.33
N ASN H 69 -5.60 15.80 65.42
CA ASN H 69 -5.42 14.93 64.26
C ASN H 69 -6.76 14.44 63.67
N GLU H 70 -7.80 14.26 64.49
CA GLU H 70 -9.01 13.65 63.94
C GLU H 70 -9.90 14.71 63.30
N PHE H 71 -10.14 15.78 64.05
CA PHE H 71 -10.95 16.87 63.56
C PHE H 71 -10.23 17.46 62.34
N ASP H 72 -8.90 17.47 62.37
CA ASP H 72 -8.12 17.94 61.24
C ASP H 72 -8.37 17.01 60.06
N ASN H 73 -8.40 15.72 60.32
CA ASN H 73 -8.64 14.73 59.26
C ASN H 73 -10.02 14.93 58.65
N LEU H 74 -11.03 15.20 59.46
CA LEU H 74 -12.35 15.44 58.92
C LEU H 74 -12.27 16.70 58.06
N ARG H 75 -11.62 17.73 58.57
CA ARG H 75 -11.41 18.95 57.79
C ARG H 75 -10.97 18.61 56.36
N ARG H 76 -9.97 17.75 56.24
CA ARG H 76 -9.45 17.39 54.94
C ARG H 76 -10.48 16.62 54.12
N GLY H 77 -11.13 15.63 54.73
CA GLY H 77 -12.18 14.91 54.03
C GLY H 77 -13.26 15.83 53.50
N GLY H 78 -13.67 16.80 54.31
CA GLY H 78 -14.71 17.71 53.86
C GLY H 78 -14.27 18.57 52.71
N ILE H 79 -13.04 19.10 52.77
CA ILE H 79 -12.47 19.84 51.65
C ILE H 79 -12.51 19.00 50.39
N GLN H 80 -11.97 17.78 50.47
CA GLN H 80 -12.02 16.84 49.37
C GLN H 80 -13.43 16.73 48.78
N PHE H 81 -14.44 16.39 49.55
CA PHE H 81 -15.73 16.14 48.89
C PHE H 81 -16.29 17.31 48.08
N ALA H 82 -16.19 18.51 48.64
CA ALA H 82 -16.73 19.67 47.97
C ALA H 82 -16.10 19.97 46.62
N ASP H 83 -14.79 19.89 46.50
CA ASP H 83 -14.16 20.21 45.22
C ASP H 83 -14.60 19.29 44.10
N THR H 84 -14.61 18.00 44.37
CA THR H 84 -15.01 17.05 43.34
C THR H 84 -16.46 17.28 42.98
N ARG H 85 -17.30 17.51 43.99
CA ARG H 85 -18.71 17.70 43.67
C ARG H 85 -18.91 18.93 42.82
N GLY H 86 -18.21 20.01 43.13
CA GLY H 86 -18.35 21.24 42.39
C GLY H 86 -17.90 21.03 40.96
N TYR H 87 -16.79 20.33 40.78
CA TYR H 87 -16.31 20.10 39.42
C TYR H 87 -17.32 19.31 38.62
N ALA H 88 -17.91 18.28 39.23
CA ALA H 88 -18.92 17.51 38.51
C ALA H 88 -20.18 18.32 38.16
N TYR H 89 -20.67 19.13 39.10
CA TYR H 89 -21.89 19.92 38.85
C TYR H 89 -21.59 21.41 38.87
N ASP H 90 -21.44 22.01 40.05
CA ASP H 90 -21.06 23.42 40.01
C ASP H 90 -20.85 23.93 41.43
N ARG H 91 -20.28 25.14 41.52
CA ARG H 91 -19.92 25.68 42.83
C ARG H 91 -21.16 25.96 43.67
N ARG H 92 -22.14 26.63 43.07
CA ARG H 92 -23.37 26.97 43.79
C ARG H 92 -24.23 25.77 44.14
N ASP H 93 -23.83 24.55 43.77
CA ASP H 93 -24.60 23.37 44.14
C ASP H 93 -24.18 22.78 45.48
N VAL H 94 -22.92 22.96 45.87
CA VAL H 94 -22.46 22.53 47.18
C VAL H 94 -23.04 23.46 48.23
N THR H 95 -23.70 22.90 49.22
CA THR H 95 -24.37 23.65 50.26
C THR H 95 -23.86 23.18 51.61
N GLY H 96 -24.02 24.03 52.64
CA GLY H 96 -23.62 23.64 53.98
C GLY H 96 -24.39 22.43 54.47
N ARG H 97 -25.61 22.26 53.98
CA ARG H 97 -26.46 21.16 54.41
C ARG H 97 -25.90 19.80 53.97
N GLN H 98 -25.50 19.69 52.72
CA GLN H 98 -24.98 18.44 52.19
C GLN H 98 -23.72 18.03 52.92
N LEU H 99 -22.85 18.98 53.17
CA LEU H 99 -21.62 18.71 53.89
C LEU H 99 -21.88 18.29 55.33
N ALA H 100 -22.84 18.96 55.98
CA ALA H 100 -23.15 18.65 57.36
C ALA H 100 -23.63 17.23 57.44
N ASN H 101 -24.45 16.86 56.48
CA ASN H 101 -24.96 15.50 56.38
C ASN H 101 -23.85 14.47 56.18
N VAL H 102 -22.89 14.75 55.30
CA VAL H 102 -21.87 13.74 55.01
C VAL H 102 -21.06 13.37 56.25
N TYR H 103 -20.69 14.38 57.01
CA TYR H 103 -19.90 14.13 58.18
C TYR H 103 -20.66 13.27 59.15
N ALA H 104 -21.94 13.53 59.36
CA ALA H 104 -22.69 12.74 60.33
C ALA H 104 -22.76 11.26 59.96
N GLN H 105 -23.06 10.98 58.71
CA GLN H 105 -23.17 9.60 58.29
C GLN H 105 -21.82 8.92 58.42
N THR H 106 -20.78 9.62 57.99
CA THR H 106 -19.45 9.03 58.05
C THR H 106 -19.09 8.73 59.49
N LEU H 107 -19.35 9.68 60.38
CA LEU H 107 -18.99 9.50 61.77
C LEU H 107 -19.71 8.31 62.34
N GLY H 108 -21.01 8.18 62.08
CA GLY H 108 -21.72 7.06 62.67
C GLY H 108 -21.19 5.73 62.18
N THR H 109 -20.98 5.62 60.87
CA THR H 109 -20.50 4.34 60.36
C THR H 109 -19.12 4.04 60.89
N ILE H 110 -18.28 5.06 60.91
CA ILE H 110 -16.92 4.92 61.34
C ILE H 110 -16.91 4.48 62.77
N PHE H 111 -17.71 5.09 63.63
CA PHE H 111 -17.69 4.72 65.02
C PHE H 111 -18.11 3.26 65.18
N THR H 112 -19.18 2.87 64.50
CA THR H 112 -19.64 1.50 64.65
C THR H 112 -18.60 0.47 64.20
N GLU H 113 -17.88 0.75 63.11
CA GLU H 113 -16.89 -0.23 62.66
C GLU H 113 -15.45 -0.06 63.15
N GLN H 114 -15.13 1.08 63.77
CA GLN H 114 -13.75 1.34 64.20
C GLN H 114 -13.43 0.94 65.61
N ALA H 115 -12.26 1.34 66.07
CA ALA H 115 -11.91 0.93 67.43
C ALA H 115 -12.26 2.02 68.42
N LYS H 116 -11.79 3.22 68.18
CA LYS H 116 -12.02 4.32 69.09
C LYS H 116 -12.88 5.39 68.43
N PRO H 117 -13.89 5.92 69.12
CA PRO H 117 -14.72 6.97 68.51
C PRO H 117 -13.98 8.29 68.43
N TYR H 118 -14.28 9.06 67.39
CA TYR H 118 -13.64 10.36 67.21
C TYR H 118 -14.13 11.32 68.27
N GLU H 119 -13.21 11.71 69.17
CA GLU H 119 -13.52 12.65 70.24
C GLU H 119 -13.58 14.07 69.69
N VAL H 120 -14.53 14.29 68.78
CA VAL H 120 -14.64 15.55 68.07
C VAL H 120 -16.07 16.09 68.15
N GLU H 121 -16.18 17.40 67.97
CA GLU H 121 -17.46 18.10 67.86
C GLU H 121 -17.30 19.12 66.75
N LEU H 122 -18.21 19.08 65.79
CA LEU H 122 -18.11 19.86 64.57
C LEU H 122 -19.23 20.88 64.49
N CYS H 123 -18.91 21.97 63.81
CA CYS H 123 -19.87 23.01 63.49
C CYS H 123 -19.63 23.41 62.05
N VAL H 124 -20.65 23.24 61.20
CA VAL H 124 -20.58 23.65 59.81
C VAL H 124 -21.44 24.89 59.66
N ALA H 125 -20.89 25.94 59.05
CA ALA H 125 -21.60 27.20 58.91
C ALA H 125 -21.75 27.57 57.43
N GLU H 126 -22.87 28.22 57.11
CA GLU H 126 -23.12 28.67 55.76
C GLU H 126 -23.80 30.03 55.78
N VAL H 127 -23.44 30.87 54.80
CA VAL H 127 -24.07 32.17 54.60
C VAL H 127 -24.59 32.21 53.17
N ALA H 128 -25.35 33.27 52.85
CA ALA H 128 -25.89 33.41 51.51
C ALA H 128 -24.81 33.87 50.53
N HIS H 129 -25.12 33.80 49.24
CA HIS H 129 -24.19 34.24 48.22
C HIS H 129 -24.20 35.76 48.12
N TYR H 130 -23.39 36.31 47.23
CA TYR H 130 -23.35 37.75 47.01
C TYR H 130 -24.66 38.25 46.42
N GLY H 131 -25.12 39.41 46.88
CA GLY H 131 -26.33 40.02 46.39
C GLY H 131 -27.61 39.23 46.59
N GLU H 132 -27.68 38.48 47.69
CA GLU H 132 -28.86 37.70 48.00
C GLU H 132 -29.14 37.79 49.49
N THR H 133 -30.39 37.58 49.89
CA THR H 133 -30.74 37.65 51.29
C THR H 133 -31.16 36.30 51.84
N LYS H 134 -30.51 35.86 52.92
CA LYS H 134 -30.84 34.58 53.54
C LYS H 134 -30.15 34.54 54.89
N ARG H 135 -30.77 33.86 55.84
CA ARG H 135 -30.25 33.83 57.20
C ARG H 135 -29.07 32.86 57.30
N PRO H 136 -28.04 33.18 58.11
CA PRO H 136 -26.95 32.24 58.31
C PRO H 136 -27.45 30.95 58.94
N GLU H 137 -26.89 29.83 58.49
CA GLU H 137 -27.24 28.50 59.00
C GLU H 137 -26.06 27.91 59.74
N LEU H 138 -26.31 27.44 60.95
CA LEU H 138 -25.30 26.76 61.77
C LEU H 138 -25.79 25.34 62.05
N TYR H 139 -24.94 24.36 61.81
CA TYR H 139 -25.24 22.99 62.17
C TYR H 139 -24.16 22.52 63.13
N ARG H 140 -24.55 21.76 64.15
CA ARG H 140 -23.61 21.08 65.03
C ARG H 140 -23.72 19.57 64.85
N ILE H 141 -22.59 18.93 64.55
CA ILE H 141 -22.51 17.48 64.41
C ILE H 141 -21.71 16.94 65.58
N THR H 142 -22.30 15.99 66.32
CA THR H 142 -21.64 15.41 67.47
C THR H 142 -20.97 14.08 67.07
N TYR H 143 -20.25 13.48 68.04
CA TYR H 143 -19.36 12.36 67.77
C TYR H 143 -20.09 11.12 67.25
N ASP H 144 -21.36 10.93 67.64
CA ASP H 144 -22.15 9.77 67.25
C ASP H 144 -22.73 9.86 65.85
N GLY H 145 -22.85 11.06 65.29
CA GLY H 145 -23.57 11.25 64.04
C GLY H 145 -24.77 12.16 64.16
N SER H 146 -25.15 12.55 65.38
CA SER H 146 -26.27 13.45 65.58
C SER H 146 -25.97 14.82 65.01
N ILE H 147 -27.00 15.45 64.45
CA ILE H 147 -26.86 16.75 63.83
C ILE H 147 -28.00 17.64 64.31
N ALA H 148 -27.66 18.88 64.68
CA ALA H 148 -28.64 19.81 65.24
C ALA H 148 -28.57 21.14 64.51
N ASP H 149 -29.75 21.72 64.24
CA ASP H 149 -29.86 22.99 63.51
C ASP H 149 -29.99 24.13 64.50
N GLU H 150 -29.01 25.04 64.47
CA GLU H 150 -28.89 26.11 65.45
C GLU H 150 -29.27 27.42 64.82
N PRO H 151 -30.07 28.25 65.49
CA PRO H 151 -30.53 29.49 64.84
C PRO H 151 -29.59 30.67 65.08
N HIS H 152 -28.83 30.62 66.18
CA HIS H 152 -28.13 31.82 66.65
C HIS H 152 -26.65 31.56 66.92
N PHE H 153 -26.32 30.52 67.69
CA PHE H 153 -24.90 30.28 67.98
C PHE H 153 -24.67 28.83 68.39
N VAL H 154 -23.43 28.39 68.18
CA VAL H 154 -22.97 27.06 68.55
C VAL H 154 -21.78 27.24 69.47
N VAL H 155 -21.72 26.43 70.53
CA VAL H 155 -20.56 26.38 71.42
C VAL H 155 -20.06 24.95 71.48
N MET H 156 -18.76 24.77 71.26
CA MET H 156 -18.16 23.45 71.18
C MET H 156 -16.98 23.33 72.12
N GLY H 157 -16.82 22.13 72.69
CA GLY H 157 -15.65 21.77 73.47
C GLY H 157 -15.54 22.41 74.84
N GLY H 158 -14.84 21.74 75.75
CA GLY H 158 -14.73 22.21 77.13
C GLY H 158 -16.06 22.17 77.87
N THR H 159 -16.18 23.06 78.87
CA THR H 159 -17.43 23.28 79.59
C THR H 159 -18.29 24.28 78.80
N THR H 160 -19.35 23.76 78.15
CA THR H 160 -20.21 24.54 77.27
C THR H 160 -21.32 25.31 78.00
N GLU H 161 -21.67 24.91 79.23
CA GLU H 161 -22.79 25.56 79.93
C GLU H 161 -22.54 27.04 80.16
N PRO H 162 -21.44 27.48 80.81
CA PRO H 162 -21.36 28.91 81.14
C PRO H 162 -21.27 29.80 79.92
N ILE H 163 -20.50 29.37 78.92
CA ILE H 163 -20.39 30.11 77.67
C ILE H 163 -21.75 30.18 76.98
N ALA H 164 -22.48 29.07 76.96
CA ALA H 164 -23.78 29.05 76.28
C ALA H 164 -24.76 29.99 76.97
N ASN H 165 -24.68 30.09 78.30
CA ASN H 165 -25.60 30.96 79.02
C ASN H 165 -25.25 32.44 78.85
N ALA H 166 -23.95 32.78 79.02
CA ALA H 166 -23.49 34.15 78.77
C ALA H 166 -23.88 34.63 77.38
N LEU H 167 -23.74 33.75 76.37
CA LEU H 167 -24.20 34.08 75.02
C LEU H 167 -25.71 34.25 75.00
N LYS H 168 -26.42 33.42 75.76
CA LYS H 168 -27.88 33.51 75.81
C LYS H 168 -28.35 34.89 76.29
N GLU H 169 -27.61 35.52 77.22
CA GLU H 169 -27.95 36.86 77.72
C GLU H 169 -27.48 38.00 76.82
N SER H 170 -26.22 37.91 76.33
CA SER H 170 -25.57 38.90 75.45
C SER H 170 -25.95 38.85 73.96
N TYR H 171 -26.47 37.73 73.43
CA TYR H 171 -26.68 37.66 71.98
C TYR H 171 -27.69 38.70 71.48
N ALA H 172 -27.40 39.29 70.31
CA ALA H 172 -28.27 40.26 69.66
C ALA H 172 -28.20 40.09 68.14
N GLU H 173 -29.34 39.84 67.50
CA GLU H 173 -29.30 39.62 66.06
C GLU H 173 -28.95 40.92 65.36
N ASN H 174 -28.13 40.80 64.31
CA ASN H 174 -27.74 41.98 63.55
C ASN H 174 -26.78 42.85 64.36
N ALA H 175 -26.04 42.24 65.28
CA ALA H 175 -24.95 42.94 65.95
C ALA H 175 -23.81 43.15 64.96
N SER H 176 -23.11 44.27 65.09
CA SER H 176 -22.02 44.48 64.15
C SER H 176 -20.88 43.51 64.46
N LEU H 177 -19.81 43.62 63.67
CA LEU H 177 -18.65 42.73 63.83
C LEU H 177 -17.95 42.95 65.17
N THR H 178 -17.81 44.21 65.58
CA THR H 178 -17.11 44.52 66.83
C THR H 178 -17.93 44.07 68.03
N ASP H 179 -19.25 44.32 68.02
CA ASP H 179 -20.11 43.93 69.14
C ASP H 179 -20.16 42.41 69.28
N ALA H 180 -20.35 41.71 68.17
CA ALA H 180 -20.36 40.25 68.20
C ALA H 180 -19.02 39.70 68.66
N LEU H 181 -17.91 40.38 68.32
CA LEU H 181 -16.61 39.94 68.82
C LEU H 181 -16.51 40.14 70.33
N ARG H 182 -16.99 41.27 70.85
CA ARG H 182 -16.97 41.51 72.29
C ARG H 182 -17.82 40.49 73.02
N ILE H 183 -19.03 40.25 72.53
CA ILE H 183 -19.94 39.28 73.13
C ILE H 183 -19.30 37.91 73.14
N ALA H 184 -18.68 37.51 72.04
CA ALA H 184 -18.12 36.17 71.90
C ALA H 184 -16.90 35.98 72.79
N VAL H 185 -16.02 36.99 72.87
CA VAL H 185 -14.86 36.86 73.74
C VAL H 185 -15.29 36.88 75.20
N ALA H 186 -16.24 37.75 75.54
CA ALA H 186 -16.74 37.83 76.90
C ALA H 186 -17.34 36.50 77.33
N ALA H 187 -18.28 35.96 76.54
CA ALA H 187 -18.92 34.69 76.89
C ALA H 187 -17.92 33.54 76.88
N LEU H 188 -16.87 33.66 76.06
CA LEU H 188 -15.83 32.63 76.02
C LEU H 188 -15.02 32.62 77.30
N ARG H 189 -14.83 33.80 77.91
CA ARG H 189 -14.09 33.91 79.16
C ARG H 189 -14.79 33.22 80.32
N ALA H 190 -16.12 33.23 80.32
CA ALA H 190 -16.89 32.65 81.42
C ALA H 190 -16.43 31.24 81.78
N LEU H 203 -10.27 37.03 76.61
CA LEU H 203 -8.98 36.88 77.27
C LEU H 203 -7.95 37.81 76.66
N GLY H 204 -6.69 37.38 76.67
CA GLY H 204 -5.59 38.15 76.13
C GLY H 204 -5.63 38.23 74.62
N VAL H 205 -4.97 39.25 74.06
CA VAL H 205 -4.94 39.42 72.61
C VAL H 205 -4.28 38.22 71.93
N ALA H 206 -3.26 37.68 72.58
CA ALA H 206 -2.56 36.50 72.05
C ALA H 206 -3.40 35.23 72.21
N SER H 207 -3.07 34.22 71.41
CA SER H 207 -3.74 32.91 71.42
C SER H 207 -5.25 32.91 71.12
N LEU H 208 -5.67 33.75 70.18
CA LEU H 208 -7.08 33.83 69.79
C LEU H 208 -7.18 33.53 68.29
N GLU H 209 -8.08 32.62 67.89
CA GLU H 209 -8.18 32.36 66.47
C GLU H 209 -9.54 32.90 66.05
N VAL H 210 -9.54 33.93 65.23
CA VAL H 210 -10.78 34.60 64.84
C VAL H 210 -10.88 34.66 63.32
N ALA H 211 -12.04 34.27 62.80
CA ALA H 211 -12.31 34.30 61.38
C ALA H 211 -13.79 34.60 61.17
N VAL H 212 -14.13 35.05 59.97
CA VAL H 212 -15.52 35.37 59.65
C VAL H 212 -15.92 34.71 58.34
N LEU H 213 -17.22 34.49 58.19
CA LEU H 213 -17.84 34.18 56.92
C LEU H 213 -18.56 35.46 56.49
N ASP H 214 -17.81 36.36 55.88
CA ASP H 214 -18.32 37.68 55.50
C ASP H 214 -19.24 37.52 54.30
N ALA H 215 -20.55 37.73 54.49
CA ALA H 215 -21.50 37.57 53.40
C ALA H 215 -21.31 38.59 52.29
N ASN H 216 -20.49 39.61 52.50
CA ASN H 216 -20.38 40.67 51.51
C ASN H 216 -19.31 40.39 50.46
N ARG H 217 -18.44 39.42 50.70
CA ARG H 217 -17.39 39.10 49.75
C ARG H 217 -18.04 38.55 48.48
N PRO H 218 -17.41 38.77 47.32
CA PRO H 218 -18.01 38.30 46.07
C PRO H 218 -18.09 36.78 45.95
N ARG H 219 -17.01 36.06 46.26
CA ARG H 219 -17.02 34.61 46.10
C ARG H 219 -16.61 33.88 47.37
N ARG H 220 -15.31 33.91 47.70
CA ARG H 220 -14.78 33.26 48.89
C ARG H 220 -15.08 34.12 50.12
N ALA H 221 -16.00 33.65 50.97
CA ALA H 221 -16.50 34.41 52.11
C ALA H 221 -15.63 34.30 53.35
N PHE H 222 -14.89 33.22 53.49
CA PHE H 222 -14.08 33.02 54.68
C PHE H 222 -12.91 34.00 54.71
N ARG H 223 -12.63 34.57 55.90
CA ARG H 223 -11.58 35.59 55.99
C ARG H 223 -11.08 35.65 57.43
N ARG H 224 -9.78 35.42 57.63
CA ARG H 224 -9.22 35.48 58.97
C ARG H 224 -8.98 36.91 59.41
N ILE H 225 -9.12 37.14 60.71
CA ILE H 225 -8.89 38.44 61.35
C ILE H 225 -7.80 38.22 62.38
N THR H 226 -6.56 38.60 62.06
CA THR H 226 -5.39 38.33 62.89
C THR H 226 -4.57 39.60 63.07
N GLY H 227 -3.66 39.55 64.05
CA GLY H 227 -2.75 40.64 64.34
C GLY H 227 -3.20 42.01 64.81
N SER H 228 -2.58 43.03 64.21
CA SER H 228 -2.82 44.42 64.56
C SER H 228 -4.26 44.88 64.36
N ALA H 229 -4.89 44.45 63.27
CA ALA H 229 -6.27 44.84 63.02
C ALA H 229 -7.17 44.29 64.12
N LEU H 230 -6.92 43.03 64.50
CA LEU H 230 -7.69 42.40 65.56
C LEU H 230 -7.47 43.13 66.87
N GLN H 231 -6.23 43.53 67.13
CA GLN H 231 -5.93 44.26 68.36
C GLN H 231 -6.68 45.58 68.39
N ALA H 232 -6.71 46.27 67.25
CA ALA H 232 -7.40 47.55 67.15
C ALA H 232 -8.89 47.36 67.40
N LEU H 233 -9.44 46.28 66.85
CA LEU H 233 -10.86 45.98 67.02
C LEU H 233 -11.16 45.72 68.49
N LEU H 234 -10.27 45.00 69.17
CA LEU H 234 -10.44 44.69 70.58
C LEU H 234 -9.72 45.69 71.46
N PRO I 4 15.70 10.19 -69.08
CA PRO I 4 14.69 11.09 -69.62
C PRO I 4 15.27 12.48 -69.88
N TYR I 5 16.04 12.60 -70.95
CA TYR I 5 16.66 13.88 -71.30
C TYR I 5 17.05 13.91 -72.77
N PHE I 6 17.17 15.12 -73.33
CA PHE I 6 17.54 15.29 -74.72
C PHE I 6 19.03 15.04 -74.94
N ILE I 7 19.82 16.11 -74.83
CA ILE I 7 21.27 16.01 -75.01
C ILE I 7 21.79 14.66 -74.55
N SER I 8 22.51 13.97 -75.43
CA SER I 8 23.06 12.66 -75.12
C SER I 8 23.71 12.65 -73.73
N PRO I 9 23.31 11.70 -72.90
CA PRO I 9 23.85 11.58 -71.54
C PRO I 9 25.37 11.54 -71.54
N GLU I 10 25.96 10.81 -72.47
CA GLU I 10 27.41 10.69 -72.55
C GLU I 10 28.03 12.06 -72.85
N GLN I 11 27.39 12.79 -73.76
CA GLN I 11 27.84 14.13 -74.13
C GLN I 11 27.76 15.05 -72.92
N ALA I 12 26.67 14.92 -72.16
CA ALA I 12 26.48 15.74 -70.97
C ALA I 12 27.58 15.43 -69.95
N MET I 13 27.92 14.15 -69.81
CA MET I 13 28.96 13.73 -68.88
C MET I 13 30.29 14.33 -69.30
N ARG I 14 30.57 14.33 -70.61
CA ARG I 14 31.81 14.90 -71.11
C ARG I 14 31.86 16.39 -70.81
N GLU I 15 30.72 17.07 -70.99
CA GLU I 15 30.65 18.49 -70.72
C GLU I 15 30.91 18.76 -69.24
N ARG I 16 30.34 17.90 -68.37
CA ARG I 16 30.52 18.06 -66.94
C ARG I 16 31.99 17.91 -66.60
N SER I 17 32.65 16.92 -67.20
CA SER I 17 34.06 16.72 -66.93
C SER I 17 34.87 17.94 -67.36
N GLU I 18 34.54 18.49 -68.53
CA GLU I 18 35.26 19.66 -69.00
C GLU I 18 35.08 20.84 -68.06
N LEU I 19 33.85 21.02 -67.58
CA LEU I 19 33.56 22.12 -66.67
C LEU I 19 34.35 21.97 -65.38
N ALA I 20 34.41 20.74 -64.88
CA ALA I 20 35.15 20.47 -63.65
C ALA I 20 36.63 20.76 -63.86
N ARG I 21 37.15 20.36 -65.01
CA ARG I 21 38.55 20.60 -65.31
C ARG I 21 38.84 22.08 -65.35
N LYS I 22 37.95 22.85 -65.96
CA LYS I 22 38.15 24.29 -66.04
C LYS I 22 38.16 24.91 -64.64
N GLY I 23 37.24 24.45 -63.79
CA GLY I 23 37.17 24.96 -62.44
C GLY I 23 38.44 24.67 -61.69
N ILE I 24 38.97 23.45 -61.84
CA ILE I 24 40.20 23.07 -61.15
C ILE I 24 41.37 23.91 -61.64
N ALA I 25 41.40 24.18 -62.95
CA ALA I 25 42.50 24.93 -63.56
C ALA I 25 42.68 26.37 -63.11
N ARG I 26 41.58 27.10 -62.95
CA ARG I 26 41.64 28.49 -62.50
C ARG I 26 41.66 28.57 -60.98
N ALA I 27 42.78 28.19 -60.37
CA ALA I 27 42.90 28.22 -58.92
C ALA I 27 44.34 28.32 -58.44
N LYS I 28 44.52 28.73 -57.19
CA LYS I 28 45.85 28.84 -56.59
C LYS I 28 46.47 27.45 -56.46
N SER I 29 47.78 27.37 -56.60
CA SER I 29 48.47 26.08 -56.57
C SER I 29 48.95 25.76 -55.16
N VAL I 30 48.86 24.48 -54.82
CA VAL I 30 49.31 23.96 -53.53
C VAL I 30 50.26 22.81 -53.79
N VAL I 31 51.29 22.69 -52.96
CA VAL I 31 52.15 21.52 -53.01
C VAL I 31 52.31 20.90 -51.64
N ALA I 32 52.50 19.58 -51.63
CA ALA I 32 52.78 18.84 -50.42
C ALA I 32 53.89 17.87 -50.72
N LEU I 33 54.94 17.85 -49.90
CA LEU I 33 56.07 16.96 -50.17
C LEU I 33 56.65 16.39 -48.89
N ALA I 34 57.23 15.20 -49.02
CA ALA I 34 57.84 14.54 -47.87
C ALA I 34 59.24 15.09 -47.65
N TYR I 35 59.57 15.30 -46.37
CA TYR I 35 60.89 15.71 -45.96
C TYR I 35 61.22 14.99 -44.66
N ALA I 36 62.43 15.25 -44.17
CA ALA I 36 62.98 14.46 -43.08
C ALA I 36 62.05 14.42 -41.88
N GLY I 37 61.50 15.56 -41.48
CA GLY I 37 60.65 15.61 -40.29
C GLY I 37 59.17 15.30 -40.51
N GLY I 38 58.77 14.96 -41.73
CA GLY I 38 57.39 14.62 -41.98
C GLY I 38 56.91 15.03 -43.36
N VAL I 39 55.88 15.87 -43.41
CA VAL I 39 55.29 16.36 -44.65
C VAL I 39 55.15 17.88 -44.57
N LEU I 40 55.35 18.54 -45.71
CA LEU I 40 55.32 19.99 -45.80
C LEU I 40 54.26 20.43 -46.80
N PHE I 41 53.35 21.30 -46.36
CA PHE I 41 52.34 21.92 -47.20
C PHE I 41 52.74 23.38 -47.45
N VAL I 42 52.81 23.75 -48.73
CA VAL I 42 53.11 25.12 -49.14
C VAL I 42 52.10 25.53 -50.20
N ALA I 43 51.26 26.49 -49.86
CA ALA I 43 50.20 26.95 -50.74
C ALA I 43 50.36 28.44 -50.99
N GLU I 44 49.93 28.85 -52.16
CA GLU I 44 49.92 30.26 -52.56
C GLU I 44 48.57 30.83 -52.16
N ASN I 45 48.56 31.60 -51.07
CA ASN I 45 47.33 32.05 -50.44
C ASN I 45 47.46 33.51 -50.00
N PRO I 46 46.75 34.45 -50.66
CA PRO I 46 46.88 35.87 -50.29
C PRO I 46 46.12 36.27 -49.03
N SER I 47 44.89 35.76 -48.84
CA SER I 47 44.08 36.10 -47.68
C SER I 47 44.75 35.65 -46.38
N ARG I 48 44.38 36.32 -45.29
CA ARG I 48 44.87 35.97 -43.97
C ARG I 48 43.87 35.17 -43.15
N SER I 49 42.59 35.21 -43.54
CA SER I 49 41.54 34.46 -42.85
C SER I 49 41.20 33.13 -43.53
N LEU I 50 41.17 33.10 -44.86
CA LEU I 50 40.79 31.91 -45.60
C LEU I 50 42.00 31.01 -45.81
N GLN I 51 41.87 29.75 -45.41
CA GLN I 51 42.99 28.83 -45.41
C GLN I 51 42.69 27.59 -46.26
N LYS I 52 43.74 27.05 -46.88
CA LYS I 52 43.64 25.84 -47.71
C LYS I 52 44.45 24.68 -47.16
N ILE I 53 44.89 24.74 -45.91
CA ILE I 53 45.64 23.66 -45.28
C ILE I 53 45.10 23.49 -43.87
N SER I 54 44.91 22.25 -43.43
CA SER I 54 44.22 22.09 -42.17
C SER I 54 44.61 20.78 -41.50
N GLU I 55 44.58 20.81 -40.16
CA GLU I 55 44.66 19.60 -39.36
C GLU I 55 43.37 18.81 -39.55
N LEU I 56 43.49 17.49 -39.72
CA LEU I 56 42.32 16.62 -39.70
C LEU I 56 42.26 15.77 -38.44
N TYR I 57 43.37 15.14 -38.10
CA TYR I 57 43.44 14.37 -36.87
C TYR I 57 44.89 14.44 -36.41
N ASP I 58 45.17 13.75 -35.30
CA ASP I 58 46.47 13.82 -34.64
C ASP I 58 47.63 13.84 -35.65
N ARG I 59 47.67 12.88 -36.57
CA ARG I 59 48.79 12.77 -37.51
C ARG I 59 48.35 12.92 -38.95
N VAL I 60 47.11 13.37 -39.20
CA VAL I 60 46.57 13.41 -40.55
C VAL I 60 46.29 14.87 -40.89
N GLY I 61 46.91 15.34 -41.98
CA GLY I 61 46.71 16.69 -42.47
C GLY I 61 45.99 16.68 -43.82
N PHE I 62 45.66 17.87 -44.30
CA PHE I 62 44.72 18.02 -45.42
C PHE I 62 45.00 19.32 -46.17
N ALA I 63 45.14 19.22 -47.49
CA ALA I 63 45.24 20.41 -48.32
C ALA I 63 44.29 20.27 -49.50
N ALA I 64 43.86 21.41 -50.03
CA ALA I 64 42.85 21.39 -51.07
C ALA I 64 43.03 22.58 -52.00
N ALA I 65 42.44 22.44 -53.17
CA ALA I 65 42.48 23.46 -54.21
C ALA I 65 41.20 23.40 -55.02
N GLY I 66 40.56 24.54 -55.13
CA GLY I 66 39.40 24.69 -55.97
C GLY I 66 38.56 25.85 -55.49
N LYS I 67 37.27 25.56 -55.34
CA LYS I 67 36.22 26.43 -54.79
C LYS I 67 36.19 26.41 -53.27
N PHE I 68 36.44 27.56 -52.62
CA PHE I 68 36.68 27.55 -51.17
C PHE I 68 35.51 26.97 -50.38
N ASN I 69 34.29 27.46 -50.61
CA ASN I 69 33.16 26.93 -49.84
C ASN I 69 33.03 25.40 -49.91
N GLU I 70 33.45 24.78 -51.03
CA GLU I 70 33.21 23.34 -51.15
C GLU I 70 34.31 22.54 -50.47
N PHE I 71 35.54 22.89 -50.82
CA PHE I 71 36.71 22.24 -50.24
C PHE I 71 36.67 22.50 -48.74
N ASP I 72 36.22 23.69 -48.34
CA ASP I 72 36.07 24.03 -46.94
C ASP I 72 35.04 23.10 -46.31
N ASN I 73 33.94 22.87 -47.03
CA ASN I 73 32.89 21.99 -46.54
C ASN I 73 33.40 20.57 -46.36
N LEU I 74 34.21 20.09 -47.28
CA LEU I 74 34.76 18.75 -47.14
C LEU I 74 35.65 18.76 -45.89
N ARG I 75 36.47 19.81 -45.76
CA ARG I 75 37.30 19.94 -44.57
C ARG I 75 36.49 19.66 -43.31
N ARG I 76 35.33 20.30 -43.21
CA ARG I 76 34.49 20.13 -42.03
C ARG I 76 33.96 18.71 -41.91
N GLY I 77 33.45 18.15 -43.01
CA GLY I 77 33.00 16.77 -42.98
C GLY I 77 34.08 15.81 -42.52
N GLY I 78 35.31 16.01 -43.00
CA GLY I 78 36.39 15.13 -42.61
C GLY I 78 36.72 15.25 -41.14
N ILE I 79 36.77 16.49 -40.63
CA ILE I 79 36.97 16.69 -39.19
C ILE I 79 35.90 15.95 -38.40
N GLN I 80 34.64 16.17 -38.76
CA GLN I 80 33.53 15.44 -38.14
C GLN I 80 33.79 13.94 -38.12
N PHE I 81 34.03 13.28 -39.23
CA PHE I 81 34.11 11.82 -39.14
C PHE I 81 35.16 11.27 -38.18
N ALA I 82 36.34 11.87 -38.19
CA ALA I 82 37.42 11.39 -37.36
C ALA I 82 37.12 11.46 -35.87
N ASP I 83 36.55 12.55 -35.38
CA ASP I 83 36.31 12.65 -33.94
C ASP I 83 35.35 11.59 -33.44
N THR I 84 34.25 11.38 -34.15
CA THR I 84 33.29 10.38 -33.72
C THR I 84 33.93 9.01 -33.77
N ARG I 85 34.68 8.73 -34.84
CA ARG I 85 35.29 7.41 -34.94
C ARG I 85 36.25 7.17 -33.78
N GLY I 86 37.05 8.19 -33.45
CA GLY I 86 38.01 8.04 -32.39
C GLY I 86 37.31 7.80 -31.08
N TYR I 87 36.24 8.53 -30.83
CA TYR I 87 35.53 8.35 -29.58
C TYR I 87 34.98 6.94 -29.48
N ALA I 88 34.42 6.42 -30.57
CA ALA I 88 33.90 5.06 -30.53
C ALA I 88 35.00 4.00 -30.33
N TYR I 89 36.13 4.15 -31.01
CA TYR I 89 37.21 3.16 -30.87
C TYR I 89 38.46 3.78 -30.27
N ASP I 90 39.24 4.53 -31.04
CA ASP I 90 40.36 5.19 -30.36
C ASP I 90 41.10 6.07 -31.35
N ARG I 91 42.00 6.90 -30.82
CA ARG I 91 42.69 7.88 -31.65
C ARG I 91 43.59 7.19 -32.66
N ARG I 92 44.40 6.24 -32.22
CA ARG I 92 45.32 5.54 -33.09
C ARG I 92 44.63 4.64 -34.11
N ASP I 93 43.30 4.55 -34.11
CA ASP I 93 42.60 3.75 -35.11
C ASP I 93 42.26 4.54 -36.35
N VAL I 94 42.07 5.85 -36.25
CA VAL I 94 41.84 6.69 -37.41
C VAL I 94 43.15 6.84 -38.16
N THR I 95 43.12 6.53 -39.46
CA THR I 95 44.30 6.54 -40.30
C THR I 95 44.03 7.44 -41.50
N GLY I 96 45.11 7.92 -42.13
CA GLY I 96 44.94 8.72 -43.33
C GLY I 96 44.24 7.97 -44.44
N ARG I 97 44.41 6.65 -44.46
CA ARG I 97 43.82 5.82 -45.50
C ARG I 97 42.29 5.82 -45.44
N GLN I 98 41.74 5.62 -44.25
CA GLN I 98 40.29 5.57 -44.08
C GLN I 98 39.65 6.89 -44.48
N LEU I 99 40.26 7.99 -44.07
CA LEU I 99 39.76 9.30 -44.42
C LEU I 99 39.83 9.55 -45.93
N ALA I 100 40.93 9.14 -46.54
CA ALA I 100 41.12 9.36 -47.97
C ALA I 100 40.01 8.64 -48.70
N ASN I 101 39.74 7.42 -48.26
CA ASN I 101 38.68 6.62 -48.83
C ASN I 101 37.31 7.27 -48.68
N VAL I 102 36.99 7.83 -47.51
CA VAL I 102 35.65 8.36 -47.31
C VAL I 102 35.33 9.50 -48.26
N TYR I 103 36.31 10.38 -48.45
CA TYR I 103 36.10 11.50 -49.32
C TYR I 103 35.81 11.02 -50.73
N ALA I 104 36.56 10.04 -51.22
CA ALA I 104 36.36 9.61 -52.59
C ALA I 104 34.96 9.05 -52.83
N GLN I 105 34.51 8.19 -51.93
CA GLN I 105 33.19 7.60 -52.09
C GLN I 105 32.13 8.68 -52.03
N THR I 106 32.29 9.59 -51.07
CA THR I 106 31.30 10.64 -50.94
C THR I 106 31.25 11.48 -52.18
N LEU I 107 32.42 11.84 -52.71
CA LEU I 107 32.48 12.68 -53.87
C LEU I 107 31.82 12.00 -55.04
N GLY I 108 32.09 10.72 -55.26
CA GLY I 108 31.49 10.07 -56.40
C GLY I 108 29.97 10.04 -56.30
N THR I 109 29.48 9.65 -55.13
CA THR I 109 28.03 9.57 -55.00
C THR I 109 27.38 10.93 -55.15
N ILE I 110 28.02 11.91 -54.52
CA ILE I 110 27.51 13.25 -54.52
C ILE I 110 27.46 13.75 -55.94
N PHE I 111 28.51 13.53 -56.71
CA PHE I 111 28.52 14.04 -58.07
C PHE I 111 27.40 13.41 -58.87
N THR I 112 27.26 12.09 -58.75
CA THR I 112 26.23 11.42 -59.52
C THR I 112 24.82 11.90 -59.18
N GLU I 113 24.54 12.15 -57.91
CA GLU I 113 23.20 12.62 -57.55
C GLU I 113 22.96 14.13 -57.47
N GLN I 114 24.01 14.92 -57.51
CA GLN I 114 23.86 16.39 -57.35
C GLN I 114 23.74 17.15 -58.64
N ALA I 115 23.80 18.47 -58.53
CA ALA I 115 23.64 19.23 -59.76
C ALA I 115 25.00 19.59 -60.35
N LYS I 116 25.84 20.19 -59.54
CA LYS I 116 27.14 20.62 -60.02
C LYS I 116 28.25 19.84 -59.31
N PRO I 117 29.26 19.36 -60.04
CA PRO I 117 30.35 18.63 -59.38
C PRO I 117 31.26 19.55 -58.60
N TYR I 118 31.80 19.03 -57.50
CA TYR I 118 32.70 19.84 -56.66
C TYR I 118 34.00 20.08 -57.40
N GLU I 119 34.25 21.34 -57.75
CA GLU I 119 35.48 21.73 -58.45
C GLU I 119 36.64 21.79 -57.46
N VAL I 120 36.95 20.62 -56.89
CA VAL I 120 37.95 20.53 -55.84
C VAL I 120 38.96 19.43 -56.15
N GLU I 121 40.13 19.57 -55.55
CA GLU I 121 41.19 18.57 -55.61
C GLU I 121 41.77 18.49 -54.20
N LEU I 122 41.83 17.28 -53.66
CA LEU I 122 42.19 17.05 -52.28
C LEU I 122 43.49 16.28 -52.17
N CYS I 123 44.20 16.53 -51.09
CA CYS I 123 45.39 15.80 -50.73
C CYS I 123 45.31 15.50 -49.24
N VAL I 124 45.30 14.22 -48.88
CA VAL I 124 45.30 13.81 -47.49
C VAL I 124 46.70 13.28 -47.17
N ALA I 125 47.29 13.76 -46.08
CA ALA I 125 48.64 13.37 -45.72
C ALA I 125 48.66 12.72 -44.34
N GLU I 126 49.58 11.76 -44.17
CA GLU I 126 49.73 11.08 -42.89
C GLU I 126 51.20 10.82 -42.63
N VAL I 127 51.59 10.92 -41.36
CA VAL I 127 52.93 10.59 -40.90
C VAL I 127 52.81 9.55 -39.79
N ALA I 128 53.94 9.01 -39.37
CA ALA I 128 53.95 8.01 -38.31
C ALA I 128 53.72 8.67 -36.95
N HIS I 129 53.45 7.85 -35.94
CA HIS I 129 53.26 8.35 -34.59
C HIS I 129 54.62 8.66 -33.95
N TYR I 130 54.59 9.13 -32.71
CA TYR I 130 55.82 9.43 -31.99
C TYR I 130 56.59 8.14 -31.69
N GLY I 131 57.92 8.20 -31.82
CA GLY I 131 58.78 7.06 -31.54
C GLY I 131 58.57 5.84 -32.41
N GLU I 132 58.19 6.06 -33.66
CA GLU I 132 57.99 4.96 -34.59
C GLU I 132 58.53 5.36 -35.95
N THR I 133 58.90 4.37 -36.76
CA THR I 133 59.43 4.65 -38.09
C THR I 133 58.49 4.18 -39.19
N LYS I 134 58.14 5.10 -40.09
CA LYS I 134 57.27 4.76 -41.20
C LYS I 134 57.31 5.91 -42.19
N ARG I 135 57.16 5.60 -43.47
CA ARG I 135 57.29 6.62 -44.51
C ARG I 135 56.01 7.47 -44.58
N PRO I 136 56.14 8.78 -44.85
CA PRO I 136 54.94 9.61 -45.02
C PRO I 136 54.11 9.12 -46.21
N GLU I 137 52.80 9.17 -46.05
CA GLU I 137 51.86 8.75 -47.08
C GLU I 137 51.08 9.96 -47.58
N LEU I 138 51.04 10.13 -48.90
CA LEU I 138 50.27 11.18 -49.55
C LEU I 138 49.25 10.54 -50.46
N TYR I 139 48.01 10.97 -50.35
CA TYR I 139 46.96 10.53 -51.26
C TYR I 139 46.39 11.76 -51.92
N ARG I 140 46.09 11.66 -53.22
CA ARG I 140 45.37 12.69 -53.95
C ARG I 140 44.01 12.16 -54.38
N ILE I 141 42.95 12.88 -54.00
CA ILE I 141 41.58 12.55 -54.38
C ILE I 141 41.10 13.60 -55.35
N THR I 142 40.64 13.18 -56.52
CA THR I 142 40.16 14.09 -57.54
C THR I 142 38.63 14.20 -57.48
N TYR I 143 38.08 15.09 -58.32
CA TYR I 143 36.68 15.50 -58.21
C TYR I 143 35.69 14.35 -58.44
N ASP I 144 36.07 13.35 -59.24
CA ASP I 144 35.21 12.23 -59.58
C ASP I 144 35.15 11.15 -58.50
N GLY I 145 36.13 11.11 -57.60
CA GLY I 145 36.25 10.01 -56.67
C GLY I 145 37.53 9.21 -56.82
N SER I 146 38.32 9.46 -57.86
CA SER I 146 39.59 8.77 -58.05
C SER I 146 40.56 9.13 -56.95
N ILE I 147 41.36 8.14 -56.56
CA ILE I 147 42.33 8.32 -55.50
C ILE I 147 43.65 7.71 -55.95
N ALA I 148 44.74 8.45 -55.72
CA ALA I 148 46.07 8.04 -56.17
C ALA I 148 47.07 8.12 -55.03
N ASP I 149 47.94 7.10 -54.94
CA ASP I 149 48.94 7.00 -53.87
C ASP I 149 50.25 7.58 -54.36
N GLU I 150 50.72 8.63 -53.71
CA GLU I 150 51.89 9.39 -54.14
C GLU I 150 53.05 9.12 -53.22
N PRO I 151 54.25 8.87 -53.75
CA PRO I 151 55.36 8.49 -52.88
C PRO I 151 56.15 9.70 -52.37
N HIS I 152 56.11 10.82 -53.10
CA HIS I 152 57.05 11.90 -52.87
C HIS I 152 56.36 13.25 -52.74
N PHE I 153 55.49 13.61 -53.68
CA PHE I 153 54.85 14.93 -53.58
C PHE I 153 53.56 14.96 -54.41
N VAL I 154 52.67 15.85 -53.99
CA VAL I 154 51.39 16.11 -54.66
C VAL I 154 51.36 17.57 -55.02
N VAL I 155 50.87 17.87 -56.23
CA VAL I 155 50.64 19.24 -56.68
C VAL I 155 49.19 19.37 -57.09
N MET I 156 48.51 20.39 -56.57
CA MET I 156 47.09 20.57 -56.78
C MET I 156 46.78 21.97 -57.28
N GLY I 157 45.79 22.07 -58.16
CA GLY I 157 45.24 23.33 -58.62
C GLY I 157 46.12 24.13 -59.56
N GLY I 158 45.50 24.98 -60.37
CA GLY I 158 46.23 25.75 -61.38
C GLY I 158 46.84 24.87 -62.46
N THR I 159 47.93 25.39 -63.04
CA THR I 159 48.75 24.63 -63.98
C THR I 159 49.76 23.79 -63.20
N THR I 160 49.52 22.47 -63.15
CA THR I 160 50.32 21.53 -62.36
C THR I 160 51.58 21.04 -63.07
N GLU I 161 51.65 21.14 -64.41
CA GLU I 161 52.80 20.59 -65.13
C GLU I 161 54.12 21.26 -64.71
N PRO I 162 54.27 22.60 -64.78
CA PRO I 162 55.61 23.15 -64.51
C PRO I 162 56.08 22.92 -63.10
N ILE I 163 55.17 23.09 -62.14
CA ILE I 163 55.49 22.85 -60.74
C ILE I 163 55.87 21.39 -60.53
N ALA I 164 55.11 20.47 -61.14
CA ALA I 164 55.40 19.04 -60.96
C ALA I 164 56.77 18.68 -61.54
N ASN I 165 57.16 19.32 -62.64
CA ASN I 165 58.45 19.02 -63.24
C ASN I 165 59.61 19.61 -62.43
N ALA I 166 59.50 20.89 -62.06
CA ALA I 166 60.50 21.52 -61.20
C ALA I 166 60.73 20.72 -59.92
N LEU I 167 59.63 20.22 -59.32
CA LEU I 167 59.77 19.34 -58.15
C LEU I 167 60.45 18.03 -58.54
N LYS I 168 60.15 17.52 -59.74
CA LYS I 168 60.76 16.29 -60.21
C LYS I 168 62.29 16.40 -60.26
N GLU I 169 62.82 17.58 -60.63
CA GLU I 169 64.29 17.80 -60.68
C GLU I 169 64.91 18.11 -59.31
N SER I 170 64.27 18.99 -58.53
CA SER I 170 64.70 19.43 -57.20
C SER I 170 64.42 18.48 -56.03
N TYR I 171 63.47 17.54 -56.14
CA TYR I 171 63.12 16.74 -54.95
C TYR I 171 64.30 15.90 -54.45
N ALA I 172 64.42 15.81 -53.11
CA ALA I 172 65.45 15.00 -52.46
C ALA I 172 64.90 14.40 -51.17
N GLU I 173 64.93 13.07 -51.06
CA GLU I 173 64.36 12.46 -49.87
C GLU I 173 65.23 12.79 -48.67
N ASN I 174 64.57 13.04 -47.54
CA ASN I 174 65.30 13.35 -46.31
C ASN I 174 65.94 14.74 -46.40
N ALA I 175 65.36 15.63 -47.21
CA ALA I 175 65.77 17.02 -47.20
C ALA I 175 65.30 17.67 -45.90
N SER I 176 66.10 18.60 -45.38
CA SER I 176 65.66 19.24 -44.14
C SER I 176 64.46 20.14 -44.41
N LEU I 177 63.98 20.78 -43.34
CA LEU I 177 62.81 21.65 -43.45
C LEU I 177 63.09 22.87 -44.32
N THR I 178 64.28 23.46 -44.17
CA THR I 178 64.61 24.65 -44.94
C THR I 178 64.80 24.33 -46.43
N ASP I 179 65.49 23.22 -46.73
CA ASP I 179 65.71 22.84 -48.11
C ASP I 179 64.41 22.50 -48.81
N ALA I 180 63.56 21.70 -48.16
CA ALA I 180 62.27 21.36 -48.72
C ALA I 180 61.40 22.61 -48.90
N LEU I 181 61.54 23.60 -48.01
CA LEU I 181 60.81 24.85 -48.21
C LEU I 181 61.32 25.60 -49.43
N ARG I 182 62.64 25.66 -49.61
CA ARG I 182 63.20 26.33 -50.79
C ARG I 182 62.77 25.64 -52.07
N ILE I 183 62.87 24.31 -52.10
CA ILE I 183 62.46 23.54 -53.26
C ILE I 183 60.99 23.78 -53.58
N ALA I 184 60.14 23.78 -52.55
CA ALA I 184 58.71 23.89 -52.75
C ALA I 184 58.31 25.30 -53.21
N VAL I 185 58.93 26.33 -52.66
CA VAL I 185 58.62 27.69 -53.10
C VAL I 185 59.16 27.91 -54.51
N ALA I 186 60.37 27.42 -54.78
CA ALA I 186 60.95 27.55 -56.10
C ALA I 186 60.07 26.89 -57.16
N ALA I 187 59.72 25.61 -56.95
CA ALA I 187 58.89 24.90 -57.92
C ALA I 187 57.51 25.51 -58.01
N LEU I 188 57.02 26.11 -56.92
CA LEU I 188 55.72 26.77 -56.94
C LEU I 188 55.74 28.02 -57.82
N ARG I 189 56.90 28.70 -57.86
CA ARG I 189 57.03 29.90 -58.69
C ARG I 189 56.96 29.60 -60.17
N ALA I 190 57.44 28.44 -60.59
CA ALA I 190 57.47 28.07 -62.00
C ALA I 190 56.10 28.29 -62.68
N LEU I 203 57.85 32.95 -54.13
CA LEU I 203 57.42 34.32 -54.34
C LEU I 203 57.74 35.20 -53.15
N GLY I 204 56.90 36.21 -52.92
CA GLY I 204 57.07 37.14 -51.83
C GLY I 204 56.78 36.50 -50.49
N VAL I 205 57.32 37.08 -49.42
CA VAL I 205 57.11 36.56 -48.07
C VAL I 205 55.63 36.58 -47.71
N ALA I 206 54.93 37.61 -48.16
CA ALA I 206 53.50 37.74 -47.93
C ALA I 206 52.72 36.77 -48.81
N SER I 207 51.47 36.50 -48.40
CA SER I 207 50.55 35.60 -49.11
C SER I 207 51.01 34.14 -49.31
N LEU I 208 51.67 33.58 -48.30
CA LEU I 208 52.12 32.19 -48.34
C LEU I 208 51.53 31.43 -47.15
N GLU I 209 50.93 30.26 -47.39
CA GLU I 209 50.38 29.52 -46.28
C GLU I 209 51.25 28.27 -46.14
N VAL I 210 51.98 28.17 -45.04
CA VAL I 210 52.93 27.09 -44.84
C VAL I 210 52.63 26.39 -43.51
N ALA I 211 52.56 25.06 -43.56
CA ALA I 211 52.34 24.24 -42.38
C ALA I 211 53.09 22.93 -42.57
N VAL I 212 53.32 22.24 -41.45
CA VAL I 212 54.02 20.96 -41.49
C VAL I 212 53.24 19.92 -40.71
N LEU I 213 53.48 18.65 -41.06
CA LEU I 213 53.10 17.50 -40.25
C LEU I 213 54.40 17.00 -39.64
N ASP I 214 54.79 17.62 -38.53
CA ASP I 214 56.07 17.32 -37.89
C ASP I 214 55.95 15.97 -37.18
N ALA I 215 56.66 14.96 -37.67
CA ALA I 215 56.59 13.64 -37.08
C ALA I 215 57.16 13.59 -35.67
N ASN I 216 57.84 14.63 -35.22
CA ASN I 216 58.52 14.57 -33.93
C ASN I 216 57.62 15.03 -32.78
N ARG I 217 56.49 15.65 -33.07
CA ARG I 217 55.59 16.11 -32.03
C ARG I 217 55.01 14.90 -31.32
N PRO I 218 54.70 15.03 -30.03
CA PRO I 218 54.17 13.85 -29.29
C PRO I 218 52.81 13.38 -29.77
N ARG I 219 51.85 14.29 -29.96
CA ARG I 219 50.51 13.88 -30.35
C ARG I 219 50.02 14.59 -31.61
N ARG I 220 49.67 15.88 -31.48
CA ARG I 220 49.19 16.69 -32.60
C ARG I 220 50.37 17.13 -33.45
N ALA I 221 50.49 16.55 -34.65
CA ALA I 221 51.63 16.75 -35.54
C ALA I 221 51.54 18.02 -36.38
N PHE I 222 50.33 18.48 -36.67
CA PHE I 222 50.15 19.63 -37.54
C PHE I 222 50.63 20.90 -36.84
N ARG I 223 51.34 21.77 -37.58
CA ARG I 223 51.90 22.97 -36.97
C ARG I 223 52.14 24.01 -38.06
N ARG I 224 51.52 25.19 -37.90
CA ARG I 224 51.71 26.25 -38.89
C ARG I 224 53.03 26.98 -38.67
N ILE I 225 53.59 27.45 -39.78
CA ILE I 225 54.83 28.22 -39.79
C ILE I 225 54.51 29.56 -40.44
N THR I 226 54.33 30.59 -39.62
CA THR I 226 53.88 31.90 -40.08
C THR I 226 54.77 33.00 -39.53
N GLY I 227 54.65 34.19 -40.12
CA GLY I 227 55.37 35.37 -39.69
C GLY I 227 56.89 35.50 -39.74
N SER I 228 57.44 36.02 -38.65
CA SER I 228 58.86 36.29 -38.53
C SER I 228 59.74 35.05 -38.63
N ALA I 229 59.31 33.94 -38.03
CA ALA I 229 60.08 32.71 -38.10
C ALA I 229 60.18 32.25 -39.55
N LEU I 230 59.06 32.33 -40.27
CA LEU I 230 59.03 31.94 -41.66
C LEU I 230 59.93 32.84 -42.47
N GLN I 231 59.91 34.14 -42.17
CA GLN I 231 60.76 35.08 -42.88
C GLN I 231 62.23 34.74 -42.66
N ALA I 232 62.58 34.41 -41.43
CA ALA I 232 63.96 34.05 -41.09
C ALA I 232 64.38 32.80 -41.84
N LEU I 233 63.47 31.83 -41.92
CA LEU I 233 63.74 30.60 -42.63
C LEU I 233 63.99 30.87 -44.11
N LEU I 234 63.19 31.77 -44.68
CA LEU I 234 63.31 32.12 -46.08
C LEU I 234 64.18 33.35 -46.27
N PRO J 4 16.82 17.18 -77.27
CA PRO J 4 15.72 16.34 -77.73
C PRO J 4 14.89 15.85 -76.55
N TYR J 5 13.82 15.12 -76.87
CA TYR J 5 12.93 14.59 -75.85
C TYR J 5 12.68 13.10 -76.05
N PHE J 6 11.55 12.77 -76.68
CA PHE J 6 11.19 11.38 -76.95
C PHE J 6 12.27 10.68 -77.75
N ILE J 7 12.86 9.64 -77.18
CA ILE J 7 13.91 8.89 -77.85
C ILE J 7 13.63 7.39 -77.80
N SER J 8 14.49 6.61 -78.44
CA SER J 8 14.34 5.15 -78.47
C SER J 8 15.07 4.50 -77.30
N PRO J 9 14.31 3.99 -76.33
CA PRO J 9 14.90 3.35 -75.16
C PRO J 9 15.94 2.33 -75.59
N GLU J 10 15.57 1.47 -76.53
CA GLU J 10 16.48 0.47 -77.07
C GLU J 10 17.78 1.14 -77.53
N GLN J 11 17.78 2.45 -77.73
CA GLN J 11 19.05 3.05 -78.16
C GLN J 11 19.85 3.47 -76.92
N ALA J 12 19.16 4.03 -75.93
CA ALA J 12 19.81 4.44 -74.71
C ALA J 12 20.39 3.24 -73.99
N MET J 13 19.65 2.13 -73.98
CA MET J 13 20.10 0.91 -73.33
C MET J 13 21.35 0.39 -74.04
N ARG J 14 21.36 0.46 -75.37
CA ARG J 14 22.52 0.01 -76.13
C ARG J 14 23.73 0.88 -75.80
N GLU J 15 23.50 2.19 -75.68
CA GLU J 15 24.57 3.11 -75.34
C GLU J 15 25.13 2.78 -73.96
N ARG J 16 24.24 2.48 -73.02
CA ARG J 16 24.64 2.14 -71.66
C ARG J 16 25.50 0.90 -71.68
N SER J 17 25.09 -0.10 -72.47
CA SER J 17 25.86 -1.33 -72.54
C SER J 17 27.25 -1.05 -73.10
N GLU J 18 27.32 -0.21 -74.14
CA GLU J 18 28.61 0.11 -74.73
C GLU J 18 29.51 0.81 -73.72
N LEU J 19 28.94 1.73 -72.96
CA LEU J 19 29.70 2.47 -71.97
C LEU J 19 30.26 1.52 -70.91
N ALA J 20 29.42 0.59 -70.48
CA ALA J 20 29.83 -0.38 -69.48
C ALA J 20 30.96 -1.23 -70.01
N ARG J 21 30.85 -1.65 -71.28
CA ARG J 21 31.87 -2.47 -71.89
C ARG J 21 33.19 -1.71 -71.94
N LYS J 22 33.14 -0.44 -72.29
CA LYS J 22 34.35 0.36 -72.36
C LYS J 22 35.00 0.46 -70.99
N GLY J 23 34.17 0.67 -69.96
CA GLY J 23 34.69 0.78 -68.61
C GLY J 23 35.37 -0.50 -68.20
N ILE J 24 34.75 -1.64 -68.51
CA ILE J 24 35.32 -2.93 -68.15
C ILE J 24 36.65 -3.15 -68.86
N ALA J 25 36.71 -2.74 -70.13
CA ALA J 25 37.90 -2.94 -70.96
C ALA J 25 39.17 -2.24 -70.50
N ARG J 26 39.05 -0.99 -70.07
CA ARG J 26 40.20 -0.24 -69.60
C ARG J 26 40.47 -0.50 -68.12
N ALA J 27 40.96 -1.70 -67.81
CA ALA J 27 41.25 -2.07 -66.43
C ALA J 27 42.30 -3.16 -66.30
N LYS J 28 42.88 -3.29 -65.11
CA LYS J 28 43.88 -4.32 -64.85
C LYS J 28 43.23 -5.69 -64.91
N SER J 29 43.97 -6.68 -65.36
CA SER J 29 43.44 -8.03 -65.55
C SER J 29 43.66 -8.88 -64.30
N VAL J 30 42.68 -9.71 -63.99
CA VAL J 30 42.73 -10.63 -62.86
C VAL J 30 42.41 -12.02 -63.38
N VAL J 31 43.08 -13.02 -62.82
CA VAL J 31 42.73 -14.41 -63.13
C VAL J 31 42.53 -15.20 -61.85
N ALA J 32 41.64 -16.18 -61.93
CA ALA J 32 41.40 -17.12 -60.85
C ALA J 32 41.32 -18.51 -61.45
N LEU J 33 42.08 -19.46 -60.89
CA LEU J 33 42.07 -20.80 -61.45
C LEU J 33 42.16 -21.86 -60.37
N ALA J 34 41.61 -23.03 -60.67
CA ALA J 34 41.64 -24.13 -59.73
C ALA J 34 42.97 -24.87 -59.82
N TYR J 35 43.50 -25.22 -58.65
CA TYR J 35 44.70 -26.02 -58.55
C TYR J 35 44.53 -26.99 -57.39
N ALA J 36 45.55 -27.81 -57.19
CA ALA J 36 45.44 -28.96 -56.29
C ALA J 36 44.96 -28.55 -54.90
N GLY J 37 45.54 -27.48 -54.35
CA GLY J 37 45.18 -27.07 -53.00
C GLY J 37 43.99 -26.13 -52.87
N GLY J 38 43.33 -25.80 -53.97
CA GLY J 38 42.14 -24.95 -53.91
C GLY J 38 41.99 -24.06 -55.11
N VAL J 39 41.97 -22.74 -54.87
CA VAL J 39 41.82 -21.75 -55.93
C VAL J 39 42.89 -20.68 -55.76
N LEU J 40 43.38 -20.16 -56.89
CA LEU J 40 44.47 -19.20 -56.93
C LEU J 40 44.00 -17.93 -57.63
N PHE J 41 44.14 -16.79 -56.95
CA PHE J 41 43.88 -15.47 -57.51
C PHE J 41 45.21 -14.77 -57.80
N VAL J 42 45.38 -14.32 -59.03
CA VAL J 42 46.56 -13.58 -59.46
C VAL J 42 46.11 -12.36 -60.24
N ALA J 43 46.35 -11.19 -59.67
CA ALA J 43 45.93 -9.93 -60.25
C ALA J 43 47.14 -9.04 -60.48
N GLU J 44 47.02 -8.21 -61.51
CA GLU J 44 48.04 -7.22 -61.84
C GLU J 44 47.69 -5.94 -61.11
N ASN J 45 48.40 -5.66 -60.02
CA ASN J 45 48.05 -4.58 -59.10
C ASN J 45 49.30 -3.83 -58.65
N PRO J 46 49.48 -2.58 -59.09
CA PRO J 46 50.69 -1.82 -58.71
C PRO J 46 50.68 -1.27 -57.29
N SER J 47 49.54 -0.72 -56.85
CA SER J 47 49.43 -0.15 -55.51
C SER J 47 49.67 -1.19 -54.43
N ARG J 48 50.08 -0.71 -53.26
CA ARG J 48 50.29 -1.57 -52.09
C ARG J 48 49.14 -1.51 -51.09
N SER J 49 48.32 -0.46 -51.16
CA SER J 49 47.17 -0.30 -50.28
C SER J 49 45.85 -0.77 -50.91
N LEU J 50 45.64 -0.50 -52.19
CA LEU J 50 44.40 -0.84 -52.86
C LEU J 50 44.45 -2.27 -53.38
N GLN J 51 43.46 -3.06 -53.02
CA GLN J 51 43.46 -4.49 -53.31
C GLN J 51 42.22 -4.89 -54.11
N LYS J 52 42.39 -5.89 -54.98
CA LYS J 52 41.31 -6.42 -55.81
C LYS J 52 41.00 -7.88 -55.50
N ILE J 53 41.49 -8.42 -54.39
CA ILE J 53 41.21 -9.80 -53.99
C ILE J 53 40.91 -9.79 -52.51
N SER J 54 39.90 -10.55 -52.08
CA SER J 54 39.50 -10.39 -50.70
C SER J 54 38.83 -11.66 -50.18
N GLU J 55 39.01 -11.89 -48.89
CA GLU J 55 38.23 -12.89 -48.16
C GLU J 55 36.79 -12.42 -48.07
N LEU J 56 35.84 -13.32 -48.32
CA LEU J 56 34.44 -13.01 -48.05
C LEU J 56 33.91 -13.77 -46.85
N TYR J 57 34.16 -15.08 -46.80
CA TYR J 57 33.77 -15.87 -45.66
C TYR J 57 34.80 -16.99 -45.54
N ASP J 58 34.59 -17.86 -44.55
CA ASP J 58 35.55 -18.91 -44.22
C ASP J 58 36.17 -19.55 -45.47
N ARG J 59 35.35 -20.02 -46.41
CA ARG J 59 35.86 -20.71 -47.59
C ARG J 59 35.52 -19.99 -48.89
N VAL J 60 35.04 -18.75 -48.81
CA VAL J 60 34.57 -18.04 -50.00
C VAL J 60 35.46 -16.84 -50.21
N GLY J 61 36.07 -16.76 -51.40
CA GLY J 61 36.92 -15.65 -51.78
C GLY J 61 36.28 -14.85 -52.91
N PHE J 62 36.92 -13.74 -53.27
CA PHE J 62 36.30 -12.73 -54.11
C PHE J 62 37.38 -11.95 -54.86
N ALA J 63 37.22 -11.83 -56.18
CA ALA J 63 38.09 -10.97 -56.98
C ALA J 63 37.24 -10.13 -57.90
N ALA J 64 37.75 -8.97 -58.27
CA ALA J 64 36.97 -8.02 -59.06
C ALA J 64 37.88 -7.19 -59.94
N ALA J 65 37.26 -6.62 -60.95
CA ALA J 65 37.94 -5.78 -61.93
C ALA J 65 36.97 -4.70 -62.42
N GLY J 66 37.42 -3.47 -62.32
CA GLY J 66 36.70 -2.35 -62.87
C GLY J 66 37.12 -1.09 -62.16
N LYS J 67 36.10 -0.35 -61.72
CA LYS J 67 36.18 0.87 -60.91
C LYS J 67 36.32 0.57 -59.42
N PHE J 68 37.44 1.00 -58.81
CA PHE J 68 37.77 0.51 -57.46
C PHE J 68 36.69 0.84 -56.43
N ASN J 69 36.26 2.11 -56.35
CA ASN J 69 35.24 2.45 -55.36
C ASN J 69 33.99 1.56 -55.46
N GLU J 70 33.63 1.09 -56.67
CA GLU J 70 32.36 0.37 -56.77
C GLU J 70 32.53 -1.11 -56.42
N PHE J 71 33.54 -1.72 -57.02
CA PHE J 71 33.85 -3.11 -56.75
C PHE J 71 34.21 -3.22 -55.28
N ASP J 72 34.89 -2.20 -54.74
CA ASP J 72 35.23 -2.17 -53.33
C ASP J 72 33.94 -2.13 -52.51
N ASN J 73 32.98 -1.33 -52.96
CA ASN J 73 31.71 -1.21 -52.27
C ASN J 73 30.97 -2.54 -52.26
N LEU J 74 30.99 -3.26 -53.38
CA LEU J 74 30.35 -4.56 -53.41
C LEU J 74 31.07 -5.46 -52.42
N ARG J 75 32.40 -5.42 -52.44
CA ARG J 75 33.19 -6.19 -51.47
C ARG J 75 32.61 -6.03 -50.07
N ARG J 76 32.38 -4.78 -49.67
CA ARG J 76 31.86 -4.50 -48.33
C ARG J 76 30.46 -5.06 -48.14
N GLY J 77 29.57 -4.82 -49.12
CA GLY J 77 28.23 -5.38 -49.03
C GLY J 77 28.25 -6.89 -48.87
N GLY J 78 29.12 -7.57 -49.63
CA GLY J 78 29.18 -9.01 -49.53
C GLY J 78 29.66 -9.48 -48.18
N ILE J 79 30.70 -8.83 -47.64
CA ILE J 79 31.16 -9.13 -46.29
C ILE J 79 30.02 -8.99 -45.30
N GLN J 80 29.34 -7.84 -45.34
CA GLN J 80 28.16 -7.61 -44.51
C GLN J 80 27.18 -8.78 -44.59
N PHE J 81 26.70 -9.16 -45.76
CA PHE J 81 25.63 -10.16 -45.74
C PHE J 81 26.00 -11.49 -45.08
N ALA J 82 27.21 -11.98 -45.35
CA ALA J 82 27.62 -13.25 -44.81
C ALA J 82 27.67 -13.29 -43.29
N ASP J 83 28.21 -12.26 -42.64
CA ASP J 83 28.31 -12.31 -41.19
C ASP J 83 26.96 -12.40 -40.51
N THR J 84 26.02 -11.57 -40.94
CA THR J 84 24.70 -11.60 -40.33
C THR J 84 24.04 -12.94 -40.59
N ARG J 85 24.18 -13.45 -41.81
CA ARG J 85 23.54 -14.73 -42.09
C ARG J 85 24.11 -15.83 -41.21
N GLY J 86 25.43 -15.83 -41.05
CA GLY J 86 26.07 -16.86 -40.25
C GLY J 86 25.60 -16.76 -38.82
N TYR J 87 25.52 -15.55 -38.30
CA TYR J 87 25.09 -15.40 -36.91
C TYR J 87 23.66 -15.92 -36.73
N ALA J 88 22.79 -15.62 -37.69
CA ALA J 88 21.42 -16.13 -37.58
C ALA J 88 21.32 -17.65 -37.68
N TYR J 89 22.08 -18.26 -38.60
CA TYR J 89 22.01 -19.71 -38.77
C TYR J 89 23.36 -20.36 -38.44
N ASP J 90 24.33 -20.31 -39.35
CA ASP J 90 25.62 -20.84 -38.93
C ASP J 90 26.65 -20.61 -40.04
N ARG J 91 27.92 -20.85 -39.71
CA ARG J 91 28.99 -20.56 -40.64
C ARG J 91 28.92 -21.46 -41.87
N ARG J 92 28.75 -22.76 -41.65
CA ARG J 92 28.68 -23.71 -42.75
C ARG J 92 27.44 -23.57 -43.60
N ASP J 93 26.53 -22.65 -43.30
CA ASP J 93 25.36 -22.45 -44.13
C ASP J 93 25.57 -21.43 -45.24
N VAL J 94 26.48 -20.48 -45.03
CA VAL J 94 26.83 -19.53 -46.07
C VAL J 94 27.67 -20.24 -47.11
N THR J 95 27.25 -20.15 -48.36
CA THR J 95 27.91 -20.84 -49.47
C THR J 95 28.27 -19.82 -50.54
N GLY J 96 29.24 -20.18 -51.40
CA GLY J 96 29.60 -19.30 -52.49
C GLY J 96 28.44 -19.04 -53.43
N ARG J 97 27.53 -20.01 -53.53
CA ARG J 97 26.40 -19.90 -54.44
C ARG J 97 25.44 -18.79 -54.01
N GLN J 98 25.09 -18.75 -52.73
CA GLN J 98 24.15 -17.74 -52.23
C GLN J 98 24.70 -16.34 -52.42
N LEU J 99 25.98 -16.17 -52.12
CA LEU J 99 26.63 -14.89 -52.30
C LEU J 99 26.67 -14.47 -53.76
N ALA J 100 26.98 -15.42 -54.64
CA ALA J 100 27.08 -15.12 -56.06
C ALA J 100 25.74 -14.63 -56.55
N ASN J 101 24.70 -15.30 -56.09
CA ASN J 101 23.33 -14.92 -56.42
C ASN J 101 22.99 -13.51 -55.93
N VAL J 102 23.36 -13.17 -54.70
CA VAL J 102 22.95 -11.87 -54.17
C VAL J 102 23.50 -10.71 -54.97
N TYR J 103 24.75 -10.82 -55.36
CA TYR J 103 25.37 -9.77 -56.12
C TYR J 103 24.66 -9.58 -57.43
N ALA J 104 24.32 -10.67 -58.11
CA ALA J 104 23.68 -10.52 -59.42
C ALA J 104 22.34 -9.81 -59.34
N GLN J 105 21.51 -10.20 -58.38
CA GLN J 105 20.20 -9.58 -58.26
C GLN J 105 20.37 -8.11 -57.91
N THR J 106 21.29 -7.84 -56.99
CA THR J 106 21.47 -6.46 -56.57
C THR J 106 21.94 -5.63 -57.75
N LEU J 107 22.88 -6.15 -58.52
CA LEU J 107 23.42 -5.42 -59.64
C LEU J 107 22.33 -5.13 -60.63
N GLY J 108 21.50 -6.11 -60.96
CA GLY J 108 20.47 -5.84 -61.95
C GLY J 108 19.50 -4.78 -61.50
N THR J 109 19.04 -4.90 -60.25
CA THR J 109 18.07 -3.91 -59.78
C THR J 109 18.69 -2.53 -59.73
N ILE J 110 19.92 -2.50 -59.24
CA ILE J 110 20.62 -1.25 -59.07
C ILE J 110 20.79 -0.61 -60.41
N PHE J 111 21.20 -1.36 -61.42
CA PHE J 111 21.43 -0.77 -62.73
C PHE J 111 20.12 -0.19 -63.27
N THR J 112 19.04 -0.95 -63.16
CA THR J 112 17.78 -0.47 -63.69
C THR J 112 17.30 0.81 -63.01
N GLU J 113 17.48 0.92 -61.70
CA GLU J 113 17.03 2.14 -61.01
C GLU J 113 18.04 3.27 -60.83
N GLN J 114 19.32 3.01 -61.09
CA GLN J 114 20.35 4.03 -60.84
C GLN J 114 20.69 4.87 -62.03
N ALA J 115 21.76 5.65 -61.89
CA ALA J 115 22.08 6.52 -63.03
C ALA J 115 23.14 5.87 -63.90
N LYS J 116 24.24 5.47 -63.30
CA LYS J 116 25.33 4.87 -64.05
C LYS J 116 25.52 3.42 -63.66
N PRO J 117 25.70 2.51 -64.62
CA PRO J 117 25.92 1.10 -64.26
C PRO J 117 27.30 0.87 -63.68
N TYR J 118 27.39 -0.09 -62.76
CA TYR J 118 28.67 -0.40 -62.13
C TYR J 118 29.59 -1.06 -63.15
N GLU J 119 30.66 -0.37 -63.51
CA GLU J 119 31.65 -0.86 -64.46
C GLU J 119 32.55 -1.89 -63.77
N VAL J 120 31.94 -2.98 -63.33
CA VAL J 120 32.63 -3.99 -62.55
C VAL J 120 32.39 -5.39 -63.13
N GLU J 121 33.31 -6.28 -62.82
CA GLU J 121 33.21 -7.69 -63.15
C GLU J 121 33.69 -8.46 -61.94
N LEU J 122 32.87 -9.39 -61.47
CA LEU J 122 33.10 -10.09 -60.22
C LEU J 122 33.35 -11.56 -60.46
N CYS J 123 34.12 -12.15 -59.55
CA CYS J 123 34.37 -13.57 -59.51
C CYS J 123 34.27 -14.01 -58.06
N VAL J 124 33.34 -14.90 -57.76
CA VAL J 124 33.20 -15.45 -56.42
C VAL J 124 33.71 -16.87 -56.46
N ALA J 125 34.59 -17.23 -55.52
CA ALA J 125 35.19 -18.55 -55.52
C ALA J 125 34.87 -19.27 -54.21
N GLU J 126 34.75 -20.59 -54.28
CA GLU J 126 34.49 -21.39 -53.11
C GLU J 126 35.25 -22.70 -53.20
N VAL J 127 35.73 -23.18 -52.05
CA VAL J 127 36.39 -24.48 -51.95
C VAL J 127 35.66 -25.28 -50.87
N ALA J 128 36.01 -26.56 -50.75
CA ALA J 128 35.38 -27.42 -49.75
C ALA J 128 35.92 -27.11 -48.36
N HIS J 129 35.24 -27.64 -47.34
CA HIS J 129 35.67 -27.45 -45.97
C HIS J 129 36.85 -28.38 -45.66
N TYR J 130 37.35 -28.31 -44.43
CA TYR J 130 38.44 -29.18 -44.01
C TYR J 130 37.99 -30.63 -43.95
N GLY J 131 38.85 -31.54 -44.38
CA GLY J 131 38.56 -32.97 -44.36
C GLY J 131 37.39 -33.43 -45.20
N GLU J 132 37.15 -32.76 -46.32
CA GLU J 132 36.08 -33.12 -47.22
C GLU J 132 36.54 -32.99 -48.65
N THR J 133 35.92 -33.74 -49.56
CA THR J 133 36.32 -33.67 -50.96
C THR J 133 35.22 -33.06 -51.83
N LYS J 134 35.59 -32.02 -52.58
CA LYS J 134 34.64 -31.37 -53.48
C LYS J 134 35.42 -30.46 -54.40
N ARG J 135 34.92 -30.29 -55.61
CA ARG J 135 35.65 -29.52 -56.61
C ARG J 135 35.49 -28.01 -56.36
N PRO J 136 36.54 -27.21 -56.60
CA PRO J 136 36.38 -25.76 -56.46
C PRO J 136 35.35 -25.22 -57.43
N GLU J 137 34.56 -24.25 -56.96
CA GLU J 137 33.53 -23.62 -57.76
C GLU J 137 33.89 -22.17 -58.01
N LEU J 138 33.84 -21.76 -59.27
CA LEU J 138 34.07 -20.38 -59.69
C LEU J 138 32.81 -19.85 -60.36
N TYR J 139 32.37 -18.69 -59.94
CA TYR J 139 31.26 -18.01 -60.59
C TYR J 139 31.76 -16.66 -61.06
N ARG J 140 31.33 -16.25 -62.25
CA ARG J 140 31.57 -14.89 -62.75
C ARG J 140 30.25 -14.15 -62.86
N ILE J 141 30.17 -12.98 -62.22
CA ILE J 141 29.00 -12.11 -62.28
C ILE J 141 29.39 -10.88 -63.08
N THR J 142 28.62 -10.58 -64.11
CA THR J 142 28.90 -9.43 -64.96
C THR J 142 28.02 -8.24 -64.53
N TYR J 143 28.24 -7.09 -65.18
CA TYR J 143 27.68 -5.81 -64.74
C TYR J 143 26.16 -5.78 -64.77
N ASP J 144 25.53 -6.53 -65.67
CA ASP J 144 24.08 -6.56 -65.83
C ASP J 144 23.36 -7.44 -64.81
N GLY J 145 24.06 -8.36 -64.17
CA GLY J 145 23.41 -9.36 -63.33
C GLY J 145 23.59 -10.78 -63.81
N SER J 146 24.14 -10.99 -65.00
CA SER J 146 24.40 -12.33 -65.51
C SER J 146 25.43 -13.04 -64.66
N ILE J 147 25.22 -14.35 -64.51
CA ILE J 147 26.11 -15.17 -63.69
C ILE J 147 26.43 -16.43 -64.46
N ALA J 148 27.71 -16.81 -64.47
CA ALA J 148 28.19 -17.95 -65.23
C ALA J 148 29.02 -18.88 -64.36
N ASP J 149 28.80 -20.19 -64.52
CA ASP J 149 29.49 -21.20 -63.72
C ASP J 149 30.70 -21.71 -64.49
N GLU J 150 31.88 -21.51 -63.92
CA GLU J 150 33.15 -21.78 -64.59
C GLU J 150 33.79 -23.01 -63.99
N PRO J 151 34.29 -23.94 -64.80
CA PRO J 151 34.82 -25.19 -64.22
C PRO J 151 36.31 -25.10 -63.88
N HIS J 152 37.03 -24.19 -64.54
CA HIS J 152 38.49 -24.24 -64.49
C HIS J 152 39.11 -22.89 -64.14
N PHE J 153 38.72 -21.82 -64.85
CA PHE J 153 39.32 -20.52 -64.55
C PHE J 153 38.43 -19.39 -65.04
N VAL J 154 38.60 -18.23 -64.41
CA VAL J 154 37.90 -17.00 -64.74
C VAL J 154 38.96 -15.95 -65.03
N VAL J 155 38.72 -15.16 -66.08
CA VAL J 155 39.57 -14.02 -66.40
C VAL J 155 38.70 -12.77 -66.45
N MET J 156 39.12 -11.73 -65.75
CA MET J 156 38.32 -10.52 -65.61
C MET J 156 39.14 -9.29 -65.97
N GLY J 157 38.47 -8.31 -66.60
CA GLY J 157 39.03 -7.00 -66.87
C GLY J 157 40.09 -6.94 -67.95
N GLY J 158 40.23 -5.78 -68.58
CA GLY J 158 41.16 -5.61 -69.69
C GLY J 158 40.75 -6.40 -70.92
N THR J 159 41.75 -6.76 -71.72
CA THR J 159 41.58 -7.66 -72.86
C THR J 159 41.67 -9.11 -72.37
N THR J 160 40.51 -9.78 -72.31
CA THR J 160 40.39 -11.14 -71.77
C THR J 160 40.73 -12.25 -72.77
N GLU J 161 40.69 -11.96 -74.09
CA GLU J 161 40.91 -13.02 -75.07
C GLU J 161 42.30 -13.64 -74.96
N PRO J 162 43.41 -12.88 -75.01
CA PRO J 162 44.72 -13.57 -75.06
C PRO J 162 45.03 -14.35 -73.79
N ILE J 163 44.69 -13.76 -72.64
CA ILE J 163 44.88 -14.43 -71.37
C ILE J 163 44.04 -15.70 -71.29
N ALA J 164 42.78 -15.62 -71.75
CA ALA J 164 41.89 -16.77 -71.70
C ALA J 164 42.40 -17.90 -72.59
N ASN J 165 43.00 -17.55 -73.73
CA ASN J 165 43.51 -18.58 -74.63
C ASN J 165 44.80 -19.22 -74.10
N ALA J 166 45.76 -18.38 -73.66
CA ALA J 166 46.98 -18.90 -73.03
C ALA J 166 46.67 -19.84 -71.88
N LEU J 167 45.68 -19.48 -71.05
CA LEU J 167 45.24 -20.39 -69.99
C LEU J 167 44.62 -21.65 -70.58
N LYS J 168 43.89 -21.50 -71.68
CA LYS J 168 43.27 -22.66 -72.33
C LYS J 168 44.32 -23.71 -72.74
N GLU J 169 45.51 -23.26 -73.17
CA GLU J 169 46.60 -24.18 -73.56
C GLU J 169 47.41 -24.73 -72.38
N SER J 170 47.77 -23.85 -71.43
CA SER J 170 48.56 -24.15 -70.22
C SER J 170 47.78 -24.79 -69.06
N TYR J 171 46.46 -24.69 -68.97
CA TYR J 171 45.77 -25.18 -67.77
C TYR J 171 45.93 -26.69 -67.58
N ALA J 172 46.12 -27.11 -66.33
CA ALA J 172 46.23 -28.52 -65.97
C ALA J 172 45.58 -28.77 -64.61
N GLU J 173 44.60 -29.66 -64.55
CA GLU J 173 43.93 -29.87 -63.28
C GLU J 173 44.87 -30.55 -62.31
N ASN J 174 44.80 -30.14 -61.05
CA ASN J 174 45.65 -30.72 -60.02
C ASN J 174 47.10 -30.29 -60.20
N ALA J 175 47.30 -29.12 -60.82
CA ALA J 175 48.63 -28.53 -60.85
C ALA J 175 48.99 -28.03 -59.46
N SER J 176 50.27 -28.12 -59.11
CA SER J 176 50.64 -27.64 -57.79
C SER J 176 50.53 -26.12 -57.73
N LEU J 177 50.85 -25.57 -56.55
CA LEU J 177 50.76 -24.12 -56.34
C LEU J 177 51.77 -23.37 -57.21
N THR J 178 52.98 -23.90 -57.33
CA THR J 178 54.01 -23.21 -58.12
C THR J 178 53.70 -23.26 -59.61
N ASP J 179 53.26 -24.41 -60.10
CA ASP J 179 52.93 -24.56 -61.52
C ASP J 179 51.75 -23.67 -61.91
N ALA J 180 50.69 -23.69 -61.10
CA ALA J 180 49.54 -22.83 -61.35
C ALA J 180 49.93 -21.36 -61.27
N LEU J 181 50.88 -21.00 -60.40
CA LEU J 181 51.35 -19.62 -60.38
C LEU J 181 52.09 -19.26 -61.65
N ARG J 182 52.95 -20.17 -62.15
CA ARG J 182 53.67 -19.91 -63.39
C ARG J 182 52.71 -19.78 -64.57
N ILE J 183 51.75 -20.69 -64.66
CA ILE J 183 50.76 -20.66 -65.72
C ILE J 183 49.98 -19.35 -65.68
N ALA J 184 49.56 -18.94 -64.48
CA ALA J 184 48.72 -17.76 -64.33
C ALA J 184 49.49 -16.48 -64.64
N VAL J 185 50.74 -16.37 -64.20
CA VAL J 185 51.52 -15.18 -64.51
C VAL J 185 51.86 -15.15 -65.99
N ALA J 186 52.20 -16.30 -66.56
CA ALA J 186 52.52 -16.37 -67.98
C ALA J 186 51.32 -15.94 -68.83
N ALA J 187 50.15 -16.56 -68.59
CA ALA J 187 48.96 -16.20 -69.36
C ALA J 187 48.53 -14.77 -69.10
N LEU J 188 48.83 -14.24 -67.90
CA LEU J 188 48.50 -12.86 -67.59
C LEU J 188 49.36 -11.90 -68.39
N ARG J 189 50.61 -12.28 -68.69
CA ARG J 189 51.51 -11.44 -69.48
C ARG J 189 51.04 -11.28 -70.92
N ALA J 190 50.40 -12.31 -71.49
CA ALA J 190 49.97 -12.27 -72.86
C ALA J 190 49.19 -10.99 -73.20
N LEU J 203 54.92 -11.02 -65.14
CA LEU J 203 55.67 -9.77 -65.20
C LEU J 203 56.71 -9.68 -64.09
N GLY J 204 56.96 -8.46 -63.63
CA GLY J 204 57.92 -8.22 -62.57
C GLY J 204 57.42 -8.68 -61.22
N VAL J 205 58.34 -8.92 -60.29
CA VAL J 205 57.98 -9.38 -58.95
C VAL J 205 57.10 -8.35 -58.25
N ALA J 206 57.40 -7.07 -58.48
CA ALA J 206 56.63 -5.98 -57.89
C ALA J 206 55.27 -5.84 -58.58
N SER J 207 54.34 -5.20 -57.88
CA SER J 207 52.97 -4.94 -58.37
C SER J 207 52.12 -6.16 -58.74
N LEU J 208 52.24 -7.23 -57.94
CA LEU J 208 51.46 -8.44 -58.16
C LEU J 208 50.63 -8.74 -56.92
N GLU J 209 49.33 -9.02 -57.06
CA GLU J 209 48.55 -9.32 -55.87
C GLU J 209 48.18 -10.79 -55.99
N VAL J 210 48.70 -11.62 -55.10
CA VAL J 210 48.50 -13.05 -55.17
C VAL J 210 47.94 -13.55 -53.84
N ALA J 211 46.88 -14.35 -53.92
CA ALA J 211 46.26 -14.96 -52.75
C ALA J 211 45.70 -16.31 -53.15
N VAL J 212 45.46 -17.16 -52.15
CA VAL J 212 44.93 -18.48 -52.40
C VAL J 212 43.73 -18.75 -51.49
N LEU J 213 42.88 -19.66 -51.94
CA LEU J 213 41.86 -20.28 -51.10
C LEU J 213 42.37 -21.69 -50.82
N ASP J 214 43.23 -21.82 -49.83
CA ASP J 214 43.89 -23.07 -49.52
C ASP J 214 42.88 -24.00 -48.85
N ALA J 215 42.50 -25.08 -49.53
CA ALA J 215 41.51 -25.99 -48.98
C ALA J 215 42.01 -26.74 -47.75
N ASN J 216 43.29 -26.67 -47.44
CA ASN J 216 43.83 -27.46 -46.35
C ASN J 216 43.76 -26.74 -45.00
N ARG J 217 43.48 -25.43 -45.00
CA ARG J 217 43.40 -24.69 -43.76
C ARG J 217 42.19 -25.19 -42.97
N PRO J 218 42.25 -25.15 -41.64
CA PRO J 218 41.12 -25.66 -40.84
C PRO J 218 39.83 -24.86 -41.01
N ARG J 219 39.90 -23.53 -40.93
CA ARG J 219 38.69 -22.72 -41.01
C ARG J 219 38.77 -21.65 -42.08
N ARG J 220 39.54 -20.59 -41.83
CA ARG J 220 39.73 -19.48 -42.78
C ARG J 220 40.69 -19.90 -43.87
N ALA J 221 40.18 -20.11 -45.08
CA ALA J 221 40.95 -20.64 -46.20
C ALA J 221 41.74 -19.59 -46.96
N PHE J 222 41.30 -18.34 -46.94
CA PHE J 222 41.96 -17.30 -47.70
C PHE J 222 43.32 -16.97 -47.09
N ARG J 223 44.33 -16.79 -47.94
CA ARG J 223 45.68 -16.54 -47.44
C ARG J 223 46.49 -15.83 -48.50
N ARG J 224 47.02 -14.64 -48.18
CA ARG J 224 47.82 -13.89 -49.13
C ARG J 224 49.24 -14.44 -49.21
N ILE J 225 49.83 -14.34 -50.40
CA ILE J 225 51.20 -14.76 -50.68
C ILE J 225 51.93 -13.52 -51.18
N THR J 226 52.72 -12.89 -50.30
CA THR J 226 53.37 -11.62 -50.59
C THR J 226 54.85 -11.68 -50.23
N GLY J 227 55.60 -10.71 -50.74
CA GLY J 227 57.02 -10.56 -50.44
C GLY J 227 58.06 -11.59 -50.85
N SER J 228 58.95 -11.88 -49.90
CA SER J 228 60.07 -12.79 -50.10
C SER J 228 59.66 -14.21 -50.45
N ALA J 229 58.62 -14.73 -49.81
CA ALA J 229 58.17 -16.08 -50.11
C ALA J 229 57.69 -16.16 -51.56
N LEU J 230 56.95 -15.13 -51.98
CA LEU J 230 56.45 -15.07 -53.34
C LEU J 230 57.62 -14.99 -54.31
N GLN J 231 58.64 -14.20 -53.96
CA GLN J 231 59.81 -14.08 -54.84
C GLN J 231 60.50 -15.42 -54.97
N ALA J 232 60.63 -16.16 -53.87
CA ALA J 232 61.26 -17.46 -53.87
C ALA J 232 60.48 -18.43 -54.75
N LEU J 233 59.16 -18.36 -54.65
CA LEU J 233 58.29 -19.22 -55.44
C LEU J 233 58.48 -18.92 -56.93
N LEU J 234 58.58 -17.64 -57.26
CA LEU J 234 58.75 -17.22 -58.64
C LEU J 234 60.22 -17.02 -58.98
N TYR K 5 9.74 17.68 -78.28
CA TYR K 5 9.34 16.70 -79.29
C TYR K 5 9.00 15.37 -78.66
N PHE K 6 7.71 15.06 -78.55
CA PHE K 6 7.25 13.81 -77.96
C PHE K 6 6.96 12.77 -79.04
N ILE K 7 6.98 11.51 -78.65
CA ILE K 7 6.71 10.41 -79.57
C ILE K 7 5.26 9.92 -79.46
N SER K 8 5.09 8.74 -78.88
CA SER K 8 3.76 8.16 -78.71
C SER K 8 3.76 7.09 -77.63
N PRO K 9 2.57 6.70 -77.18
CA PRO K 9 2.43 5.68 -76.14
C PRO K 9 2.09 4.31 -76.71
N GLU K 10 1.21 4.28 -77.71
CA GLU K 10 0.81 3.01 -78.33
C GLU K 10 2.01 2.37 -79.01
N GLN K 11 2.80 3.20 -79.69
CA GLN K 11 4.00 2.73 -80.37
C GLN K 11 5.00 2.18 -79.35
N ALA K 12 5.12 2.87 -78.22
CA ALA K 12 6.02 2.44 -77.16
C ALA K 12 5.56 1.09 -76.62
N MET K 13 4.25 0.92 -76.45
CA MET K 13 3.69 -0.32 -75.96
C MET K 13 4.00 -1.46 -76.93
N ARG K 14 3.87 -1.18 -78.23
CA ARG K 14 4.16 -2.18 -79.25
C ARG K 14 5.63 -2.58 -79.18
N GLU K 15 6.49 -1.59 -79.00
CA GLU K 15 7.93 -1.85 -78.89
C GLU K 15 8.22 -2.71 -77.68
N ARG K 16 7.55 -2.42 -76.57
CA ARG K 16 7.74 -3.19 -75.34
C ARG K 16 7.32 -4.64 -75.58
N SER K 17 6.20 -4.84 -76.27
CA SER K 17 5.74 -6.18 -76.54
C SER K 17 6.76 -6.92 -77.39
N GLU K 18 7.29 -6.24 -78.41
CA GLU K 18 8.28 -6.88 -79.27
C GLU K 18 9.52 -7.27 -78.49
N LEU K 19 9.96 -6.40 -77.59
CA LEU K 19 11.15 -6.66 -76.79
C LEU K 19 10.91 -7.88 -75.91
N ALA K 20 9.72 -7.95 -75.31
CA ALA K 20 9.38 -9.06 -74.44
C ALA K 20 9.38 -10.36 -75.24
N ARG K 21 8.83 -10.31 -76.45
CA ARG K 21 8.76 -11.48 -77.29
C ARG K 21 10.17 -11.96 -77.62
N LYS K 22 11.05 -11.03 -77.93
CA LYS K 22 12.43 -11.40 -78.27
C LYS K 22 13.09 -12.07 -77.07
N GLY K 23 12.87 -11.50 -75.89
CA GLY K 23 13.46 -12.07 -74.69
C GLY K 23 12.98 -13.48 -74.46
N ILE K 24 11.67 -13.70 -74.64
CA ILE K 24 11.10 -15.02 -74.45
C ILE K 24 11.67 -16.02 -75.45
N ALA K 25 11.85 -15.57 -76.69
CA ALA K 25 12.34 -16.42 -77.78
C ALA K 25 13.75 -16.99 -77.60
N ARG K 26 14.68 -16.18 -77.13
CA ARG K 26 16.05 -16.63 -76.93
C ARG K 26 16.21 -17.27 -75.56
N ALA K 27 15.66 -18.46 -75.39
CA ALA K 27 15.75 -19.17 -74.10
C ALA K 27 15.59 -20.68 -74.24
N LYS K 28 16.03 -21.41 -73.22
CA LYS K 28 15.91 -22.87 -73.21
C LYS K 28 14.44 -23.26 -73.14
N SER K 29 14.09 -24.38 -73.78
CA SER K 29 12.71 -24.81 -73.85
C SER K 29 12.37 -25.76 -72.71
N VAL K 30 11.15 -25.61 -72.19
CA VAL K 30 10.64 -26.45 -71.12
C VAL K 30 9.30 -27.04 -71.58
N VAL K 31 9.04 -28.28 -71.19
CA VAL K 31 7.73 -28.85 -71.44
C VAL K 31 7.16 -29.46 -70.17
N ALA K 32 5.84 -29.42 -70.06
CA ALA K 32 5.13 -30.05 -68.96
C ALA K 32 3.93 -30.78 -69.55
N LEU K 33 3.76 -32.06 -69.21
CA LEU K 33 2.65 -32.82 -69.78
C LEU K 33 2.06 -33.77 -68.75
N ALA K 34 0.77 -34.06 -68.95
CA ALA K 34 0.08 -34.98 -68.05
C ALA K 34 0.35 -36.41 -68.45
N TYR K 35 0.57 -37.25 -67.45
CA TYR K 35 0.73 -38.69 -67.63
C TYR K 35 0.04 -39.39 -66.48
N ALA K 36 0.09 -40.72 -66.54
CA ALA K 36 -0.73 -41.54 -65.66
C ALA K 36 -0.53 -41.17 -64.19
N GLY K 37 0.72 -41.02 -63.75
CA GLY K 37 0.99 -40.73 -62.35
C GLY K 37 0.97 -39.28 -61.94
N GLY K 38 0.64 -38.36 -62.86
CA GLY K 38 0.56 -36.96 -62.52
C GLY K 38 0.99 -36.04 -63.63
N VAL K 39 2.00 -35.22 -63.38
CA VAL K 39 2.52 -34.26 -64.35
C VAL K 39 4.04 -34.40 -64.42
N LEU K 40 4.59 -34.22 -65.62
CA LEU K 40 6.01 -34.39 -65.89
C LEU K 40 6.59 -33.09 -66.44
N PHE K 41 7.64 -32.59 -65.79
CA PHE K 41 8.40 -31.44 -66.25
C PHE K 41 9.74 -31.91 -66.83
N VAL K 42 10.02 -31.52 -68.06
CA VAL K 42 11.28 -31.83 -68.74
C VAL K 42 11.81 -30.56 -69.36
N ALA K 43 12.94 -30.09 -68.85
CA ALA K 43 13.54 -28.85 -69.30
C ALA K 43 14.96 -29.13 -69.78
N GLU K 44 15.38 -28.33 -70.75
CA GLU K 44 16.74 -28.38 -71.28
C GLU K 44 17.59 -27.42 -70.46
N ASN K 45 18.40 -27.96 -69.56
CA ASN K 45 19.12 -27.17 -68.57
C ASN K 45 20.55 -27.70 -68.40
N PRO K 46 21.57 -26.94 -68.85
CA PRO K 46 22.95 -27.42 -68.75
C PRO K 46 23.56 -27.31 -67.35
N SER K 47 23.31 -26.20 -66.64
CA SER K 47 23.86 -25.99 -65.31
C SER K 47 23.36 -27.04 -64.33
N ARG K 48 24.15 -27.27 -63.27
CA ARG K 48 23.79 -28.18 -62.21
C ARG K 48 23.24 -27.47 -60.98
N SER K 49 23.50 -26.17 -60.84
CA SER K 49 23.02 -25.38 -59.71
C SER K 49 21.74 -24.60 -60.03
N LEU K 50 21.64 -24.04 -61.22
CA LEU K 50 20.50 -23.21 -61.60
C LEU K 50 19.39 -24.08 -62.15
N GLN K 51 18.20 -23.93 -61.58
CA GLN K 51 17.07 -24.80 -61.89
C GLN K 51 15.88 -23.99 -62.38
N LYS K 52 15.10 -24.60 -63.29
CA LYS K 52 13.90 -23.99 -63.85
C LYS K 52 12.63 -24.76 -63.52
N ILE K 53 12.68 -25.67 -62.56
CA ILE K 53 11.51 -26.44 -62.13
C ILE K 53 11.52 -26.49 -60.61
N SER K 54 10.36 -26.31 -59.98
CA SER K 54 10.41 -26.17 -58.54
C SER K 54 9.10 -26.58 -57.90
N GLU K 55 9.20 -27.11 -56.69
CA GLU K 55 8.05 -27.31 -55.83
C GLU K 55 7.51 -25.95 -55.39
N LEU K 56 6.19 -25.79 -55.43
CA LEU K 56 5.57 -24.60 -54.85
C LEU K 56 4.81 -24.93 -53.57
N TYR K 57 3.99 -25.97 -53.61
CA TYR K 57 3.30 -26.41 -52.41
C TYR K 57 3.10 -27.91 -52.55
N ASP K 58 2.45 -28.50 -51.56
CA ASP K 58 2.30 -29.95 -51.48
C ASP K 58 2.04 -30.60 -52.84
N ARG K 59 1.04 -30.11 -53.58
CA ARG K 59 0.67 -30.73 -54.85
C ARG K 59 0.81 -29.77 -56.02
N VAL K 60 1.47 -28.63 -55.83
CA VAL K 60 1.55 -27.60 -56.86
C VAL K 60 3.01 -27.43 -57.24
N GLY K 61 3.30 -27.62 -58.54
CA GLY K 61 4.63 -27.46 -59.09
C GLY K 61 4.68 -26.26 -60.03
N PHE K 62 5.89 -25.95 -60.51
CA PHE K 62 6.14 -24.68 -61.17
C PHE K 62 7.32 -24.84 -62.13
N ALA K 63 7.13 -24.41 -63.38
CA ALA K 63 8.22 -24.34 -64.34
C ALA K 63 8.21 -22.98 -65.03
N ALA K 64 9.37 -22.56 -65.49
CA ALA K 64 9.50 -21.23 -66.06
C ALA K 64 10.58 -21.20 -67.11
N ALA K 65 10.49 -20.17 -67.95
CA ALA K 65 11.43 -19.95 -69.04
C ALA K 65 11.57 -18.46 -69.27
N GLY K 66 12.81 -18.01 -69.27
CA GLY K 66 13.13 -16.65 -69.62
C GLY K 66 14.45 -16.27 -69.01
N LYS K 67 14.42 -15.13 -68.32
CA LYS K 67 15.51 -14.53 -67.53
C LYS K 67 15.58 -15.12 -66.12
N PHE K 68 16.70 -15.78 -65.77
CA PHE K 68 16.72 -16.58 -64.54
C PHE K 68 16.42 -15.76 -63.29
N ASN K 69 17.13 -14.64 -63.09
CA ASN K 69 16.87 -13.84 -61.88
C ASN K 69 15.39 -13.47 -61.71
N GLU K 70 14.63 -13.30 -62.81
CA GLU K 70 13.27 -12.81 -62.63
C GLU K 70 12.31 -13.95 -62.36
N PHE K 71 12.39 -14.98 -63.19
CA PHE K 71 11.57 -16.15 -63.02
C PHE K 71 11.91 -16.77 -61.67
N ASP K 72 13.19 -16.71 -61.28
CA ASP K 72 13.62 -17.20 -60.00
C ASP K 72 12.95 -16.37 -58.90
N ASN K 73 12.89 -15.06 -59.11
CA ASN K 73 12.27 -14.17 -58.14
C ASN K 73 10.79 -14.48 -57.98
N LEU K 74 10.10 -14.76 -59.09
CA LEU K 74 8.70 -15.12 -58.99
C LEU K 74 8.61 -16.42 -58.20
N ARG K 75 9.47 -17.38 -58.52
CA ARG K 75 9.51 -18.64 -57.78
C ARG K 75 9.47 -18.36 -56.28
N ARG K 76 10.32 -17.46 -55.81
CA ARG K 76 10.39 -17.15 -54.40
C ARG K 76 9.10 -16.50 -53.91
N GLY K 77 8.59 -15.51 -54.64
CA GLY K 77 7.33 -14.90 -54.26
C GLY K 77 6.20 -15.92 -54.14
N GLY K 78 6.14 -16.86 -55.08
CA GLY K 78 5.09 -17.85 -55.03
C GLY K 78 5.22 -18.76 -53.82
N ILE K 79 6.45 -19.20 -53.54
CA ILE K 79 6.70 -20.00 -52.33
C ILE K 79 6.21 -19.23 -51.09
N GLN K 80 6.65 -17.99 -50.96
CA GLN K 80 6.20 -17.12 -49.88
C GLN K 80 4.67 -17.13 -49.75
N PHE K 81 3.92 -16.80 -50.79
CA PHE K 81 2.47 -16.68 -50.55
C PHE K 81 1.78 -17.93 -50.01
N ALA K 82 2.14 -19.08 -50.55
CA ALA K 82 1.51 -20.32 -50.14
C ALA K 82 1.71 -20.66 -48.67
N ASP K 83 2.93 -20.52 -48.15
CA ASP K 83 3.15 -20.89 -46.76
C ASP K 83 2.32 -20.08 -45.79
N THR K 84 2.30 -18.76 -45.99
CA THR K 84 1.53 -17.92 -45.09
C THR K 84 0.05 -18.25 -45.21
N ARG K 85 -0.42 -18.45 -46.45
CA ARG K 85 -1.83 -18.76 -46.59
C ARG K 85 -2.19 -20.06 -45.89
N GLY K 86 -1.34 -21.07 -46.03
CA GLY K 86 -1.61 -22.34 -45.41
C GLY K 86 -1.64 -22.20 -43.91
N TYR K 87 -0.69 -21.45 -43.35
CA TYR K 87 -0.67 -21.29 -41.92
C TYR K 87 -1.94 -20.61 -41.43
N ALA K 88 -2.39 -19.58 -42.15
CA ALA K 88 -3.62 -18.93 -41.74
C ALA K 88 -4.86 -19.83 -41.84
N TYR K 89 -4.98 -20.60 -42.92
CA TYR K 89 -6.15 -21.47 -43.09
C TYR K 89 -5.74 -22.94 -43.09
N ASP K 90 -5.21 -23.45 -44.20
CA ASP K 90 -4.74 -24.83 -44.10
C ASP K 90 -4.06 -25.24 -45.40
N ARG K 91 -3.40 -26.40 -45.37
CA ARG K 91 -2.62 -26.83 -46.52
C ARG K 91 -3.52 -27.14 -47.71
N ARG K 92 -4.59 -27.89 -47.49
CA ARG K 92 -5.51 -28.26 -48.56
C ARG K 92 -6.30 -27.09 -49.11
N ASP K 93 -6.14 -25.88 -48.58
CA ASP K 93 -6.84 -24.72 -49.11
C ASP K 93 -6.08 -24.02 -50.23
N VAL K 94 -4.75 -24.11 -50.22
CA VAL K 94 -3.94 -23.56 -51.30
C VAL K 94 -4.09 -24.45 -52.51
N THR K 95 -4.47 -23.86 -53.64
CA THR K 95 -4.72 -24.58 -54.87
C THR K 95 -3.86 -23.99 -55.98
N GLY K 96 -3.64 -24.78 -57.04
CA GLY K 96 -2.88 -24.27 -58.17
C GLY K 96 -3.55 -23.08 -58.81
N ARG K 97 -4.87 -23.02 -58.72
CA ARG K 97 -5.63 -21.94 -59.34
C ARG K 97 -5.33 -20.59 -58.69
N GLN K 98 -5.35 -20.54 -57.37
CA GLN K 98 -5.12 -19.29 -56.65
C GLN K 98 -3.72 -18.76 -56.94
N LEU K 99 -2.74 -19.65 -56.95
CA LEU K 99 -1.38 -19.26 -57.24
C LEU K 99 -1.23 -18.75 -58.66
N ALA K 100 -1.88 -19.43 -59.61
CA ALA K 100 -1.78 -19.05 -61.01
C ALA K 100 -2.31 -17.65 -61.16
N ASN K 101 -3.42 -17.41 -60.49
CA ASN K 101 -4.04 -16.08 -60.49
C ASN K 101 -3.12 -15.01 -59.91
N VAL K 102 -2.46 -15.29 -58.80
CA VAL K 102 -1.66 -14.24 -58.16
C VAL K 102 -0.54 -13.74 -59.05
N TYR K 103 0.12 -14.68 -59.72
CA TYR K 103 1.22 -14.31 -60.58
C TYR K 103 0.72 -13.42 -61.69
N ALA K 104 -0.41 -13.74 -62.30
CA ALA K 104 -0.87 -12.94 -63.42
C ALA K 104 -1.17 -11.50 -63.02
N GLN K 105 -1.87 -11.32 -61.91
CA GLN K 105 -2.20 -9.97 -61.48
C GLN K 105 -0.93 -9.21 -61.16
N THR K 106 -0.02 -9.88 -60.46
CA THR K 106 1.20 -9.21 -60.08
C THR K 106 1.97 -8.80 -61.32
N LEU K 107 2.06 -9.69 -62.28
CA LEU K 107 2.82 -9.40 -63.48
C LEU K 107 2.22 -8.23 -64.20
N GLY K 108 0.89 -8.19 -64.35
CA GLY K 108 0.32 -7.07 -65.08
C GLY K 108 0.57 -5.75 -64.40
N THR K 109 0.36 -5.71 -63.08
CA THR K 109 0.56 -4.45 -62.38
C THR K 109 2.02 -4.02 -62.44
N ILE K 110 2.89 -5.00 -62.25
CA ILE K 110 4.30 -4.75 -62.23
C ILE K 110 4.71 -4.21 -63.56
N PHE K 111 4.26 -4.80 -64.65
CA PHE K 111 4.68 -4.34 -65.96
C PHE K 111 4.23 -2.91 -66.18
N THR K 112 2.98 -2.63 -65.83
CA THR K 112 2.46 -1.28 -66.07
C THR K 112 3.23 -0.23 -65.26
N GLU K 113 3.61 -0.53 -64.03
CA GLU K 113 4.34 0.47 -63.24
C GLU K 113 5.87 0.41 -63.27
N GLN K 114 6.45 -0.65 -63.82
CA GLN K 114 7.91 -0.80 -63.80
C GLN K 114 8.62 -0.29 -65.01
N ALA K 115 9.90 -0.59 -65.11
CA ALA K 115 10.61 -0.07 -66.28
C ALA K 115 10.67 -1.11 -67.38
N LYS K 116 11.14 -2.29 -67.06
CA LYS K 116 11.27 -3.34 -68.04
C LYS K 116 10.34 -4.50 -67.73
N PRO K 117 9.64 -5.04 -68.73
CA PRO K 117 8.74 -6.18 -68.45
C PRO K 117 9.52 -7.46 -68.20
N TYR K 118 8.97 -8.31 -67.34
CA TYR K 118 9.63 -9.58 -67.03
C TYR K 118 9.57 -10.50 -68.23
N GLU K 119 10.74 -10.77 -68.82
CA GLU K 119 10.84 -11.66 -69.98
C GLU K 119 10.73 -13.11 -69.53
N VAL K 120 9.57 -13.44 -68.99
CA VAL K 120 9.34 -14.75 -68.39
C VAL K 120 8.04 -15.37 -68.93
N GLU K 121 7.99 -16.69 -68.86
CA GLU K 121 6.81 -17.46 -69.18
C GLU K 121 6.70 -18.54 -68.13
N LEU K 122 5.52 -18.63 -67.49
CA LEU K 122 5.31 -19.48 -66.34
C LEU K 122 4.31 -20.58 -66.66
N CYS K 123 4.48 -21.69 -65.96
CA CYS K 123 3.55 -22.81 -66.01
C CYS K 123 3.35 -23.28 -64.57
N VAL K 124 2.13 -23.22 -64.08
CA VAL K 124 1.80 -23.72 -62.76
C VAL K 124 1.03 -25.02 -62.94
N ALA K 125 1.45 -26.06 -62.23
CA ALA K 125 0.82 -27.37 -62.38
C ALA K 125 0.25 -27.84 -61.05
N GLU K 126 -0.84 -28.59 -61.11
CA GLU K 126 -1.47 -29.14 -59.92
C GLU K 126 -1.99 -30.53 -60.21
N VAL K 127 -1.90 -31.41 -59.22
CA VAL K 127 -2.46 -32.76 -59.28
C VAL K 127 -3.39 -32.94 -58.09
N ALA K 128 -4.12 -34.04 -58.07
CA ALA K 128 -5.04 -34.31 -56.97
C ALA K 128 -4.27 -34.77 -55.73
N HIS K 129 -4.97 -34.80 -54.59
CA HIS K 129 -4.38 -35.25 -53.35
C HIS K 129 -4.30 -36.78 -53.33
N TYR K 130 -3.75 -37.33 -52.25
CA TYR K 130 -3.66 -38.77 -52.10
C TYR K 130 -5.06 -39.39 -51.97
N GLY K 131 -5.26 -40.54 -52.60
CA GLY K 131 -6.53 -41.26 -52.54
C GLY K 131 -7.73 -40.54 -53.10
N GLU K 132 -7.51 -39.71 -54.12
CA GLU K 132 -8.60 -38.99 -54.75
C GLU K 132 -8.40 -38.98 -56.26
N THR K 133 -9.49 -38.85 -57.00
CA THR K 133 -9.38 -38.83 -58.46
C THR K 133 -9.72 -37.47 -59.05
N LYS K 134 -8.80 -36.93 -59.84
CA LYS K 134 -9.03 -35.63 -60.48
C LYS K 134 -7.96 -35.46 -61.55
N ARG K 135 -8.32 -34.75 -62.62
CA ARG K 135 -7.40 -34.61 -63.74
C ARG K 135 -6.32 -33.57 -63.43
N PRO K 136 -5.08 -33.78 -63.89
CA PRO K 136 -4.04 -32.74 -63.69
C PRO K 136 -4.43 -31.45 -64.39
N GLU K 137 -4.12 -30.33 -63.74
CA GLU K 137 -4.39 -29.01 -64.28
C GLU K 137 -3.09 -28.29 -64.58
N LEU K 138 -3.00 -27.75 -65.79
CA LEU K 138 -1.85 -26.96 -66.22
C LEU K 138 -2.34 -25.57 -66.58
N TYR K 139 -1.67 -24.55 -66.05
CA TYR K 139 -1.95 -23.17 -66.41
C TYR K 139 -0.66 -22.58 -66.97
N ARG K 140 -0.78 -21.78 -68.02
CA ARG K 140 0.33 -20.99 -68.53
C ARG K 140 0.05 -19.51 -68.33
N ILE K 141 0.99 -18.82 -67.68
CA ILE K 141 0.90 -17.38 -67.44
C ILE K 141 1.98 -16.72 -68.29
N THR K 142 1.58 -15.76 -69.12
CA THR K 142 2.51 -15.07 -69.98
C THR K 142 2.92 -13.73 -69.35
N TYR K 143 3.85 -13.03 -70.02
CA TYR K 143 4.53 -11.86 -69.43
C TYR K 143 3.58 -10.72 -69.11
N ASP K 144 2.49 -10.57 -69.86
CA ASP K 144 1.53 -9.49 -69.69
C ASP K 144 0.55 -9.71 -68.54
N GLY K 145 0.36 -10.95 -68.09
CA GLY K 145 -0.69 -11.27 -67.15
C GLY K 145 -1.72 -12.23 -67.67
N SER K 146 -1.69 -12.55 -68.97
CA SER K 146 -2.62 -13.51 -69.55
C SER K 146 -2.40 -14.90 -68.96
N ILE K 147 -3.49 -15.61 -68.79
CA ILE K 147 -3.46 -16.94 -68.21
C ILE K 147 -4.33 -17.87 -69.06
N ALA K 148 -3.80 -19.06 -69.36
CA ALA K 148 -4.48 -20.01 -70.24
C ALA K 148 -4.54 -21.38 -69.59
N ASP K 149 -5.69 -22.04 -69.71
CA ASP K 149 -5.92 -23.36 -69.11
C ASP K 149 -5.64 -24.43 -70.15
N GLU K 150 -4.67 -25.29 -69.86
CA GLU K 150 -4.16 -26.29 -70.81
C GLU K 150 -4.62 -27.66 -70.39
N PRO K 151 -5.12 -28.48 -71.31
CA PRO K 151 -5.65 -29.78 -70.88
C PRO K 151 -4.60 -30.89 -70.88
N HIS K 152 -3.53 -30.72 -71.68
CA HIS K 152 -2.64 -31.84 -71.97
C HIS K 152 -1.17 -31.48 -71.75
N PHE K 153 -0.70 -30.37 -72.33
CA PHE K 153 0.71 -30.03 -72.16
C PHE K 153 0.94 -28.55 -72.41
N VAL K 154 2.02 -28.04 -71.81
CA VAL K 154 2.47 -26.67 -71.95
C VAL K 154 3.90 -26.72 -72.46
N VAL K 155 4.21 -25.85 -73.41
CA VAL K 155 5.58 -25.66 -73.90
C VAL K 155 5.96 -24.20 -73.74
N MET K 156 7.12 -23.96 -73.13
CA MET K 156 7.56 -22.62 -72.80
C MET K 156 8.96 -22.37 -73.31
N GLY K 157 9.20 -21.13 -73.74
CA GLY K 157 10.52 -20.65 -74.11
C GLY K 157 11.09 -21.19 -75.41
N GLY K 158 11.98 -20.42 -76.04
CA GLY K 158 12.55 -20.79 -77.33
C GLY K 158 11.52 -20.78 -78.44
N THR K 159 11.76 -21.60 -79.46
CA THR K 159 10.82 -21.84 -80.54
C THR K 159 9.84 -22.93 -80.11
N THR K 160 8.60 -22.53 -79.80
CA THR K 160 7.57 -23.43 -79.26
C THR K 160 6.80 -24.20 -80.33
N GLU K 161 6.81 -23.74 -81.60
CA GLU K 161 6.01 -24.41 -82.63
C GLU K 161 6.44 -25.86 -82.84
N PRO K 162 7.72 -26.19 -83.14
CA PRO K 162 8.01 -27.58 -83.49
C PRO K 162 7.78 -28.55 -82.35
N ILE K 163 8.17 -28.13 -81.13
CA ILE K 163 7.95 -28.95 -79.95
C ILE K 163 6.45 -29.16 -79.72
N ALA K 164 5.67 -28.09 -79.87
CA ALA K 164 4.23 -28.19 -79.64
C ALA K 164 3.57 -29.13 -80.65
N ASN K 165 4.06 -29.14 -81.88
CA ASN K 165 3.49 -30.01 -82.90
C ASN K 165 3.88 -31.48 -82.67
N ALA K 166 5.19 -31.73 -82.46
CA ALA K 166 5.66 -33.08 -82.13
C ALA K 166 4.89 -33.67 -80.95
N LEU K 167 4.65 -32.86 -79.92
CA LEU K 167 3.83 -33.31 -78.80
C LEU K 167 2.40 -33.57 -79.24
N LYS K 168 1.89 -32.73 -80.15
CA LYS K 168 0.53 -32.90 -80.67
C LYS K 168 0.34 -34.27 -81.33
N GLU K 169 1.37 -34.80 -82.01
CA GLU K 169 1.30 -36.13 -82.65
C GLU K 169 1.57 -37.29 -81.70
N SER K 170 2.60 -37.16 -80.84
CA SER K 170 3.03 -38.16 -79.84
C SER K 170 2.21 -38.23 -78.55
N TYR K 171 1.47 -37.19 -78.15
CA TYR K 171 0.81 -37.22 -76.84
C TYR K 171 -0.22 -38.35 -76.72
N ALA K 172 -0.24 -38.99 -75.54
CA ALA K 172 -1.21 -40.06 -75.24
C ALA K 172 -1.62 -39.98 -73.78
N GLU K 173 -2.91 -39.86 -73.52
CA GLU K 173 -3.33 -39.72 -72.12
C GLU K 173 -3.11 -41.05 -71.41
N ASN K 174 -2.67 -40.96 -70.16
CA ASN K 174 -2.44 -42.15 -69.36
C ASN K 174 -1.22 -42.91 -69.86
N ALA K 175 -0.28 -42.19 -70.48
CA ALA K 175 1.01 -42.78 -70.81
C ALA K 175 1.80 -42.99 -69.53
N SER K 176 2.60 -44.06 -69.49
CA SER K 176 3.37 -44.27 -68.27
C SER K 176 4.46 -43.21 -68.16
N LEU K 177 5.24 -43.31 -67.08
CA LEU K 177 6.32 -42.34 -66.84
C LEU K 177 7.41 -42.44 -67.90
N THR K 178 7.77 -43.66 -68.30
CA THR K 178 8.83 -43.82 -69.29
C THR K 178 8.40 -43.36 -70.67
N ASP K 179 7.16 -43.68 -71.07
CA ASP K 179 6.66 -43.27 -72.38
C ASP K 179 6.54 -41.75 -72.47
N ALA K 180 5.96 -41.13 -71.45
CA ALA K 180 5.86 -39.68 -71.41
C ALA K 180 7.23 -39.03 -71.40
N LEU K 181 8.22 -39.66 -70.77
CA LEU K 181 9.57 -39.12 -70.82
C LEU K 181 10.15 -39.20 -72.23
N ARG K 182 9.93 -40.32 -72.92
CA ARG K 182 10.42 -40.46 -74.29
C ARG K 182 9.76 -39.45 -75.21
N ILE K 183 8.44 -39.32 -75.10
CA ILE K 183 7.70 -38.36 -75.91
C ILE K 183 8.20 -36.95 -75.67
N ALA K 184 8.41 -36.60 -74.40
CA ALA K 184 8.80 -35.24 -74.04
C ALA K 184 10.21 -34.91 -74.49
N VAL K 185 11.15 -35.87 -74.35
CA VAL K 185 12.51 -35.61 -74.81
C VAL K 185 12.55 -35.56 -76.33
N ALA K 186 11.81 -36.46 -76.98
CA ALA K 186 11.76 -36.48 -78.43
C ALA K 186 11.23 -35.16 -78.98
N ALA K 187 10.05 -34.73 -78.49
CA ALA K 187 9.45 -33.47 -78.95
C ALA K 187 10.31 -32.28 -78.58
N LEU K 188 11.06 -32.38 -77.48
CA LEU K 188 11.96 -31.29 -77.08
C LEU K 188 13.12 -31.16 -78.04
N ARG K 189 13.57 -32.29 -78.61
CA ARG K 189 14.67 -32.27 -79.58
C ARG K 189 14.31 -31.55 -80.87
N ALA K 190 13.06 -31.63 -81.29
CA ALA K 190 12.61 -31.03 -82.54
C ALA K 190 13.05 -29.56 -82.66
N LEU K 203 17.75 -35.32 -76.12
CA LEU K 203 19.17 -35.05 -76.33
C LEU K 203 20.04 -35.96 -75.48
N GLY K 204 21.19 -35.45 -75.07
CA GLY K 204 22.13 -36.19 -74.26
C GLY K 204 21.64 -36.37 -72.84
N VAL K 205 22.17 -37.38 -72.15
CA VAL K 205 21.77 -37.65 -70.77
C VAL K 205 22.10 -36.46 -69.87
N ALA K 206 23.22 -35.82 -70.13
CA ALA K 206 23.64 -34.65 -69.37
C ALA K 206 22.80 -33.43 -69.73
N SER K 207 22.79 -32.44 -68.84
CA SER K 207 22.05 -31.17 -69.00
C SER K 207 20.54 -31.28 -69.18
N LEU K 208 19.91 -32.20 -68.46
CA LEU K 208 18.46 -32.37 -68.51
C LEU K 208 17.89 -32.18 -67.10
N GLU K 209 16.83 -31.38 -66.96
CA GLU K 209 16.27 -31.21 -65.62
C GLU K 209 14.89 -31.86 -65.67
N VAL K 210 14.72 -32.95 -64.94
CA VAL K 210 13.48 -33.72 -64.99
C VAL K 210 12.93 -33.88 -63.58
N ALA K 211 11.64 -33.59 -63.42
CA ALA K 211 10.94 -33.75 -62.16
C ALA K 211 9.50 -34.14 -62.43
N VAL K 212 8.84 -34.68 -61.43
CA VAL K 212 7.45 -35.11 -61.56
C VAL K 212 6.62 -34.56 -60.42
N LEU K 213 5.33 -34.44 -60.67
CA LEU K 213 4.31 -34.24 -59.63
C LEU K 213 3.60 -35.59 -59.52
N ASP K 214 4.19 -36.47 -58.74
CA ASP K 214 3.69 -37.85 -58.60
C ASP K 214 2.44 -37.82 -57.74
N ALA K 215 1.27 -38.11 -58.33
CA ALA K 215 0.03 -38.06 -57.58
C ALA K 215 -0.05 -39.14 -56.51
N ASN K 216 0.86 -40.11 -56.51
CA ASN K 216 0.75 -41.22 -55.58
C ASN K 216 1.43 -40.95 -54.25
N ARG K 217 2.24 -39.91 -54.15
CA ARG K 217 2.93 -39.58 -52.91
C ARG K 217 1.89 -39.16 -51.88
N PRO K 218 2.14 -39.43 -50.59
CA PRO K 218 1.14 -39.07 -49.57
C PRO K 218 0.92 -37.57 -49.42
N ARG K 219 1.98 -36.77 -49.34
CA ARG K 219 1.81 -35.33 -49.13
C ARG K 219 2.54 -34.50 -50.18
N ARG K 220 3.87 -34.44 -50.09
CA ARG K 220 4.71 -33.68 -51.03
C ARG K 220 4.85 -34.46 -52.33
N ALA K 221 4.20 -33.99 -53.38
CA ALA K 221 4.13 -34.70 -54.67
C ALA K 221 5.33 -34.47 -55.57
N PHE K 222 6.00 -33.33 -55.43
CA PHE K 222 7.12 -33.01 -56.29
C PHE K 222 8.31 -33.92 -56.00
N ARG K 223 8.98 -34.39 -57.06
CA ARG K 223 10.08 -35.33 -56.88
C ARG K 223 11.00 -35.27 -58.09
N ARG K 224 12.27 -34.95 -57.87
CA ARG K 224 13.23 -34.88 -58.97
C ARG K 224 13.70 -36.27 -59.38
N ILE K 225 13.98 -36.41 -60.67
CA ILE K 225 14.50 -37.65 -61.25
C ILE K 225 15.84 -37.30 -61.90
N THR K 226 16.93 -37.63 -61.21
CA THR K 226 18.28 -37.24 -61.62
C THR K 226 19.21 -38.44 -61.61
N GLY K 227 20.36 -38.28 -62.25
CA GLY K 227 21.42 -39.29 -62.29
C GLY K 227 21.23 -40.65 -62.94
N SER K 228 21.70 -41.66 -62.23
CA SER K 228 21.70 -43.05 -62.70
C SER K 228 20.31 -43.60 -62.97
N ALA K 229 19.34 -43.28 -62.10
CA ALA K 229 17.98 -43.76 -62.32
C ALA K 229 17.43 -43.19 -63.62
N LEU K 230 17.68 -41.91 -63.85
CA LEU K 230 17.23 -41.25 -65.07
C LEU K 230 17.89 -41.89 -66.27
N GLN K 231 19.18 -42.19 -66.15
CA GLN K 231 19.90 -42.80 -67.26
C GLN K 231 19.30 -44.17 -67.58
N ALA K 232 18.97 -44.93 -66.54
CA ALA K 232 18.38 -46.25 -66.72
C ALA K 232 17.03 -46.13 -67.41
N LEU K 233 16.26 -45.14 -67.00
CA LEU K 233 14.95 -44.90 -67.60
C LEU K 233 15.09 -44.57 -69.08
N LEU K 234 16.09 -43.75 -69.40
CA LEU K 234 16.33 -43.36 -70.79
C LEU K 234 17.36 -44.25 -71.45
N PRO L 4 6.66 21.55 -78.92
CA PRO L 4 7.64 21.51 -77.84
C PRO L 4 7.40 20.32 -76.91
N TYR L 5 6.16 20.15 -76.49
CA TYR L 5 5.79 19.05 -75.60
C TYR L 5 5.54 17.77 -76.39
N PHE L 6 4.28 17.35 -76.44
CA PHE L 6 3.90 16.13 -77.15
C PHE L 6 2.50 16.25 -77.74
N ILE L 7 2.44 16.55 -79.03
CA ILE L 7 1.16 16.70 -79.74
C ILE L 7 0.19 17.62 -79.02
N SER L 8 -0.69 17.02 -78.21
CA SER L 8 -1.67 17.78 -77.46
C SER L 8 -2.45 16.89 -76.49
N PRO L 9 -2.79 17.43 -75.33
CA PRO L 9 -3.53 16.68 -74.32
C PRO L 9 -4.86 16.16 -74.86
N GLU L 10 -5.57 16.99 -75.61
CA GLU L 10 -6.86 16.59 -76.17
C GLU L 10 -6.69 15.43 -77.13
N GLN L 11 -5.63 15.51 -77.94
CA GLN L 11 -5.32 14.45 -78.90
C GLN L 11 -5.00 13.17 -78.15
N ALA L 12 -4.25 13.29 -77.06
CA ALA L 12 -3.89 12.14 -76.25
C ALA L 12 -5.14 11.50 -75.67
N MET L 13 -6.07 12.33 -75.21
CA MET L 13 -7.32 11.85 -74.63
C MET L 13 -8.12 11.09 -75.69
N ARG L 14 -8.14 11.63 -76.92
CA ARG L 14 -8.86 10.97 -78.01
C ARG L 14 -8.22 9.61 -78.30
N GLU L 15 -6.89 9.56 -78.29
CA GLU L 15 -6.18 8.32 -78.52
C GLU L 15 -6.52 7.31 -77.44
N ARG L 16 -6.59 7.77 -76.19
CA ARG L 16 -6.90 6.90 -75.07
C ARG L 16 -8.29 6.32 -75.26
N SER L 17 -9.24 7.16 -75.67
CA SER L 17 -10.60 6.69 -75.87
C SER L 17 -10.63 5.64 -76.97
N GLU L 18 -9.89 5.87 -78.05
CA GLU L 18 -9.87 4.91 -79.14
C GLU L 18 -9.29 3.58 -78.68
N LEU L 19 -8.23 3.64 -77.89
CA LEU L 19 -7.59 2.43 -77.39
C LEU L 19 -8.56 1.64 -76.51
N ALA L 20 -9.29 2.37 -75.67
CA ALA L 20 -10.25 1.73 -74.78
C ALA L 20 -11.35 1.06 -75.59
N ARG L 21 -11.80 1.74 -76.64
CA ARG L 21 -12.85 1.21 -77.49
C ARG L 21 -12.37 -0.08 -78.15
N LYS L 22 -11.13 -0.08 -78.63
CA LYS L 22 -10.59 -1.26 -79.28
C LYS L 22 -10.54 -2.42 -78.30
N GLY L 23 -10.11 -2.13 -77.07
CA GLY L 23 -10.02 -3.17 -76.07
C GLY L 23 -11.38 -3.75 -75.78
N ILE L 24 -12.39 -2.89 -75.66
CA ILE L 24 -13.75 -3.37 -75.39
C ILE L 24 -14.27 -4.23 -76.52
N ALA L 25 -13.96 -3.82 -77.76
CA ALA L 25 -14.44 -4.51 -78.95
C ALA L 25 -13.97 -5.96 -79.14
N ARG L 26 -12.70 -6.22 -78.86
CA ARG L 26 -12.16 -7.57 -79.00
C ARG L 26 -12.38 -8.37 -77.71
N ALA L 27 -13.63 -8.77 -77.47
CA ALA L 27 -13.95 -9.53 -76.27
C ALA L 27 -15.22 -10.36 -76.41
N LYS L 28 -15.39 -11.35 -75.54
CA LYS L 28 -16.57 -12.20 -75.55
C LYS L 28 -17.79 -11.37 -75.17
N SER L 29 -18.95 -11.71 -75.74
CA SER L 29 -20.16 -10.94 -75.50
C SER L 29 -20.96 -11.53 -74.35
N VAL L 30 -21.56 -10.64 -73.56
CA VAL L 30 -22.40 -11.01 -72.44
C VAL L 30 -23.73 -10.30 -72.60
N VAL L 31 -24.81 -10.97 -72.20
CA VAL L 31 -26.11 -10.32 -72.16
C VAL L 31 -26.76 -10.54 -70.80
N ALA L 32 -27.56 -9.56 -70.39
CA ALA L 32 -28.36 -9.65 -69.19
C ALA L 32 -29.75 -9.11 -69.51
N LEU L 33 -30.78 -9.87 -69.18
CA LEU L 33 -32.14 -9.43 -69.50
C LEU L 33 -33.12 -9.80 -68.40
N ALA L 34 -34.18 -8.99 -68.29
CA ALA L 34 -35.21 -9.25 -67.30
C ALA L 34 -36.19 -10.29 -67.80
N TYR L 35 -36.57 -11.18 -66.91
CA TYR L 35 -37.59 -12.19 -67.17
C TYR L 35 -38.42 -12.36 -65.92
N ALA L 36 -39.42 -13.23 -66.03
CA ALA L 36 -40.46 -13.32 -65.00
C ALA L 36 -39.86 -13.53 -63.62
N GLY L 37 -38.91 -14.44 -63.48
CA GLY L 37 -38.34 -14.74 -62.17
C GLY L 37 -37.19 -13.88 -61.71
N GLY L 38 -36.81 -12.87 -62.50
CA GLY L 38 -35.75 -11.97 -62.09
C GLY L 38 -34.91 -11.47 -63.25
N VAL L 39 -33.61 -11.75 -63.21
CA VAL L 39 -32.67 -11.33 -64.24
C VAL L 39 -31.82 -12.53 -64.66
N LEU L 40 -31.49 -12.59 -65.95
CA LEU L 40 -30.75 -13.70 -66.55
C LEU L 40 -29.46 -13.18 -67.17
N PHE L 41 -28.33 -13.77 -66.76
CA PHE L 41 -27.02 -13.51 -67.35
C PHE L 41 -26.62 -14.68 -68.24
N VAL L 42 -26.29 -14.39 -69.49
CA VAL L 42 -25.83 -15.40 -70.44
C VAL L 42 -24.59 -14.86 -71.14
N ALA L 43 -23.45 -15.49 -70.88
CA ALA L 43 -22.18 -15.06 -71.42
C ALA L 43 -21.56 -16.19 -72.22
N GLU L 44 -20.80 -15.80 -73.22
CA GLU L 44 -20.04 -16.72 -74.06
C GLU L 44 -18.68 -16.91 -73.43
N ASN L 45 -18.47 -18.04 -72.76
CA ASN L 45 -17.29 -18.26 -71.93
C ASN L 45 -16.78 -19.69 -72.13
N PRO L 46 -15.61 -19.87 -72.77
CA PRO L 46 -15.09 -21.22 -73.00
C PRO L 46 -14.45 -21.88 -71.77
N SER L 47 -13.67 -21.12 -71.00
CA SER L 47 -13.00 -21.66 -69.82
C SER L 47 -14.00 -22.17 -68.80
N ARG L 48 -13.54 -23.10 -67.96
CA ARG L 48 -14.35 -23.63 -66.86
C ARG L 48 -14.00 -23.01 -65.52
N SER L 49 -12.82 -22.41 -65.39
CA SER L 49 -12.38 -21.77 -64.17
C SER L 49 -12.62 -20.26 -64.15
N LEU L 50 -12.40 -19.58 -65.27
CA LEU L 50 -12.51 -18.13 -65.34
C LEU L 50 -13.97 -17.75 -65.64
N GLN L 51 -14.52 -16.88 -64.82
CA GLN L 51 -15.93 -16.54 -64.88
C GLN L 51 -16.13 -15.04 -65.06
N LYS L 52 -17.20 -14.68 -65.79
CA LYS L 52 -17.56 -13.29 -66.03
C LYS L 52 -18.90 -12.91 -65.44
N ILE L 53 -19.46 -13.72 -64.55
CA ILE L 53 -20.73 -13.43 -63.90
C ILE L 53 -20.58 -13.77 -62.42
N SER L 54 -21.09 -12.92 -61.54
CA SER L 54 -20.78 -13.15 -60.14
C SER L 54 -21.84 -12.58 -59.23
N GLU L 55 -22.03 -13.24 -58.09
CA GLU L 55 -22.81 -12.67 -56.99
C GLU L 55 -22.05 -11.48 -56.40
N LEU L 56 -22.76 -10.40 -56.13
CA LEU L 56 -22.18 -9.29 -55.38
C LEU L 56 -22.74 -9.19 -53.97
N TYR L 57 -24.06 -9.24 -53.86
CA TYR L 57 -24.69 -9.25 -52.55
C TYR L 57 -25.98 -10.03 -52.69
N ASP L 58 -26.73 -10.12 -51.59
CA ASP L 58 -27.92 -10.96 -51.53
C ASP L 58 -28.75 -10.91 -52.82
N ARG L 59 -29.10 -9.71 -53.28
CA ARG L 59 -29.96 -9.57 -54.46
C ARG L 59 -29.27 -8.84 -55.60
N VAL L 60 -27.95 -8.64 -55.52
CA VAL L 60 -27.25 -7.83 -56.51
C VAL L 60 -26.25 -8.73 -57.21
N GLY L 61 -26.37 -8.82 -58.54
CA GLY L 61 -25.48 -9.59 -59.38
C GLY L 61 -24.64 -8.67 -60.27
N PHE L 62 -23.70 -9.26 -60.99
CA PHE L 62 -22.64 -8.51 -61.66
C PHE L 62 -22.14 -9.29 -62.87
N ALA L 63 -22.08 -8.63 -64.03
CA ALA L 63 -21.46 -9.21 -65.22
C ALA L 63 -20.52 -8.19 -65.83
N ALA L 64 -19.50 -8.69 -66.54
CA ALA L 64 -18.48 -7.82 -67.06
C ALA L 64 -17.90 -8.39 -68.34
N ALA L 65 -17.28 -7.50 -69.10
CA ALA L 65 -16.65 -7.84 -70.36
C ALA L 65 -15.44 -6.94 -70.58
N GLY L 66 -14.32 -7.57 -70.84
CA GLY L 66 -13.12 -6.86 -71.21
C GLY L 66 -11.92 -7.72 -70.90
N LYS L 67 -10.97 -7.11 -70.20
CA LYS L 67 -9.74 -7.69 -69.66
C LYS L 67 -9.98 -8.40 -68.32
N PHE L 68 -9.74 -9.72 -68.26
CA PHE L 68 -10.19 -10.49 -67.10
C PHE L 68 -9.59 -10.00 -65.78
N ASN L 69 -8.26 -9.84 -65.72
CA ASN L 69 -7.66 -9.38 -64.46
C ASN L 69 -8.28 -8.07 -63.94
N GLU L 70 -8.77 -7.19 -64.84
CA GLU L 70 -9.24 -5.90 -64.32
C GLU L 70 -10.68 -5.98 -63.87
N PHE L 71 -11.51 -6.53 -64.73
CA PHE L 71 -12.92 -6.71 -64.42
C PHE L 71 -13.00 -7.62 -63.21
N ASP L 72 -12.11 -8.60 -63.12
CA ASP L 72 -12.05 -9.50 -61.98
C ASP L 72 -11.71 -8.69 -60.74
N ASN L 73 -10.76 -7.76 -60.87
CA ASN L 73 -10.35 -6.93 -59.76
C ASN L 73 -11.51 -6.05 -59.28
N LEU L 74 -12.29 -5.51 -60.21
CA LEU L 74 -13.44 -4.72 -59.81
C LEU L 74 -14.40 -5.64 -59.06
N ARG L 75 -14.63 -6.83 -59.61
CA ARG L 75 -15.47 -7.82 -58.93
C ARG L 75 -15.11 -7.90 -57.45
N ARG L 76 -13.81 -8.05 -57.17
CA ARG L 76 -13.36 -8.18 -55.80
C ARG L 76 -13.62 -6.90 -54.99
N GLY L 77 -13.27 -5.75 -55.57
CA GLY L 77 -13.55 -4.50 -54.88
C GLY L 77 -15.02 -4.34 -54.54
N GLY L 78 -15.89 -4.71 -55.46
CA GLY L 78 -17.33 -4.58 -55.21
C GLY L 78 -17.79 -5.49 -54.10
N ILE L 79 -17.32 -6.74 -54.12
CA ILE L 79 -17.62 -7.67 -53.02
C ILE L 79 -17.19 -7.08 -51.70
N GLN L 80 -15.94 -6.63 -51.62
CA GLN L 80 -15.43 -5.95 -50.43
C GLN L 80 -16.38 -4.85 -49.96
N PHE L 81 -16.74 -3.87 -50.78
CA PHE L 81 -17.52 -2.78 -50.20
C PHE L 81 -18.85 -3.17 -49.56
N ALA L 82 -19.57 -4.07 -50.22
CA ALA L 82 -20.86 -4.48 -49.71
C ALA L 82 -20.81 -5.14 -48.35
N ASP L 83 -19.88 -6.04 -48.11
CA ASP L 83 -19.86 -6.73 -46.83
C ASP L 83 -19.63 -5.78 -45.67
N THR L 84 -18.67 -4.89 -45.80
CA THR L 84 -18.40 -3.95 -44.73
C THR L 84 -19.59 -3.04 -44.52
N ARG L 85 -20.19 -2.59 -45.61
CA ARG L 85 -21.34 -1.70 -45.45
C ARG L 85 -22.47 -2.41 -44.71
N GLY L 86 -22.73 -3.65 -45.08
CA GLY L 86 -23.80 -4.40 -44.46
C GLY L 86 -23.53 -4.58 -42.99
N TYR L 87 -22.29 -4.91 -42.65
CA TYR L 87 -21.97 -5.12 -41.25
C TYR L 87 -22.20 -3.84 -40.46
N ALA L 88 -21.78 -2.70 -41.01
CA ALA L 88 -22.01 -1.44 -40.31
C ALA L 88 -23.48 -1.08 -40.16
N TYR L 89 -24.28 -1.27 -41.20
CA TYR L 89 -25.71 -0.93 -41.12
C TYR L 89 -26.58 -2.17 -41.28
N ASP L 90 -26.77 -2.68 -42.50
CA ASP L 90 -27.53 -3.92 -42.55
C ASP L 90 -27.58 -4.43 -43.99
N ARG L 91 -28.05 -5.67 -44.15
CA ARG L 91 -28.02 -6.30 -45.46
C ARG L 91 -28.96 -5.58 -46.42
N ARG L 92 -30.20 -5.33 -45.98
CA ARG L 92 -31.19 -4.67 -46.83
C ARG L 92 -30.86 -3.21 -47.13
N ASP L 93 -29.75 -2.67 -46.62
CA ASP L 93 -29.37 -1.30 -46.95
C ASP L 93 -28.49 -1.21 -48.18
N VAL L 94 -27.72 -2.25 -48.47
CA VAL L 94 -26.93 -2.27 -49.70
C VAL L 94 -27.86 -2.49 -50.88
N THR L 95 -27.77 -1.61 -51.86
CA THR L 95 -28.65 -1.64 -53.02
C THR L 95 -27.79 -1.68 -54.28
N GLY L 96 -28.37 -2.15 -55.38
CA GLY L 96 -27.66 -2.16 -56.65
C GLY L 96 -27.24 -0.77 -57.08
N ARG L 97 -28.01 0.24 -56.69
CA ARG L 97 -27.73 1.62 -57.07
C ARG L 97 -26.43 2.13 -56.46
N GLN L 98 -26.25 1.92 -55.16
CA GLN L 98 -25.05 2.39 -54.48
C GLN L 98 -23.80 1.76 -55.06
N LEU L 99 -23.86 0.46 -55.33
CA LEU L 99 -22.74 -0.25 -55.91
C LEU L 99 -22.44 0.26 -57.32
N ALA L 100 -23.48 0.49 -58.10
CA ALA L 100 -23.30 0.94 -59.48
C ALA L 100 -22.58 2.26 -59.46
N ASN L 101 -23.00 3.10 -58.54
CA ASN L 101 -22.38 4.41 -58.36
C ASN L 101 -20.91 4.31 -57.96
N VAL L 102 -20.57 3.41 -57.04
CA VAL L 102 -19.18 3.37 -56.57
C VAL L 102 -18.21 3.03 -57.69
N TYR L 103 -18.59 2.07 -58.52
CA TYR L 103 -17.72 1.67 -59.59
C TYR L 103 -17.49 2.82 -60.53
N ALA L 104 -18.53 3.57 -60.88
CA ALA L 104 -18.33 4.66 -61.82
C ALA L 104 -17.37 5.73 -61.32
N GLN L 105 -17.53 6.14 -60.08
CA GLN L 105 -16.66 7.16 -59.54
C GLN L 105 -15.24 6.65 -59.48
N THR L 106 -15.09 5.41 -59.04
CA THR L 106 -13.75 4.85 -58.93
C THR L 106 -13.10 4.79 -60.29
N LEU L 107 -13.85 4.34 -61.29
CA LEU L 107 -13.31 4.21 -62.62
C LEU L 107 -12.87 5.54 -63.14
N GLY L 108 -13.69 6.58 -62.98
CA GLY L 108 -13.29 7.87 -63.51
C GLY L 108 -12.03 8.40 -62.86
N THR L 109 -11.98 8.31 -61.53
CA THR L 109 -10.79 8.83 -60.86
C THR L 109 -9.56 8.04 -61.24
N ILE L 110 -9.73 6.73 -61.29
CA ILE L 110 -8.64 5.84 -61.58
C ILE L 110 -8.13 6.14 -62.96
N PHE L 111 -9.01 6.31 -63.93
CA PHE L 111 -8.55 6.55 -65.28
C PHE L 111 -7.76 7.85 -65.34
N THR L 112 -8.30 8.90 -64.71
CA THR L 112 -7.61 10.18 -64.76
C THR L 112 -6.22 10.13 -64.13
N GLU L 113 -6.07 9.41 -63.02
CA GLU L 113 -4.74 9.35 -62.39
C GLU L 113 -3.83 8.18 -62.78
N GLN L 114 -4.34 7.18 -63.48
CA GLN L 114 -3.53 6.00 -63.80
C GLN L 114 -2.85 6.05 -65.13
N ALA L 115 -2.29 4.92 -65.54
CA ALA L 115 -1.58 4.96 -66.81
C ALA L 115 -2.47 4.48 -67.93
N LYS L 116 -3.05 3.30 -67.77
CA LYS L 116 -3.88 2.73 -68.79
C LYS L 116 -5.32 2.61 -68.32
N PRO L 117 -6.31 2.98 -69.14
CA PRO L 117 -7.71 2.86 -68.70
C PRO L 117 -8.17 1.42 -68.69
N TYR L 118 -9.06 1.11 -67.75
CA TYR L 118 -9.58 -0.25 -67.65
C TYR L 118 -10.47 -0.56 -68.84
N GLU L 119 -10.02 -1.49 -69.68
CA GLU L 119 -10.77 -1.90 -70.86
C GLU L 119 -11.91 -2.84 -70.45
N VAL L 120 -12.83 -2.30 -69.66
CA VAL L 120 -13.90 -3.08 -69.08
C VAL L 120 -15.25 -2.42 -69.33
N GLU L 121 -16.29 -3.23 -69.29
CA GLU L 121 -17.67 -2.79 -69.35
C GLU L 121 -18.44 -3.60 -68.34
N LEU L 122 -19.17 -2.91 -67.46
CA LEU L 122 -19.82 -3.53 -66.32
C LEU L 122 -21.33 -3.43 -66.43
N CYS L 123 -21.99 -4.40 -65.83
CA CYS L 123 -23.43 -4.42 -65.70
C CYS L 123 -23.74 -4.87 -64.27
N VAL L 124 -24.41 -4.02 -63.51
CA VAL L 124 -24.84 -4.36 -62.17
C VAL L 124 -26.34 -4.58 -62.21
N ALA L 125 -26.80 -5.70 -61.66
CA ALA L 125 -28.21 -6.04 -61.70
C ALA L 125 -28.77 -6.20 -60.29
N GLU L 126 -30.04 -5.85 -60.12
CA GLU L 126 -30.71 -5.97 -58.84
C GLU L 126 -32.14 -6.41 -59.05
N VAL L 127 -32.63 -7.25 -58.13
CA VAL L 127 -34.02 -7.68 -58.11
C VAL L 127 -34.60 -7.34 -56.74
N ALA L 128 -35.91 -7.51 -56.60
CA ALA L 128 -36.56 -7.23 -55.32
C ALA L 128 -36.28 -8.32 -54.31
N HIS L 129 -36.60 -8.05 -53.05
CA HIS L 129 -36.42 -9.04 -51.99
C HIS L 129 -37.53 -10.08 -52.05
N TYR L 130 -37.48 -11.04 -51.13
CA TYR L 130 -38.52 -12.07 -51.06
C TYR L 130 -39.85 -11.46 -50.64
N GLY L 131 -40.94 -11.92 -51.24
CA GLY L 131 -42.28 -11.45 -50.91
C GLY L 131 -42.56 -9.98 -51.15
N GLU L 132 -41.91 -9.42 -52.16
CA GLU L 132 -42.12 -8.01 -52.51
C GLU L 132 -42.18 -7.86 -54.02
N THR L 133 -42.84 -6.82 -54.49
CA THR L 133 -42.94 -6.61 -55.92
C THR L 133 -42.19 -5.36 -56.37
N LYS L 134 -41.29 -5.54 -57.34
CA LYS L 134 -40.51 -4.42 -57.86
C LYS L 134 -39.84 -4.89 -59.14
N ARG L 135 -39.65 -3.95 -60.08
CA ARG L 135 -39.10 -4.32 -61.37
C ARG L 135 -37.58 -4.51 -61.28
N PRO L 136 -37.02 -5.48 -62.03
CA PRO L 136 -35.56 -5.62 -62.04
C PRO L 136 -34.89 -4.37 -62.58
N GLU L 137 -33.76 -4.01 -61.98
CA GLU L 137 -32.99 -2.84 -62.39
C GLU L 137 -31.65 -3.30 -62.96
N LEU L 138 -31.33 -2.78 -64.14
CA LEU L 138 -30.05 -3.04 -64.81
C LEU L 138 -29.33 -1.71 -65.00
N TYR L 139 -28.07 -1.66 -64.60
CA TYR L 139 -27.23 -0.50 -64.84
C TYR L 139 -26.03 -0.96 -65.65
N ARG L 140 -25.63 -0.15 -66.63
CA ARG L 140 -24.38 -0.37 -67.35
C ARG L 140 -23.39 0.74 -67.04
N ILE L 141 -22.19 0.36 -66.59
CA ILE L 141 -21.12 1.30 -66.30
C ILE L 141 -20.03 1.10 -67.35
N THR L 142 -19.66 2.17 -68.03
CA THR L 142 -18.63 2.09 -69.06
C THR L 142 -17.28 2.53 -68.49
N TYR L 143 -16.24 2.42 -69.34
CA TYR L 143 -14.85 2.54 -68.87
C TYR L 143 -14.52 3.92 -68.30
N ASP L 144 -15.19 4.96 -68.78
CA ASP L 144 -14.95 6.33 -68.35
C ASP L 144 -15.59 6.69 -67.02
N GLY L 145 -16.59 5.96 -66.59
CA GLY L 145 -17.39 6.34 -65.44
C GLY L 145 -18.84 6.59 -65.74
N SER L 146 -19.23 6.62 -67.02
CA SER L 146 -20.63 6.81 -67.40
C SER L 146 -21.47 5.64 -66.93
N ILE L 147 -22.70 5.96 -66.53
CA ILE L 147 -23.63 4.96 -66.02
C ILE L 147 -24.98 5.18 -66.68
N ALA L 148 -25.60 4.10 -67.14
CA ALA L 148 -26.85 4.16 -67.87
C ALA L 148 -27.88 3.20 -67.27
N ASP L 149 -29.13 3.65 -67.15
CA ASP L 149 -30.20 2.86 -66.55
C ASP L 149 -30.98 2.18 -67.66
N GLU L 150 -30.98 0.85 -67.64
CA GLU L 150 -31.55 0.02 -68.70
C GLU L 150 -32.84 -0.61 -68.24
N PRO L 151 -33.90 -0.59 -69.04
CA PRO L 151 -35.18 -1.10 -68.56
C PRO L 151 -35.37 -2.59 -68.84
N HIS L 152 -34.66 -3.12 -69.85
CA HIS L 152 -35.00 -4.44 -70.38
C HIS L 152 -33.77 -5.34 -70.49
N PHE L 153 -32.68 -4.87 -71.12
CA PHE L 153 -31.52 -5.73 -71.27
C PHE L 153 -30.27 -4.90 -71.52
N VAL L 154 -29.13 -5.49 -71.17
CA VAL L 154 -27.81 -4.92 -71.36
C VAL L 154 -27.01 -5.91 -72.19
N VAL L 155 -26.25 -5.40 -73.16
CA VAL L 155 -25.32 -6.19 -73.94
C VAL L 155 -23.93 -5.58 -73.82
N MET L 156 -22.95 -6.40 -73.49
CA MET L 156 -21.60 -5.93 -73.22
C MET L 156 -20.58 -6.71 -74.03
N GLY L 157 -19.54 -6.00 -74.47
CA GLY L 157 -18.38 -6.59 -75.12
C GLY L 157 -18.59 -7.10 -76.53
N GLY L 158 -17.52 -7.16 -77.32
CA GLY L 158 -17.61 -7.56 -78.71
C GLY L 158 -18.39 -6.56 -79.56
N THR L 159 -18.98 -7.08 -80.63
CA THR L 159 -19.90 -6.31 -81.48
C THR L 159 -21.30 -6.38 -80.87
N THR L 160 -21.73 -5.26 -80.27
CA THR L 160 -23.00 -5.17 -79.53
C THR L 160 -24.21 -4.88 -80.43
N GLU L 161 -24.00 -4.34 -81.65
CA GLU L 161 -25.15 -3.98 -82.49
C GLU L 161 -26.02 -5.18 -82.84
N PRO L 162 -25.50 -6.28 -83.44
CA PRO L 162 -26.44 -7.32 -83.90
C PRO L 162 -27.18 -7.99 -82.76
N ILE L 163 -26.47 -8.25 -81.66
CA ILE L 163 -27.08 -8.85 -80.49
C ILE L 163 -28.15 -7.92 -79.92
N ALA L 164 -27.85 -6.62 -79.85
CA ALA L 164 -28.80 -5.67 -79.30
C ALA L 164 -30.06 -5.59 -80.16
N ASN L 165 -29.91 -5.71 -81.48
CA ASN L 165 -31.08 -5.64 -82.36
C ASN L 165 -31.92 -6.92 -82.29
N ALA L 166 -31.26 -8.09 -82.37
CA ALA L 166 -31.96 -9.37 -82.23
C ALA L 166 -32.75 -9.41 -80.92
N LEU L 167 -32.16 -8.92 -79.83
CA LEU L 167 -32.88 -8.82 -78.56
C LEU L 167 -34.04 -7.83 -78.67
N LYS L 168 -33.83 -6.74 -79.42
CA LYS L 168 -34.87 -5.74 -79.61
C LYS L 168 -36.12 -6.36 -80.25
N GLU L 169 -35.96 -7.32 -81.17
CA GLU L 169 -37.10 -7.99 -81.82
C GLU L 169 -37.71 -9.12 -80.99
N SER L 170 -36.86 -9.97 -80.39
CA SER L 170 -37.23 -11.12 -79.56
C SER L 170 -37.65 -10.82 -78.11
N TYR L 171 -37.27 -9.68 -77.52
CA TYR L 171 -37.54 -9.48 -76.09
C TYR L 171 -39.04 -9.47 -75.79
N ALA L 172 -39.41 -10.08 -74.65
CA ALA L 172 -40.79 -10.12 -74.18
C ALA L 172 -40.82 -10.06 -72.65
N GLU L 173 -41.50 -9.06 -72.09
CA GLU L 173 -41.49 -8.95 -70.64
C GLU L 173 -42.28 -10.10 -70.04
N ASN L 174 -41.78 -10.61 -68.92
CA ASN L 174 -42.46 -11.71 -68.23
C ASN L 174 -42.32 -13.00 -69.04
N ALA L 175 -41.27 -13.11 -69.84
CA ALA L 175 -40.95 -14.38 -70.47
C ALA L 175 -40.44 -15.36 -69.41
N SER L 176 -40.76 -16.64 -69.59
CA SER L 176 -40.28 -17.59 -68.59
C SER L 176 -38.77 -17.75 -68.70
N LEU L 177 -38.22 -18.61 -67.83
CA LEU L 177 -36.77 -18.83 -67.81
C LEU L 177 -36.28 -19.49 -69.11
N THR L 178 -37.05 -20.45 -69.63
CA THR L 178 -36.63 -21.17 -70.84
C THR L 178 -36.71 -20.26 -72.06
N ASP L 179 -37.79 -19.47 -72.17
CA ASP L 179 -37.95 -18.57 -73.31
C ASP L 179 -36.87 -17.50 -73.32
N ALA L 180 -36.64 -16.87 -72.17
CA ALA L 180 -35.58 -15.87 -72.07
C ALA L 180 -34.22 -16.47 -72.35
N LEU L 181 -34.01 -17.75 -71.99
CA LEU L 181 -32.73 -18.39 -72.33
C LEU L 181 -32.61 -18.59 -73.83
N ARG L 182 -33.70 -19.02 -74.50
CA ARG L 182 -33.66 -19.19 -75.95
C ARG L 182 -33.42 -17.87 -76.65
N ILE L 183 -34.14 -16.82 -76.24
CA ILE L 183 -33.97 -15.50 -76.82
C ILE L 183 -32.55 -15.01 -76.65
N ALA L 184 -31.98 -15.21 -75.45
CA ALA L 184 -30.65 -14.69 -75.15
C ALA L 184 -29.56 -15.44 -75.91
N VAL L 185 -29.68 -16.77 -76.01
CA VAL L 185 -28.69 -17.53 -76.76
C VAL L 185 -28.81 -17.22 -78.25
N ALA L 186 -30.04 -17.12 -78.74
CA ALA L 186 -30.27 -16.81 -80.15
C ALA L 186 -29.66 -15.45 -80.50
N ALA L 187 -30.01 -14.40 -79.74
CA ALA L 187 -29.49 -13.07 -80.02
C ALA L 187 -27.98 -13.02 -79.81
N LEU L 188 -27.45 -13.86 -78.92
CA LEU L 188 -26.01 -13.90 -78.69
C LEU L 188 -25.28 -14.49 -79.91
N ARG L 189 -25.94 -15.43 -80.61
CA ARG L 189 -25.34 -16.04 -81.78
C ARG L 189 -25.18 -15.05 -82.93
N ALA L 190 -26.09 -14.09 -83.06
CA ALA L 190 -26.06 -13.13 -84.15
C ALA L 190 -24.67 -12.49 -84.32
N LEU L 203 -25.32 -20.96 -79.24
CA LEU L 203 -24.25 -21.80 -79.76
C LEU L 203 -24.30 -23.21 -79.17
N GLY L 204 -23.12 -23.81 -79.02
CA GLY L 204 -23.00 -25.15 -78.47
C GLY L 204 -23.28 -25.18 -76.99
N VAL L 205 -23.64 -26.36 -76.47
CA VAL L 205 -23.93 -26.50 -75.05
C VAL L 205 -22.70 -26.16 -74.20
N ALA L 206 -21.53 -26.54 -74.70
CA ALA L 206 -20.28 -26.25 -74.01
C ALA L 206 -19.91 -24.77 -74.12
N SER L 207 -19.06 -24.32 -73.20
CA SER L 207 -18.57 -22.93 -73.14
C SER L 207 -19.63 -21.83 -72.97
N LEU L 208 -20.66 -22.09 -72.17
CA LEU L 208 -21.70 -21.12 -71.90
C LEU L 208 -21.76 -20.84 -70.39
N GLU L 209 -21.76 -19.58 -69.98
CA GLU L 209 -21.83 -19.32 -68.55
C GLU L 209 -23.20 -18.71 -68.31
N VAL L 210 -24.05 -19.42 -67.59
CA VAL L 210 -25.42 -18.98 -67.37
C VAL L 210 -25.72 -18.96 -65.88
N ALA L 211 -26.29 -17.84 -65.42
CA ALA L 211 -26.69 -17.68 -64.04
C ALA L 211 -27.94 -16.81 -63.99
N VAL L 212 -28.65 -16.87 -62.87
CA VAL L 212 -29.86 -16.09 -62.70
C VAL L 212 -29.83 -15.34 -61.38
N LEU L 213 -30.58 -14.25 -61.32
CA LEU L 213 -30.94 -13.58 -60.07
C LEU L 213 -32.40 -13.94 -59.83
N ASP L 214 -32.63 -15.10 -59.25
CA ASP L 214 -33.97 -15.64 -59.04
C ASP L 214 -34.63 -14.86 -57.91
N ALA L 215 -35.66 -14.06 -58.24
CA ALA L 215 -36.32 -13.26 -57.22
C ALA L 215 -37.07 -14.10 -56.20
N ASN L 216 -37.23 -15.40 -56.44
CA ASN L 216 -38.05 -16.22 -55.55
C ASN L 216 -37.25 -16.81 -54.40
N ARG L 217 -35.92 -16.77 -54.46
CA ARG L 217 -35.09 -17.32 -53.40
C ARG L 217 -35.30 -16.48 -52.14
N PRO L 218 -35.18 -17.09 -50.96
CA PRO L 218 -35.41 -16.33 -49.72
C PRO L 218 -34.38 -15.22 -49.47
N ARG L 219 -33.09 -15.52 -49.62
CA ARG L 219 -32.07 -14.51 -49.32
C ARG L 219 -31.10 -14.31 -50.47
N ARG L 220 -30.20 -15.27 -50.70
CA ARG L 220 -29.21 -15.22 -51.77
C ARG L 220 -29.88 -15.58 -53.10
N ALA L 221 -30.07 -14.58 -53.96
CA ALA L 221 -30.80 -14.73 -55.22
C ALA L 221 -29.98 -15.30 -56.36
N PHE L 222 -28.67 -15.09 -56.33
CA PHE L 222 -27.82 -15.53 -57.43
C PHE L 222 -27.74 -17.06 -57.45
N ARG L 223 -27.80 -17.65 -58.66
CA ARG L 223 -27.81 -19.11 -58.76
C ARG L 223 -27.33 -19.51 -60.15
N ARG L 224 -26.26 -20.30 -60.21
CA ARG L 224 -25.74 -20.74 -61.51
C ARG L 224 -26.56 -21.90 -62.06
N ILE L 225 -26.64 -21.95 -63.38
CA ILE L 225 -27.34 -23.01 -64.12
C ILE L 225 -26.31 -23.64 -65.04
N THR L 226 -25.79 -24.81 -64.63
CA THR L 226 -24.69 -25.47 -65.33
C THR L 226 -25.02 -26.93 -65.57
N GLY L 227 -24.24 -27.56 -66.46
CA GLY L 227 -24.37 -28.97 -66.78
C GLY L 227 -25.60 -29.57 -67.41
N SER L 228 -26.00 -30.72 -66.86
CA SER L 228 -27.13 -31.51 -67.36
C SER L 228 -28.45 -30.77 -67.33
N ALA L 229 -28.72 -30.03 -66.26
CA ALA L 229 -29.97 -29.29 -66.17
C ALA L 229 -30.04 -28.26 -67.28
N LEU L 230 -28.92 -27.57 -67.52
CA LEU L 230 -28.84 -26.57 -68.57
C LEU L 230 -29.06 -27.24 -69.92
N GLN L 231 -28.46 -28.41 -70.12
CA GLN L 231 -28.62 -29.12 -71.37
C GLN L 231 -30.09 -29.49 -71.59
N ALA L 232 -30.75 -29.94 -70.54
CA ALA L 232 -32.17 -30.31 -70.61
C ALA L 232 -33.01 -29.09 -70.97
N LEU L 233 -32.68 -27.96 -70.37
CA LEU L 233 -33.40 -26.72 -70.63
C LEU L 233 -33.23 -26.31 -72.10
N LEU L 234 -32.02 -26.48 -72.61
CA LEU L 234 -31.74 -26.12 -74.00
C LEU L 234 -31.84 -27.33 -74.91
N PRO M 4 4.95 20.81 -67.19
CA PRO M 4 4.32 20.46 -68.45
C PRO M 4 4.49 21.57 -69.49
N TYR M 5 4.63 22.80 -69.01
CA TYR M 5 4.81 23.95 -69.89
C TYR M 5 5.98 23.73 -70.86
N PHE M 6 5.66 23.68 -72.14
CA PHE M 6 6.68 23.48 -73.17
C PHE M 6 6.39 24.32 -74.41
N ILE M 7 5.15 24.24 -74.90
CA ILE M 7 4.75 24.98 -76.08
C ILE M 7 4.25 26.38 -75.70
N SER M 8 3.08 26.43 -75.08
CA SER M 8 2.49 27.71 -74.67
C SER M 8 1.46 27.50 -73.57
N PRO M 9 1.80 27.92 -72.35
CA PRO M 9 0.90 27.79 -71.21
C PRO M 9 -0.40 28.55 -71.41
N GLU M 10 -0.32 29.76 -71.97
CA GLU M 10 -1.50 30.57 -72.21
C GLU M 10 -2.42 29.88 -73.21
N GLN M 11 -1.82 29.31 -74.25
CA GLN M 11 -2.56 28.59 -75.27
C GLN M 11 -3.25 27.38 -74.65
N ALA M 12 -2.53 26.69 -73.77
CA ALA M 12 -3.08 25.53 -73.09
C ALA M 12 -4.26 25.93 -72.24
N MET M 13 -4.16 27.06 -71.55
CA MET M 13 -5.22 27.57 -70.71
C MET M 13 -6.45 27.88 -71.56
N ARG M 14 -6.23 28.48 -72.73
CA ARG M 14 -7.32 28.80 -73.63
C ARG M 14 -8.02 27.52 -74.09
N GLU M 15 -7.22 26.51 -74.40
CA GLU M 15 -7.76 25.23 -74.83
C GLU M 15 -8.60 24.61 -73.72
N ARG M 16 -8.11 24.71 -72.48
CA ARG M 16 -8.82 24.17 -71.34
C ARG M 16 -10.16 24.87 -71.20
N SER M 17 -10.16 26.19 -71.36
CA SER M 17 -11.40 26.94 -71.23
C SER M 17 -12.39 26.49 -72.31
N GLU M 18 -11.89 26.31 -73.53
CA GLU M 18 -12.77 25.90 -74.62
C GLU M 18 -13.37 24.52 -74.33
N LEU M 19 -12.54 23.62 -73.82
CA LEU M 19 -13.00 22.27 -73.50
C LEU M 19 -14.10 22.32 -72.44
N ALA M 20 -13.87 23.15 -71.44
CA ALA M 20 -14.84 23.29 -70.35
C ALA M 20 -16.15 23.83 -70.89
N ARG M 21 -16.05 24.81 -71.78
CA ARG M 21 -17.24 25.41 -72.37
C ARG M 21 -18.03 24.37 -73.15
N LYS M 22 -17.32 23.54 -73.91
CA LYS M 22 -17.98 22.51 -74.70
C LYS M 22 -18.69 21.53 -73.79
N GLY M 23 -18.03 21.15 -72.69
CA GLY M 23 -18.64 20.22 -71.76
C GLY M 23 -19.90 20.81 -71.17
N ILE M 24 -19.86 22.08 -70.79
CA ILE M 24 -21.02 22.73 -70.21
C ILE M 24 -22.17 22.80 -71.21
N ALA M 25 -21.83 23.07 -72.47
CA ALA M 25 -22.84 23.22 -73.54
C ALA M 25 -23.67 21.97 -73.85
N ARG M 26 -23.04 20.81 -73.89
CA ARG M 26 -23.76 19.58 -74.19
C ARG M 26 -24.34 18.98 -72.90
N ALA M 27 -25.38 19.59 -72.37
CA ALA M 27 -26.01 19.11 -71.15
C ALA M 27 -27.46 19.55 -71.00
N LYS M 28 -28.20 18.86 -70.14
CA LYS M 28 -29.60 19.21 -69.89
C LYS M 28 -29.68 20.56 -69.20
N SER M 29 -30.73 21.31 -69.49
CA SER M 29 -30.87 22.66 -68.95
C SER M 29 -31.66 22.65 -67.65
N VAL M 30 -31.25 23.51 -66.73
CA VAL M 30 -31.90 23.67 -65.43
C VAL M 30 -32.21 25.15 -65.25
N VAL M 31 -33.35 25.44 -64.63
CA VAL M 31 -33.66 26.82 -64.26
C VAL M 31 -34.05 26.90 -62.80
N ALA M 32 -33.74 28.03 -62.18
CA ALA M 32 -34.14 28.32 -60.82
C ALA M 32 -34.64 29.75 -60.79
N LEU M 33 -35.83 29.98 -60.24
CA LEU M 33 -36.38 31.32 -60.22
C LEU M 33 -37.13 31.62 -58.93
N ALA M 34 -37.16 32.89 -58.56
CA ALA M 34 -37.85 33.30 -57.35
C ALA M 34 -39.34 33.46 -57.61
N TYR M 35 -40.15 32.98 -56.68
CA TYR M 35 -41.58 33.14 -56.71
C TYR M 35 -42.06 33.41 -55.29
N ALA M 36 -43.38 33.61 -55.18
CA ALA M 36 -43.96 34.12 -53.94
C ALA M 36 -43.56 33.28 -52.74
N GLY M 37 -43.64 31.95 -52.85
CA GLY M 37 -43.33 31.09 -51.73
C GLY M 37 -41.88 30.70 -51.54
N GLY M 38 -40.98 31.21 -52.37
CA GLY M 38 -39.57 30.92 -52.22
C GLY M 38 -38.82 30.84 -53.53
N VAL M 39 -38.21 29.70 -53.81
CA VAL M 39 -37.45 29.47 -55.03
C VAL M 39 -37.90 28.16 -55.67
N LEU M 40 -37.91 28.13 -57.00
CA LEU M 40 -38.38 26.98 -57.77
C LEU M 40 -37.27 26.49 -58.68
N PHE M 41 -36.95 25.19 -58.57
CA PHE M 41 -36.02 24.51 -59.45
C PHE M 41 -36.78 23.63 -60.42
N VAL M 42 -36.53 23.81 -61.72
CA VAL M 42 -37.14 23.01 -62.77
C VAL M 42 -36.05 22.58 -63.73
N ALA M 43 -35.78 21.28 -63.76
CA ALA M 43 -34.73 20.71 -64.58
C ALA M 43 -35.32 19.69 -65.54
N GLU M 44 -34.69 19.57 -66.68
CA GLU M 44 -35.04 18.58 -67.70
C GLU M 44 -34.23 17.32 -67.42
N ASN M 45 -34.88 16.32 -66.84
CA ASN M 45 -34.20 15.14 -66.32
C ASN M 45 -35.00 13.88 -66.66
N PRO M 46 -34.49 13.02 -67.56
CA PRO M 46 -35.24 11.81 -67.95
C PRO M 46 -35.19 10.68 -66.93
N SER M 47 -34.00 10.43 -66.34
CA SER M 47 -33.83 9.35 -65.38
C SER M 47 -34.71 9.57 -64.14
N ARG M 48 -35.01 8.47 -63.46
CA ARG M 48 -35.77 8.50 -62.22
C ARG M 48 -34.89 8.38 -60.99
N SER M 49 -33.68 7.87 -61.13
CA SER M 49 -32.74 7.71 -60.03
C SER M 49 -31.73 8.85 -59.92
N LEU M 50 -31.23 9.35 -61.05
CA LEU M 50 -30.20 10.39 -61.07
C LEU M 50 -30.85 11.76 -61.00
N GLN M 51 -30.43 12.56 -60.05
CA GLN M 51 -31.06 13.84 -59.76
C GLN M 51 -30.05 14.99 -59.87
N LYS M 52 -30.54 16.16 -60.30
CA LYS M 52 -29.74 17.36 -60.43
C LYS M 52 -30.21 18.49 -59.52
N ILE M 53 -31.05 18.20 -58.54
CA ILE M 53 -31.53 19.20 -57.59
C ILE M 53 -31.49 18.58 -56.21
N SER M 54 -31.03 19.33 -55.21
CA SER M 54 -30.82 18.67 -53.92
C SER M 54 -30.93 19.65 -52.78
N GLU M 55 -31.40 19.15 -51.65
CA GLU M 55 -31.29 19.86 -50.38
C GLU M 55 -29.83 19.95 -49.97
N LEU M 56 -29.41 21.12 -49.50
CA LEU M 56 -28.09 21.25 -48.89
C LEU M 56 -28.18 21.45 -47.39
N TYR M 57 -29.01 22.38 -46.96
CA TYR M 57 -29.24 22.58 -45.54
C TYR M 57 -30.66 23.06 -45.39
N ASP M 58 -31.05 23.34 -44.15
CA ASP M 58 -32.43 23.68 -43.82
C ASP M 58 -33.09 24.57 -44.87
N ARG M 59 -32.45 25.70 -45.22
CA ARG M 59 -33.05 26.66 -46.14
C ARG M 59 -32.21 26.85 -47.40
N VAL M 60 -31.22 25.98 -47.64
CA VAL M 60 -30.30 26.16 -48.75
C VAL M 60 -30.46 24.99 -49.70
N GLY M 61 -30.78 25.29 -50.96
CA GLY M 61 -30.93 24.30 -52.00
C GLY M 61 -29.82 24.44 -53.04
N PHE M 62 -29.80 23.50 -53.99
CA PHE M 62 -28.65 23.33 -54.87
C PHE M 62 -29.10 22.70 -56.18
N ALA M 63 -28.71 23.31 -57.30
CA ALA M 63 -28.93 22.71 -58.61
C ALA M 63 -27.65 22.78 -59.41
N ALA M 64 -27.50 21.86 -60.35
CA ALA M 64 -26.25 21.76 -61.10
C ALA M 64 -26.52 21.21 -62.48
N ALA M 65 -25.54 21.47 -63.34
CA ALA M 65 -25.59 21.04 -64.73
C ALA M 65 -24.16 20.76 -65.21
N GLY M 66 -23.99 19.57 -65.75
CA GLY M 66 -22.75 19.20 -66.38
C GLY M 66 -22.61 17.70 -66.39
N LYS M 67 -21.45 17.25 -65.92
CA LYS M 67 -21.04 15.86 -65.70
C LYS M 67 -21.55 15.31 -64.36
N PHE M 68 -22.41 14.28 -64.40
CA PHE M 68 -23.12 13.89 -63.18
C PHE M 68 -22.19 13.51 -62.03
N ASN M 69 -21.22 12.60 -62.28
CA ASN M 69 -20.32 12.21 -61.19
C ASN M 69 -19.64 13.41 -60.50
N GLU M 70 -19.38 14.50 -61.24
CA GLU M 70 -18.61 15.58 -60.61
C GLU M 70 -19.51 16.51 -59.82
N PHE M 71 -20.59 16.94 -60.47
CA PHE M 71 -21.55 17.81 -59.84
C PHE M 71 -22.15 17.05 -58.66
N ASP M 72 -22.32 15.75 -58.82
CA ASP M 72 -22.82 14.90 -57.74
C ASP M 72 -21.81 14.92 -56.59
N ASN M 73 -20.53 14.84 -56.93
CA ASN M 73 -19.47 14.85 -55.93
C ASN M 73 -19.47 16.18 -55.18
N LEU M 74 -19.66 17.29 -55.87
CA LEU M 74 -19.71 18.57 -55.18
C LEU M 74 -20.92 18.54 -54.26
N ARG M 75 -22.05 18.06 -54.76
CA ARG M 75 -23.25 17.92 -53.92
C ARG M 75 -22.88 17.30 -52.57
N ARG M 76 -22.14 16.20 -52.62
CA ARG M 76 -21.77 15.51 -51.39
C ARG M 76 -20.85 16.35 -50.52
N GLY M 77 -19.82 16.94 -51.13
CA GLY M 77 -18.94 17.82 -50.37
C GLY M 77 -19.68 18.94 -49.69
N GLY M 78 -20.65 19.54 -50.38
CA GLY M 78 -21.41 20.63 -49.79
C GLY M 78 -22.24 20.17 -48.63
N ILE M 79 -22.92 19.03 -48.78
CA ILE M 79 -23.66 18.44 -47.67
C ILE M 79 -22.76 18.24 -46.47
N GLN M 80 -21.62 17.58 -46.69
CA GLN M 80 -20.62 17.40 -45.64
C GLN M 80 -20.30 18.72 -44.94
N PHE M 81 -19.89 19.78 -45.62
CA PHE M 81 -19.46 20.95 -44.85
C PHE M 81 -20.51 21.55 -43.93
N ALA M 82 -21.73 21.65 -44.41
CA ALA M 82 -22.78 22.24 -43.61
C ALA M 82 -23.08 21.52 -42.31
N ASP M 83 -23.15 20.19 -42.33
CA ASP M 83 -23.49 19.48 -41.09
C ASP M 83 -22.45 19.69 -40.00
N THR M 84 -21.18 19.58 -40.35
CA THR M 84 -20.15 19.77 -39.36
C THR M 84 -20.17 21.19 -38.84
N ARG M 85 -20.34 22.15 -39.75
CA ARG M 85 -20.36 23.53 -39.30
C ARG M 85 -21.51 23.78 -38.33
N GLY M 86 -22.68 23.24 -38.65
CA GLY M 86 -23.84 23.43 -37.82
C GLY M 86 -23.61 22.83 -36.45
N TYR M 87 -23.03 21.63 -36.42
CA TYR M 87 -22.80 20.99 -35.15
C TYR M 87 -21.85 21.82 -34.30
N ALA M 88 -20.80 22.36 -34.91
CA ALA M 88 -19.87 23.18 -34.15
C ALA M 88 -20.50 24.49 -33.64
N TYR M 89 -21.30 25.16 -34.47
CA TYR M 89 -21.92 26.42 -34.04
C TYR M 89 -23.43 26.30 -34.00
N ASP M 90 -24.11 26.36 -35.15
CA ASP M 90 -25.55 26.13 -35.05
C ASP M 90 -26.16 26.12 -36.45
N ARG M 91 -27.43 25.70 -36.51
CA ARG M 91 -28.07 25.55 -37.81
C ARG M 91 -28.26 26.89 -38.50
N ARG M 92 -28.77 27.89 -37.77
CA ARG M 92 -29.00 29.21 -38.34
C ARG M 92 -27.72 29.96 -38.68
N ASP M 93 -26.54 29.38 -38.44
CA ASP M 93 -25.30 30.04 -38.81
C ASP M 93 -24.84 29.70 -40.22
N VAL M 94 -25.19 28.52 -40.72
CA VAL M 94 -24.89 28.15 -42.10
C VAL M 94 -25.80 28.94 -43.02
N THR M 95 -25.21 29.62 -43.98
CA THR M 95 -25.94 30.49 -44.90
C THR M 95 -25.61 30.07 -46.32
N GLY M 96 -26.48 30.43 -47.27
CA GLY M 96 -26.22 30.13 -48.66
C GLY M 96 -24.94 30.79 -49.16
N ARG M 97 -24.61 31.94 -48.57
CA ARG M 97 -23.44 32.69 -48.98
C ARG M 97 -22.14 31.94 -48.69
N GLN M 98 -22.00 31.40 -47.48
CA GLN M 98 -20.80 30.69 -47.09
C GLN M 98 -20.58 29.47 -47.97
N LEU M 99 -21.65 28.74 -48.24
CA LEU M 99 -21.57 27.56 -49.09
C LEU M 99 -21.19 27.94 -50.52
N ALA M 100 -21.77 29.02 -51.02
CA ALA M 100 -21.52 29.44 -52.39
C ALA M 100 -20.05 29.75 -52.52
N ASN M 101 -19.52 30.43 -51.51
CA ASN M 101 -18.11 30.78 -51.45
C ASN M 101 -17.22 29.53 -51.43
N VAL M 102 -17.56 28.53 -50.63
CA VAL M 102 -16.67 27.38 -50.51
C VAL M 102 -16.46 26.64 -51.83
N TYR M 103 -17.55 26.49 -52.57
CA TYR M 103 -17.47 25.80 -53.82
C TYR M 103 -16.56 26.54 -54.77
N ALA M 104 -16.68 27.87 -54.84
CA ALA M 104 -15.86 28.60 -55.78
C ALA M 104 -14.37 28.48 -55.50
N GLN M 105 -13.98 28.62 -54.25
CA GLN M 105 -12.58 28.51 -53.91
C GLN M 105 -12.08 27.12 -54.21
N THR M 106 -12.88 26.12 -53.84
CA THR M 106 -12.44 24.75 -54.06
C THR M 106 -12.28 24.51 -55.55
N LEU M 107 -13.23 24.97 -56.34
CA LEU M 107 -13.18 24.74 -57.77
C LEU M 107 -11.94 25.38 -58.34
N GLY M 108 -11.65 26.62 -57.97
CA GLY M 108 -10.48 27.25 -58.55
C GLY M 108 -9.20 26.52 -58.21
N THR M 109 -9.04 26.17 -56.94
CA THR M 109 -7.80 25.49 -56.57
C THR M 109 -7.69 24.15 -57.24
N ILE M 110 -8.82 23.44 -57.28
CA ILE M 110 -8.86 22.13 -57.84
C ILE M 110 -8.49 22.21 -59.29
N PHE M 111 -9.05 23.16 -60.02
CA PHE M 111 -8.77 23.24 -61.44
C PHE M 111 -7.29 23.50 -61.65
N THR M 112 -6.73 24.44 -60.90
CA THR M 112 -5.32 24.77 -61.09
C THR M 112 -4.40 23.58 -60.81
N GLU M 113 -4.71 22.79 -59.79
CA GLU M 113 -3.84 21.64 -59.50
C GLU M 113 -4.20 20.28 -60.12
N GLN M 114 -5.40 20.17 -60.69
CA GLN M 114 -5.84 18.88 -61.22
C GLN M 114 -5.56 18.67 -62.68
N ALA M 115 -6.13 17.60 -63.22
CA ALA M 115 -5.83 17.35 -64.64
C ALA M 115 -6.92 17.93 -65.52
N LYS M 116 -8.16 17.56 -65.24
CA LYS M 116 -9.27 18.02 -66.06
C LYS M 116 -10.19 18.92 -65.24
N PRO M 117 -10.63 20.05 -65.80
CA PRO M 117 -11.54 20.92 -65.05
C PRO M 117 -12.94 20.34 -64.95
N TYR M 118 -13.61 20.62 -63.83
CA TYR M 118 -14.96 20.10 -63.63
C TYR M 118 -15.92 20.81 -64.58
N GLU M 119 -16.47 20.05 -65.53
CA GLU M 119 -17.42 20.57 -66.51
C GLU M 119 -18.79 20.73 -65.86
N VAL M 120 -18.83 21.61 -64.85
CA VAL M 120 -20.03 21.79 -64.05
C VAL M 120 -20.40 23.26 -63.95
N GLU M 121 -21.68 23.51 -63.68
CA GLU M 121 -22.21 24.83 -63.41
C GLU M 121 -23.18 24.68 -62.25
N LEU M 122 -22.98 25.48 -61.21
CA LEU M 122 -23.70 25.33 -59.96
C LEU M 122 -24.58 26.55 -59.71
N CYS M 123 -25.66 26.30 -58.98
CA CYS M 123 -26.56 27.32 -58.51
C CYS M 123 -26.90 26.99 -57.07
N VAL M 124 -26.57 27.89 -56.14
CA VAL M 124 -26.90 27.72 -54.75
C VAL M 124 -28.03 28.69 -54.43
N ALA M 125 -29.10 28.21 -53.81
CA ALA M 125 -30.25 29.05 -53.52
C ALA M 125 -30.51 29.08 -52.02
N GLU M 126 -31.02 30.23 -51.54
CA GLU M 126 -31.35 30.39 -50.15
C GLU M 126 -32.62 31.21 -50.01
N VAL M 127 -33.44 30.86 -49.03
CA VAL M 127 -34.65 31.60 -48.67
C VAL M 127 -34.56 31.99 -47.19
N ALA M 128 -35.49 32.81 -46.75
CA ALA M 128 -35.50 33.24 -45.35
C ALA M 128 -36.02 32.12 -44.46
N HIS M 129 -35.85 32.28 -43.14
CA HIS M 129 -36.35 31.31 -42.19
C HIS M 129 -37.85 31.48 -41.99
N TYR M 130 -38.44 30.65 -41.14
CA TYR M 130 -39.85 30.74 -40.85
C TYR M 130 -40.16 32.04 -40.09
N GLY M 131 -41.29 32.67 -40.43
CA GLY M 131 -41.71 33.90 -39.79
C GLY M 131 -40.79 35.10 -39.91
N GLU M 132 -40.09 35.18 -41.04
CA GLU M 132 -39.20 36.29 -41.29
C GLU M 132 -39.33 36.73 -42.74
N THR M 133 -39.01 37.98 -43.03
CA THR M 133 -39.11 38.49 -44.39
C THR M 133 -37.74 38.81 -44.98
N LYS M 134 -37.45 38.22 -46.14
CA LYS M 134 -36.17 38.47 -46.81
C LYS M 134 -36.29 37.91 -48.22
N ARG M 135 -35.58 38.56 -49.15
CA ARG M 135 -35.70 38.17 -50.56
C ARG M 135 -34.89 36.91 -50.84
N PRO M 136 -35.37 36.02 -51.72
CA PRO M 136 -34.57 34.84 -52.07
C PRO M 136 -33.27 35.25 -52.74
N GLU M 137 -32.20 34.53 -52.42
CA GLU M 137 -30.87 34.77 -52.98
C GLU M 137 -30.46 33.61 -53.86
N LEU M 138 -30.03 33.93 -55.08
CA LEU M 138 -29.52 32.95 -56.03
C LEU M 138 -28.08 33.31 -56.36
N TYR M 139 -27.20 32.32 -56.27
CA TYR M 139 -25.82 32.49 -56.69
C TYR M 139 -25.53 31.46 -57.77
N ARG M 140 -24.79 31.87 -58.79
CA ARG M 140 -24.28 30.95 -59.81
C ARG M 140 -22.76 30.87 -59.72
N ILE M 141 -22.24 29.66 -59.57
CA ILE M 141 -20.81 29.40 -59.53
C ILE M 141 -20.43 28.67 -60.80
N THR M 142 -19.46 29.22 -61.54
CA THR M 142 -19.02 28.61 -62.79
C THR M 142 -17.76 27.77 -62.55
N TYR M 143 -17.31 27.09 -63.62
CA TYR M 143 -16.29 26.05 -63.51
C TYR M 143 -14.95 26.58 -63.00
N ASP M 144 -14.63 27.85 -63.28
CA ASP M 144 -13.35 28.46 -62.89
C ASP M 144 -13.30 28.90 -61.45
N GLY M 145 -14.44 29.09 -60.79
CA GLY M 145 -14.48 29.70 -59.48
C GLY M 145 -15.25 31.00 -59.42
N SER M 146 -15.64 31.55 -60.57
CA SER M 146 -16.42 32.78 -60.59
C SER M 146 -17.78 32.57 -59.96
N ILE M 147 -18.26 33.61 -59.28
CA ILE M 147 -19.53 33.55 -58.59
C ILE M 147 -20.30 34.83 -58.89
N ALA M 148 -21.59 34.68 -59.21
CA ALA M 148 -22.42 35.81 -59.62
C ALA M 148 -23.71 35.82 -58.81
N ASP M 149 -24.13 37.02 -58.39
CA ASP M 149 -25.33 37.19 -57.57
C ASP M 149 -26.49 37.55 -58.47
N GLU M 150 -27.52 36.69 -58.47
CA GLU M 150 -28.65 36.79 -59.39
C GLU M 150 -29.87 37.25 -58.64
N PRO M 151 -30.63 38.22 -59.16
CA PRO M 151 -31.77 38.73 -58.40
C PRO M 151 -33.07 37.98 -58.66
N HIS M 152 -33.17 37.32 -59.82
CA HIS M 152 -34.46 36.82 -60.28
C HIS M 152 -34.40 35.35 -60.70
N PHE M 153 -33.45 34.98 -61.57
CA PHE M 153 -33.40 33.59 -62.01
C PHE M 153 -32.01 33.24 -62.53
N VAL M 154 -31.70 31.95 -62.47
CA VAL M 154 -30.46 31.37 -62.97
C VAL M 154 -30.83 30.31 -63.99
N VAL M 155 -30.11 30.27 -65.10
CA VAL M 155 -30.24 29.22 -66.09
C VAL M 155 -28.88 28.56 -66.29
N MET M 156 -28.86 27.24 -66.22
CA MET M 156 -27.61 26.49 -66.28
C MET M 156 -27.68 25.40 -67.34
N GLY M 157 -26.55 25.16 -67.99
CA GLY M 157 -26.37 24.04 -68.91
C GLY M 157 -27.09 24.16 -70.23
N GLY M 158 -26.57 23.48 -71.26
CA GLY M 158 -27.13 23.56 -72.60
C GLY M 158 -26.96 24.95 -73.21
N THR M 159 -27.87 25.27 -74.13
CA THR M 159 -27.99 26.61 -74.71
C THR M 159 -28.82 27.49 -73.78
N THR M 160 -28.15 28.41 -73.07
CA THR M 160 -28.78 29.26 -72.05
C THR M 160 -29.44 30.52 -72.63
N GLU M 161 -29.07 30.95 -73.85
CA GLU M 161 -29.62 32.20 -74.38
C GLU M 161 -31.14 32.14 -74.54
N PRO M 162 -31.73 31.18 -75.27
CA PRO M 162 -33.18 31.29 -75.51
C PRO M 162 -34.01 31.19 -74.25
N ILE M 163 -33.61 30.27 -73.35
CA ILE M 163 -34.29 30.11 -72.09
C ILE M 163 -34.17 31.39 -71.26
N ALA M 164 -32.98 31.98 -71.23
CA ALA M 164 -32.76 33.20 -70.44
C ALA M 164 -33.60 34.35 -70.97
N ASN M 165 -33.79 34.42 -72.29
CA ASN M 165 -34.59 35.50 -72.86
C ASN M 165 -36.08 35.30 -72.62
N ALA M 166 -36.58 34.08 -72.90
CA ALA M 166 -37.98 33.75 -72.60
C ALA M 166 -38.33 34.04 -71.15
N LEU M 167 -37.43 33.71 -70.22
CA LEU M 167 -37.64 34.06 -68.81
C LEU M 167 -37.61 35.57 -68.64
N LYS M 168 -36.74 36.25 -69.38
CA LYS M 168 -36.67 37.71 -69.29
C LYS M 168 -38.00 38.38 -69.63
N GLU M 169 -38.76 37.82 -70.58
CA GLU M 169 -40.09 38.36 -70.95
C GLU M 169 -41.22 37.93 -70.03
N SER M 170 -41.26 36.64 -69.67
CA SER M 170 -42.27 36.01 -68.80
C SER M 170 -42.08 36.22 -67.29
N TYR M 171 -40.89 36.56 -66.78
CA TYR M 171 -40.71 36.61 -65.32
C TYR M 171 -41.61 37.67 -64.67
N ALA M 172 -42.16 37.32 -63.49
CA ALA M 172 -42.97 38.24 -62.69
C ALA M 172 -42.73 37.99 -61.21
N GLU M 173 -42.33 39.02 -60.48
CA GLU M 173 -42.03 38.81 -59.07
C GLU M 173 -43.31 38.54 -58.32
N ASN M 174 -43.25 37.62 -57.37
CA ASN M 174 -44.42 37.27 -56.57
C ASN M 174 -45.44 36.51 -57.40
N ALA M 175 -44.97 35.81 -58.43
CA ALA M 175 -45.84 34.88 -59.15
C ALA M 175 -46.12 33.67 -58.27
N SER M 176 -47.33 33.13 -58.39
CA SER M 176 -47.62 31.97 -57.55
C SER M 176 -46.81 30.76 -58.02
N LEU M 177 -47.01 29.64 -57.34
CA LEU M 177 -46.27 28.41 -57.66
C LEU M 177 -46.65 27.88 -59.05
N THR M 178 -47.94 27.93 -59.39
CA THR M 178 -48.39 27.41 -60.67
C THR M 178 -47.91 28.29 -61.83
N ASP M 179 -47.99 29.62 -61.67
CA ASP M 179 -47.56 30.53 -62.71
C ASP M 179 -46.06 30.42 -62.96
N ALA M 180 -45.28 30.42 -61.88
CA ALA M 180 -43.84 30.27 -62.01
C ALA M 180 -43.47 28.92 -62.63
N LEU M 181 -44.27 27.88 -62.35
CA LEU M 181 -44.02 26.59 -63.00
C LEU M 181 -44.31 26.67 -64.50
N ARG M 182 -45.40 27.33 -64.89
CA ARG M 182 -45.71 27.47 -66.31
C ARG M 182 -44.65 28.28 -67.03
N ILE M 183 -44.23 29.40 -66.44
CA ILE M 183 -43.20 30.24 -67.01
C ILE M 183 -41.91 29.46 -67.17
N ALA M 184 -41.53 28.68 -66.15
CA ALA M 184 -40.26 27.96 -66.16
C ALA M 184 -40.27 26.83 -67.17
N VAL M 185 -41.37 26.09 -67.28
CA VAL M 185 -41.43 25.01 -68.26
C VAL M 185 -41.49 25.59 -69.67
N ALA M 186 -42.25 26.67 -69.85
CA ALA M 186 -42.35 27.31 -71.15
C ALA M 186 -40.97 27.80 -71.61
N ALA M 187 -40.28 28.58 -70.77
CA ALA M 187 -38.97 29.11 -71.14
C ALA M 187 -37.96 27.98 -71.31
N LEU M 188 -38.14 26.87 -70.57
CA LEU M 188 -37.25 25.73 -70.70
C LEU M 188 -37.41 25.05 -72.06
N ARG M 189 -38.64 25.07 -72.60
CA ARG M 189 -38.89 24.48 -73.91
C ARG M 189 -38.19 25.21 -75.05
N ALA M 190 -38.04 26.52 -74.92
CA ALA M 190 -37.44 27.33 -75.97
C ALA M 190 -36.11 26.75 -76.46
N LEU M 203 -42.31 20.80 -71.54
CA LEU M 203 -42.35 19.58 -72.33
C LEU M 203 -43.37 18.59 -71.76
N GLY M 204 -43.09 17.30 -71.92
CA GLY M 204 -43.96 16.26 -71.44
C GLY M 204 -43.95 16.15 -69.94
N VAL M 205 -45.01 15.55 -69.37
CA VAL M 205 -45.11 15.39 -67.92
C VAL M 205 -43.97 14.53 -67.40
N ALA M 206 -43.58 13.52 -68.17
CA ALA M 206 -42.47 12.64 -67.81
C ALA M 206 -41.13 13.36 -67.97
N SER M 207 -40.12 12.83 -67.30
CA SER M 207 -38.73 13.36 -67.33
C SER M 207 -38.53 14.82 -66.89
N LEU M 208 -39.26 15.22 -65.85
CA LEU M 208 -39.14 16.57 -65.30
C LEU M 208 -38.76 16.48 -63.82
N GLU M 209 -37.74 17.23 -63.38
CA GLU M 209 -37.38 17.15 -61.97
C GLU M 209 -37.74 18.52 -61.39
N VAL M 210 -38.72 18.56 -60.51
CA VAL M 210 -39.22 19.80 -59.96
C VAL M 210 -39.18 19.75 -58.44
N ALA M 211 -38.61 20.79 -57.84
CA ALA M 211 -38.55 20.94 -56.39
C ALA M 211 -38.65 22.40 -56.03
N VAL M 212 -39.00 22.67 -54.78
CA VAL M 212 -39.13 24.04 -54.30
C VAL M 212 -38.35 24.23 -53.01
N LEU M 213 -37.97 25.48 -52.75
CA LEU M 213 -37.51 25.92 -51.43
C LEU M 213 -38.67 26.73 -50.87
N ASP M 214 -39.63 26.03 -50.27
CA ASP M 214 -40.84 26.65 -49.76
C ASP M 214 -40.51 27.42 -48.49
N ALA M 215 -40.58 28.75 -48.54
CA ALA M 215 -40.24 29.56 -47.38
C ALA M 215 -41.23 29.37 -46.22
N ASN M 216 -42.35 28.71 -46.44
CA ASN M 216 -43.36 28.62 -45.39
C ASN M 216 -43.15 27.42 -44.48
N ARG M 217 -42.30 26.47 -44.87
CA ARG M 217 -42.06 25.30 -44.05
C ARG M 217 -41.38 25.74 -42.75
N PRO M 218 -41.61 25.03 -41.65
CA PRO M 218 -40.99 25.44 -40.38
C PRO M 218 -39.47 25.34 -40.36
N ARG M 219 -38.90 24.22 -40.81
CA ARG M 219 -37.45 24.05 -40.75
C ARG M 219 -36.85 23.68 -42.10
N ARG M 220 -37.06 22.44 -42.55
CA ARG M 220 -36.54 21.96 -43.83
C ARG M 220 -37.41 22.49 -44.97
N ALA M 221 -36.88 23.43 -45.74
CA ALA M 221 -37.64 24.13 -46.78
C ALA M 221 -37.72 23.38 -48.10
N PHE M 222 -36.74 22.54 -48.39
CA PHE M 222 -36.70 21.83 -49.66
C PHE M 222 -37.81 20.80 -49.74
N ARG M 223 -38.47 20.71 -50.89
CA ARG M 223 -39.62 19.80 -51.03
C ARG M 223 -39.81 19.46 -52.50
N ARG M 224 -39.75 18.17 -52.85
CA ARG M 224 -39.95 17.76 -54.22
C ARG M 224 -41.43 17.73 -54.59
N ILE M 225 -41.70 18.03 -55.86
CA ILE M 225 -43.04 18.01 -56.43
C ILE M 225 -43.03 17.02 -57.58
N THR M 226 -43.53 15.80 -57.33
CA THR M 226 -43.45 14.71 -58.29
C THR M 226 -44.82 14.05 -58.48
N GLY M 227 -44.93 13.26 -59.53
CA GLY M 227 -46.14 12.50 -59.84
C GLY M 227 -47.46 13.16 -60.17
N SER M 228 -48.51 12.61 -59.57
CA SER M 228 -49.89 13.04 -59.80
C SER M 228 -50.15 14.49 -59.44
N ALA M 229 -49.60 14.95 -58.32
CA ALA M 229 -49.80 16.34 -57.91
C ALA M 229 -49.20 17.27 -58.95
N LEU M 230 -48.01 16.93 -59.44
CA LEU M 230 -47.35 17.71 -60.46
C LEU M 230 -48.18 17.73 -61.73
N GLN M 231 -48.73 16.57 -62.09
CA GLN M 231 -49.55 16.47 -63.29
C GLN M 231 -50.77 17.38 -63.16
N ALA M 232 -51.40 17.37 -61.98
CA ALA M 232 -52.57 18.19 -61.73
C ALA M 232 -52.22 19.66 -61.84
N LEU M 233 -51.05 20.03 -61.32
CA LEU M 233 -50.60 21.41 -61.38
C LEU M 233 -50.38 21.83 -62.82
N LEU M 234 -49.82 20.94 -63.62
CA LEU M 234 -49.56 21.22 -65.02
C LEU M 234 -50.68 20.71 -65.92
N PHE N 6 10.40 22.51 -75.02
CA PHE N 6 10.83 23.45 -73.99
C PHE N 6 10.85 24.89 -74.51
N ILE N 7 11.01 25.84 -73.60
CA ILE N 7 11.04 27.24 -73.97
C ILE N 7 11.99 28.03 -73.06
N SER N 8 12.06 29.34 -73.27
CA SER N 8 12.92 30.20 -72.48
C SER N 8 12.24 30.61 -71.17
N PRO N 9 13.03 30.69 -70.10
CA PRO N 9 12.51 31.06 -68.79
C PRO N 9 12.25 32.56 -68.68
N GLU N 10 13.16 33.38 -69.22
CA GLU N 10 12.99 34.82 -69.18
C GLU N 10 11.76 35.24 -69.96
N GLN N 11 11.57 34.61 -71.11
CA GLN N 11 10.42 34.88 -71.96
C GLN N 11 9.14 34.50 -71.22
N ALA N 12 9.18 33.35 -70.54
CA ALA N 12 8.03 32.89 -69.78
C ALA N 12 7.70 33.89 -68.67
N MET N 13 8.73 34.40 -68.01
CA MET N 13 8.54 35.37 -66.94
C MET N 13 7.90 36.64 -67.50
N ARG N 14 8.35 37.07 -68.67
CA ARG N 14 7.78 38.26 -69.30
C ARG N 14 6.30 38.02 -69.62
N GLU N 15 5.99 36.83 -70.12
CA GLU N 15 4.62 36.49 -70.43
C GLU N 15 3.76 36.51 -69.18
N ARG N 16 4.31 35.99 -68.07
CA ARG N 16 3.59 35.96 -66.80
C ARG N 16 3.30 37.38 -66.37
N SER N 17 4.29 38.26 -66.49
CA SER N 17 4.09 39.64 -66.09
C SER N 17 2.99 40.27 -66.92
N GLU N 18 3.00 40.02 -68.22
CA GLU N 18 1.99 40.60 -69.10
C GLU N 18 0.60 40.11 -68.71
N LEU N 19 0.50 38.81 -68.41
CA LEU N 19 -0.79 38.24 -68.03
C LEU N 19 -1.30 38.88 -66.74
N ALA N 20 -0.39 39.08 -65.80
CA ALA N 20 -0.76 39.68 -64.53
C ALA N 20 -1.24 41.11 -64.75
N ARG N 21 -0.55 41.83 -65.62
CA ARG N 21 -0.92 43.19 -65.92
C ARG N 21 -2.31 43.24 -66.52
N LYS N 22 -2.59 42.33 -67.44
CA LYS N 22 -3.90 42.30 -68.08
C LYS N 22 -4.98 42.03 -67.05
N GLY N 23 -4.71 41.10 -66.13
CA GLY N 23 -5.68 40.78 -65.10
C GLY N 23 -5.96 41.98 -64.23
N ILE N 24 -4.91 42.70 -63.86
CA ILE N 24 -5.07 43.89 -63.02
C ILE N 24 -5.88 44.96 -63.74
N ALA N 25 -5.62 45.11 -65.03
CA ALA N 25 -6.28 46.15 -65.85
C ALA N 25 -7.80 46.02 -65.99
N ARG N 26 -8.29 44.81 -66.19
CA ARG N 26 -9.73 44.60 -66.33
C ARG N 26 -10.38 44.41 -64.97
N ALA N 27 -10.51 45.49 -64.21
CA ALA N 27 -11.11 45.42 -62.88
C ALA N 27 -11.67 46.75 -62.41
N LYS N 28 -12.56 46.71 -61.41
CA LYS N 28 -13.14 47.91 -60.85
C LYS N 28 -12.06 48.72 -60.14
N SER N 29 -12.19 50.04 -60.17
CA SER N 29 -11.18 50.91 -59.59
C SER N 29 -11.52 51.27 -58.15
N VAL N 30 -10.48 51.34 -57.33
CA VAL N 30 -10.60 51.70 -55.92
C VAL N 30 -9.65 52.85 -55.65
N VAL N 31 -10.06 53.77 -54.78
CA VAL N 31 -9.16 54.82 -54.34
C VAL N 31 -9.16 54.90 -52.81
N ALA N 32 -8.00 55.29 -52.27
CA ALA N 32 -7.86 55.53 -50.85
C ALA N 32 -7.07 56.82 -50.68
N LEU N 33 -7.59 57.74 -49.86
CA LEU N 33 -6.91 59.02 -49.71
C LEU N 33 -6.99 59.53 -48.27
N ALA N 34 -5.98 60.31 -47.88
CA ALA N 34 -5.95 60.86 -46.55
C ALA N 34 -6.81 62.12 -46.48
N TYR N 35 -7.56 62.24 -45.39
CA TYR N 35 -8.35 63.43 -45.10
C TYR N 35 -8.26 63.70 -43.61
N ALA N 36 -8.93 64.77 -43.20
CA ALA N 36 -8.74 65.31 -41.86
C ALA N 36 -8.97 64.25 -40.78
N GLY N 37 -10.05 63.47 -40.90
CA GLY N 37 -10.37 62.49 -39.89
C GLY N 37 -9.72 61.13 -40.04
N GLY N 38 -8.87 60.94 -41.03
CA GLY N 38 -8.19 59.67 -41.21
C GLY N 38 -7.93 59.31 -42.65
N VAL N 39 -8.47 58.17 -43.08
CA VAL N 39 -8.31 57.68 -44.44
C VAL N 39 -9.68 57.28 -44.99
N LEU N 40 -9.89 57.51 -46.28
CA LEU N 40 -11.16 57.26 -46.95
C LEU N 40 -10.96 56.27 -48.10
N PHE N 41 -11.73 55.19 -48.08
CA PHE N 41 -11.78 54.21 -49.15
C PHE N 41 -13.07 54.38 -49.95
N VAL N 42 -12.94 54.56 -51.26
CA VAL N 42 -14.08 54.68 -52.17
C VAL N 42 -13.84 53.76 -53.36
N ALA N 43 -14.67 52.73 -53.47
CA ALA N 43 -14.54 51.74 -54.50
C ALA N 43 -15.82 51.69 -55.32
N GLU N 44 -15.66 51.34 -56.59
CA GLU N 44 -16.77 51.15 -57.51
C GLU N 44 -17.18 49.69 -57.44
N ASN N 45 -18.29 49.42 -56.75
CA ASN N 45 -18.69 48.05 -56.42
C ASN N 45 -20.20 47.90 -56.60
N PRO N 46 -20.65 47.13 -57.60
CA PRO N 46 -22.10 46.97 -57.83
C PRO N 46 -22.79 46.02 -56.87
N SER N 47 -22.16 44.88 -56.57
CA SER N 47 -22.76 43.88 -55.68
C SER N 47 -22.98 44.45 -54.28
N ARG N 48 -23.92 43.84 -53.56
CA ARG N 48 -24.21 44.20 -52.18
C ARG N 48 -23.59 43.25 -51.17
N SER N 49 -23.22 42.04 -51.60
CA SER N 49 -22.61 41.04 -50.74
C SER N 49 -21.08 41.01 -50.84
N LEU N 50 -20.53 41.15 -52.05
CA LEU N 50 -19.10 41.06 -52.28
C LEU N 50 -18.46 42.43 -52.04
N GLN N 51 -17.45 42.46 -51.19
CA GLN N 51 -16.83 43.71 -50.76
C GLN N 51 -15.33 43.72 -51.06
N LYS N 52 -14.81 44.91 -51.35
CA LYS N 52 -13.39 45.11 -51.64
C LYS N 52 -12.71 46.02 -50.63
N ILE N 53 -13.34 46.29 -49.48
CA ILE N 53 -12.75 47.12 -48.44
C ILE N 53 -13.03 46.44 -47.10
N SER N 54 -12.03 46.40 -46.22
CA SER N 54 -12.23 45.59 -45.03
C SER N 54 -11.39 46.10 -43.87
N GLU N 55 -11.93 45.91 -42.67
CA GLU N 55 -11.15 46.07 -41.45
C GLU N 55 -10.11 44.96 -41.37
N LEU N 56 -8.88 45.33 -41.00
CA LEU N 56 -7.88 44.31 -40.69
C LEU N 56 -7.58 44.23 -39.21
N TYR N 57 -7.34 45.37 -38.58
CA TYR N 57 -7.14 45.42 -37.15
C TYR N 57 -7.66 46.76 -36.67
N ASP N 58 -7.53 47.01 -35.36
CA ASP N 58 -8.10 48.19 -34.74
C ASP N 58 -7.97 49.45 -35.60
N ARG N 59 -6.75 49.76 -36.06
CA ARG N 59 -6.52 50.98 -36.81
C ARG N 59 -6.01 50.71 -38.21
N VAL N 60 -6.08 49.47 -38.68
CA VAL N 60 -5.49 49.10 -39.97
C VAL N 60 -6.62 48.63 -40.87
N GLY N 61 -6.76 49.30 -42.03
CA GLY N 61 -7.75 48.95 -43.03
C GLY N 61 -7.07 48.41 -44.29
N PHE N 62 -7.90 47.95 -45.23
CA PHE N 62 -7.43 47.15 -46.35
C PHE N 62 -8.36 47.31 -47.55
N ALA N 63 -7.80 47.63 -48.71
CA ALA N 63 -8.57 47.64 -49.95
C ALA N 63 -7.81 46.88 -51.02
N ALA N 64 -8.54 46.34 -51.98
CA ALA N 64 -7.93 45.49 -52.98
C ALA N 64 -8.69 45.58 -54.28
N ALA N 65 -7.99 45.18 -55.34
CA ALA N 65 -8.52 45.18 -56.69
C ALA N 65 -7.90 44.05 -57.48
N GLY N 66 -8.77 43.24 -58.06
CA GLY N 66 -8.35 42.19 -58.96
C GLY N 66 -9.41 41.12 -59.03
N LYS N 67 -8.96 39.89 -58.83
CA LYS N 67 -9.74 38.65 -58.74
C LYS N 67 -10.30 38.43 -57.32
N PHE N 68 -11.64 38.41 -57.18
CA PHE N 68 -12.23 38.46 -55.85
C PHE N 68 -11.77 37.31 -54.95
N ASN N 69 -11.89 36.06 -55.41
CA ASN N 69 -11.48 34.94 -54.57
C ASN N 69 -10.04 35.09 -54.03
N GLU N 70 -9.14 35.74 -54.78
CA GLU N 70 -7.75 35.74 -54.32
C GLU N 70 -7.51 36.87 -53.33
N PHE N 71 -7.94 38.06 -53.72
CA PHE N 71 -7.80 39.22 -52.87
C PHE N 71 -8.60 38.96 -51.60
N ASP N 72 -9.74 38.27 -51.74
CA ASP N 72 -10.54 37.90 -50.60
C ASP N 72 -9.75 36.96 -49.71
N ASN N 73 -9.04 36.02 -50.33
CA ASN N 73 -8.23 35.07 -49.58
C ASN N 73 -7.11 35.77 -48.82
N LEU N 74 -6.48 36.76 -49.44
CA LEU N 74 -5.45 37.51 -48.74
C LEU N 74 -6.11 38.22 -47.56
N ARG N 75 -7.27 38.84 -47.81
CA ARG N 75 -8.01 39.48 -46.73
C ARG N 75 -8.08 38.57 -45.50
N ARG N 76 -8.46 37.32 -45.72
CA ARG N 76 -8.60 36.37 -44.62
C ARG N 76 -7.25 36.06 -43.98
N GLY N 77 -6.23 35.80 -44.80
CA GLY N 77 -4.90 35.58 -44.23
C GLY N 77 -4.43 36.74 -43.38
N GLY N 78 -4.67 37.97 -43.84
CA GLY N 78 -4.24 39.12 -43.07
C GLY N 78 -4.96 39.23 -41.75
N ILE N 79 -6.29 39.02 -41.77
CA ILE N 79 -7.06 39.00 -40.53
C ILE N 79 -6.47 37.98 -39.57
N GLN N 80 -6.29 36.74 -40.04
CA GLN N 80 -5.65 35.70 -39.26
C GLN N 80 -4.36 36.20 -38.61
N PHE N 81 -3.39 36.68 -39.35
CA PHE N 81 -2.12 36.98 -38.69
C PHE N 81 -2.20 37.99 -37.53
N ALA N 82 -2.97 39.04 -37.73
CA ALA N 82 -3.07 40.06 -36.71
C ALA N 82 -3.64 39.58 -35.39
N ASP N 83 -4.70 38.78 -35.41
CA ASP N 83 -5.29 38.34 -34.14
C ASP N 83 -4.34 37.52 -33.30
N THR N 84 -3.66 36.57 -33.93
CA THR N 84 -2.73 35.74 -33.19
C THR N 84 -1.60 36.58 -32.66
N ARG N 85 -1.09 37.49 -33.49
CA ARG N 85 0.02 38.32 -33.02
C ARG N 85 -0.40 39.15 -31.82
N GLY N 86 -1.59 39.73 -31.88
CA GLY N 86 -2.07 40.57 -30.79
C GLY N 86 -2.20 39.76 -29.53
N TYR N 87 -2.75 38.55 -29.65
CA TYR N 87 -2.93 37.73 -28.47
C TYR N 87 -1.58 37.40 -27.84
N ALA N 88 -0.59 37.08 -28.67
CA ALA N 88 0.73 36.79 -28.12
C ALA N 88 1.40 38.00 -27.45
N TYR N 89 1.30 39.19 -28.07
CA TYR N 89 1.92 40.39 -27.50
C TYR N 89 0.88 41.43 -27.12
N ASP N 90 0.34 42.17 -28.09
CA ASP N 90 -0.72 43.07 -27.68
C ASP N 90 -1.30 43.78 -28.91
N ARG N 91 -2.43 44.46 -28.69
CA ARG N 91 -3.13 45.07 -29.82
C ARG N 91 -2.30 46.20 -30.43
N ARG N 92 -1.78 47.09 -29.59
CA ARG N 92 -0.98 48.22 -30.07
C ARG N 92 0.35 47.82 -30.68
N ASP N 93 0.69 46.52 -30.71
CA ASP N 93 1.93 46.10 -31.34
C ASP N 93 1.77 45.79 -32.81
N VAL N 94 0.58 45.37 -33.24
CA VAL N 94 0.31 45.16 -34.66
C VAL N 94 0.21 46.51 -35.34
N THR N 95 0.98 46.69 -36.40
CA THR N 95 1.07 47.96 -37.11
C THR N 95 0.76 47.69 -38.58
N GLY N 96 0.36 48.75 -39.31
CA GLY N 96 0.12 48.62 -40.73
C GLY N 96 1.37 48.19 -41.48
N ARG N 97 2.54 48.57 -40.96
CA ARG N 97 3.80 48.26 -41.61
C ARG N 97 4.07 46.76 -41.63
N GLN N 98 3.91 46.10 -40.49
CA GLN N 98 4.18 44.67 -40.39
C GLN N 98 3.27 43.88 -41.32
N LEU N 99 2.00 44.25 -41.36
CA LEU N 99 1.05 43.59 -42.23
C LEU N 99 1.38 43.81 -43.70
N ALA N 100 1.77 45.03 -44.04
CA ALA N 100 2.09 45.35 -45.43
C ALA N 100 3.23 44.48 -45.87
N ASN N 101 4.21 44.36 -44.99
CA ASN N 101 5.37 43.52 -45.25
C ASN N 101 4.99 42.05 -45.45
N VAL N 102 4.11 41.52 -44.61
CA VAL N 102 3.82 40.09 -44.71
C VAL N 102 3.21 39.70 -46.05
N TYR N 103 2.31 40.54 -46.53
CA TYR N 103 1.67 40.26 -47.79
C TYR N 103 2.69 40.24 -48.89
N ALA N 104 3.61 41.20 -48.90
CA ALA N 104 4.57 41.23 -50.00
C ALA N 104 5.45 39.99 -50.07
N GLN N 105 5.97 39.58 -48.93
CA GLN N 105 6.82 38.40 -48.91
C GLN N 105 6.04 37.18 -49.34
N THR N 106 4.82 37.07 -48.82
CA THR N 106 4.02 35.91 -49.16
C THR N 106 3.73 35.89 -50.64
N LEU N 107 3.39 37.03 -51.20
CA LEU N 107 3.06 37.11 -52.60
C LEU N 107 4.24 36.70 -53.43
N GLY N 108 5.44 37.22 -53.11
CA GLY N 108 6.58 36.87 -53.93
C GLY N 108 6.87 35.38 -53.90
N THR N 109 6.87 34.81 -52.70
CA THR N 109 7.19 33.39 -52.61
C THR N 109 6.14 32.56 -53.32
N ILE N 110 4.89 32.95 -53.11
CA ILE N 110 3.78 32.23 -53.68
C ILE N 110 3.88 32.28 -55.18
N PHE N 111 4.16 33.44 -55.75
CA PHE N 111 4.22 33.53 -57.19
C PHE N 111 5.33 32.64 -57.73
N THR N 112 6.49 32.70 -57.10
CA THR N 112 7.60 31.89 -57.60
C THR N 112 7.31 30.39 -57.55
N GLU N 113 6.65 29.92 -56.49
CA GLU N 113 6.37 28.49 -56.42
C GLU N 113 5.02 28.00 -56.96
N GLN N 114 4.10 28.92 -57.26
CA GLN N 114 2.76 28.50 -57.71
C GLN N 114 2.58 28.43 -59.20
N ALA N 115 1.35 28.26 -59.61
CA ALA N 115 1.16 28.13 -61.06
C ALA N 115 0.79 29.47 -61.67
N LYS N 116 -0.23 30.10 -61.13
CA LYS N 116 -0.69 31.36 -61.67
C LYS N 116 -0.48 32.49 -60.66
N PRO N 117 0.02 33.64 -61.08
CA PRO N 117 0.22 34.75 -60.12
C PRO N 117 -1.10 35.38 -59.73
N TYR N 118 -1.16 35.86 -58.48
CA TYR N 118 -2.37 36.50 -58.00
C TYR N 118 -2.58 37.84 -58.71
N GLU N 119 -3.62 37.92 -59.52
CA GLU N 119 -3.96 39.14 -60.25
C GLU N 119 -4.61 40.15 -59.30
N VAL N 120 -3.84 40.57 -58.30
CA VAL N 120 -4.36 41.42 -57.25
C VAL N 120 -3.45 42.64 -57.04
N GLU N 121 -4.04 43.69 -56.49
CA GLU N 121 -3.33 44.89 -56.09
C GLU N 121 -3.90 45.30 -54.74
N LEU N 122 -3.03 45.48 -53.76
CA LEU N 122 -3.43 45.70 -52.39
C LEU N 122 -3.03 47.09 -51.91
N CYS N 123 -3.81 47.59 -50.98
CA CYS N 123 -3.53 48.84 -50.30
C CYS N 123 -3.81 48.62 -48.83
N VAL N 124 -2.79 48.78 -47.99
CA VAL N 124 -2.95 48.67 -46.55
C VAL N 124 -2.87 50.08 -45.97
N ALA N 125 -3.84 50.44 -45.13
CA ALA N 125 -3.89 51.79 -44.57
C ALA N 125 -3.83 51.74 -43.05
N GLU N 126 -3.22 52.77 -42.47
CA GLU N 126 -3.12 52.86 -41.02
C GLU N 126 -3.28 54.31 -40.60
N VAL N 127 -3.94 54.52 -39.46
CA VAL N 127 -4.08 55.82 -38.83
C VAL N 127 -3.54 55.73 -37.41
N ALA N 128 -3.44 56.88 -36.75
CA ALA N 128 -2.94 56.91 -35.38
C ALA N 128 -4.01 56.41 -34.41
N HIS N 129 -3.60 56.15 -33.18
CA HIS N 129 -4.53 55.72 -32.14
C HIS N 129 -5.33 56.91 -31.61
N TYR N 130 -6.23 56.65 -30.67
CA TYR N 130 -7.00 57.71 -30.06
C TYR N 130 -6.11 58.65 -29.24
N GLY N 131 -6.38 59.94 -29.31
CA GLY N 131 -5.63 60.94 -28.56
C GLY N 131 -4.16 61.05 -28.87
N GLU N 132 -3.80 60.79 -30.12
CA GLU N 132 -2.42 60.90 -30.55
C GLU N 132 -2.36 61.54 -31.93
N THR N 133 -1.23 62.15 -32.25
CA THR N 133 -1.09 62.79 -33.55
C THR N 133 -0.05 62.09 -34.42
N LYS N 134 -0.47 61.71 -35.63
CA LYS N 134 0.44 61.06 -36.56
C LYS N 134 -0.23 61.03 -37.92
N ARG N 135 0.57 61.09 -38.97
CA ARG N 135 0.02 61.18 -40.33
C ARG N 135 -0.47 59.82 -40.80
N PRO N 136 -1.57 59.76 -41.56
CA PRO N 136 -2.01 58.47 -42.11
C PRO N 136 -0.96 57.88 -43.05
N GLU N 137 -0.79 56.57 -42.98
CA GLU N 137 0.16 55.85 -43.82
C GLU N 137 -0.59 54.96 -44.79
N LEU N 138 -0.23 55.06 -46.07
CA LEU N 138 -0.77 54.22 -47.13
C LEU N 138 0.35 53.43 -47.76
N TYR N 139 0.18 52.13 -47.89
CA TYR N 139 1.13 51.29 -48.60
C TYR N 139 0.38 50.62 -49.73
N ARG N 140 1.03 50.51 -50.89
CA ARG N 140 0.52 49.73 -52.01
C ARG N 140 1.43 48.52 -52.26
N ILE N 141 0.85 47.33 -52.26
CA ILE N 141 1.57 46.09 -52.54
C ILE N 141 1.07 45.58 -53.88
N THR N 142 2.00 45.34 -54.80
CA THR N 142 1.66 44.85 -56.13
C THR N 142 1.85 43.33 -56.20
N TYR N 143 1.47 42.76 -57.35
CA TYR N 143 1.34 41.30 -57.49
C TYR N 143 2.65 40.56 -57.28
N ASP N 144 3.79 41.18 -57.60
CA ASP N 144 5.11 40.56 -57.50
C ASP N 144 5.67 40.55 -56.08
N GLY N 145 5.18 41.40 -55.20
CA GLY N 145 5.79 41.58 -53.89
C GLY N 145 6.30 42.99 -53.64
N SER N 146 6.33 43.84 -54.67
CA SER N 146 6.78 45.22 -54.51
C SER N 146 5.83 45.98 -53.58
N ILE N 147 6.42 46.87 -52.79
CA ILE N 147 5.66 47.65 -51.84
C ILE N 147 6.11 49.11 -51.94
N ALA N 148 5.14 50.03 -51.97
CA ALA N 148 5.42 51.44 -52.15
C ALA N 148 4.71 52.27 -51.09
N ASP N 149 5.43 53.27 -50.55
CA ASP N 149 4.91 54.13 -49.48
C ASP N 149 4.33 55.38 -50.09
N GLU N 150 3.03 55.59 -49.89
CA GLU N 150 2.27 56.66 -50.53
C GLU N 150 1.94 57.74 -49.51
N PRO N 151 2.12 59.01 -49.85
CA PRO N 151 1.91 60.05 -48.84
C PRO N 151 0.47 60.57 -48.81
N HIS N 152 -0.25 60.43 -49.93
CA HIS N 152 -1.50 61.15 -50.10
C HIS N 152 -2.64 60.24 -50.55
N PHE N 153 -2.44 59.44 -51.62
CA PHE N 153 -3.52 58.60 -52.08
C PHE N 153 -2.98 57.43 -52.91
N VAL N 154 -3.77 56.36 -52.93
CA VAL N 154 -3.50 55.16 -53.71
C VAL N 154 -4.67 54.93 -54.63
N VAL N 155 -4.38 54.57 -55.88
CA VAL N 155 -5.40 54.17 -56.84
C VAL N 155 -5.07 52.77 -57.34
N MET N 156 -6.06 51.89 -57.30
CA MET N 156 -5.86 50.48 -57.65
C MET N 156 -6.87 50.02 -58.68
N GLY N 157 -6.43 49.15 -59.58
CA GLY N 157 -7.28 48.47 -60.53
C GLY N 157 -7.82 49.31 -61.67
N GLY N 158 -8.14 48.67 -62.79
CA GLY N 158 -8.60 49.38 -63.98
C GLY N 158 -7.53 50.27 -64.58
N THR N 159 -7.98 51.31 -65.27
CA THR N 159 -7.10 52.37 -65.78
C THR N 159 -6.84 53.38 -64.67
N THR N 160 -5.61 53.35 -64.12
CA THR N 160 -5.23 54.19 -62.98
C THR N 160 -4.76 55.60 -63.37
N GLU N 161 -4.36 55.82 -64.63
CA GLU N 161 -3.82 57.13 -65.01
C GLU N 161 -4.84 58.25 -64.83
N PRO N 162 -6.05 58.20 -65.41
CA PRO N 162 -6.92 59.39 -65.33
C PRO N 162 -7.36 59.70 -63.91
N ILE N 163 -7.68 58.66 -63.15
CA ILE N 163 -8.06 58.84 -61.76
C ILE N 163 -6.90 59.42 -60.96
N ALA N 164 -5.69 58.91 -61.19
CA ALA N 164 -4.53 59.39 -60.45
C ALA N 164 -4.25 60.86 -60.76
N ASN N 165 -4.49 61.28 -62.00
CA ASN N 165 -4.24 62.67 -62.37
C ASN N 165 -5.32 63.61 -61.80
N ALA N 166 -6.60 63.24 -61.97
CA ALA N 166 -7.69 64.01 -61.39
C ALA N 166 -7.50 64.20 -59.88
N LEU N 167 -7.06 63.14 -59.18
CA LEU N 167 -6.74 63.27 -57.77
C LEU N 167 -5.54 64.20 -57.57
N LYS N 168 -4.57 64.13 -58.47
CA LYS N 168 -3.40 64.99 -58.38
C LYS N 168 -3.77 66.48 -58.39
N GLU N 169 -4.82 66.86 -59.17
CA GLU N 169 -5.28 68.25 -59.23
C GLU N 169 -6.21 68.65 -58.08
N SER N 170 -7.17 67.78 -57.75
CA SER N 170 -8.18 67.96 -56.68
C SER N 170 -7.69 67.69 -55.24
N TYR N 171 -6.62 66.93 -55.01
CA TYR N 171 -6.28 66.56 -53.62
C TYR N 171 -5.95 67.80 -52.77
N ALA N 172 -6.40 67.76 -51.50
CA ALA N 172 -6.12 68.82 -50.53
C ALA N 172 -5.97 68.21 -49.15
N GLU N 173 -4.82 68.44 -48.51
CA GLU N 173 -4.61 67.83 -47.20
C GLU N 173 -5.53 68.48 -46.19
N ASN N 174 -6.07 67.66 -45.28
CA ASN N 174 -6.96 68.16 -44.26
C ASN N 174 -8.30 68.58 -44.85
N ALA N 175 -8.68 67.97 -45.97
CA ALA N 175 -10.02 68.14 -46.49
C ALA N 175 -11.01 67.41 -45.59
N SER N 176 -12.21 67.98 -45.45
CA SER N 176 -13.17 67.29 -44.59
C SER N 176 -13.64 66.00 -45.26
N LEU N 177 -14.53 65.28 -44.56
CA LEU N 177 -15.04 64.01 -45.07
C LEU N 177 -15.87 64.20 -46.34
N THR N 178 -16.69 65.26 -46.38
CA THR N 178 -17.54 65.48 -47.55
C THR N 178 -16.72 65.91 -48.76
N ASP N 179 -15.75 66.79 -48.56
CA ASP N 179 -14.91 67.25 -49.66
C ASP N 179 -14.08 66.12 -50.23
N ALA N 180 -13.44 65.34 -49.36
CA ALA N 180 -12.66 64.20 -49.81
C ALA N 180 -13.55 63.17 -50.52
N LEU N 181 -14.80 63.03 -50.09
CA LEU N 181 -15.71 62.14 -50.80
C LEU N 181 -16.04 62.67 -52.19
N ARG N 182 -16.28 63.98 -52.32
CA ARG N 182 -16.54 64.57 -53.63
C ARG N 182 -15.35 64.42 -54.56
N ILE N 183 -14.16 64.74 -54.05
CA ILE N 183 -12.93 64.60 -54.82
C ILE N 183 -12.73 63.18 -55.28
N ALA N 184 -12.96 62.21 -54.39
CA ALA N 184 -12.71 60.81 -54.69
C ALA N 184 -13.71 60.26 -55.70
N VAL N 185 -14.99 60.62 -55.56
CA VAL N 185 -15.98 60.15 -56.53
C VAL N 185 -15.75 60.83 -57.88
N ALA N 186 -15.43 62.12 -57.87
CA ALA N 186 -15.18 62.84 -59.10
C ALA N 186 -14.00 62.21 -59.85
N ALA N 187 -12.85 62.06 -59.17
CA ALA N 187 -11.67 61.48 -59.81
C ALA N 187 -11.91 60.03 -60.22
N LEU N 188 -12.78 59.33 -59.48
CA LEU N 188 -13.11 57.95 -59.83
C LEU N 188 -13.90 57.89 -61.12
N ARG N 189 -14.73 58.90 -61.38
CA ARG N 189 -15.53 58.94 -62.61
C ARG N 189 -14.67 59.10 -63.86
N ALA N 190 -13.55 59.82 -63.75
CA ALA N 190 -12.69 60.08 -64.89
C ALA N 190 -12.36 58.80 -65.68
N LEU N 203 -20.18 58.67 -59.61
CA LEU N 203 -21.24 58.05 -60.38
C LEU N 203 -22.57 58.08 -59.63
N GLY N 204 -23.39 57.06 -59.86
CA GLY N 204 -24.69 56.95 -59.22
C GLY N 204 -24.56 56.60 -57.75
N VAL N 205 -25.61 56.89 -56.98
CA VAL N 205 -25.60 56.60 -55.55
C VAL N 205 -25.47 55.11 -55.30
N ALA N 206 -26.09 54.31 -56.16
CA ALA N 206 -26.02 52.87 -56.07
C ALA N 206 -24.63 52.37 -56.52
N SER N 207 -24.30 51.15 -56.11
CA SER N 207 -23.03 50.49 -56.45
C SER N 207 -21.73 51.19 -56.02
N LEU N 208 -21.74 51.79 -54.84
CA LEU N 208 -20.57 52.47 -54.30
C LEU N 208 -20.21 51.86 -52.95
N GLU N 209 -18.95 51.50 -52.73
CA GLU N 209 -18.59 50.94 -51.43
C GLU N 209 -17.70 51.97 -50.77
N VAL N 210 -18.18 52.56 -49.69
CA VAL N 210 -17.46 53.64 -49.03
C VAL N 210 -17.28 53.30 -47.56
N ALA N 211 -16.05 53.45 -47.07
CA ALA N 211 -15.71 53.22 -45.67
C ALA N 211 -14.61 54.19 -45.27
N VAL N 212 -14.46 54.39 -43.97
CA VAL N 212 -13.43 55.28 -43.45
C VAL N 212 -12.63 54.60 -42.36
N LEU N 213 -11.40 55.07 -42.18
CA LEU N 213 -10.60 54.79 -40.99
C LEU N 213 -10.63 56.06 -40.16
N ASP N 214 -11.70 56.21 -39.37
CA ASP N 214 -11.92 57.42 -38.60
C ASP N 214 -10.96 57.44 -37.42
N ALA N 215 -10.00 58.36 -37.43
CA ALA N 215 -9.02 58.42 -36.36
C ALA N 215 -9.62 58.82 -35.01
N ASN N 216 -10.87 59.27 -34.99
CA ASN N 216 -11.44 59.76 -33.75
C ASN N 216 -12.11 58.67 -32.93
N ARG N 217 -12.35 57.50 -33.51
CA ARG N 217 -12.98 56.41 -32.79
C ARG N 217 -12.04 55.96 -31.67
N PRO N 218 -12.58 55.47 -30.56
CA PRO N 218 -11.70 55.05 -29.44
C PRO N 218 -10.83 53.85 -29.77
N ARG N 219 -11.38 52.79 -30.35
CA ARG N 219 -10.59 51.59 -30.62
C ARG N 219 -10.66 51.16 -32.07
N ARG N 220 -11.80 50.59 -32.49
CA ARG N 220 -12.02 50.13 -33.86
C ARG N 220 -12.31 51.33 -34.76
N ALA N 221 -11.36 51.68 -35.62
CA ALA N 221 -11.43 52.87 -36.45
C ALA N 221 -12.22 52.69 -37.73
N PHE N 222 -12.29 51.47 -38.25
CA PHE N 222 -12.97 51.22 -39.50
C PHE N 222 -14.47 51.39 -39.36
N ARG N 223 -15.11 52.03 -40.34
CA ARG N 223 -16.55 52.31 -40.23
C ARG N 223 -17.12 52.52 -41.63
N ARG N 224 -18.11 51.70 -41.99
CA ARG N 224 -18.73 51.83 -43.31
C ARG N 224 -19.73 52.97 -43.33
N ILE N 225 -19.85 53.59 -44.50
CA ILE N 225 -20.79 54.69 -44.76
C ILE N 225 -21.69 54.24 -45.90
N THR N 226 -22.90 53.78 -45.57
CA THR N 226 -23.82 53.19 -46.54
C THR N 226 -25.20 53.82 -46.42
N GLY N 227 -26.01 53.59 -47.44
CA GLY N 227 -27.39 54.04 -47.48
C GLY N 227 -27.78 55.51 -47.50
N SER N 228 -28.78 55.83 -46.69
CA SER N 228 -29.35 57.17 -46.61
C SER N 228 -28.37 58.23 -46.16
N ALA N 229 -27.52 57.92 -45.19
CA ALA N 229 -26.54 58.89 -44.73
C ALA N 229 -25.58 59.23 -45.86
N LEU N 230 -25.16 58.22 -46.61
CA LEU N 230 -24.26 58.42 -47.73
C LEU N 230 -24.96 59.26 -48.79
N GLN N 231 -26.23 58.99 -49.03
CA GLN N 231 -26.97 59.76 -50.02
C GLN N 231 -27.05 61.23 -49.60
N ALA N 232 -27.29 61.47 -48.32
CA ALA N 232 -27.38 62.83 -47.79
C ALA N 232 -26.04 63.54 -47.97
N LEU N 233 -24.95 62.82 -47.70
CA LEU N 233 -23.62 63.38 -47.83
C LEU N 233 -23.35 63.75 -49.29
N LEU N 234 -23.78 62.90 -50.21
CA LEU N 234 -23.59 63.15 -51.63
C LEU N 234 -24.80 63.81 -52.24
N THR O 1 -7.31 33.33 16.07
CA THR O 1 -7.12 33.71 17.45
C THR O 1 -5.77 34.38 17.65
N THR O 2 -5.68 35.24 18.66
CA THR O 2 -4.47 35.98 18.96
C THR O 2 -4.63 36.56 20.36
N ILE O 3 -3.63 36.34 21.19
CA ILE O 3 -3.63 36.82 22.56
C ILE O 3 -2.27 37.44 22.83
N VAL O 4 -2.25 38.73 23.15
CA VAL O 4 -0.99 39.42 23.41
C VAL O 4 -0.89 39.68 24.90
N ALA O 5 0.34 39.81 25.38
CA ALA O 5 0.60 40.13 26.78
C ALA O 5 1.85 40.97 26.84
N LEU O 6 1.83 42.05 27.59
CA LEU O 6 3.03 42.87 27.67
C LEU O 6 3.19 43.44 29.06
N LYS O 7 4.44 43.53 29.53
CA LYS O 7 4.74 44.13 30.81
C LYS O 7 4.81 45.64 30.64
N TYR O 8 4.40 46.36 31.67
CA TYR O 8 4.64 47.79 31.71
C TYR O 8 5.25 48.11 33.06
N PRO O 9 5.83 49.29 33.24
CA PRO O 9 6.43 49.52 34.56
C PRO O 9 5.31 49.36 35.56
N GLY O 10 5.55 48.52 36.55
CA GLY O 10 4.55 48.26 37.58
C GLY O 10 3.45 47.24 37.32
N GLY O 11 3.42 46.53 36.19
CA GLY O 11 2.35 45.57 36.05
C GLY O 11 2.42 44.81 34.74
N VAL O 12 1.34 44.09 34.45
CA VAL O 12 1.26 43.32 33.21
C VAL O 12 -0.14 43.46 32.64
N VAL O 13 -0.26 43.41 31.32
CA VAL O 13 -1.55 43.50 30.68
C VAL O 13 -1.67 42.37 29.67
N MET O 14 -2.89 41.85 29.53
CA MET O 14 -3.12 40.70 28.67
C MET O 14 -4.46 40.84 27.96
N ALA O 15 -4.45 40.85 26.64
CA ALA O 15 -5.66 41.08 25.83
C ALA O 15 -5.83 40.00 24.76
N GLY O 16 -7.08 39.75 24.39
CA GLY O 16 -7.40 38.70 23.42
C GLY O 16 -8.59 39.08 22.57
N ASP O 17 -8.64 38.56 21.35
CA ASP O 17 -9.71 38.95 20.43
C ASP O 17 -10.97 38.12 20.76
N ARG O 18 -11.99 38.13 19.88
CA ARG O 18 -13.26 37.48 20.18
C ARG O 18 -13.79 36.46 19.18
N ARG O 19 -13.13 36.25 18.05
CA ARG O 19 -13.67 35.42 16.98
C ARG O 19 -13.31 33.96 17.24
N SER O 20 -14.17 33.07 16.73
CA SER O 20 -13.92 31.63 16.75
C SER O 20 -14.50 31.07 15.46
N THR O 21 -13.69 30.30 14.74
CA THR O 21 -14.07 29.90 13.38
C THR O 21 -14.19 28.38 13.28
N GLN O 22 -14.79 27.94 12.18
CA GLN O 22 -14.69 26.54 11.73
C GLN O 22 -14.38 26.61 10.25
N GLY O 23 -13.10 26.47 9.90
CA GLY O 23 -12.74 26.63 8.50
C GLY O 23 -12.86 28.10 8.16
N ASN O 24 -13.53 28.41 7.03
CA ASN O 24 -13.72 29.80 6.62
C ASN O 24 -14.94 30.45 7.29
N MET O 25 -15.66 29.72 8.13
CA MET O 25 -16.94 30.17 8.67
C MET O 25 -16.82 30.77 10.05
N ILE O 26 -17.32 31.99 10.21
CA ILE O 26 -17.21 32.72 11.48
C ILE O 26 -18.30 32.19 12.40
N SER O 27 -17.93 31.51 13.48
CA SER O 27 -18.92 30.83 14.31
C SER O 27 -19.20 31.49 15.65
N GLY O 28 -18.25 32.26 16.17
CA GLY O 28 -18.50 32.90 17.45
C GLY O 28 -17.93 34.30 17.39
N ARG O 29 -18.78 35.30 17.70
CA ARG O 29 -18.42 36.71 17.61
C ARG O 29 -18.09 37.34 18.96
N ASP O 30 -18.11 36.55 20.05
CA ASP O 30 -17.95 37.11 21.39
C ASP O 30 -17.39 36.11 22.40
N VAL O 31 -16.52 35.20 21.95
CA VAL O 31 -15.84 34.29 22.85
C VAL O 31 -14.88 35.06 23.75
N ARG O 32 -14.75 34.64 25.00
CA ARG O 32 -13.77 35.24 25.91
C ARG O 32 -12.62 34.25 26.10
N LYS O 33 -11.42 34.66 25.69
CA LYS O 33 -10.28 33.75 25.69
C LYS O 33 -9.27 34.01 26.82
N VAL O 34 -9.45 35.07 27.60
CA VAL O 34 -8.51 35.43 28.68
C VAL O 34 -9.26 35.30 30.00
N TYR O 35 -8.79 34.43 30.87
CA TYR O 35 -9.40 34.18 32.16
C TYR O 35 -8.53 34.73 33.28
N ILE O 36 -9.16 35.04 34.41
CA ILE O 36 -8.42 35.40 35.61
C ILE O 36 -8.32 34.13 36.46
N THR O 37 -7.22 33.39 36.31
CA THR O 37 -7.13 32.12 37.03
C THR O 37 -6.95 32.34 38.51
N ASP O 38 -6.36 33.47 38.91
CA ASP O 38 -6.25 33.78 40.34
C ASP O 38 -5.89 35.25 40.51
N ASP O 39 -5.79 35.67 41.77
CA ASP O 39 -5.64 37.07 42.13
C ASP O 39 -4.38 37.69 41.55
N TYR O 40 -3.48 36.89 40.99
CA TYR O 40 -2.25 37.44 40.44
C TYR O 40 -1.85 36.78 39.13
N THR O 41 -2.70 35.95 38.55
CA THR O 41 -2.34 35.38 37.26
C THR O 41 -3.58 35.39 36.37
N ALA O 42 -3.37 35.74 35.11
CA ALA O 42 -4.35 35.54 34.05
C ALA O 42 -3.75 34.59 33.02
N THR O 43 -4.63 33.83 32.38
CA THR O 43 -4.23 32.82 31.42
C THR O 43 -5.03 32.98 30.15
N GLY O 44 -4.34 33.13 29.03
CA GLY O 44 -4.95 33.05 27.70
C GLY O 44 -4.63 31.69 27.10
N ILE O 45 -5.54 31.15 26.30
CA ILE O 45 -5.33 29.87 25.62
C ILE O 45 -5.78 30.00 24.19
N ALA O 46 -4.87 29.71 23.25
CA ALA O 46 -5.18 29.62 21.84
C ALA O 46 -5.37 28.14 21.46
N GLY O 47 -6.19 27.91 20.44
CA GLY O 47 -6.27 26.55 19.94
C GLY O 47 -7.68 26.04 20.08
N THR O 48 -7.83 24.72 20.05
CA THR O 48 -9.13 24.07 20.13
C THR O 48 -9.94 24.63 21.28
N ALA O 49 -11.18 25.06 20.99
CA ALA O 49 -11.96 25.79 21.99
C ALA O 49 -12.28 24.94 23.21
N ALA O 50 -12.69 23.68 22.99
CA ALA O 50 -12.98 22.80 24.11
C ALA O 50 -11.77 22.67 25.04
N VAL O 51 -10.67 22.13 24.51
CA VAL O 51 -9.45 21.93 25.27
C VAL O 51 -9.01 23.20 25.97
N ALA O 52 -9.22 24.35 25.32
CA ALA O 52 -8.83 25.63 25.90
C ALA O 52 -9.62 25.94 27.16
N VAL O 53 -10.96 25.94 27.06
CA VAL O 53 -11.77 26.32 28.21
C VAL O 53 -11.56 25.35 29.35
N GLU O 54 -11.39 24.07 29.01
CA GLU O 54 -11.13 23.04 30.01
C GLU O 54 -9.80 23.28 30.74
N PHE O 55 -8.70 23.48 29.99
CA PHE O 55 -7.43 23.85 30.61
C PHE O 55 -7.61 24.96 31.62
N ALA O 56 -8.15 26.10 31.16
CA ALA O 56 -8.29 27.26 32.03
C ALA O 56 -9.03 26.90 33.32
N ARG O 57 -10.18 26.23 33.19
CA ARG O 57 -11.00 25.88 34.35
C ARG O 57 -10.24 25.00 35.34
N LEU O 58 -9.65 23.92 34.83
CA LEU O 58 -9.00 22.94 35.68
C LEU O 58 -7.77 23.52 36.37
N TYR O 59 -7.00 24.33 35.67
CA TYR O 59 -5.82 24.97 36.25
C TYR O 59 -6.21 25.90 37.37
N ALA O 60 -7.24 26.74 37.15
CA ALA O 60 -7.73 27.60 38.23
C ALA O 60 -8.12 26.78 39.46
N VAL O 61 -8.81 25.65 39.22
CA VAL O 61 -9.22 24.77 40.32
C VAL O 61 -8.00 24.28 41.10
N GLU O 62 -6.95 23.88 40.39
CA GLU O 62 -5.79 23.29 41.04
C GLU O 62 -5.01 24.32 41.85
N LEU O 63 -4.74 25.48 41.26
CA LEU O 63 -4.11 26.57 42.02
C LEU O 63 -4.84 26.80 43.33
N GLU O 64 -6.15 27.02 43.24
CA GLU O 64 -6.94 27.34 44.43
C GLU O 64 -7.02 26.17 45.42
N HIS O 65 -6.97 24.94 44.91
CA HIS O 65 -7.03 23.77 45.77
C HIS O 65 -5.80 23.68 46.65
N TYR O 66 -4.62 23.76 46.05
CA TYR O 66 -3.41 23.77 46.85
C TYR O 66 -3.41 24.92 47.83
N GLU O 67 -3.89 26.09 47.39
CA GLU O 67 -3.97 27.23 48.29
C GLU O 67 -4.84 26.93 49.51
N LYS O 68 -5.95 26.21 49.33
CA LYS O 68 -6.81 25.90 50.47
C LYS O 68 -6.19 24.85 51.38
N LEU O 69 -5.48 23.88 50.81
CA LEU O 69 -4.86 22.85 51.63
C LEU O 69 -3.68 23.37 52.44
N GLU O 70 -2.80 24.17 51.82
CA GLU O 70 -1.57 24.58 52.48
C GLU O 70 -1.64 25.95 53.12
N GLY O 71 -2.71 26.71 52.88
CA GLY O 71 -2.76 28.01 53.50
C GLY O 71 -1.85 29.06 52.89
N VAL O 72 -1.29 28.80 51.72
CA VAL O 72 -0.48 29.82 51.07
C VAL O 72 -0.38 29.52 49.57
N PRO O 73 -0.52 30.51 48.67
CA PRO O 73 -0.41 30.19 47.24
C PRO O 73 0.97 29.67 46.91
N LEU O 74 1.03 28.87 45.85
CA LEU O 74 2.31 28.45 45.30
C LEU O 74 3.12 29.69 44.90
N THR O 75 4.44 29.52 44.80
CA THR O 75 5.23 30.57 44.18
C THR O 75 4.96 30.58 42.68
N PHE O 76 5.34 31.69 42.03
CA PHE O 76 5.13 31.78 40.58
C PHE O 76 5.80 30.61 39.86
N ALA O 77 6.91 30.11 40.42
CA ALA O 77 7.60 28.97 39.84
C ALA O 77 6.74 27.71 39.88
N GLY O 78 6.11 27.44 41.03
CA GLY O 78 5.24 26.27 41.11
C GLY O 78 4.07 26.34 40.13
N LYS O 79 3.43 27.50 40.06
CA LYS O 79 2.35 27.71 39.09
C LYS O 79 2.82 27.40 37.68
N ILE O 80 3.95 28.01 37.27
CA ILE O 80 4.52 27.70 35.96
C ILE O 80 4.65 26.20 35.78
N ASN O 81 5.11 25.50 36.81
CA ASN O 81 5.34 24.07 36.67
C ASN O 81 4.05 23.31 36.44
N ARG O 82 3.02 23.58 37.24
CA ARG O 82 1.77 22.85 37.10
C ARG O 82 1.16 23.07 35.73
N LEU O 83 1.11 24.33 35.27
CA LEU O 83 0.60 24.63 33.93
C LEU O 83 1.37 23.83 32.88
N ALA O 84 2.70 23.80 33.01
CA ALA O 84 3.54 23.04 32.09
C ALA O 84 3.20 21.56 32.07
N ILE O 85 2.89 21.00 33.24
CA ILE O 85 2.59 19.58 33.32
C ILE O 85 1.24 19.28 32.67
N MET O 86 0.26 20.14 32.89
CA MET O 86 -0.99 20.00 32.15
C MET O 86 -0.75 20.00 30.64
N VAL O 87 -0.01 21.00 30.17
CA VAL O 87 0.24 21.12 28.73
C VAL O 87 0.93 19.89 28.18
N ARG O 88 1.94 19.39 28.91
CA ARG O 88 2.60 18.15 28.52
C ARG O 88 1.64 16.99 28.49
N GLY O 89 0.63 16.99 29.37
CA GLY O 89 -0.34 15.92 29.37
C GLY O 89 -1.27 15.91 28.18
N ASN O 90 -1.53 17.07 27.59
CA ASN O 90 -2.40 17.09 26.42
C ASN O 90 -1.65 16.76 25.12
N LEU O 91 -0.37 16.36 25.18
CA LEU O 91 0.43 16.25 23.97
C LEU O 91 -0.11 15.17 23.02
N ALA O 92 -0.53 14.03 23.55
CA ALA O 92 -1.05 12.95 22.70
C ALA O 92 -2.25 13.43 21.88
N ALA O 93 -3.16 14.16 22.52
CA ALA O 93 -4.34 14.68 21.83
C ALA O 93 -3.99 15.85 20.91
N ALA O 94 -2.92 16.60 21.23
CA ALA O 94 -2.48 17.69 20.36
C ALA O 94 -1.94 17.16 19.03
N MET O 95 -1.28 15.99 19.05
CA MET O 95 -0.87 15.36 17.79
C MET O 95 -2.09 14.88 17.00
N GLN O 96 -3.16 14.51 17.68
CA GLN O 96 -4.40 14.14 17.01
C GLN O 96 -5.22 15.34 16.57
N GLY O 97 -4.70 16.55 16.73
CA GLY O 97 -5.44 17.75 16.35
C GLY O 97 -6.03 18.57 17.48
N LEU O 98 -6.13 18.10 18.71
CA LEU O 98 -6.76 18.90 19.77
C LEU O 98 -5.73 19.75 20.52
N LEU O 99 -4.97 20.58 19.81
CA LEU O 99 -3.87 21.32 20.41
C LEU O 99 -4.37 22.58 21.12
N ALA O 100 -3.83 22.87 22.31
CA ALA O 100 -4.16 24.09 23.03
C ALA O 100 -2.89 24.64 23.68
N LEU O 101 -2.55 25.90 23.35
CA LEU O 101 -1.34 26.51 23.88
C LEU O 101 -1.68 27.67 24.80
N PRO O 102 -1.16 27.65 26.02
CA PRO O 102 -1.41 28.74 26.98
C PRO O 102 -0.27 29.74 27.05
N LEU O 103 -0.66 30.98 27.31
CA LEU O 103 0.22 32.10 27.59
C LEU O 103 -0.18 32.62 28.96
N LEU O 104 0.78 32.66 29.89
CA LEU O 104 0.49 32.90 31.30
C LEU O 104 1.12 34.22 31.72
N ALA O 105 0.29 35.13 32.22
CA ALA O 105 0.76 36.41 32.73
C ALA O 105 0.53 36.45 34.22
N GLY O 106 1.52 36.92 34.96
CA GLY O 106 1.38 36.99 36.40
C GLY O 106 2.14 38.15 36.98
N TYR O 107 1.80 38.49 38.21
CA TYR O 107 2.50 39.52 38.95
C TYR O 107 3.07 38.89 40.20
N ASP O 108 4.39 38.77 40.23
CA ASP O 108 5.06 38.13 41.36
C ASP O 108 5.08 39.10 42.53
N ILE O 109 4.37 38.75 43.61
CA ILE O 109 4.41 39.58 44.81
C ILE O 109 5.74 39.43 45.54
N HIS O 110 6.44 38.30 45.37
CA HIS O 110 7.69 38.04 46.08
C HIS O 110 8.91 38.58 45.37
N ALA O 111 8.77 39.08 44.15
CA ALA O 111 9.93 39.62 43.44
C ALA O 111 10.52 40.77 44.24
N SER O 112 11.80 41.06 43.96
CA SER O 112 12.51 42.09 44.72
C SER O 112 12.05 43.50 44.31
N ASP O 113 12.18 43.82 43.01
CA ASP O 113 11.77 45.13 42.50
C ASP O 113 10.31 45.10 42.06
N PRO O 114 9.43 45.90 42.68
CA PRO O 114 8.03 45.94 42.27
C PRO O 114 7.84 46.41 40.83
N GLN O 115 8.69 47.33 40.35
CA GLN O 115 8.52 47.85 38.99
C GLN O 115 8.76 46.81 37.91
N SER O 116 9.44 45.71 38.24
CA SER O 116 9.67 44.65 37.27
C SER O 116 9.20 43.29 37.76
N ALA O 117 8.23 43.27 38.68
CA ALA O 117 7.63 42.01 39.13
C ALA O 117 6.69 41.40 38.11
N GLY O 118 6.44 42.05 36.98
CA GLY O 118 5.60 41.46 35.96
C GLY O 118 6.25 40.23 35.36
N ARG O 119 5.42 39.30 34.90
CA ARG O 119 5.94 38.04 34.42
C ARG O 119 5.11 37.56 33.23
N ILE O 120 5.80 37.17 32.16
CA ILE O 120 5.15 36.57 31.01
C ILE O 120 5.83 35.25 30.71
N VAL O 121 5.03 34.22 30.46
CA VAL O 121 5.54 32.86 30.28
C VAL O 121 4.83 32.22 29.09
N SER O 122 5.60 31.60 28.21
CA SER O 122 5.06 30.99 27.01
C SER O 122 5.38 29.50 26.96
N PHE O 123 4.48 28.73 26.36
CA PHE O 123 4.58 27.28 26.32
C PHE O 123 4.47 26.79 24.89
N ASP O 124 5.11 25.66 24.63
CA ASP O 124 4.94 24.94 23.37
C ASP O 124 4.06 23.72 23.61
N ALA O 125 3.79 22.98 22.53
CA ALA O 125 2.93 21.80 22.63
C ALA O 125 3.56 20.71 23.50
N ALA O 126 4.88 20.72 23.69
CA ALA O 126 5.55 19.67 24.44
C ALA O 126 5.78 20.03 25.90
N GLY O 127 5.14 21.08 26.40
CA GLY O 127 5.19 21.39 27.82
C GLY O 127 6.36 22.22 28.26
N GLY O 128 7.42 22.32 27.45
CA GLY O 128 8.49 23.24 27.76
C GLY O 128 7.97 24.65 27.83
N TRP O 129 8.59 25.45 28.70
CA TRP O 129 8.17 26.82 28.89
C TRP O 129 9.37 27.74 28.86
N ASN O 130 9.10 29.02 28.69
CA ASN O 130 10.16 30.01 28.57
C ASN O 130 9.67 31.31 29.19
N ILE O 131 10.51 31.90 30.04
CA ILE O 131 10.19 33.17 30.68
C ILE O 131 10.64 34.29 29.76
N GLU O 132 9.66 34.99 29.19
CA GLU O 132 9.96 36.04 28.23
C GLU O 132 10.61 37.22 28.92
N GLU O 133 11.61 37.80 28.26
CA GLU O 133 12.41 38.87 28.83
C GLU O 133 12.60 40.04 27.89
N GLU O 134 12.07 39.99 26.66
CA GLU O 134 12.04 41.14 25.79
C GLU O 134 10.73 41.92 25.92
N GLY O 135 9.94 41.68 26.95
CA GLY O 135 8.86 42.58 27.30
C GLY O 135 7.47 42.26 26.75
N TYR O 136 7.30 41.25 25.92
CA TYR O 136 5.98 41.01 25.35
C TYR O 136 5.94 39.62 24.74
N GLN O 137 4.72 39.14 24.53
CA GLN O 137 4.55 37.82 23.94
C GLN O 137 3.18 37.77 23.29
N ALA O 138 2.98 36.76 22.45
CA ALA O 138 1.66 36.57 21.86
C ALA O 138 1.53 35.11 21.46
N VAL O 139 0.29 34.68 21.25
CA VAL O 139 0.01 33.31 20.79
C VAL O 139 -1.20 33.32 19.88
N GLY O 140 -1.21 32.39 18.94
CA GLY O 140 -2.33 32.21 18.01
C GLY O 140 -1.93 32.49 16.58
N SER O 141 -2.92 32.35 15.69
CA SER O 141 -2.65 32.49 14.26
C SER O 141 -2.13 33.88 13.89
N GLY O 142 -2.50 34.91 14.64
CA GLY O 142 -2.03 36.24 14.38
C GLY O 142 -0.82 36.65 15.18
N SER O 143 -0.20 35.70 15.88
CA SER O 143 0.86 36.05 16.82
C SER O 143 2.04 36.74 16.14
N LEU O 144 2.40 36.32 14.93
CA LEU O 144 3.58 36.91 14.30
C LEU O 144 3.34 38.39 13.97
N PHE O 145 2.16 38.69 13.44
CA PHE O 145 1.86 40.09 13.13
C PHE O 145 1.79 40.94 14.39
N ALA O 146 1.26 40.35 15.47
CA ALA O 146 1.13 41.05 16.75
C ALA O 146 2.49 41.36 17.35
N LYS O 147 3.39 40.36 17.35
CA LYS O 147 4.74 40.58 17.85
C LYS O 147 5.49 41.60 17.00
N SER O 148 5.39 41.49 15.68
CA SER O 148 6.09 42.46 14.84
C SER O 148 5.50 43.85 14.99
N SER O 149 4.25 43.95 15.42
CA SER O 149 3.71 45.27 15.73
C SER O 149 4.24 45.78 17.07
N MET O 150 4.27 44.92 18.09
CA MET O 150 4.69 45.38 19.40
C MET O 150 6.17 45.73 19.44
N LYS O 151 6.98 45.07 18.63
CA LYS O 151 8.41 45.39 18.57
C LYS O 151 8.63 46.86 18.27
N LYS O 152 7.81 47.41 17.37
CA LYS O 152 7.94 48.82 17.02
C LYS O 152 7.21 49.70 18.03
N LEU O 153 6.03 49.28 18.49
CA LEU O 153 5.22 50.16 19.33
C LEU O 153 5.64 50.17 20.80
N TYR O 154 6.60 49.33 21.20
CA TYR O 154 6.81 49.06 22.61
C TYR O 154 7.56 50.16 23.34
N SER O 155 8.32 50.99 22.64
CA SER O 155 8.96 52.12 23.29
C SER O 155 7.94 53.14 23.80
N GLN O 156 6.69 53.08 23.35
CA GLN O 156 5.65 53.99 23.81
C GLN O 156 5.05 53.58 25.14
N VAL O 157 5.34 52.38 25.61
CA VAL O 157 4.72 51.84 26.81
C VAL O 157 5.39 52.45 28.03
N THR O 158 4.64 53.20 28.83
CA THR O 158 5.20 53.85 30.00
C THR O 158 4.40 53.67 31.28
N ASP O 159 3.19 53.12 31.21
CA ASP O 159 2.31 52.97 32.36
C ASP O 159 1.26 51.94 32.02
N GLY O 160 0.22 51.86 32.86
CA GLY O 160 -0.84 50.91 32.60
C GLY O 160 -1.66 51.26 31.37
N ASP O 161 -1.98 52.53 31.21
CA ASP O 161 -2.86 52.90 30.11
C ASP O 161 -2.16 52.83 28.75
N SER O 162 -0.97 53.42 28.62
CA SER O 162 -0.26 53.30 27.35
C SER O 162 -0.01 51.85 26.98
N GLY O 163 0.33 51.02 27.97
CA GLY O 163 0.48 49.60 27.70
C GLY O 163 -0.80 48.97 27.20
N LEU O 164 -1.93 49.39 27.75
CA LEU O 164 -3.21 48.88 27.26
C LEU O 164 -3.45 49.28 25.80
N ARG O 165 -3.19 50.55 25.47
CA ARG O 165 -3.38 50.99 24.10
C ARG O 165 -2.50 50.22 23.14
N VAL O 166 -1.25 49.97 23.51
CA VAL O 166 -0.35 49.21 22.66
C VAL O 166 -0.88 47.80 22.45
N ALA O 167 -1.40 47.18 23.52
CA ALA O 167 -2.01 45.86 23.38
C ALA O 167 -3.13 45.89 22.33
N VAL O 168 -4.08 46.81 22.48
CA VAL O 168 -5.21 46.88 21.55
C VAL O 168 -4.73 47.09 20.12
N GLU O 169 -3.73 47.96 19.94
CA GLU O 169 -3.23 48.18 18.59
C GLU O 169 -2.63 46.92 18.00
N ALA O 170 -1.78 46.23 18.77
CA ALA O 170 -1.19 44.98 18.28
C ALA O 170 -2.27 44.01 17.82
N LEU O 171 -3.34 43.88 18.62
CA LEU O 171 -4.47 43.07 18.19
C LEU O 171 -5.05 43.56 16.87
N TYR O 172 -5.22 44.89 16.73
CA TYR O 172 -5.76 45.45 15.49
C TYR O 172 -4.93 45.06 14.27
N ASP O 173 -3.61 44.98 14.43
CA ASP O 173 -2.79 44.64 13.27
C ASP O 173 -2.82 43.15 12.98
N ALA O 174 -2.80 42.33 14.03
CA ALA O 174 -3.06 40.91 13.86
C ALA O 174 -4.31 40.70 13.02
N ALA O 175 -5.45 41.24 13.46
CA ALA O 175 -6.68 41.10 12.69
C ALA O 175 -6.58 41.70 11.31
N ASP O 176 -5.79 42.76 11.16
CA ASP O 176 -5.72 43.43 9.87
C ASP O 176 -5.07 42.56 8.80
N ASP O 177 -4.15 41.68 9.22
CA ASP O 177 -3.41 40.86 8.27
C ASP O 177 -3.75 39.38 8.31
N ASP O 178 -4.64 38.97 9.20
CA ASP O 178 -5.07 37.57 9.30
C ASP O 178 -6.58 37.53 9.45
N SER O 179 -7.23 36.58 8.76
CA SER O 179 -8.68 36.54 8.69
C SER O 179 -9.32 35.76 9.83
N ALA O 180 -8.55 34.88 10.50
CA ALA O 180 -9.02 34.12 11.64
C ALA O 180 -9.09 34.94 12.92
N THR O 181 -8.55 36.16 12.93
CA THR O 181 -8.58 37.05 14.08
C THR O 181 -9.58 38.16 13.82
N GLY O 182 -10.52 38.34 14.74
CA GLY O 182 -11.52 39.38 14.60
C GLY O 182 -11.01 40.71 15.14
N GLY O 183 -11.32 41.78 14.41
CA GLY O 183 -11.05 43.12 14.89
C GLY O 183 -12.23 43.70 15.64
N PRO O 184 -12.07 44.93 16.13
CA PRO O 184 -13.20 45.60 16.80
C PRO O 184 -14.39 45.73 15.87
N ASP O 185 -15.53 45.15 16.28
CA ASP O 185 -16.76 45.25 15.50
C ASP O 185 -17.48 46.50 15.96
N LEU O 186 -17.41 47.56 15.14
CA LEU O 186 -18.08 48.80 15.51
C LEU O 186 -19.59 48.67 15.38
N VAL O 187 -20.06 47.78 14.52
CA VAL O 187 -21.49 47.66 14.28
C VAL O 187 -22.19 47.01 15.47
N ARG O 188 -21.70 45.86 15.91
CA ARG O 188 -22.27 45.15 17.04
C ARG O 188 -21.70 45.59 18.38
N GLY O 189 -20.64 46.39 18.39
CA GLY O 189 -20.08 46.87 19.64
C GLY O 189 -19.35 45.81 20.43
N ILE O 190 -18.58 44.96 19.77
CA ILE O 190 -17.83 43.89 20.42
C ILE O 190 -16.35 44.18 20.27
N PHE O 191 -15.64 44.26 21.38
CA PHE O 191 -14.25 44.70 21.42
C PHE O 191 -13.41 43.63 22.09
N PRO O 192 -12.09 43.68 21.94
CA PRO O 192 -11.23 42.69 22.60
C PRO O 192 -11.42 42.74 24.11
N THR O 193 -11.08 41.66 24.78
CA THR O 193 -11.14 41.66 26.23
C THR O 193 -9.73 41.84 26.79
N ALA O 194 -9.65 42.45 27.96
CA ALA O 194 -8.35 42.76 28.55
C ALA O 194 -8.37 42.56 30.05
N VAL O 195 -7.24 42.13 30.59
CA VAL O 195 -7.04 41.96 32.02
C VAL O 195 -5.78 42.70 32.41
N ILE O 196 -5.84 43.44 33.51
CA ILE O 196 -4.67 44.16 34.02
C ILE O 196 -4.31 43.59 35.38
N ILE O 197 -3.04 43.27 35.57
CA ILE O 197 -2.54 42.78 36.85
C ILE O 197 -1.46 43.73 37.34
N ASP O 198 -1.58 44.18 38.58
CA ASP O 198 -0.51 44.95 39.22
C ASP O 198 -0.48 44.57 40.68
N ALA O 199 0.26 45.36 41.48
CA ALA O 199 0.40 45.12 42.92
C ALA O 199 -0.91 44.79 43.62
N ASP O 200 -2.04 45.28 43.12
CA ASP O 200 -3.32 45.09 43.80
C ASP O 200 -4.13 43.92 43.29
N GLY O 201 -3.60 43.10 42.40
CA GLY O 201 -4.29 41.95 41.88
C GLY O 201 -4.64 42.09 40.41
N ALA O 202 -5.65 41.30 40.01
CA ALA O 202 -6.08 41.23 38.62
C ALA O 202 -7.51 41.76 38.50
N VAL O 203 -7.72 42.70 37.58
CA VAL O 203 -9.05 43.20 37.30
C VAL O 203 -9.29 43.18 35.80
N ASP O 204 -10.54 42.95 35.44
CA ASP O 204 -10.93 43.04 34.04
C ASP O 204 -11.07 44.50 33.64
N VAL O 205 -10.50 44.86 32.51
CA VAL O 205 -10.73 46.21 32.01
C VAL O 205 -12.19 46.33 31.59
N PRO O 206 -12.92 47.32 32.09
CA PRO O 206 -14.31 47.49 31.65
C PRO O 206 -14.39 47.89 30.18
N GLU O 207 -15.48 47.45 29.55
CA GLU O 207 -15.53 47.48 28.08
C GLU O 207 -15.35 48.89 27.52
N SER O 208 -15.92 49.89 28.20
CA SER O 208 -15.88 51.27 27.67
C SER O 208 -14.46 51.71 27.34
N ARG O 209 -13.50 51.41 28.22
CA ARG O 209 -12.13 51.85 27.98
C ARG O 209 -11.58 51.24 26.69
N ILE O 210 -11.80 49.95 26.50
CA ILE O 210 -11.35 49.29 25.28
C ILE O 210 -12.07 49.87 24.06
N ALA O 211 -13.35 50.24 24.22
CA ALA O 211 -14.09 50.84 23.11
C ALA O 211 -13.46 52.15 22.65
N GLU O 212 -13.11 53.01 23.62
CA GLU O 212 -12.50 54.30 23.29
C GLU O 212 -11.16 54.13 22.63
N LEU O 213 -10.31 53.25 23.17
CA LEU O 213 -9.01 53.01 22.56
C LEU O 213 -9.17 52.51 21.13
N ALA O 214 -10.07 51.55 20.91
CA ALA O 214 -10.28 51.02 19.57
C ALA O 214 -10.75 52.12 18.62
N ARG O 215 -11.69 52.97 19.05
CA ARG O 215 -12.16 54.03 18.17
C ARG O 215 -11.03 55.02 17.86
N ALA O 216 -10.17 55.30 18.84
CA ALA O 216 -9.03 56.18 18.58
C ALA O 216 -8.12 55.58 17.51
N ILE O 217 -7.82 54.28 17.60
CA ILE O 217 -6.95 53.65 16.61
C ILE O 217 -7.60 53.72 15.23
N ILE O 218 -8.86 53.29 15.14
CA ILE O 218 -9.56 53.27 13.86
C ILE O 218 -9.59 54.65 13.22
N GLU O 219 -9.82 55.72 14.01
CA GLU O 219 -9.80 57.05 13.40
C GLU O 219 -8.40 57.45 13.02
N SER O 220 -7.40 56.96 13.75
CA SER O 220 -6.03 57.33 13.39
C SER O 220 -5.65 56.76 12.03
N ARG O 221 -6.16 55.57 11.70
CA ARG O 221 -5.75 54.93 10.45
C ARG O 221 -6.50 55.47 9.22
N SER O 222 -7.68 56.05 9.40
CA SER O 222 -8.44 56.58 8.26
C SER O 222 -7.75 57.76 7.56
N THR P 1 -33.16 16.34 8.30
CA THR P 1 -33.63 16.77 9.61
C THR P 1 -33.32 18.23 9.85
N THR P 2 -34.14 18.88 10.68
CA THR P 2 -34.00 20.30 10.97
C THR P 2 -34.85 20.58 12.20
N ILE P 3 -34.24 21.24 13.18
CA ILE P 3 -34.92 21.57 14.42
C ILE P 3 -34.58 23.02 14.74
N VAL P 4 -35.59 23.87 14.80
CA VAL P 4 -35.38 25.28 15.09
C VAL P 4 -35.85 25.57 16.50
N ALA P 5 -35.28 26.61 17.11
CA ALA P 5 -35.68 27.04 18.44
C ALA P 5 -35.52 28.54 18.50
N LEU P 6 -36.52 29.25 19.02
CA LEU P 6 -36.39 30.69 19.09
C LEU P 6 -37.03 31.22 20.36
N LYS P 7 -36.42 32.24 20.95
CA LYS P 7 -36.96 32.90 22.13
C LYS P 7 -38.00 33.91 21.68
N TYR P 8 -39.03 34.09 22.48
CA TYR P 8 -39.96 35.18 22.29
C TYR P 8 -40.11 35.90 23.61
N PRO P 9 -40.65 37.11 23.64
CA PRO P 9 -40.74 37.73 24.95
C PRO P 9 -41.56 36.82 25.83
N GLY P 10 -41.00 36.47 26.97
CA GLY P 10 -41.67 35.58 27.90
C GLY P 10 -41.56 34.07 27.70
N GLY P 11 -40.82 33.56 26.72
CA GLY P 11 -40.75 32.12 26.63
C GLY P 11 -39.84 31.65 25.52
N VAL P 12 -39.91 30.35 25.23
CA VAL P 12 -39.11 29.76 24.17
C VAL P 12 -39.96 28.77 23.41
N VAL P 13 -39.69 28.62 22.11
CA VAL P 13 -40.44 27.66 21.31
C VAL P 13 -39.44 26.81 20.53
N MET P 14 -39.79 25.55 20.33
CA MET P 14 -38.88 24.60 19.69
C MET P 14 -39.67 23.66 18.81
N ALA P 15 -39.35 23.63 17.50
CA ALA P 15 -40.11 22.84 16.53
C ALA P 15 -39.17 21.98 15.67
N GLY P 16 -39.69 20.85 15.19
CA GLY P 16 -38.88 19.91 14.42
C GLY P 16 -39.73 19.22 13.36
N ASP P 17 -39.09 18.83 12.27
CA ASP P 17 -39.84 18.22 11.16
C ASP P 17 -40.09 16.73 11.48
N ARG P 18 -40.54 15.94 10.49
CA ARG P 18 -40.93 14.55 10.74
C ARG P 18 -40.27 13.47 9.90
N ARG P 19 -39.45 13.82 8.92
CA ARG P 19 -38.92 12.84 7.97
C ARG P 19 -37.67 12.19 8.55
N SER P 20 -37.42 10.94 8.12
CA SER P 20 -36.22 10.20 8.44
C SER P 20 -35.86 9.37 7.22
N THR P 21 -34.62 9.47 6.78
CA THR P 21 -34.26 8.89 5.48
C THR P 21 -33.18 7.82 5.66
N GLN P 22 -32.97 7.05 4.59
CA GLN P 22 -31.78 6.22 4.45
C GLN P 22 -31.28 6.47 3.02
N GLY P 23 -30.29 7.33 2.88
CA GLY P 23 -29.86 7.68 1.53
C GLY P 23 -30.95 8.53 0.90
N ASN P 24 -31.34 8.20 -0.33
CA ASN P 24 -32.41 8.91 -1.04
C ASN P 24 -33.80 8.43 -0.67
N MET P 25 -33.91 7.43 0.21
CA MET P 25 -35.18 6.75 0.47
C MET P 25 -35.86 7.27 1.73
N ILE P 26 -37.12 7.66 1.58
CA ILE P 26 -37.88 8.25 2.69
C ILE P 26 -38.39 7.09 3.54
N SER P 27 -37.91 6.98 4.78
CA SER P 27 -38.21 5.79 5.58
C SER P 27 -39.17 6.05 6.73
N GLY P 28 -39.28 7.27 7.21
CA GLY P 28 -40.20 7.53 8.29
C GLY P 28 -40.87 8.87 8.03
N ARG P 29 -42.21 8.87 8.04
CA ARG P 29 -43.01 10.05 7.73
C ARG P 29 -43.59 10.73 8.97
N ASP P 30 -43.26 10.24 10.18
CA ASP P 30 -43.89 10.75 11.40
C ASP P 30 -43.02 10.57 12.63
N VAL P 31 -41.69 10.65 12.48
CA VAL P 31 -40.80 10.59 13.63
C VAL P 31 -40.96 11.86 14.47
N ARG P 32 -40.86 11.71 15.78
CA ARG P 32 -40.90 12.87 16.69
C ARG P 32 -39.49 13.13 17.21
N LYS P 33 -38.94 14.30 16.89
CA LYS P 33 -37.55 14.59 17.21
C LYS P 33 -37.36 15.55 18.39
N VAL P 34 -38.44 16.12 18.91
CA VAL P 34 -38.36 17.09 20.01
C VAL P 34 -39.04 16.47 21.22
N TYR P 35 -38.29 16.29 22.31
CA TYR P 35 -38.80 15.70 23.53
C TYR P 35 -38.91 16.74 24.63
N ILE P 36 -39.80 16.49 25.58
CA ILE P 36 -39.88 17.32 26.78
C ILE P 36 -39.07 16.60 27.86
N THR P 37 -37.80 16.97 28.00
CA THR P 37 -36.97 16.24 28.95
C THR P 37 -37.36 16.56 30.38
N ASP P 38 -37.90 17.75 30.62
CA ASP P 38 -38.40 18.06 31.96
C ASP P 38 -39.30 19.29 31.89
N ASP P 39 -39.84 19.67 33.05
CA ASP P 39 -40.87 20.70 33.16
C ASP P 39 -40.40 22.04 32.62
N TYR P 40 -39.11 22.20 32.37
CA TYR P 40 -38.62 23.48 31.88
C TYR P 40 -37.58 23.34 30.78
N THR P 41 -37.36 22.13 30.27
CA THR P 41 -36.42 22.01 29.16
C THR P 41 -37.00 21.04 28.15
N ALA P 42 -36.84 21.40 26.88
CA ALA P 42 -37.06 20.50 25.76
C ALA P 42 -35.75 20.31 25.01
N THR P 43 -35.59 19.14 24.43
CA THR P 43 -34.36 18.76 23.74
C THR P 43 -34.70 18.23 22.36
N GLY P 44 -34.11 18.82 21.33
CA GLY P 44 -34.13 18.27 19.98
C GLY P 44 -32.79 17.63 19.70
N ILE P 45 -32.77 16.56 18.91
CA ILE P 45 -31.54 15.89 18.53
C ILE P 45 -31.58 15.59 17.04
N ALA P 46 -30.59 16.08 16.31
CA ALA P 46 -30.38 15.74 14.90
C ALA P 46 -29.32 14.64 14.80
N GLY P 47 -29.42 13.83 13.75
CA GLY P 47 -28.37 12.89 13.50
C GLY P 47 -28.89 11.49 13.57
N THR P 48 -28.00 10.52 13.77
CA THR P 48 -28.36 9.10 13.80
C THR P 48 -29.56 8.87 14.71
N ALA P 49 -30.58 8.19 14.19
CA ALA P 49 -31.84 8.09 14.92
C ALA P 49 -31.69 7.33 16.22
N ALA P 50 -30.98 6.21 16.21
CA ALA P 50 -30.77 5.44 17.43
C ALA P 50 -30.12 6.31 18.52
N VAL P 51 -28.91 6.79 18.24
CA VAL P 51 -28.16 7.62 19.18
C VAL P 51 -28.99 8.79 19.67
N ALA P 52 -29.81 9.36 18.78
CA ALA P 52 -30.65 10.48 19.15
C ALA P 52 -31.67 10.11 20.22
N VAL P 53 -32.49 9.08 19.95
CA VAL P 53 -33.55 8.73 20.89
C VAL P 53 -32.96 8.29 22.22
N GLU P 54 -31.83 7.60 22.16
CA GLU P 54 -31.13 7.17 23.36
C GLU P 54 -30.65 8.35 24.19
N PHE P 55 -29.93 9.30 23.56
CA PHE P 55 -29.54 10.54 24.25
C PHE P 55 -30.71 11.14 25.01
N ALA P 56 -31.78 11.44 24.27
CA ALA P 56 -32.93 12.09 24.88
C ALA P 56 -33.43 11.34 26.11
N ARG P 57 -33.63 10.02 25.95
CA ARG P 57 -34.15 9.20 27.05
C ARG P 57 -33.25 9.25 28.27
N LEU P 58 -31.96 8.98 28.07
CA LEU P 58 -31.01 8.88 29.17
C LEU P 58 -30.83 10.21 29.89
N TYR P 59 -30.78 11.31 29.13
CA TYR P 59 -30.65 12.63 29.74
C TYR P 59 -31.86 12.96 30.60
N ALA P 60 -33.06 12.71 30.10
CA ALA P 60 -34.25 12.90 30.91
C ALA P 60 -34.17 12.11 32.21
N VAL P 61 -33.72 10.85 32.11
CA VAL P 61 -33.58 10.01 33.30
C VAL P 61 -32.63 10.64 34.31
N GLU P 62 -31.51 11.17 33.83
CA GLU P 62 -30.49 11.69 34.73
C GLU P 62 -30.95 12.98 35.43
N LEU P 63 -31.51 13.92 34.66
CA LEU P 63 -32.08 15.12 35.27
C LEU P 63 -33.02 14.75 36.40
N GLU P 64 -34.00 13.88 36.10
CA GLU P 64 -35.00 13.51 37.10
C GLU P 64 -34.41 12.72 38.27
N HIS P 65 -33.35 11.95 38.02
CA HIS P 65 -32.71 11.17 39.08
C HIS P 65 -32.07 12.08 40.11
N TYR P 66 -31.24 13.03 39.65
CA TYR P 66 -30.67 13.98 40.60
C TYR P 66 -31.76 14.74 41.33
N GLU P 67 -32.82 15.12 40.61
CA GLU P 67 -33.94 15.80 41.25
C GLU P 67 -34.54 14.99 42.39
N LYS P 68 -34.66 13.66 42.21
CA LYS P 68 -35.23 12.84 43.27
C LYS P 68 -34.27 12.66 44.44
N LEU P 69 -32.97 12.57 44.16
CA LEU P 69 -32.01 12.40 45.24
C LEU P 69 -31.84 13.66 46.06
N GLU P 70 -31.73 14.83 45.43
CA GLU P 70 -31.41 16.05 46.15
C GLU P 70 -32.62 16.90 46.50
N GLY P 71 -33.80 16.57 45.99
CA GLY P 71 -34.95 17.37 46.33
C GLY P 71 -35.01 18.72 45.66
N VAL P 72 -34.20 18.95 44.64
CA VAL P 72 -34.29 20.22 43.91
C VAL P 72 -33.66 20.06 42.53
N PRO P 73 -34.28 20.57 41.44
CA PRO P 73 -33.64 20.41 40.13
C PRO P 73 -32.31 21.12 40.08
N LEU P 74 -31.43 20.63 39.21
CA LEU P 74 -30.19 21.33 38.92
C LEU P 74 -30.51 22.73 38.41
N THR P 75 -29.53 23.64 38.50
CA THR P 75 -29.67 24.90 37.80
C THR P 75 -29.50 24.67 36.30
N PHE P 76 -29.93 25.64 35.50
CA PHE P 76 -29.80 25.50 34.06
C PHE P 76 -28.35 25.26 33.66
N ALA P 77 -27.42 25.80 34.45
CA ALA P 77 -25.99 25.57 34.19
C ALA P 77 -25.61 24.11 34.36
N GLY P 78 -26.06 23.48 35.45
CA GLY P 78 -25.77 22.07 35.64
C GLY P 78 -26.32 21.20 34.53
N LYS P 79 -27.58 21.45 34.15
CA LYS P 79 -28.19 20.72 33.02
C LYS P 79 -27.35 20.85 31.77
N ILE P 80 -26.98 22.09 31.41
CA ILE P 80 -26.09 22.30 30.27
C ILE P 80 -24.86 21.43 30.39
N ASN P 81 -24.28 21.36 31.60
CA ASN P 81 -23.05 20.62 31.75
C ASN P 81 -23.23 19.13 31.51
N ARG P 82 -24.27 18.54 32.11
CA ARG P 82 -24.49 17.11 31.96
C ARG P 82 -24.73 16.74 30.49
N LEU P 83 -25.59 17.51 29.80
CA LEU P 83 -25.81 17.28 28.37
C LEU P 83 -24.50 17.33 27.60
N ALA P 84 -23.67 18.33 27.91
CA ALA P 84 -22.37 18.46 27.27
C ALA P 84 -21.48 17.24 27.50
N ILE P 85 -21.53 16.68 28.70
CA ILE P 85 -20.68 15.54 29.01
C ILE P 85 -21.15 14.30 28.26
N MET P 86 -22.47 14.09 28.18
CA MET P 86 -22.98 13.03 27.33
C MET P 86 -22.48 13.18 25.90
N VAL P 87 -22.64 14.38 25.33
CA VAL P 87 -22.25 14.61 23.94
C VAL P 87 -20.78 14.33 23.73
N ARG P 88 -19.94 14.80 24.66
CA ARG P 88 -18.52 14.51 24.61
C ARG P 88 -18.25 13.01 24.68
N GLY P 89 -19.09 12.27 25.41
CA GLY P 89 -18.91 10.84 25.50
C GLY P 89 -19.20 10.10 24.21
N ASN P 90 -20.09 10.62 23.39
CA ASN P 90 -20.38 9.94 22.13
C ASN P 90 -19.37 10.27 21.03
N LEU P 91 -18.29 11.00 21.34
CA LEU P 91 -17.41 11.50 20.28
C LEU P 91 -16.74 10.37 19.48
N ALA P 92 -16.28 9.32 20.17
CA ALA P 92 -15.62 8.22 19.48
C ALA P 92 -16.53 7.59 18.44
N ALA P 93 -17.80 7.36 18.81
CA ALA P 93 -18.77 6.79 17.88
C ALA P 93 -19.20 7.78 16.81
N ALA P 94 -19.16 9.08 17.11
CA ALA P 94 -19.49 10.10 16.11
C ALA P 94 -18.45 10.15 14.99
N MET P 95 -17.18 9.91 15.32
CA MET P 95 -16.17 9.77 14.27
C MET P 95 -16.39 8.52 13.43
N GLN P 96 -16.95 7.48 14.03
CA GLN P 96 -17.30 6.27 13.30
C GLN P 96 -18.60 6.41 12.53
N GLY P 97 -19.21 7.58 12.51
CA GLY P 97 -20.48 7.78 11.82
C GLY P 97 -21.73 7.88 12.68
N LEU P 98 -21.71 7.53 13.96
CA LEU P 98 -22.95 7.59 14.76
C LEU P 98 -23.11 8.94 15.45
N LEU P 99 -23.08 10.04 14.70
CA LEU P 99 -23.07 11.38 15.29
C LEU P 99 -24.49 11.82 15.67
N ALA P 100 -24.63 12.45 16.84
CA ALA P 100 -25.91 13.00 17.26
C ALA P 100 -25.67 14.34 17.94
N LEU P 101 -26.32 15.40 17.43
CA LEU P 101 -26.13 16.74 17.99
C LEU P 101 -27.42 17.25 18.61
N PRO P 102 -27.37 17.66 19.87
CA PRO P 102 -28.54 18.19 20.57
C PRO P 102 -28.58 19.72 20.59
N LEU P 103 -29.81 20.21 20.55
CA LEU P 103 -30.15 21.62 20.72
C LEU P 103 -31.10 21.68 21.91
N LEU P 104 -30.74 22.46 22.92
CA LEU P 104 -31.41 22.44 24.21
C LEU P 104 -32.10 23.77 24.45
N ALA P 105 -33.41 23.74 24.65
CA ALA P 105 -34.19 24.93 24.97
C ALA P 105 -34.71 24.82 26.37
N GLY P 106 -34.60 25.89 27.13
CA GLY P 106 -35.07 25.87 28.49
C GLY P 106 -35.58 27.22 28.94
N TYR P 107 -36.34 27.20 30.03
CA TYR P 107 -36.83 28.43 30.63
C TYR P 107 -36.28 28.49 32.05
N ASP P 108 -35.37 29.41 32.27
CA ASP P 108 -34.75 29.55 33.58
C ASP P 108 -35.72 30.21 34.53
N ILE P 109 -36.14 29.48 35.56
CA ILE P 109 -37.01 30.06 36.58
C ILE P 109 -36.23 31.02 37.48
N HIS P 110 -34.91 30.81 37.63
CA HIS P 110 -34.10 31.63 38.52
C HIS P 110 -33.56 32.89 37.89
N ALA P 111 -33.75 33.08 36.59
CA ALA P 111 -33.25 34.29 35.95
C ALA P 111 -33.92 35.51 36.58
N SER P 112 -33.27 36.67 36.42
CA SER P 112 -33.76 37.88 37.04
C SER P 112 -34.99 38.43 36.31
N ASP P 113 -34.85 38.70 35.01
CA ASP P 113 -35.97 39.21 34.21
C ASP P 113 -36.76 38.06 33.60
N PRO P 114 -38.05 37.93 33.94
CA PRO P 114 -38.87 36.87 33.34
C PRO P 114 -39.00 36.98 31.83
N GLN P 115 -39.04 38.21 31.29
CA GLN P 115 -39.23 38.39 29.85
C GLN P 115 -38.05 37.87 29.03
N SER P 116 -36.88 37.68 29.66
CA SER P 116 -35.73 37.16 28.94
C SER P 116 -35.14 35.94 29.62
N ALA P 117 -35.94 35.21 30.39
CA ALA P 117 -35.48 33.97 30.99
C ALA P 117 -35.39 32.81 30.00
N GLY P 118 -35.77 33.01 28.75
CA GLY P 118 -35.63 31.97 27.76
C GLY P 118 -34.17 31.66 27.50
N ARG P 119 -33.90 30.42 27.11
CA ARG P 119 -32.52 29.98 26.95
C ARG P 119 -32.41 29.02 25.79
N ILE P 120 -31.44 29.27 24.91
CA ILE P 120 -31.14 28.35 23.82
C ILE P 120 -29.67 28.02 23.87
N VAL P 121 -29.35 26.73 23.72
CA VAL P 121 -27.98 26.25 23.88
C VAL P 121 -27.67 25.27 22.76
N SER P 122 -26.52 25.44 22.11
CA SER P 122 -26.14 24.59 20.99
C SER P 122 -24.82 23.89 21.27
N PHE P 123 -24.68 22.68 20.72
CA PHE P 123 -23.54 21.83 20.97
C PHE P 123 -22.91 21.39 19.66
N ASP P 124 -21.61 21.14 19.71
CA ASP P 124 -20.89 20.52 18.60
C ASP P 124 -20.60 19.07 18.94
N ALA P 125 -19.97 18.35 18.01
CA ALA P 125 -19.66 16.95 18.22
C ALA P 125 -18.65 16.75 19.35
N ALA P 126 -17.88 17.77 19.71
CA ALA P 126 -16.84 17.63 20.73
C ALA P 126 -17.30 18.08 22.10
N GLY P 127 -18.60 18.27 22.32
CA GLY P 127 -19.12 18.55 23.65
C GLY P 127 -19.09 19.99 24.06
N GLY P 128 -18.32 20.84 23.39
CA GLY P 128 -18.41 22.26 23.65
C GLY P 128 -19.79 22.78 23.38
N TRP P 129 -20.19 23.78 24.16
CA TRP P 129 -21.52 24.35 24.03
C TRP P 129 -21.43 25.86 23.98
N ASN P 130 -22.53 26.47 23.53
CA ASN P 130 -22.57 27.92 23.36
C ASN P 130 -23.98 28.40 23.64
N ILE P 131 -24.09 29.43 24.46
CA ILE P 131 -25.38 30.02 24.81
C ILE P 131 -25.71 31.06 23.75
N GLU P 132 -26.71 30.75 22.94
CA GLU P 132 -27.08 31.63 21.84
C GLU P 132 -27.71 32.91 22.37
N GLU P 133 -27.35 34.02 21.74
CA GLU P 133 -27.78 35.33 22.20
C GLU P 133 -28.32 36.21 21.07
N GLU P 134 -28.31 35.74 19.83
CA GLU P 134 -29.00 36.43 18.75
C GLU P 134 -30.42 35.93 18.55
N GLY P 135 -30.99 35.20 19.52
CA GLY P 135 -32.41 34.96 19.53
C GLY P 135 -32.93 33.67 18.89
N TYR P 136 -32.08 32.87 18.25
CA TYR P 136 -32.62 31.70 17.57
C TYR P 136 -31.48 30.76 17.23
N GLN P 137 -31.83 29.51 16.97
CA GLN P 137 -30.82 28.52 16.62
C GLN P 137 -31.50 27.42 15.82
N ALA P 138 -30.69 26.60 15.17
CA ALA P 138 -31.24 25.44 14.47
C ALA P 138 -30.15 24.40 14.35
N VAL P 139 -30.56 23.16 14.07
CA VAL P 139 -29.61 22.06 13.85
C VAL P 139 -30.18 21.12 12.80
N GLY P 140 -29.27 20.48 12.06
CA GLY P 140 -29.63 19.49 11.06
C GLY P 140 -29.26 19.95 9.65
N SER P 141 -29.57 19.08 8.69
CA SER P 141 -29.18 19.33 7.30
C SER P 141 -29.80 20.60 6.75
N GLY P 142 -30.96 21.00 7.24
CA GLY P 142 -31.61 22.21 6.78
C GLY P 142 -31.32 23.41 7.64
N SER P 143 -30.38 23.31 8.58
CA SER P 143 -30.21 24.37 9.56
C SER P 143 -29.81 25.70 8.92
N LEU P 144 -28.99 25.67 7.87
CA LEU P 144 -28.55 26.94 7.31
C LEU P 144 -29.71 27.70 6.66
N PHE P 145 -30.56 26.99 5.93
CA PHE P 145 -31.71 27.63 5.33
C PHE P 145 -32.68 28.15 6.38
N ALA P 146 -32.83 27.41 7.48
CA ALA P 146 -33.72 27.78 8.56
C ALA P 146 -33.23 29.04 9.26
N LYS P 147 -31.93 29.09 9.57
CA LYS P 147 -31.35 30.29 10.19
C LYS P 147 -31.44 31.49 9.27
N SER P 148 -31.12 31.31 7.98
CA SER P 148 -31.21 32.43 7.07
C SER P 148 -32.64 32.89 6.88
N SER P 149 -33.61 32.00 7.12
CA SER P 149 -35.00 32.45 7.10
C SER P 149 -35.34 33.22 8.37
N MET P 150 -34.92 32.71 9.53
CA MET P 150 -35.30 33.37 10.77
C MET P 150 -34.64 34.72 10.94
N LYS P 151 -33.44 34.90 10.38
CA LYS P 151 -32.78 36.20 10.45
C LYS P 151 -33.66 37.29 9.89
N LYS P 152 -34.38 37.00 8.81
CA LYS P 152 -35.25 38.01 8.23
C LYS P 152 -36.61 38.04 8.94
N LEU P 153 -37.15 36.86 9.31
CA LEU P 153 -38.50 36.84 9.86
C LEU P 153 -38.58 37.20 11.34
N TYR P 154 -37.45 37.40 12.01
CA TYR P 154 -37.43 37.43 13.47
C TYR P 154 -37.95 38.73 14.07
N SER P 155 -37.93 39.83 13.31
CA SER P 155 -38.51 41.06 13.81
C SER P 155 -40.02 40.95 13.99
N GLN P 156 -40.66 39.95 13.40
CA GLN P 156 -42.10 39.74 13.53
C GLN P 156 -42.49 39.05 14.83
N VAL P 157 -41.51 38.51 15.55
CA VAL P 157 -41.79 37.72 16.75
C VAL P 157 -42.08 38.66 17.90
N THR P 158 -43.31 38.59 18.43
CA THR P 158 -43.70 39.47 19.53
C THR P 158 -44.36 38.76 20.70
N ASP P 159 -44.70 37.47 20.58
CA ASP P 159 -45.42 36.75 21.62
C ASP P 159 -45.24 35.27 21.35
N GLY P 160 -46.02 34.44 22.04
CA GLY P 160 -45.92 33.01 21.84
C GLY P 160 -46.41 32.59 20.48
N ASP P 161 -47.54 33.14 20.03
CA ASP P 161 -48.10 32.67 18.78
C ASP P 161 -47.29 33.13 17.56
N SER P 162 -46.95 34.42 17.47
CA SER P 162 -46.13 34.87 16.35
C SER P 162 -44.81 34.11 16.30
N GLY P 163 -44.20 33.86 17.47
CA GLY P 163 -42.99 33.06 17.51
C GLY P 163 -43.21 31.66 16.97
N LEU P 164 -44.37 31.07 17.28
CA LEU P 164 -44.68 29.76 16.73
C LEU P 164 -44.80 29.79 15.21
N ARG P 165 -45.50 30.80 14.68
CA ARG P 165 -45.64 30.90 13.23
C ARG P 165 -44.28 31.06 12.55
N VAL P 166 -43.40 31.87 13.13
CA VAL P 166 -42.06 32.04 12.57
C VAL P 166 -41.30 30.73 12.57
N ALA P 167 -41.42 29.96 13.66
CA ALA P 167 -40.80 28.64 13.68
C ALA P 167 -41.27 27.77 12.52
N VAL P 168 -42.59 27.64 12.37
CA VAL P 168 -43.15 26.80 11.31
C VAL P 168 -42.68 27.26 9.94
N GLU P 169 -42.64 28.57 9.72
CA GLU P 169 -42.19 29.08 8.43
C GLU P 169 -40.73 28.71 8.17
N ALA P 170 -39.85 28.93 9.16
CA ALA P 170 -38.45 28.57 9.01
C ALA P 170 -38.30 27.11 8.61
N LEU P 171 -39.07 26.22 9.27
CA LEU P 171 -39.08 24.83 8.86
C LEU P 171 -39.51 24.67 7.41
N TYR P 172 -40.57 25.38 7.00
CA TYR P 172 -41.03 25.29 5.62
C TYR P 172 -39.95 25.65 4.61
N ASP P 173 -39.08 26.61 4.95
CA ASP P 173 -38.06 26.99 3.99
C ASP P 173 -36.90 26.01 3.99
N ALA P 174 -36.52 25.52 5.17
CA ALA P 174 -35.59 24.41 5.24
C ALA P 174 -36.03 23.30 4.30
N ALA P 175 -37.25 22.78 4.49
CA ALA P 175 -37.74 21.73 3.61
C ALA P 175 -37.81 22.16 2.16
N ASP P 176 -38.06 23.44 1.91
CA ASP P 176 -38.22 23.89 0.54
C ASP P 176 -36.93 23.81 -0.25
N ASP P 177 -35.78 23.95 0.45
CA ASP P 177 -34.49 23.97 -0.22
C ASP P 177 -33.62 22.76 0.06
N ASP P 178 -34.07 21.82 0.88
CA ASP P 178 -33.33 20.61 1.20
C ASP P 178 -34.29 19.43 1.16
N SER P 179 -33.83 18.31 0.58
CA SER P 179 -34.70 17.17 0.33
C SER P 179 -34.78 16.21 1.52
N ALA P 180 -33.80 16.25 2.42
CA ALA P 180 -33.80 15.42 3.63
C ALA P 180 -34.74 15.93 4.71
N THR P 181 -35.31 17.13 4.54
CA THR P 181 -36.25 17.70 5.49
C THR P 181 -37.65 17.65 4.90
N GLY P 182 -38.59 17.06 5.65
CA GLY P 182 -39.96 16.97 5.17
C GLY P 182 -40.75 18.22 5.51
N GLY P 183 -41.57 18.66 4.55
CA GLY P 183 -42.51 19.74 4.80
C GLY P 183 -43.84 19.22 5.27
N PRO P 184 -44.78 20.14 5.52
CA PRO P 184 -46.13 19.74 5.90
C PRO P 184 -46.76 18.88 4.82
N ASP P 185 -47.15 17.65 5.19
CA ASP P 185 -47.81 16.74 4.24
C ASP P 185 -49.31 17.01 4.36
N LEU P 186 -49.86 17.72 3.37
CA LEU P 186 -51.28 18.02 3.41
C LEU P 186 -52.11 16.78 3.11
N VAL P 187 -51.55 15.82 2.39
CA VAL P 187 -52.31 14.64 1.99
C VAL P 187 -52.55 13.73 3.18
N ARG P 188 -51.47 13.37 3.89
CA ARG P 188 -51.57 12.51 5.06
C ARG P 188 -51.84 13.25 6.35
N GLY P 189 -51.77 14.58 6.34
CA GLY P 189 -52.06 15.36 7.54
C GLY P 189 -51.00 15.25 8.60
N ILE P 190 -49.72 15.28 8.22
CA ILE P 190 -48.62 15.18 9.17
C ILE P 190 -47.86 16.50 9.15
N PHE P 191 -47.73 17.12 10.31
CA PHE P 191 -47.19 18.47 10.42
C PHE P 191 -46.03 18.44 11.40
N PRO P 192 -45.19 19.49 11.42
CA PRO P 192 -44.07 19.52 12.36
C PRO P 192 -44.58 19.45 13.79
N THR P 193 -43.71 19.02 14.70
CA THR P 193 -44.08 19.03 16.11
C THR P 193 -43.45 20.23 16.79
N ALA P 194 -44.13 20.71 17.83
CA ALA P 194 -43.68 21.93 18.49
C ALA P 194 -43.89 21.81 20.00
N VAL P 195 -42.97 22.42 20.75
CA VAL P 195 -43.06 22.50 22.20
C VAL P 195 -42.89 23.95 22.60
N ILE P 196 -43.74 24.41 23.53
CA ILE P 196 -43.65 25.78 24.03
C ILE P 196 -43.32 25.72 25.51
N ILE P 197 -42.32 26.50 25.92
CA ILE P 197 -41.95 26.60 27.32
C ILE P 197 -42.07 28.05 27.75
N ASP P 198 -42.77 28.28 28.86
CA ASP P 198 -42.81 29.61 29.47
C ASP P 198 -42.85 29.43 30.98
N ALA P 199 -43.15 30.52 31.69
CA ALA P 199 -43.21 30.52 33.15
C ALA P 199 -43.96 29.32 33.74
N ASP P 200 -44.92 28.75 33.01
CA ASP P 200 -45.75 27.67 33.54
C ASP P 200 -45.26 26.27 33.16
N GLY P 201 -44.12 26.14 32.53
CA GLY P 201 -43.58 24.85 32.16
C GLY P 201 -43.56 24.64 30.66
N ALA P 202 -43.52 23.36 30.28
CA ALA P 202 -43.43 22.94 28.89
C ALA P 202 -44.70 22.19 28.48
N VAL P 203 -45.31 22.60 27.38
CA VAL P 203 -46.46 21.89 26.85
C VAL P 203 -46.25 21.66 25.35
N ASP P 204 -46.78 20.54 24.89
CA ASP P 204 -46.78 20.26 23.46
C ASP P 204 -47.86 21.09 22.77
N VAL P 205 -47.49 21.73 21.68
CA VAL P 205 -48.52 22.41 20.90
C VAL P 205 -49.43 21.35 20.28
N PRO P 206 -50.75 21.44 20.47
CA PRO P 206 -51.66 20.47 19.84
C PRO P 206 -51.65 20.63 18.33
N GLU P 207 -51.87 19.50 17.65
CA GLU P 207 -51.59 19.43 16.22
C GLU P 207 -52.39 20.46 15.43
N SER P 208 -53.65 20.70 15.81
CA SER P 208 -54.52 21.59 15.05
C SER P 208 -53.88 22.97 14.82
N ARG P 209 -53.25 23.53 15.85
CA ARG P 209 -52.67 24.86 15.71
C ARG P 209 -51.57 24.86 14.65
N ILE P 210 -50.71 23.84 14.69
CA ILE P 210 -49.66 23.73 13.67
C ILE P 210 -50.27 23.52 12.29
N ALA P 211 -51.38 22.79 12.21
CA ALA P 211 -52.03 22.57 10.92
C ALA P 211 -52.50 23.89 10.31
N GLU P 212 -53.14 24.73 11.12
CA GLU P 212 -53.65 26.02 10.63
C GLU P 212 -52.51 26.92 10.19
N LEU P 213 -51.47 27.02 11.01
CA LEU P 213 -50.32 27.85 10.62
C LEU P 213 -49.71 27.37 9.30
N ALA P 214 -49.52 26.06 9.16
CA ALA P 214 -48.95 25.52 7.93
C ALA P 214 -49.85 25.83 6.72
N ARG P 215 -51.16 25.67 6.87
CA ARG P 215 -52.04 25.98 5.75
C ARG P 215 -52.00 27.47 5.40
N ALA P 216 -51.89 28.33 6.41
CA ALA P 216 -51.76 29.76 6.13
C ALA P 216 -50.50 30.06 5.32
N ILE P 217 -49.37 29.45 5.70
CA ILE P 217 -48.13 29.68 4.97
C ILE P 217 -48.27 29.19 3.54
N ILE P 218 -48.73 27.96 3.38
CA ILE P 218 -48.85 27.37 2.05
C ILE P 218 -49.76 28.22 1.15
N GLU P 219 -50.87 28.74 1.68
CA GLU P 219 -51.70 29.60 0.83
C GLU P 219 -51.04 30.94 0.56
N SER P 220 -50.20 31.40 1.50
CA SER P 220 -49.54 32.66 1.25
C SER P 220 -48.57 32.55 0.09
N ARG P 221 -47.92 31.40 -0.06
CA ARG P 221 -46.91 31.27 -1.12
C ARG P 221 -47.49 31.01 -2.50
N SER P 222 -48.71 30.48 -2.60
CA SER P 222 -49.32 30.22 -3.90
C SER P 222 -49.60 31.48 -4.73
N THR Q 1 -34.88 -14.55 0.63
CA THR Q 1 -35.81 -14.61 1.76
C THR Q 1 -36.75 -13.42 1.74
N THR Q 2 -37.94 -13.62 2.32
CA THR Q 2 -38.98 -12.60 2.36
C THR Q 2 -39.99 -13.04 3.38
N ILE Q 3 -40.34 -12.14 4.28
CA ILE Q 3 -41.29 -12.40 5.34
C ILE Q 3 -42.23 -11.21 5.41
N VAL Q 4 -43.52 -11.44 5.18
CA VAL Q 4 -44.50 -10.36 5.21
C VAL Q 4 -45.34 -10.51 6.47
N ALA Q 5 -45.88 -9.39 6.92
CA ALA Q 5 -46.77 -9.38 8.09
C ALA Q 5 -47.80 -8.30 7.87
N LEU Q 6 -49.07 -8.60 8.11
CA LEU Q 6 -50.08 -7.57 7.92
C LEU Q 6 -51.17 -7.70 8.97
N LYS Q 7 -51.67 -6.55 9.42
CA LYS Q 7 -52.79 -6.53 10.37
C LYS Q 7 -54.08 -6.68 9.61
N TYR Q 8 -55.05 -7.35 10.22
CA TYR Q 8 -56.40 -7.35 9.69
C TYR Q 8 -57.33 -6.99 10.82
N PRO Q 9 -58.57 -6.62 10.54
CA PRO Q 9 -59.40 -6.24 11.69
C PRO Q 9 -59.43 -7.44 12.62
N GLY Q 10 -59.09 -7.21 13.88
CA GLY Q 10 -59.06 -8.26 14.87
C GLY Q 10 -57.83 -9.15 14.99
N GLY Q 11 -56.76 -8.95 14.20
CA GLY Q 11 -55.62 -9.82 14.41
C GLY Q 11 -54.44 -9.45 13.53
N VAL Q 12 -53.47 -10.34 13.50
CA VAL Q 12 -52.27 -10.13 12.69
C VAL Q 12 -51.89 -11.45 12.03
N VAL Q 13 -51.31 -11.36 10.83
CA VAL Q 13 -50.88 -12.56 10.14
C VAL Q 13 -49.44 -12.36 9.68
N MET Q 14 -48.68 -13.45 9.68
CA MET Q 14 -47.25 -13.36 9.36
C MET Q 14 -46.84 -14.61 8.58
N ALA Q 15 -46.33 -14.41 7.36
CA ALA Q 15 -45.98 -15.52 6.47
C ALA Q 15 -44.56 -15.37 5.93
N GLY Q 16 -43.93 -16.50 5.61
CA GLY Q 16 -42.55 -16.51 5.14
C GLY Q 16 -42.32 -17.62 4.14
N ASP Q 17 -41.37 -17.41 3.23
CA ASP Q 17 -41.13 -18.41 2.17
C ASP Q 17 -40.27 -19.54 2.74
N ARG Q 18 -39.73 -20.41 1.87
CA ARG Q 18 -39.01 -21.60 2.34
C ARG Q 18 -37.59 -21.82 1.80
N ARG Q 19 -37.10 -20.98 0.90
CA ARG Q 19 -35.82 -21.22 0.24
C ARG Q 19 -34.69 -20.68 1.08
N SER Q 20 -33.51 -21.29 0.94
CA SER Q 20 -32.28 -20.82 1.55
C SER Q 20 -31.15 -21.12 0.58
N THR Q 21 -30.34 -20.11 0.28
CA THR Q 21 -29.38 -20.23 -0.81
C THR Q 21 -27.95 -20.09 -0.29
N GLN Q 22 -27.00 -20.45 -1.15
CA GLN Q 22 -25.59 -20.07 -0.98
C GLN Q 22 -25.14 -19.57 -2.35
N GLY Q 23 -25.13 -18.25 -2.53
CA GLY Q 23 -24.81 -17.73 -3.85
C GLY Q 23 -25.97 -18.05 -4.76
N ASN Q 24 -25.69 -18.59 -5.95
CA ASN Q 24 -26.72 -18.96 -6.91
C ASN Q 24 -27.32 -20.34 -6.65
N MET Q 25 -26.86 -21.04 -5.62
CA MET Q 25 -27.21 -22.44 -5.39
C MET Q 25 -28.30 -22.60 -4.36
N ILE Q 26 -29.36 -23.32 -4.75
CA ILE Q 26 -30.53 -23.50 -3.88
C ILE Q 26 -30.20 -24.61 -2.90
N SER Q 27 -30.09 -24.27 -1.60
CA SER Q 27 -29.59 -25.25 -0.64
C SER Q 27 -30.65 -25.81 0.30
N GLY Q 28 -31.74 -25.09 0.52
CA GLY Q 28 -32.76 -25.60 1.40
C GLY Q 28 -34.10 -25.27 0.80
N ARG Q 29 -34.95 -26.29 0.64
CA ARG Q 29 -36.26 -26.16 0.00
C ARG Q 29 -37.42 -26.13 1.01
N ASP Q 30 -37.13 -26.16 2.31
CA ASP Q 30 -38.18 -26.29 3.32
C ASP Q 30 -37.80 -25.71 4.67
N VAL Q 31 -36.98 -24.65 4.68
CA VAL Q 31 -36.65 -23.97 5.93
C VAL Q 31 -37.89 -23.27 6.47
N ARG Q 32 -38.02 -23.24 7.80
CA ARG Q 32 -39.10 -22.51 8.45
C ARG Q 32 -38.54 -21.25 9.09
N LYS Q 33 -38.99 -20.09 8.63
CA LYS Q 33 -38.40 -18.83 9.06
C LYS Q 33 -39.27 -18.04 10.04
N VAL Q 34 -40.50 -18.48 10.30
CA VAL Q 34 -41.43 -17.79 11.19
C VAL Q 34 -41.68 -18.67 12.40
N TYR Q 35 -41.32 -18.18 13.58
CA TYR Q 35 -41.48 -18.92 14.82
C TYR Q 35 -42.59 -18.31 15.67
N ILE Q 36 -43.17 -19.13 16.53
CA ILE Q 36 -44.12 -18.63 17.53
C ILE Q 36 -43.33 -18.44 18.82
N THR Q 37 -42.84 -17.23 19.06
CA THR Q 37 -41.99 -17.03 20.23
C THR Q 37 -42.80 -17.10 21.51
N ASP Q 38 -44.09 -16.74 21.45
CA ASP Q 38 -44.94 -16.89 22.62
C ASP Q 38 -46.40 -16.80 22.19
N ASP Q 39 -47.29 -16.95 23.19
CA ASP Q 39 -48.73 -17.07 22.95
C ASP Q 39 -49.31 -15.86 22.24
N TYR Q 40 -48.57 -14.78 22.12
CA TYR Q 40 -49.09 -13.59 21.46
C TYR Q 40 -48.07 -12.91 20.56
N THR Q 41 -46.92 -13.54 20.31
CA THR Q 41 -45.99 -12.92 19.39
C THR Q 41 -45.39 -14.00 18.52
N ALA Q 42 -45.26 -13.68 17.23
CA ALA Q 42 -44.48 -14.46 16.29
C ALA Q 42 -43.34 -13.59 15.78
N THR Q 43 -42.24 -14.23 15.45
CA THR Q 43 -41.03 -13.55 15.01
C THR Q 43 -40.52 -14.19 13.73
N GLY Q 44 -40.35 -13.38 12.70
CA GLY Q 44 -39.64 -13.78 11.48
C GLY Q 44 -38.26 -13.17 11.52
N ILE Q 45 -37.27 -13.86 10.96
CA ILE Q 45 -35.90 -13.35 10.87
C ILE Q 45 -35.35 -13.62 9.48
N ALA Q 46 -34.93 -12.56 8.80
CA ALA Q 46 -34.23 -12.65 7.53
C ALA Q 46 -32.72 -12.54 7.78
N GLY Q 47 -31.95 -13.16 6.90
CA GLY Q 47 -30.51 -12.96 6.98
C GLY Q 47 -29.82 -14.26 7.25
N THR Q 48 -28.59 -14.20 7.76
CA THR Q 48 -27.77 -15.38 8.00
C THR Q 48 -28.56 -16.41 8.78
N ALA Q 49 -28.58 -17.65 8.27
CA ALA Q 49 -29.46 -18.67 8.83
C ALA Q 49 -29.10 -19.00 10.27
N ALA Q 50 -27.82 -19.18 10.56
CA ALA Q 50 -27.40 -19.47 11.93
C ALA Q 50 -27.89 -18.40 12.90
N VAL Q 51 -27.43 -17.17 12.70
CA VAL Q 51 -27.79 -16.03 13.55
C VAL Q 51 -29.30 -15.92 13.68
N ALA Q 52 -30.03 -16.21 12.61
CA ALA Q 52 -31.49 -16.12 12.64
C ALA Q 52 -32.09 -17.11 13.62
N VAL Q 53 -31.77 -18.40 13.45
CA VAL Q 53 -32.40 -19.41 14.29
C VAL Q 53 -32.02 -19.22 15.75
N GLU Q 54 -30.77 -18.79 15.97
CA GLU Q 54 -30.29 -18.50 17.31
C GLU Q 54 -31.07 -17.35 17.96
N PHE Q 55 -31.17 -16.22 17.25
CA PHE Q 55 -32.00 -15.10 17.74
C PHE Q 55 -33.35 -15.59 18.20
N ALA Q 56 -34.08 -16.25 17.28
CA ALA Q 56 -35.44 -16.70 17.60
C ALA Q 56 -35.48 -17.54 18.88
N ARG Q 57 -34.58 -18.53 18.95
CA ARG Q 57 -34.55 -19.43 20.11
C ARG Q 57 -34.31 -18.68 21.42
N LEU Q 58 -33.26 -17.86 21.43
CA LEU Q 58 -32.84 -17.18 22.64
C LEU Q 58 -33.87 -16.16 23.12
N TYR Q 59 -34.49 -15.44 22.17
CA TYR Q 59 -35.53 -14.48 22.51
C TYR Q 59 -36.73 -15.17 23.14
N ALA Q 60 -37.18 -16.27 22.54
CA ALA Q 60 -38.26 -17.04 23.14
C ALA Q 60 -37.92 -17.46 24.57
N VAL Q 61 -36.69 -17.92 24.77
CA VAL Q 61 -36.24 -18.32 26.11
C VAL Q 61 -36.35 -17.17 27.09
N GLU Q 62 -35.93 -15.98 26.67
CA GLU Q 62 -35.89 -14.84 27.58
C GLU Q 62 -37.29 -14.35 27.93
N LEU Q 63 -38.17 -14.18 26.95
CA LEU Q 63 -39.56 -13.86 27.23
C LEU Q 63 -40.13 -14.78 28.28
N GLU Q 64 -40.03 -16.09 28.03
CA GLU Q 64 -40.62 -17.07 28.94
C GLU Q 64 -39.93 -17.10 30.31
N HIS Q 65 -38.64 -16.79 30.35
CA HIS Q 65 -37.91 -16.77 31.61
C HIS Q 65 -38.42 -15.67 32.53
N TYR Q 66 -38.50 -14.44 32.01
CA TYR Q 66 -39.06 -13.36 32.81
C TYR Q 66 -40.49 -13.69 33.23
N GLU Q 67 -41.26 -14.29 32.33
CA GLU Q 67 -42.63 -14.69 32.67
C GLU Q 67 -42.65 -15.65 33.86
N LYS Q 68 -41.71 -16.59 33.93
CA LYS Q 68 -41.70 -17.53 35.04
C LYS Q 68 -41.23 -16.88 36.33
N LEU Q 69 -40.28 -15.94 36.25
CA LEU Q 69 -39.80 -15.28 37.46
C LEU Q 69 -40.83 -14.33 38.04
N GLU Q 70 -41.48 -13.52 37.20
CA GLU Q 70 -42.36 -12.47 37.72
C GLU Q 70 -43.82 -12.86 37.73
N GLY Q 71 -44.21 -13.98 37.14
CA GLY Q 71 -45.60 -14.34 37.18
C GLY Q 71 -46.49 -13.53 36.26
N VAL Q 72 -45.91 -12.79 35.32
CA VAL Q 72 -46.74 -12.07 34.36
C VAL Q 72 -45.91 -11.72 33.12
N PRO Q 73 -46.42 -11.89 31.89
CA PRO Q 73 -45.60 -11.54 30.73
C PRO Q 73 -45.28 -10.06 30.71
N LEU Q 74 -44.16 -9.72 30.08
CA LEU Q 74 -43.83 -8.34 29.83
C LEU Q 74 -44.96 -7.69 29.02
N THR Q 75 -45.04 -6.36 29.06
CA THR Q 75 -45.90 -5.67 28.11
C THR Q 75 -45.27 -5.73 26.72
N PHE Q 76 -46.09 -5.45 25.70
CA PHE Q 76 -45.56 -5.47 24.34
C PHE Q 76 -44.37 -4.53 24.20
N ALA Q 77 -44.36 -3.44 24.96
CA ALA Q 77 -43.25 -2.51 24.96
C ALA Q 77 -41.97 -3.16 25.46
N GLY Q 78 -42.03 -3.87 26.57
CA GLY Q 78 -40.84 -4.55 27.07
C GLY Q 78 -40.29 -5.56 26.08
N LYS Q 79 -41.17 -6.38 25.51
CA LYS Q 79 -40.77 -7.33 24.47
C LYS Q 79 -40.03 -6.63 23.33
N ILE Q 80 -40.64 -5.57 22.80
CA ILE Q 80 -39.98 -4.78 21.76
C ILE Q 80 -38.58 -4.38 22.21
N ASN Q 81 -38.45 -3.96 23.46
CA ASN Q 81 -37.16 -3.48 23.92
C ASN Q 81 -36.11 -4.59 23.95
N ARG Q 82 -36.47 -5.74 24.52
CA ARG Q 82 -35.50 -6.83 24.61
C ARG Q 82 -35.04 -7.29 23.23
N LEU Q 83 -35.99 -7.47 22.30
CA LEU Q 83 -35.62 -7.82 20.93
C LEU Q 83 -34.66 -6.80 20.34
N ALA Q 84 -34.95 -5.52 20.55
CA ALA Q 84 -34.09 -4.45 20.06
C ALA Q 84 -32.68 -4.54 20.65
N ILE Q 85 -32.57 -4.91 21.92
CA ILE Q 85 -31.26 -4.99 22.55
C ILE Q 85 -30.46 -6.16 22.00
N MET Q 86 -31.12 -7.30 21.79
CA MET Q 86 -30.45 -8.40 21.11
C MET Q 86 -29.91 -7.96 19.74
N VAL Q 87 -30.77 -7.32 18.94
CA VAL Q 87 -30.39 -6.90 17.59
C VAL Q 87 -29.19 -5.96 17.64
N ARG Q 88 -29.24 -4.99 18.57
CA ARG Q 88 -28.11 -4.09 18.76
C ARG Q 88 -26.86 -4.83 19.15
N GLY Q 89 -27.00 -5.94 19.88
CA GLY Q 89 -25.84 -6.72 20.28
C GLY Q 89 -25.17 -7.45 19.13
N ASN Q 90 -25.93 -7.82 18.10
CA ASN Q 90 -25.32 -8.51 16.97
C ASN Q 90 -24.67 -7.55 15.98
N LEU Q 91 -24.60 -6.25 16.28
CA LEU Q 91 -24.18 -5.28 15.26
C LEU Q 91 -22.74 -5.51 14.80
N ALA Q 92 -21.83 -5.80 15.73
CA ALA Q 92 -20.43 -6.02 15.35
C ALA Q 92 -20.30 -7.15 14.35
N ALA Q 93 -21.01 -8.26 14.59
CA ALA Q 93 -20.99 -9.40 13.67
C ALA Q 93 -21.73 -9.12 12.38
N ALA Q 94 -22.75 -8.24 12.42
CA ALA Q 94 -23.49 -7.87 11.21
C ALA Q 94 -22.60 -7.08 10.26
N MET Q 95 -21.70 -6.24 10.78
CA MET Q 95 -20.72 -5.57 9.91
C MET Q 95 -19.74 -6.57 9.32
N GLN Q 96 -19.45 -7.65 10.02
CA GLN Q 96 -18.60 -8.72 9.50
C GLN Q 96 -19.35 -9.65 8.56
N GLY Q 97 -20.60 -9.36 8.23
CA GLY Q 97 -21.38 -10.22 7.36
C GLY Q 97 -22.44 -11.09 8.01
N LEU Q 98 -22.47 -11.28 9.33
CA LEU Q 98 -23.48 -12.17 9.92
C LEU Q 98 -24.74 -11.41 10.32
N LEU Q 99 -25.36 -10.69 9.38
CA LEU Q 99 -26.48 -9.82 9.70
C LEU Q 99 -27.79 -10.61 9.80
N ALA Q 100 -28.62 -10.30 10.79
CA ALA Q 100 -29.94 -10.92 10.93
C ALA Q 100 -30.93 -9.85 11.37
N LEU Q 101 -32.01 -9.68 10.59
CA LEU Q 101 -33.01 -8.66 10.88
C LEU Q 101 -34.34 -9.31 11.22
N PRO Q 102 -34.91 -8.98 12.38
CA PRO Q 102 -36.20 -9.52 12.80
C PRO Q 102 -37.37 -8.57 12.52
N LEU Q 103 -38.50 -9.20 12.22
CA LEU Q 103 -39.80 -8.55 12.08
C LEU Q 103 -40.72 -9.22 13.09
N LEU Q 104 -41.31 -8.42 13.98
CA LEU Q 104 -42.01 -8.92 15.15
C LEU Q 104 -43.49 -8.58 15.03
N ALA Q 105 -44.34 -9.61 15.06
CA ALA Q 105 -45.78 -9.43 15.03
C ALA Q 105 -46.34 -9.87 16.36
N GLY Q 106 -47.26 -9.08 16.90
CA GLY Q 106 -47.85 -9.42 18.18
C GLY Q 106 -49.28 -8.95 18.28
N TYR Q 107 -49.99 -9.51 19.24
CA TYR Q 107 -51.35 -9.07 19.53
C TYR Q 107 -51.38 -8.59 20.96
N ASP Q 108 -51.56 -7.29 21.13
CA ASP Q 108 -51.56 -6.69 22.45
C ASP Q 108 -52.89 -6.98 23.12
N ILE Q 109 -52.85 -7.76 24.21
CA ILE Q 109 -54.07 -8.03 24.96
C ILE Q 109 -54.49 -6.80 25.76
N HIS Q 110 -53.54 -5.91 26.12
CA HIS Q 110 -53.85 -4.75 26.94
C HIS Q 110 -54.30 -3.53 26.14
N ALA Q 111 -54.26 -3.59 24.82
CA ALA Q 111 -54.70 -2.46 24.03
C ALA Q 111 -56.17 -2.17 24.31
N SER Q 112 -56.58 -0.93 24.02
CA SER Q 112 -57.94 -0.51 24.33
C SER Q 112 -58.95 -1.12 23.35
N ASP Q 113 -58.77 -0.87 22.05
CA ASP Q 113 -59.65 -1.43 21.03
C ASP Q 113 -59.16 -2.78 20.56
N PRO Q 114 -59.95 -3.85 20.74
CA PRO Q 114 -59.53 -5.17 20.26
C PRO Q 114 -59.35 -5.24 18.75
N GLN Q 115 -60.16 -4.49 17.98
CA GLN Q 115 -60.08 -4.56 16.53
C GLN Q 115 -58.77 -4.00 15.98
N SER Q 116 -58.03 -3.21 16.77
CA SER Q 116 -56.76 -2.68 16.33
C SER Q 116 -55.64 -2.99 17.31
N ALA Q 117 -55.78 -4.06 18.10
CA ALA Q 117 -54.71 -4.50 18.98
C ALA Q 117 -53.56 -5.18 18.25
N GLY Q 118 -53.66 -5.38 16.93
CA GLY Q 118 -52.56 -5.97 16.20
C GLY Q 118 -51.35 -5.05 16.19
N ARG Q 119 -50.17 -5.65 16.11
CA ARG Q 119 -48.95 -4.87 16.21
C ARG Q 119 -47.90 -5.43 15.28
N ILE Q 120 -47.27 -4.55 14.51
CA ILE Q 120 -46.15 -4.93 13.66
C ILE Q 120 -44.98 -4.01 13.96
N VAL Q 121 -43.79 -4.59 14.10
CA VAL Q 121 -42.61 -3.85 14.53
C VAL Q 121 -41.43 -4.27 13.67
N SER Q 122 -40.68 -3.30 13.17
CA SER Q 122 -39.55 -3.57 12.29
C SER Q 122 -38.26 -3.01 12.87
N PHE Q 123 -37.16 -3.68 12.58
CA PHE Q 123 -35.86 -3.35 13.15
C PHE Q 123 -34.83 -3.17 12.03
N ASP Q 124 -33.84 -2.33 12.30
CA ASP Q 124 -32.69 -2.21 11.43
C ASP Q 124 -31.50 -2.91 12.10
N ALA Q 125 -30.36 -2.91 11.40
CA ALA Q 125 -29.17 -3.56 11.93
C ALA Q 125 -28.64 -2.88 13.19
N ALA Q 126 -29.01 -1.63 13.44
CA ALA Q 126 -28.49 -0.90 14.60
C ALA Q 126 -29.43 -0.92 15.79
N GLY Q 127 -30.44 -1.80 15.79
CA GLY Q 127 -31.28 -1.99 16.95
C GLY Q 127 -32.43 -1.03 17.09
N GLY Q 128 -32.41 0.08 16.37
CA GLY Q 128 -33.58 0.94 16.34
C GLY Q 128 -34.78 0.20 15.79
N TRP Q 129 -35.95 0.56 16.29
CA TRP Q 129 -37.18 -0.11 15.89
C TRP Q 129 -38.24 0.92 15.56
N ASN Q 130 -39.27 0.47 14.86
CA ASN Q 130 -40.32 1.36 14.41
C ASN Q 130 -41.64 0.60 14.41
N ILE Q 131 -42.67 1.19 15.00
CA ILE Q 131 -43.99 0.59 15.05
C ILE Q 131 -44.73 0.98 13.78
N GLU Q 132 -44.94 -0.02 12.92
CA GLU Q 132 -45.57 0.23 11.63
C GLU Q 132 -47.04 0.58 11.81
N GLU Q 133 -47.49 1.56 11.04
CA GLU Q 133 -48.84 2.08 11.16
C GLU Q 133 -49.58 2.20 9.84
N GLU Q 134 -48.94 1.88 8.73
CA GLU Q 134 -49.63 1.76 7.45
C GLU Q 134 -50.11 0.35 7.17
N GLY Q 135 -50.13 -0.53 8.16
CA GLY Q 135 -50.85 -1.78 8.04
C GLY Q 135 -50.08 -3.00 7.60
N TYR Q 136 -48.81 -2.89 7.24
CA TYR Q 136 -48.10 -4.08 6.75
C TYR Q 136 -46.61 -3.81 6.75
N GLN Q 137 -45.85 -4.89 6.68
CA GLN Q 137 -44.41 -4.76 6.67
C GLN Q 137 -43.82 -6.00 6.01
N ALA Q 138 -42.55 -5.92 5.65
CA ALA Q 138 -41.88 -7.09 5.11
C ALA Q 138 -40.39 -6.93 5.34
N VAL Q 139 -39.65 -8.04 5.26
CA VAL Q 139 -38.20 -8.03 5.38
C VAL Q 139 -37.60 -9.09 4.47
N GLY Q 140 -36.39 -8.83 3.99
CA GLY Q 140 -35.65 -9.77 3.16
C GLY Q 140 -35.43 -9.21 1.76
N SER Q 141 -34.75 -10.04 0.94
CA SER Q 141 -34.37 -9.61 -0.40
C SER Q 141 -35.58 -9.28 -1.27
N GLY Q 142 -36.72 -9.91 -1.03
CA GLY Q 142 -37.92 -9.64 -1.78
C GLY Q 142 -38.83 -8.63 -1.14
N SER Q 143 -38.39 -7.96 -0.08
CA SER Q 143 -39.29 -7.12 0.69
C SER Q 143 -39.88 -5.97 -0.13
N LEU Q 144 -39.10 -5.39 -1.05
CA LEU Q 144 -39.64 -4.25 -1.79
C LEU Q 144 -40.77 -4.66 -2.71
N PHE Q 145 -40.62 -5.80 -3.39
CA PHE Q 145 -41.68 -6.28 -4.26
C PHE Q 145 -42.92 -6.66 -3.46
N ALA Q 146 -42.71 -7.24 -2.27
CA ALA Q 146 -43.80 -7.64 -1.40
C ALA Q 146 -44.59 -6.44 -0.90
N LYS Q 147 -43.88 -5.41 -0.44
CA LYS Q 147 -44.54 -4.19 0.01
C LYS Q 147 -45.28 -3.51 -1.14
N SER Q 148 -44.65 -3.41 -2.30
CA SER Q 148 -45.33 -2.78 -3.43
C SER Q 148 -46.52 -3.59 -3.88
N SER Q 149 -46.53 -4.90 -3.61
CA SER Q 149 -47.72 -5.67 -3.90
C SER Q 149 -48.81 -5.42 -2.86
N MET Q 150 -48.44 -5.38 -1.58
CA MET Q 150 -49.45 -5.24 -0.54
C MET Q 150 -50.08 -3.85 -0.55
N LYS Q 151 -49.33 -2.83 -0.98
CA LYS Q 151 -49.90 -1.49 -1.07
C LYS Q 151 -51.14 -1.47 -1.94
N LYS Q 152 -51.12 -2.24 -3.03
CA LYS Q 152 -52.28 -2.29 -3.91
C LYS Q 152 -53.31 -3.28 -3.40
N LEU Q 153 -52.87 -4.45 -2.89
CA LEU Q 153 -53.83 -5.48 -2.52
C LEU Q 153 -54.49 -5.27 -1.16
N TYR Q 154 -54.09 -4.26 -0.40
CA TYR Q 154 -54.43 -4.19 1.01
C TYR Q 154 -55.86 -3.74 1.28
N SER Q 155 -56.49 -3.04 0.33
CA SER Q 155 -57.90 -2.68 0.50
C SER Q 155 -58.80 -3.91 0.50
N GLN Q 156 -58.31 -5.07 0.03
CA GLN Q 156 -59.10 -6.29 0.01
C GLN Q 156 -59.13 -7.00 1.37
N VAL Q 157 -58.28 -6.58 2.30
CA VAL Q 157 -58.15 -7.27 3.58
C VAL Q 157 -59.30 -6.87 4.47
N THR Q 158 -60.14 -7.84 4.85
CA THR Q 158 -61.29 -7.56 5.69
C THR Q 158 -61.46 -8.49 6.89
N ASP Q 159 -60.68 -9.57 6.97
CA ASP Q 159 -60.83 -10.55 8.03
C ASP Q 159 -59.55 -11.38 8.08
N GLY Q 160 -59.60 -12.49 8.81
CA GLY Q 160 -58.43 -13.33 8.91
C GLY Q 160 -58.10 -14.03 7.60
N ASP Q 161 -59.11 -14.53 6.90
CA ASP Q 161 -58.83 -15.30 5.70
C ASP Q 161 -58.38 -14.42 4.53
N SER Q 162 -59.11 -13.33 4.24
CA SER Q 162 -58.66 -12.44 3.17
C SER Q 162 -57.26 -11.91 3.46
N GLY Q 163 -56.96 -11.57 4.71
CA GLY Q 163 -55.62 -11.17 5.06
C GLY Q 163 -54.59 -12.24 4.79
N LEU Q 164 -54.96 -13.49 5.05
CA LEU Q 164 -54.04 -14.59 4.73
C LEU Q 164 -53.78 -14.70 3.23
N ARG Q 165 -54.85 -14.60 2.42
CA ARG Q 165 -54.68 -14.68 0.97
C ARG Q 165 -53.78 -13.56 0.46
N VAL Q 166 -53.97 -12.35 0.99
CA VAL Q 166 -53.13 -11.23 0.57
C VAL Q 166 -51.68 -11.48 0.93
N ALA Q 167 -51.43 -12.03 2.12
CA ALA Q 167 -50.07 -12.41 2.49
C ALA Q 167 -49.45 -13.35 1.46
N VAL Q 168 -50.15 -14.45 1.17
CA VAL Q 168 -49.62 -15.44 0.23
C VAL Q 168 -49.35 -14.82 -1.14
N GLU Q 169 -50.25 -13.96 -1.59
CA GLU Q 169 -50.04 -13.31 -2.89
C GLU Q 169 -48.80 -12.43 -2.88
N ALA Q 170 -48.64 -11.60 -1.84
CA ALA Q 170 -47.45 -10.77 -1.74
C ALA Q 170 -46.19 -11.60 -1.83
N LEU Q 171 -46.16 -12.74 -1.11
CA LEU Q 171 -45.03 -13.64 -1.24
C LEU Q 171 -44.85 -14.11 -2.68
N TYR Q 172 -45.95 -14.47 -3.36
CA TYR Q 172 -45.86 -14.93 -4.74
C TYR Q 172 -45.21 -13.89 -5.64
N ASP Q 173 -45.46 -12.60 -5.39
CA ASP Q 173 -44.88 -11.59 -6.27
C ASP Q 173 -43.41 -11.33 -5.93
N ALA Q 174 -43.10 -11.33 -4.63
CA ALA Q 174 -41.69 -11.33 -4.22
C ALA Q 174 -40.92 -12.40 -4.98
N ALA Q 175 -41.35 -13.65 -4.86
CA ALA Q 175 -40.67 -14.74 -5.57
C ALA Q 175 -40.70 -14.55 -7.08
N ASP Q 176 -41.74 -13.92 -7.60
CA ASP Q 176 -41.86 -13.79 -9.05
C ASP Q 176 -40.81 -12.86 -9.62
N ASP Q 177 -40.36 -11.89 -8.83
CA ASP Q 177 -39.41 -10.90 -9.31
C ASP Q 177 -38.03 -10.99 -8.68
N ASP Q 178 -37.81 -11.92 -7.76
CA ASP Q 178 -36.52 -12.13 -7.13
C ASP Q 178 -36.23 -13.62 -7.07
N SER Q 179 -34.97 -14.00 -7.34
CA SER Q 179 -34.62 -15.40 -7.48
C SER Q 179 -34.22 -16.05 -6.16
N ALA Q 180 -33.85 -15.25 -5.16
CA ALA Q 180 -33.52 -15.74 -3.82
C ALA Q 180 -34.74 -16.11 -3.00
N THR Q 181 -35.94 -15.79 -3.46
CA THR Q 181 -37.19 -16.12 -2.76
C THR Q 181 -37.88 -17.25 -3.51
N GLY Q 182 -38.21 -18.32 -2.81
CA GLY Q 182 -38.89 -19.45 -3.42
C GLY Q 182 -40.40 -19.24 -3.44
N GLY Q 183 -41.02 -19.61 -4.56
CA GLY Q 183 -42.46 -19.63 -4.66
C GLY Q 183 -43.03 -20.98 -4.27
N PRO Q 184 -44.35 -21.10 -4.33
CA PRO Q 184 -45.00 -22.39 -4.06
C PRO Q 184 -44.50 -23.46 -5.02
N ASP Q 185 -43.91 -24.53 -4.48
CA ASP Q 185 -43.45 -25.64 -5.30
C ASP Q 185 -44.61 -26.61 -5.45
N LEU Q 186 -45.25 -26.61 -6.62
CA LEU Q 186 -46.37 -27.51 -6.82
C LEU Q 186 -45.90 -28.95 -6.98
N VAL Q 187 -44.67 -29.15 -7.43
CA VAL Q 187 -44.17 -30.50 -7.68
C VAL Q 187 -43.92 -31.23 -6.38
N ARG Q 188 -43.14 -30.61 -5.48
CA ARG Q 188 -42.83 -31.23 -4.18
C ARG Q 188 -43.86 -30.91 -3.12
N GLY Q 189 -44.81 -30.02 -3.37
CA GLY Q 189 -45.84 -29.71 -2.39
C GLY Q 189 -45.34 -28.94 -1.19
N ILE Q 190 -44.48 -27.94 -1.41
CA ILE Q 190 -43.93 -27.14 -0.32
C ILE Q 190 -44.43 -25.71 -0.50
N PHE Q 191 -45.08 -25.19 0.53
CA PHE Q 191 -45.76 -23.91 0.46
C PHE Q 191 -45.24 -23.01 1.56
N PRO Q 192 -45.49 -21.69 1.48
CA PRO Q 192 -45.03 -20.79 2.54
C PRO Q 192 -45.63 -21.20 3.87
N THR Q 193 -44.98 -20.77 4.96
CA THR Q 193 -45.55 -21.02 6.27
C THR Q 193 -46.21 -19.75 6.79
N ALA Q 194 -47.23 -19.93 7.62
CA ALA Q 194 -48.00 -18.80 8.09
C ALA Q 194 -48.40 -18.99 9.54
N VAL Q 195 -48.46 -17.89 10.27
CA VAL Q 195 -48.90 -17.86 11.66
C VAL Q 195 -49.97 -16.80 11.79
N ILE Q 196 -51.05 -17.13 12.49
CA ILE Q 196 -52.14 -16.18 12.73
C ILE Q 196 -52.23 -15.92 14.22
N ILE Q 197 -52.27 -14.65 14.60
CA ILE Q 197 -52.44 -14.26 15.99
C ILE Q 197 -53.69 -13.42 16.11
N ASP Q 198 -54.56 -13.77 17.05
CA ASP Q 198 -55.72 -12.94 17.38
C ASP Q 198 -55.96 -13.05 18.87
N ALA Q 199 -57.12 -12.57 19.32
CA ALA Q 199 -57.50 -12.58 20.73
C ALA Q 199 -57.21 -13.91 21.45
N ASP Q 200 -57.22 -15.02 20.72
CA ASP Q 200 -57.06 -16.34 21.34
C ASP Q 200 -55.64 -16.88 21.31
N GLY Q 201 -54.67 -16.10 20.86
CA GLY Q 201 -53.30 -16.52 20.81
C GLY Q 201 -52.76 -16.68 19.40
N ALA Q 202 -51.70 -17.47 19.29
CA ALA Q 202 -51.01 -17.70 18.03
C ALA Q 202 -51.15 -19.17 17.62
N VAL Q 203 -51.58 -19.40 16.39
CA VAL Q 203 -51.66 -20.74 15.85
C VAL Q 203 -51.01 -20.78 14.48
N ASP Q 204 -50.41 -21.91 14.16
CA ASP Q 204 -49.86 -22.11 12.83
C ASP Q 204 -50.99 -22.44 11.87
N VAL Q 205 -50.99 -21.77 10.72
CA VAL Q 205 -51.95 -22.15 9.70
C VAL Q 205 -51.60 -23.54 9.18
N PRO Q 206 -52.55 -24.49 9.18
CA PRO Q 206 -52.24 -25.82 8.64
C PRO Q 206 -52.01 -25.76 7.13
N GLU Q 207 -51.14 -26.67 6.66
CA GLU Q 207 -50.59 -26.52 5.33
C GLU Q 207 -51.67 -26.50 4.25
N SER Q 208 -52.74 -27.30 4.42
CA SER Q 208 -53.76 -27.41 3.38
C SER Q 208 -54.33 -26.05 2.98
N ARG Q 209 -54.59 -25.18 3.96
CA ARG Q 209 -55.17 -23.89 3.64
C ARG Q 209 -54.24 -23.07 2.75
N ILE Q 210 -52.96 -23.06 3.09
CA ILE Q 210 -51.97 -22.35 2.27
C ILE Q 210 -51.89 -22.98 0.88
N ALA Q 211 -52.01 -24.31 0.80
CA ALA Q 211 -51.97 -24.98 -0.50
C ALA Q 211 -53.10 -24.50 -1.41
N GLU Q 212 -54.32 -24.44 -0.86
CA GLU Q 212 -55.48 -24.03 -1.65
C GLU Q 212 -55.34 -22.59 -2.11
N LEU Q 213 -54.93 -21.68 -1.20
CA LEU Q 213 -54.74 -20.29 -1.59
C LEU Q 213 -53.70 -20.16 -2.70
N ALA Q 214 -52.57 -20.86 -2.54
CA ALA Q 214 -51.53 -20.80 -3.58
C ALA Q 214 -52.04 -21.32 -4.92
N ARG Q 215 -52.79 -22.42 -4.92
CA ARG Q 215 -53.31 -22.93 -6.19
C ARG Q 215 -54.30 -21.95 -6.80
N ALA Q 216 -55.11 -21.29 -5.97
CA ALA Q 216 -56.02 -20.29 -6.50
C ALA Q 216 -55.27 -19.15 -7.18
N ILE Q 217 -54.20 -18.66 -6.54
CA ILE Q 217 -53.43 -17.58 -7.14
C ILE Q 217 -52.82 -18.03 -8.47
N ILE Q 218 -52.14 -19.18 -8.44
CA ILE Q 218 -51.48 -19.68 -9.64
C ILE Q 218 -52.46 -19.86 -10.79
N GLU Q 219 -53.67 -20.37 -10.52
CA GLU Q 219 -54.64 -20.48 -11.62
C GLU Q 219 -55.16 -19.12 -12.05
N SER Q 220 -55.19 -18.16 -11.12
CA SER Q 220 -55.65 -16.83 -11.52
C SER Q 220 -54.70 -16.19 -12.50
N ARG Q 221 -53.40 -16.44 -12.35
CA ARG Q 221 -52.43 -15.77 -13.21
C ARG Q 221 -52.28 -16.42 -14.59
N SER Q 222 -52.62 -17.70 -14.74
CA SER Q 222 -52.50 -18.37 -16.03
C SER Q 222 -53.42 -17.79 -17.12
N THR R 1 -11.31 -36.00 -1.10
CA THR R 1 -12.12 -36.70 -0.11
C THR R 1 -13.58 -36.66 -0.49
N THR R 2 -14.32 -37.67 -0.04
CA THR R 2 -15.75 -37.79 -0.33
C THR R 2 -16.30 -38.82 0.62
N ILE R 3 -17.40 -38.48 1.28
CA ILE R 3 -18.06 -39.36 2.23
C ILE R 3 -19.55 -39.29 1.95
N VAL R 4 -20.14 -40.43 1.60
CA VAL R 4 -21.56 -40.48 1.30
C VAL R 4 -22.28 -41.18 2.44
N ALA R 5 -23.57 -40.85 2.60
CA ALA R 5 -24.39 -41.49 3.61
C ALA R 5 -25.80 -41.57 3.05
N LEU R 6 -26.44 -42.73 3.18
CA LEU R 6 -27.80 -42.83 2.66
C LEU R 6 -28.64 -43.71 3.56
N LYS R 7 -29.91 -43.35 3.72
CA LYS R 7 -30.85 -44.16 4.49
C LYS R 7 -31.39 -45.26 3.62
N TYR R 8 -31.66 -46.41 4.21
CA TYR R 8 -32.38 -47.45 3.52
C TYR R 8 -33.51 -47.89 4.44
N PRO R 9 -34.50 -48.61 3.94
CA PRO R 9 -35.57 -48.97 4.86
C PRO R 9 -34.92 -49.75 6.00
N GLY R 10 -35.17 -49.30 7.22
CA GLY R 10 -34.60 -49.94 8.38
C GLY R 10 -33.19 -49.57 8.83
N GLY R 11 -32.49 -48.64 8.18
CA GLY R 11 -31.16 -48.34 8.69
C GLY R 11 -30.49 -47.22 7.92
N VAL R 12 -29.20 -47.06 8.18
CA VAL R 12 -28.41 -46.04 7.51
C VAL R 12 -27.04 -46.62 7.17
N VAL R 13 -26.46 -46.15 6.07
CA VAL R 13 -25.14 -46.62 5.68
C VAL R 13 -24.27 -45.41 5.38
N MET R 14 -22.98 -45.53 5.70
CA MET R 14 -22.06 -44.41 5.55
C MET R 14 -20.71 -44.92 5.08
N ALA R 15 -20.25 -44.43 3.93
CA ALA R 15 -19.00 -44.90 3.32
C ALA R 15 -18.09 -43.74 2.95
N GLY R 16 -16.78 -44.01 2.94
CA GLY R 16 -15.79 -42.97 2.66
C GLY R 16 -14.59 -43.55 1.93
N ASP R 17 -13.93 -42.72 1.13
CA ASP R 17 -12.81 -43.20 0.34
C ASP R 17 -11.54 -43.27 1.21
N ARG R 18 -10.36 -43.45 0.61
CA ARG R 18 -9.14 -43.65 1.40
C ARG R 18 -7.95 -42.73 1.10
N ARG R 19 -8.05 -41.84 0.11
CA ARG R 19 -6.90 -41.05 -0.32
C ARG R 19 -6.78 -39.80 0.54
N SER R 20 -5.54 -39.31 0.68
CA SER R 20 -5.25 -38.05 1.35
C SER R 20 -4.09 -37.41 0.61
N THR R 21 -4.25 -36.15 0.23
CA THR R 21 -3.29 -35.53 -0.68
C THR R 21 -2.61 -34.34 -0.02
N GLN R 22 -1.54 -33.87 -0.66
CA GLN R 22 -0.97 -32.55 -0.39
C GLN R 22 -0.73 -31.91 -1.76
N GLY R 23 -1.65 -31.05 -2.19
CA GLY R 23 -1.53 -30.51 -3.53
C GLY R 23 -1.83 -31.63 -4.51
N ASN R 24 -0.97 -31.79 -5.53
CA ASN R 24 -1.13 -32.84 -6.52
C ASN R 24 -0.56 -34.19 -6.07
N MET R 25 0.02 -34.25 -4.88
CA MET R 25 0.77 -35.42 -4.43
C MET R 25 -0.04 -36.34 -3.54
N ILE R 26 -0.11 -37.62 -3.91
CA ILE R 26 -0.91 -38.60 -3.20
C ILE R 26 -0.11 -39.04 -1.98
N SER R 27 -0.59 -38.71 -0.77
CA SER R 27 0.23 -38.93 0.43
C SER R 27 -0.26 -40.07 1.31
N GLY R 28 -1.52 -40.42 1.24
CA GLY R 28 -2.00 -41.52 2.05
C GLY R 28 -2.96 -42.35 1.24
N ARG R 29 -2.71 -43.66 1.17
CA ARG R 29 -3.49 -44.59 0.35
C ARG R 29 -4.48 -45.41 1.17
N ASP R 30 -4.58 -45.18 2.49
CA ASP R 30 -5.38 -46.04 3.35
C ASP R 30 -5.88 -45.33 4.61
N VAL R 31 -6.15 -44.03 4.52
CA VAL R 31 -6.72 -43.29 5.64
C VAL R 31 -8.15 -43.77 5.88
N ARG R 32 -8.57 -43.81 7.15
CA ARG R 32 -9.94 -44.15 7.50
C ARG R 32 -10.66 -42.89 7.94
N LYS R 33 -11.70 -42.49 7.21
CA LYS R 33 -12.35 -41.21 7.47
C LYS R 33 -13.71 -41.34 8.16
N VAL R 34 -14.22 -42.55 8.34
CA VAL R 34 -15.53 -42.79 8.95
C VAL R 34 -15.32 -43.51 10.26
N TYR R 35 -15.73 -42.90 11.36
CA TYR R 35 -15.57 -43.47 12.68
C TYR R 35 -16.92 -43.89 13.25
N ILE R 36 -16.90 -44.84 14.17
CA ILE R 36 -18.09 -45.21 14.93
C ILE R 36 -18.02 -44.45 16.25
N THR R 37 -18.66 -43.27 16.31
CA THR R 37 -18.54 -42.48 17.51
C THR R 37 -19.31 -43.10 18.67
N ASP R 38 -20.36 -43.85 18.37
CA ASP R 38 -21.07 -44.57 19.43
C ASP R 38 -21.98 -45.63 18.81
N ASP R 39 -22.65 -46.38 19.69
CA ASP R 39 -23.42 -47.56 19.29
C ASP R 39 -24.51 -47.23 18.29
N TYR R 40 -24.82 -45.97 18.06
CA TYR R 40 -25.87 -45.62 17.12
C TYR R 40 -25.51 -44.42 16.24
N THR R 41 -24.27 -43.97 16.28
CA THR R 41 -23.91 -42.87 15.39
C THR R 41 -22.54 -43.14 14.82
N ALA R 42 -22.39 -42.88 13.52
CA ALA R 42 -21.10 -42.81 12.87
C ALA R 42 -20.90 -41.39 12.34
N THR R 43 -19.64 -40.97 12.29
CA THR R 43 -19.28 -39.62 11.89
C THR R 43 -18.19 -39.69 10.84
N GLY R 44 -18.44 -39.06 9.70
CA GLY R 44 -17.42 -38.82 8.68
C GLY R 44 -16.99 -37.35 8.78
N ILE R 45 -15.72 -37.08 8.50
CA ILE R 45 -15.21 -35.71 8.49
C ILE R 45 -14.35 -35.51 7.26
N ALA R 46 -14.70 -34.51 6.45
CA ALA R 46 -13.90 -34.06 5.32
C ALA R 46 -13.07 -32.85 5.75
N GLY R 47 -11.92 -32.68 5.11
CA GLY R 47 -11.18 -31.46 5.34
C GLY R 47 -9.84 -31.77 5.93
N THR R 48 -9.22 -30.78 6.57
CA THR R 48 -7.89 -30.91 7.16
C THR R 48 -7.81 -32.17 8.00
N ALA R 49 -6.78 -32.99 7.74
CA ALA R 49 -6.73 -34.32 8.37
C ALA R 49 -6.59 -34.22 9.89
N ALA R 50 -5.71 -33.35 10.37
CA ALA R 50 -5.55 -33.19 11.81
C ALA R 50 -6.87 -32.83 12.48
N VAL R 51 -7.44 -31.68 12.11
CA VAL R 51 -8.70 -31.20 12.67
C VAL R 51 -9.78 -32.27 12.58
N ALA R 52 -9.78 -33.05 11.50
CA ALA R 52 -10.78 -34.10 11.33
C ALA R 52 -10.66 -35.18 12.39
N VAL R 53 -9.46 -35.78 12.52
CA VAL R 53 -9.31 -36.89 13.45
C VAL R 53 -9.55 -36.42 14.88
N GLU R 54 -9.12 -35.19 15.18
CA GLU R 54 -9.34 -34.60 16.49
C GLU R 54 -10.84 -34.43 16.78
N PHE R 55 -11.57 -33.80 15.87
CA PHE R 55 -13.03 -33.69 16.02
C PHE R 55 -13.64 -35.03 16.38
N ALA R 56 -13.41 -36.03 15.53
CA ALA R 56 -14.01 -37.35 15.75
C ALA R 56 -13.71 -37.88 17.15
N ARG R 57 -12.43 -37.84 17.53
CA ARG R 57 -12.02 -38.37 18.83
C ARG R 57 -12.71 -37.67 19.99
N LEU R 58 -12.66 -36.34 19.98
CA LEU R 58 -13.18 -35.54 21.08
C LEU R 58 -14.69 -35.66 21.21
N TYR R 59 -15.39 -35.69 20.08
CA TYR R 59 -16.84 -35.84 20.08
C TYR R 59 -17.24 -37.19 20.67
N ALA R 60 -16.57 -38.26 20.23
CA ALA R 60 -16.84 -39.58 20.83
C ALA R 60 -16.64 -39.54 22.34
N VAL R 61 -15.57 -38.89 22.80
CA VAL R 61 -15.30 -38.77 24.23
C VAL R 61 -16.45 -38.08 24.95
N GLU R 62 -16.95 -37.00 24.37
CA GLU R 62 -17.98 -36.21 25.03
C GLU R 62 -19.31 -36.95 25.10
N LEU R 63 -19.76 -37.54 23.99
CA LEU R 63 -20.95 -38.38 24.03
C LEU R 63 -20.88 -39.39 25.15
N GLU R 64 -19.79 -40.17 25.18
CA GLU R 64 -19.65 -41.22 26.17
C GLU R 64 -19.51 -40.68 27.59
N HIS R 65 -18.93 -39.49 27.75
CA HIS R 65 -18.77 -38.88 29.07
C HIS R 65 -20.12 -38.54 29.68
N TYR R 66 -20.95 -37.83 28.92
CA TYR R 66 -22.29 -37.53 29.42
C TYR R 66 -23.05 -38.82 29.71
N GLU R 67 -22.90 -39.82 28.84
CA GLU R 67 -23.55 -41.10 29.07
C GLU R 67 -23.13 -41.72 30.42
N LYS R 68 -21.85 -41.60 30.79
CA LYS R 68 -21.41 -42.18 32.06
C LYS R 68 -21.89 -41.36 33.25
N LEU R 69 -21.96 -40.04 33.11
CA LEU R 69 -22.42 -39.22 34.21
C LEU R 69 -23.91 -39.36 34.47
N GLU R 70 -24.73 -39.35 33.41
CA GLU R 70 -26.18 -39.33 33.59
C GLU R 70 -26.83 -40.70 33.49
N GLY R 71 -26.10 -41.73 33.09
CA GLY R 71 -26.73 -43.01 33.00
C GLY R 71 -27.68 -43.20 31.83
N VAL R 72 -27.65 -42.31 30.86
CA VAL R 72 -28.49 -42.49 29.67
C VAL R 72 -27.92 -41.67 28.52
N PRO R 73 -27.84 -42.19 27.29
CA PRO R 73 -27.31 -41.38 26.19
C PRO R 73 -28.19 -40.18 25.93
N LEU R 74 -27.58 -39.13 25.40
CA LEU R 74 -28.33 -37.98 24.92
C LEU R 74 -29.33 -38.44 23.86
N THR R 75 -30.37 -37.64 23.64
CA THR R 75 -31.21 -37.88 22.48
C THR R 75 -30.44 -37.48 21.21
N PHE R 76 -30.93 -37.94 20.06
CA PHE R 76 -30.27 -37.59 18.81
C PHE R 76 -30.17 -36.09 18.65
N ALA R 77 -31.16 -35.36 19.19
CA ALA R 77 -31.14 -33.90 19.13
C ALA R 77 -29.96 -33.32 19.91
N GLY R 78 -29.72 -33.81 21.13
CA GLY R 78 -28.59 -33.33 21.90
C GLY R 78 -27.26 -33.59 21.22
N LYS R 79 -27.09 -34.81 20.69
CA LYS R 79 -25.89 -35.15 19.93
C LYS R 79 -25.68 -34.16 18.78
N ILE R 80 -26.71 -33.95 17.97
CA ILE R 80 -26.64 -32.97 16.89
C ILE R 80 -26.14 -31.63 17.43
N ASN R 81 -26.67 -31.22 18.59
CA ASN R 81 -26.30 -29.91 19.11
C ASN R 81 -24.84 -29.84 19.50
N ARG R 82 -24.33 -30.84 20.22
CA ARG R 82 -22.94 -30.81 20.64
C ARG R 82 -21.99 -30.78 19.45
N LEU R 83 -22.25 -31.65 18.46
CA LEU R 83 -21.43 -31.65 17.24
C LEU R 83 -21.44 -30.27 16.59
N ALA R 84 -22.62 -29.65 16.52
CA ALA R 84 -22.74 -28.31 15.94
C ALA R 84 -21.91 -27.29 16.71
N ILE R 85 -21.86 -27.41 18.04
CA ILE R 85 -21.12 -26.44 18.83
C ILE R 85 -19.62 -26.60 18.64
N MET R 86 -19.16 -27.86 18.57
CA MET R 86 -17.76 -28.08 18.19
C MET R 86 -17.43 -27.42 16.86
N VAL R 87 -18.26 -27.69 15.84
CA VAL R 87 -18.01 -27.16 14.50
C VAL R 87 -17.96 -25.63 14.52
N ARG R 88 -18.91 -25.02 15.22
CA ARG R 88 -18.91 -23.57 15.38
C ARG R 88 -17.65 -23.09 16.07
N GLY R 89 -17.10 -23.90 16.99
CA GLY R 89 -15.88 -23.50 17.66
C GLY R 89 -14.65 -23.49 16.77
N ASN R 90 -14.63 -24.34 15.76
CA ASN R 90 -13.47 -24.36 14.87
C ASN R 90 -13.52 -23.26 13.80
N LEU R 91 -14.51 -22.36 13.85
CA LEU R 91 -14.73 -21.45 12.73
C LEU R 91 -13.54 -20.50 12.51
N ALA R 92 -12.95 -19.98 13.59
CA ALA R 92 -11.82 -19.07 13.46
C ALA R 92 -10.67 -19.72 12.70
N ALA R 93 -10.36 -20.98 13.06
CA ALA R 93 -9.29 -21.72 12.39
C ALA R 93 -9.68 -22.14 10.98
N ALA R 94 -10.97 -22.35 10.73
CA ALA R 94 -11.44 -22.70 9.38
C ALA R 94 -11.24 -21.55 8.41
N MET R 95 -11.40 -20.30 8.88
CA MET R 95 -11.07 -19.15 8.04
C MET R 95 -9.58 -19.06 7.77
N GLN R 96 -8.76 -19.52 8.71
CA GLN R 96 -7.32 -19.58 8.51
C GLN R 96 -6.88 -20.77 7.68
N GLY R 97 -7.82 -21.55 7.15
CA GLY R 97 -7.47 -22.73 6.37
C GLY R 97 -7.66 -24.08 7.03
N LEU R 98 -7.84 -24.19 8.33
CA LEU R 98 -7.96 -25.51 8.96
C LEU R 98 -9.42 -25.97 9.03
N LEU R 99 -10.12 -26.01 7.91
CA LEU R 99 -11.56 -26.29 7.89
C LEU R 99 -11.83 -27.80 7.98
N ALA R 100 -12.82 -28.19 8.77
CA ALA R 100 -13.24 -29.59 8.86
C ALA R 100 -14.74 -29.66 8.94
N LEU R 101 -15.38 -30.38 8.02
CA LEU R 101 -16.83 -30.48 7.98
C LEU R 101 -17.28 -31.90 8.26
N PRO R 102 -18.15 -32.08 9.24
CA PRO R 102 -18.67 -33.40 9.59
C PRO R 102 -20.04 -33.69 8.98
N LEU R 103 -20.24 -34.96 8.67
CA LEU R 103 -21.50 -35.54 8.24
C LEU R 103 -21.83 -36.64 9.22
N LEU R 104 -23.00 -36.55 9.86
CA LEU R 104 -23.34 -37.37 11.00
C LEU R 104 -24.51 -38.29 10.63
N ALA R 105 -24.30 -39.59 10.75
CA ALA R 105 -25.34 -40.58 10.50
C ALA R 105 -25.68 -41.25 11.80
N GLY R 106 -26.97 -41.41 12.06
CA GLY R 106 -27.39 -42.06 13.29
C GLY R 106 -28.67 -42.84 13.10
N TYR R 107 -28.93 -43.72 14.06
CA TYR R 107 -30.18 -44.46 14.08
C TYR R 107 -30.90 -44.14 15.37
N ASP R 108 -32.01 -43.41 15.26
CA ASP R 108 -32.75 -43.00 16.43
C ASP R 108 -33.54 -44.18 16.96
N ILE R 109 -33.19 -44.62 18.18
CA ILE R 109 -33.94 -45.70 18.81
C ILE R 109 -35.31 -45.21 19.28
N HIS R 110 -35.43 -43.91 19.59
CA HIS R 110 -36.67 -43.36 20.13
C HIS R 110 -37.67 -42.93 19.06
N ALA R 111 -37.29 -42.98 17.78
CA ALA R 111 -38.23 -42.60 16.74
C ALA R 111 -39.44 -43.52 16.77
N SER R 112 -40.55 -43.04 16.19
CA SER R 112 -41.80 -43.80 16.23
C SER R 112 -41.76 -44.99 15.27
N ASP R 113 -41.52 -44.72 13.98
CA ASP R 113 -41.45 -45.79 12.97
C ASP R 113 -40.02 -46.30 12.85
N PRO R 114 -39.77 -47.58 13.12
CA PRO R 114 -38.42 -48.14 12.98
C PRO R 114 -37.92 -48.08 11.54
N GLN R 115 -38.80 -48.24 10.55
CA GLN R 115 -38.36 -48.27 9.15
C GLN R 115 -37.81 -46.92 8.69
N SER R 116 -38.12 -45.82 9.40
CA SER R 116 -37.59 -44.51 9.03
C SER R 116 -36.88 -43.85 10.19
N ALA R 117 -36.36 -44.62 11.14
CA ALA R 117 -35.57 -44.06 12.22
C ALA R 117 -34.16 -43.65 11.79
N GLY R 118 -33.78 -43.89 10.54
CA GLY R 118 -32.47 -43.46 10.09
C GLY R 118 -32.38 -41.94 10.06
N ARG R 119 -31.17 -41.44 10.24
CA ARG R 119 -30.98 -40.00 10.35
C ARG R 119 -29.69 -39.58 9.69
N ILE R 120 -29.76 -38.56 8.85
CA ILE R 120 -28.57 -37.98 8.25
C ILE R 120 -28.58 -36.48 8.52
N VAL R 121 -27.43 -35.96 8.92
CA VAL R 121 -27.33 -34.56 9.35
C VAL R 121 -26.06 -33.96 8.75
N SER R 122 -26.19 -32.77 8.17
CA SER R 122 -25.06 -32.12 7.51
C SER R 122 -24.80 -30.75 8.14
N PHE R 123 -23.53 -30.35 8.12
CA PHE R 123 -23.09 -29.14 8.77
C PHE R 123 -22.30 -28.28 7.80
N ASP R 124 -22.35 -26.96 8.02
CA ASP R 124 -21.51 -26.02 7.30
C ASP R 124 -20.39 -25.56 8.23
N ALA R 125 -19.50 -24.71 7.70
CA ALA R 125 -18.39 -24.22 8.50
C ALA R 125 -18.85 -23.34 9.67
N ALA R 126 -20.06 -22.80 9.63
CA ALA R 126 -20.54 -21.90 10.67
C ALA R 126 -21.38 -22.59 11.72
N GLY R 127 -21.38 -23.93 11.75
CA GLY R 127 -22.04 -24.66 12.81
C GLY R 127 -23.51 -24.92 12.61
N GLY R 128 -24.16 -24.20 11.69
CA GLY R 128 -25.53 -24.53 11.34
C GLY R 128 -25.61 -25.94 10.80
N TRP R 129 -26.74 -26.59 11.07
CA TRP R 129 -26.94 -27.96 10.65
C TRP R 129 -28.30 -28.10 9.98
N ASN R 130 -28.46 -29.21 9.26
CA ASN R 130 -29.69 -29.45 8.52
C ASN R 130 -29.95 -30.94 8.49
N ILE R 131 -31.18 -31.32 8.81
CA ILE R 131 -31.60 -32.72 8.81
C ILE R 131 -32.05 -33.07 7.40
N GLU R 132 -31.26 -33.89 6.74
CA GLU R 132 -31.54 -34.24 5.36
C GLU R 132 -32.77 -35.13 5.27
N GLU R 133 -33.60 -34.87 4.27
CA GLU R 133 -34.88 -35.55 4.12
C GLU R 133 -35.12 -36.06 2.70
N GLU R 134 -34.22 -35.82 1.76
CA GLU R 134 -34.28 -36.45 0.46
C GLU R 134 -33.47 -37.75 0.39
N GLY R 135 -33.08 -38.31 1.54
CA GLY R 135 -32.58 -39.67 1.57
C GLY R 135 -31.09 -39.89 1.47
N TYR R 136 -30.27 -38.85 1.26
CA TYR R 136 -28.85 -39.09 1.10
C TYR R 136 -28.09 -37.78 1.24
N GLN R 137 -26.79 -37.90 1.49
CA GLN R 137 -25.98 -36.72 1.64
C GLN R 137 -24.54 -37.11 1.32
N ALA R 138 -23.70 -36.10 1.12
CA ALA R 138 -22.29 -36.36 0.91
C ALA R 138 -21.51 -35.11 1.29
N VAL R 139 -20.21 -35.28 1.51
CA VAL R 139 -19.32 -34.16 1.83
C VAL R 139 -17.95 -34.42 1.22
N GLY R 140 -17.26 -33.34 0.86
CA GLY R 140 -15.92 -33.40 0.33
C GLY R 140 -15.84 -32.92 -1.11
N SER R 141 -14.62 -32.96 -1.65
CA SER R 141 -14.39 -32.43 -2.98
C SER R 141 -15.20 -33.16 -4.06
N GLY R 142 -15.52 -34.43 -3.84
CA GLY R 142 -16.30 -35.18 -4.79
C GLY R 142 -17.77 -35.20 -4.48
N SER R 143 -18.23 -34.40 -3.52
CA SER R 143 -19.61 -34.52 -3.05
C SER R 143 -20.63 -34.26 -4.15
N LEU R 144 -20.35 -33.31 -5.05
CA LEU R 144 -21.36 -33.00 -6.06
C LEU R 144 -21.57 -34.16 -7.02
N PHE R 145 -20.46 -34.80 -7.45
CA PHE R 145 -20.59 -35.93 -8.34
C PHE R 145 -21.28 -37.11 -7.65
N ALA R 146 -21.00 -37.28 -6.36
CA ALA R 146 -21.60 -38.36 -5.57
C ALA R 146 -23.10 -38.16 -5.42
N LYS R 147 -23.51 -36.94 -5.08
CA LYS R 147 -24.94 -36.65 -4.97
C LYS R 147 -25.64 -36.81 -6.30
N SER R 148 -25.04 -36.29 -7.38
CA SER R 148 -25.69 -36.43 -8.68
C SER R 148 -25.74 -37.88 -9.12
N SER R 149 -24.85 -38.71 -8.61
CA SER R 149 -24.96 -40.13 -8.88
C SER R 149 -26.08 -40.77 -8.06
N MET R 150 -26.16 -40.43 -6.78
CA MET R 150 -27.16 -41.07 -5.93
C MET R 150 -28.57 -40.66 -6.30
N LYS R 151 -28.76 -39.44 -6.81
CA LYS R 151 -30.08 -39.00 -7.23
C LYS R 151 -30.68 -39.96 -8.24
N LYS R 152 -29.86 -40.48 -9.15
CA LYS R 152 -30.35 -41.41 -10.15
C LYS R 152 -30.38 -42.83 -9.60
N LEU R 153 -29.37 -43.23 -8.81
CA LEU R 153 -29.30 -44.63 -8.38
C LEU R 153 -30.19 -44.95 -7.19
N TYR R 154 -30.86 -43.97 -6.59
CA TYR R 154 -31.46 -44.15 -5.26
C TYR R 154 -32.76 -44.94 -5.29
N SER R 155 -33.46 -44.98 -6.42
CA SER R 155 -34.65 -45.81 -6.50
C SER R 155 -34.32 -47.30 -6.39
N GLN R 156 -33.06 -47.69 -6.57
CA GLN R 156 -32.64 -49.09 -6.44
C GLN R 156 -32.46 -49.52 -4.99
N VAL R 157 -32.44 -48.59 -4.06
CA VAL R 157 -32.14 -48.90 -2.67
C VAL R 157 -33.38 -49.49 -2.02
N THR R 158 -33.28 -50.74 -1.58
CA THR R 158 -34.42 -51.42 -0.96
C THR R 158 -34.11 -52.12 0.36
N ASP R 159 -32.85 -52.23 0.74
CA ASP R 159 -32.45 -52.96 1.95
C ASP R 159 -31.05 -52.51 2.32
N GLY R 160 -30.43 -53.25 3.24
CA GLY R 160 -29.08 -52.90 3.65
C GLY R 160 -28.07 -53.13 2.56
N ASP R 161 -28.19 -54.25 1.85
CA ASP R 161 -27.16 -54.56 0.87
C ASP R 161 -27.24 -53.68 -0.38
N SER R 162 -28.44 -53.54 -0.97
CA SER R 162 -28.56 -52.65 -2.13
C SER R 162 -28.13 -51.23 -1.78
N GLY R 163 -28.48 -50.76 -0.58
CA GLY R 163 -28.01 -49.45 -0.14
C GLY R 163 -26.51 -49.38 -0.06
N LEU R 164 -25.86 -50.47 0.38
CA LEU R 164 -24.41 -50.49 0.41
C LEU R 164 -23.82 -50.40 -1.01
N ARG R 165 -24.37 -51.17 -1.95
CA ARG R 165 -23.88 -51.13 -3.31
C ARG R 165 -24.02 -49.73 -3.91
N VAL R 166 -25.15 -49.08 -3.67
CA VAL R 166 -25.35 -47.72 -4.18
C VAL R 166 -24.32 -46.78 -3.59
N ALA R 167 -24.03 -46.91 -2.29
CA ALA R 167 -22.98 -46.11 -1.68
C ALA R 167 -21.64 -46.28 -2.42
N VAL R 168 -21.21 -47.54 -2.59
CA VAL R 168 -19.92 -47.80 -3.23
C VAL R 168 -19.90 -47.22 -4.64
N GLU R 169 -21.01 -47.36 -5.38
CA GLU R 169 -21.03 -46.83 -6.73
C GLU R 169 -20.90 -45.31 -6.73
N ALA R 170 -21.65 -44.62 -5.86
CA ALA R 170 -21.54 -43.17 -5.77
C ALA R 170 -20.10 -42.74 -5.53
N LEU R 171 -19.42 -43.45 -4.61
CA LEU R 171 -18.00 -43.18 -4.42
C LEU R 171 -17.20 -43.38 -5.70
N TYR R 172 -17.48 -44.47 -6.42
CA TYR R 172 -16.77 -44.74 -7.68
C TYR R 172 -16.91 -43.59 -8.68
N ASP R 173 -18.08 -42.94 -8.71
CA ASP R 173 -18.24 -41.87 -9.68
C ASP R 173 -17.59 -40.58 -9.20
N ALA R 174 -17.69 -40.30 -7.91
CA ALA R 174 -16.89 -39.22 -7.32
C ALA R 174 -15.44 -39.35 -7.76
N ALA R 175 -14.81 -40.49 -7.45
CA ALA R 175 -13.42 -40.69 -7.84
C ALA R 175 -13.23 -40.62 -9.35
N ASP R 176 -14.24 -41.02 -10.12
CA ASP R 176 -14.07 -41.08 -11.57
C ASP R 176 -13.95 -39.69 -12.16
N ASP R 177 -14.56 -38.70 -11.53
CA ASP R 177 -14.58 -37.34 -12.06
C ASP R 177 -13.77 -36.33 -11.26
N ASP R 178 -13.17 -36.75 -10.15
CA ASP R 178 -12.34 -35.88 -9.33
C ASP R 178 -11.07 -36.62 -8.94
N SER R 179 -9.94 -35.92 -8.97
CA SER R 179 -8.64 -36.56 -8.79
C SER R 179 -8.22 -36.65 -7.33
N ALA R 180 -8.81 -35.83 -6.46
CA ALA R 180 -8.53 -35.85 -5.02
C ALA R 180 -9.23 -37.00 -4.31
N THR R 181 -10.13 -37.72 -4.97
CA THR R 181 -10.83 -38.86 -4.40
C THR R 181 -10.28 -40.14 -5.00
N GLY R 182 -9.86 -41.06 -4.14
CA GLY R 182 -9.32 -42.32 -4.61
C GLY R 182 -10.42 -43.34 -4.87
N GLY R 183 -10.29 -44.09 -5.96
CA GLY R 183 -11.16 -45.19 -6.24
C GLY R 183 -10.62 -46.50 -5.69
N PRO R 184 -11.36 -47.58 -5.88
CA PRO R 184 -10.88 -48.90 -5.46
C PRO R 184 -9.56 -49.24 -6.12
N ASP R 185 -8.52 -49.47 -5.32
CA ASP R 185 -7.22 -49.86 -5.84
C ASP R 185 -7.21 -51.38 -5.94
N LEU R 186 -7.34 -51.89 -7.16
CA LEU R 186 -7.34 -53.33 -7.33
C LEU R 186 -5.96 -53.91 -7.14
N VAL R 187 -4.91 -53.12 -7.39
CA VAL R 187 -3.54 -53.62 -7.30
C VAL R 187 -3.15 -53.87 -5.86
N ARG R 188 -3.31 -52.85 -5.01
CA ARG R 188 -2.98 -52.98 -3.60
C ARG R 188 -4.11 -53.54 -2.74
N GLY R 189 -5.31 -53.68 -3.29
CA GLY R 189 -6.41 -54.24 -2.53
C GLY R 189 -6.94 -53.32 -1.46
N ILE R 190 -7.06 -52.03 -1.74
CA ILE R 190 -7.57 -51.06 -0.77
C ILE R 190 -8.89 -50.52 -1.28
N PHE R 191 -9.93 -50.65 -0.47
CA PHE R 191 -11.29 -50.35 -0.88
C PHE R 191 -11.89 -49.34 0.09
N PRO R 192 -12.98 -48.68 -0.28
CA PRO R 192 -13.61 -47.71 0.65
C PRO R 192 -14.00 -48.39 1.94
N THR R 193 -14.15 -47.59 2.99
CA THR R 193 -14.63 -48.15 4.25
C THR R 193 -16.10 -47.81 4.43
N ALA R 194 -16.81 -48.69 5.13
CA ALA R 194 -18.25 -48.53 5.27
C ALA R 194 -18.69 -48.91 6.67
N VAL R 195 -19.71 -48.22 7.16
CA VAL R 195 -20.33 -48.50 8.44
C VAL R 195 -21.82 -48.63 8.22
N ILE R 196 -22.43 -49.65 8.82
CA ILE R 196 -23.88 -49.85 8.74
C ILE R 196 -24.48 -49.71 10.13
N ILE R 197 -25.53 -48.92 10.24
CA ILE R 197 -26.24 -48.75 11.50
C ILE R 197 -27.68 -49.15 11.29
N ASP R 198 -28.20 -50.02 12.16
CA ASP R 198 -29.62 -50.35 12.17
C ASP R 198 -30.03 -50.56 13.61
N ALA R 199 -31.23 -51.13 13.80
CA ALA R 199 -31.79 -51.38 15.14
C ALA R 199 -30.79 -52.00 16.11
N ASP R 200 -29.80 -52.74 15.63
CA ASP R 200 -28.88 -53.47 16.50
C ASP R 200 -27.57 -52.73 16.75
N GLY R 201 -27.43 -51.50 16.30
CA GLY R 201 -26.24 -50.73 16.52
C GLY R 201 -25.46 -50.47 15.24
N ALA R 202 -24.16 -50.19 15.43
CA ALA R 202 -23.26 -49.84 14.33
C ALA R 202 -22.18 -50.90 14.20
N VAL R 203 -22.01 -51.42 12.99
CA VAL R 203 -20.94 -52.37 12.72
C VAL R 203 -20.18 -51.93 11.47
N ASP R 204 -18.89 -52.21 11.47
CA ASP R 204 -18.08 -51.96 10.28
C ASP R 204 -18.34 -53.06 9.25
N VAL R 205 -18.56 -52.66 8.02
CA VAL R 205 -18.67 -53.66 6.97
C VAL R 205 -17.30 -54.31 6.78
N PRO R 206 -17.20 -55.64 6.85
CA PRO R 206 -15.90 -56.29 6.61
C PRO R 206 -15.45 -56.11 5.17
N GLU R 207 -14.13 -56.06 4.99
CA GLU R 207 -13.56 -55.57 3.74
C GLU R 207 -14.03 -56.41 2.55
N SER R 208 -14.15 -57.73 2.73
CA SER R 208 -14.47 -58.62 1.61
C SER R 208 -15.74 -58.18 0.88
N ARG R 209 -16.77 -57.79 1.64
CA ARG R 209 -18.03 -57.40 0.99
C ARG R 209 -17.83 -56.19 0.09
N ILE R 210 -17.10 -55.19 0.59
CA ILE R 210 -16.81 -54.01 -0.22
C ILE R 210 -15.96 -54.39 -1.43
N ALA R 211 -15.06 -55.35 -1.28
CA ALA R 211 -14.23 -55.78 -2.41
C ALA R 211 -15.09 -56.37 -3.53
N GLU R 212 -16.03 -57.24 -3.17
CA GLU R 212 -16.90 -57.87 -4.16
C GLU R 212 -17.76 -56.84 -4.87
N LEU R 213 -18.38 -55.94 -4.10
CA LEU R 213 -19.19 -54.89 -4.73
C LEU R 213 -18.37 -54.05 -5.70
N ALA R 214 -17.17 -53.63 -5.27
CA ALA R 214 -16.32 -52.83 -6.14
C ALA R 214 -15.95 -53.59 -7.42
N ARG R 215 -15.61 -54.87 -7.30
CA ARG R 215 -15.27 -55.63 -8.50
C ARG R 215 -16.49 -55.77 -9.43
N ALA R 216 -17.67 -55.94 -8.84
CA ALA R 216 -18.87 -56.00 -9.67
C ALA R 216 -19.07 -54.69 -10.46
N ILE R 217 -18.90 -53.56 -9.79
CA ILE R 217 -19.06 -52.27 -10.48
C ILE R 217 -18.04 -52.14 -11.61
N ILE R 218 -16.77 -52.37 -11.27
CA ILE R 218 -15.70 -52.23 -12.25
C ILE R 218 -15.94 -53.12 -13.47
N GLU R 219 -16.39 -54.37 -13.26
CA GLU R 219 -16.67 -55.20 -14.44
C GLU R 219 -17.90 -54.72 -15.19
N SER R 220 -18.84 -54.11 -14.47
CA SER R 220 -20.01 -53.61 -15.18
C SER R 220 -19.66 -52.49 -16.14
N ARG R 221 -18.68 -51.65 -15.76
CA ARG R 221 -18.36 -50.51 -16.61
C ARG R 221 -17.46 -50.86 -17.79
N SER R 222 -16.72 -51.95 -17.74
CA SER R 222 -15.85 -52.33 -18.86
C SER R 222 -16.60 -52.69 -20.13
N THR S 1 19.76 -31.83 4.45
CA THR S 1 19.55 -32.87 5.45
C THR S 1 18.67 -33.98 4.89
N THR S 2 18.85 -35.19 5.43
CA THR S 2 18.11 -36.36 4.98
C THR S 2 18.30 -37.42 6.04
N ILE S 3 17.20 -38.01 6.46
CA ILE S 3 17.21 -39.06 7.48
C ILE S 3 16.29 -40.16 7.01
N VAL S 4 16.83 -41.36 6.81
CA VAL S 4 16.03 -42.48 6.34
C VAL S 4 15.82 -43.45 7.48
N ALA S 5 14.74 -44.21 7.41
CA ALA S 5 14.45 -45.22 8.42
C ALA S 5 13.76 -46.37 7.71
N LEU S 6 14.17 -47.61 7.98
CA LEU S 6 13.50 -48.72 7.32
C LEU S 6 13.42 -49.91 8.27
N LYS S 7 12.31 -50.64 8.19
CA LYS S 7 12.12 -51.84 8.97
C LYS S 7 12.80 -52.99 8.26
N TYR S 8 13.34 -53.92 9.02
CA TYR S 8 13.81 -55.18 8.47
C TYR S 8 13.21 -56.30 9.30
N PRO S 9 13.25 -57.53 8.82
CA PRO S 9 12.63 -58.56 9.65
C PRO S 9 13.35 -58.53 10.98
N GLY S 10 12.59 -58.41 12.05
CA GLY S 10 13.14 -58.35 13.38
C GLY S 10 13.67 -57.02 13.92
N GLY S 11 13.56 -55.89 13.21
CA GLY S 11 14.05 -54.68 13.81
C GLY S 11 13.84 -53.46 12.94
N VAL S 12 14.47 -52.36 13.33
CA VAL S 12 14.38 -51.12 12.58
C VAL S 12 15.75 -50.46 12.54
N VAL S 13 16.03 -49.75 11.45
CA VAL S 13 17.30 -49.06 11.33
C VAL S 13 17.02 -47.62 10.91
N MET S 14 17.85 -46.70 11.40
CA MET S 14 17.64 -45.29 11.16
C MET S 14 18.98 -44.59 10.99
N ALA S 15 19.19 -43.95 9.82
CA ALA S 15 20.47 -43.33 9.49
C ALA S 15 20.28 -41.89 9.01
N GLY S 16 21.29 -41.07 9.22
CA GLY S 16 21.23 -39.65 8.88
C GLY S 16 22.57 -39.13 8.43
N ASP S 17 22.57 -38.11 7.58
CA ASP S 17 23.82 -37.59 7.04
C ASP S 17 24.46 -36.65 8.06
N ARG S 18 25.49 -35.88 7.67
CA ARG S 18 26.23 -35.05 8.61
C ARG S 18 26.37 -33.56 8.31
N ARG S 19 25.88 -33.08 7.17
CA ARG S 19 26.11 -31.71 6.75
C ARG S 19 25.08 -30.79 7.36
N SER S 20 25.46 -29.53 7.55
CA SER S 20 24.57 -28.47 8.00
C SER S 20 25.01 -27.19 7.30
N THR S 21 24.06 -26.51 6.67
CA THR S 21 24.42 -25.41 5.78
C THR S 21 23.81 -24.09 6.29
N GLN S 22 24.30 -23.00 5.71
CA GLN S 22 23.62 -21.70 5.79
C GLN S 22 23.62 -21.14 4.37
N GLY S 23 22.50 -21.31 3.67
CA GLY S 23 22.48 -20.90 2.27
C GLY S 23 23.34 -21.87 1.49
N ASN S 24 24.24 -21.35 0.65
CA ASN S 24 25.14 -22.18 -0.14
C ASN S 24 26.39 -22.60 0.63
N MET S 25 26.53 -22.18 1.89
CA MET S 25 27.78 -22.34 2.63
C MET S 25 27.74 -23.54 3.57
N ILE S 26 28.72 -24.42 3.45
CA ILE S 26 28.77 -25.64 4.23
C ILE S 26 29.33 -25.28 5.60
N SER S 27 28.50 -25.39 6.66
CA SER S 27 28.92 -24.89 7.96
C SER S 27 29.25 -25.97 8.99
N GLY S 28 28.71 -27.17 8.82
CA GLY S 28 29.03 -28.22 9.77
C GLY S 28 29.23 -29.50 9.01
N ARG S 29 30.36 -30.17 9.22
CA ARG S 29 30.74 -31.38 8.51
C ARG S 29 30.54 -32.64 9.33
N ASP S 30 30.01 -32.53 10.56
CA ASP S 30 29.93 -33.69 11.47
C ASP S 30 28.81 -33.56 12.48
N VAL S 31 27.70 -32.93 12.11
CA VAL S 31 26.53 -32.86 12.99
C VAL S 31 25.93 -34.25 13.14
N ARG S 32 25.41 -34.56 14.32
CA ARG S 32 24.71 -35.82 14.55
C ARG S 32 23.21 -35.54 14.65
N LYS S 33 22.42 -36.10 13.73
CA LYS S 33 21.01 -35.76 13.66
C LYS S 33 20.09 -36.86 14.18
N VAL S 34 20.61 -38.03 14.52
CA VAL S 34 19.81 -39.16 14.99
C VAL S 34 20.18 -39.43 16.43
N TYR S 35 19.22 -39.31 17.34
CA TYR S 35 19.43 -39.52 18.76
C TYR S 35 18.77 -40.81 19.22
N ILE S 36 19.27 -41.38 20.30
CA ILE S 36 18.62 -42.51 20.94
C ILE S 36 17.80 -41.94 22.10
N THR S 37 16.51 -41.66 21.85
CA THR S 37 15.72 -41.02 22.89
C THR S 37 15.44 -41.98 24.03
N ASP S 38 15.39 -43.28 23.75
CA ASP S 38 15.22 -44.24 24.83
C ASP S 38 15.58 -45.63 24.31
N ASP S 39 15.50 -46.61 25.23
CA ASP S 39 15.97 -47.97 24.97
C ASP S 39 15.27 -48.63 23.79
N TYR S 40 14.19 -48.04 23.28
CA TYR S 40 13.48 -48.64 22.18
C TYR S 40 13.03 -47.63 21.14
N THR S 41 13.47 -46.38 21.25
CA THR S 41 13.09 -45.43 20.21
C THR S 41 14.29 -44.57 19.88
N ALA S 42 14.48 -44.33 18.60
CA ALA S 42 15.40 -43.32 18.10
C ALA S 42 14.61 -42.27 17.34
N THR S 43 15.10 -41.03 17.38
CA THR S 43 14.43 -39.90 16.78
C THR S 43 15.41 -39.13 15.91
N GLY S 44 15.04 -38.96 14.63
CA GLY S 44 15.75 -38.04 13.74
C GLY S 44 14.91 -36.77 13.61
N ILE S 45 15.58 -35.63 13.44
CA ILE S 45 14.89 -34.36 13.23
C ILE S 45 15.57 -33.60 12.10
N ALA S 46 14.80 -33.25 11.08
CA ALA S 46 15.24 -32.38 10.00
C ALA S 46 14.76 -30.96 10.29
N GLY S 47 15.52 -29.98 9.78
CA GLY S 47 15.03 -28.62 9.86
C GLY S 47 15.99 -27.78 10.68
N THR S 48 15.49 -26.65 11.18
CA THR S 48 16.30 -25.71 11.94
C THR S 48 17.09 -26.43 13.02
N ALA S 49 18.40 -26.20 13.06
CA ALA S 49 19.27 -26.99 13.93
C ALA S 49 18.95 -26.78 15.40
N ALA S 50 18.74 -25.53 15.82
CA ALA S 50 18.40 -25.26 17.21
C ALA S 50 17.14 -26.02 17.63
N VAL S 51 16.02 -25.73 16.97
CA VAL S 51 14.75 -26.37 17.27
C VAL S 51 14.87 -27.88 17.24
N ALA S 52 15.69 -28.40 16.35
CA ALA S 52 15.87 -29.85 16.25
C ALA S 52 16.49 -30.43 17.51
N VAL S 53 17.67 -29.90 17.88
CA VAL S 53 18.38 -30.48 19.04
C VAL S 53 17.55 -30.32 20.30
N GLU S 54 16.85 -29.19 20.41
CA GLU S 54 15.98 -28.94 21.55
C GLU S 54 14.83 -29.96 21.62
N PHE S 55 14.10 -30.14 20.51
CA PHE S 55 13.07 -31.17 20.45
C PHE S 55 13.60 -32.50 20.99
N ALA S 56 14.67 -32.99 20.37
CA ALA S 56 15.21 -34.30 20.76
C ALA S 56 15.47 -34.37 22.26
N ARG S 57 16.17 -33.36 22.79
CA ARG S 57 16.53 -33.36 24.22
C ARG S 57 15.30 -33.40 25.11
N LEU S 58 14.36 -32.49 24.86
CA LEU S 58 13.18 -32.34 25.72
C LEU S 58 12.29 -33.58 25.66
N TYR S 59 12.12 -34.16 24.48
CA TYR S 59 11.31 -35.36 24.33
C TYR S 59 11.92 -36.51 25.12
N ALA S 60 13.23 -36.72 24.98
CA ALA S 60 13.90 -37.75 25.77
C ALA S 60 13.66 -37.55 27.27
N VAL S 61 13.75 -36.29 27.72
CA VAL S 61 13.52 -35.97 29.13
C VAL S 61 12.11 -36.37 29.55
N GLU S 62 11.12 -36.08 28.71
CA GLU S 62 9.73 -36.33 29.07
C GLU S 62 9.42 -37.82 29.12
N LEU S 63 9.83 -38.57 28.10
CA LEU S 63 9.67 -40.03 28.13
C LEU S 63 10.22 -40.59 29.44
N GLU S 64 11.48 -40.26 29.74
CA GLU S 64 12.12 -40.81 30.93
C GLU S 64 11.48 -40.32 32.24
N HIS S 65 10.93 -39.10 32.23
CA HIS S 65 10.29 -38.55 33.42
C HIS S 65 9.04 -39.34 33.77
N TYR S 66 8.14 -39.54 32.79
CA TYR S 66 6.97 -40.36 33.06
C TYR S 66 7.38 -41.76 33.49
N GLU S 67 8.41 -42.31 32.85
CA GLU S 67 8.89 -43.63 33.25
C GLU S 67 9.30 -43.67 34.71
N LYS S 68 9.94 -42.61 35.22
CA LYS S 68 10.36 -42.61 36.62
C LYS S 68 9.18 -42.41 37.56
N LEU S 69 8.19 -41.62 37.16
CA LEU S 69 7.03 -41.40 38.02
C LEU S 69 6.14 -42.63 38.11
N GLU S 70 5.86 -43.28 36.98
CA GLU S 70 4.88 -44.36 36.97
C GLU S 70 5.49 -45.75 37.04
N GLY S 71 6.81 -45.87 36.94
CA GLY S 71 7.38 -47.18 37.02
C GLY S 71 7.18 -48.05 35.81
N VAL S 72 6.76 -47.48 34.68
CA VAL S 72 6.64 -48.28 33.46
C VAL S 72 6.66 -47.34 32.25
N PRO S 73 7.38 -47.66 31.16
CA PRO S 73 7.36 -46.76 30.01
C PRO S 73 5.97 -46.66 29.42
N LEU S 74 5.72 -45.52 28.77
CA LEU S 74 4.50 -45.38 27.99
C LEU S 74 4.44 -46.47 26.92
N THR S 75 3.24 -46.74 26.42
CA THR S 75 3.15 -47.57 25.22
C THR S 75 3.63 -46.76 24.02
N PHE S 76 3.93 -47.47 22.92
CA PHE S 76 4.38 -46.77 21.73
C PHE S 76 3.36 -45.72 21.28
N ALA S 77 2.08 -45.98 21.55
CA ALA S 77 1.02 -45.02 21.21
C ALA S 77 1.17 -43.74 22.02
N GLY S 78 1.40 -43.84 23.33
CA GLY S 78 1.59 -42.64 24.12
C GLY S 78 2.78 -41.82 23.67
N LYS S 79 3.92 -42.49 23.42
CA LYS S 79 5.09 -41.81 22.90
C LYS S 79 4.76 -41.05 21.61
N ILE S 80 4.13 -41.73 20.65
CA ILE S 80 3.70 -41.06 19.43
C ILE S 80 2.91 -39.81 19.76
N ASN S 81 2.02 -39.90 20.74
CA ASN S 81 1.15 -38.77 21.06
C ASN S 81 1.94 -37.59 21.59
N ARG S 82 2.84 -37.84 22.55
CA ARG S 82 3.59 -36.74 23.14
C ARG S 82 4.45 -36.04 22.09
N LEU S 83 5.16 -36.83 21.27
CA LEU S 83 5.95 -36.23 20.18
C LEU S 83 5.08 -35.36 19.29
N ALA S 84 3.89 -35.86 18.94
CA ALA S 84 2.95 -35.10 18.12
C ALA S 84 2.54 -33.79 18.77
N ILE S 85 2.36 -33.80 20.09
CA ILE S 85 1.94 -32.59 20.77
C ILE S 85 3.05 -31.56 20.79
N MET S 86 4.29 -32.00 21.03
CA MET S 86 5.42 -31.10 20.89
C MET S 86 5.46 -30.46 19.51
N VAL S 87 5.35 -31.29 18.46
CA VAL S 87 5.43 -30.80 17.09
C VAL S 87 4.34 -29.77 16.82
N ARG S 88 3.11 -30.08 17.27
CA ARG S 88 2.01 -29.14 17.15
C ARG S 88 2.29 -27.84 17.88
N GLY S 89 3.03 -27.92 19.00
CA GLY S 89 3.37 -26.72 19.73
C GLY S 89 4.34 -25.80 19.03
N ASN S 90 5.21 -26.35 18.20
CA ASN S 90 6.16 -25.51 17.49
C ASN S 90 5.56 -24.88 16.23
N LEU S 91 4.26 -25.05 15.98
CA LEU S 91 3.69 -24.65 14.69
C LEU S 91 3.82 -23.14 14.44
N ALA S 92 3.55 -22.33 15.47
CA ALA S 92 3.62 -20.88 15.30
C ALA S 92 5.02 -20.45 14.84
N ALA S 93 6.05 -21.00 15.47
CA ALA S 93 7.43 -20.69 15.10
C ALA S 93 7.82 -21.30 13.76
N ALA S 94 7.20 -22.43 13.39
CA ALA S 94 7.47 -23.04 12.08
C ALA S 94 6.97 -22.17 10.94
N MET S 95 5.83 -21.48 11.15
CA MET S 95 5.39 -20.51 10.15
C MET S 95 6.34 -19.32 10.05
N GLN S 96 6.98 -18.97 11.17
CA GLN S 96 7.98 -17.91 11.17
C GLN S 96 9.33 -18.38 10.64
N GLY S 97 9.44 -19.60 10.15
CA GLY S 97 10.70 -20.13 9.66
C GLY S 97 11.43 -21.11 10.54
N LEU S 98 11.10 -21.29 11.81
CA LEU S 98 11.85 -22.23 12.65
C LEU S 98 11.26 -23.63 12.63
N LEU S 99 11.10 -24.22 11.45
CA LEU S 99 10.39 -25.50 11.31
C LEU S 99 11.31 -26.67 11.65
N ALA S 100 10.80 -27.66 12.37
CA ALA S 100 11.55 -28.88 12.68
C ALA S 100 10.61 -30.08 12.58
N LEU S 101 10.97 -31.05 11.73
CA LEU S 101 10.12 -32.23 11.52
C LEU S 101 10.83 -33.47 12.01
N PRO S 102 10.18 -34.24 12.90
CA PRO S 102 10.74 -35.48 13.42
C PRO S 102 10.23 -36.72 12.71
N LEU S 103 11.12 -37.70 12.63
CA LEU S 103 10.83 -39.05 12.15
C LEU S 103 11.21 -39.98 13.29
N LEU S 104 10.26 -40.80 13.73
CA LEU S 104 10.39 -41.56 14.96
C LEU S 104 10.40 -43.04 14.63
N ALA S 105 11.48 -43.73 15.01
CA ALA S 105 11.61 -45.17 14.84
C ALA S 105 11.59 -45.84 16.18
N GLY S 106 10.83 -46.92 16.30
CA GLY S 106 10.77 -47.61 17.56
C GLY S 106 10.57 -49.10 17.38
N TYR S 107 10.83 -49.84 18.44
CA TYR S 107 10.59 -51.27 18.44
C TYR S 107 9.60 -51.57 19.55
N ASP S 108 8.39 -51.96 19.17
CA ASP S 108 7.33 -52.22 20.12
C ASP S 108 7.59 -53.57 20.78
N ILE S 109 7.87 -53.56 22.08
CA ILE S 109 8.04 -54.81 22.80
C ILE S 109 6.69 -55.52 23.00
N HIS S 110 5.59 -54.77 23.03
CA HIS S 110 4.27 -55.34 23.29
C HIS S 110 3.57 -55.86 22.04
N ALA S 111 4.13 -55.63 20.86
CA ALA S 111 3.49 -56.13 19.65
C ALA S 111 3.40 -57.65 19.70
N SER S 112 2.48 -58.20 18.92
CA SER S 112 2.23 -59.64 18.94
C SER S 112 3.36 -60.41 18.23
N ASP S 113 3.61 -60.09 16.96
CA ASP S 113 4.67 -60.75 16.20
C ASP S 113 5.99 -60.00 16.34
N PRO S 114 7.02 -60.63 16.90
CA PRO S 114 8.32 -59.96 17.02
C PRO S 114 8.94 -59.58 15.69
N GLN S 115 8.72 -60.39 14.63
CA GLN S 115 9.33 -60.10 13.34
C GLN S 115 8.79 -58.83 12.70
N SER S 116 7.63 -58.33 13.15
CA SER S 116 7.08 -57.10 12.60
C SER S 116 6.77 -56.09 13.69
N ALA S 117 7.45 -56.18 14.83
CA ALA S 117 7.30 -55.17 15.88
C ALA S 117 7.98 -53.85 15.56
N GLY S 118 8.69 -53.74 14.43
CA GLY S 118 9.30 -52.49 14.08
C GLY S 118 8.25 -51.43 13.78
N ARG S 119 8.60 -50.18 14.00
CA ARG S 119 7.63 -49.10 13.86
C ARG S 119 8.29 -47.87 13.31
N ILE S 120 7.69 -47.28 12.28
CA ILE S 120 8.15 -46.01 11.73
C ILE S 120 6.98 -45.04 11.71
N VAL S 121 7.22 -43.82 12.14
CA VAL S 121 6.17 -42.82 12.31
C VAL S 121 6.66 -41.49 11.77
N SER S 122 5.83 -40.84 10.96
CA SER S 122 6.21 -39.57 10.33
C SER S 122 5.23 -38.47 10.72
N PHE S 123 5.74 -37.25 10.79
CA PHE S 123 4.98 -36.10 11.25
C PHE S 123 5.06 -34.97 10.23
N ASP S 124 4.02 -34.16 10.19
CA ASP S 124 4.02 -32.92 9.42
C ASP S 124 4.17 -31.75 10.38
N ALA S 125 4.23 -30.55 9.81
CA ALA S 125 4.39 -29.35 10.63
C ALA S 125 3.18 -29.10 11.55
N ALA S 126 2.02 -29.68 11.25
CA ALA S 126 0.83 -29.42 12.03
C ALA S 126 0.56 -30.51 13.08
N GLY S 127 1.54 -31.36 13.37
CA GLY S 127 1.41 -32.30 14.45
C GLY S 127 0.71 -33.60 14.12
N GLY S 128 -0.02 -33.65 13.00
CA GLY S 128 -0.56 -34.93 12.56
C GLY S 128 0.55 -35.91 12.29
N TRP S 129 0.25 -37.18 12.53
CA TRP S 129 1.24 -38.22 12.35
C TRP S 129 0.64 -39.38 11.57
N ASN S 130 1.52 -40.24 11.05
CA ASN S 130 1.08 -41.34 10.22
C ASN S 130 2.02 -42.51 10.45
N ILE S 131 1.45 -43.69 10.68
CA ILE S 131 2.23 -44.91 10.89
C ILE S 131 2.51 -45.52 9.53
N GLU S 132 3.78 -45.46 9.13
CA GLU S 132 4.18 -45.94 7.82
C GLU S 132 4.06 -47.46 7.76
N GLU S 133 3.57 -47.95 6.62
CA GLU S 133 3.31 -49.36 6.45
C GLU S 133 3.85 -49.92 5.14
N GLU S 134 4.46 -49.10 4.29
CA GLU S 134 5.18 -49.59 3.13
C GLU S 134 6.67 -49.82 3.43
N GLY S 135 7.07 -49.85 4.69
CA GLY S 135 8.38 -50.35 5.05
C GLY S 135 9.51 -49.36 5.19
N TYR S 136 9.31 -48.07 4.89
CA TYR S 136 10.43 -47.15 4.96
C TYR S 136 9.92 -45.71 4.94
N GLN S 137 10.77 -44.80 5.37
CA GLN S 137 10.37 -43.41 5.40
C GLN S 137 11.64 -42.57 5.34
N ALA S 138 11.48 -41.28 5.06
CA ALA S 138 12.62 -40.38 5.08
C ALA S 138 12.11 -38.97 5.31
N VAL S 139 13.00 -38.08 5.73
CA VAL S 139 12.66 -36.67 5.93
C VAL S 139 13.86 -35.81 5.56
N GLY S 140 13.58 -34.60 5.09
CA GLY S 140 14.61 -33.62 4.76
C GLY S 140 14.62 -33.31 3.27
N SER S 141 15.55 -32.41 2.91
CA SER S 141 15.61 -31.93 1.54
C SER S 141 15.89 -33.05 0.53
N GLY S 142 16.57 -34.10 0.94
CA GLY S 142 16.85 -35.22 0.06
C GLY S 142 15.86 -36.35 0.19
N SER S 143 14.75 -36.14 0.91
CA SER S 143 13.87 -37.26 1.21
C SER S 143 13.27 -37.89 -0.04
N LEU S 144 12.96 -37.10 -1.06
CA LEU S 144 12.32 -37.69 -2.24
C LEU S 144 13.27 -38.63 -2.97
N PHE S 145 14.52 -38.21 -3.13
CA PHE S 145 15.49 -39.07 -3.79
C PHE S 145 15.76 -40.33 -2.97
N ALA S 146 15.77 -40.20 -1.64
CA ALA S 146 16.01 -41.33 -0.76
C ALA S 146 14.88 -42.33 -0.84
N LYS S 147 13.64 -41.86 -0.79
CA LYS S 147 12.49 -42.75 -0.93
C LYS S 147 12.46 -43.43 -2.28
N SER S 148 12.71 -42.66 -3.35
CA SER S 148 12.70 -43.28 -4.67
C SER S 148 13.84 -44.27 -4.83
N SER S 149 14.91 -44.11 -4.06
CA SER S 149 15.95 -45.13 -4.07
C SER S 149 15.51 -46.37 -3.29
N MET S 150 14.92 -46.18 -2.12
CA MET S 150 14.57 -47.34 -1.30
C MET S 150 13.45 -48.15 -1.91
N LYS S 151 12.55 -47.52 -2.66
CA LYS S 151 11.48 -48.25 -3.33
C LYS S 151 12.03 -49.37 -4.20
N LYS S 152 13.15 -49.09 -4.89
CA LYS S 152 13.75 -50.09 -5.74
C LYS S 152 14.66 -51.03 -4.94
N LEU S 153 15.41 -50.49 -3.96
CA LEU S 153 16.39 -51.33 -3.27
C LEU S 153 15.80 -52.19 -2.16
N TYR S 154 14.51 -52.04 -1.86
CA TYR S 154 13.96 -52.58 -0.60
C TYR S 154 13.72 -54.08 -0.64
N SER S 155 13.58 -54.67 -1.82
CA SER S 155 13.45 -56.12 -1.90
C SER S 155 14.73 -56.83 -1.46
N GLN S 156 15.87 -56.12 -1.39
CA GLN S 156 17.12 -56.71 -0.95
C GLN S 156 17.25 -56.80 0.57
N VAL S 157 16.34 -56.16 1.30
CA VAL S 157 16.45 -56.10 2.75
C VAL S 157 15.95 -57.41 3.34
N THR S 158 16.84 -58.14 4.01
CA THR S 158 16.48 -59.42 4.60
C THR S 158 16.88 -59.60 6.06
N ASP S 159 17.68 -58.69 6.62
CA ASP S 159 18.18 -58.83 7.98
C ASP S 159 18.66 -57.46 8.44
N GLY S 160 19.39 -57.44 9.55
CA GLY S 160 19.89 -56.17 10.05
C GLY S 160 20.96 -55.58 9.16
N ASP S 161 21.87 -56.42 8.67
CA ASP S 161 22.98 -55.86 7.91
C ASP S 161 22.56 -55.40 6.51
N SER S 162 21.83 -56.22 5.76
CA SER S 162 21.35 -55.78 4.46
C SER S 162 20.51 -54.52 4.58
N GLY S 163 19.66 -54.45 5.60
CA GLY S 163 18.90 -53.23 5.85
C GLY S 163 19.79 -52.03 6.09
N LEU S 164 20.88 -52.24 6.81
CA LEU S 164 21.82 -51.14 7.02
C LEU S 164 22.46 -50.68 5.71
N ARG S 165 22.89 -51.63 4.88
CA ARG S 165 23.48 -51.25 3.60
C ARG S 165 22.50 -50.48 2.73
N VAL S 166 21.24 -50.91 2.70
CA VAL S 166 20.23 -50.20 1.93
C VAL S 166 20.05 -48.78 2.45
N ALA S 167 20.04 -48.62 3.77
CA ALA S 167 19.97 -47.28 4.34
C ALA S 167 21.12 -46.40 3.82
N VAL S 168 22.36 -46.88 3.96
CA VAL S 168 23.51 -46.09 3.54
C VAL S 168 23.42 -45.74 2.06
N GLU S 169 22.99 -46.69 1.23
CA GLU S 169 22.88 -46.40 -0.19
C GLU S 169 21.85 -45.32 -0.47
N ALA S 170 20.67 -45.42 0.15
CA ALA S 170 19.65 -44.40 -0.02
C ALA S 170 20.20 -43.02 0.31
N LEU S 171 20.94 -42.92 1.43
CA LEU S 171 21.59 -41.66 1.75
C LEU S 171 22.53 -41.22 0.64
N TYR S 172 23.33 -42.16 0.10
CA TYR S 172 24.27 -41.82 -0.97
C TYR S 172 23.56 -41.23 -2.17
N ASP S 173 22.34 -41.69 -2.48
CA ASP S 173 21.67 -41.16 -3.66
C ASP S 173 21.03 -39.81 -3.35
N ALA S 174 20.45 -39.66 -2.16
CA ALA S 174 20.04 -38.34 -1.69
C ALA S 174 21.15 -37.33 -1.91
N ALA S 175 22.32 -37.59 -1.32
CA ALA S 175 23.44 -36.66 -1.48
C ALA S 175 23.85 -36.52 -2.94
N ASP S 176 23.69 -37.57 -3.73
CA ASP S 176 24.16 -37.51 -5.11
C ASP S 176 23.35 -36.53 -5.95
N ASP S 177 22.08 -36.35 -5.59
CA ASP S 177 21.20 -35.49 -6.38
C ASP S 177 20.78 -34.21 -5.68
N ASP S 178 21.22 -33.98 -4.45
CA ASP S 178 20.91 -32.77 -3.71
C ASP S 178 22.17 -32.27 -3.03
N SER S 179 22.38 -30.95 -3.05
CA SER S 179 23.64 -30.37 -2.59
C SER S 179 23.63 -30.07 -1.09
N ALA S 180 22.46 -29.96 -0.47
CA ALA S 180 22.32 -29.73 0.96
C ALA S 180 22.56 -30.98 1.79
N THR S 181 22.67 -32.15 1.16
CA THR S 181 22.94 -33.41 1.85
C THR S 181 24.38 -33.83 1.58
N GLY S 182 25.13 -34.09 2.64
CA GLY S 182 26.52 -34.50 2.50
C GLY S 182 26.62 -36.01 2.30
N GLY S 183 27.50 -36.41 1.40
CA GLY S 183 27.84 -37.81 1.22
C GLY S 183 29.01 -38.22 2.09
N PRO S 184 29.39 -39.49 2.01
CA PRO S 184 30.57 -39.97 2.74
C PRO S 184 31.81 -39.20 2.33
N ASP S 185 32.46 -38.53 3.29
CA ASP S 185 33.70 -37.80 3.02
C ASP S 185 34.84 -38.78 3.21
N LEU S 186 35.41 -39.24 2.10
CA LEU S 186 36.52 -40.19 2.21
C LEU S 186 37.79 -39.50 2.68
N VAL S 187 37.90 -38.20 2.43
CA VAL S 187 39.13 -37.48 2.77
C VAL S 187 39.24 -37.29 4.28
N ARG S 188 38.19 -36.74 4.90
CA ARG S 188 38.18 -36.52 6.34
C ARG S 188 37.67 -37.72 7.13
N GLY S 189 37.14 -38.75 6.47
CA GLY S 189 36.68 -39.93 7.18
C GLY S 189 35.42 -39.71 7.98
N ILE S 190 34.45 -38.98 7.45
CA ILE S 190 33.20 -38.71 8.14
C ILE S 190 32.07 -39.38 7.37
N PHE S 191 31.32 -40.23 8.05
CA PHE S 191 30.33 -41.09 7.41
C PHE S 191 28.98 -40.85 8.09
N PRO S 192 27.89 -41.28 7.47
CA PRO S 192 26.57 -41.10 8.10
C PRO S 192 26.52 -41.80 9.44
N THR S 193 25.60 -41.38 10.29
CA THR S 193 25.42 -42.07 11.56
C THR S 193 24.20 -42.97 11.49
N ALA S 194 24.24 -44.06 12.24
CA ALA S 194 23.17 -45.04 12.17
C ALA S 194 22.85 -45.60 13.55
N VAL S 195 21.58 -45.91 13.76
CA VAL S 195 21.10 -46.53 14.99
C VAL S 195 20.31 -47.76 14.61
N ILE S 196 20.53 -48.87 15.31
CA ILE S 196 19.78 -50.10 15.09
C ILE S 196 18.99 -50.43 16.33
N ILE S 197 17.71 -50.70 16.16
CA ILE S 197 16.84 -51.11 17.26
C ILE S 197 16.27 -52.47 16.95
N ASP S 198 16.39 -53.40 17.90
CA ASP S 198 15.73 -54.70 17.79
C ASP S 198 15.30 -55.12 19.19
N ALA S 199 14.90 -56.39 19.32
CA ALA S 199 14.44 -56.94 20.59
C ALA S 199 15.30 -56.56 21.79
N ASP S 200 16.59 -56.30 21.59
CA ASP S 200 17.51 -56.03 22.69
C ASP S 200 17.73 -54.55 22.97
N GLY S 201 17.02 -53.66 22.30
CA GLY S 201 17.16 -52.24 22.52
C GLY S 201 17.76 -51.52 21.33
N ALA S 202 18.32 -50.35 21.61
CA ALA S 202 18.89 -49.47 20.61
C ALA S 202 20.39 -49.33 20.81
N VAL S 203 21.16 -49.56 19.76
CA VAL S 203 22.60 -49.37 19.81
C VAL S 203 23.04 -48.54 18.61
N ASP S 204 24.07 -47.75 18.82
CA ASP S 204 24.67 -47.00 17.72
C ASP S 204 25.54 -47.94 16.90
N VAL S 205 25.40 -47.89 15.60
CA VAL S 205 26.32 -48.64 14.75
C VAL S 205 27.70 -48.02 14.87
N PRO S 206 28.73 -48.80 15.21
CA PRO S 206 30.09 -48.23 15.25
C PRO S 206 30.57 -47.82 13.88
N GLU S 207 31.41 -46.78 13.87
CA GLU S 207 31.70 -46.08 12.62
C GLU S 207 32.30 -47.00 11.57
N SER S 208 33.16 -47.94 11.98
CA SER S 208 33.86 -48.79 11.02
C SER S 208 32.89 -49.50 10.07
N ARG S 209 31.78 -50.01 10.59
CA ARG S 209 30.84 -50.73 9.74
C ARG S 209 30.28 -49.82 8.65
N ILE S 210 29.90 -48.61 9.04
CA ILE S 210 29.39 -47.64 8.07
C ILE S 210 30.47 -47.28 7.06
N ALA S 211 31.73 -47.21 7.51
CA ALA S 211 32.83 -46.88 6.60
C ALA S 211 32.98 -47.94 5.51
N GLU S 212 32.93 -49.22 5.91
CA GLU S 212 33.08 -50.31 4.95
C GLU S 212 31.93 -50.33 3.95
N LEU S 213 30.70 -50.19 4.45
CA LEU S 213 29.55 -50.15 3.54
C LEU S 213 29.68 -49.01 2.54
N ALA S 214 30.03 -47.82 3.02
CA ALA S 214 30.18 -46.67 2.14
C ALA S 214 31.27 -46.91 1.09
N ARG S 215 32.41 -47.48 1.49
CA ARG S 215 33.45 -47.75 0.50
C ARG S 215 32.99 -48.79 -0.51
N ALA S 216 32.22 -49.79 -0.07
CA ALA S 216 31.70 -50.76 -1.03
C ALA S 216 30.80 -50.10 -2.05
N ILE S 217 29.91 -49.21 -1.61
CA ILE S 217 29.02 -48.52 -2.55
C ILE S 217 29.82 -47.69 -3.54
N ILE S 218 30.72 -46.86 -3.01
CA ILE S 218 31.52 -45.98 -3.85
C ILE S 218 32.31 -46.77 -4.89
N GLU S 219 32.88 -47.92 -4.51
CA GLU S 219 33.60 -48.70 -5.53
C GLU S 219 32.64 -49.35 -6.50
N SER S 220 31.42 -49.65 -6.05
CA SER S 220 30.47 -50.24 -6.98
C SER S 220 30.10 -49.27 -8.08
N ARG S 221 30.01 -47.98 -7.75
CA ARG S 221 29.56 -47.01 -8.75
C ARG S 221 30.66 -46.59 -9.73
N SER S 222 31.93 -46.73 -9.37
CA SER S 222 33.01 -46.33 -10.27
C SER S 222 33.08 -47.18 -11.55
N THR T 1 34.98 -5.16 13.04
CA THR T 1 35.39 -5.97 14.18
C THR T 1 35.79 -7.36 13.74
N THR T 2 36.66 -8.00 14.50
CA THR T 2 37.16 -9.33 14.20
C THR T 2 37.82 -9.85 15.45
N ILE T 3 37.46 -11.06 15.85
CA ILE T 3 38.01 -11.70 17.03
C ILE T 3 38.35 -13.12 16.66
N VAL T 4 39.62 -13.49 16.76
CA VAL T 4 40.05 -14.84 16.43
C VAL T 4 40.38 -15.59 17.71
N ALA T 5 40.27 -16.92 17.64
CA ALA T 5 40.60 -17.76 18.77
C ALA T 5 41.17 -19.05 18.22
N LEU T 6 42.28 -19.52 18.77
CA LEU T 6 42.83 -20.77 18.26
C LEU T 6 43.45 -21.57 19.39
N LYS T 7 43.30 -22.90 19.31
CA LYS T 7 43.90 -23.80 20.28
C LYS T 7 45.34 -24.04 19.89
N TYR T 8 46.20 -24.21 20.89
CA TYR T 8 47.54 -24.68 20.64
C TYR T 8 47.80 -25.84 21.59
N PRO T 9 48.85 -26.61 21.37
CA PRO T 9 49.03 -27.73 22.29
C PRO T 9 49.16 -27.13 23.67
N GLY T 10 48.34 -27.61 24.59
CA GLY T 10 48.34 -27.10 25.95
C GLY T 10 47.56 -25.83 26.29
N GLY T 11 46.83 -25.21 25.36
CA GLY T 11 46.11 -24.02 25.78
C GLY T 11 45.27 -23.43 24.67
N VAL T 12 44.78 -22.23 24.92
CA VAL T 12 43.96 -21.52 23.94
C VAL T 12 44.36 -20.05 23.95
N VAL T 13 44.26 -19.40 22.79
CA VAL T 13 44.57 -17.99 22.70
C VAL T 13 43.44 -17.28 21.99
N MET T 14 43.17 -16.04 22.40
CA MET T 14 42.04 -15.29 21.87
C MET T 14 42.43 -13.83 21.73
N ALA T 15 42.34 -13.29 20.51
CA ALA T 15 42.78 -11.92 20.22
C ALA T 15 41.70 -11.15 19.46
N GLY T 16 41.69 -9.83 19.64
CA GLY T 16 40.68 -8.98 19.03
C GLY T 16 41.25 -7.63 18.67
N ASP T 17 40.68 -7.00 17.64
CA ASP T 17 41.22 -5.72 17.17
C ASP T 17 40.69 -4.59 18.07
N ARG T 18 40.87 -3.32 17.67
CA ARG T 18 40.51 -2.20 18.53
C ARG T 18 39.56 -1.13 17.96
N ARG T 19 39.16 -1.23 16.70
CA ARG T 19 38.40 -0.17 16.06
C ARG T 19 36.91 -0.36 16.35
N SER T 20 36.19 0.76 16.35
CA SER T 20 34.74 0.78 16.46
C SER T 20 34.22 1.92 15.59
N THR T 21 33.27 1.62 14.72
CA THR T 21 32.88 2.58 13.71
C THR T 21 31.42 2.98 13.87
N GLN T 22 31.04 4.04 13.16
CA GLN T 22 29.64 4.37 12.90
C GLN T 22 29.55 4.67 11.41
N GLY T 23 29.12 3.70 10.61
CA GLY T 23 29.12 3.93 9.19
C GLY T 23 30.56 3.93 8.72
N ASN T 24 30.94 4.93 7.92
CA ASN T 24 32.31 5.05 7.42
C ASN T 24 33.25 5.75 8.40
N MET T 25 32.73 6.17 9.56
CA MET T 25 33.47 7.04 10.48
C MET T 25 34.11 6.26 11.62
N ILE T 26 35.41 6.45 11.79
CA ILE T 26 36.16 5.70 12.80
C ILE T 26 35.94 6.40 14.14
N SER T 27 35.26 5.72 15.08
CA SER T 27 34.85 6.40 16.30
C SER T 27 35.63 5.98 17.55
N GLY T 28 36.21 4.80 17.55
CA GLY T 28 36.97 4.39 18.70
C GLY T 28 38.21 3.68 18.24
N ARG T 29 39.38 4.13 18.72
CA ARG T 29 40.69 3.61 18.30
C ARG T 29 41.30 2.66 19.33
N ASP T 30 40.59 2.37 20.43
CA ASP T 30 41.19 1.59 21.52
C ASP T 30 40.16 0.84 22.35
N VAL T 31 39.06 0.38 21.72
CA VAL T 31 38.08 -0.44 22.41
C VAL T 31 38.69 -1.80 22.74
N ARG T 32 38.32 -2.36 23.89
CA ARG T 32 38.75 -3.71 24.26
C ARG T 32 37.57 -4.66 24.12
N LYS T 33 37.70 -5.64 23.22
CA LYS T 33 36.57 -6.51 22.90
C LYS T 33 36.68 -7.91 23.50
N VAL T 34 37.79 -8.25 24.13
CA VAL T 34 38.02 -9.58 24.70
C VAL T 34 38.13 -9.44 26.20
N TYR T 35 37.22 -10.07 26.93
CA TYR T 35 37.19 -10.00 28.39
C TYR T 35 37.61 -11.34 28.99
N ILE T 36 38.11 -11.28 30.22
CA ILE T 36 38.38 -12.50 30.98
C ILE T 36 37.17 -12.73 31.89
N THR T 37 36.21 -13.53 31.43
CA THR T 37 35.00 -13.69 32.22
C THR T 37 35.25 -14.50 33.47
N ASP T 38 36.26 -15.39 33.44
CA ASP T 38 36.62 -16.11 34.66
C ASP T 38 37.99 -16.75 34.46
N ASP T 39 38.46 -17.42 35.53
CA ASP T 39 39.82 -17.95 35.60
C ASP T 39 40.13 -18.94 34.49
N TYR T 40 39.12 -19.39 33.75
CA TYR T 40 39.37 -20.35 32.69
C TYR T 40 38.57 -20.07 31.43
N THR T 41 37.91 -18.92 31.35
CA THR T 41 37.19 -18.62 30.12
C THR T 41 37.41 -17.16 29.79
N ALA T 42 37.64 -16.88 28.51
CA ALA T 42 37.58 -15.55 27.96
C ALA T 42 36.48 -15.50 26.91
N THR T 43 35.88 -14.33 26.78
CA THR T 43 34.74 -14.11 25.90
C THR T 43 35.00 -12.91 25.02
N GLY T 44 34.93 -13.09 23.71
CA GLY T 44 34.91 -12.00 22.74
C GLY T 44 33.47 -11.81 22.27
N ILE T 45 33.08 -10.57 21.96
CA ILE T 45 31.75 -10.28 21.44
C ILE T 45 31.88 -9.29 20.29
N ALA T 46 31.37 -9.69 19.13
CA ALA T 46 31.25 -8.82 17.96
C ALA T 46 29.83 -8.25 17.90
N GLY T 47 29.71 -7.06 17.33
CA GLY T 47 28.38 -6.55 17.09
C GLY T 47 28.17 -5.27 17.84
N THR T 48 26.91 -4.89 18.05
CA THR T 48 26.56 -3.64 18.72
C THR T 48 27.34 -3.49 20.00
N ALA T 49 27.99 -2.33 20.16
CA ALA T 49 28.93 -2.16 21.27
C ALA T 49 28.23 -2.23 22.62
N ALA T 50 27.09 -1.56 22.76
CA ALA T 50 26.35 -1.62 24.03
C ALA T 50 26.02 -3.06 24.41
N VAL T 51 25.24 -3.73 23.58
CA VAL T 51 24.83 -5.12 23.82
C VAL T 51 26.03 -6.00 24.10
N ALA T 52 27.15 -5.74 23.44
CA ALA T 52 28.35 -6.55 23.64
C ALA T 52 28.89 -6.40 25.05
N VAL T 53 29.15 -5.15 25.48
CA VAL T 53 29.77 -4.96 26.79
C VAL T 53 28.84 -5.46 27.89
N GLU T 54 27.54 -5.26 27.69
CA GLU T 54 26.54 -5.73 28.63
C GLU T 54 26.55 -7.26 28.75
N PHE T 55 26.48 -7.97 27.61
CA PHE T 55 26.60 -9.42 27.62
C PHE T 55 27.78 -9.86 28.46
N ALA T 56 28.98 -9.37 28.10
CA ALA T 56 30.19 -9.79 28.79
C ALA T 56 30.07 -9.61 30.30
N ARG T 57 29.65 -8.41 30.72
CA ARG T 57 29.54 -8.09 32.15
C ARG T 57 28.59 -9.03 32.87
N LEU T 58 27.38 -9.17 32.33
CA LEU T 58 26.33 -9.95 32.98
C LEU T 58 26.69 -11.43 33.05
N TYR T 59 27.28 -11.97 31.99
CA TYR T 59 27.69 -13.36 31.97
C TYR T 59 28.75 -13.62 33.04
N ALA T 60 29.77 -12.76 33.11
CA ALA T 60 30.76 -12.90 34.17
C ALA T 60 30.12 -12.91 35.55
N VAL T 61 29.15 -12.01 35.76
CA VAL T 61 28.44 -11.96 37.04
C VAL T 61 27.76 -13.27 37.34
N GLU T 62 27.10 -13.86 36.34
CA GLU T 62 26.32 -15.07 36.57
C GLU T 62 27.21 -16.27 36.86
N LEU T 63 28.26 -16.48 36.05
CA LEU T 63 29.23 -17.53 36.35
C LEU T 63 29.70 -17.45 37.80
N GLU T 64 30.17 -16.27 38.20
CA GLU T 64 30.72 -16.10 39.55
C GLU T 64 29.65 -16.23 40.63
N HIS T 65 28.41 -15.86 40.33
CA HIS T 65 27.32 -15.97 41.29
C HIS T 65 27.03 -17.42 41.62
N TYR T 66 26.84 -18.25 40.60
CA TYR T 66 26.63 -19.67 40.86
C TYR T 66 27.82 -20.25 41.59
N GLU T 67 29.03 -19.85 41.22
CA GLU T 67 30.23 -20.31 41.91
C GLU T 67 30.18 -20.00 43.40
N LYS T 68 29.69 -18.80 43.78
CA LYS T 68 29.64 -18.45 45.20
C LYS T 68 28.53 -19.21 45.92
N LEU T 69 27.41 -19.45 45.25
CA LEU T 69 26.32 -20.16 45.90
C LEU T 69 26.64 -21.64 46.10
N GLU T 70 27.19 -22.31 45.09
CA GLU T 70 27.37 -23.75 45.16
C GLU T 70 28.78 -24.18 45.58
N GLY T 71 29.72 -23.26 45.67
CA GLY T 71 31.04 -23.67 46.08
C GLY T 71 31.83 -24.41 45.03
N VAL T 72 31.39 -24.39 43.78
CA VAL T 72 32.19 -25.03 42.72
C VAL T 72 31.79 -24.45 41.37
N PRO T 73 32.73 -24.13 40.46
CA PRO T 73 32.31 -23.59 39.17
C PRO T 73 31.49 -24.60 38.39
N LEU T 74 30.63 -24.08 37.52
CA LEU T 74 29.94 -24.94 36.57
C LEU T 74 30.95 -25.71 35.74
N THR T 75 30.50 -26.83 35.14
CA THR T 75 31.33 -27.45 34.12
C THR T 75 31.32 -26.60 32.86
N PHE T 76 32.28 -26.86 31.97
CA PHE T 76 32.32 -26.09 30.73
C PHE T 76 31.01 -26.21 29.96
N ALA T 77 30.33 -27.35 30.10
CA ALA T 77 29.02 -27.54 29.47
C ALA T 77 27.98 -26.57 30.02
N GLY T 78 27.91 -26.43 31.34
CA GLY T 78 26.95 -25.50 31.92
C GLY T 78 27.21 -24.07 31.47
N LYS T 79 28.48 -23.64 31.50
CA LYS T 79 28.84 -22.31 31.01
C LYS T 79 28.36 -22.10 29.58
N ILE T 80 28.69 -23.05 28.69
CA ILE T 80 28.20 -22.98 27.32
C ILE T 80 26.69 -22.77 27.30
N ASN T 81 25.98 -23.49 28.16
CA ASN T 81 24.52 -23.40 28.14
C ASN T 81 24.03 -22.02 28.53
N ARG T 82 24.55 -21.48 29.62
CA ARG T 82 24.09 -20.17 30.09
C ARG T 82 24.36 -19.09 29.05
N LEU T 83 25.57 -19.08 28.48
CA LEU T 83 25.89 -18.13 27.41
C LEU T 83 24.89 -18.25 26.26
N ALA T 84 24.60 -19.49 25.87
CA ALA T 84 23.62 -19.74 24.80
C ALA T 84 22.25 -19.18 25.14
N ILE T 85 21.83 -19.29 26.40
CA ILE T 85 20.52 -18.82 26.78
C ILE T 85 20.46 -17.29 26.75
N MET T 86 21.51 -16.64 27.22
CA MET T 86 21.59 -15.19 27.06
C MET T 86 21.46 -14.79 25.59
N VAL T 87 22.25 -15.43 24.72
CA VAL T 87 22.25 -15.08 23.29
C VAL T 87 20.86 -15.27 22.70
N ARG T 88 20.21 -16.40 23.03
CA ARG T 88 18.84 -16.63 22.59
C ARG T 88 17.89 -15.55 23.11
N GLY T 89 18.16 -15.02 24.30
CA GLY T 89 17.32 -13.97 24.83
C GLY T 89 17.42 -12.64 24.09
N ASN T 90 18.57 -12.35 23.50
CA ASN T 90 18.71 -11.11 22.77
C ASN T 90 18.16 -11.19 21.34
N LEU T 91 17.51 -12.30 20.97
CA LEU T 91 17.15 -12.50 19.56
C LEU T 91 16.16 -11.45 19.05
N ALA T 92 15.16 -11.10 19.86
CA ALA T 92 14.18 -10.11 19.44
C ALA T 92 14.84 -8.78 19.08
N ALA T 93 15.78 -8.34 19.93
CA ALA T 93 16.50 -7.09 19.69
C ALA T 93 17.50 -7.22 18.56
N ALA T 94 18.03 -8.43 18.32
CA ALA T 94 18.95 -8.65 17.21
C ALA T 94 18.25 -8.50 15.87
N MET T 95 16.98 -8.92 15.79
CA MET T 95 16.21 -8.66 14.57
C MET T 95 15.94 -7.16 14.38
N GLN T 96 15.84 -6.42 15.48
CA GLN T 96 15.70 -4.97 15.40
C GLN T 96 17.01 -4.26 15.15
N GLY T 97 18.10 -4.98 14.93
CA GLY T 97 19.39 -4.37 14.71
C GLY T 97 20.40 -4.44 15.85
N LEU T 98 20.01 -4.76 17.07
CA LEU T 98 20.99 -4.77 18.17
C LEU T 98 21.66 -6.13 18.34
N LEU T 99 22.26 -6.67 17.27
CA LEU T 99 22.80 -8.04 17.30
C LEU T 99 24.17 -8.08 17.96
N ALA T 100 24.41 -9.10 18.80
CA ALA T 100 25.72 -9.31 19.42
C ALA T 100 26.03 -10.79 19.43
N LEU T 101 27.16 -11.17 18.84
CA LEU T 101 27.54 -12.58 18.76
C LEU T 101 28.80 -12.84 19.56
N PRO T 102 28.76 -13.81 20.48
CA PRO T 102 29.91 -14.15 21.30
C PRO T 102 30.66 -15.38 20.79
N LEU T 103 31.98 -15.33 21.00
CA LEU T 103 32.90 -16.43 20.76
C LEU T 103 33.57 -16.71 22.10
N LEU T 104 33.47 -17.95 22.56
CA LEU T 104 33.83 -18.32 23.92
C LEU T 104 35.02 -19.27 23.88
N ALA T 105 36.11 -18.89 24.53
CA ALA T 105 37.29 -19.73 24.64
C ALA T 105 37.47 -20.13 26.08
N GLY T 106 37.76 -21.40 26.31
CA GLY T 106 37.94 -21.88 27.67
C GLY T 106 38.96 -23.00 27.73
N TYR T 107 39.44 -23.24 28.95
CA TYR T 107 40.34 -24.36 29.19
C TYR T 107 39.67 -25.27 30.20
N ASP T 108 39.28 -26.45 29.74
CA ASP T 108 38.59 -27.40 30.59
C ASP T 108 39.60 -28.05 31.51
N ILE T 109 39.47 -27.81 32.82
CA ILE T 109 40.34 -28.46 33.78
C ILE T 109 39.96 -29.94 33.94
N HIS T 110 38.70 -30.30 33.69
CA HIS T 110 38.23 -31.67 33.87
C HIS T 110 38.45 -32.58 32.67
N ALA T 111 38.91 -32.03 31.54
CA ALA T 111 39.16 -32.87 30.38
C ALA T 111 40.20 -33.92 30.72
N SER T 112 40.21 -35.00 29.93
CA SER T 112 41.11 -36.12 30.20
C SER T 112 42.54 -35.77 29.81
N ASP T 113 42.76 -35.41 28.53
CA ASP T 113 44.10 -35.04 28.05
C ASP T 113 44.35 -33.55 28.23
N PRO T 114 45.34 -33.16 29.01
CA PRO T 114 45.65 -31.73 29.18
C PRO T 114 46.06 -31.06 27.88
N GLN T 115 46.75 -31.77 26.99
CA GLN T 115 47.23 -31.16 25.75
C GLN T 115 46.09 -30.75 24.82
N SER T 116 44.89 -31.31 25.00
CA SER T 116 43.76 -30.94 24.16
C SER T 116 42.56 -30.50 24.99
N ALA T 117 42.79 -30.00 26.21
CA ALA T 117 41.72 -29.45 27.02
C ALA T 117 41.24 -28.08 26.54
N GLY T 118 41.87 -27.50 25.52
CA GLY T 118 41.41 -26.23 25.01
C GLY T 118 40.04 -26.36 24.38
N ARG T 119 39.28 -25.28 24.41
CA ARG T 119 37.90 -25.32 23.93
C ARG T 119 37.54 -24.03 23.24
N ILE T 120 36.96 -24.14 22.05
CA ILE T 120 36.44 -22.99 21.34
C ILE T 120 34.99 -23.25 20.98
N VAL T 121 34.13 -22.27 21.21
CA VAL T 121 32.70 -22.42 21.04
C VAL T 121 32.14 -21.20 20.32
N SER T 122 31.33 -21.43 19.29
CA SER T 122 30.77 -20.34 18.50
C SER T 122 29.24 -20.37 18.54
N PHE T 123 28.65 -19.19 18.44
CA PHE T 123 27.21 -19.02 18.57
C PHE T 123 26.66 -18.26 17.38
N ASP T 124 25.42 -18.53 17.05
CA ASP T 124 24.67 -17.74 16.07
C ASP T 124 23.69 -16.84 16.79
N ALA T 125 22.96 -16.04 16.02
CA ALA T 125 21.99 -15.12 16.60
C ALA T 125 20.84 -15.85 17.30
N ALA T 126 20.60 -17.12 16.96
CA ALA T 126 19.47 -17.85 17.52
C ALA T 126 19.85 -18.72 18.71
N GLY T 127 21.04 -18.52 19.28
CA GLY T 127 21.42 -19.20 20.51
C GLY T 127 22.01 -20.57 20.33
N GLY T 128 21.84 -21.20 19.17
CA GLY T 128 22.54 -22.44 18.92
C GLY T 128 24.03 -22.24 18.98
N TRP T 129 24.73 -23.28 19.42
CA TRP T 129 26.17 -23.21 19.57
C TRP T 129 26.81 -24.44 18.95
N ASN T 130 28.11 -24.34 18.72
CA ASN T 130 28.86 -25.40 18.07
C ASN T 130 30.26 -25.43 18.64
N ILE T 131 30.71 -26.62 19.01
CA ILE T 131 32.06 -26.82 19.55
C ILE T 131 33.00 -27.02 18.38
N GLU T 132 33.86 -26.04 18.14
CA GLU T 132 34.76 -26.08 17.01
C GLU T 132 35.82 -27.14 17.22
N GLU T 133 36.13 -27.86 16.15
CA GLU T 133 37.04 -29.00 16.21
C GLU T 133 38.11 -28.97 15.12
N GLU T 134 38.08 -27.99 14.22
CA GLU T 134 39.17 -27.79 13.27
C GLU T 134 40.21 -26.80 13.79
N GLY T 135 40.20 -26.48 15.08
CA GLY T 135 41.32 -25.80 15.69
C GLY T 135 41.27 -24.28 15.79
N TYR T 136 40.27 -23.61 15.22
CA TYR T 136 40.27 -22.15 15.26
C TYR T 136 38.89 -21.63 14.91
N GLN T 137 38.65 -20.38 15.25
CA GLN T 137 37.37 -19.77 14.96
C GLN T 137 37.57 -18.27 14.91
N ALA T 138 36.58 -17.56 14.37
CA ALA T 138 36.63 -16.12 14.37
C ALA T 138 35.21 -15.59 14.25
N VAL T 139 35.02 -14.33 14.60
CA VAL T 139 33.73 -13.66 14.49
C VAL T 139 33.93 -12.21 14.13
N GLY T 140 32.96 -11.65 13.40
CA GLY T 140 32.97 -10.24 13.02
C GLY T 140 33.08 -10.06 11.51
N SER T 141 33.10 -8.79 11.11
CA SER T 141 33.09 -8.46 9.68
C SER T 141 34.32 -9.00 8.96
N GLY T 142 35.43 -9.15 9.65
CA GLY T 142 36.64 -9.68 9.04
C GLY T 142 36.82 -11.17 9.24
N SER T 143 35.80 -11.86 9.76
CA SER T 143 35.99 -13.24 10.17
C SER T 143 36.38 -14.15 8.99
N LEU T 144 35.82 -13.90 7.80
CA LEU T 144 36.13 -14.80 6.70
C LEU T 144 37.58 -14.71 6.28
N PHE T 145 38.10 -13.48 6.21
CA PHE T 145 39.50 -13.31 5.85
C PHE T 145 40.42 -13.91 6.92
N ALA T 146 40.03 -13.77 8.19
CA ALA T 146 40.81 -14.29 9.30
C ALA T 146 40.86 -15.81 9.27
N LYS T 147 39.71 -16.45 9.06
CA LYS T 147 39.67 -17.91 8.96
C LYS T 147 40.47 -18.40 7.76
N SER T 148 40.30 -17.75 6.61
CA SER T 148 41.05 -18.18 5.44
C SER T 148 42.54 -17.96 5.62
N SER T 149 42.92 -17.03 6.48
CA SER T 149 44.33 -16.89 6.79
C SER T 149 44.80 -17.99 7.73
N MET T 150 44.02 -18.30 8.76
CA MET T 150 44.46 -19.29 9.74
C MET T 150 44.50 -20.70 9.15
N LYS T 151 43.64 -20.98 8.18
CA LYS T 151 43.65 -22.30 7.54
C LYS T 151 45.02 -22.61 6.97
N LYS T 152 45.68 -21.60 6.40
CA LYS T 152 47.01 -21.81 5.84
C LYS T 152 48.07 -21.71 6.91
N LEU T 153 47.94 -20.76 7.85
CA LEU T 153 49.02 -20.53 8.82
C LEU T 153 49.02 -21.51 9.98
N TYR T 154 48.03 -22.39 10.09
CA TYR T 154 47.79 -23.12 11.34
C TYR T 154 48.76 -24.28 11.56
N SER T 155 49.37 -24.81 10.50
CA SER T 155 50.38 -25.84 10.69
C SER T 155 51.62 -25.30 11.41
N GLN T 156 51.79 -23.98 11.49
CA GLN T 156 52.93 -23.38 12.19
C GLN T 156 52.73 -23.32 13.70
N VAL T 157 51.51 -23.57 14.17
CA VAL T 157 51.20 -23.41 15.59
C VAL T 157 51.73 -24.62 16.35
N THR T 158 52.67 -24.39 17.26
CA THR T 158 53.25 -25.49 18.03
C THR T 158 53.30 -25.26 19.53
N ASP T 159 53.02 -24.05 20.01
CA ASP T 159 53.12 -23.72 21.42
C ASP T 159 52.31 -22.46 21.67
N GLY T 160 52.51 -21.85 22.84
CA GLY T 160 51.77 -20.64 23.15
C GLY T 160 52.21 -19.46 22.31
N ASP T 161 53.52 -19.32 22.11
CA ASP T 161 53.99 -18.14 21.40
C ASP T 161 53.70 -18.20 19.90
N SER T 162 54.02 -19.31 19.24
CA SER T 162 53.69 -19.42 17.82
C SER T 162 52.19 -19.25 17.59
N GLY T 163 51.37 -19.83 18.47
CA GLY T 163 49.93 -19.61 18.37
C GLY T 163 49.56 -18.15 18.49
N LEU T 164 50.24 -17.42 19.37
CA LEU T 164 49.97 -16.00 19.50
C LEU T 164 50.32 -15.25 18.20
N ARG T 165 51.50 -15.55 17.63
CA ARG T 165 51.88 -14.90 16.39
C ARG T 165 50.88 -15.16 15.28
N VAL T 166 50.42 -16.40 15.17
CA VAL T 166 49.43 -16.74 14.15
C VAL T 166 48.15 -15.94 14.36
N ALA T 167 47.72 -15.81 15.62
CA ALA T 167 46.55 -14.98 15.91
C ALA T 167 46.74 -13.56 15.38
N VAL T 168 47.85 -12.92 15.77
CA VAL T 168 48.10 -11.54 15.36
C VAL T 168 48.13 -11.42 13.84
N GLU T 169 48.75 -12.38 13.16
CA GLU T 169 48.78 -12.32 11.71
C GLU T 169 47.40 -12.41 11.10
N ALA T 170 46.58 -13.37 11.56
CA ALA T 170 45.21 -13.48 11.08
C ALA T 170 44.47 -12.17 11.21
N LEU T 171 44.61 -11.51 12.36
CA LEU T 171 44.02 -10.18 12.52
C LEU T 171 44.55 -9.22 11.48
N TYR T 172 45.87 -9.23 11.23
CA TYR T 172 46.46 -8.32 10.25
C TYR T 172 45.84 -8.50 8.86
N ASP T 173 45.49 -9.74 8.50
CA ASP T 173 44.92 -9.94 7.17
C ASP T 173 43.46 -9.55 7.12
N ALA T 174 42.72 -9.86 8.18
CA ALA T 174 41.38 -9.32 8.33
C ALA T 174 41.38 -7.82 8.07
N ALA T 175 42.17 -7.08 8.84
CA ALA T 175 42.24 -5.63 8.65
C ALA T 175 42.72 -5.26 7.27
N ASP T 176 43.58 -6.08 6.67
CA ASP T 176 44.16 -5.73 5.38
C ASP T 176 43.11 -5.73 4.28
N ASP T 177 42.08 -6.57 4.42
CA ASP T 177 41.07 -6.72 3.38
C ASP T 177 39.70 -6.19 3.75
N ASP T 178 39.53 -5.68 4.97
CA ASP T 178 38.27 -5.11 5.42
C ASP T 178 38.55 -3.80 6.15
N SER T 179 37.71 -2.79 5.90
CA SER T 179 37.97 -1.44 6.41
C SER T 179 37.40 -1.21 7.80
N ALA T 180 36.43 -2.03 8.23
CA ALA T 180 35.85 -1.94 9.57
C ALA T 180 36.73 -2.55 10.65
N THR T 181 37.82 -3.23 10.27
CA THR T 181 38.75 -3.82 11.21
C THR T 181 40.04 -3.00 11.22
N GLY T 182 40.46 -2.57 12.40
CA GLY T 182 41.67 -1.78 12.51
C GLY T 182 42.91 -2.68 12.62
N GLY T 183 43.97 -2.30 11.93
CA GLY T 183 45.25 -2.95 12.07
C GLY T 183 46.10 -2.30 13.15
N PRO T 184 47.30 -2.83 13.36
CA PRO T 184 48.23 -2.22 14.31
C PRO T 184 48.55 -0.78 13.92
N ASP T 185 48.24 0.16 14.82
CA ASP T 185 48.55 1.57 14.57
C ASP T 185 49.95 1.82 15.09
N LEU T 186 50.92 1.93 14.17
CA LEU T 186 52.29 2.16 14.61
C LEU T 186 52.48 3.59 15.09
N VAL T 187 51.64 4.52 14.61
CA VAL T 187 51.81 5.92 14.97
C VAL T 187 51.39 6.17 16.41
N ARG T 188 50.19 5.73 16.77
CA ARG T 188 49.69 5.90 18.13
C ARG T 188 50.07 4.76 19.07
N GLY T 189 50.64 3.68 18.55
CA GLY T 189 51.06 2.59 19.41
C GLY T 189 49.92 1.79 19.99
N ILE T 190 48.89 1.50 19.20
CA ILE T 190 47.74 0.74 19.66
C ILE T 190 47.69 -0.58 18.90
N PHE T 191 47.70 -1.68 19.63
CA PHE T 191 47.84 -3.01 19.04
C PHE T 191 46.66 -3.86 19.49
N PRO T 192 46.42 -4.99 18.82
CA PRO T 192 45.31 -5.87 19.23
C PRO T 192 45.50 -6.32 20.67
N THR T 193 44.40 -6.72 21.29
CA THR T 193 44.50 -7.28 22.64
C THR T 193 44.42 -8.79 22.58
N ALA T 194 45.07 -9.44 23.54
CA ALA T 194 45.14 -10.90 23.51
C ALA T 194 45.03 -11.46 24.92
N VAL T 195 44.41 -12.62 25.02
CA VAL T 195 44.29 -13.35 26.27
C VAL T 195 44.77 -14.77 26.03
N ILE T 196 45.57 -15.30 26.96
CA ILE T 196 46.06 -16.67 26.87
C ILE T 196 45.52 -17.46 28.06
N ILE T 197 44.94 -18.62 27.77
CA ILE T 197 44.45 -19.51 28.80
C ILE T 197 45.17 -20.84 28.70
N ASP T 198 45.70 -21.31 29.81
CA ASP T 198 46.27 -22.66 29.87
C ASP T 198 45.99 -23.22 31.25
N ALA T 199 46.65 -24.35 31.57
CA ALA T 199 46.47 -25.03 32.86
C ALA T 199 46.46 -24.08 34.06
N ASP T 200 47.14 -22.94 33.98
CA ASP T 200 47.26 -22.04 35.12
C ASP T 200 46.25 -20.90 35.13
N GLY T 201 45.29 -20.89 34.23
CA GLY T 201 44.29 -19.86 34.18
C GLY T 201 44.40 -18.97 32.97
N ALA T 202 43.82 -17.77 33.09
CA ALA T 202 43.76 -16.80 32.01
C ALA T 202 44.57 -15.56 32.39
N VAL T 203 45.47 -15.15 31.50
CA VAL T 203 46.23 -13.92 31.69
C VAL T 203 46.17 -13.08 30.43
N ASP T 204 46.19 -11.78 30.62
CA ASP T 204 46.28 -10.87 29.48
C ASP T 204 47.71 -10.83 28.98
N VAL T 205 47.87 -10.93 27.67
CA VAL T 205 49.20 -10.75 27.12
C VAL T 205 49.59 -9.29 27.29
N PRO T 206 50.74 -9.00 27.89
CA PRO T 206 51.18 -7.59 28.01
C PRO T 206 51.49 -6.99 26.65
N GLU T 207 51.26 -5.68 26.55
CA GLU T 207 51.20 -5.05 25.24
C GLU T 207 52.51 -5.20 24.46
N SER T 208 53.65 -5.15 25.16
CA SER T 208 54.95 -5.20 24.47
C SER T 208 55.08 -6.41 23.56
N ARG T 209 54.63 -7.58 24.03
CA ARG T 209 54.77 -8.79 23.22
C ARG T 209 53.98 -8.65 21.91
N ILE T 210 52.75 -8.15 22.01
CA ILE T 210 51.95 -7.94 20.81
C ILE T 210 52.59 -6.90 19.91
N ALA T 211 53.23 -5.88 20.49
CA ALA T 211 53.89 -4.86 19.69
C ALA T 211 55.02 -5.46 18.85
N GLU T 212 55.85 -6.31 19.47
CA GLU T 212 56.96 -6.93 18.76
C GLU T 212 56.48 -7.84 17.65
N LEU T 213 55.48 -8.69 17.94
CA LEU T 213 54.94 -9.56 16.90
C LEU T 213 54.39 -8.74 15.73
N ALA T 214 53.63 -7.69 16.02
CA ALA T 214 53.08 -6.86 14.95
C ALA T 214 54.19 -6.22 14.12
N ARG T 215 55.24 -5.71 14.76
CA ARG T 215 56.32 -5.11 13.99
C ARG T 215 57.04 -6.16 13.14
N ALA T 216 57.19 -7.37 13.66
CA ALA T 216 57.79 -8.43 12.85
C ALA T 216 56.96 -8.72 11.61
N ILE T 217 55.63 -8.80 11.76
CA ILE T 217 54.78 -9.07 10.60
C ILE T 217 54.90 -7.94 9.58
N ILE T 218 54.74 -6.71 10.05
CA ILE T 218 54.79 -5.55 9.17
C ILE T 218 56.11 -5.48 8.41
N GLU T 219 57.24 -5.77 9.07
CA GLU T 219 58.50 -5.77 8.32
C GLU T 219 58.60 -6.94 7.37
N SER T 220 57.94 -8.06 7.71
CA SER T 220 57.99 -9.19 6.81
C SER T 220 57.29 -8.88 5.50
N ARG T 221 56.20 -8.10 5.56
CA ARG T 221 55.43 -7.84 4.35
C ARG T 221 56.03 -6.76 3.45
N SER T 222 56.86 -5.86 3.99
CA SER T 222 57.46 -4.81 3.18
C SER T 222 58.43 -5.33 2.11
N THR U 1 22.87 23.75 18.14
CA THR U 1 23.46 23.57 19.45
C THR U 1 24.84 22.97 19.34
N THR U 2 25.70 23.25 20.33
CA THR U 2 27.07 22.76 20.35
C THR U 2 27.58 22.98 21.75
N ILE U 3 28.17 21.94 22.33
CA ILE U 3 28.71 21.98 23.68
C ILE U 3 30.07 21.31 23.63
N VAL U 4 31.11 22.06 23.97
CA VAL U 4 32.46 21.52 23.95
C VAL U 4 32.93 21.31 25.38
N ALA U 5 33.86 20.38 25.55
CA ALA U 5 34.45 20.13 26.87
C ALA U 5 35.89 19.72 26.65
N LEU U 6 36.81 20.29 27.42
CA LEU U 6 38.20 19.90 27.23
C LEU U 6 38.92 19.88 28.56
N LYS U 7 39.84 18.91 28.72
CA LYS U 7 40.66 18.82 29.91
C LYS U 7 41.83 19.76 29.78
N TYR U 8 42.27 20.33 30.88
CA TYR U 8 43.52 21.07 30.91
C TYR U 8 44.33 20.55 32.08
N PRO U 9 45.61 20.86 32.16
CA PRO U 9 46.34 20.32 33.30
C PRO U 9 45.64 20.83 34.53
N GLY U 10 45.29 19.92 35.42
CA GLY U 10 44.60 20.29 36.64
C GLY U 10 43.09 20.51 36.62
N GLY U 11 42.38 20.30 35.51
CA GLY U 11 40.94 20.52 35.60
C GLY U 11 40.24 20.22 34.30
N VAL U 12 38.97 20.62 34.25
CA VAL U 12 38.16 20.43 33.05
C VAL U 12 37.32 21.67 32.82
N VAL U 13 37.04 21.98 31.56
CA VAL U 13 36.21 23.12 31.24
C VAL U 13 35.13 22.69 30.26
N MET U 14 33.94 23.29 30.39
CA MET U 14 32.81 22.89 29.59
C MET U 14 31.98 24.12 29.21
N ALA U 15 31.81 24.37 27.92
CA ALA U 15 31.13 25.58 27.43
C ALA U 15 30.07 25.21 26.41
N GLY U 16 29.03 26.06 26.33
CA GLY U 16 27.90 25.82 25.43
C GLY U 16 27.34 27.12 24.90
N ASP U 17 26.75 27.06 23.70
CA ASP U 17 26.25 28.27 23.07
C ASP U 17 24.87 28.62 23.66
N ARG U 18 24.12 29.56 23.04
CA ARG U 18 22.88 30.03 23.63
C ARG U 18 21.62 29.96 22.75
N ARG U 19 21.73 29.56 21.48
CA ARG U 19 20.62 29.63 20.55
C ARG U 19 19.75 28.39 20.68
N SER U 20 18.46 28.54 20.37
CA SER U 20 17.51 27.44 20.30
C SER U 20 16.55 27.76 19.17
N THR U 21 16.36 26.81 18.26
CA THR U 21 15.65 27.10 17.02
C THR U 21 14.39 26.24 16.92
N GLN U 22 13.53 26.62 15.97
CA GLN U 22 12.46 25.74 15.48
C GLN U 22 12.51 25.84 13.96
N GLY U 23 13.15 24.85 13.32
CA GLY U 23 13.32 24.96 11.88
C GLY U 23 14.33 26.06 11.62
N ASN U 24 14.01 26.97 10.69
CA ASN U 24 14.89 28.09 10.36
C ASN U 24 14.72 29.28 11.30
N MET U 25 13.83 29.19 12.28
CA MET U 25 13.44 30.33 13.10
C MET U 25 14.15 30.35 14.45
N ILE U 26 14.80 31.47 14.75
CA ILE U 26 15.59 31.61 15.97
C ILE U 26 14.62 31.91 17.11
N SER U 27 14.48 30.98 18.06
CA SER U 27 13.44 31.13 19.08
C SER U 27 13.95 31.49 20.46
N GLY U 28 15.20 31.18 20.76
CA GLY U 28 15.71 31.53 22.07
C GLY U 28 17.13 32.02 21.91
N ARG U 29 17.42 33.22 22.44
CA ARG U 29 18.72 33.87 22.30
C ARG U 29 19.57 33.77 23.56
N ASP U 30 19.10 33.06 24.60
CA ASP U 30 19.80 33.05 25.89
C ASP U 30 19.52 31.79 26.70
N VAL U 31 19.31 30.64 26.04
CA VAL U 31 19.15 29.38 26.74
C VAL U 31 20.47 28.99 27.40
N ARG U 32 20.39 28.37 28.58
CA ARG U 32 21.57 27.85 29.26
C ARG U 32 21.57 26.33 29.16
N LYS U 33 22.58 25.78 28.48
CA LYS U 33 22.59 24.35 28.20
C LYS U 33 23.57 23.55 29.06
N VAL U 34 24.39 24.20 29.89
CA VAL U 34 25.38 23.53 30.72
C VAL U 34 25.00 23.75 32.17
N TYR U 35 24.73 22.66 32.89
CA TYR U 35 24.33 22.72 34.29
C TYR U 35 25.44 22.20 35.18
N ILE U 36 25.43 22.64 36.43
CA ILE U 36 26.33 22.10 37.44
C ILE U 36 25.53 21.05 38.21
N THR U 37 25.63 19.79 37.79
CA THR U 37 24.81 18.77 38.44
C THR U 37 25.28 18.49 39.85
N ASP U 38 26.57 18.69 40.12
CA ASP U 38 27.06 18.53 41.49
C ASP U 38 28.44 19.17 41.60
N ASP U 39 28.99 19.13 42.82
CA ASP U 39 30.21 19.83 43.17
C ASP U 39 31.40 19.41 42.32
N TYR U 40 31.28 18.33 41.56
CA TYR U 40 32.39 17.87 40.75
C TYR U 40 31.96 17.41 39.36
N THR U 41 30.72 17.63 38.98
CA THR U 41 30.33 17.25 37.62
C THR U 41 29.45 18.33 37.05
N ALA U 42 29.69 18.65 35.79
CA ALA U 42 28.79 19.46 34.98
C ALA U 42 28.30 18.61 33.82
N THR U 43 27.08 18.90 33.38
CA THR U 43 26.42 18.14 32.33
C THR U 43 25.87 19.10 31.28
N GLY U 44 26.28 18.89 30.03
CA GLY U 44 25.66 19.55 28.88
C GLY U 44 24.73 18.55 28.20
N ILE U 45 23.65 19.05 27.63
CA ILE U 45 22.71 18.20 26.88
C ILE U 45 22.33 18.89 25.59
N ALA U 46 22.56 18.22 24.46
CA ALA U 46 22.10 18.66 23.16
C ALA U 46 20.81 17.93 22.80
N GLY U 47 19.98 18.59 21.99
CA GLY U 47 18.81 17.88 21.49
C GLY U 47 17.57 18.57 21.95
N THR U 48 16.45 17.85 21.93
CA THR U 48 15.14 18.39 22.28
C THR U 48 15.22 19.12 23.60
N ALA U 49 14.73 20.37 23.63
CA ALA U 49 14.94 21.23 24.79
C ALA U 49 14.25 20.68 26.03
N ALA U 50 13.00 20.23 25.88
CA ALA U 50 12.28 19.67 27.03
C ALA U 50 13.07 18.50 27.64
N VAL U 51 13.26 17.44 26.86
CA VAL U 51 13.98 16.25 27.31
C VAL U 51 15.32 16.62 27.92
N ALA U 52 15.99 17.63 27.35
CA ALA U 52 17.29 18.04 27.87
C ALA U 52 17.20 18.57 29.28
N VAL U 53 16.34 19.59 29.49
CA VAL U 53 16.28 20.22 30.80
C VAL U 53 15.81 19.22 31.86
N GLU U 54 14.90 18.34 31.45
CA GLU U 54 14.40 17.29 32.34
C GLU U 54 15.51 16.33 32.74
N PHE U 55 16.26 15.79 31.76
CA PHE U 55 17.41 14.95 32.07
C PHE U 55 18.29 15.60 33.12
N ALA U 56 18.76 16.82 32.83
CA ALA U 56 19.67 17.50 33.74
C ALA U 56 19.11 17.56 35.16
N ARG U 57 17.87 18.01 35.28
CA ARG U 57 17.23 18.17 36.59
C ARG U 57 17.17 16.85 37.35
N LEU U 58 16.64 15.82 36.70
CA LEU U 58 16.40 14.54 37.34
C LEU U 58 17.71 13.86 37.75
N TYR U 59 18.73 13.95 36.89
CA TYR U 59 20.03 13.37 37.20
C TYR U 59 20.65 14.04 38.42
N ALA U 60 20.62 15.38 38.45
CA ALA U 60 21.11 16.08 39.64
C ALA U 60 20.39 15.62 40.90
N VAL U 61 19.07 15.45 40.81
CA VAL U 61 18.29 14.98 41.95
C VAL U 61 18.76 13.61 42.42
N GLU U 62 19.02 12.71 41.47
CA GLU U 62 19.38 11.34 41.82
C GLU U 62 20.77 11.27 42.45
N LEU U 63 21.76 11.92 41.85
CA LEU U 63 23.09 11.99 42.46
C LEU U 63 22.99 12.44 43.91
N GLU U 64 22.31 13.58 44.13
CA GLU U 64 22.22 14.13 45.48
C GLU U 64 21.40 13.26 46.43
N HIS U 65 20.42 12.53 45.89
CA HIS U 65 19.59 11.65 46.71
C HIS U 65 20.41 10.50 47.28
N TYR U 66 21.14 9.79 46.42
CA TYR U 66 22.01 8.74 46.92
C TYR U 66 23.03 9.30 47.90
N GLU U 67 23.56 10.48 47.61
CA GLU U 67 24.50 11.11 48.54
C GLU U 67 23.90 11.32 49.92
N LYS U 68 22.62 11.72 49.98
CA LYS U 68 22.00 11.94 51.29
C LYS U 68 21.69 10.63 52.00
N LEU U 69 21.32 9.59 51.25
CA LEU U 69 21.01 8.31 51.89
C LEU U 69 22.27 7.61 52.40
N GLU U 70 23.35 7.58 51.62
CA GLU U 70 24.52 6.80 51.99
C GLU U 70 25.62 7.62 52.66
N GLY U 71 25.50 8.94 52.69
CA GLY U 71 26.55 9.70 53.34
C GLY U 71 27.84 9.80 52.56
N VAL U 72 27.83 9.44 51.28
CA VAL U 72 29.05 9.63 50.48
C VAL U 72 28.68 9.65 49.00
N PRO U 73 29.24 10.55 48.18
CA PRO U 73 28.87 10.55 46.76
C PRO U 73 29.29 9.25 46.09
N LEU U 74 28.58 8.90 45.03
CA LEU U 74 28.98 7.79 44.19
C LEU U 74 30.38 8.05 43.65
N THR U 75 31.08 6.98 43.24
CA THR U 75 32.29 7.19 42.47
C THR U 75 31.94 7.69 41.08
N PHE U 76 32.94 8.24 40.38
CA PHE U 76 32.69 8.73 39.04
C PHE U 76 32.12 7.64 38.14
N ALA U 77 32.50 6.38 38.41
CA ALA U 77 31.98 5.25 37.66
C ALA U 77 30.48 5.08 37.88
N GLY U 78 30.02 5.15 39.13
CA GLY U 78 28.59 5.03 39.38
C GLY U 78 27.79 6.13 38.71
N LYS U 79 28.27 7.37 38.82
CA LYS U 79 27.62 8.50 38.13
C LYS U 79 27.49 8.23 36.64
N ILE U 80 28.61 7.85 36.00
CA ILE U 80 28.57 7.47 34.59
C ILE U 80 27.46 6.46 34.33
N ASN U 81 27.35 5.47 35.22
CA ASN U 81 26.38 4.41 34.98
C ASN U 81 24.96 4.92 35.04
N ARG U 82 24.63 5.71 36.07
CA ARG U 82 23.26 6.19 36.21
C ARG U 82 22.86 7.07 35.02
N LEU U 83 23.75 8.00 34.63
CA LEU U 83 23.49 8.81 33.45
C LEU U 83 23.22 7.95 32.23
N ALA U 84 24.04 6.91 32.05
CA ALA U 84 23.87 5.98 30.93
C ALA U 84 22.51 5.29 30.97
N ILE U 85 22.04 4.94 32.16
CA ILE U 85 20.77 4.24 32.27
C ILE U 85 19.60 5.16 31.94
N MET U 86 19.68 6.41 32.41
CA MET U 86 18.69 7.39 31.99
C MET U 86 18.64 7.51 30.46
N VAL U 87 19.82 7.69 29.84
CA VAL U 87 19.88 7.86 28.39
C VAL U 87 19.28 6.67 27.67
N ARG U 88 19.63 5.46 28.13
CA ARG U 88 19.05 4.25 27.57
C ARG U 88 17.54 4.22 27.74
N GLY U 89 17.03 4.80 28.82
CA GLY U 89 15.61 4.85 29.03
C GLY U 89 14.86 5.75 28.07
N ASN U 90 15.50 6.81 27.60
CA ASN U 90 14.83 7.69 26.66
C ASN U 90 14.87 7.18 25.21
N LEU U 91 15.37 5.96 24.98
CA LEU U 91 15.62 5.52 23.60
C LEU U 91 14.33 5.43 22.78
N ALA U 92 13.26 4.90 23.37
CA ALA U 92 12.01 4.77 22.63
C ALA U 92 11.52 6.12 22.12
N ALA U 93 11.58 7.14 22.99
CA ALA U 93 11.16 8.48 22.61
C ALA U 93 12.15 9.15 21.65
N ALA U 94 13.43 8.78 21.73
CA ALA U 94 14.44 9.31 20.81
C ALA U 94 14.20 8.83 19.38
N MET U 95 13.72 7.59 19.22
CA MET U 95 13.32 7.13 17.89
C MET U 95 12.09 7.88 17.38
N GLN U 96 11.22 8.31 18.28
CA GLN U 96 10.07 9.12 17.91
C GLN U 96 10.43 10.59 17.71
N GLY U 97 11.69 10.94 17.77
CA GLY U 97 12.10 12.33 17.60
C GLY U 97 12.52 13.09 18.86
N LEU U 98 12.25 12.61 20.06
CA LEU U 98 12.61 13.39 21.25
C LEU U 98 14.01 13.02 21.76
N LEU U 99 15.03 13.12 20.92
CA LEU U 99 16.37 12.66 21.27
C LEU U 99 17.12 13.70 22.10
N ALA U 100 17.82 13.25 23.14
CA ALA U 100 18.66 14.13 23.95
C ALA U 100 19.96 13.42 24.29
N LEU U 101 21.09 14.03 23.93
CA LEU U 101 22.40 13.42 24.17
C LEU U 101 23.19 14.24 25.16
N PRO U 102 23.67 13.61 26.24
CA PRO U 102 24.47 14.29 27.26
C PRO U 102 25.97 14.08 27.09
N LEU U 103 26.70 15.12 27.46
CA LEU U 103 28.16 15.12 27.55
C LEU U 103 28.48 15.49 28.99
N LEU U 104 29.23 14.62 29.67
CA LEU U 104 29.42 14.70 31.11
C LEU U 104 30.88 15.00 31.40
N ALA U 105 31.14 16.10 32.11
CA ALA U 105 32.48 16.48 32.53
C ALA U 105 32.55 16.38 34.03
N GLY U 106 33.63 15.80 34.52
CA GLY U 106 33.79 15.67 35.96
C GLY U 106 35.24 15.74 36.38
N TYR U 107 35.44 15.97 37.67
CA TYR U 107 36.78 15.97 38.23
C TYR U 107 36.81 14.89 39.31
N ASP U 108 37.55 13.82 39.03
CA ASP U 108 37.62 12.71 39.95
C ASP U 108 38.53 13.08 41.12
N ILE U 109 37.97 13.17 42.31
CA ILE U 109 38.78 13.45 43.50
C ILE U 109 39.61 12.22 43.88
N HIS U 110 39.14 11.01 43.54
CA HIS U 110 39.83 9.77 43.93
C HIS U 110 40.91 9.34 42.96
N ALA U 111 41.05 10.02 41.82
CA ALA U 111 42.09 9.63 40.88
C ALA U 111 43.46 9.77 41.54
N SER U 112 44.44 9.07 40.99
CA SER U 112 45.77 9.04 41.57
C SER U 112 46.52 10.36 41.32
N ASP U 113 46.67 10.72 40.04
CA ASP U 113 47.36 11.97 39.67
C ASP U 113 46.36 13.11 39.58
N PRO U 114 46.52 14.15 40.41
CA PRO U 114 45.61 15.31 40.32
C PRO U 114 45.65 16.02 38.99
N GLN U 115 46.83 16.08 38.34
CA GLN U 115 46.96 16.82 37.08
C GLN U 115 46.16 16.17 35.95
N SER U 116 45.77 14.90 36.08
CA SER U 116 44.98 14.23 35.05
C SER U 116 43.72 13.63 35.62
N ALA U 117 43.21 14.16 36.74
CA ALA U 117 41.93 13.71 37.28
C ALA U 117 40.73 14.21 36.49
N GLY U 118 40.93 15.03 35.47
CA GLY U 118 39.81 15.48 34.66
C GLY U 118 39.20 14.33 33.90
N ARG U 119 37.91 14.44 33.62
CA ARG U 119 37.19 13.34 32.99
C ARG U 119 36.16 13.87 32.03
N ILE U 120 36.14 13.32 30.82
CA ILE U 120 35.12 13.64 29.83
C ILE U 120 34.49 12.35 29.35
N VAL U 121 33.17 12.34 29.26
CA VAL U 121 32.43 11.13 28.94
C VAL U 121 31.33 11.47 27.94
N SER U 122 31.22 10.67 26.88
CA SER U 122 30.25 10.92 25.83
C SER U 122 29.31 9.73 25.68
N PHE U 123 28.07 10.04 25.28
CA PHE U 123 27.01 9.04 25.19
C PHE U 123 26.37 9.08 23.81
N ASP U 124 25.87 7.94 23.38
CA ASP U 124 25.05 7.85 22.18
C ASP U 124 23.59 7.68 22.58
N ALA U 125 22.72 7.62 21.58
CA ALA U 125 21.29 7.48 21.85
C ALA U 125 20.95 6.15 22.52
N ALA U 126 21.82 5.13 22.41
CA ALA U 126 21.53 3.81 22.95
C ALA U 126 22.14 3.59 24.32
N GLY U 127 22.61 4.65 24.99
CA GLY U 127 23.07 4.52 26.36
C GLY U 127 24.50 4.09 26.53
N GLY U 128 25.12 3.54 25.50
CA GLY U 128 26.54 3.27 25.58
C GLY U 128 27.33 4.54 25.80
N TRP U 129 28.43 4.41 26.51
CA TRP U 129 29.25 5.58 26.84
C TRP U 129 30.70 5.27 26.55
N ASN U 130 31.50 6.33 26.48
CA ASN U 130 32.90 6.19 26.14
C ASN U 130 33.68 7.28 26.88
N ILE U 131 34.76 6.86 27.53
CA ILE U 131 35.63 7.79 28.26
C ILE U 131 36.65 8.34 27.29
N GLU U 132 36.50 9.63 26.98
CA GLU U 132 37.36 10.26 26.00
C GLU U 132 38.77 10.41 26.55
N GLU U 133 39.76 10.16 25.68
CA GLU U 133 41.15 10.13 26.08
C GLU U 133 42.05 10.93 25.15
N GLU U 134 41.52 11.52 24.08
CA GLU U 134 42.26 12.46 23.26
C GLU U 134 42.06 13.91 23.71
N GLY U 135 41.52 14.14 24.90
CA GLY U 135 41.58 15.45 25.50
C GLY U 135 40.40 16.39 25.29
N TYR U 136 39.40 16.03 24.48
CA TYR U 136 38.31 16.97 24.25
C TYR U 136 37.13 16.24 23.63
N GLN U 137 35.98 16.87 23.69
CA GLN U 137 34.79 16.26 23.12
C GLN U 137 33.81 17.37 22.81
N ALA U 138 32.79 17.05 22.02
CA ALA U 138 31.74 18.02 21.75
C ALA U 138 30.49 17.26 21.36
N VAL U 139 29.35 17.94 21.43
CA VAL U 139 28.07 17.37 21.03
C VAL U 139 27.19 18.45 20.41
N GLY U 140 26.34 18.05 19.48
CA GLY U 140 25.39 18.95 18.84
C GLY U 140 25.67 19.10 17.35
N SER U 141 24.82 19.92 16.71
CA SER U 141 24.90 20.09 15.27
C SER U 141 26.24 20.66 14.82
N GLY U 142 26.90 21.45 15.67
CA GLY U 142 28.19 22.02 15.33
C GLY U 142 29.36 21.21 15.84
N SER U 143 29.12 20.00 16.35
CA SER U 143 30.18 19.26 17.02
C SER U 143 31.36 18.95 16.11
N LEU U 144 31.10 18.65 14.84
CA LEU U 144 32.21 18.28 13.97
C LEU U 144 33.15 19.45 13.73
N PHE U 145 32.59 20.64 13.49
CA PHE U 145 33.42 21.81 13.29
C PHE U 145 34.20 22.16 14.57
N ALA U 146 33.56 21.97 15.73
CA ALA U 146 34.18 22.27 17.01
C ALA U 146 35.35 21.34 17.28
N LYS U 147 35.14 20.03 17.06
CA LYS U 147 36.23 19.07 17.22
C LYS U 147 37.36 19.33 16.25
N SER U 148 37.04 19.60 14.98
CA SER U 148 38.11 19.86 14.03
C SER U 148 38.83 21.15 14.35
N SER U 149 38.18 22.07 15.06
CA SER U 149 38.90 23.25 15.52
C SER U 149 39.80 22.92 16.71
N MET U 150 39.29 22.15 17.67
CA MET U 150 40.08 21.89 18.86
C MET U 150 41.28 21.00 18.57
N LYS U 151 41.18 20.12 17.56
CA LYS U 151 42.31 19.28 17.20
C LYS U 151 43.53 20.11 16.89
N LYS U 152 43.33 21.24 16.21
CA LYS U 152 44.46 22.11 15.88
C LYS U 152 44.80 23.04 17.05
N LEU U 153 43.80 23.56 17.76
CA LEU U 153 44.08 24.55 18.79
C LEU U 153 44.55 23.96 20.12
N TYR U 154 44.54 22.64 20.26
CA TYR U 154 44.66 22.02 21.58
C TYR U 154 46.07 22.03 22.15
N SER U 155 47.10 22.14 21.30
CA SER U 155 48.45 22.25 21.82
C SER U 155 48.66 23.56 22.57
N GLN U 156 47.77 24.55 22.41
CA GLN U 156 47.89 25.82 23.13
C GLN U 156 47.36 25.74 24.56
N VAL U 157 46.68 24.66 24.92
CA VAL U 157 46.04 24.55 26.21
C VAL U 157 47.09 24.20 27.26
N THR U 158 47.30 25.09 28.23
CA THR U 158 48.31 24.85 29.26
C THR U 158 47.82 25.09 30.68
N ASP U 159 46.64 25.65 30.87
CA ASP U 159 46.13 25.99 32.20
C ASP U 159 44.62 26.18 32.10
N GLY U 160 44.03 26.73 33.14
CA GLY U 160 42.59 26.97 33.12
C GLY U 160 42.20 28.04 32.12
N ASP U 161 42.95 29.12 32.08
CA ASP U 161 42.53 30.23 31.22
C ASP U 161 42.74 29.92 29.73
N SER U 162 43.92 29.44 29.33
CA SER U 162 44.12 29.09 27.94
C SER U 162 43.10 28.04 27.49
N GLY U 163 42.81 27.05 28.35
CA GLY U 163 41.77 26.09 28.03
C GLY U 163 40.43 26.73 27.81
N LEU U 164 40.11 27.75 28.63
CA LEU U 164 38.85 28.46 28.43
C LEU U 164 38.82 29.18 27.09
N ARG U 165 39.91 29.87 26.73
CA ARG U 165 39.96 30.56 25.45
C ARG U 165 39.78 29.59 24.29
N VAL U 166 40.44 28.43 24.36
CA VAL U 166 40.29 27.44 23.30
C VAL U 166 38.85 26.97 23.19
N ALA U 167 38.19 26.75 24.33
CA ALA U 167 36.77 26.40 24.30
C ALA U 167 35.96 27.45 23.54
N VAL U 168 36.09 28.72 23.94
CA VAL U 168 35.31 29.78 23.31
C VAL U 168 35.59 29.84 21.81
N GLU U 169 36.85 29.68 21.41
CA GLU U 169 37.17 29.72 20.00
C GLU U 169 36.50 28.57 19.24
N ALA U 170 36.60 27.35 19.77
CA ALA U 170 35.94 26.21 19.15
C ALA U 170 34.46 26.48 18.93
N LEU U 171 33.79 27.04 19.93
CA LEU U 171 32.41 27.45 19.77
C LEU U 171 32.25 28.45 18.63
N TYR U 172 33.15 29.45 18.56
CA TYR U 172 33.07 30.45 17.51
C TYR U 172 33.13 29.83 16.12
N ASP U 173 33.92 28.75 15.96
CA ASP U 173 34.02 28.16 14.63
C ASP U 173 32.82 27.29 14.32
N ALA U 174 32.34 26.54 15.31
CA ALA U 174 31.06 25.86 15.17
C ALA U 174 30.00 26.82 14.64
N ALA U 175 29.77 27.93 15.35
CA ALA U 175 28.78 28.90 14.89
C ALA U 175 29.13 29.47 13.53
N ASP U 176 30.42 29.59 13.23
CA ASP U 176 30.80 30.23 11.98
C ASP U 176 30.41 29.39 10.77
N ASP U 177 30.36 28.07 10.94
CA ASP U 177 30.08 27.17 9.83
C ASP U 177 28.73 26.46 9.92
N ASP U 178 27.97 26.70 10.97
CA ASP U 178 26.65 26.10 11.14
C ASP U 178 25.68 27.18 11.63
N SER U 179 24.46 27.17 11.09
CA SER U 179 23.51 28.25 11.35
C SER U 179 22.66 28.00 12.60
N ALA U 180 22.56 26.74 13.04
CA ALA U 180 21.82 26.38 14.25
C ALA U 180 22.58 26.70 15.54
N THR U 181 23.85 27.09 15.43
CA THR U 181 24.67 27.45 16.59
C THR U 181 24.86 28.96 16.59
N GLY U 182 24.53 29.60 17.72
CA GLY U 182 24.68 31.03 17.83
C GLY U 182 26.10 31.40 18.27
N GLY U 183 26.64 32.45 17.66
CA GLY U 183 27.90 33.01 18.09
C GLY U 183 27.70 34.11 19.12
N PRO U 184 28.80 34.70 19.58
CA PRO U 184 28.71 35.83 20.51
C PRO U 184 27.93 36.97 19.90
N ASP U 185 26.83 37.37 20.54
CA ASP U 185 26.03 38.50 20.07
C ASP U 185 26.62 39.76 20.71
N LEU U 186 27.35 40.54 19.92
CA LEU U 186 27.94 41.75 20.48
C LEU U 186 26.88 42.82 20.70
N VAL U 187 25.79 42.77 19.95
CA VAL U 187 24.76 43.80 20.05
C VAL U 187 23.99 43.67 21.35
N ARG U 188 23.46 42.49 21.63
CA ARG U 188 22.71 42.24 22.86
C ARG U 188 23.58 41.83 24.03
N GLY U 189 24.86 41.56 23.82
CA GLY U 189 25.75 41.21 24.91
C GLY U 189 25.49 39.83 25.48
N ILE U 190 25.23 38.84 24.63
CA ILE U 190 24.97 37.48 25.08
C ILE U 190 26.10 36.58 24.58
N PHE U 191 26.75 35.90 25.51
CA PHE U 191 27.96 35.14 25.22
C PHE U 191 27.75 33.70 25.67
N PRO U 192 28.60 32.77 25.21
CA PRO U 192 28.45 31.38 25.62
C PRO U 192 28.58 31.26 27.13
N THR U 193 28.05 30.18 27.69
CA THR U 193 28.21 29.95 29.11
C THR U 193 29.29 28.90 29.33
N ALA U 194 29.97 29.00 30.47
CA ALA U 194 31.10 28.13 30.73
C ALA U 194 31.13 27.72 32.20
N VAL U 195 31.58 26.50 32.44
CA VAL U 195 31.75 25.97 33.78
C VAL U 195 33.17 25.43 33.89
N ILE U 196 33.85 25.73 34.99
CA ILE U 196 35.20 25.21 35.24
C ILE U 196 35.17 24.33 36.46
N ILE U 197 35.74 23.14 36.34
CA ILE U 197 35.85 22.21 37.45
C ILE U 197 37.32 21.91 37.69
N ASP U 198 37.75 22.05 38.95
CA ASP U 198 39.10 21.62 39.33
C ASP U 198 39.02 21.08 40.75
N ALA U 199 40.19 20.87 41.37
CA ALA U 199 40.29 20.34 42.72
C ALA U 199 39.30 20.96 43.71
N ASP U 200 38.90 22.21 43.49
CA ASP U 200 38.05 22.91 44.45
C ASP U 200 36.56 22.87 44.12
N GLY U 201 36.16 22.11 43.10
CA GLY U 201 34.78 22.00 42.74
C GLY U 201 34.46 22.63 41.40
N ALA U 202 33.18 22.95 41.21
CA ALA U 202 32.67 23.51 39.97
C ALA U 202 32.17 24.92 40.19
N VAL U 203 32.63 25.86 39.37
CA VAL U 203 32.15 27.23 39.42
C VAL U 203 31.79 27.70 38.02
N ASP U 204 30.78 28.54 37.95
CA ASP U 204 30.42 29.17 36.68
C ASP U 204 31.40 30.27 36.36
N VAL U 205 31.89 30.29 35.14
CA VAL U 205 32.72 31.43 34.74
C VAL U 205 31.84 32.67 34.67
N PRO U 206 32.21 33.76 35.35
CA PRO U 206 31.41 34.99 35.25
C PRO U 206 31.47 35.58 33.85
N GLU U 207 30.37 36.24 33.47
CA GLU U 207 30.16 36.57 32.06
C GLU U 207 31.28 37.45 31.52
N SER U 208 31.80 38.38 32.33
CA SER U 208 32.80 39.34 31.84
C SER U 208 34.00 38.63 31.20
N ARG U 209 34.49 37.55 31.81
CA ARG U 209 35.65 36.86 31.28
C ARG U 209 35.36 36.31 29.89
N ILE U 210 34.19 35.69 29.72
CA ILE U 210 33.80 35.17 28.41
C ILE U 210 33.64 36.31 27.41
N ALA U 211 33.15 37.47 27.87
CA ALA U 211 32.99 38.61 26.98
C ALA U 211 34.34 39.07 26.42
N GLU U 212 35.35 39.18 27.30
CA GLU U 212 36.68 39.62 26.87
C GLU U 212 37.30 38.64 25.90
N LEU U 213 37.23 37.33 26.22
CA LEU U 213 37.78 36.34 25.31
C LEU U 213 37.11 36.41 23.94
N ALA U 214 35.77 36.51 23.93
CA ALA U 214 35.06 36.59 22.65
C ALA U 214 35.48 37.83 21.87
N ARG U 215 35.60 38.97 22.53
CA ARG U 215 36.02 40.18 21.80
C ARG U 215 37.43 40.04 21.26
N ALA U 216 38.32 39.38 22.02
CA ALA U 216 39.67 39.15 21.52
C ALA U 216 39.65 38.29 20.26
N ILE U 217 38.85 37.23 20.25
CA ILE U 217 38.77 36.37 19.07
C ILE U 217 38.25 37.16 17.88
N ILE U 218 37.12 37.84 18.08
CA ILE U 218 36.49 38.59 17.00
C ILE U 218 37.45 39.62 16.41
N GLU U 219 38.22 40.33 17.25
CA GLU U 219 39.18 41.28 16.69
C GLU U 219 40.33 40.57 16.00
N SER U 220 40.66 39.37 16.46
CA SER U 220 41.75 38.66 15.81
C SER U 220 41.38 38.28 14.39
N ARG U 221 40.10 37.96 14.15
CA ARG U 221 39.71 37.50 12.82
C ARG U 221 39.49 38.62 11.82
N SER U 222 39.21 39.84 12.28
CA SER U 222 39.00 40.97 11.37
C SER U 222 40.24 41.35 10.55
N THR V 1 16.51 33.83 1.80
CA THR V 1 16.50 34.85 0.76
C THR V 1 15.38 35.85 1.00
N THR V 2 15.58 37.08 0.52
CA THR V 2 14.61 38.15 0.70
C THR V 2 15.00 39.25 -0.27
N ILE V 3 14.02 39.73 -1.03
CA ILE V 3 14.23 40.77 -2.01
C ILE V 3 13.09 41.76 -1.85
N VAL V 4 13.41 43.01 -1.52
CA VAL V 4 12.39 44.03 -1.34
C VAL V 4 12.45 44.99 -2.52
N ALA V 5 11.31 45.63 -2.80
CA ALA V 5 11.24 46.62 -3.86
C ALA V 5 10.25 47.67 -3.43
N LEU V 6 10.58 48.94 -3.57
CA LEU V 6 9.63 49.97 -3.18
C LEU V 6 9.71 51.16 -4.12
N LYS V 7 8.55 51.76 -4.40
CA LYS V 7 8.49 52.96 -5.22
C LYS V 7 8.79 54.16 -4.35
N TYR V 8 9.43 55.16 -4.93
CA TYR V 8 9.56 56.44 -4.28
C TYR V 8 9.13 57.50 -5.27
N PRO V 9 8.88 58.73 -4.84
CA PRO V 9 8.45 59.69 -5.83
C PRO V 9 9.54 59.76 -6.87
N GLY V 10 9.17 59.59 -8.13
CA GLY V 10 10.12 59.61 -9.22
C GLY V 10 10.92 58.35 -9.54
N GLY V 11 10.71 57.21 -8.87
CA GLY V 11 11.50 56.06 -9.28
C GLY V 11 11.16 54.82 -8.49
N VAL V 12 12.00 53.81 -8.65
CA VAL V 12 11.81 52.55 -7.95
C VAL V 12 13.16 52.03 -7.47
N VAL V 13 13.17 51.35 -6.33
CA VAL V 13 14.40 50.78 -5.82
C VAL V 13 14.18 49.33 -5.49
N MET V 14 15.21 48.51 -5.68
CA MET V 14 15.10 47.07 -5.49
C MET V 14 16.39 46.53 -4.90
N ALA V 15 16.29 45.90 -3.71
CA ALA V 15 17.47 45.42 -2.99
C ALA V 15 17.29 43.96 -2.58
N GLY V 16 18.42 43.26 -2.44
CA GLY V 16 18.39 41.83 -2.11
C GLY V 16 19.59 41.45 -1.27
N ASP V 17 19.43 40.42 -0.44
CA ASP V 17 20.51 40.04 0.48
C ASP V 17 21.54 39.18 -0.29
N ARG V 18 22.47 38.53 0.43
CA ARG V 18 23.55 37.81 -0.24
C ARG V 18 23.75 36.33 0.13
N ARG V 19 22.99 35.79 1.07
CA ARG V 19 23.22 34.44 1.57
C ARG V 19 22.53 33.42 0.68
N SER V 20 23.11 32.22 0.64
CA SER V 20 22.51 31.07 -0.05
C SER V 20 22.85 29.83 0.78
N THR V 21 21.84 29.04 1.10
CA THR V 21 22.01 27.98 2.07
C THR V 21 21.75 26.61 1.43
N GLN V 22 22.15 25.56 2.15
CA GLN V 22 21.67 24.20 1.88
C GLN V 22 21.29 23.62 3.24
N GLY V 23 20.00 23.65 3.56
CA GLY V 23 19.61 23.22 4.89
C GLY V 23 20.06 24.27 5.88
N ASN V 24 20.72 23.83 6.96
CA ASN V 24 21.23 24.75 7.98
C ASN V 24 22.60 25.32 7.63
N MET V 25 23.17 24.93 6.49
CA MET V 25 24.55 25.24 6.16
C MET V 25 24.67 26.44 5.22
N ILE V 26 25.47 27.41 5.63
CA ILE V 26 25.63 28.66 4.88
C ILE V 26 26.62 28.38 3.75
N SER V 27 26.15 28.42 2.50
CA SER V 27 26.99 27.98 1.39
C SER V 27 27.50 29.11 0.50
N GLY V 28 26.82 30.24 0.47
CA GLY V 28 27.30 31.33 -0.35
C GLY V 28 27.11 32.63 0.40
N ARG V 29 28.18 33.41 0.55
CA ARG V 29 28.18 34.65 1.31
C ARG V 29 28.11 35.90 0.45
N ASP V 30 28.00 35.75 -0.88
CA ASP V 30 28.08 36.89 -1.79
C ASP V 30 27.34 36.67 -3.10
N VAL V 31 26.24 35.91 -3.08
CA VAL V 31 25.41 35.74 -4.27
C VAL V 31 24.74 37.05 -4.62
N ARG V 32 24.59 37.32 -5.91
CA ARG V 32 23.85 38.50 -6.37
C ARG V 32 22.50 38.06 -6.93
N LYS V 33 21.42 38.51 -6.30
CA LYS V 33 20.09 38.02 -6.66
C LYS V 33 19.25 39.02 -7.45
N VAL V 34 19.73 40.25 -7.64
CA VAL V 34 18.99 41.29 -8.35
C VAL V 34 19.76 41.63 -9.62
N TYR V 35 19.14 41.42 -10.77
CA TYR V 35 19.77 41.67 -12.06
C TYR V 35 19.13 42.88 -12.72
N ILE V 36 19.88 43.53 -13.61
CA ILE V 36 19.33 44.59 -14.45
C ILE V 36 18.97 43.95 -15.78
N THR V 37 17.72 43.53 -15.94
CA THR V 37 17.37 42.82 -17.16
C THR V 37 17.34 43.76 -18.35
N ASP V 38 17.06 45.05 -18.12
CA ASP V 38 17.13 46.01 -19.22
C ASP V 38 17.16 47.42 -18.64
N ASP V 39 17.26 48.40 -19.55
CA ASP V 39 17.47 49.80 -19.18
C ASP V 39 16.38 50.35 -18.30
N TYR V 40 15.26 49.64 -18.14
CA TYR V 40 14.19 50.14 -17.31
C TYR V 40 13.56 49.06 -16.45
N THR V 41 14.14 47.88 -16.38
CA THR V 41 13.57 46.87 -15.50
C THR V 41 14.69 46.14 -14.80
N ALA V 42 14.50 45.90 -13.51
CA ALA V 42 15.34 44.99 -12.75
C ALA V 42 14.46 43.85 -12.25
N THR V 43 15.08 42.68 -12.11
CA THR V 43 14.38 41.46 -11.72
C THR V 43 15.11 40.80 -10.58
N GLY V 44 14.41 40.56 -9.48
CA GLY V 44 14.89 39.72 -8.39
C GLY V 44 14.20 38.36 -8.50
N ILE V 45 14.90 37.30 -8.12
CA ILE V 45 14.33 35.95 -8.11
C ILE V 45 14.71 35.26 -6.81
N ALA V 46 13.70 34.80 -6.07
CA ALA V 46 13.89 33.97 -4.90
C ALA V 46 13.68 32.50 -5.28
N GLY V 47 14.34 31.61 -4.56
CA GLY V 47 14.06 30.21 -4.76
C GLY V 47 15.30 29.49 -5.22
N THR V 48 15.11 28.32 -5.84
CA THR V 48 16.21 27.49 -6.30
C THR V 48 17.21 28.31 -7.09
N ALA V 49 18.49 28.22 -6.72
CA ALA V 49 19.49 29.12 -7.29
C ALA V 49 19.66 28.90 -8.80
N ALA V 50 19.73 27.64 -9.23
CA ALA V 50 19.87 27.36 -10.65
C ALA V 50 18.72 27.99 -11.45
N VAL V 51 17.49 27.56 -11.17
CA VAL V 51 16.30 28.06 -11.85
C VAL V 51 16.25 29.58 -11.82
N ALA V 52 16.69 30.17 -10.72
CA ALA V 52 16.67 31.63 -10.59
C ALA V 52 17.60 32.29 -11.61
N VAL V 53 18.87 31.90 -11.61
CA VAL V 53 19.83 32.57 -12.49
C VAL V 53 19.46 32.34 -13.94
N GLU V 54 18.95 31.15 -14.24
CA GLU V 54 18.51 30.83 -15.59
C GLU V 54 17.33 31.71 -16.02
N PHE V 55 16.28 31.80 -15.20
CA PHE V 55 15.17 32.71 -15.48
C PHE V 55 15.70 34.09 -15.85
N ALA V 56 16.47 34.69 -14.94
CA ALA V 56 16.96 36.04 -15.17
C ALA V 56 17.66 36.18 -16.52
N ARG V 57 18.59 35.27 -16.79
CA ARG V 57 19.37 35.32 -18.03
C ARG V 57 18.48 35.24 -19.27
N LEU V 58 17.61 34.24 -19.29
CA LEU V 58 16.78 33.97 -20.47
C LEU V 58 15.78 35.09 -20.72
N TYR V 59 15.19 35.63 -19.66
CA TYR V 59 14.26 36.74 -19.79
C TYR V 59 14.94 37.97 -20.36
N ALA V 60 16.13 38.32 -19.83
CA ALA V 60 16.88 39.43 -20.40
C ALA V 60 17.14 39.22 -21.90
N VAL V 61 17.51 37.99 -22.28
CA VAL V 61 17.74 37.67 -23.68
C VAL V 61 16.51 37.93 -24.52
N GLU V 62 15.35 37.51 -24.02
CA GLU V 62 14.12 37.61 -24.80
C GLU V 62 13.67 39.06 -24.96
N LEU V 63 13.66 39.83 -23.87
CA LEU V 63 13.37 41.27 -23.99
C LEU V 63 14.21 41.91 -25.07
N GLU V 64 15.54 41.72 -24.97
CA GLU V 64 16.45 42.36 -25.92
C GLU V 64 16.30 41.82 -27.34
N HIS V 65 15.92 40.55 -27.48
CA HIS V 65 15.74 39.96 -28.80
C HIS V 65 14.57 40.61 -29.53
N TYR V 66 13.42 40.69 -28.87
CA TYR V 66 12.29 41.38 -29.51
C TYR V 66 12.65 42.82 -29.82
N GLU V 67 13.37 43.47 -28.91
CA GLU V 67 13.81 44.85 -29.16
C GLU V 67 14.64 44.95 -30.43
N LYS V 68 15.52 43.98 -30.69
CA LYS V 68 16.35 44.05 -31.89
C LYS V 68 15.55 43.75 -33.15
N LEU V 69 14.58 42.84 -33.06
CA LEU V 69 13.77 42.51 -34.24
C LEU V 69 12.81 43.63 -34.61
N GLU V 70 12.12 44.22 -33.63
CA GLU V 70 11.08 45.19 -33.94
C GLU V 70 11.53 46.64 -33.85
N GLY V 71 12.73 46.91 -33.36
CA GLY V 71 13.16 48.28 -33.28
C GLY V 71 12.50 49.10 -32.19
N VAL V 72 11.82 48.47 -31.25
CA VAL V 72 11.24 49.22 -30.14
C VAL V 72 10.99 48.28 -28.97
N PRO V 73 11.30 48.65 -27.71
CA PRO V 73 11.03 47.73 -26.61
C PRO V 73 9.55 47.47 -26.46
N LEU V 74 9.22 46.31 -25.92
CA LEU V 74 7.84 46.01 -25.55
C LEU V 74 7.35 47.06 -24.56
N THR V 75 6.03 47.20 -24.46
CA THR V 75 5.48 47.99 -23.37
C THR V 75 5.65 47.22 -22.06
N PHE V 76 5.52 47.94 -20.94
CA PHE V 76 5.65 47.28 -19.65
C PHE V 76 4.66 46.11 -19.52
N ALA V 77 3.51 46.24 -20.17
CA ALA V 77 2.52 45.17 -20.17
C ALA V 77 3.04 43.91 -20.85
N GLY V 78 3.64 44.07 -22.03
CA GLY V 78 4.20 42.91 -22.72
C GLY V 78 5.29 42.21 -21.90
N LYS V 79 6.20 43.00 -21.33
CA LYS V 79 7.23 42.45 -20.45
C LYS V 79 6.61 41.63 -19.32
N ILE V 80 5.64 42.22 -18.61
CA ILE V 80 4.93 41.49 -17.57
C ILE V 80 4.42 40.16 -18.11
N ASN V 81 3.86 40.18 -19.32
CA ASN V 81 3.27 38.96 -19.85
C ASN V 81 4.31 37.89 -20.10
N ARG V 82 5.42 38.25 -20.75
CA ARG V 82 6.44 37.24 -21.06
C ARG V 82 7.02 36.63 -19.78
N LEU V 83 7.33 37.47 -18.78
CA LEU V 83 7.81 36.95 -17.51
C LEU V 83 6.81 35.98 -16.91
N ALA V 84 5.52 36.34 -16.95
CA ALA V 84 4.46 35.47 -16.44
C ALA V 84 4.43 34.13 -17.17
N ILE V 85 4.66 34.14 -18.48
CA ILE V 85 4.60 32.90 -19.24
C ILE V 85 5.78 32.00 -18.90
N MET V 86 6.97 32.58 -18.75
CA MET V 86 8.10 31.80 -18.25
C MET V 86 7.77 31.14 -16.91
N VAL V 87 7.27 31.94 -15.96
CA VAL V 87 6.96 31.44 -14.63
C VAL V 87 5.96 30.29 -14.69
N ARG V 88 4.91 30.47 -15.49
CA ARG V 88 3.93 29.41 -15.70
C ARG V 88 4.57 28.18 -16.30
N GLY V 89 5.60 28.36 -17.13
CA GLY V 89 6.28 27.21 -17.71
C GLY V 89 7.08 26.39 -16.72
N ASN V 90 7.59 27.02 -15.67
CA ASN V 90 8.36 26.27 -14.69
C ASN V 90 7.47 25.56 -13.67
N LEU V 91 6.14 25.58 -13.83
CA LEU V 91 5.27 25.10 -12.77
C LEU V 91 5.46 23.61 -12.47
N ALA V 92 5.61 22.79 -13.51
CA ALA V 92 5.79 21.35 -13.31
C ALA V 92 7.01 21.07 -12.44
N ALA V 93 8.12 21.75 -12.72
CA ALA V 93 9.34 21.57 -11.94
C ALA V 93 9.23 22.21 -10.56
N ALA V 94 8.41 23.25 -10.41
CA ALA V 94 8.20 23.87 -9.10
C ALA V 94 7.47 22.94 -8.15
N MET V 95 6.54 22.13 -8.68
CA MET V 95 5.92 21.09 -7.85
C MET V 95 6.91 20.02 -7.46
N GLN V 96 7.90 19.75 -8.30
CA GLN V 96 8.97 18.82 -7.98
C GLN V 96 10.02 19.41 -7.07
N GLY V 97 9.84 20.64 -6.60
CA GLY V 97 10.83 21.29 -5.75
C GLY V 97 11.68 22.37 -6.38
N LEU V 98 11.73 22.53 -7.69
CA LEU V 98 12.61 23.55 -8.28
C LEU V 98 11.88 24.88 -8.47
N LEU V 99 11.29 25.43 -7.40
CA LEU V 99 10.46 26.62 -7.51
C LEU V 99 11.30 27.89 -7.56
N ALA V 100 10.92 28.84 -8.43
CA ALA V 100 11.59 30.12 -8.51
C ALA V 100 10.55 31.21 -8.73
N LEU V 101 10.51 32.20 -7.83
CA LEU V 101 9.53 33.28 -7.92
C LEU V 101 10.20 34.60 -8.19
N PRO V 102 9.78 35.30 -9.24
CA PRO V 102 10.34 36.61 -9.58
C PRO V 102 9.50 37.78 -9.09
N LEU V 103 10.21 38.85 -8.75
CA LEU V 103 9.65 40.15 -8.42
C LEU V 103 10.26 41.14 -9.39
N LEU V 104 9.40 41.85 -10.12
CA LEU V 104 9.82 42.65 -11.27
C LEU V 104 9.58 44.12 -10.97
N ALA V 105 10.64 44.92 -11.02
CA ALA V 105 10.54 46.36 -10.83
C ALA V 105 10.86 47.04 -12.14
N GLY V 106 10.06 48.03 -12.50
CA GLY V 106 10.32 48.75 -13.74
C GLY V 106 9.91 50.19 -13.65
N TYR V 107 10.40 50.98 -14.59
CA TYR V 107 10.02 52.38 -14.69
C TYR V 107 9.39 52.58 -16.05
N ASP V 108 8.08 52.82 -16.06
CA ASP V 108 7.35 52.99 -17.31
C ASP V 108 7.65 54.37 -17.88
N ILE V 109 8.31 54.41 -19.04
CA ILE V 109 8.57 55.69 -19.69
C ILE V 109 7.28 56.25 -20.30
N HIS V 110 6.32 55.38 -20.66
CA HIS V 110 5.10 55.81 -21.32
C HIS V 110 4.00 56.23 -20.36
N ALA V 111 4.18 56.04 -19.06
CA ALA V 111 3.16 56.45 -18.12
C ALA V 111 2.92 57.94 -18.22
N SER V 112 1.75 58.38 -17.76
CA SER V 112 1.36 59.79 -17.88
C SER V 112 2.12 60.65 -16.88
N ASP V 113 2.00 60.35 -15.59
CA ASP V 113 2.69 61.10 -14.55
C ASP V 113 4.07 60.51 -14.27
N PRO V 114 5.15 61.26 -14.48
CA PRO V 114 6.50 60.74 -14.20
C PRO V 114 6.70 60.42 -12.73
N GLN V 115 6.08 61.16 -11.80
CA GLN V 115 6.30 60.92 -10.39
C GLN V 115 5.73 59.59 -9.91
N SER V 116 4.82 58.98 -10.69
CA SER V 116 4.27 57.69 -10.32
C SER V 116 4.42 56.67 -11.43
N ALA V 117 5.40 56.84 -12.31
CA ALA V 117 5.70 55.85 -13.33
C ALA V 117 6.39 54.60 -12.80
N GLY V 118 6.72 54.55 -11.51
CA GLY V 118 7.33 53.37 -10.95
C GLY V 118 6.35 52.21 -10.97
N ARG V 119 6.89 50.99 -11.06
CA ARG V 119 6.04 49.82 -11.21
C ARG V 119 6.64 48.65 -10.45
N ILE V 120 5.82 47.98 -9.64
CA ILE V 120 6.22 46.78 -8.97
C ILE V 120 5.21 45.68 -9.28
N VAL V 121 5.72 44.49 -9.60
CA VAL V 121 4.88 43.39 -10.06
C VAL V 121 5.32 42.11 -9.38
N SER V 122 4.36 41.36 -8.85
CA SER V 122 4.66 40.13 -8.12
C SER V 122 3.98 38.93 -8.76
N PHE V 123 4.62 37.78 -8.65
CA PHE V 123 4.16 36.56 -9.30
C PHE V 123 4.05 35.44 -8.29
N ASP V 124 3.14 34.51 -8.56
CA ASP V 124 3.04 33.27 -7.81
C ASP V 124 3.60 32.13 -8.65
N ALA V 125 3.62 30.93 -8.08
CA ALA V 125 4.15 29.77 -8.79
C ALA V 125 3.32 29.41 -10.02
N ALA V 126 2.07 29.86 -10.10
CA ALA V 126 1.20 29.48 -11.21
C ALA V 126 1.16 30.54 -12.30
N GLY V 127 2.08 31.50 -12.29
CA GLY V 127 2.19 32.46 -13.38
C GLY V 127 1.28 33.66 -13.30
N GLY V 128 0.25 33.62 -12.47
CA GLY V 128 -0.54 34.81 -12.23
C GLY V 128 0.32 35.92 -11.66
N TRP V 129 -0.02 37.14 -11.99
CA TRP V 129 0.74 38.29 -11.56
C TRP V 129 -0.21 39.35 -11.00
N ASN V 130 0.37 40.29 -10.26
CA ASN V 130 -0.42 41.32 -9.62
C ASN V 130 0.42 42.59 -9.57
N ILE V 131 -0.18 43.71 -9.99
CA ILE V 131 0.48 45.00 -9.96
C ILE V 131 0.27 45.61 -8.59
N GLU V 132 1.35 45.70 -7.83
CA GLU V 132 1.26 46.20 -6.47
C GLU V 132 0.98 47.69 -6.46
N GLU V 133 0.11 48.11 -5.54
CA GLU V 133 -0.36 49.48 -5.49
C GLU V 133 -0.31 50.08 -4.09
N GLU V 134 0.10 49.31 -3.08
CA GLU V 134 0.37 49.85 -1.76
C GLU V 134 1.85 50.25 -1.58
N GLY V 135 2.61 50.34 -2.67
CA GLY V 135 3.90 51.00 -2.61
C GLY V 135 5.13 50.13 -2.37
N TYR V 136 4.99 48.83 -2.13
CA TYR V 136 6.17 48.03 -1.83
C TYR V 136 5.83 46.56 -1.96
N GLN V 137 6.86 45.75 -2.09
CA GLN V 137 6.66 44.31 -2.20
C GLN V 137 7.93 43.62 -1.75
N ALA V 138 7.83 42.31 -1.50
CA ALA V 138 9.02 41.54 -1.16
C ALA V 138 8.75 40.10 -1.52
N VAL V 139 9.83 39.32 -1.62
CA VAL V 139 9.73 37.88 -1.89
C VAL V 139 10.84 37.15 -1.16
N GLY V 140 10.57 35.91 -0.78
CA GLY V 140 11.54 35.05 -0.13
C GLY V 140 11.12 34.70 1.30
N SER V 141 11.99 33.92 1.95
CA SER V 141 11.67 33.41 3.28
C SER V 141 11.50 34.53 4.30
N GLY V 142 12.17 35.67 4.10
CA GLY V 142 12.03 36.79 5.01
C GLY V 142 11.01 37.81 4.57
N SER V 143 10.21 37.49 3.54
CA SER V 143 9.34 38.52 2.96
C SER V 143 8.33 39.07 3.95
N LEU V 144 7.80 38.23 4.84
CA LEU V 144 6.77 38.72 5.76
C LEU V 144 7.33 39.74 6.73
N PHE V 145 8.52 39.46 7.27
CA PHE V 145 9.14 40.41 8.19
C PHE V 145 9.51 41.71 7.47
N ALA V 146 9.94 41.60 6.21
CA ALA V 146 10.32 42.76 5.41
C ALA V 146 9.12 43.64 5.12
N LYS V 147 8.01 43.03 4.71
CA LYS V 147 6.78 43.79 4.47
C LYS V 147 6.26 44.44 5.74
N SER V 148 6.25 43.68 6.84
CA SER V 148 5.77 44.28 8.09
C SER V 148 6.69 45.37 8.57
N SER V 149 7.95 45.35 8.17
CA SER V 149 8.81 46.49 8.48
C SER V 149 8.52 47.68 7.59
N MET V 150 8.33 47.44 6.29
CA MET V 150 8.13 48.57 5.38
C MET V 150 6.79 49.25 5.61
N LYS V 151 5.78 48.50 6.06
CA LYS V 151 4.49 49.11 6.35
C LYS V 151 4.62 50.26 7.33
N LYS V 152 5.49 50.09 8.33
CA LYS V 152 5.70 51.15 9.31
C LYS V 152 6.68 52.18 8.80
N LEU V 153 7.76 51.75 8.13
CA LEU V 153 8.81 52.70 7.75
C LEU V 153 8.50 53.51 6.49
N TYR V 154 7.39 53.22 5.81
CA TYR V 154 7.20 53.72 4.44
C TYR V 154 6.80 55.19 4.38
N SER V 155 6.23 55.74 5.45
CA SER V 155 5.93 57.17 5.44
C SER V 155 7.20 58.02 5.42
N GLN V 156 8.36 57.44 5.71
CA GLN V 156 9.63 58.16 5.68
C GLN V 156 10.19 58.30 4.27
N VAL V 157 9.65 57.58 3.30
CA VAL V 157 10.19 57.55 1.95
C VAL V 157 9.76 58.81 1.22
N THR V 158 10.73 59.64 0.84
CA THR V 158 10.43 60.89 0.14
C THR V 158 11.24 61.14 -1.12
N ASP V 159 12.27 60.33 -1.40
CA ASP V 159 13.14 60.55 -2.54
C ASP V 159 13.89 59.24 -2.80
N GLY V 160 14.92 59.32 -3.63
CA GLY V 160 15.69 58.12 -3.93
C GLY V 160 16.49 57.64 -2.75
N ASP V 161 17.12 58.56 -2.01
CA ASP V 161 17.98 58.12 -0.94
C ASP V 161 17.20 57.58 0.27
N SER V 162 16.20 58.31 0.75
CA SER V 162 15.40 57.80 1.85
C SER V 162 14.77 56.46 1.49
N GLY V 163 14.29 56.31 0.26
CA GLY V 163 13.78 55.03 -0.18
C GLY V 163 14.82 53.94 -0.12
N LEU V 164 16.06 54.27 -0.47
CA LEU V 164 17.14 53.28 -0.37
C LEU V 164 17.37 52.88 1.08
N ARG V 165 17.43 53.84 1.99
CA ARG V 165 17.64 53.52 3.40
C ARG V 165 16.52 52.63 3.93
N VAL V 166 15.28 52.92 3.57
CA VAL V 166 14.16 52.09 4.01
C VAL V 166 14.30 50.67 3.48
N ALA V 167 14.72 50.53 2.23
CA ALA V 167 14.98 49.20 1.69
C ALA V 167 15.99 48.43 2.54
N VAL V 168 17.16 49.05 2.79
CA VAL V 168 18.21 48.38 3.55
C VAL V 168 17.70 48.00 4.95
N GLU V 169 16.94 48.90 5.58
CA GLU V 169 16.43 48.57 6.91
C GLU V 169 15.49 47.38 6.87
N ALA V 170 14.56 47.36 5.91
CA ALA V 170 13.65 46.23 5.79
C ALA V 170 14.42 44.92 5.66
N LEU V 171 15.47 44.93 4.83
CA LEU V 171 16.33 43.75 4.75
C LEU V 171 16.92 43.40 6.10
N TYR V 172 17.41 44.40 6.84
CA TYR V 172 18.00 44.16 8.15
C TYR V 172 17.03 43.46 9.09
N ASP V 173 15.73 43.80 9.00
CA ASP V 173 14.79 43.16 9.93
C ASP V 173 14.42 41.76 9.46
N ALA V 174 14.27 41.58 8.15
CA ALA V 174 14.15 40.23 7.61
C ALA V 174 15.26 39.33 8.16
N ALA V 175 16.51 39.72 7.97
CA ALA V 175 17.63 38.92 8.49
C ALA V 175 17.59 38.80 9.99
N ASP V 176 17.07 39.82 10.68
CA ASP V 176 17.10 39.78 12.14
C ASP V 176 16.18 38.72 12.70
N ASP V 177 15.11 38.40 11.98
CA ASP V 177 14.12 37.44 12.47
C ASP V 177 14.09 36.12 11.70
N ASP V 178 14.90 35.97 10.67
CA ASP V 178 14.97 34.74 9.89
C ASP V 178 16.43 34.40 9.64
N SER V 179 16.77 33.11 9.76
CA SER V 179 18.17 32.68 9.71
C SER V 179 18.66 32.41 8.28
N ALA V 180 17.74 32.17 7.34
CA ALA V 180 18.08 31.96 5.93
C ALA V 180 18.43 33.25 5.20
N THR V 181 18.21 34.41 5.81
CA THR V 181 18.53 35.70 5.22
C THR V 181 19.77 36.27 5.91
N GLY V 182 20.77 36.62 5.12
CA GLY V 182 21.99 37.18 5.68
C GLY V 182 21.87 38.69 5.87
N GLY V 183 22.38 39.17 7.00
CA GLY V 183 22.49 40.59 7.24
C GLY V 183 23.82 41.14 6.76
N PRO V 184 24.01 42.45 6.94
CA PRO V 184 25.30 43.06 6.60
C PRO V 184 26.43 42.43 7.40
N ASP V 185 27.41 41.85 6.68
CA ASP V 185 28.58 41.25 7.33
C ASP V 185 29.61 42.35 7.48
N LEU V 186 29.77 42.86 8.71
CA LEU V 186 30.74 43.92 8.92
C LEU V 186 32.15 43.38 8.88
N VAL V 187 32.34 42.11 9.19
CA VAL V 187 33.67 41.53 9.25
C VAL V 187 34.26 41.38 7.85
N ARG V 188 33.52 40.72 6.95
CA ARG V 188 33.97 40.54 5.58
C ARG V 188 33.61 41.69 4.65
N GLY V 189 32.79 42.63 5.10
CA GLY V 189 32.45 43.77 4.26
C GLY V 189 31.53 43.43 3.11
N ILE V 190 30.53 42.59 3.34
CA ILE V 190 29.58 42.19 2.30
C ILE V 190 28.21 42.72 2.67
N PHE V 191 27.63 43.50 1.78
CA PHE V 191 26.39 44.23 2.05
C PHE V 191 25.36 43.87 1.01
N PRO V 192 24.08 44.16 1.25
CA PRO V 192 23.05 43.85 0.25
C PRO V 192 23.34 44.56 -1.06
N THR V 193 22.78 44.06 -2.14
CA THR V 193 22.92 44.74 -3.42
C THR V 193 21.64 45.50 -3.73
N ALA V 194 21.79 46.59 -4.47
CA ALA V 194 20.66 47.45 -4.74
C ALA V 194 20.72 47.99 -6.16
N VAL V 195 19.55 48.17 -6.76
CA VAL V 195 19.41 48.76 -8.09
C VAL V 195 18.40 49.89 -7.99
N ILE V 196 18.71 51.02 -8.61
CA ILE V 196 17.80 52.15 -8.64
C ILE V 196 17.40 52.42 -10.08
N ILE V 197 16.10 52.55 -10.31
CA ILE V 197 15.58 52.87 -11.63
C ILE V 197 14.79 54.18 -11.54
N ASP V 198 15.10 55.12 -12.43
CA ASP V 198 14.30 56.34 -12.55
C ASP V 198 14.27 56.73 -14.01
N ALA V 199 13.81 57.95 -14.29
CA ALA V 199 13.69 58.46 -15.66
C ALA V 199 14.92 58.20 -16.52
N ASP V 200 16.11 58.08 -15.92
CA ASP V 200 17.34 57.94 -16.68
C ASP V 200 17.80 56.50 -16.86
N GLY V 201 17.02 55.52 -16.43
CA GLY V 201 17.38 54.14 -16.56
C GLY V 201 17.65 53.46 -15.23
N ALA V 202 18.40 52.36 -15.31
CA ALA V 202 18.73 51.53 -14.17
C ALA V 202 20.22 51.56 -13.90
N VAL V 203 20.60 51.86 -12.66
CA VAL V 203 22.00 51.82 -12.26
C VAL V 203 22.14 51.03 -10.97
N ASP V 204 23.27 50.35 -10.83
CA ASP V 204 23.57 49.67 -9.59
C ASP V 204 24.04 50.67 -8.56
N VAL V 205 23.51 50.58 -7.37
CA VAL V 205 24.03 51.42 -6.29
C VAL V 205 25.45 50.96 -5.97
N PRO V 206 26.44 51.85 -5.97
CA PRO V 206 27.80 51.44 -5.60
C PRO V 206 27.88 51.05 -4.13
N GLU V 207 28.78 50.11 -3.85
CA GLU V 207 28.75 49.42 -2.56
C GLU V 207 28.89 50.39 -1.38
N SER V 208 29.72 51.43 -1.54
CA SER V 208 30.00 52.34 -0.42
C SER V 208 28.71 52.92 0.18
N ARG V 209 27.76 53.32 -0.67
CA ARG V 209 26.54 53.92 -0.17
C ARG V 209 25.77 52.93 0.71
N ILE V 210 25.66 51.68 0.25
CA ILE V 210 24.98 50.66 1.04
C ILE V 210 25.74 50.40 2.33
N ALA V 211 27.07 50.47 2.28
CA ALA V 211 27.87 50.26 3.50
C ALA V 211 27.56 51.31 4.56
N GLU V 212 27.50 52.57 4.15
CA GLU V 212 27.22 53.66 5.08
C GLU V 212 25.83 53.54 5.68
N LEU V 213 24.83 53.26 4.83
CA LEU V 213 23.47 53.09 5.35
C LEU V 213 23.41 51.94 6.35
N ALA V 214 24.03 50.80 6.02
CA ALA V 214 24.01 49.68 6.94
C ALA V 214 24.69 50.02 8.26
N ARG V 215 25.83 50.71 8.22
CA ARG V 215 26.48 51.07 9.48
C ARG V 215 25.63 52.04 10.29
N ALA V 216 24.93 52.96 9.61
CA ALA V 216 24.03 53.86 10.34
C ALA V 216 22.93 53.08 11.06
N ILE V 217 22.32 52.10 10.37
CA ILE V 217 21.27 51.32 11.00
C ILE V 217 21.82 50.56 12.20
N ILE V 218 22.93 49.84 11.99
CA ILE V 218 23.51 49.03 13.05
C ILE V 218 23.85 49.89 14.28
N GLU V 219 24.38 51.10 14.08
CA GLU V 219 24.66 51.94 15.24
C GLU V 219 23.38 52.46 15.86
N SER V 220 22.33 52.63 15.06
CA SER V 220 21.09 53.11 15.63
C SER V 220 20.50 52.08 16.58
N ARG V 221 20.66 50.79 16.26
CA ARG V 221 20.04 49.77 17.09
C ARG V 221 20.81 49.44 18.38
N SER V 222 22.11 49.72 18.42
CA SER V 222 22.90 49.45 19.61
C SER V 222 22.50 50.27 20.84
N THR W 1 36.52 9.19 -1.17
CA THR W 1 37.17 10.05 -2.14
C THR W 1 37.26 11.48 -1.63
N THR W 2 38.26 12.22 -2.10
CA THR W 2 38.49 13.59 -1.67
C THR W 2 39.46 14.19 -2.68
N ILE W 3 39.11 15.37 -3.18
CA ILE W 3 39.93 16.08 -4.15
C ILE W 3 39.98 17.54 -3.71
N VAL W 4 41.18 18.03 -3.43
CA VAL W 4 41.35 19.42 -2.98
C VAL W 4 41.96 20.21 -4.12
N ALA W 5 41.69 21.52 -4.10
CA ALA W 5 42.28 22.42 -5.09
C ALA W 5 42.51 23.75 -4.41
N LEU W 6 43.68 24.34 -4.60
CA LEU W 6 43.92 25.63 -3.96
C LEU W 6 44.75 26.52 -4.86
N LYS W 7 44.45 27.82 -4.85
CA LYS W 7 45.23 28.79 -5.61
C LYS W 7 46.44 29.17 -4.80
N TYR W 8 47.54 29.45 -5.48
CA TYR W 8 48.69 30.05 -4.84
C TYR W 8 49.10 31.24 -5.68
N PRO W 9 49.94 32.13 -5.17
CA PRO W 9 50.27 33.28 -6.01
C PRO W 9 50.88 32.72 -7.28
N GLY W 10 50.33 33.12 -8.41
CA GLY W 10 50.80 32.66 -9.69
C GLY W 10 50.30 31.32 -10.24
N GLY W 11 49.41 30.59 -9.57
CA GLY W 11 48.97 29.35 -10.17
C GLY W 11 47.90 28.65 -9.37
N VAL W 12 47.63 27.41 -9.74
CA VAL W 12 46.64 26.60 -9.04
C VAL W 12 47.17 25.18 -8.90
N VAL W 13 46.79 24.51 -7.83
CA VAL W 13 47.21 23.13 -7.62
C VAL W 13 45.99 22.30 -7.28
N MET W 14 45.99 21.05 -7.74
CA MET W 14 44.83 20.17 -7.57
C MET W 14 45.31 18.75 -7.30
N ALA W 15 44.92 18.19 -6.15
CA ALA W 15 45.38 16.87 -5.74
C ALA W 15 44.21 15.97 -5.33
N GLY W 16 44.39 14.67 -5.48
CA GLY W 16 43.34 13.70 -5.20
C GLY W 16 43.91 12.40 -4.66
N ASP W 17 43.12 11.70 -3.84
CA ASP W 17 43.62 10.47 -3.22
C ASP W 17 43.52 9.31 -4.23
N ARG W 18 43.69 8.06 -3.77
CA ARG W 18 43.74 6.93 -4.68
C ARG W 18 42.79 5.76 -4.41
N ARG W 19 42.01 5.79 -3.34
CA ARG W 19 41.19 4.65 -2.95
C ARG W 19 39.86 4.68 -3.68
N SER W 20 39.29 3.50 -3.88
CA SER W 20 37.96 3.33 -4.44
C SER W 20 37.32 2.13 -3.75
N THR W 21 36.12 2.31 -3.22
CA THR W 21 35.54 1.30 -2.35
C THR W 21 34.25 0.75 -2.94
N GLN W 22 33.79 -0.36 -2.37
CA GLN W 22 32.41 -0.84 -2.55
C GLN W 22 31.90 -1.18 -1.16
N GLY W 23 31.15 -0.27 -0.54
CA GLY W 23 30.75 -0.52 0.82
C GLY W 23 31.97 -0.38 1.70
N ASN W 24 32.18 -1.36 2.60
CA ASN W 24 33.34 -1.35 3.49
C ASN W 24 34.60 -1.93 2.85
N MET W 25 34.51 -2.37 1.59
CA MET W 25 35.57 -3.14 0.96
C MET W 25 36.45 -2.28 0.06
N ILE W 26 37.75 -2.32 0.29
CA ILE W 26 38.70 -1.49 -0.44
C ILE W 26 38.97 -2.18 -1.78
N SER W 27 38.54 -1.56 -2.89
CA SER W 27 38.59 -2.25 -4.18
C SER W 27 39.66 -1.73 -5.13
N GLY W 28 40.10 -0.50 -4.96
CA GLY W 28 41.13 0.01 -5.84
C GLY W 28 42.09 0.84 -5.03
N ARG W 29 43.39 0.52 -5.12
CA ARG W 29 44.43 1.17 -4.34
C ARG W 29 45.24 2.19 -5.13
N ASP W 30 44.88 2.44 -6.40
CA ASP W 30 45.68 3.29 -7.27
C ASP W 30 44.89 3.94 -8.38
N VAL W 31 43.61 4.28 -8.12
CA VAL W 31 42.81 4.99 -9.09
C VAL W 31 43.34 6.42 -9.23
N ARG W 32 43.28 6.96 -10.45
CA ARG W 32 43.67 8.35 -10.70
C ARG W 32 42.41 9.18 -10.93
N LYS W 33 42.15 10.15 -10.06
CA LYS W 33 40.89 10.88 -10.11
C LYS W 33 41.03 12.30 -10.66
N VAL W 34 42.24 12.78 -10.93
CA VAL W 34 42.49 14.12 -11.41
C VAL W 34 43.07 14.03 -12.81
N TYR W 35 42.36 14.57 -13.79
CA TYR W 35 42.78 14.53 -15.19
C TYR W 35 43.23 15.91 -15.65
N ILE W 36 44.07 15.94 -16.67
CA ILE W 36 44.44 17.19 -17.33
C ILE W 36 43.55 17.31 -18.56
N THR W 37 42.41 18.00 -18.43
CA THR W 37 41.49 18.04 -19.56
C THR W 37 42.04 18.91 -20.68
N ASP W 38 42.88 19.88 -20.36
CA ASP W 38 43.52 20.66 -21.41
C ASP W 38 44.69 21.43 -20.82
N ASP W 39 45.39 22.18 -21.70
CA ASP W 39 46.65 22.84 -21.36
C ASP W 39 46.49 23.83 -20.22
N TYR W 40 45.27 24.17 -19.83
CA TYR W 40 45.08 25.13 -18.76
C TYR W 40 43.98 24.74 -17.80
N THR W 41 43.44 23.54 -17.91
CA THR W 41 42.42 23.14 -16.94
C THR W 41 42.66 21.69 -16.55
N ALA W 42 42.52 21.42 -15.26
CA ALA W 42 42.44 20.08 -14.73
C ALA W 42 41.09 19.90 -14.08
N THR W 43 40.60 18.66 -14.11
CA THR W 43 39.28 18.32 -13.61
C THR W 43 39.38 17.13 -12.68
N GLY W 44 38.90 17.28 -11.45
CA GLY W 44 38.70 16.17 -10.53
C GLY W 44 37.21 15.83 -10.51
N ILE W 45 36.88 14.55 -10.33
CA ILE W 45 35.49 14.11 -10.23
C ILE W 45 35.36 13.13 -9.08
N ALA W 46 34.48 13.44 -8.13
CA ALA W 46 34.11 12.54 -7.06
C ALA W 46 32.81 11.83 -7.43
N GLY W 47 32.64 10.62 -6.89
CA GLY W 47 31.35 9.97 -7.07
C GLY W 47 31.53 8.69 -7.82
N THR W 48 30.44 8.19 -8.41
CA THR W 48 30.43 6.93 -9.14
C THR W 48 31.59 6.88 -10.12
N ALA W 49 32.37 5.79 -10.06
CA ALA W 49 33.62 5.74 -10.83
C ALA W 49 33.36 5.76 -12.33
N ALA W 50 32.39 4.99 -12.80
CA ALA W 50 32.07 4.99 -14.23
C ALA W 50 31.72 6.39 -14.72
N VAL W 51 30.66 6.97 -14.16
CA VAL W 51 30.21 8.31 -14.54
C VAL W 51 31.34 9.31 -14.46
N ALA W 52 32.22 9.16 -13.48
CA ALA W 52 33.33 10.09 -13.31
C ALA W 52 34.29 10.02 -14.49
N VAL W 53 34.80 8.82 -14.80
CA VAL W 53 35.80 8.72 -15.86
C VAL W 53 35.21 9.13 -17.20
N GLU W 54 33.94 8.80 -17.40
CA GLU W 54 33.23 9.19 -18.61
C GLU W 54 33.11 10.71 -18.75
N PHE W 55 32.63 11.38 -17.69
CA PHE W 55 32.59 12.85 -17.69
C PHE W 55 33.92 13.41 -18.12
N ALA W 56 34.99 13.05 -17.41
CA ALA W 56 36.30 13.61 -17.71
C ALA W 56 36.68 13.43 -19.18
N ARG W 57 36.53 12.21 -19.68
CA ARG W 57 36.89 11.91 -21.07
C ARG W 57 36.11 12.77 -22.07
N LEU W 58 34.79 12.76 -21.92
CA LEU W 58 33.92 13.44 -22.87
C LEU W 58 34.12 14.96 -22.86
N TYR W 59 34.30 15.53 -21.66
CA TYR W 59 34.54 16.96 -21.55
C TYR W 59 35.83 17.35 -22.23
N ALA W 60 36.90 16.59 -21.99
CA ALA W 60 38.16 16.85 -22.69
C ALA W 60 37.97 16.82 -24.20
N VAL W 61 37.21 15.84 -24.68
CA VAL W 61 36.93 15.73 -26.12
C VAL W 61 36.24 16.98 -26.64
N GLU W 62 35.25 17.47 -25.90
CA GLU W 62 34.46 18.60 -26.37
C GLU W 62 35.28 19.90 -26.38
N LEU W 63 36.00 20.19 -25.30
CA LEU W 63 36.90 21.34 -25.30
C LEU W 63 37.79 21.34 -26.54
N GLU W 64 38.49 20.22 -26.74
CA GLU W 64 39.43 20.14 -27.87
C GLU W 64 38.74 20.18 -29.23
N HIS W 65 37.51 19.68 -29.31
CA HIS W 65 36.76 19.69 -30.56
C HIS W 65 36.43 21.11 -30.99
N TYR W 66 35.85 21.90 -30.08
CA TYR W 66 35.59 23.30 -30.41
C TYR W 66 36.88 24.01 -30.76
N GLU W 67 37.95 23.72 -30.03
CA GLU W 67 39.25 24.32 -30.33
C GLU W 67 39.69 24.03 -31.76
N LYS W 68 39.47 22.80 -32.24
CA LYS W 68 39.89 22.47 -33.61
C LYS W 68 38.97 23.12 -34.65
N LEU W 69 37.69 23.23 -34.36
CA LEU W 69 36.77 23.85 -35.32
C LEU W 69 36.98 25.35 -35.43
N GLU W 70 37.14 26.06 -34.31
CA GLU W 70 37.17 27.52 -34.34
C GLU W 70 38.58 28.08 -34.31
N GLY W 71 39.61 27.27 -34.10
CA GLY W 71 40.94 27.82 -34.09
C GLY W 71 41.29 28.62 -32.87
N VAL W 72 40.50 28.53 -31.81
CA VAL W 72 40.86 29.23 -30.57
C VAL W 72 40.12 28.59 -29.38
N PRO W 73 40.78 28.34 -28.24
CA PRO W 73 40.04 27.75 -27.13
C PRO W 73 38.93 28.65 -26.65
N LEU W 74 37.90 28.03 -26.07
CA LEU W 74 36.86 28.79 -25.40
C LEU W 74 37.48 29.64 -24.30
N THR W 75 36.76 30.69 -23.89
CA THR W 75 37.17 31.39 -22.67
C THR W 75 36.86 30.52 -21.46
N PHE W 76 37.46 30.85 -20.32
CA PHE W 76 37.21 30.07 -19.12
C PHE W 76 35.72 30.04 -18.79
N ALA W 77 35.00 31.10 -19.15
CA ALA W 77 33.56 31.15 -18.94
C ALA W 77 32.83 30.09 -19.77
N GLY W 78 33.18 29.97 -21.06
CA GLY W 78 32.55 28.94 -21.88
C GLY W 78 32.81 27.54 -21.36
N LYS W 79 34.06 27.25 -21.00
CA LYS W 79 34.41 25.95 -20.40
C LYS W 79 33.53 25.67 -19.18
N ILE W 80 33.47 26.63 -18.24
CA ILE W 80 32.59 26.49 -17.09
C ILE W 80 31.19 26.12 -17.53
N ASN W 81 30.70 26.78 -18.57
CA ASN W 81 29.32 26.54 -18.99
C ASN W 81 29.11 25.13 -19.50
N ARG W 82 30.00 24.66 -20.37
CA ARG W 82 29.84 23.32 -20.94
C ARG W 82 29.89 22.26 -19.85
N LEU W 83 30.87 22.36 -18.94
CA LEU W 83 30.93 21.42 -17.82
C LEU W 83 29.63 21.42 -17.03
N ALA W 84 29.10 22.62 -16.76
CA ALA W 84 27.84 22.75 -16.04
C ALA W 84 26.69 22.05 -16.78
N ILE W 85 26.67 22.15 -18.11
CA ILE W 85 25.59 21.55 -18.87
C ILE W 85 25.68 20.02 -18.83
N MET W 86 26.90 19.48 -18.95
CA MET W 86 27.08 18.05 -18.75
C MET W 86 26.54 17.62 -17.38
N VAL W 87 26.95 18.32 -16.32
CA VAL W 87 26.56 17.95 -14.97
C VAL W 87 25.04 17.98 -14.84
N ARG W 88 24.42 19.02 -15.37
CA ARG W 88 22.95 19.11 -15.36
C ARG W 88 22.32 17.96 -16.12
N GLY W 89 23.00 17.47 -17.16
CA GLY W 89 22.48 16.35 -17.92
C GLY W 89 22.48 15.04 -17.17
N ASN W 90 23.43 14.85 -16.25
CA ASN W 90 23.46 13.61 -15.49
C ASN W 90 22.50 13.61 -14.31
N LEU W 91 21.65 14.64 -14.16
CA LEU W 91 20.87 14.78 -12.93
C LEU W 91 19.89 13.61 -12.73
N ALA W 92 19.22 13.18 -13.80
CA ALA W 92 18.26 12.09 -13.69
C ALA W 92 18.92 10.83 -13.13
N ALA W 93 20.11 10.50 -13.65
CA ALA W 93 20.85 9.33 -13.18
C ALA W 93 21.44 9.54 -11.80
N ALA W 94 21.75 10.79 -11.43
CA ALA W 94 22.26 11.09 -10.09
C ALA W 94 21.20 10.85 -9.03
N MET W 95 19.92 11.12 -9.34
CA MET W 95 18.85 10.76 -8.42
C MET W 95 18.70 9.25 -8.29
N GLN W 96 19.01 8.51 -9.36
CA GLN W 96 19.00 7.06 -9.32
C GLN W 96 20.25 6.48 -8.67
N GLY W 97 21.13 7.30 -8.13
CA GLY W 97 22.36 6.83 -7.52
C GLY W 97 23.64 7.01 -8.30
N LEU W 98 23.62 7.34 -9.59
CA LEU W 98 24.88 7.46 -10.33
C LEU W 98 25.42 8.89 -10.31
N LEU W 99 25.61 9.46 -9.12
CA LEU W 99 25.99 10.87 -9.00
C LEU W 99 27.48 11.07 -9.21
N ALA W 100 27.85 12.13 -9.95
CA ALA W 100 29.26 12.48 -10.14
C ALA W 100 29.40 13.99 -10.08
N LEU W 101 30.26 14.48 -9.17
CA LEU W 101 30.45 15.91 -8.99
C LEU W 101 31.86 16.32 -9.38
N PRO W 102 31.99 17.29 -10.29
CA PRO W 102 33.30 17.77 -10.72
C PRO W 102 33.73 19.06 -10.02
N LEU W 103 35.04 19.15 -9.83
CA LEU W 103 35.72 20.33 -9.32
C LEU W 103 36.74 20.71 -10.39
N LEU W 104 36.65 21.94 -10.88
CA LEU W 104 37.38 22.37 -12.07
C LEU W 104 38.39 23.44 -11.68
N ALA W 105 39.66 23.18 -11.97
CA ALA W 105 40.73 24.14 -11.71
C ALA W 105 41.29 24.59 -13.04
N GLY W 106 41.50 25.89 -13.18
CA GLY W 106 42.04 26.40 -14.42
C GLY W 106 42.91 27.62 -14.20
N TYR W 107 43.70 27.94 -15.21
CA TYR W 107 44.51 29.14 -15.18
C TYR W 107 44.09 30.01 -16.36
N ASP W 108 43.46 31.13 -16.05
CA ASP W 108 42.96 32.02 -17.09
C ASP W 108 44.14 32.80 -17.67
N ILE W 109 44.44 32.56 -18.95
CA ILE W 109 45.48 33.32 -19.61
C ILE W 109 45.02 34.75 -19.90
N HIS W 110 43.71 34.98 -20.04
CA HIS W 110 43.18 36.30 -20.39
C HIS W 110 42.94 37.18 -19.18
N ALA W 111 43.08 36.68 -17.97
CA ALA W 111 42.87 37.51 -16.79
C ALA W 111 43.85 38.67 -16.81
N SER W 112 43.50 39.73 -16.07
CA SER W 112 44.33 40.94 -16.06
C SER W 112 45.60 40.74 -15.24
N ASP W 113 45.45 40.37 -13.96
CA ASP W 113 46.60 40.15 -13.10
C ASP W 113 47.05 38.69 -13.16
N PRO W 114 48.28 38.42 -13.60
CA PRO W 114 48.76 37.03 -13.65
C PRO W 114 48.83 36.38 -12.29
N GLN W 115 49.13 37.14 -11.22
CA GLN W 115 49.28 36.55 -9.89
C GLN W 115 47.96 36.03 -9.34
N SER W 116 46.82 36.45 -9.90
CA SER W 116 45.53 35.96 -9.44
C SER W 116 44.70 35.40 -10.59
N ALA W 117 45.34 34.96 -11.67
CA ALA W 117 44.63 34.31 -12.76
C ALA W 117 44.18 32.89 -12.44
N GLY W 118 44.52 32.36 -11.26
CA GLY W 118 44.06 31.04 -10.89
C GLY W 118 42.56 31.01 -10.72
N ARG W 119 41.96 29.86 -10.96
CA ARG W 119 40.50 29.76 -10.94
C ARG W 119 40.08 28.42 -10.36
N ILE W 120 39.15 28.45 -9.42
CA ILE W 120 38.57 27.23 -8.88
C ILE W 120 37.07 27.34 -8.98
N VAL W 121 36.43 26.27 -9.45
CA VAL W 121 34.99 26.28 -9.73
C VAL W 121 34.38 24.99 -9.20
N SER W 122 33.27 25.12 -8.48
CA SER W 122 32.61 23.96 -7.87
C SER W 122 31.17 23.83 -8.37
N PHE W 123 30.71 22.58 -8.44
CA PHE W 123 29.41 22.28 -9.01
C PHE W 123 28.60 21.43 -8.03
N ASP W 124 27.29 21.57 -8.10
CA ASP W 124 26.38 20.70 -7.37
C ASP W 124 25.76 19.71 -8.36
N ALA W 125 24.90 18.82 -7.83
CA ALA W 125 24.27 17.82 -8.68
C ALA W 125 23.31 18.44 -9.70
N ALA W 126 22.85 19.67 -9.47
CA ALA W 126 21.88 20.29 -10.36
C ALA W 126 22.52 21.22 -11.37
N GLY W 127 23.83 21.15 -11.56
CA GLY W 127 24.49 21.90 -12.62
C GLY W 127 24.86 23.33 -12.30
N GLY W 128 24.28 23.90 -11.24
CA GLY W 128 24.72 25.21 -10.81
C GLY W 128 26.19 25.16 -10.41
N TRP W 129 26.87 26.28 -10.64
CA TRP W 129 28.28 26.36 -10.34
C TRP W 129 28.58 27.63 -9.56
N ASN W 130 29.75 27.66 -8.95
CA ASN W 130 30.14 28.78 -8.12
C ASN W 130 31.65 28.97 -8.22
N ILE W 131 32.06 30.21 -8.46
CA ILE W 131 33.48 30.55 -8.56
C ILE W 131 33.99 30.83 -7.16
N GLU W 132 34.83 29.94 -6.67
CA GLU W 132 35.34 30.05 -5.32
C GLU W 132 36.30 31.22 -5.20
N GLU W 133 36.19 31.95 -4.10
CA GLU W 133 36.95 33.17 -3.89
C GLU W 133 37.63 33.23 -2.54
N GLU W 134 37.42 32.25 -1.66
CA GLU W 134 38.19 32.14 -0.43
C GLU W 134 39.44 31.27 -0.60
N GLY W 135 39.85 30.98 -1.82
CA GLY W 135 41.17 30.42 -2.05
C GLY W 135 41.31 28.91 -2.13
N TYR W 136 40.26 28.14 -1.89
CA TYR W 136 40.43 26.68 -1.91
C TYR W 136 39.07 26.01 -1.98
N GLN W 137 39.08 24.75 -2.38
CA GLN W 137 37.85 24.01 -2.48
C GLN W 137 38.17 22.53 -2.35
N ALA W 138 37.14 21.72 -2.12
CA ALA W 138 37.33 20.29 -2.09
C ALA W 138 36.01 19.61 -2.41
N VAL W 139 36.08 18.34 -2.78
CA VAL W 139 34.88 17.55 -3.06
C VAL W 139 35.12 16.10 -2.63
N GLY W 140 34.04 15.44 -2.23
CA GLY W 140 34.08 14.04 -1.85
C GLY W 140 33.74 13.84 -0.38
N SER W 141 33.76 12.56 0.03
CA SER W 141 33.37 12.21 1.39
C SER W 141 34.24 12.87 2.44
N GLY W 142 35.50 13.15 2.14
CA GLY W 142 36.40 13.79 3.08
C GLY W 142 36.47 15.28 2.90
N SER W 143 35.60 15.88 2.10
CA SER W 143 35.76 17.29 1.76
C SER W 143 35.66 18.20 2.98
N LEU W 144 34.81 17.88 3.95
CA LEU W 144 34.65 18.78 5.08
C LEU W 144 35.92 18.82 5.93
N PHE W 145 36.53 17.66 6.16
CA PHE W 145 37.77 17.63 6.93
C PHE W 145 38.89 18.34 6.20
N ALA W 146 38.92 18.19 4.86
CA ALA W 146 39.95 18.80 4.04
C ALA W 146 39.83 20.32 4.06
N LYS W 147 38.61 20.84 3.90
CA LYS W 147 38.38 22.27 3.97
C LYS W 147 38.71 22.83 5.34
N SER W 148 38.28 22.14 6.40
CA SER W 148 38.59 22.64 7.73
C SER W 148 40.07 22.57 8.02
N SER W 149 40.80 21.69 7.33
CA SER W 149 42.24 21.71 7.47
C SER W 149 42.86 22.88 6.70
N MET W 150 42.40 23.12 5.47
CA MET W 150 43.02 24.16 4.66
C MET W 150 42.72 25.55 5.21
N LYS W 151 41.57 25.73 5.87
CA LYS W 151 41.26 27.02 6.47
C LYS W 151 42.35 27.47 7.43
N LYS W 152 42.90 26.52 8.19
CA LYS W 152 43.96 26.85 9.13
C LYS W 152 45.32 26.89 8.43
N LEU W 153 45.57 25.95 7.50
CA LEU W 153 46.92 25.85 6.92
C LEU W 153 47.17 26.85 5.80
N TYR W 154 46.17 27.63 5.38
CA TYR W 154 46.25 28.35 4.11
C TYR W 154 47.12 29.60 4.18
N SER W 155 47.32 30.17 5.37
CA SER W 155 48.23 31.31 5.47
C SER W 155 49.67 30.91 5.18
N GLN W 156 50.00 29.62 5.18
CA GLN W 156 51.34 29.16 4.86
C GLN W 156 51.63 29.10 3.36
N VAL W 157 50.59 29.24 2.54
CA VAL W 157 50.74 29.07 1.10
C VAL W 157 51.34 30.35 0.51
N THR W 158 52.54 30.24 -0.06
CA THR W 158 53.21 31.40 -0.64
C THR W 158 53.75 31.20 -2.04
N ASP W 159 53.74 29.98 -2.57
CA ASP W 159 54.32 29.69 -3.88
C ASP W 159 53.75 28.35 -4.34
N GLY W 160 54.35 27.80 -5.39
CA GLY W 160 53.89 26.52 -5.89
C GLY W 160 54.17 25.38 -4.93
N ASP W 161 55.36 25.37 -4.35
CA ASP W 161 55.71 24.23 -3.51
C ASP W 161 54.96 24.23 -2.18
N SER W 162 54.96 25.35 -1.47
CA SER W 162 54.20 25.40 -0.21
C SER W 162 52.73 25.07 -0.45
N GLY W 163 52.16 25.58 -1.54
CA GLY W 163 50.79 25.22 -1.88
C GLY W 163 50.62 23.73 -2.10
N LEU W 164 51.61 23.09 -2.72
CA LEU W 164 51.55 21.64 -2.89
C LEU W 164 51.57 20.91 -1.55
N ARG W 165 52.46 21.33 -0.65
CA ARG W 165 52.53 20.69 0.66
C ARG W 165 51.22 20.83 1.41
N VAL W 166 50.61 22.02 1.35
CA VAL W 166 49.32 22.22 2.02
C VAL W 166 48.26 21.31 1.44
N ALA W 167 48.25 21.16 0.11
CA ALA W 167 47.32 20.22 -0.51
C ALA W 167 47.49 18.81 0.07
N VAL W 168 48.73 18.30 0.05
CA VAL W 168 48.98 16.94 0.53
C VAL W 168 48.55 16.79 1.99
N GLU W 169 48.84 17.80 2.81
CA GLU W 169 48.43 17.71 4.21
C GLU W 169 46.92 17.65 4.37
N ALA W 170 46.20 18.53 3.65
CA ALA W 170 44.74 18.49 3.71
C ALA W 170 44.21 17.11 3.37
N LEU W 171 44.77 16.49 2.32
CA LEU W 171 44.40 15.12 2.01
C LEU W 171 44.68 14.19 3.18
N TYR W 172 45.85 14.33 3.80
CA TYR W 172 46.20 13.47 4.94
C TYR W 172 45.18 13.57 6.06
N ASP W 173 44.61 14.76 6.29
CA ASP W 173 43.65 14.87 7.38
C ASP W 173 42.28 14.33 6.98
N ALA W 174 41.88 14.58 5.74
CA ALA W 174 40.70 13.90 5.20
C ALA W 174 40.78 12.41 5.46
N ALA W 175 41.85 11.76 4.98
CA ALA W 175 42.00 10.33 5.21
C ALA W 175 42.08 9.98 6.68
N ASP W 176 42.62 10.89 7.49
CA ASP W 176 42.81 10.55 8.91
C ASP W 176 41.48 10.44 9.64
N ASP W 177 40.47 11.17 9.17
CA ASP W 177 39.18 11.19 9.85
C ASP W 177 38.04 10.53 9.08
N ASP W 178 38.31 10.02 7.88
CA ASP W 178 37.31 9.34 7.08
C ASP W 178 37.94 8.09 6.49
N SER W 179 37.17 6.99 6.49
CA SER W 179 37.71 5.68 6.09
C SER W 179 37.63 5.42 4.60
N ALA W 180 36.75 6.14 3.88
CA ALA W 180 36.62 6.02 2.44
C ALA W 180 37.72 6.73 1.67
N THR W 181 38.55 7.52 2.35
CA THR W 181 39.67 8.22 1.73
C THR W 181 40.98 7.54 2.13
N GLY W 182 41.78 7.17 1.14
CA GLY W 182 43.05 6.52 1.41
C GLY W 182 44.16 7.55 1.67
N GLY W 183 44.99 7.25 2.67
CA GLY W 183 46.17 8.04 2.90
C GLY W 183 47.37 7.50 2.15
N PRO W 184 48.52 8.16 2.31
CA PRO W 184 49.76 7.66 1.70
C PRO W 184 50.08 6.26 2.19
N ASP W 185 50.17 5.31 1.25
CA ASP W 185 50.53 3.93 1.59
C ASP W 185 52.05 3.85 1.53
N LEU W 186 52.69 3.81 2.70
CA LEU W 186 54.15 3.74 2.71
C LEU W 186 54.62 2.34 2.32
N VAL W 187 53.79 1.33 2.54
CA VAL W 187 54.20 -0.05 2.27
C VAL W 187 54.27 -0.30 0.78
N ARG W 188 53.18 0.01 0.05
CA ARG W 188 53.15 -0.19 -1.39
C ARG W 188 53.68 1.00 -2.18
N GLY W 189 53.95 2.12 -1.53
CA GLY W 189 54.49 3.28 -2.22
C GLY W 189 53.51 3.96 -3.14
N ILE W 190 52.26 4.13 -2.70
CA ILE W 190 51.23 4.78 -3.50
C ILE W 190 50.82 6.06 -2.82
N PHE W 191 50.93 7.18 -3.52
CA PHE W 191 50.75 8.50 -2.95
C PHE W 191 49.68 9.23 -3.74
N PRO W 192 49.13 10.32 -3.19
CA PRO W 192 48.11 11.08 -3.93
C PRO W 192 48.68 11.58 -5.25
N THR W 193 47.79 11.88 -6.19
CA THR W 193 48.25 12.46 -7.45
C THR W 193 47.99 13.96 -7.43
N ALA W 194 48.82 14.70 -8.15
CA ALA W 194 48.73 16.15 -8.12
C ALA W 194 49.00 16.73 -9.50
N VAL W 195 48.32 17.82 -9.81
CA VAL W 195 48.51 18.56 -11.04
C VAL W 195 48.75 20.02 -10.69
N ILE W 196 49.73 20.63 -11.34
CA ILE W 196 50.02 22.05 -11.13
C ILE W 196 49.78 22.80 -12.43
N ILE W 197 49.04 23.89 -12.35
CA ILE W 197 48.79 24.74 -13.50
C ILE W 197 49.30 26.14 -13.19
N ASP W 198 50.09 26.69 -14.09
CA ASP W 198 50.52 28.09 -13.99
C ASP W 198 50.61 28.65 -15.40
N ALA W 199 51.22 29.84 -15.53
CA ALA W 199 51.37 30.52 -16.82
C ALA W 199 51.82 29.60 -17.94
N ASP W 200 52.55 28.53 -17.65
CA ASP W 200 53.13 27.67 -18.68
C ASP W 200 52.29 26.44 -18.99
N GLY W 201 51.11 26.30 -18.43
CA GLY W 201 50.25 25.18 -18.67
C GLY W 201 50.07 24.28 -17.46
N ALA W 202 49.69 23.03 -17.74
CA ALA W 202 49.41 22.04 -16.72
C ALA W 202 50.41 20.90 -16.82
N VAL W 203 51.03 20.56 -15.69
CA VAL W 203 51.94 19.43 -15.63
C VAL W 203 51.59 18.57 -14.43
N ASP W 204 51.80 17.27 -14.58
CA ASP W 204 51.63 16.36 -13.46
C ASP W 204 52.83 16.45 -12.55
N VAL W 205 52.58 16.56 -11.26
CA VAL W 205 53.68 16.50 -10.31
C VAL W 205 54.27 15.09 -10.34
N PRO W 206 55.58 14.92 -10.55
CA PRO W 206 56.16 13.58 -10.52
C PRO W 206 56.10 12.99 -9.12
N GLU W 207 55.99 11.66 -9.08
CA GLU W 207 55.61 10.99 -7.84
C GLU W 207 56.59 11.27 -6.71
N SER W 208 57.90 11.35 -7.02
CA SER W 208 58.91 11.51 -5.98
C SER W 208 58.62 12.71 -5.08
N ARG W 209 58.22 13.84 -5.68
CA ARG W 209 57.97 15.05 -4.88
C ARG W 209 56.85 14.80 -3.87
N ILE W 210 55.76 14.18 -4.33
CA ILE W 210 54.66 13.87 -3.44
C ILE W 210 55.10 12.88 -2.36
N ALA W 211 55.99 11.94 -2.72
CA ALA W 211 56.48 10.99 -1.73
C ALA W 211 57.23 11.68 -0.60
N GLU W 212 58.11 12.62 -0.95
CA GLU W 212 58.89 13.33 0.06
C GLU W 212 57.99 14.17 0.95
N LEU W 213 57.05 14.91 0.36
CA LEU W 213 56.12 15.71 1.17
C LEU W 213 55.34 14.82 2.13
N ALA W 214 54.82 13.70 1.64
CA ALA W 214 54.06 12.80 2.51
C ALA W 214 54.92 12.26 3.65
N ARG W 215 56.16 11.87 3.36
CA ARG W 215 57.01 11.37 4.43
C ARG W 215 57.32 12.47 5.45
N ALA W 216 57.50 13.70 4.98
CA ALA W 216 57.72 14.80 5.92
C ALA W 216 56.52 14.98 6.85
N ILE W 217 55.30 14.93 6.30
CA ILE W 217 54.12 15.09 7.13
C ILE W 217 54.04 13.96 8.16
N ILE W 218 54.16 12.72 7.67
CA ILE W 218 54.04 11.56 8.55
C ILE W 218 55.08 11.62 9.68
N GLU W 219 56.31 12.04 9.39
CA GLU W 219 57.28 12.14 10.49
C GLU W 219 56.95 13.31 11.40
N SER W 220 56.32 14.35 10.86
CA SER W 220 55.98 15.47 11.73
C SER W 220 54.94 15.06 12.76
N ARG W 221 54.02 14.17 12.38
CA ARG W 221 52.95 13.81 13.30
C ARG W 221 53.35 12.78 14.36
N SER W 222 54.39 11.99 14.11
CA SER W 222 54.83 10.99 15.07
C SER W 222 55.37 11.58 16.39
N THR X 1 29.93 -20.78 -9.36
CA THR X 1 30.88 -20.52 -10.44
C THR X 1 32.09 -19.78 -9.92
N THR X 2 33.22 -19.96 -10.59
CA THR X 2 34.48 -19.34 -10.20
C THR X 2 35.42 -19.47 -11.37
N ILE X 3 36.04 -18.36 -11.75
CA ILE X 3 36.98 -18.32 -12.86
C ILE X 3 38.18 -17.52 -12.42
N VAL X 4 39.35 -18.15 -12.40
CA VAL X 4 40.57 -17.47 -11.97
C VAL X 4 41.42 -17.20 -13.19
N ALA X 5 42.27 -16.17 -13.09
CA ALA X 5 43.20 -15.84 -14.16
C ALA X 5 44.45 -15.29 -13.51
N LEU X 6 45.62 -15.74 -13.95
CA LEU X 6 46.84 -15.22 -13.35
C LEU X 6 47.93 -15.09 -14.39
N LYS X 7 48.74 -14.05 -14.28
CA LYS X 7 49.88 -13.86 -15.16
C LYS X 7 51.04 -14.67 -14.65
N TYR X 8 51.85 -15.17 -15.56
CA TYR X 8 53.12 -15.77 -15.18
C TYR X 8 54.18 -15.15 -16.07
N PRO X 9 55.46 -15.31 -15.73
CA PRO X 9 56.43 -14.66 -16.60
C PRO X 9 56.22 -15.23 -17.98
N GLY X 10 56.05 -14.35 -18.96
CA GLY X 10 55.82 -14.75 -20.33
C GLY X 10 54.42 -15.13 -20.78
N GLY X 11 53.38 -15.05 -19.93
CA GLY X 11 52.08 -15.41 -20.45
C GLY X 11 50.97 -15.21 -19.43
N VAL X 12 49.79 -15.73 -19.77
CA VAL X 12 48.65 -15.65 -18.89
C VAL X 12 47.90 -16.97 -18.92
N VAL X 13 47.29 -17.33 -17.79
CA VAL X 13 46.52 -18.56 -17.73
C VAL X 13 45.15 -18.26 -17.14
N MET X 14 44.13 -18.97 -17.62
CA MET X 14 42.77 -18.70 -17.20
C MET X 14 42.01 -20.02 -17.10
N ALA X 15 41.47 -20.31 -15.90
CA ALA X 15 40.80 -21.59 -15.63
C ALA X 15 39.43 -21.36 -15.00
N GLY X 16 38.53 -22.31 -15.21
CA GLY X 16 37.16 -22.19 -14.73
C GLY X 16 36.58 -23.55 -14.37
N ASP X 17 35.66 -23.57 -13.42
CA ASP X 17 35.11 -24.85 -12.95
C ASP X 17 34.03 -25.32 -13.93
N ARG X 18 33.23 -26.34 -13.56
CA ARG X 18 32.27 -26.93 -14.49
C ARG X 18 30.82 -27.01 -14.04
N ARG X 19 30.49 -26.62 -12.81
CA ARG X 19 29.15 -26.82 -12.27
C ARG X 19 28.24 -25.67 -12.69
N SER X 20 26.95 -25.96 -12.78
CA SER X 20 25.91 -24.97 -13.02
C SER X 20 24.69 -25.40 -12.24
N THR X 21 24.13 -24.49 -11.44
CA THR X 21 23.11 -24.87 -10.49
C THR X 21 21.79 -24.15 -10.78
N GLN X 22 20.72 -24.63 -10.15
CA GLN X 22 19.48 -23.88 -10.02
C GLN X 22 19.06 -23.99 -8.56
N GLY X 23 19.37 -22.97 -7.77
CA GLY X 23 19.10 -23.08 -6.34
C GLY X 23 20.09 -24.07 -5.77
N ASN X 24 19.59 -25.02 -4.97
CA ASN X 24 20.44 -26.05 -4.36
C ASN X 24 20.69 -27.24 -5.30
N MET X 25 20.13 -27.22 -6.51
CA MET X 25 20.14 -28.38 -7.39
C MET X 25 21.23 -28.31 -8.45
N ILE X 26 22.05 -29.35 -8.51
CA ILE X 26 23.18 -29.38 -9.43
C ILE X 26 22.66 -29.76 -10.81
N SER X 27 22.72 -28.84 -11.77
CA SER X 27 22.06 -29.07 -13.06
C SER X 27 23.01 -29.35 -14.21
N GLY X 28 24.25 -28.91 -14.12
CA GLY X 28 25.18 -29.19 -15.20
C GLY X 28 26.52 -29.53 -14.60
N ARG X 29 27.08 -30.69 -15.00
CA ARG X 29 28.32 -31.20 -14.46
C ARG X 29 29.52 -30.98 -15.39
N ASP X 30 29.31 -30.31 -16.54
CA ASP X 30 30.38 -30.21 -17.54
C ASP X 30 30.23 -28.97 -18.43
N VAL X 31 29.71 -27.87 -17.88
CA VAL X 31 29.65 -26.62 -18.62
C VAL X 31 31.06 -26.08 -18.85
N ARG X 32 31.28 -25.46 -20.01
CA ARG X 32 32.55 -24.80 -20.28
C ARG X 32 32.37 -23.29 -20.21
N LYS X 33 33.06 -22.64 -19.27
CA LYS X 33 32.83 -21.23 -19.02
C LYS X 33 33.94 -20.31 -19.55
N VAL X 34 35.02 -20.87 -20.07
CA VAL X 34 36.16 -20.10 -20.57
C VAL X 34 36.26 -20.32 -22.07
N TYR X 35 36.13 -19.25 -22.85
CA TYR X 35 36.17 -19.33 -24.30
C TYR X 35 37.45 -18.68 -24.81
N ILE X 36 37.88 -19.10 -25.99
CA ILE X 36 38.98 -18.45 -26.69
C ILE X 36 38.35 -17.47 -27.68
N THR X 37 38.20 -16.21 -27.28
CA THR X 37 37.51 -15.27 -28.16
C THR X 37 38.36 -14.92 -29.36
N ASP X 38 39.68 -14.98 -29.21
CA ASP X 38 40.55 -14.75 -30.37
C ASP X 38 41.95 -15.25 -30.04
N ASP X 39 42.85 -15.12 -31.03
CA ASP X 39 44.19 -15.69 -30.98
C ASP X 39 45.01 -15.16 -29.81
N TYR X 40 44.55 -14.12 -29.14
CA TYR X 40 45.30 -13.57 -28.03
C TYR X 40 44.42 -13.18 -26.85
N THR X 41 43.14 -13.53 -26.87
CA THR X 41 42.33 -13.21 -25.71
C THR X 41 41.43 -14.40 -25.42
N ALA X 42 41.29 -14.71 -24.13
CA ALA X 42 40.27 -15.61 -23.63
C ALA X 42 39.37 -14.84 -22.69
N THR X 43 38.10 -15.26 -22.64
CA THR X 43 37.08 -14.60 -21.86
C THR X 43 36.35 -15.62 -21.01
N GLY X 44 36.32 -15.39 -19.71
CA GLY X 44 35.45 -16.13 -18.79
C GLY X 44 34.26 -15.25 -18.45
N ILE X 45 33.10 -15.86 -18.22
CA ILE X 45 31.91 -15.12 -17.82
C ILE X 45 31.21 -15.88 -16.69
N ALA X 46 31.02 -15.20 -15.56
CA ALA X 46 30.23 -15.71 -14.45
C ALA X 46 28.82 -15.13 -14.54
N GLY X 47 27.86 -15.87 -14.01
CA GLY X 47 26.52 -15.31 -13.90
C GLY X 47 25.56 -16.11 -14.70
N THR X 48 24.41 -15.50 -15.04
CA THR X 48 23.35 -16.17 -15.78
C THR X 48 23.90 -16.87 -17.00
N ALA X 49 23.58 -18.16 -17.15
CA ALA X 49 24.22 -18.97 -18.18
C ALA X 49 23.89 -18.47 -19.58
N ALA X 50 22.62 -18.16 -19.84
CA ALA X 50 22.24 -17.65 -21.15
C ALA X 50 23.05 -16.41 -21.52
N VAL X 51 22.88 -15.34 -20.73
CA VAL X 51 23.58 -14.08 -20.95
C VAL X 51 25.08 -14.29 -21.10
N ALA X 52 25.64 -15.23 -20.35
CA ALA X 52 27.06 -15.51 -20.43
C ALA X 52 27.47 -16.03 -21.79
N VAL X 53 26.83 -17.12 -22.24
CA VAL X 53 27.24 -17.72 -23.50
C VAL X 53 27.01 -16.76 -24.66
N GLU X 54 25.94 -15.98 -24.57
CA GLU X 54 25.64 -14.98 -25.59
C GLU X 54 26.71 -13.90 -25.65
N PHE X 55 27.06 -13.30 -24.49
CA PHE X 55 28.16 -12.35 -24.43
C PHE X 55 29.38 -12.88 -25.16
N ALA X 56 29.86 -14.05 -24.71
CA ALA X 56 31.08 -14.61 -25.29
C ALA X 56 30.99 -14.71 -26.81
N ARG X 57 29.89 -15.29 -27.30
CA ARG X 57 29.71 -15.50 -28.74
C ARG X 57 29.75 -14.17 -29.51
N LEU X 58 28.95 -13.21 -29.07
CA LEU X 58 28.79 -11.96 -29.77
C LEU X 58 30.08 -11.14 -29.77
N TYR X 59 30.78 -11.13 -28.63
CA TYR X 59 32.05 -10.42 -28.53
C TYR X 59 33.08 -11.01 -29.49
N ALA X 60 33.20 -12.33 -29.52
CA ALA X 60 34.10 -12.97 -30.48
C ALA X 60 33.77 -12.54 -31.91
N VAL X 61 32.47 -12.52 -32.23
CA VAL X 61 32.03 -12.11 -33.57
C VAL X 61 32.48 -10.70 -33.88
N GLU X 62 32.34 -9.80 -32.92
CA GLU X 62 32.64 -8.39 -33.16
C GLU X 62 34.15 -8.16 -33.33
N LEU X 63 34.97 -8.72 -32.44
CA LEU X 63 36.42 -8.64 -32.62
C LEU X 63 36.81 -9.07 -34.02
N GLU X 64 36.37 -10.27 -34.42
CA GLU X 64 36.75 -10.81 -35.73
C GLU X 64 36.18 -10.01 -36.89
N HIS X 65 35.01 -9.40 -36.70
CA HIS X 65 34.39 -8.59 -37.75
C HIS X 65 35.22 -7.36 -38.05
N TYR X 66 35.57 -6.59 -37.02
CA TYR X 66 36.44 -5.45 -37.24
C TYR X 66 37.76 -5.87 -37.86
N GLU X 67 38.31 -7.00 -37.39
CA GLU X 67 39.54 -7.51 -37.97
C GLU X 67 39.42 -7.77 -39.47
N LYS X 68 38.27 -8.29 -39.92
CA LYS X 68 38.10 -8.54 -41.36
C LYS X 68 37.90 -7.26 -42.14
N LEU X 69 37.21 -6.28 -41.56
CA LEU X 69 36.98 -5.03 -42.28
C LEU X 69 38.26 -4.20 -42.39
N GLU X 70 39.04 -4.07 -41.31
CA GLU X 70 40.18 -3.17 -41.31
C GLU X 70 41.50 -3.85 -41.60
N GLY X 71 41.55 -5.18 -41.66
CA GLY X 71 42.81 -5.82 -41.94
C GLY X 71 43.80 -5.80 -40.79
N VAL X 72 43.37 -5.48 -39.59
CA VAL X 72 44.29 -5.53 -38.45
C VAL X 72 43.48 -5.63 -37.15
N PRO X 73 43.85 -6.48 -36.18
CA PRO X 73 43.07 -6.53 -34.95
C PRO X 73 43.13 -5.22 -34.21
N LEU X 74 42.08 -4.96 -33.42
CA LEU X 74 42.10 -3.83 -32.51
C LEU X 74 43.28 -3.95 -31.56
N THR X 75 43.69 -2.83 -30.97
CA THR X 75 44.64 -2.92 -29.86
C THR X 75 43.93 -3.48 -28.64
N PHE X 76 44.71 -3.93 -27.66
CA PHE X 76 44.10 -4.48 -26.44
C PHE X 76 43.18 -3.46 -25.79
N ALA X 77 43.50 -2.17 -25.95
CA ALA X 77 42.66 -1.11 -25.41
C ALA X 77 41.29 -1.09 -26.08
N GLY X 78 41.25 -1.18 -27.41
CA GLY X 78 39.96 -1.21 -28.10
C GLY X 78 39.11 -2.39 -27.68
N LYS X 79 39.72 -3.58 -27.62
CA LYS X 79 39.02 -4.78 -27.15
C LYS X 79 38.41 -4.54 -25.78
N ILE X 80 39.23 -4.07 -24.83
CA ILE X 80 38.71 -3.72 -23.50
C ILE X 80 37.49 -2.83 -23.62
N ASN X 81 37.55 -1.84 -24.51
CA ASN X 81 36.45 -0.89 -24.61
C ASN X 81 35.17 -1.55 -25.09
N ARG X 82 35.27 -2.35 -26.16
CA ARG X 82 34.06 -2.97 -26.70
C ARG X 82 33.42 -3.90 -25.69
N LEU X 83 34.23 -4.74 -25.02
CA LEU X 83 33.68 -5.60 -23.97
C LEU X 83 32.98 -4.78 -22.91
N ALA X 84 33.59 -3.67 -22.49
CA ALA X 84 32.98 -2.79 -21.50
C ALA X 84 31.64 -2.23 -21.97
N ILE X 85 31.52 -1.91 -23.25
CA ILE X 85 30.29 -1.34 -23.76
C ILE X 85 29.18 -2.39 -23.79
N MET X 86 29.52 -3.61 -24.19
CA MET X 86 28.56 -4.71 -24.08
C MET X 86 28.06 -4.85 -22.64
N VAL X 87 28.99 -4.91 -21.68
CA VAL X 87 28.63 -5.12 -20.28
C VAL X 87 27.72 -4.00 -19.80
N ARG X 88 28.06 -2.76 -20.15
CA ARG X 88 27.22 -1.62 -19.81
C ARG X 88 25.84 -1.74 -20.44
N GLY X 89 25.75 -2.36 -21.62
CA GLY X 89 24.47 -2.53 -22.26
C GLY X 89 23.56 -3.52 -21.56
N ASN X 90 24.14 -4.53 -20.89
CA ASN X 90 23.30 -5.48 -20.20
C ASN X 90 22.84 -4.99 -18.82
N LEU X 91 23.12 -3.73 -18.46
CA LEU X 91 22.89 -3.30 -17.08
C LEU X 91 21.40 -3.35 -16.69
N ALA X 92 20.52 -2.93 -17.60
CA ALA X 92 19.09 -2.94 -17.29
C ALA X 92 18.61 -4.35 -16.92
N ALA X 93 19.03 -5.34 -17.72
CA ALA X 93 18.66 -6.73 -17.46
C ALA X 93 19.38 -7.30 -16.24
N ALA X 94 20.58 -6.79 -15.92
CA ALA X 94 21.29 -7.24 -14.73
C ALA X 94 20.57 -6.82 -13.45
N MET X 95 19.95 -5.63 -13.46
CA MET X 95 19.11 -5.24 -12.33
C MET X 95 17.87 -6.11 -12.21
N GLN X 96 17.37 -6.62 -13.33
CA GLN X 96 16.25 -7.55 -13.33
C GLN X 96 16.67 -8.98 -13.00
N GLY X 97 17.93 -9.20 -12.66
CA GLY X 97 18.41 -10.54 -12.35
C GLY X 97 19.26 -11.22 -13.40
N LEU X 98 19.34 -10.76 -14.64
CA LEU X 98 20.13 -11.47 -15.66
C LEU X 98 21.56 -10.96 -15.72
N LEU X 99 22.28 -10.97 -14.59
CA LEU X 99 23.61 -10.36 -14.52
C LEU X 99 24.68 -11.31 -15.07
N ALA X 100 25.63 -10.77 -15.84
CA ALA X 100 26.75 -11.55 -16.34
C ALA X 100 28.01 -10.70 -16.28
N LEU X 101 29.04 -11.20 -15.58
CA LEU X 101 30.28 -10.46 -15.41
C LEU X 101 31.42 -11.18 -16.10
N PRO X 102 32.14 -10.47 -16.99
CA PRO X 102 33.28 -11.05 -17.69
C PRO X 102 34.62 -10.68 -17.08
N LEU X 103 35.54 -11.64 -17.19
CA LEU X 103 36.94 -11.49 -16.82
C LEU X 103 37.73 -11.80 -18.09
N LEU X 104 38.56 -10.85 -18.51
CA LEU X 104 39.19 -10.89 -19.82
C LEU X 104 40.70 -11.02 -19.65
N ALA X 105 41.27 -12.09 -20.22
CA ALA X 105 42.70 -12.32 -20.20
C ALA X 105 43.23 -12.18 -21.61
N GLY X 106 44.34 -11.49 -21.76
CA GLY X 106 44.91 -11.32 -23.08
C GLY X 106 46.43 -11.22 -23.03
N TYR X 107 47.03 -11.41 -24.19
CA TYR X 107 48.48 -11.26 -24.31
C TYR X 107 48.73 -10.17 -25.33
N ASP X 108 49.23 -9.03 -24.87
CA ASP X 108 49.47 -7.90 -25.74
C ASP X 108 50.73 -8.17 -26.56
N ILE X 109 50.57 -8.29 -27.87
CA ILE X 109 51.73 -8.45 -28.74
C ILE X 109 52.50 -7.14 -28.87
N HIS X 110 51.83 -5.99 -28.71
CA HIS X 110 52.47 -4.69 -28.89
C HIS X 110 53.16 -4.16 -27.63
N ALA X 111 53.00 -4.84 -26.50
CA ALA X 111 53.66 -4.37 -25.29
C ALA X 111 55.17 -4.36 -25.50
N SER X 112 55.86 -3.57 -24.67
CA SER X 112 57.30 -3.40 -24.82
C SER X 112 58.06 -4.63 -24.32
N ASP X 113 57.85 -5.00 -23.05
CA ASP X 113 58.51 -6.18 -22.48
C ASP X 113 57.66 -7.42 -22.69
N PRO X 114 58.17 -8.43 -23.40
CA PRO X 114 57.40 -9.67 -23.59
C PRO X 114 57.11 -10.40 -22.29
N GLN X 115 58.02 -10.34 -21.31
CA GLN X 115 57.83 -11.07 -20.07
C GLN X 115 56.67 -10.53 -19.24
N SER X 116 56.21 -9.31 -19.51
CA SER X 116 55.08 -8.75 -18.78
C SER X 116 53.98 -8.27 -19.73
N ALA X 117 53.91 -8.82 -20.93
CA ALA X 117 52.82 -8.50 -21.85
C ALA X 117 51.50 -9.14 -21.47
N GLY X 118 51.46 -9.96 -20.41
CA GLY X 118 50.20 -10.53 -19.99
C GLY X 118 49.26 -9.46 -19.47
N ARG X 119 47.96 -9.71 -19.60
CA ARG X 119 46.98 -8.69 -19.25
C ARG X 119 45.76 -9.35 -18.63
N ILE X 120 45.31 -8.82 -17.50
CA ILE X 120 44.09 -9.27 -16.87
C ILE X 120 43.21 -8.06 -16.62
N VAL X 121 41.93 -8.18 -16.95
CA VAL X 121 41.00 -7.06 -16.90
C VAL X 121 39.69 -7.53 -16.28
N SER X 122 39.18 -6.76 -15.32
CA SER X 122 37.96 -7.13 -14.61
C SER X 122 36.90 -6.05 -14.77
N PHE X 123 35.63 -6.48 -14.76
CA PHE X 123 34.51 -5.60 -15.02
C PHE X 123 33.48 -5.73 -13.91
N ASP X 124 32.76 -4.65 -13.67
CA ASP X 124 31.60 -4.68 -12.79
C ASP X 124 30.32 -4.66 -13.62
N ALA X 125 29.19 -4.70 -12.94
CA ALA X 125 27.91 -4.70 -13.64
C ALA X 125 27.64 -3.39 -14.39
N ALA X 126 28.33 -2.30 -14.03
CA ALA X 126 28.09 -1.01 -14.66
C ALA X 126 29.07 -0.70 -15.78
N GLY X 127 29.82 -1.68 -16.26
CA GLY X 127 30.66 -1.50 -17.43
C GLY X 127 32.03 -0.92 -17.15
N GLY X 128 32.24 -0.31 -15.98
CA GLY X 128 33.59 0.10 -15.62
C GLY X 128 34.52 -1.09 -15.58
N TRP X 129 35.78 -0.84 -15.91
CA TRP X 129 36.77 -1.90 -15.96
C TRP X 129 38.03 -1.45 -15.24
N ASN X 130 38.87 -2.43 -14.90
CA ASN X 130 40.08 -2.15 -14.16
C ASN X 130 41.15 -3.13 -14.60
N ILE X 131 42.34 -2.61 -14.89
CA ILE X 131 43.47 -3.42 -15.31
C ILE X 131 44.18 -3.88 -14.06
N GLU X 132 44.10 -5.18 -13.79
CA GLU X 132 44.67 -5.74 -12.59
C GLU X 132 46.19 -5.74 -12.66
N GLU X 133 46.82 -5.40 -11.55
CA GLU X 133 48.26 -5.23 -11.50
C GLU X 133 48.91 -5.95 -10.32
N GLU X 134 48.13 -6.60 -9.46
CA GLU X 134 48.69 -7.47 -8.43
C GLU X 134 48.78 -8.92 -8.90
N GLY X 135 48.66 -9.18 -10.20
CA GLY X 135 49.03 -10.47 -10.74
C GLY X 135 47.95 -11.54 -10.89
N TYR X 136 46.72 -11.30 -10.43
CA TYR X 136 45.72 -12.34 -10.53
C TYR X 136 44.34 -11.75 -10.31
N GLN X 137 43.33 -12.49 -10.72
CA GLN X 137 41.97 -12.02 -10.56
C GLN X 137 41.05 -13.24 -10.54
N ALA X 138 39.82 -13.03 -10.10
CA ALA X 138 38.84 -14.11 -10.15
C ALA X 138 37.46 -13.48 -10.19
N VAL X 139 36.47 -14.28 -10.59
CA VAL X 139 35.08 -13.85 -10.61
C VAL X 139 34.17 -15.03 -10.28
N GLY X 140 33.04 -14.73 -9.66
CA GLY X 140 32.04 -15.74 -9.34
C GLY X 140 31.86 -15.89 -7.83
N SER X 141 30.95 -16.79 -7.48
CA SER X 141 30.59 -16.99 -6.07
C SER X 141 31.79 -17.42 -5.23
N GLY X 142 32.75 -18.12 -5.81
CA GLY X 142 33.92 -18.55 -5.09
C GLY X 142 35.09 -17.63 -5.23
N SER X 143 34.90 -16.44 -5.80
CA SER X 143 36.03 -15.60 -6.13
C SER X 143 36.83 -15.17 -4.89
N LEU X 144 36.17 -14.93 -3.77
CA LEU X 144 36.92 -14.45 -2.61
C LEU X 144 37.85 -15.53 -2.07
N PHE X 145 37.37 -16.77 -2.01
CA PHE X 145 38.22 -17.85 -1.54
C PHE X 145 39.38 -18.11 -2.51
N ALA X 146 39.11 -17.96 -3.81
CA ALA X 146 40.12 -18.17 -4.84
C ALA X 146 41.21 -17.12 -4.75
N LYS X 147 40.82 -15.84 -4.61
CA LYS X 147 41.80 -14.77 -4.45
C LYS X 147 42.60 -14.93 -3.18
N SER X 148 41.93 -15.25 -2.07
CA SER X 148 42.68 -15.42 -0.82
C SER X 148 43.60 -16.62 -0.89
N SER X 149 43.30 -17.59 -1.74
CA SER X 149 44.24 -18.68 -1.95
C SER X 149 45.42 -18.24 -2.81
N MET X 150 45.16 -17.51 -3.89
CA MET X 150 46.24 -17.14 -4.78
C MET X 150 47.20 -16.15 -4.14
N LYS X 151 46.70 -15.30 -3.24
CA LYS X 151 47.57 -14.35 -2.55
C LYS X 151 48.71 -15.06 -1.86
N LYS X 152 48.43 -16.22 -1.27
CA LYS X 152 49.47 -16.98 -0.59
C LYS X 152 50.26 -17.84 -1.58
N LEU X 153 49.59 -18.45 -2.56
CA LEU X 153 50.27 -19.39 -3.44
C LEU X 153 51.06 -18.74 -4.56
N TYR X 154 50.98 -17.41 -4.72
CA TYR X 154 51.41 -16.76 -5.96
C TYR X 154 52.93 -16.62 -6.05
N SER X 155 53.65 -16.63 -4.93
CA SER X 155 55.11 -16.60 -5.01
C SER X 155 55.68 -17.87 -5.64
N GLN X 156 54.89 -18.94 -5.75
CA GLN X 156 55.34 -20.18 -6.38
C GLN X 156 55.28 -20.13 -7.90
N VAL X 157 54.63 -19.12 -8.47
CA VAL X 157 54.41 -19.06 -9.91
C VAL X 157 55.69 -18.59 -10.57
N THR X 158 56.28 -19.43 -11.41
CA THR X 158 57.52 -19.08 -12.09
C THR X 158 57.53 -19.33 -13.58
N ASP X 159 56.53 -20.01 -14.13
CA ASP X 159 56.49 -20.37 -15.54
C ASP X 159 55.05 -20.72 -15.90
N GLY X 160 54.87 -21.31 -17.08
CA GLY X 160 53.54 -21.70 -17.49
C GLY X 160 52.96 -22.82 -16.65
N ASP X 161 53.77 -23.82 -16.35
CA ASP X 161 53.23 -24.97 -15.65
C ASP X 161 52.92 -24.68 -14.18
N SER X 162 53.87 -24.08 -13.45
CA SER X 162 53.60 -23.73 -12.06
C SER X 162 52.39 -22.81 -11.96
N GLY X 163 52.28 -21.84 -12.88
CA GLY X 163 51.10 -21.00 -12.91
C GLY X 163 49.82 -21.78 -13.12
N LEU X 164 49.88 -22.80 -13.97
CA LEU X 164 48.70 -23.65 -14.17
C LEU X 164 48.33 -24.39 -12.88
N ARG X 165 49.33 -24.97 -12.20
CA ARG X 165 49.05 -25.67 -10.95
C ARG X 165 48.42 -24.75 -9.92
N VAL X 166 48.94 -23.53 -9.81
CA VAL X 166 48.37 -22.58 -8.85
C VAL X 166 46.94 -22.26 -9.20
N ALA X 167 46.64 -22.09 -10.49
CA ALA X 167 45.25 -21.88 -10.91
C ALA X 167 44.36 -23.02 -10.42
N VAL X 168 44.73 -24.26 -10.73
CA VAL X 168 43.91 -25.41 -10.36
C VAL X 168 43.72 -25.47 -8.85
N GLU X 169 44.77 -25.19 -8.09
CA GLU X 169 44.64 -25.22 -6.63
C GLU X 169 43.67 -24.16 -6.15
N ALA X 170 43.79 -22.92 -6.64
CA ALA X 170 42.86 -21.86 -6.26
C ALA X 170 41.42 -22.30 -6.50
N LEU X 171 41.16 -22.91 -7.66
CA LEU X 171 39.83 -23.46 -7.93
C LEU X 171 39.44 -24.49 -6.87
N TYR X 172 40.37 -25.38 -6.52
CA TYR X 172 40.08 -26.41 -5.52
C TYR X 172 39.64 -25.81 -4.20
N ASP X 173 40.23 -24.66 -3.82
CA ASP X 173 39.85 -24.08 -2.53
C ASP X 173 38.53 -23.34 -2.61
N ALA X 174 38.31 -22.63 -3.72
CA ALA X 174 36.98 -22.09 -4.00
C ALA X 174 35.92 -23.16 -3.80
N ALA X 175 36.03 -24.27 -4.53
CA ALA X 175 35.05 -25.35 -4.39
C ALA X 175 35.03 -25.91 -2.97
N ASP X 176 36.16 -25.90 -2.28
CA ASP X 176 36.20 -26.51 -0.96
C ASP X 176 35.37 -25.75 0.04
N ASP X 177 35.24 -24.43 -0.15
CA ASP X 177 34.54 -23.59 0.81
C ASP X 177 33.22 -23.03 0.31
N ASP X 178 32.85 -23.32 -0.94
CA ASP X 178 31.59 -22.86 -1.50
C ASP X 178 30.94 -24.01 -2.26
N SER X 179 29.62 -24.15 -2.12
CA SER X 179 28.91 -25.30 -2.65
C SER X 179 28.46 -25.12 -4.10
N ALA X 180 28.37 -23.88 -4.57
CA ALA X 180 28.01 -23.57 -5.96
C ALA X 180 29.16 -23.79 -6.93
N THR X 181 30.37 -24.04 -6.45
CA THR X 181 31.54 -24.31 -7.29
C THR X 181 31.88 -25.78 -7.21
N GLY X 182 31.98 -26.43 -8.37
CA GLY X 182 32.31 -27.84 -8.41
C GLY X 182 33.82 -28.05 -8.39
N GLY X 183 34.24 -29.05 -7.63
CA GLY X 183 35.62 -29.49 -7.64
C GLY X 183 35.88 -30.57 -8.66
N PRO X 184 37.11 -31.04 -8.75
CA PRO X 184 37.43 -32.16 -9.65
C PRO X 184 36.63 -33.39 -9.27
N ASP X 185 35.82 -33.88 -10.23
CA ASP X 185 35.03 -35.09 -10.01
C ASP X 185 35.91 -36.27 -10.43
N LEU X 186 36.45 -36.99 -9.43
CA LEU X 186 37.30 -38.13 -9.76
C LEU X 186 36.48 -39.29 -10.27
N VAL X 187 35.20 -39.36 -9.91
CA VAL X 187 34.37 -40.50 -10.30
C VAL X 187 34.03 -40.43 -11.78
N ARG X 188 33.49 -39.30 -12.22
CA ARG X 188 33.14 -39.11 -13.63
C ARG X 188 34.29 -38.59 -14.48
N GLY X 189 35.40 -38.19 -13.88
CA GLY X 189 36.54 -37.73 -14.66
C GLY X 189 36.33 -36.38 -15.30
N ILE X 190 35.72 -35.44 -14.60
CA ILE X 190 35.47 -34.09 -15.12
C ILE X 190 36.29 -33.10 -14.32
N PHE X 191 37.13 -32.34 -15.00
CA PHE X 191 38.10 -31.46 -14.36
C PHE X 191 37.89 -30.05 -14.87
N PRO X 192 38.46 -29.04 -14.19
CA PRO X 192 38.31 -27.66 -14.65
C PRO X 192 38.87 -27.51 -16.05
N THR X 193 38.44 -26.48 -16.75
CA THR X 193 39.00 -26.20 -18.07
C THR X 193 39.99 -25.04 -17.96
N ALA X 194 40.99 -25.06 -18.82
CA ALA X 194 42.05 -24.08 -18.75
C ALA X 194 42.49 -23.64 -20.13
N VAL X 195 42.86 -22.37 -20.24
CA VAL X 195 43.38 -21.80 -21.48
C VAL X 195 44.70 -21.12 -21.15
N ILE X 196 45.71 -21.33 -21.98
CA ILE X 196 47.01 -20.68 -21.81
C ILE X 196 47.28 -19.78 -23.00
N ILE X 197 47.65 -18.53 -22.72
CA ILE X 197 48.00 -17.58 -23.76
C ILE X 197 49.43 -17.13 -23.55
N ASP X 198 50.24 -17.19 -24.60
CA ASP X 198 51.60 -16.62 -24.56
C ASP X 198 51.89 -16.06 -25.94
N ALA X 199 53.17 -15.74 -26.17
CA ALA X 199 53.63 -15.17 -27.43
C ALA X 199 53.06 -15.87 -28.67
N ASP X 200 52.74 -17.16 -28.56
CA ASP X 200 52.30 -17.94 -29.72
C ASP X 200 50.80 -18.04 -29.87
N GLY X 201 50.02 -17.36 -29.04
CA GLY X 201 48.59 -17.40 -29.12
C GLY X 201 47.95 -18.08 -27.93
N ALA X 202 46.71 -18.53 -28.15
CA ALA X 202 45.91 -19.15 -27.12
C ALA X 202 45.64 -20.61 -27.46
N VAL X 203 45.93 -21.51 -26.52
CA VAL X 203 45.63 -22.92 -26.70
C VAL X 203 44.90 -23.44 -25.48
N ASP X 204 44.01 -24.40 -25.70
CA ASP X 204 43.34 -25.07 -24.60
C ASP X 204 44.30 -26.08 -23.98
N VAL X 205 44.38 -26.08 -22.66
CA VAL X 205 45.15 -27.12 -22.00
C VAL X 205 44.43 -28.45 -22.19
N PRO X 206 45.09 -29.48 -22.71
CA PRO X 206 44.44 -30.79 -22.85
C PRO X 206 44.12 -31.39 -21.49
N GLU X 207 43.04 -32.16 -21.46
CA GLU X 207 42.45 -32.54 -20.18
C GLU X 207 43.42 -33.32 -19.30
N SER X 208 44.26 -34.17 -19.90
CA SER X 208 45.15 -35.02 -19.10
C SER X 208 46.02 -34.20 -18.13
N ARG X 209 46.55 -33.08 -18.59
CA ARG X 209 47.42 -32.28 -17.73
C ARG X 209 46.65 -31.78 -16.50
N ILE X 210 45.43 -31.29 -16.72
CA ILE X 210 44.61 -30.84 -15.59
C ILE X 210 44.27 -32.01 -14.68
N ALA X 211 44.07 -33.20 -15.25
CA ALA X 211 43.76 -34.37 -14.42
C ALA X 211 44.91 -34.69 -13.48
N GLU X 212 46.15 -34.68 -14.00
CA GLU X 212 47.32 -35.00 -13.18
C GLU X 212 47.51 -33.97 -12.07
N LEU X 213 47.41 -32.68 -12.43
CA LEU X 213 47.54 -31.65 -11.40
C LEU X 213 46.49 -31.80 -10.31
N ALA X 214 45.23 -32.04 -10.70
CA ALA X 214 44.17 -32.22 -9.71
C ALA X 214 44.45 -33.42 -8.81
N ARG X 215 44.89 -34.54 -9.39
CA ARG X 215 45.18 -35.70 -8.55
C ARG X 215 46.35 -35.43 -7.60
N ALA X 216 47.34 -34.68 -8.06
CA ALA X 216 48.45 -34.32 -7.17
C ALA X 216 47.95 -33.48 -5.99
N ILE X 217 47.08 -32.51 -6.25
CA ILE X 217 46.56 -31.69 -5.16
C ILE X 217 45.78 -32.54 -4.17
N ILE X 218 44.84 -33.33 -4.71
CA ILE X 218 43.99 -34.17 -3.86
C ILE X 218 44.82 -35.10 -2.99
N GLU X 219 45.88 -35.71 -3.55
CA GLU X 219 46.71 -36.56 -2.70
C GLU X 219 47.53 -35.76 -1.71
N SER X 220 47.86 -34.52 -2.06
CA SER X 220 48.60 -33.71 -1.10
C SER X 220 47.78 -33.40 0.12
N ARG X 221 46.46 -33.21 -0.05
CA ARG X 221 45.63 -32.82 1.09
C ARG X 221 45.24 -33.98 1.98
N SER X 222 45.25 -35.21 1.49
CA SER X 222 44.88 -36.36 2.30
C SER X 222 45.83 -36.63 3.47
N THR Y 1 1.71 -33.72 -16.53
CA THR Y 1 2.36 -34.04 -17.79
C THR Y 1 3.77 -34.56 -17.54
N THR Y 2 4.26 -35.38 -18.47
CA THR Y 2 5.58 -36.00 -18.35
C THR Y 2 5.93 -36.55 -19.72
N ILE Y 3 7.12 -36.22 -20.20
CA ILE Y 3 7.59 -36.67 -21.50
C ILE Y 3 9.02 -37.13 -21.31
N VAL Y 4 9.28 -38.41 -21.59
CA VAL Y 4 10.62 -38.96 -21.43
C VAL Y 4 11.21 -39.18 -22.82
N ALA Y 5 12.54 -39.16 -22.88
CA ALA Y 5 13.25 -39.42 -24.13
C ALA Y 5 14.54 -40.13 -23.77
N LEU Y 6 14.88 -41.20 -24.49
CA LEU Y 6 16.12 -41.88 -24.17
C LEU Y 6 16.77 -42.41 -25.43
N LYS Y 7 18.10 -42.35 -25.48
CA LYS Y 7 18.85 -42.90 -26.59
C LYS Y 7 19.02 -44.39 -26.39
N TYR Y 8 19.04 -45.13 -27.48
CA TYR Y 8 19.43 -46.53 -27.43
C TYR Y 8 20.46 -46.75 -28.52
N PRO Y 9 21.19 -47.85 -28.49
CA PRO Y 9 22.20 -47.98 -29.54
C PRO Y 9 21.45 -47.92 -30.86
N GLY Y 10 21.90 -47.03 -31.73
CA GLY Y 10 21.27 -46.85 -33.02
C GLY Y 10 20.04 -45.97 -33.15
N GLY Y 11 19.54 -45.32 -32.08
CA GLY Y 11 18.39 -44.48 -32.30
C GLY Y 11 17.96 -43.74 -31.04
N VAL Y 12 16.78 -43.14 -31.12
CA VAL Y 12 16.24 -42.41 -29.99
C VAL Y 12 14.75 -42.70 -29.88
N VAL Y 13 14.23 -42.69 -28.66
CA VAL Y 13 12.81 -42.93 -28.46
C VAL Y 13 12.26 -41.84 -27.56
N MET Y 14 11.00 -41.46 -27.81
CA MET Y 14 10.40 -40.34 -27.08
C MET Y 14 8.92 -40.65 -26.83
N ALA Y 15 8.52 -40.68 -25.56
CA ALA Y 15 7.15 -41.05 -25.18
C ALA Y 15 6.54 -40.02 -24.23
N GLY Y 16 5.22 -39.91 -24.28
CA GLY Y 16 4.51 -38.92 -23.47
C GLY Y 16 3.16 -39.44 -23.03
N ASP Y 17 2.67 -38.96 -21.89
CA ASP Y 17 1.40 -39.46 -21.35
C ASP Y 17 0.24 -38.76 -22.07
N ARG Y 18 -1.00 -38.90 -21.54
CA ARG Y 18 -2.17 -38.39 -22.25
C ARG Y 18 -3.09 -37.45 -21.47
N ARG Y 19 -2.85 -37.20 -20.19
CA ARG Y 19 -3.78 -36.44 -19.36
C ARG Y 19 -3.52 -34.95 -19.52
N SER Y 20 -4.57 -34.16 -19.31
CA SER Y 20 -4.49 -32.71 -19.28
C SER Y 20 -5.50 -32.23 -18.25
N THR Y 21 -5.05 -31.39 -17.32
CA THR Y 21 -5.87 -31.07 -16.16
C THR Y 21 -6.18 -29.57 -16.12
N GLN Y 22 -7.14 -29.21 -15.28
CA GLN Y 22 -7.33 -27.83 -14.84
C GLN Y 22 -7.49 -27.89 -13.32
N GLY Y 23 -6.42 -27.61 -12.60
CA GLY Y 23 -6.50 -27.76 -11.15
C GLY Y 23 -6.56 -29.24 -10.85
N ASN Y 24 -7.50 -29.65 -9.98
CA ASN Y 24 -7.68 -31.06 -9.63
C ASN Y 24 -8.54 -31.83 -10.63
N MET Y 25 -9.03 -31.16 -11.68
CA MET Y 25 -10.03 -31.72 -12.57
C MET Y 25 -9.41 -32.29 -13.85
N ILE Y 26 -9.71 -33.55 -14.14
CA ILE Y 26 -9.14 -34.24 -15.29
C ILE Y 26 -9.93 -33.81 -16.52
N SER Y 27 -9.31 -33.08 -17.44
CA SER Y 27 -10.07 -32.48 -18.55
C SER Y 27 -9.83 -33.14 -19.90
N GLY Y 28 -8.70 -33.80 -20.08
CA GLY Y 28 -8.46 -34.45 -21.36
C GLY Y 28 -7.80 -35.78 -21.10
N ARG Y 29 -8.38 -36.85 -21.65
CA ARG Y 29 -7.93 -38.21 -21.43
C ARG Y 29 -7.12 -38.78 -22.61
N ASP Y 30 -6.89 -37.98 -23.66
CA ASP Y 30 -6.26 -38.49 -24.88
C ASP Y 30 -5.52 -37.41 -25.66
N VAL Y 31 -4.94 -36.43 -24.98
CA VAL Y 31 -4.11 -35.43 -25.65
C VAL Y 31 -2.84 -36.08 -26.17
N ARG Y 32 -2.36 -35.62 -27.33
CA ARG Y 32 -1.10 -36.09 -27.88
C ARG Y 32 -0.05 -34.99 -27.72
N LYS Y 33 1.00 -35.28 -26.95
CA LYS Y 33 1.98 -34.25 -26.60
C LYS Y 33 3.30 -34.37 -27.35
N VAL Y 34 3.50 -35.44 -28.13
CA VAL Y 34 4.74 -35.67 -28.85
C VAL Y 34 4.45 -35.60 -30.34
N TYR Y 35 5.07 -34.67 -31.03
CA TYR Y 35 4.86 -34.46 -32.46
C TYR Y 35 6.10 -34.90 -33.23
N ILE Y 36 5.90 -35.25 -34.50
CA ILE Y 36 7.01 -35.50 -35.41
C ILE Y 36 7.23 -34.22 -36.20
N THR Y 37 8.15 -33.37 -35.73
CA THR Y 37 8.32 -32.08 -36.40
C THR Y 37 8.98 -32.26 -37.76
N ASP Y 38 9.79 -33.30 -37.92
CA ASP Y 38 10.36 -33.57 -39.24
C ASP Y 38 10.91 -34.99 -39.27
N ASP Y 39 11.44 -35.38 -40.43
CA ASP Y 39 11.85 -36.75 -40.71
C ASP Y 39 12.92 -37.24 -39.74
N TYR Y 40 13.52 -36.36 -38.95
CA TYR Y 40 14.55 -36.80 -38.04
C TYR Y 40 14.46 -36.12 -36.67
N THR Y 41 13.38 -35.40 -36.40
CA THR Y 41 13.25 -34.82 -35.07
C THR Y 41 11.82 -34.97 -34.62
N ALA Y 42 11.65 -35.32 -33.34
CA ALA Y 42 10.38 -35.25 -32.65
C ALA Y 42 10.52 -34.27 -31.50
N THR Y 43 9.41 -33.61 -31.18
CA THR Y 43 9.38 -32.58 -30.16
C THR Y 43 8.24 -32.86 -29.20
N GLY Y 44 8.55 -32.95 -27.92
CA GLY Y 44 7.55 -32.96 -26.84
C GLY Y 44 7.53 -31.58 -26.20
N ILE Y 45 6.36 -31.16 -25.73
CA ILE Y 45 6.21 -29.87 -25.05
C ILE Y 45 5.34 -30.08 -23.81
N ALA Y 46 5.88 -29.73 -22.64
CA ALA Y 46 5.14 -29.68 -21.39
C ALA Y 46 4.68 -28.25 -21.13
N GLY Y 47 3.57 -28.11 -20.42
CA GLY Y 47 3.18 -26.79 -19.98
C GLY Y 47 1.85 -26.42 -20.57
N THR Y 48 1.55 -25.12 -20.61
CA THR Y 48 0.28 -24.61 -21.10
C THR Y 48 -0.06 -25.24 -22.44
N ALA Y 49 -1.28 -25.79 -22.54
CA ALA Y 49 -1.62 -26.59 -23.72
C ALA Y 49 -1.63 -25.74 -24.99
N ALA Y 50 -2.22 -24.56 -24.94
CA ALA Y 50 -2.23 -23.69 -26.11
C ALA Y 50 -0.82 -23.40 -26.62
N VAL Y 51 0.00 -22.77 -25.78
CA VAL Y 51 1.37 -22.42 -26.12
C VAL Y 51 2.14 -23.64 -26.62
N ALA Y 52 1.86 -24.80 -26.05
CA ALA Y 52 2.55 -26.02 -26.46
C ALA Y 52 2.22 -26.39 -27.90
N VAL Y 53 0.93 -26.53 -28.22
CA VAL Y 53 0.57 -26.97 -29.56
C VAL Y 53 1.02 -25.95 -30.60
N GLU Y 54 0.93 -24.67 -30.25
CA GLU Y 54 1.39 -23.61 -31.13
C GLU Y 54 2.90 -23.70 -31.41
N PHE Y 55 3.71 -23.80 -30.34
CA PHE Y 55 5.14 -24.01 -30.52
C PHE Y 55 5.41 -25.12 -31.51
N ALA Y 56 4.88 -26.31 -31.23
CA ALA Y 56 5.14 -27.46 -32.10
C ALA Y 56 4.81 -27.16 -33.56
N ARG Y 57 3.61 -26.62 -33.80
CA ARG Y 57 3.17 -26.34 -35.16
C ARG Y 57 4.10 -25.37 -35.88
N LEU Y 58 4.38 -24.24 -35.22
CA LEU Y 58 5.16 -23.17 -35.84
C LEU Y 58 6.60 -23.61 -36.11
N TYR Y 59 7.20 -24.35 -35.17
CA TYR Y 59 8.55 -24.85 -35.35
C TYR Y 59 8.64 -25.80 -36.53
N ALA Y 60 7.69 -26.74 -36.63
CA ALA Y 60 7.65 -27.62 -37.79
C ALA Y 60 7.57 -26.82 -39.09
N VAL Y 61 6.74 -25.79 -39.11
CA VAL Y 61 6.61 -24.93 -40.29
C VAL Y 61 7.94 -24.30 -40.65
N GLU Y 62 8.66 -23.80 -39.65
CA GLU Y 62 9.90 -23.08 -39.92
C GLU Y 62 11.00 -24.01 -40.43
N LEU Y 63 11.20 -25.15 -39.77
CA LEU Y 63 12.15 -26.15 -40.28
C LEU Y 63 11.90 -26.44 -41.75
N GLU Y 64 10.64 -26.80 -42.07
CA GLU Y 64 10.31 -27.17 -43.44
C GLU Y 64 10.42 -26.00 -44.42
N HIS Y 65 10.18 -24.77 -43.94
CA HIS Y 65 10.26 -23.59 -44.79
C HIS Y 65 11.70 -23.36 -45.24
N TYR Y 66 12.63 -23.33 -44.29
CA TYR Y 66 14.02 -23.19 -44.68
C TYR Y 66 14.45 -24.33 -45.60
N GLU Y 67 13.99 -25.54 -45.31
CA GLU Y 67 14.30 -26.67 -46.17
C GLU Y 67 13.84 -26.44 -47.61
N LYS Y 68 12.66 -25.84 -47.79
CA LYS Y 68 12.18 -25.60 -49.16
C LYS Y 68 12.94 -24.47 -49.84
N LEU Y 69 13.33 -23.45 -49.08
CA LEU Y 69 14.06 -22.33 -49.69
C LEU Y 69 15.48 -22.72 -50.07
N GLU Y 70 16.19 -23.44 -49.20
CA GLU Y 70 17.61 -23.69 -49.44
C GLU Y 70 17.89 -25.06 -50.04
N GLY Y 71 16.89 -25.93 -50.14
CA GLY Y 71 17.16 -27.22 -50.73
C GLY Y 71 17.94 -28.17 -49.86
N VAL Y 72 18.07 -27.88 -48.57
CA VAL Y 72 18.76 -28.82 -47.67
C VAL Y 72 18.34 -28.55 -46.23
N PRO Y 73 18.04 -29.56 -45.40
CA PRO Y 73 17.66 -29.26 -44.02
C PRO Y 73 18.80 -28.60 -43.28
N LEU Y 74 18.44 -27.81 -42.26
CA LEU Y 74 19.43 -27.28 -41.34
C LEU Y 74 20.20 -28.43 -40.70
N THR Y 75 21.39 -28.13 -40.18
CA THR Y 75 22.06 -29.11 -39.33
C THR Y 75 21.34 -29.18 -37.99
N PHE Y 76 21.61 -30.24 -37.24
CA PHE Y 76 20.97 -30.38 -35.93
C PHE Y 76 21.25 -29.17 -35.06
N ALA Y 77 22.42 -28.54 -35.24
CA ALA Y 77 22.77 -27.35 -34.50
C ALA Y 77 21.83 -26.19 -34.84
N GLY Y 78 21.57 -25.95 -36.11
CA GLY Y 78 20.65 -24.88 -36.48
C GLY Y 78 19.26 -25.09 -35.91
N LYS Y 79 18.74 -26.33 -36.04
CA LYS Y 79 17.44 -26.66 -35.46
C LYS Y 79 17.41 -26.34 -33.96
N ILE Y 80 18.41 -26.82 -33.22
CA ILE Y 80 18.52 -26.48 -31.81
C ILE Y 80 18.42 -24.98 -31.60
N ASN Y 81 19.10 -24.21 -32.46
CA ASN Y 81 19.13 -22.77 -32.26
C ASN Y 81 17.75 -22.15 -32.46
N ARG Y 82 17.06 -22.51 -33.54
CA ARG Y 82 15.77 -21.92 -33.81
C ARG Y 82 14.77 -22.24 -32.70
N LEU Y 83 14.72 -23.50 -32.27
CA LEU Y 83 13.86 -23.87 -31.14
C LEU Y 83 14.17 -23.02 -29.91
N ALA Y 84 15.46 -22.85 -29.62
CA ALA Y 84 15.88 -22.03 -28.49
C ALA Y 84 15.40 -20.59 -28.62
N ILE Y 85 15.41 -20.04 -29.83
CA ILE Y 85 15.00 -18.66 -30.02
C ILE Y 85 13.50 -18.52 -29.83
N MET Y 86 12.72 -19.47 -30.33
CA MET Y 86 11.30 -19.48 -30.03
C MET Y 86 11.05 -19.49 -28.51
N VAL Y 87 11.71 -20.40 -27.81
CA VAL Y 87 11.51 -20.54 -26.37
C VAL Y 87 11.85 -19.24 -25.65
N ARG Y 88 12.97 -18.63 -26.03
CA ARG Y 88 13.36 -17.34 -25.48
C ARG Y 88 12.32 -16.28 -25.77
N GLY Y 89 11.64 -16.38 -26.91
CA GLY Y 89 10.61 -15.41 -27.24
C GLY Y 89 9.36 -15.52 -26.38
N ASN Y 90 9.05 -16.71 -25.90
CA ASN Y 90 7.87 -16.85 -25.06
C ASN Y 90 8.13 -16.46 -23.60
N LEU Y 91 9.32 -15.93 -23.27
CA LEU Y 91 9.68 -15.75 -21.86
C LEU Y 91 8.76 -14.76 -21.15
N ALA Y 92 8.41 -13.66 -21.80
CA ALA Y 92 7.54 -12.66 -21.17
C ALA Y 92 6.21 -13.29 -20.75
N ALA Y 93 5.62 -14.08 -21.65
CA ALA Y 93 4.34 -14.75 -21.35
C ALA Y 93 4.52 -15.88 -20.36
N ALA Y 94 5.70 -16.51 -20.30
CA ALA Y 94 5.95 -17.56 -19.33
C ALA Y 94 5.99 -17.01 -17.91
N MET Y 95 6.50 -15.78 -17.73
CA MET Y 95 6.42 -15.14 -16.42
C MET Y 95 4.97 -14.80 -16.06
N GLN Y 96 4.14 -14.53 -17.05
CA GLN Y 96 2.72 -14.31 -16.81
C GLN Y 96 1.93 -15.59 -16.62
N GLY Y 97 2.60 -16.75 -16.60
CA GLY Y 97 1.92 -18.02 -16.45
C GLY Y 97 1.79 -18.88 -17.69
N LEU Y 98 2.04 -18.39 -18.90
CA LEU Y 98 1.86 -19.24 -20.10
C LEU Y 98 3.15 -19.96 -20.46
N LEU Y 99 3.74 -20.71 -19.54
CA LEU Y 99 5.06 -21.32 -19.76
C LEU Y 99 4.94 -22.62 -20.57
N ALA Y 100 5.84 -22.82 -21.52
CA ALA Y 100 5.89 -24.05 -22.30
C ALA Y 100 7.34 -24.46 -22.50
N LEU Y 101 7.69 -25.68 -22.08
CA LEU Y 101 9.07 -26.15 -22.18
C LEU Y 101 9.16 -27.32 -23.14
N PRO Y 102 10.02 -27.23 -24.14
CA PRO Y 102 10.21 -28.31 -25.11
C PRO Y 102 11.42 -29.18 -24.81
N LEU Y 103 11.25 -30.46 -25.16
CA LEU Y 103 12.30 -31.48 -25.14
C LEU Y 103 12.41 -32.01 -26.55
N LEU Y 104 13.60 -31.93 -27.13
CA LEU Y 104 13.80 -32.17 -28.55
C LEU Y 104 14.67 -33.40 -28.74
N ALA Y 105 14.14 -34.38 -29.46
CA ALA Y 105 14.88 -35.60 -29.78
C ALA Y 105 15.13 -35.64 -31.26
N GLY Y 106 16.35 -35.98 -31.65
CA GLY Y 106 16.66 -36.04 -33.06
C GLY Y 106 17.69 -37.11 -33.37
N TYR Y 107 17.79 -37.45 -34.63
CA TYR Y 107 18.80 -38.40 -35.09
C TYR Y 107 19.67 -37.68 -36.11
N ASP Y 108 20.90 -37.41 -35.73
CA ASP Y 108 21.81 -36.69 -36.60
C ASP Y 108 22.30 -37.63 -37.70
N ILE Y 109 21.95 -37.34 -38.95
CA ILE Y 109 22.44 -38.13 -40.06
C ILE Y 109 23.91 -37.84 -40.33
N HIS Y 110 24.39 -36.63 -39.98
CA HIS Y 110 25.76 -36.24 -40.26
C HIS Y 110 26.76 -36.65 -39.19
N ALA Y 111 26.30 -37.20 -38.08
CA ALA Y 111 27.22 -37.62 -37.04
C ALA Y 111 28.15 -38.68 -37.58
N SER Y 112 29.31 -38.85 -36.92
CA SER Y 112 30.32 -39.78 -37.40
C SER Y 112 29.91 -41.23 -37.12
N ASP Y 113 29.66 -41.57 -35.86
CA ASP Y 113 29.25 -42.91 -35.48
C ASP Y 113 27.73 -43.05 -35.52
N PRO Y 114 27.19 -43.93 -36.37
CA PRO Y 114 25.73 -44.12 -36.42
C PRO Y 114 25.16 -44.63 -35.10
N GLN Y 115 25.91 -45.47 -34.37
CA GLN Y 115 25.37 -46.04 -33.13
C GLN Y 115 25.15 -45.00 -32.04
N SER Y 116 25.77 -43.81 -32.16
CA SER Y 116 25.58 -42.76 -31.17
C SER Y 116 25.14 -41.46 -31.82
N ALA Y 117 24.52 -41.52 -32.99
CA ALA Y 117 23.97 -40.33 -33.61
C ALA Y 117 22.68 -39.83 -32.96
N GLY Y 118 22.17 -40.53 -31.95
CA GLY Y 118 20.99 -40.05 -31.26
C GLY Y 118 21.28 -38.77 -30.51
N ARG Y 119 20.26 -37.94 -30.34
CA ARG Y 119 20.46 -36.64 -29.74
C ARG Y 119 19.26 -36.27 -28.87
N ILE Y 120 19.53 -35.83 -27.65
CA ILE Y 120 18.50 -35.33 -26.77
C ILE Y 120 18.90 -33.95 -26.29
N VAL Y 121 17.97 -33.02 -26.31
CA VAL Y 121 18.24 -31.62 -26.01
C VAL Y 121 17.13 -31.08 -25.12
N SER Y 122 17.53 -30.39 -24.04
CA SER Y 122 16.56 -29.86 -23.09
C SER Y 122 16.70 -28.35 -22.96
N PHE Y 123 15.58 -27.70 -22.67
CA PHE Y 123 15.50 -26.25 -22.63
C PHE Y 123 14.90 -25.79 -21.31
N ASP Y 124 15.30 -24.61 -20.88
CA ASP Y 124 14.67 -23.93 -19.76
C ASP Y 124 13.78 -22.82 -20.28
N ALA Y 125 13.10 -22.13 -19.34
CA ALA Y 125 12.21 -21.05 -19.73
C ALA Y 125 12.95 -19.87 -20.37
N ALA Y 126 14.26 -19.75 -20.15
CA ALA Y 126 15.02 -18.62 -20.65
C ALA Y 126 15.74 -18.91 -21.96
N GLY Y 127 15.39 -20.01 -22.63
CA GLY Y 127 15.92 -20.29 -23.95
C GLY Y 127 17.27 -20.98 -23.99
N GLY Y 128 18.01 -20.99 -22.88
CA GLY Y 128 19.22 -21.78 -22.83
C GLY Y 128 18.90 -23.25 -23.03
N TRP Y 129 19.84 -23.95 -23.65
CA TRP Y 129 19.65 -25.35 -23.95
C TRP Y 129 20.87 -26.14 -23.53
N ASN Y 130 20.70 -27.46 -23.43
CA ASN Y 130 21.77 -28.33 -22.98
C ASN Y 130 21.64 -29.66 -23.70
N ILE Y 131 22.75 -30.15 -24.24
CA ILE Y 131 22.79 -31.43 -24.93
C ILE Y 131 23.04 -32.51 -23.90
N GLU Y 132 22.03 -33.32 -23.65
CA GLU Y 132 22.11 -34.34 -22.63
C GLU Y 132 23.06 -35.45 -23.07
N GLU Y 133 23.86 -35.92 -22.11
CA GLU Y 133 24.91 -36.89 -22.39
C GLU Y 133 24.92 -38.06 -21.42
N GLU Y 134 24.03 -38.07 -20.42
CA GLU Y 134 23.85 -39.25 -19.59
C GLU Y 134 22.73 -40.16 -20.10
N GLY Y 135 22.29 -39.98 -21.35
CA GLY Y 135 21.47 -40.98 -21.99
C GLY Y 135 19.96 -40.83 -21.92
N TYR Y 136 19.43 -39.86 -21.18
CA TYR Y 136 17.97 -39.76 -21.07
C TYR Y 136 17.59 -38.40 -20.52
N GLN Y 137 16.33 -38.06 -20.72
CA GLN Y 137 15.85 -36.78 -20.22
C GLN Y 137 14.35 -36.89 -20.04
N ALA Y 138 13.78 -35.92 -19.32
CA ALA Y 138 12.34 -35.87 -19.17
C ALA Y 138 11.94 -34.44 -18.86
N VAL Y 139 10.66 -34.15 -19.05
CA VAL Y 139 10.10 -32.83 -18.73
C VAL Y 139 8.67 -32.98 -18.24
N GLY Y 140 8.26 -32.07 -17.36
CA GLY Y 140 6.91 -32.04 -16.84
C GLY Y 140 6.86 -32.30 -15.35
N SER Y 141 5.64 -32.28 -14.82
CA SER Y 141 5.45 -32.42 -13.37
C SER Y 141 5.97 -33.75 -12.84
N GLY Y 142 5.97 -34.80 -13.65
CA GLY Y 142 6.47 -36.08 -13.23
C GLY Y 142 7.91 -36.34 -13.61
N SER Y 143 8.62 -35.32 -14.10
CA SER Y 143 9.94 -35.55 -14.65
C SER Y 143 10.93 -36.11 -13.62
N LEU Y 144 10.84 -35.68 -12.36
CA LEU Y 144 11.82 -36.16 -11.39
C LEU Y 144 11.65 -37.65 -11.13
N PHE Y 145 10.40 -38.10 -10.99
CA PHE Y 145 10.17 -39.53 -10.77
C PHE Y 145 10.59 -40.34 -11.98
N ALA Y 146 10.36 -39.80 -13.19
CA ALA Y 146 10.71 -40.49 -14.42
C ALA Y 146 12.21 -40.64 -14.56
N LYS Y 147 12.96 -39.55 -14.30
CA LYS Y 147 14.41 -39.62 -14.34
C LYS Y 147 14.96 -40.57 -13.28
N SER Y 148 14.44 -40.50 -12.06
CA SER Y 148 14.93 -41.40 -11.04
C SER Y 148 14.58 -42.84 -11.34
N SER Y 149 13.54 -43.06 -12.14
CA SER Y 149 13.27 -44.43 -12.59
C SER Y 149 14.25 -44.85 -13.68
N MET Y 150 14.51 -43.97 -14.64
CA MET Y 150 15.36 -44.37 -15.76
C MET Y 150 16.81 -44.55 -15.33
N LYS Y 151 17.26 -43.83 -14.31
CA LYS Y 151 18.62 -43.99 -13.81
C LYS Y 151 18.88 -45.44 -13.43
N LYS Y 152 17.88 -46.09 -12.83
CA LYS Y 152 18.05 -47.48 -12.44
C LYS Y 152 17.77 -48.42 -13.61
N LEU Y 153 16.74 -48.12 -14.42
CA LEU Y 153 16.34 -49.07 -15.47
C LEU Y 153 17.21 -49.00 -16.72
N TYR Y 154 18.14 -48.06 -16.81
CA TYR Y 154 18.76 -47.73 -18.10
C TYR Y 154 19.81 -48.74 -18.54
N SER Y 155 20.40 -49.50 -17.62
CA SER Y 155 21.33 -50.54 -18.02
C SER Y 155 20.64 -51.65 -18.81
N GLN Y 156 19.31 -51.74 -18.77
CA GLN Y 156 18.56 -52.74 -19.52
C GLN Y 156 18.37 -52.37 -20.98
N VAL Y 157 18.66 -51.13 -21.35
CA VAL Y 157 18.39 -50.64 -22.69
C VAL Y 157 19.48 -51.15 -23.63
N THR Y 158 19.09 -51.97 -24.61
CA THR Y 158 20.06 -52.53 -25.55
C THR Y 158 19.68 -52.40 -27.01
N ASP Y 159 18.46 -51.98 -27.32
CA ASP Y 159 17.98 -51.92 -28.71
C ASP Y 159 16.77 -51.00 -28.72
N GLY Y 160 16.04 -51.02 -29.85
CA GLY Y 160 14.86 -50.18 -29.95
C GLY Y 160 13.74 -50.65 -29.03
N ASP Y 161 13.52 -51.96 -28.97
CA ASP Y 161 12.39 -52.42 -28.19
C ASP Y 161 12.61 -52.31 -26.68
N SER Y 162 13.75 -52.77 -26.17
CA SER Y 162 14.02 -52.61 -24.75
C SER Y 162 13.98 -51.14 -24.34
N GLY Y 163 14.53 -50.27 -25.18
CA GLY Y 163 14.44 -48.84 -24.91
C GLY Y 163 13.00 -48.35 -24.83
N LEU Y 164 12.15 -48.89 -25.71
CA LEU Y 164 10.74 -48.52 -25.65
C LEU Y 164 10.10 -48.97 -24.34
N ARG Y 165 10.37 -50.22 -23.92
CA ARG Y 165 9.81 -50.70 -22.67
C ARG Y 165 10.25 -49.86 -21.49
N VAL Y 166 11.53 -49.48 -21.46
CA VAL Y 166 12.03 -48.63 -20.38
C VAL Y 166 11.32 -47.29 -20.37
N ALA Y 167 11.10 -46.72 -21.56
CA ALA Y 167 10.33 -45.48 -21.62
C ALA Y 167 8.96 -45.63 -20.98
N VAL Y 168 8.20 -46.65 -21.41
CA VAL Y 168 6.85 -46.86 -20.89
C VAL Y 168 6.87 -47.04 -19.38
N GLU Y 169 7.86 -47.80 -18.88
CA GLU Y 169 7.93 -48.00 -17.43
C GLU Y 169 8.19 -46.70 -16.69
N ALA Y 170 9.15 -45.90 -17.18
CA ALA Y 170 9.41 -44.61 -16.56
C ALA Y 170 8.15 -43.76 -16.47
N LEU Y 171 7.37 -43.74 -17.56
CA LEU Y 171 6.08 -43.05 -17.51
C LEU Y 171 5.18 -43.63 -16.44
N TYR Y 172 5.12 -44.97 -16.34
CA TYR Y 172 4.28 -45.61 -15.33
C TYR Y 172 4.64 -45.16 -13.92
N ASP Y 173 5.93 -44.93 -13.65
CA ASP Y 173 6.30 -44.54 -12.30
C ASP Y 173 6.02 -43.06 -12.04
N ALA Y 174 6.29 -42.22 -13.05
CA ALA Y 174 5.83 -40.84 -13.00
C ALA Y 174 4.37 -40.78 -12.59
N ALA Y 175 3.50 -41.43 -13.36
CA ALA Y 175 2.07 -41.43 -13.02
C ALA Y 175 1.80 -42.04 -11.66
N ASP Y 176 2.62 -43.02 -11.25
CA ASP Y 176 2.34 -43.70 -10.00
C ASP Y 176 2.53 -42.79 -8.80
N ASP Y 177 3.43 -41.82 -8.92
CA ASP Y 177 3.75 -40.94 -7.80
C ASP Y 177 3.29 -39.50 -7.97
N ASP Y 178 2.67 -39.16 -9.09
CA ASP Y 178 2.16 -37.83 -9.34
C ASP Y 178 0.77 -37.94 -9.97
N SER Y 179 -0.15 -37.08 -9.53
CA SER Y 179 -1.55 -37.19 -9.91
C SER Y 179 -1.88 -36.45 -11.21
N ALA Y 180 -1.03 -35.50 -11.61
CA ALA Y 180 -1.21 -34.76 -12.86
C ALA Y 180 -0.77 -35.56 -14.09
N THR Y 181 -0.14 -36.72 -13.90
CA THR Y 181 0.29 -37.58 -15.00
C THR Y 181 -0.62 -38.80 -15.04
N GLY Y 182 -1.20 -39.06 -16.21
CA GLY Y 182 -2.07 -40.20 -16.38
C GLY Y 182 -1.29 -41.47 -16.71
N GLY Y 183 -1.68 -42.57 -16.09
CA GLY Y 183 -1.14 -43.87 -16.44
C GLY Y 183 -1.96 -44.54 -17.52
N PRO Y 184 -1.54 -45.75 -17.92
CA PRO Y 184 -2.31 -46.53 -18.90
C PRO Y 184 -3.72 -46.78 -18.39
N ASP Y 185 -4.72 -46.32 -19.14
CA ASP Y 185 -6.12 -46.56 -18.79
C ASP Y 185 -6.52 -47.89 -19.43
N LEU Y 186 -6.61 -48.94 -18.61
CA LEU Y 186 -6.98 -50.24 -19.16
C LEU Y 186 -8.45 -50.28 -19.51
N VAL Y 187 -9.27 -49.44 -18.86
CA VAL Y 187 -10.72 -49.49 -19.08
C VAL Y 187 -11.06 -48.90 -20.43
N ARG Y 188 -10.58 -47.68 -20.71
CA ARG Y 188 -10.85 -47.02 -21.97
C ARG Y 188 -9.83 -47.37 -23.07
N GLY Y 189 -8.75 -48.06 -22.73
CA GLY Y 189 -7.78 -48.46 -23.73
C GLY Y 189 -6.96 -47.30 -24.27
N ILE Y 190 -6.52 -46.39 -23.41
CA ILE Y 190 -5.73 -45.24 -23.82
C ILE Y 190 -4.34 -45.37 -23.20
N PHE Y 191 -3.32 -45.36 -24.03
CA PHE Y 191 -1.96 -45.64 -23.62
C PHE Y 191 -1.07 -44.48 -24.02
N PRO Y 192 0.14 -44.40 -23.46
CA PRO Y 192 1.05 -43.30 -23.83
C PRO Y 192 1.35 -43.34 -25.32
N THR Y 193 1.76 -42.22 -25.87
CA THR Y 193 2.17 -42.20 -27.27
C THR Y 193 3.70 -42.22 -27.35
N ALA Y 194 4.20 -42.80 -28.43
CA ALA Y 194 5.64 -42.96 -28.57
C ALA Y 194 6.07 -42.73 -30.01
N VAL Y 195 7.27 -42.17 -30.17
CA VAL Y 195 7.87 -41.95 -31.47
C VAL Y 195 9.27 -42.55 -31.43
N ILE Y 196 9.64 -43.27 -32.48
CA ILE Y 196 10.98 -43.85 -32.60
C ILE Y 196 11.68 -43.22 -33.79
N ILE Y 197 12.91 -42.76 -33.57
CA ILE Y 197 13.72 -42.21 -34.63
C ILE Y 197 15.01 -43.02 -34.75
N ASP Y 198 15.33 -43.46 -35.95
CA ASP Y 198 16.62 -44.10 -36.21
C ASP Y 198 17.06 -43.69 -37.60
N ALA Y 199 18.10 -44.39 -38.11
CA ALA Y 199 18.65 -44.10 -39.44
C ALA Y 199 17.60 -43.90 -40.53
N ASP Y 200 16.43 -44.50 -40.40
CA ASP Y 200 15.41 -44.45 -41.44
C ASP Y 200 14.36 -43.37 -41.24
N GLY Y 201 14.50 -42.52 -40.24
CA GLY Y 201 13.56 -41.47 -39.98
C GLY Y 201 12.79 -41.66 -38.68
N ALA Y 202 11.63 -41.00 -38.63
CA ALA Y 202 10.77 -41.01 -37.45
C ALA Y 202 9.45 -41.68 -37.77
N VAL Y 203 9.06 -42.65 -36.95
CA VAL Y 203 7.77 -43.31 -37.10
C VAL Y 203 7.06 -43.34 -35.76
N ASP Y 204 5.75 -43.24 -35.80
CA ASP Y 204 4.95 -43.40 -34.59
C ASP Y 204 4.85 -44.88 -34.25
N VAL Y 205 5.08 -45.19 -32.98
CA VAL Y 205 4.85 -46.57 -32.56
C VAL Y 205 3.35 -46.85 -32.61
N PRO Y 206 2.91 -47.90 -33.30
CA PRO Y 206 1.48 -48.23 -33.32
C PRO Y 206 0.99 -48.66 -31.94
N GLU Y 207 -0.27 -48.35 -31.68
CA GLU Y 207 -0.78 -48.40 -30.31
C GLU Y 207 -0.64 -49.80 -29.70
N SER Y 208 -0.85 -50.85 -30.51
CA SER Y 208 -0.83 -52.21 -29.97
C SER Y 208 0.45 -52.53 -29.21
N ARG Y 209 1.60 -52.11 -29.75
CA ARG Y 209 2.86 -52.40 -29.08
C ARG Y 209 2.91 -51.77 -27.69
N ILE Y 210 2.51 -50.50 -27.60
CA ILE Y 210 2.47 -49.83 -26.32
C ILE Y 210 1.47 -50.50 -25.38
N ALA Y 211 0.36 -51.00 -25.92
CA ALA Y 211 -0.62 -51.69 -25.09
C ALA Y 211 -0.02 -52.94 -24.44
N GLU Y 212 0.69 -53.74 -25.24
CA GLU Y 212 1.30 -54.97 -24.72
C GLU Y 212 2.34 -54.68 -23.66
N LEU Y 213 3.22 -53.70 -23.93
CA LEU Y 213 4.24 -53.33 -22.94
C LEU Y 213 3.58 -52.88 -21.64
N ALA Y 214 2.56 -52.01 -21.73
CA ALA Y 214 1.89 -51.54 -20.53
C ALA Y 214 1.25 -52.70 -19.76
N ARG Y 215 0.60 -53.63 -20.46
CA ARG Y 215 0.00 -54.76 -19.74
C ARG Y 215 1.06 -55.63 -19.08
N ALA Y 216 2.21 -55.80 -19.74
CA ALA Y 216 3.30 -56.56 -19.12
C ALA Y 216 3.77 -55.89 -17.83
N ILE Y 217 3.94 -54.57 -17.85
CA ILE Y 217 4.37 -53.87 -16.65
C ILE Y 217 3.35 -54.03 -15.53
N ILE Y 218 2.08 -53.74 -15.86
CA ILE Y 218 1.02 -53.81 -14.86
C ILE Y 218 0.94 -55.21 -14.24
N GLU Y 219 1.07 -56.27 -15.04
CA GLU Y 219 1.04 -57.60 -14.43
C GLU Y 219 2.30 -57.88 -13.63
N SER Y 220 3.41 -57.26 -14.01
CA SER Y 220 4.62 -57.48 -13.24
C SER Y 220 4.50 -56.90 -11.84
N ARG Y 221 3.79 -55.78 -11.71
CA ARG Y 221 3.72 -55.14 -10.39
C ARG Y 221 2.69 -55.77 -9.46
N SER Y 222 1.69 -56.47 -9.99
CA SER Y 222 0.67 -57.10 -9.14
C SER Y 222 1.21 -58.21 -8.23
N THR Z 1 -26.83 -19.73 -17.31
CA THR Z 1 -26.81 -20.18 -18.70
C THR Z 1 -26.30 -21.60 -18.80
N THR Z 2 -26.74 -22.31 -19.84
CA THR Z 2 -26.36 -23.70 -20.06
C THR Z 2 -26.75 -24.03 -21.48
N ILE Z 3 -25.80 -24.61 -22.22
CA ILE Z 3 -26.01 -24.99 -23.60
C ILE Z 3 -25.44 -26.39 -23.78
N VAL Z 4 -26.29 -27.34 -24.15
CA VAL Z 4 -25.85 -28.72 -24.33
C VAL Z 4 -25.82 -29.03 -25.82
N ALA Z 5 -24.98 -29.98 -26.19
CA ALA Z 5 -24.89 -30.42 -27.58
C ALA Z 5 -24.57 -31.90 -27.56
N LEU Z 6 -25.27 -32.70 -28.35
CA LEU Z 6 -24.96 -34.12 -28.36
C LEU Z 6 -25.13 -34.69 -29.76
N LYS Z 7 -24.24 -35.63 -30.11
CA LYS Z 7 -24.33 -36.32 -31.40
C LYS Z 7 -25.33 -37.44 -31.27
N TYR Z 8 -26.04 -37.72 -32.36
CA TYR Z 8 -26.85 -38.91 -32.44
C TYR Z 8 -26.51 -39.60 -33.74
N PRO Z 9 -26.90 -40.86 -33.92
CA PRO Z 9 -26.50 -41.48 -35.18
C PRO Z 9 -27.10 -40.63 -36.29
N GLY Z 10 -26.25 -40.21 -37.22
CA GLY Z 10 -26.68 -39.38 -38.31
C GLY Z 10 -26.80 -37.86 -38.11
N GLY Z 11 -26.47 -37.29 -36.94
CA GLY Z 11 -26.60 -35.86 -36.86
C GLY Z 11 -26.12 -35.31 -35.53
N VAL Z 12 -26.43 -34.04 -35.29
CA VAL Z 12 -26.06 -33.39 -34.05
C VAL Z 12 -27.22 -32.50 -33.60
N VAL Z 13 -27.37 -32.36 -32.30
CA VAL Z 13 -28.43 -31.50 -31.77
C VAL Z 13 -27.82 -30.57 -30.74
N MET Z 14 -28.36 -29.34 -30.67
CA MET Z 14 -27.80 -28.33 -29.79
C MET Z 14 -28.92 -27.49 -29.21
N ALA Z 15 -29.03 -27.46 -27.87
CA ALA Z 15 -30.13 -26.76 -27.20
C ALA Z 15 -29.61 -25.84 -26.11
N GLY Z 16 -30.36 -24.78 -25.83
CA GLY Z 16 -29.95 -23.77 -24.85
C GLY Z 16 -31.14 -23.20 -24.12
N ASP Z 17 -30.93 -22.76 -22.88
CA ASP Z 17 -32.04 -22.26 -22.08
C ASP Z 17 -32.34 -20.80 -22.47
N ARG Z 18 -33.17 -20.09 -21.69
CA ARG Z 18 -33.61 -18.75 -22.07
C ARG Z 18 -33.37 -17.62 -21.07
N ARG Z 19 -32.85 -17.89 -19.88
CA ARG Z 19 -32.75 -16.88 -18.84
C ARG Z 19 -31.47 -16.08 -19.00
N SER Z 20 -31.50 -14.83 -18.54
CA SER Z 20 -30.34 -13.97 -18.47
C SER Z 20 -30.48 -13.11 -17.23
N THR Z 21 -29.43 -13.09 -16.40
CA THR Z 21 -29.55 -12.50 -15.08
C THR Z 21 -28.60 -11.32 -14.94
N GLN Z 22 -28.81 -10.54 -13.87
CA GLN Z 22 -27.82 -9.59 -13.36
C GLN Z 22 -27.77 -9.82 -11.85
N GLY Z 23 -26.78 -10.58 -11.39
CA GLY Z 23 -26.75 -10.91 -9.98
C GLY Z 23 -27.89 -11.87 -9.71
N ASN Z 24 -28.67 -11.60 -8.66
CA ASN Z 24 -29.81 -12.46 -8.31
C ASN Z 24 -31.08 -12.11 -9.10
N MET Z 25 -31.02 -11.11 -9.98
CA MET Z 25 -32.20 -10.57 -10.63
C MET Z 25 -32.41 -11.13 -12.03
N ILE Z 26 -33.60 -11.67 -12.27
CA ILE Z 26 -33.91 -12.31 -13.55
C ILE Z 26 -34.26 -11.21 -14.55
N SER Z 27 -33.42 -11.01 -15.57
CA SER Z 27 -33.59 -9.85 -16.45
C SER Z 27 -34.12 -10.18 -17.83
N GLY Z 28 -33.93 -11.40 -18.30
CA GLY Z 28 -34.45 -11.75 -19.60
C GLY Z 28 -35.02 -13.14 -19.55
N ARG Z 29 -36.28 -13.30 -19.98
CA ARG Z 29 -37.00 -14.55 -19.91
C ARG Z 29 -37.08 -15.27 -21.25
N ASP Z 30 -36.45 -14.72 -22.30
CA ASP Z 30 -36.61 -15.27 -23.66
C ASP Z 30 -35.43 -14.98 -24.57
N VAL Z 31 -34.22 -14.92 -24.01
CA VAL Z 31 -33.02 -14.73 -24.83
C VAL Z 31 -32.78 -15.99 -25.66
N ARG Z 32 -32.29 -15.82 -26.88
CA ARG Z 32 -31.92 -16.95 -27.73
C ARG Z 32 -30.40 -17.04 -27.79
N LYS Z 33 -29.85 -18.15 -27.30
CA LYS Z 33 -28.41 -18.28 -27.17
C LYS Z 33 -27.76 -19.19 -28.21
N VAL Z 34 -28.55 -19.87 -29.04
CA VAL Z 34 -28.04 -20.79 -30.05
C VAL Z 34 -28.37 -20.24 -31.42
N TYR Z 35 -27.35 -19.96 -32.22
CA TYR Z 35 -27.52 -19.39 -33.54
C TYR Z 35 -27.17 -20.42 -34.60
N ILE Z 36 -27.74 -20.25 -35.79
CA ILE Z 36 -27.35 -21.06 -36.95
C ILE Z 36 -26.33 -20.23 -37.74
N THR Z 37 -25.04 -20.45 -37.47
CA THR Z 37 -24.04 -19.62 -38.12
C THR Z 37 -23.93 -19.95 -39.60
N ASP Z 38 -24.24 -21.19 -39.99
CA ASP Z 38 -24.27 -21.53 -41.40
C ASP Z 38 -25.01 -22.85 -41.60
N ASP Z 39 -25.11 -23.25 -42.87
CA ASP Z 39 -25.94 -24.38 -43.27
C ASP Z 39 -25.51 -25.68 -42.60
N TYR Z 40 -24.36 -25.71 -41.95
CA TYR Z 40 -23.91 -26.93 -41.31
C TYR Z 40 -23.28 -26.70 -39.95
N THR Z 41 -23.37 -25.49 -39.41
CA THR Z 41 -22.83 -25.29 -38.07
C THR Z 41 -23.79 -24.41 -37.29
N ALA Z 42 -24.00 -24.78 -36.04
CA ALA Z 42 -24.65 -23.92 -35.06
C ALA Z 42 -23.67 -23.62 -33.95
N THR Z 43 -23.82 -22.45 -33.35
CA THR Z 43 -22.91 -21.95 -32.33
C THR Z 43 -23.72 -21.48 -31.13
N GLY Z 44 -23.42 -22.03 -29.96
CA GLY Z 44 -23.92 -21.52 -28.69
C GLY Z 44 -22.80 -20.73 -28.02
N ILE Z 45 -23.15 -19.68 -27.28
CA ILE Z 45 -22.18 -18.89 -26.54
C ILE Z 45 -22.71 -18.62 -25.14
N ALA Z 46 -21.95 -19.02 -24.13
CA ALA Z 46 -22.23 -18.69 -22.73
C ALA Z 46 -21.38 -17.49 -22.33
N GLY Z 47 -21.89 -16.72 -21.37
CA GLY Z 47 -21.06 -15.67 -20.82
C GLY Z 47 -21.70 -14.32 -21.07
N THR Z 48 -20.90 -13.26 -21.00
CA THR Z 48 -21.38 -11.90 -21.16
C THR Z 48 -22.25 -11.78 -22.40
N ALA Z 49 -23.46 -11.23 -22.23
CA ALA Z 49 -24.44 -11.24 -23.31
C ALA Z 49 -23.97 -10.45 -24.53
N ALA Z 50 -23.43 -9.26 -24.30
CA ALA Z 50 -22.94 -8.45 -25.41
C ALA Z 50 -21.89 -9.21 -26.23
N VAL Z 51 -20.77 -9.57 -25.58
CA VAL Z 51 -19.69 -10.29 -26.23
C VAL Z 51 -20.20 -11.54 -26.93
N ALA Z 52 -21.19 -12.21 -26.35
CA ALA Z 52 -21.75 -13.42 -26.94
C ALA Z 52 -22.42 -13.12 -28.27
N VAL Z 53 -23.38 -12.20 -28.28
CA VAL Z 53 -24.13 -11.95 -29.51
C VAL Z 53 -23.22 -11.42 -30.60
N GLU Z 54 -22.24 -10.61 -30.20
CA GLU Z 54 -21.25 -10.09 -31.14
C GLU Z 54 -20.41 -11.20 -31.76
N PHE Z 55 -19.83 -12.07 -30.93
CA PHE Z 55 -19.10 -13.24 -31.44
C PHE Z 55 -19.92 -13.95 -32.50
N ALA Z 56 -21.12 -14.38 -32.14
CA ALA Z 56 -21.95 -15.14 -33.07
C ALA Z 56 -22.13 -14.42 -34.40
N ARG Z 57 -22.50 -13.14 -34.33
CA ARG Z 57 -22.75 -12.36 -35.54
C ARG Z 57 -21.51 -12.27 -36.43
N LEU Z 58 -20.38 -11.89 -35.84
CA LEU Z 58 -19.16 -11.65 -36.59
C LEU Z 58 -18.62 -12.94 -37.20
N TYR Z 59 -18.68 -14.04 -36.46
CA TYR Z 59 -18.23 -15.33 -36.97
C TYR Z 59 -19.06 -15.77 -38.16
N ALA Z 60 -20.39 -15.66 -38.06
CA ALA Z 60 -21.24 -15.97 -39.20
C ALA Z 60 -20.86 -15.14 -40.42
N VAL Z 61 -20.59 -13.85 -40.21
CA VAL Z 61 -20.18 -12.97 -41.30
C VAL Z 61 -18.90 -13.47 -41.95
N GLU Z 62 -17.93 -13.88 -41.15
CA GLU Z 62 -16.63 -14.27 -41.68
C GLU Z 62 -16.72 -15.59 -42.46
N LEU Z 63 -17.37 -16.61 -41.89
CA LEU Z 63 -17.60 -17.85 -42.64
C LEU Z 63 -18.18 -17.55 -44.02
N GLU Z 64 -19.28 -16.79 -44.04
CA GLU Z 64 -19.96 -16.52 -45.30
C GLU Z 64 -19.14 -15.65 -46.25
N HIS Z 65 -18.30 -14.78 -45.69
CA HIS Z 65 -17.45 -13.91 -46.50
C HIS Z 65 -16.42 -14.73 -47.28
N TYR Z 66 -15.69 -15.59 -46.57
CA TYR Z 66 -14.74 -16.45 -47.28
C TYR Z 66 -15.47 -17.31 -48.29
N GLU Z 67 -16.65 -17.81 -47.94
CA GLU Z 67 -17.43 -18.60 -48.89
C GLU Z 67 -17.73 -17.84 -50.16
N LYS Z 68 -18.04 -16.53 -50.05
CA LYS Z 68 -18.35 -15.76 -51.26
C LYS Z 68 -17.09 -15.45 -52.07
N LEU Z 69 -15.97 -15.23 -51.39
CA LEU Z 69 -14.74 -14.92 -52.12
C LEU Z 69 -14.19 -16.16 -52.85
N GLU Z 70 -14.15 -17.31 -52.19
CA GLU Z 70 -13.50 -18.48 -52.76
C GLU Z 70 -14.45 -19.44 -53.45
N GLY Z 71 -15.75 -19.25 -53.34
CA GLY Z 71 -16.64 -20.17 -54.01
C GLY Z 71 -16.75 -21.53 -53.36
N VAL Z 72 -16.27 -21.70 -52.14
CA VAL Z 72 -16.45 -22.98 -51.46
C VAL Z 72 -16.31 -22.78 -49.95
N PRO Z 73 -17.16 -23.37 -49.11
CA PRO Z 73 -16.99 -23.17 -47.66
C PRO Z 73 -15.66 -23.74 -47.20
N LEU Z 74 -15.16 -23.17 -46.10
CA LEU Z 74 -14.00 -23.73 -45.43
C LEU Z 74 -14.31 -25.18 -45.02
N THR Z 75 -13.25 -25.96 -44.80
CA THR Z 75 -13.47 -27.24 -44.15
C THR Z 75 -13.80 -27.03 -42.68
N PHE Z 76 -14.34 -28.07 -42.04
CA PHE Z 76 -14.68 -27.94 -40.63
C PHE Z 76 -13.46 -27.54 -39.80
N ALA Z 77 -12.27 -27.96 -40.25
CA ALA Z 77 -11.04 -27.60 -39.57
C ALA Z 77 -10.79 -26.09 -39.64
N GLY Z 78 -10.95 -25.50 -40.82
CA GLY Z 78 -10.76 -24.05 -40.93
C GLY Z 78 -11.72 -23.27 -40.06
N LYS Z 79 -13.00 -23.66 -40.09
CA LYS Z 79 -14.01 -23.04 -39.22
C LYS Z 79 -13.58 -23.10 -37.76
N ILE Z 80 -13.22 -24.29 -37.29
CA ILE Z 80 -12.70 -24.44 -35.93
C ILE Z 80 -11.60 -23.43 -35.67
N ASN Z 81 -10.69 -23.28 -36.64
CA ASN Z 81 -9.55 -22.39 -36.41
C ASN Z 81 -9.97 -20.94 -36.27
N ARG Z 82 -10.83 -20.46 -37.16
CA ARG Z 82 -11.23 -19.06 -37.09
C ARG Z 82 -11.95 -18.75 -35.79
N LEU Z 83 -12.89 -19.62 -35.39
CA LEU Z 83 -13.57 -19.44 -34.11
C LEU Z 83 -12.57 -19.37 -32.97
N ALA Z 84 -11.57 -20.26 -32.99
CA ALA Z 84 -10.53 -20.27 -31.96
C ALA Z 84 -9.76 -18.96 -31.93
N ILE Z 85 -9.49 -18.38 -33.10
CA ILE Z 85 -8.72 -17.15 -33.15
C ILE Z 85 -9.53 -15.98 -32.60
N MET Z 86 -10.82 -15.93 -32.93
CA MET Z 86 -11.68 -14.94 -32.30
C MET Z 86 -11.64 -15.06 -30.78
N VAL Z 87 -11.84 -16.29 -30.27
CA VAL Z 87 -11.87 -16.51 -28.82
C VAL Z 87 -10.58 -16.06 -28.18
N ARG Z 88 -9.45 -16.42 -28.79
CA ARG Z 88 -8.15 -15.98 -28.31
C ARG Z 88 -8.03 -14.47 -28.32
N GLY Z 89 -8.69 -13.81 -29.27
CA GLY Z 89 -8.64 -12.36 -29.32
C GLY Z 89 -9.40 -11.68 -28.20
N ASN Z 90 -10.44 -12.30 -27.69
CA ASN Z 90 -11.18 -11.70 -26.59
C ASN Z 90 -10.54 -11.93 -25.23
N LEU Z 91 -9.33 -12.53 -25.17
CA LEU Z 91 -8.78 -12.96 -23.89
C LEU Z 91 -8.52 -11.78 -22.94
N ALA Z 92 -7.98 -10.68 -23.47
CA ALA Z 92 -7.69 -9.52 -22.62
C ALA Z 92 -8.94 -9.02 -21.92
N ALA Z 93 -10.05 -8.92 -22.67
CA ALA Z 93 -11.32 -8.48 -22.10
C ALA Z 93 -11.94 -9.53 -21.20
N ALA Z 94 -11.68 -10.82 -21.45
CA ALA Z 94 -12.18 -11.88 -20.59
C ALA Z 94 -11.54 -11.83 -19.21
N MET Z 95 -10.26 -11.45 -19.12
CA MET Z 95 -9.65 -11.23 -17.81
C MET Z 95 -10.26 -10.03 -17.10
N GLN Z 96 -10.71 -9.04 -17.86
CA GLN Z 96 -11.40 -7.89 -17.29
C GLN Z 96 -12.86 -8.19 -16.96
N GLY Z 97 -13.32 -9.42 -17.12
CA GLY Z 97 -14.70 -9.76 -16.85
C GLY Z 97 -15.60 -9.98 -18.06
N LEU Z 98 -15.23 -9.61 -19.27
CA LEU Z 98 -16.15 -9.78 -20.41
C LEU Z 98 -15.93 -11.13 -21.10
N LEU Z 99 -16.01 -12.25 -20.36
CA LEU Z 99 -15.68 -13.56 -20.91
C LEU Z 99 -16.84 -14.14 -21.69
N ALA Z 100 -16.55 -14.76 -22.84
CA ALA Z 100 -17.57 -15.44 -23.64
C ALA Z 100 -16.99 -16.73 -24.19
N LEU Z 101 -17.64 -17.86 -23.89
CA LEU Z 101 -17.14 -19.16 -24.34
C LEU Z 101 -18.12 -19.79 -25.31
N PRO Z 102 -17.63 -20.17 -26.50
CA PRO Z 102 -18.46 -20.82 -27.51
C PRO Z 102 -18.33 -22.34 -27.53
N LEU Z 103 -19.45 -22.96 -27.86
CA LEU Z 103 -19.56 -24.39 -28.12
C LEU Z 103 -20.09 -24.54 -29.53
N LEU Z 104 -19.35 -25.25 -30.37
CA LEU Z 104 -19.59 -25.27 -31.81
C LEU Z 104 -20.01 -26.66 -32.22
N ALA Z 105 -21.19 -26.77 -32.83
CA ALA Z 105 -21.70 -28.04 -33.35
C ALA Z 105 -21.77 -27.95 -34.85
N GLY Z 106 -21.30 -29.00 -35.52
CA GLY Z 106 -21.34 -28.99 -36.97
C GLY Z 106 -21.54 -30.38 -37.53
N TYR Z 107 -21.92 -30.42 -38.80
CA TYR Z 107 -22.05 -31.68 -39.50
C TYR Z 107 -21.10 -31.66 -40.68
N ASP Z 108 -20.06 -32.48 -40.60
CA ASP Z 108 -19.05 -32.52 -41.65
C ASP Z 108 -19.60 -33.26 -42.85
N ILE Z 109 -19.77 -32.56 -43.97
CA ILE Z 109 -20.21 -33.21 -45.19
C ILE Z 109 -19.09 -34.05 -45.79
N HIS Z 110 -17.83 -33.70 -45.54
CA HIS Z 110 -16.68 -34.40 -46.12
C HIS Z 110 -16.23 -35.62 -45.33
N ALA Z 111 -16.79 -35.85 -44.15
CA ALA Z 111 -16.39 -37.01 -43.37
C ALA Z 111 -16.69 -38.28 -44.15
N SER Z 112 -16.01 -39.36 -43.78
CA SER Z 112 -16.14 -40.62 -44.51
C SER Z 112 -17.46 -41.30 -44.20
N ASP Z 113 -17.71 -41.59 -42.90
CA ASP Z 113 -18.95 -42.23 -42.49
C ASP Z 113 -20.02 -41.19 -42.18
N PRO Z 114 -21.15 -41.19 -42.89
CA PRO Z 114 -22.22 -40.23 -42.59
C PRO Z 114 -22.80 -40.40 -41.20
N GLN Z 115 -22.87 -41.63 -40.68
CA GLN Z 115 -23.48 -41.86 -39.36
C GLN Z 115 -22.67 -41.23 -38.23
N SER Z 116 -21.40 -40.91 -38.46
CA SER Z 116 -20.58 -40.28 -37.42
C SER Z 116 -19.95 -38.99 -37.91
N ALA Z 117 -20.55 -38.34 -38.91
CA ALA Z 117 -20.07 -37.03 -39.35
C ALA Z 117 -20.41 -35.89 -38.40
N GLY Z 118 -21.14 -36.17 -37.31
CA GLY Z 118 -21.42 -35.12 -36.35
C GLY Z 118 -20.17 -34.67 -35.65
N ARG Z 119 -20.16 -33.40 -35.23
CA ARG Z 119 -18.95 -32.83 -34.66
C ARG Z 119 -19.31 -31.88 -33.52
N ILE Z 120 -18.64 -32.04 -32.39
CA ILE Z 120 -18.80 -31.13 -31.27
C ILE Z 120 -17.43 -30.63 -30.86
N VAL Z 121 -17.31 -29.33 -30.64
CA VAL Z 121 -16.02 -28.69 -30.37
C VAL Z 121 -16.19 -27.70 -29.23
N SER Z 122 -15.28 -27.76 -28.26
CA SER Z 122 -15.37 -26.91 -27.08
C SER Z 122 -14.11 -26.05 -26.96
N PHE Z 123 -14.28 -24.86 -26.40
CA PHE Z 123 -13.21 -23.88 -26.30
C PHE Z 123 -13.07 -23.39 -24.86
N ASP Z 124 -11.86 -23.01 -24.51
CA ASP Z 124 -11.59 -22.34 -23.24
C ASP Z 124 -11.37 -20.86 -23.51
N ALA Z 125 -11.15 -20.10 -22.43
CA ALA Z 125 -10.93 -18.66 -22.56
C ALA Z 125 -9.66 -18.32 -23.32
N ALA Z 126 -8.71 -19.26 -23.41
CA ALA Z 126 -7.42 -18.98 -24.05
C ALA Z 126 -7.38 -19.45 -25.50
N GLY Z 127 -8.52 -19.77 -26.11
CA GLY Z 127 -8.58 -20.08 -27.52
C GLY Z 127 -8.26 -21.50 -27.89
N GLY Z 128 -7.64 -22.27 -26.99
CA GLY Z 128 -7.49 -23.69 -27.25
C GLY Z 128 -8.83 -24.37 -27.42
N TRP Z 129 -8.85 -25.39 -28.26
CA TRP Z 129 -10.09 -26.10 -28.54
C TRP Z 129 -9.86 -27.59 -28.44
N ASN Z 130 -10.96 -28.33 -28.35
CA ASN Z 130 -10.89 -29.77 -28.18
C ASN Z 130 -12.08 -30.40 -28.88
N ILE Z 131 -11.82 -31.42 -29.68
CA ILE Z 131 -12.87 -32.14 -30.40
C ILE Z 131 -13.39 -33.23 -29.48
N GLU Z 132 -14.62 -33.05 -29.03
CA GLU Z 132 -15.22 -33.97 -28.08
C GLU Z 132 -15.51 -35.31 -28.76
N GLU Z 133 -15.24 -36.39 -28.04
CA GLU Z 133 -15.36 -37.73 -28.58
C GLU Z 133 -16.12 -38.69 -27.67
N GLU Z 134 -16.55 -38.24 -26.49
CA GLU Z 134 -17.45 -39.02 -25.66
C GLU Z 134 -18.92 -38.69 -25.94
N GLY Z 135 -19.24 -38.01 -27.03
CA GLY Z 135 -20.60 -37.92 -27.49
C GLY Z 135 -21.43 -36.71 -27.06
N TYR Z 136 -20.93 -35.84 -26.19
CA TYR Z 136 -21.76 -34.73 -25.74
C TYR Z 136 -20.89 -33.68 -25.07
N GLN Z 137 -21.44 -32.49 -24.96
CA GLN Z 137 -20.70 -31.41 -24.33
C GLN Z 137 -21.71 -30.40 -23.79
N ALA Z 138 -21.24 -29.51 -22.94
CA ALA Z 138 -22.10 -28.44 -22.45
C ALA Z 138 -21.23 -27.28 -22.01
N VAL Z 139 -21.83 -26.11 -21.88
CA VAL Z 139 -21.13 -24.91 -21.41
C VAL Z 139 -22.09 -24.06 -20.60
N GLY Z 140 -21.54 -23.34 -19.62
CA GLY Z 140 -22.30 -22.42 -18.80
C GLY Z 140 -22.33 -22.86 -17.33
N SER Z 141 -23.02 -22.04 -16.53
CA SER Z 141 -23.05 -22.28 -15.09
C SER Z 141 -23.66 -23.63 -14.74
N GLY Z 142 -24.57 -24.15 -15.55
CA GLY Z 142 -25.18 -25.42 -15.30
C GLY Z 142 -24.51 -26.57 -16.02
N SER Z 143 -23.35 -26.34 -16.62
CA SER Z 143 -22.77 -27.35 -17.49
C SER Z 143 -22.44 -28.65 -16.73
N LEU Z 144 -22.00 -28.55 -15.48
CA LEU Z 144 -21.62 -29.78 -14.78
C LEU Z 144 -22.82 -30.67 -14.52
N PHE Z 145 -23.94 -30.07 -14.11
CA PHE Z 145 -25.14 -30.85 -13.87
C PHE Z 145 -25.67 -31.45 -15.17
N ALA Z 146 -25.55 -30.71 -16.27
CA ALA Z 146 -26.02 -31.16 -17.58
C ALA Z 146 -25.20 -32.33 -18.07
N LYS Z 147 -23.87 -32.24 -17.96
CA LYS Z 147 -23.01 -33.35 -18.35
C LYS Z 147 -23.24 -34.57 -17.49
N SER Z 148 -23.36 -34.38 -16.16
CA SER Z 148 -23.60 -35.53 -15.31
C SER Z 148 -24.96 -36.15 -15.57
N SER Z 149 -25.90 -35.36 -16.10
CA SER Z 149 -27.16 -35.96 -16.51
C SER Z 149 -27.02 -36.73 -17.81
N MET Z 150 -26.32 -36.17 -18.79
CA MET Z 150 -26.22 -36.83 -20.08
C MET Z 150 -25.39 -38.10 -20.01
N LYS Z 151 -24.42 -38.16 -19.11
CA LYS Z 151 -23.62 -39.37 -18.96
C LYS Z 151 -24.51 -40.57 -18.69
N LYS Z 152 -25.55 -40.39 -17.88
CA LYS Z 152 -26.46 -41.49 -17.58
C LYS Z 152 -27.51 -41.65 -18.68
N LEU Z 153 -28.03 -40.54 -19.21
CA LEU Z 153 -29.14 -40.65 -20.15
C LEU Z 153 -28.71 -40.99 -21.58
N TYR Z 154 -27.42 -41.05 -21.86
CA TYR Z 154 -26.95 -41.05 -23.24
C TYR Z 154 -27.10 -42.39 -23.95
N SER Z 155 -27.19 -43.48 -23.21
CA SER Z 155 -27.46 -44.76 -23.86
C SER Z 155 -28.85 -44.82 -24.49
N GLN Z 156 -29.75 -43.90 -24.13
CA GLN Z 156 -31.08 -43.85 -24.72
C GLN Z 156 -31.11 -43.18 -26.08
N VAL Z 157 -30.03 -42.52 -26.47
CA VAL Z 157 -30.02 -41.74 -27.71
C VAL Z 157 -29.84 -42.69 -28.88
N THR Z 158 -30.84 -42.74 -29.77
CA THR Z 158 -30.77 -43.63 -30.93
C THR Z 158 -31.12 -42.97 -32.26
N ASP Z 159 -31.61 -41.74 -32.26
CA ASP Z 159 -32.05 -41.07 -33.48
C ASP Z 159 -32.12 -39.58 -33.19
N GLY Z 160 -32.74 -38.84 -34.11
CA GLY Z 160 -32.86 -37.41 -33.90
C GLY Z 160 -33.80 -37.06 -32.76
N ASP Z 161 -34.92 -37.76 -32.68
CA ASP Z 161 -35.90 -37.37 -31.66
C ASP Z 161 -35.47 -37.76 -30.25
N SER Z 162 -35.03 -39.01 -30.04
CA SER Z 162 -34.55 -39.38 -28.72
C SER Z 162 -33.40 -38.49 -28.27
N GLY Z 163 -32.49 -38.16 -29.19
CA GLY Z 163 -31.43 -37.22 -28.87
C GLY Z 163 -31.96 -35.87 -28.45
N LEU Z 164 -33.02 -35.40 -29.11
CA LEU Z 164 -33.62 -34.15 -28.70
C LEU Z 164 -34.21 -34.22 -27.29
N ARG Z 165 -34.92 -35.31 -26.98
CA ARG Z 165 -35.49 -35.46 -25.65
C ARG Z 165 -34.40 -35.47 -24.59
N VAL Z 166 -33.29 -36.17 -24.85
CA VAL Z 166 -32.20 -36.21 -23.90
C VAL Z 166 -31.62 -34.83 -23.69
N ALA Z 167 -31.48 -34.05 -24.77
CA ALA Z 167 -31.03 -32.67 -24.62
C ALA Z 167 -31.93 -31.88 -23.68
N VAL Z 168 -33.24 -31.90 -23.94
CA VAL Z 168 -34.18 -31.14 -23.12
C VAL Z 168 -34.11 -31.58 -21.66
N GLU Z 169 -34.00 -32.89 -21.43
CA GLU Z 169 -33.91 -33.36 -20.04
C GLU Z 169 -32.66 -32.85 -19.36
N ALA Z 170 -31.51 -32.96 -20.03
CA ALA Z 170 -30.27 -32.44 -19.45
C ALA Z 170 -30.41 -30.98 -19.05
N LEU Z 171 -31.03 -30.17 -19.92
CA LEU Z 171 -31.31 -28.79 -19.56
C LEU Z 171 -32.18 -28.71 -18.31
N TYR Z 172 -33.23 -29.55 -18.23
CA TYR Z 172 -34.11 -29.54 -17.08
C TYR Z 172 -33.36 -29.80 -15.77
N ASP Z 173 -32.33 -30.65 -15.82
CA ASP Z 173 -31.62 -30.94 -14.57
C ASP Z 173 -30.64 -29.83 -14.24
N ALA Z 174 -29.96 -29.29 -15.24
CA ALA Z 174 -29.18 -28.07 -15.04
C ALA Z 174 -30.01 -27.03 -14.30
N ALA Z 175 -31.17 -26.66 -14.85
CA ALA Z 175 -32.02 -25.67 -14.20
C ALA Z 175 -32.48 -26.13 -12.82
N ASP Z 176 -32.65 -27.45 -12.65
CA ASP Z 176 -33.18 -27.93 -11.38
C ASP Z 176 -32.21 -27.73 -10.25
N ASP Z 177 -30.90 -27.74 -10.54
CA ASP Z 177 -29.89 -27.63 -9.51
C ASP Z 177 -29.10 -26.32 -9.53
N ASP Z 178 -29.38 -25.44 -10.46
CA ASP Z 178 -28.72 -24.14 -10.55
C ASP Z 178 -29.76 -23.07 -10.82
N SER Z 179 -29.63 -21.92 -10.15
CA SER Z 179 -30.65 -20.88 -10.20
C SER Z 179 -30.47 -19.91 -11.36
N ALA Z 180 -29.27 -19.83 -11.92
CA ALA Z 180 -28.97 -18.98 -13.08
C ALA Z 180 -29.48 -19.57 -14.39
N THR Z 181 -29.93 -20.82 -14.39
CA THR Z 181 -30.47 -21.48 -15.58
C THR Z 181 -31.97 -21.59 -15.45
N GLY Z 182 -32.70 -21.09 -16.45
CA GLY Z 182 -34.14 -21.15 -16.44
C GLY Z 182 -34.65 -22.48 -16.98
N GLY Z 183 -35.67 -23.03 -16.32
CA GLY Z 183 -36.36 -24.20 -16.82
C GLY Z 183 -37.54 -23.82 -17.70
N PRO Z 184 -38.24 -24.83 -18.21
CA PRO Z 184 -39.45 -24.56 -19.00
C PRO Z 184 -40.48 -23.80 -18.18
N ASP Z 185 -40.86 -22.61 -18.67
CA ASP Z 185 -41.88 -21.80 -17.99
C ASP Z 185 -43.22 -22.24 -18.56
N LEU Z 186 -43.98 -23.01 -17.77
CA LEU Z 186 -45.27 -23.46 -18.25
C LEU Z 186 -46.28 -22.33 -18.24
N VAL Z 187 -46.08 -21.33 -17.38
CA VAL Z 187 -47.05 -20.24 -17.26
C VAL Z 187 -47.00 -19.34 -18.49
N ARG Z 188 -45.81 -18.85 -18.83
CA ARG Z 188 -45.64 -17.98 -19.99
C ARG Z 188 -45.42 -18.73 -21.29
N GLY Z 189 -45.21 -20.05 -21.24
CA GLY Z 189 -45.03 -20.82 -22.45
C GLY Z 189 -43.70 -20.57 -23.14
N ILE Z 190 -42.61 -20.47 -22.38
CA ILE Z 190 -41.29 -20.24 -22.94
C ILE Z 190 -40.43 -21.46 -22.67
N PHE Z 191 -39.89 -22.04 -23.72
CA PHE Z 191 -39.19 -23.32 -23.64
C PHE Z 191 -37.79 -23.15 -24.22
N PRO Z 192 -36.88 -24.10 -23.95
CA PRO Z 192 -35.52 -23.98 -24.51
C PRO Z 192 -35.57 -23.94 -26.02
N THR Z 193 -34.52 -23.41 -26.62
CA THR Z 193 -34.43 -23.43 -28.07
C THR Z 193 -33.49 -24.54 -28.52
N ALA Z 194 -33.76 -25.07 -29.70
CA ALA Z 194 -33.00 -26.21 -30.18
C ALA Z 194 -32.74 -26.10 -31.68
N VAL Z 195 -31.58 -26.58 -32.10
CA VAL Z 195 -31.20 -26.64 -33.50
C VAL Z 195 -30.76 -28.06 -33.81
N ILE Z 196 -31.22 -28.59 -34.94
CA ILE Z 196 -30.83 -29.93 -35.38
C ILE Z 196 -30.07 -29.80 -36.69
N ILE Z 197 -28.91 -30.46 -36.76
CA ILE Z 197 -28.11 -30.49 -37.97
C ILE Z 197 -27.94 -31.93 -38.40
N ASP Z 198 -28.23 -32.22 -39.66
CA ASP Z 198 -27.94 -33.53 -40.23
C ASP Z 198 -27.53 -33.32 -41.68
N ALA Z 199 -27.47 -34.43 -42.44
CA ALA Z 199 -27.08 -34.40 -43.85
C ALA Z 199 -27.73 -33.28 -44.66
N ASP Z 200 -28.92 -32.83 -44.26
CA ASP Z 200 -29.67 -31.83 -45.04
C ASP Z 200 -29.48 -30.40 -44.56
N GLY Z 201 -28.61 -30.16 -43.60
CA GLY Z 201 -28.36 -28.83 -43.10
C GLY Z 201 -28.83 -28.64 -41.67
N ALA Z 202 -29.05 -27.38 -41.31
CA ALA Z 202 -29.44 -26.98 -39.98
C ALA Z 202 -30.84 -26.38 -39.99
N VAL Z 203 -31.71 -26.87 -39.13
CA VAL Z 203 -33.04 -26.31 -38.99
C VAL Z 203 -33.34 -26.08 -37.51
N ASP Z 204 -34.10 -25.04 -37.24
CA ASP Z 204 -34.56 -24.80 -35.88
C ASP Z 204 -35.70 -25.74 -35.55
N VAL Z 205 -35.64 -26.37 -34.40
CA VAL Z 205 -36.78 -27.17 -33.95
C VAL Z 205 -37.95 -26.24 -33.67
N PRO Z 206 -39.12 -26.46 -34.26
CA PRO Z 206 -40.27 -25.61 -33.96
C PRO Z 206 -40.72 -25.79 -32.51
N GLU Z 207 -41.26 -24.71 -31.95
CA GLU Z 207 -41.44 -24.65 -30.50
C GLU Z 207 -42.34 -25.77 -29.98
N SER Z 208 -43.38 -26.14 -30.75
CA SER Z 208 -44.34 -27.13 -30.26
C SER Z 208 -43.66 -28.43 -29.84
N ARG Z 209 -42.69 -28.90 -30.61
CA ARG Z 209 -42.02 -30.16 -30.28
C ARG Z 209 -41.32 -30.06 -28.92
N ILE Z 210 -40.60 -28.96 -28.70
CA ILE Z 210 -39.94 -28.76 -27.43
C ILE Z 210 -40.96 -28.64 -26.30
N ALA Z 211 -42.12 -28.03 -26.58
CA ALA Z 211 -43.15 -27.93 -25.56
C ALA Z 211 -43.65 -29.30 -25.11
N GLU Z 212 -43.91 -30.19 -26.06
CA GLU Z 212 -44.39 -31.52 -25.74
C GLU Z 212 -43.37 -32.31 -24.95
N LEU Z 213 -42.10 -32.28 -25.40
CA LEU Z 213 -41.05 -32.98 -24.66
C LEU Z 213 -40.94 -32.47 -23.23
N ALA Z 214 -40.95 -31.15 -23.06
CA ALA Z 214 -40.86 -30.58 -21.72
C ALA Z 214 -42.03 -31.00 -20.84
N ARG Z 215 -43.25 -30.99 -21.40
CA ARG Z 215 -44.39 -31.41 -20.60
C ARG Z 215 -44.30 -32.89 -20.23
N ALA Z 216 -43.79 -33.72 -21.14
CA ALA Z 216 -43.60 -35.13 -20.82
C ALA Z 216 -42.62 -35.30 -19.66
N ILE Z 217 -41.50 -34.56 -19.68
CA ILE Z 217 -40.53 -34.68 -18.59
C ILE Z 217 -41.16 -34.24 -17.27
N ILE Z 218 -41.78 -33.06 -17.27
CA ILE Z 218 -42.38 -32.53 -16.07
C ILE Z 218 -43.41 -33.48 -15.47
N GLU Z 219 -44.24 -34.12 -16.32
CA GLU Z 219 -45.20 -35.08 -15.76
C GLU Z 219 -44.51 -36.34 -15.29
N SER Z 220 -43.38 -36.68 -15.90
CA SER Z 220 -42.69 -37.87 -15.45
C SER Z 220 -42.14 -37.68 -14.04
N ARG Z 221 -41.70 -36.47 -13.71
CA ARG Z 221 -41.10 -36.25 -12.40
C ARG Z 221 -42.10 -36.09 -11.27
N SER Z 222 -43.33 -35.70 -11.57
CA SER Z 222 -44.34 -35.52 -10.52
C SER Z 222 -44.72 -36.82 -9.80
N THR AA 1 -34.41 10.58 -11.21
CA THR AA 1 -34.93 10.56 -12.56
C THR AA 1 -35.70 9.27 -12.83
N THR AA 2 -36.65 9.34 -13.75
CA THR AA 2 -37.50 8.20 -14.08
C THR AA 2 -38.19 8.53 -15.38
N ILE AA 3 -38.13 7.61 -16.33
CA ILE AA 3 -38.74 7.78 -17.64
C ILE AA 3 -39.45 6.48 -17.97
N VAL AA 4 -40.77 6.55 -18.15
CA VAL AA 4 -41.56 5.37 -18.47
C VAL AA 4 -41.97 5.43 -19.92
N ALA AA 5 -42.21 4.26 -20.51
CA ALA AA 5 -42.68 4.18 -21.89
C ALA AA 5 -43.60 2.98 -21.98
N LEU AA 6 -44.75 3.13 -22.60
CA LEU AA 6 -45.64 1.99 -22.72
C LEU AA 6 -46.35 2.00 -24.05
N LYS AA 7 -46.56 0.81 -24.62
CA LYS AA 7 -47.31 0.68 -25.86
C LYS AA 7 -48.79 0.66 -25.55
N TYR AA 8 -49.59 1.21 -26.44
CA TYR AA 8 -51.02 1.06 -26.36
C TYR AA 8 -51.51 0.59 -27.73
N PRO AA 9 -52.73 0.11 -27.84
CA PRO AA 9 -53.12 -0.35 -29.17
C PRO AA 9 -52.99 0.85 -30.09
N GLY AA 10 -52.25 0.67 -31.17
CA GLY AA 10 -52.03 1.73 -32.13
C GLY AA 10 -50.94 2.75 -31.87
N GLY AA 11 -50.15 2.67 -30.80
CA GLY AA 11 -49.11 3.67 -30.66
C GLY AA 11 -48.23 3.43 -29.45
N VAL AA 12 -47.42 4.43 -29.12
CA VAL AA 12 -46.53 4.35 -27.98
C VAL AA 12 -46.53 5.68 -27.26
N VAL AA 13 -46.34 5.66 -25.95
CA VAL AA 13 -46.30 6.89 -25.18
C VAL AA 13 -45.06 6.85 -24.29
N MET AA 14 -44.46 8.02 -24.08
CA MET AA 14 -43.22 8.10 -23.32
C MET AA 14 -43.21 9.37 -22.49
N ALA AA 15 -43.09 9.21 -21.16
CA ALA AA 15 -43.16 10.34 -20.23
C ALA AA 15 -41.97 10.35 -19.27
N GLY AA 16 -41.62 11.54 -18.80
CA GLY AA 16 -40.46 11.70 -17.92
C GLY AA 16 -40.69 12.81 -16.92
N ASP AA 17 -40.05 12.71 -15.76
CA ASP AA 17 -40.27 13.70 -14.71
C ASP AA 17 -39.41 14.94 -14.99
N ARG AA 18 -39.27 15.86 -14.02
CA ARG AA 18 -38.58 17.13 -14.27
C ARG AA 18 -37.44 17.50 -13.32
N ARG AA 19 -37.17 16.72 -12.29
CA ARG AA 19 -36.19 17.10 -11.27
C ARG AA 19 -34.79 16.70 -11.71
N SER AA 20 -33.81 17.45 -11.22
CA SER AA 20 -32.40 17.14 -11.40
C SER AA 20 -31.67 17.54 -10.14
N THR AA 21 -30.89 16.64 -9.58
CA THR AA 21 -30.33 16.85 -8.25
C THR AA 21 -28.81 16.89 -8.29
N GLN AA 22 -28.21 17.35 -7.19
CA GLN AA 22 -26.79 17.14 -6.90
C GLN AA 22 -26.74 16.67 -5.46
N GLY AA 23 -26.63 15.35 -5.25
CA GLY AA 23 -26.67 14.87 -3.89
C GLY AA 23 -28.09 15.02 -3.39
N ASN AA 24 -28.26 15.58 -2.18
CA ASN AA 24 -29.57 15.81 -1.59
C ASN AA 24 -30.23 17.10 -2.07
N MET AA 25 -29.54 17.88 -2.92
CA MET AA 25 -29.96 19.23 -3.26
C MET AA 25 -30.71 19.27 -4.59
N ILE AA 26 -31.90 19.85 -4.58
CA ILE AA 26 -32.76 19.91 -5.75
C ILE AA 26 -32.26 21.07 -6.62
N SER AA 27 -31.72 20.77 -7.80
CA SER AA 27 -31.06 21.82 -8.59
C SER AA 27 -31.83 22.26 -9.82
N GLY AA 28 -32.70 21.41 -10.35
CA GLY AA 28 -33.46 21.83 -11.52
C GLY AA 28 -34.88 21.33 -11.36
N ARG AA 29 -35.85 22.24 -11.49
CA ARG AA 29 -37.26 21.94 -11.29
C ARG AA 29 -38.03 21.79 -12.60
N ASP AA 30 -37.35 21.89 -13.76
CA ASP AA 30 -38.05 21.90 -15.04
C ASP AA 30 -37.20 21.39 -16.19
N VAL AA 31 -36.31 20.43 -15.92
CA VAL AA 31 -35.52 19.81 -16.99
C VAL AA 31 -36.44 18.99 -17.88
N ARG AA 32 -36.15 18.96 -19.19
CA ARG AA 32 -36.89 18.12 -20.12
C ARG AA 32 -36.00 16.94 -20.53
N LYS AA 33 -36.44 15.73 -20.20
CA LYS AA 33 -35.60 14.56 -20.41
C LYS AA 33 -36.02 13.68 -21.59
N VAL AA 34 -37.14 13.99 -22.24
CA VAL AA 34 -37.67 13.21 -23.35
C VAL AA 34 -37.62 14.07 -24.59
N TYR AA 35 -36.87 13.64 -25.60
CA TYR AA 35 -36.71 14.39 -26.84
C TYR AA 35 -37.42 13.66 -27.98
N ILE AA 36 -37.81 14.41 -29.00
CA ILE AA 36 -38.33 13.82 -30.23
C ILE AA 36 -37.15 13.75 -31.21
N THR AA 37 -36.47 12.61 -31.25
CA THR AA 37 -35.29 12.53 -32.10
C THR AA 37 -35.67 12.53 -33.57
N ASP AA 38 -36.86 12.02 -33.90
CA ASP AA 38 -37.31 12.08 -35.28
C ASP AA 38 -38.81 11.82 -35.33
N ASP AA 39 -39.36 11.87 -36.55
CA ASP AA 39 -40.80 11.82 -36.78
C ASP AA 39 -41.43 10.54 -36.25
N TYR AA 40 -40.63 9.54 -35.89
CA TYR AA 40 -41.19 8.30 -35.41
C TYR AA 40 -40.44 7.73 -34.21
N THR AA 41 -39.51 8.47 -33.64
CA THR AA 41 -38.83 7.96 -32.46
C THR AA 41 -38.67 9.09 -31.46
N ALA AA 42 -38.92 8.77 -30.19
CA ALA AA 42 -38.55 9.62 -29.08
C ALA AA 42 -37.55 8.88 -28.21
N THR AA 43 -36.68 9.64 -27.57
CA THR AA 43 -35.60 9.10 -26.77
C THR AA 43 -35.59 9.77 -25.40
N GLY AA 44 -35.67 8.97 -24.35
CA GLY AA 44 -35.43 9.43 -22.99
C GLY AA 44 -34.03 8.98 -22.57
N ILE AA 45 -33.36 9.79 -21.74
CA ILE AA 45 -32.03 9.43 -21.23
C ILE AA 45 -31.98 9.75 -19.74
N ALA AA 46 -31.67 8.73 -18.94
CA ALA AA 46 -31.41 8.88 -17.52
C ALA AA 46 -29.91 8.97 -17.28
N GLY AA 47 -29.51 9.65 -16.22
CA GLY AA 47 -28.12 9.63 -15.85
C GLY AA 47 -27.54 11.01 -15.91
N THR AA 48 -26.21 11.09 -16.01
CA THR AA 48 -25.50 12.36 -16.02
C THR AA 48 -26.12 13.32 -17.02
N ALA AA 49 -26.44 14.54 -16.57
CA ALA AA 49 -27.22 15.45 -17.40
C ALA AA 49 -26.47 15.85 -18.67
N ALA AA 50 -25.19 16.17 -18.54
CA ALA AA 50 -24.40 16.54 -19.72
C ALA AA 50 -24.44 15.44 -20.77
N VAL AA 51 -23.92 14.25 -20.41
CA VAL AA 51 -23.87 13.11 -21.30
C VAL AA 51 -25.23 12.81 -21.90
N ALA AA 52 -26.29 13.00 -21.12
CA ALA AA 52 -27.63 12.74 -21.60
C ALA AA 52 -28.02 13.68 -22.74
N VAL AA 53 -27.93 14.99 -22.50
CA VAL AA 53 -28.38 15.94 -23.52
C VAL AA 53 -27.53 15.81 -24.78
N GLU AA 54 -26.24 15.54 -24.59
CA GLU AA 54 -25.33 15.33 -25.72
C GLU AA 54 -25.74 14.11 -26.54
N PHE AA 55 -25.92 12.95 -25.88
CA PHE AA 55 -26.42 11.76 -26.58
C PHE AA 55 -27.61 12.10 -27.44
N ALA AA 56 -28.66 12.64 -26.82
CA ALA AA 56 -29.89 12.93 -27.55
C ALA AA 56 -29.62 13.78 -28.79
N ARG AA 57 -28.88 14.88 -28.61
CA ARG AA 57 -28.60 15.79 -29.72
C ARG AA 57 -27.86 15.10 -30.86
N LEU AA 58 -26.78 14.41 -30.53
CA LEU AA 58 -25.92 13.79 -31.55
C LEU AA 58 -26.64 12.67 -32.29
N TYR AA 59 -27.43 11.87 -31.58
CA TYR AA 59 -28.19 10.80 -32.21
C TYR AA 59 -29.21 11.35 -33.18
N ALA AA 60 -29.95 12.39 -32.77
CA ALA AA 60 -30.88 13.03 -33.70
C ALA AA 60 -30.16 13.51 -34.96
N VAL AA 61 -28.97 14.11 -34.78
CA VAL AA 61 -28.19 14.58 -35.92
C VAL AA 61 -27.85 13.44 -36.86
N GLU AA 62 -27.44 12.30 -36.31
CA GLU AA 62 -26.99 11.20 -37.13
C GLU AA 62 -28.14 10.56 -37.90
N LEU AA 63 -29.25 10.27 -37.22
CA LEU AA 63 -30.44 9.78 -37.93
C LEU AA 63 -30.77 10.65 -39.12
N GLU AA 64 -30.90 11.96 -38.88
CA GLU AA 64 -31.29 12.88 -39.94
C GLU AA 64 -30.22 13.02 -41.03
N HIS AA 65 -28.95 12.85 -40.67
CA HIS AA 65 -27.86 12.95 -41.64
C HIS AA 65 -27.93 11.80 -42.63
N TYR AA 66 -28.02 10.57 -42.14
CA TYR AA 66 -28.18 9.44 -43.06
C TYR AA 66 -29.43 9.61 -43.91
N GLU AA 67 -30.51 10.09 -43.30
CA GLU AA 67 -31.74 10.34 -44.06
C GLU AA 67 -31.50 11.31 -45.22
N LYS AA 68 -30.70 12.36 -45.01
CA LYS AA 68 -30.46 13.31 -46.08
C LYS AA 68 -29.53 12.74 -47.16
N LEU AA 69 -28.56 11.92 -46.76
CA LEU AA 69 -27.66 11.34 -47.75
C LEU AA 69 -28.33 10.28 -48.60
N GLU AA 70 -29.11 9.39 -48.00
CA GLU AA 70 -29.65 8.24 -48.73
C GLU AA 70 -31.08 8.45 -49.20
N GLY AA 71 -31.75 9.52 -48.79
CA GLY AA 71 -33.10 9.71 -49.26
C GLY AA 71 -34.13 8.80 -48.64
N VAL AA 72 -33.79 8.10 -47.57
CA VAL AA 72 -34.79 7.27 -46.89
C VAL AA 72 -34.35 7.01 -45.46
N PRO AA 73 -35.23 7.09 -44.44
CA PRO AA 73 -34.78 6.82 -43.08
C PRO AA 73 -34.31 5.39 -42.94
N LEU AA 74 -33.42 5.18 -41.97
CA LEU AA 74 -33.02 3.84 -41.60
C LEU AA 74 -34.25 3.05 -41.17
N THR AA 75 -34.16 1.73 -41.21
CA THR AA 75 -35.19 0.92 -40.56
C THR AA 75 -35.04 1.04 -39.05
N PHE AA 76 -36.09 0.64 -38.32
CA PHE AA 76 -36.02 0.71 -36.87
C PHE AA 76 -34.83 -0.09 -36.33
N ALA AA 77 -34.47 -1.15 -37.05
CA ALA AA 77 -33.31 -1.96 -36.67
C ALA AA 77 -32.01 -1.16 -36.76
N GLY AA 78 -31.81 -0.43 -37.86
CA GLY AA 78 -30.62 0.38 -37.97
C GLY AA 78 -30.51 1.44 -36.88
N LYS AA 79 -31.62 2.14 -36.63
CA LYS AA 79 -31.67 3.12 -35.54
C LYS AA 79 -31.26 2.49 -34.22
N ILE AA 80 -31.88 1.36 -33.87
CA ILE AA 80 -31.48 0.63 -32.66
C ILE AA 80 -29.98 0.41 -32.64
N ASN AA 81 -29.41 0.02 -33.79
CA ASN AA 81 -27.99 -0.29 -33.82
C ASN AA 81 -27.13 0.93 -33.54
N ARG AA 82 -27.42 2.05 -34.20
CA ARG AA 82 -26.61 3.24 -34.02
C ARG AA 82 -26.66 3.72 -32.57
N LEU AA 83 -27.86 3.78 -32.00
CA LEU AA 83 -27.99 4.15 -30.58
C LEU AA 83 -27.15 3.25 -29.70
N ALA AA 84 -27.21 1.94 -29.96
CA ALA AA 84 -26.41 0.97 -29.21
C ALA AA 84 -24.92 1.24 -29.33
N ILE AA 85 -24.46 1.64 -30.51
CA ILE AA 85 -23.03 1.88 -30.71
C ILE AA 85 -22.59 3.12 -29.95
N MET AA 86 -23.41 4.18 -29.99
CA MET AA 86 -23.12 5.34 -29.15
C MET AA 86 -22.99 4.94 -27.67
N VAL AA 87 -23.98 4.20 -27.17
CA VAL AA 87 -23.98 3.81 -25.76
C VAL AA 87 -22.73 3.01 -25.42
N ARG AA 88 -22.38 2.06 -26.29
CA ARG AA 88 -21.15 1.30 -26.10
C ARG AA 88 -19.93 2.19 -26.10
N GLY AA 89 -19.97 3.29 -26.87
CA GLY AA 89 -18.84 4.20 -26.89
C GLY AA 89 -18.65 4.99 -25.61
N ASN AA 90 -19.73 5.25 -24.88
CA ASN AA 90 -19.59 5.98 -23.63
C ASN AA 90 -19.17 5.09 -22.46
N LEU AA 91 -18.87 3.82 -22.69
CA LEU AA 91 -18.67 2.88 -21.58
C LEU AA 91 -17.48 3.27 -20.70
N ALA AA 92 -16.36 3.69 -21.31
CA ALA AA 92 -15.19 4.06 -20.53
C ALA AA 92 -15.51 5.19 -19.54
N ALA AA 93 -16.24 6.20 -20.01
CA ALA AA 93 -16.63 7.32 -19.16
C ALA AA 93 -17.72 6.93 -18.17
N ALA AA 94 -18.54 5.95 -18.50
CA ALA AA 94 -19.57 5.47 -17.57
C ALA AA 94 -18.95 4.78 -16.37
N MET AA 95 -17.83 4.06 -16.58
CA MET AA 95 -17.10 3.50 -15.44
C MET AA 95 -16.48 4.59 -14.58
N GLN AA 96 -16.12 5.71 -15.18
CA GLN AA 96 -15.60 6.86 -14.44
C GLN AA 96 -16.71 7.68 -13.80
N GLY AA 97 -17.96 7.24 -13.87
CA GLY AA 97 -19.07 7.99 -13.31
C GLY AA 97 -19.96 8.74 -14.27
N LEU AA 98 -19.60 8.95 -15.54
CA LEU AA 98 -20.47 9.72 -16.44
C LEU AA 98 -21.45 8.82 -17.19
N LEU AA 99 -22.25 8.02 -16.47
CA LEU AA 99 -23.10 7.03 -17.12
C LEU AA 99 -24.40 7.66 -17.62
N ALA AA 100 -24.83 7.27 -18.83
CA ALA AA 100 -26.11 7.73 -19.38
C ALA AA 100 -26.79 6.57 -20.08
N LEU AA 101 -28.02 6.26 -19.67
CA LEU AA 101 -28.76 5.13 -20.24
C LEU AA 101 -29.98 5.63 -21.00
N PRO AA 102 -30.12 5.25 -22.26
CA PRO AA 102 -31.27 5.63 -23.07
C PRO AA 102 -32.34 4.56 -23.16
N LEU AA 103 -33.58 5.04 -23.24
CA LEU AA 103 -34.77 4.25 -23.49
C LEU AA 103 -35.40 4.81 -24.75
N LEU AA 104 -35.59 3.96 -25.75
CA LEU AA 104 -35.95 4.40 -27.10
C LEU AA 104 -37.34 3.88 -27.45
N ALA AA 105 -38.24 4.80 -27.75
CA ALA AA 105 -39.60 4.46 -28.18
C ALA AA 105 -39.77 4.84 -29.63
N GLY AA 106 -40.36 3.95 -30.41
CA GLY AA 106 -40.56 4.26 -31.80
C GLY AA 106 -41.82 3.61 -32.34
N TYR AA 107 -42.26 4.10 -33.49
CA TYR AA 107 -43.40 3.52 -34.18
C TYR AA 107 -42.93 3.05 -35.54
N ASP AA 108 -42.89 1.75 -35.71
CA ASP AA 108 -42.41 1.16 -36.96
C ASP AA 108 -43.49 1.32 -38.03
N ILE AA 109 -43.21 2.12 -39.06
CA ILE AA 109 -44.15 2.25 -40.15
C ILE AA 109 -44.16 0.99 -41.03
N HIS AA 110 -43.05 0.23 -41.05
CA HIS AA 110 -42.94 -0.95 -41.90
C HIS AA 110 -43.48 -2.23 -41.26
N ALA AA 111 -43.85 -2.18 -39.99
CA ALA AA 111 -44.38 -3.37 -39.35
C ALA AA 111 -45.64 -3.83 -40.07
N SER AA 112 -45.98 -5.11 -39.89
CA SER AA 112 -47.12 -5.68 -40.61
C SER AA 112 -48.44 -5.21 -40.01
N ASP AA 113 -48.64 -5.46 -38.70
CA ASP AA 113 -49.87 -5.03 -38.03
C ASP AA 113 -49.70 -3.63 -37.45
N PRO AA 114 -50.51 -2.67 -37.89
CA PRO AA 114 -50.43 -1.31 -37.33
C PRO AA 114 -50.74 -1.25 -35.85
N GLN AA 115 -51.66 -2.10 -35.35
CA GLN AA 115 -52.04 -2.04 -33.94
C GLN AA 115 -50.90 -2.44 -33.01
N SER AA 116 -49.87 -3.13 -33.51
CA SER AA 116 -48.75 -3.53 -32.68
C SER AA 116 -47.43 -3.06 -33.27
N ALA AA 117 -47.44 -2.01 -34.09
CA ALA AA 117 -46.20 -1.44 -34.60
C ALA AA 117 -45.43 -0.64 -33.56
N GLY AA 118 -45.95 -0.47 -32.35
CA GLY AA 118 -45.21 0.24 -31.33
C GLY AA 118 -43.97 -0.53 -30.92
N ARG AA 119 -42.96 0.19 -30.48
CA ARG AA 119 -41.67 -0.44 -30.19
C ARG AA 119 -41.04 0.23 -28.98
N ILE AA 120 -40.59 -0.57 -28.04
CA ILE AA 120 -39.84 -0.07 -26.90
C ILE AA 120 -38.53 -0.85 -26.80
N VAL AA 121 -37.44 -0.13 -26.58
CA VAL AA 121 -36.10 -0.72 -26.60
C VAL AA 121 -35.31 -0.18 -25.42
N SER AA 122 -34.65 -1.07 -24.69
CA SER AA 122 -33.89 -0.68 -23.50
C SER AA 122 -32.42 -1.08 -23.65
N PHE AA 123 -31.55 -0.28 -23.04
CA PHE AA 123 -30.11 -0.45 -23.17
C PHE AA 123 -29.47 -0.52 -21.79
N ASP AA 124 -28.36 -1.23 -21.71
CA ASP AA 124 -27.52 -1.23 -20.52
C ASP AA 124 -26.28 -0.38 -20.80
N ALA AA 125 -25.42 -0.26 -19.79
CA ALA AA 125 -24.21 0.53 -19.92
C ALA AA 125 -23.24 -0.05 -20.95
N ALA AA 126 -23.35 -1.34 -21.28
CA ALA AA 126 -22.42 -1.98 -22.19
C ALA AA 126 -22.94 -2.05 -23.62
N GLY AA 127 -23.99 -1.30 -23.95
CA GLY AA 127 -24.44 -1.19 -25.33
C GLY AA 127 -25.37 -2.28 -25.79
N GLY AA 128 -25.46 -3.39 -25.08
CA GLY AA 128 -26.47 -4.38 -25.40
C GLY AA 128 -27.86 -3.79 -25.27
N TRP AA 129 -28.76 -4.28 -26.11
CA TRP AA 129 -30.12 -3.77 -26.11
C TRP AA 129 -31.10 -4.93 -26.10
N ASN AA 130 -32.35 -4.61 -25.78
CA ASN AA 130 -33.38 -5.63 -25.66
C ASN AA 130 -34.71 -5.02 -26.08
N ILE AA 131 -35.43 -5.73 -26.95
CA ILE AA 131 -36.73 -5.29 -27.42
C ILE AA 131 -37.77 -5.76 -26.44
N GLU AA 132 -38.35 -4.83 -25.70
CA GLU AA 132 -39.32 -5.17 -24.67
C GLU AA 132 -40.60 -5.69 -25.30
N GLU AA 133 -41.17 -6.72 -24.68
CA GLU AA 133 -42.33 -7.41 -25.21
C GLU AA 133 -43.42 -7.63 -24.17
N GLU AA 134 -43.21 -7.24 -22.92
CA GLU AA 134 -44.26 -7.24 -21.93
C GLU AA 134 -44.98 -5.90 -21.84
N GLY AA 135 -44.79 -5.01 -22.82
CA GLY AA 135 -45.66 -3.86 -22.96
C GLY AA 135 -45.21 -2.55 -22.32
N TYR AA 136 -44.11 -2.52 -21.58
CA TYR AA 136 -43.74 -1.27 -20.91
C TYR AA 136 -42.30 -1.36 -20.44
N GLN AA 137 -41.72 -0.20 -20.17
CA GLN AA 137 -40.35 -0.17 -19.70
C GLN AA 137 -40.15 1.13 -18.93
N ALA AA 138 -39.06 1.20 -18.18
CA ALA AA 138 -38.73 2.44 -17.49
C ALA AA 138 -37.23 2.45 -17.23
N VAL AA 139 -36.70 3.64 -16.95
CA VAL AA 139 -35.28 3.81 -16.62
C VAL AA 139 -35.13 4.91 -15.59
N GLY AA 140 -34.10 4.78 -14.75
CA GLY AA 140 -33.78 5.79 -13.75
C GLY AA 140 -33.94 5.25 -12.34
N SER AA 141 -33.66 6.13 -11.37
CA SER AA 141 -33.67 5.72 -9.97
C SER AA 141 -35.04 5.24 -9.51
N GLY AA 142 -36.11 5.73 -10.11
CA GLY AA 142 -37.45 5.31 -9.75
C GLY AA 142 -37.99 4.21 -10.63
N SER AA 143 -37.16 3.62 -11.48
CA SER AA 143 -37.66 2.68 -12.48
C SER AA 143 -38.35 1.46 -11.86
N LEU AA 144 -37.83 0.97 -10.73
CA LEU AA 144 -38.43 -0.24 -10.17
C LEU AA 144 -39.85 0.03 -9.66
N PHE AA 145 -40.04 1.16 -8.98
CA PHE AA 145 -41.36 1.49 -8.50
C PHE AA 145 -42.33 1.74 -9.66
N ALA AA 146 -41.83 2.35 -10.74
CA ALA AA 146 -42.64 2.65 -11.91
C ALA AA 146 -43.08 1.37 -12.61
N LYS AA 147 -42.16 0.43 -12.80
CA LYS AA 147 -42.49 -0.86 -13.40
C LYS AA 147 -43.47 -1.63 -12.54
N SER AA 148 -43.23 -1.67 -11.22
CA SER AA 148 -44.14 -2.41 -10.36
C SER AA 148 -45.51 -1.74 -10.31
N SER AA 149 -45.57 -0.44 -10.60
CA SER AA 149 -46.88 0.18 -10.72
C SER AA 149 -47.56 -0.18 -12.04
N MET AA 150 -46.80 -0.15 -13.14
CA MET AA 150 -47.42 -0.40 -14.43
C MET AA 150 -47.85 -1.85 -14.58
N LYS AA 151 -47.16 -2.78 -13.92
CA LYS AA 151 -47.56 -4.18 -13.99
C LYS AA 151 -49.00 -4.36 -13.56
N LYS AA 152 -49.42 -3.61 -12.53
CA LYS AA 152 -50.78 -3.72 -12.05
C LYS AA 152 -51.72 -2.83 -12.88
N LEU AA 153 -51.28 -1.63 -13.25
CA LEU AA 153 -52.19 -0.70 -13.92
C LEU AA 153 -52.36 -0.97 -15.41
N TYR AA 154 -51.62 -1.92 -15.99
CA TYR AA 154 -51.51 -1.99 -17.44
C TYR AA 154 -52.72 -2.61 -18.13
N SER AA 155 -53.52 -3.39 -17.41
CA SER AA 155 -54.75 -3.92 -18.00
C SER AA 155 -55.75 -2.80 -18.30
N GLN AA 156 -55.57 -1.60 -17.73
CA GLN AA 156 -56.47 -0.47 -17.98
C GLN AA 156 -56.15 0.24 -19.29
N VAL AA 157 -55.01 -0.06 -19.91
CA VAL AA 157 -54.57 0.66 -21.10
C VAL AA 157 -55.33 0.14 -22.30
N THR AA 158 -56.12 1.02 -22.94
CA THR AA 158 -56.91 0.61 -24.10
C THR AA 158 -56.80 1.54 -25.30
N ASP AA 159 -56.18 2.70 -25.16
CA ASP AA 159 -56.09 3.68 -26.23
C ASP AA 159 -54.97 4.64 -25.90
N GLY AA 160 -54.92 5.75 -26.63
CA GLY AA 160 -53.89 6.74 -26.38
C GLY AA 160 -54.06 7.44 -25.05
N ASP AA 161 -55.31 7.81 -24.71
CA ASP AA 161 -55.50 8.59 -23.50
C ASP AA 161 -55.33 7.74 -22.23
N SER AA 162 -55.97 6.57 -22.16
CA SER AA 162 -55.79 5.73 -20.99
C SER AA 162 -54.31 5.37 -20.80
N GLY AA 163 -53.61 5.09 -21.90
CA GLY AA 163 -52.18 4.85 -21.80
C GLY AA 163 -51.42 6.04 -21.24
N LEU AA 164 -51.84 7.25 -21.63
CA LEU AA 164 -51.20 8.44 -21.07
C LEU AA 164 -51.44 8.55 -19.56
N ARG AA 165 -52.68 8.31 -19.13
CA ARG AA 165 -52.98 8.39 -17.70
C ARG AA 165 -52.16 7.37 -16.92
N VAL AA 166 -52.04 6.15 -17.44
CA VAL AA 166 -51.24 5.13 -16.76
C VAL AA 166 -49.79 5.57 -16.66
N ALA AA 167 -49.26 6.16 -17.73
CA ALA AA 167 -47.89 6.70 -17.66
C ALA AA 167 -47.75 7.69 -16.51
N VAL AA 168 -48.63 8.70 -16.47
CA VAL AA 168 -48.53 9.74 -15.44
C VAL AA 168 -48.63 9.12 -14.04
N GLU AA 169 -49.52 8.15 -13.87
CA GLU AA 169 -49.65 7.52 -12.56
C GLU AA 169 -48.38 6.79 -12.16
N ALA AA 170 -47.81 5.99 -13.08
CA ALA AA 170 -46.56 5.31 -12.79
C ALA AA 170 -45.49 6.29 -12.33
N LEU AA 171 -45.37 7.42 -13.02
CA LEU AA 171 -44.45 8.46 -12.56
C LEU AA 171 -44.79 8.92 -11.16
N TYR AA 172 -46.08 9.14 -10.87
CA TYR AA 172 -46.48 9.58 -9.53
C TYR AA 172 -46.03 8.61 -8.45
N ASP AA 173 -46.03 7.31 -8.74
CA ASP AA 173 -45.63 6.35 -7.70
C ASP AA 173 -44.12 6.28 -7.57
N ALA AA 174 -43.40 6.34 -8.70
CA ALA AA 174 -41.96 6.51 -8.65
C ALA AA 174 -41.59 7.65 -7.71
N ALA AA 175 -42.12 8.85 -7.99
CA ALA AA 175 -41.82 9.99 -7.12
C ALA AA 175 -42.29 9.77 -5.70
N ASP AA 176 -43.37 9.01 -5.52
CA ASP AA 176 -43.91 8.86 -4.18
C ASP AA 176 -42.99 8.05 -3.29
N ASP AA 177 -42.21 7.14 -3.87
CA ASP AA 177 -41.35 6.26 -3.09
C ASP AA 177 -39.86 6.53 -3.26
N ASP AA 178 -39.48 7.50 -4.09
CA ASP AA 178 -38.09 7.86 -4.29
C ASP AA 178 -37.97 9.37 -4.30
N SER AA 179 -36.91 9.89 -3.65
CA SER AA 179 -36.79 11.33 -3.43
C SER AA 179 -36.08 12.04 -4.58
N ALA AA 180 -35.32 11.31 -5.40
CA ALA AA 180 -34.64 11.86 -6.58
C ALA AA 180 -35.58 12.10 -7.76
N THR AA 181 -36.82 11.63 -7.68
CA THR AA 181 -37.82 11.82 -8.73
C THR AA 181 -38.84 12.84 -8.27
N GLY AA 182 -39.06 13.88 -9.06
CA GLY AA 182 -40.02 14.91 -8.72
C GLY AA 182 -41.42 14.53 -9.16
N GLY AA 183 -42.40 14.80 -8.30
CA GLY AA 183 -43.79 14.65 -8.65
C GLY AA 183 -44.37 15.93 -9.23
N PRO AA 184 -45.65 15.89 -9.59
CA PRO AA 184 -46.33 17.11 -10.07
C PRO AA 184 -46.28 18.20 -9.03
N ASP AA 185 -45.69 19.35 -9.38
CA ASP AA 185 -45.63 20.50 -8.48
C ASP AA 185 -46.88 21.31 -8.72
N LEU AA 186 -47.85 21.22 -7.80
CA LEU AA 186 -49.08 21.98 -7.98
C LEU AA 186 -48.85 23.45 -7.72
N VAL AA 187 -47.85 23.79 -6.92
CA VAL AA 187 -47.63 25.19 -6.54
C VAL AA 187 -47.06 25.97 -7.72
N ARG AA 188 -45.98 25.46 -8.32
CA ARG AA 188 -45.36 26.13 -9.47
C ARG AA 188 -45.96 25.71 -10.80
N GLY AA 189 -46.82 24.70 -10.83
CA GLY AA 189 -47.46 24.30 -12.07
C GLY AA 189 -46.52 23.60 -13.04
N ILE AA 190 -45.66 22.72 -12.54
CA ILE AA 190 -44.71 22.00 -13.38
C ILE AA 190 -45.06 20.52 -13.35
N PHE AA 191 -45.30 19.95 -14.51
CA PHE AA 191 -45.82 18.59 -14.63
C PHE AA 191 -44.87 17.78 -15.50
N PRO AA 192 -44.98 16.44 -15.47
CA PRO AA 192 -44.11 15.62 -16.31
C PRO AA 192 -44.31 15.97 -17.78
N THR AA 193 -43.31 15.64 -18.59
CA THR AA 193 -43.46 15.85 -20.03
C THR AA 193 -43.77 14.52 -20.70
N ALA AA 194 -44.51 14.59 -21.81
CA ALA AA 194 -44.95 13.39 -22.47
C ALA AA 194 -44.89 13.55 -23.98
N VAL AA 195 -44.59 12.45 -24.67
CA VAL AA 195 -44.57 12.40 -26.12
C VAL AA 195 -45.42 11.22 -26.55
N ILE AA 196 -46.26 11.43 -27.56
CA ILE AA 196 -47.10 10.36 -28.11
C ILE AA 196 -46.69 10.12 -29.56
N ILE AA 197 -46.46 8.87 -29.90
CA ILE AA 197 -46.14 8.48 -31.26
C ILE AA 197 -47.19 7.49 -31.76
N ASP AA 198 -47.75 7.76 -32.93
CA ASP AA 198 -48.64 6.80 -33.58
C ASP AA 198 -48.41 6.91 -35.08
N ALA AA 199 -49.31 6.30 -35.85
CA ALA AA 199 -49.23 6.29 -37.31
C ALA AA 199 -48.90 7.65 -37.92
N ASP AA 200 -49.26 8.75 -37.26
CA ASP AA 200 -49.07 10.09 -37.82
C ASP AA 200 -47.80 10.78 -37.36
N GLY AA 201 -46.93 10.12 -36.63
CA GLY AA 201 -45.70 10.69 -36.16
C GLY AA 201 -45.66 10.90 -34.65
N ALA AA 202 -44.79 11.82 -34.24
CA ALA AA 202 -44.57 12.10 -32.82
C ALA AA 202 -44.98 13.53 -32.51
N VAL AA 203 -45.81 13.68 -31.49
CA VAL AA 203 -46.22 15.01 -31.03
C VAL AA 203 -46.04 15.10 -29.52
N ASP AA 204 -45.69 16.28 -29.06
CA ASP AA 204 -45.62 16.53 -27.63
C ASP AA 204 -47.02 16.70 -27.07
N VAL AA 205 -47.30 16.03 -25.96
CA VAL AA 205 -48.57 16.27 -25.31
C VAL AA 205 -48.56 17.68 -24.73
N PRO AA 206 -49.56 18.51 -25.05
CA PRO AA 206 -49.60 19.86 -24.47
C PRO AA 206 -49.84 19.80 -22.96
N GLU AA 207 -49.28 20.80 -22.26
CA GLU AA 207 -49.16 20.70 -20.81
C GLU AA 207 -50.51 20.53 -20.13
N SER AA 208 -51.55 21.20 -20.63
CA SER AA 208 -52.86 21.18 -19.97
C SER AA 208 -53.36 19.76 -19.74
N ARG AA 209 -53.20 18.88 -20.74
CA ARG AA 209 -53.69 17.50 -20.58
C ARG AA 209 -52.99 16.80 -19.43
N ILE AA 210 -51.68 16.94 -19.36
CA ILE AA 210 -50.93 16.34 -18.26
C ILE AA 210 -51.34 16.96 -16.92
N ALA AA 211 -51.65 18.25 -16.92
CA ALA AA 211 -52.09 18.90 -15.67
C ALA AA 211 -53.38 18.29 -15.16
N GLU AA 212 -54.36 18.09 -16.05
CA GLU AA 212 -55.65 17.52 -15.65
C GLU AA 212 -55.49 16.10 -15.14
N LEU AA 213 -54.72 15.28 -15.87
CA LEU AA 213 -54.50 13.90 -15.41
C LEU AA 213 -53.84 13.89 -14.03
N ALA AA 214 -52.81 14.71 -13.83
CA ALA AA 214 -52.15 14.76 -12.53
C ALA AA 214 -53.11 15.19 -11.43
N ARG AA 215 -53.95 16.20 -11.68
CA ARG AA 215 -54.88 16.62 -10.65
C ARG AA 215 -55.91 15.53 -10.35
N ALA AA 216 -56.32 14.78 -11.37
CA ALA AA 216 -57.24 13.67 -11.13
C ALA AA 216 -56.60 12.62 -10.23
N ILE AA 217 -55.34 12.28 -10.49
CA ILE AA 217 -54.66 11.28 -9.66
C ILE AA 217 -54.56 11.77 -8.22
N ILE AA 218 -54.05 13.00 -8.06
CA ILE AA 218 -53.86 13.55 -6.73
C ILE AA 218 -55.16 13.59 -5.94
N GLU AA 219 -56.28 13.96 -6.59
CA GLU AA 219 -57.55 13.93 -5.85
C GLU AA 219 -58.01 12.52 -5.57
N SER AA 220 -57.64 11.57 -6.44
CA SER AA 220 -58.05 10.20 -6.19
C SER AA 220 -57.38 9.66 -4.94
N ARG AA 221 -56.13 10.06 -4.68
CA ARG AA 221 -55.41 9.51 -3.55
C ARG AA 221 -55.77 10.14 -2.21
N SER AA 222 -56.29 11.36 -2.20
CA SER AA 222 -56.66 12.02 -0.95
C SER AA 222 -57.80 11.33 -0.20
N THR BA 1 -15.03 34.40 -2.70
CA THR BA 1 -15.55 35.03 -3.90
C THR BA 1 -17.05 34.81 -4.02
N THR BA 2 -17.73 35.73 -4.69
CA THR BA 2 -19.17 35.69 -4.84
C THR BA 2 -19.52 36.67 -5.95
N ILE BA 3 -20.31 36.20 -6.90
CA ILE BA 3 -20.74 37.02 -8.03
C ILE BA 3 -22.22 36.78 -8.23
N VAL BA 4 -23.02 37.83 -8.10
CA VAL BA 4 -24.47 37.71 -8.25
C VAL BA 4 -24.87 38.34 -9.57
N ALA BA 5 -25.99 37.87 -10.12
CA ALA BA 5 -26.54 38.42 -11.35
C ALA BA 5 -28.04 38.34 -11.27
N LEU BA 6 -28.73 39.42 -11.61
CA LEU BA 6 -30.19 39.36 -11.54
C LEU BA 6 -30.80 40.16 -12.68
N LYS BA 7 -31.92 39.64 -13.21
CA LYS BA 7 -32.65 40.35 -14.25
C LYS BA 7 -33.56 41.36 -13.60
N TYR BA 8 -33.76 42.48 -14.27
CA TYR BA 8 -34.79 43.43 -13.87
C TYR BA 8 -35.62 43.76 -15.10
N PRO BA 9 -36.77 44.38 -14.94
CA PRO BA 9 -37.54 44.64 -16.14
C PRO BA 9 -36.65 45.49 -17.03
N GLY BA 10 -36.48 45.06 -18.26
CA GLY BA 10 -35.64 45.77 -19.21
C GLY BA 10 -34.13 45.57 -19.17
N GLY BA 11 -33.57 44.69 -18.34
CA GLY BA 11 -32.13 44.54 -18.42
C GLY BA 11 -31.60 43.50 -17.45
N VAL BA 12 -30.28 43.49 -17.29
CA VAL BA 12 -29.64 42.56 -16.39
C VAL BA 12 -28.52 43.29 -15.66
N VAL BA 13 -28.26 42.87 -14.42
CA VAL BA 13 -27.18 43.48 -13.65
C VAL BA 13 -26.33 42.37 -13.07
N MET BA 14 -25.01 42.65 -12.97
CA MET BA 14 -24.07 41.63 -12.53
C MET BA 14 -23.00 42.28 -11.67
N ALA BA 15 -22.86 41.84 -10.42
CA ALA BA 15 -21.92 42.45 -9.47
C ALA BA 15 -21.05 41.39 -8.81
N GLY BA 16 -19.85 41.81 -8.39
CA GLY BA 16 -18.88 40.89 -7.81
C GLY BA 16 -18.05 41.58 -6.75
N ASP BA 17 -17.58 40.82 -5.76
CA ASP BA 17 -16.82 41.42 -4.66
C ASP BA 17 -15.36 41.64 -5.11
N ARG BA 18 -14.45 41.94 -4.17
CA ARG BA 18 -13.09 42.30 -4.53
C ARG BA 18 -11.95 41.52 -3.87
N ARG BA 19 -12.24 40.61 -2.95
CA ARG BA 19 -11.20 39.94 -2.17
C ARG BA 19 -10.67 38.73 -2.93
N SER BA 20 -9.41 38.39 -2.66
CA SER BA 20 -8.78 37.19 -3.18
C SER BA 20 -7.85 36.68 -2.10
N THR BA 21 -7.96 35.39 -1.77
CA THR BA 21 -7.28 34.88 -0.60
C THR BA 21 -6.29 33.78 -0.99
N GLN BA 22 -5.42 33.43 -0.04
CA GLN BA 22 -4.65 32.19 -0.09
C GLN BA 22 -4.77 31.56 1.29
N GLY BA 23 -5.68 30.60 1.43
CA GLY BA 23 -5.92 30.05 2.76
C GLY BA 23 -6.63 31.10 3.57
N ASN BA 24 -6.16 31.34 4.80
CA ASN BA 24 -6.75 32.35 5.67
C ASN BA 24 -6.23 33.76 5.41
N MET BA 25 -5.32 33.92 4.44
CA MET BA 25 -4.59 35.18 4.24
C MET BA 25 -5.20 36.01 3.12
N ILE BA 26 -5.51 37.26 3.43
CA ILE BA 26 -6.17 38.15 2.48
C ILE BA 26 -5.08 38.71 1.55
N SER BA 27 -5.11 38.34 0.27
CA SER BA 27 -4.00 38.69 -0.62
C SER BA 27 -4.31 39.78 -1.63
N GLY BA 28 -5.58 39.98 -1.96
CA GLY BA 28 -5.89 41.02 -2.90
C GLY BA 28 -7.15 41.72 -2.45
N ARG BA 29 -7.09 43.05 -2.31
CA ARG BA 29 -8.18 43.87 -1.81
C ARG BA 29 -8.96 44.58 -2.91
N ASP BA 30 -8.61 44.37 -4.19
CA ASP BA 30 -9.21 45.14 -5.27
C ASP BA 30 -9.20 44.41 -6.61
N VAL BA 31 -9.33 43.08 -6.58
CA VAL BA 31 -9.44 42.30 -7.81
C VAL BA 31 -10.76 42.62 -8.49
N ARG BA 32 -10.77 42.65 -9.83
CA ARG BA 32 -12.00 42.82 -10.59
C ARG BA 32 -12.39 41.49 -11.22
N LYS BA 33 -13.55 40.96 -10.84
CA LYS BA 33 -13.94 39.62 -11.26
C LYS BA 33 -15.02 39.60 -12.34
N VAL BA 34 -15.59 40.75 -12.70
CA VAL BA 34 -16.66 40.84 -13.69
C VAL BA 34 -16.14 41.62 -14.88
N TYR BA 35 -16.11 40.97 -16.04
CA TYR BA 35 -15.61 41.58 -17.27
C TYR BA 35 -16.76 41.86 -18.23
N ILE BA 36 -16.56 42.83 -19.12
CA ILE BA 36 -17.50 43.07 -20.20
C ILE BA 36 -16.94 42.35 -21.43
N THR BA 37 -17.38 41.12 -21.66
CA THR BA 37 -16.79 40.36 -22.76
C THR BA 37 -17.23 40.91 -24.11
N ASP BA 38 -18.41 41.53 -24.16
CA ASP BA 38 -18.83 42.17 -25.40
C ASP BA 38 -19.99 43.11 -25.11
N ASP BA 39 -20.45 43.79 -26.18
CA ASP BA 39 -21.43 44.86 -26.06
C ASP BA 39 -22.74 44.40 -25.44
N TYR BA 40 -22.95 43.10 -25.29
CA TYR BA 40 -24.19 42.61 -24.72
C TYR BA 40 -23.99 41.46 -23.76
N THR BA 41 -22.75 41.14 -23.40
CA THR BA 41 -22.57 40.09 -22.41
C THR BA 41 -21.48 40.50 -21.45
N ALA BA 42 -21.71 40.22 -20.17
CA ALA BA 42 -20.70 40.30 -19.15
C ALA BA 42 -20.51 38.91 -18.56
N THR BA 43 -19.29 38.63 -18.12
CA THR BA 43 -18.92 37.33 -17.60
C THR BA 43 -18.23 37.49 -16.26
N GLY BA 44 -18.74 36.82 -15.23
CA GLY BA 44 -18.06 36.68 -13.95
C GLY BA 44 -17.46 35.29 -13.88
N ILE BA 45 -16.32 35.15 -13.22
CA ILE BA 45 -15.69 33.84 -13.03
C ILE BA 45 -15.23 33.72 -11.58
N ALA BA 46 -15.70 32.67 -10.90
CA ALA BA 46 -15.24 32.32 -9.58
C ALA BA 46 -14.19 31.21 -9.69
N GLY BA 47 -13.28 31.16 -8.73
CA GLY BA 47 -12.36 30.03 -8.70
C GLY BA 47 -10.95 30.52 -8.86
N THR BA 48 -10.05 29.61 -9.25
CA THR BA 48 -8.64 29.91 -9.38
C THR BA 48 -8.44 31.18 -10.20
N ALA BA 49 -7.65 32.11 -9.64
CA ALA BA 49 -7.56 33.44 -10.24
C ALA BA 49 -6.95 33.40 -11.64
N ALA BA 50 -5.86 32.63 -11.80
CA ALA BA 50 -5.24 32.52 -13.13
C ALA BA 50 -6.24 32.03 -14.17
N VAL BA 51 -6.75 30.81 -13.97
CA VAL BA 51 -7.72 30.21 -14.88
C VAL BA 51 -8.88 31.14 -15.15
N ALA BA 52 -9.31 31.88 -14.14
CA ALA BA 52 -10.43 32.80 -14.31
C ALA BA 52 -10.11 33.92 -15.30
N VAL BA 53 -9.01 34.65 -15.06
CA VAL BA 53 -8.71 35.79 -15.92
C VAL BA 53 -8.43 35.33 -17.34
N GLU BA 54 -7.79 34.16 -17.47
CA GLU BA 54 -7.52 33.58 -18.77
C GLU BA 54 -8.82 33.23 -19.52
N PHE BA 55 -9.73 32.51 -18.87
CA PHE BA 55 -11.04 32.23 -19.47
C PHE BA 55 -11.65 33.50 -20.02
N ALA BA 56 -11.83 34.50 -19.15
CA ALA BA 56 -12.48 35.74 -19.57
C ALA BA 56 -11.82 36.34 -20.82
N ARG BA 57 -10.49 36.46 -20.79
CA ARG BA 57 -9.76 37.05 -21.90
C ARG BA 57 -9.97 36.29 -23.21
N LEU BA 58 -9.76 34.98 -23.16
CA LEU BA 58 -9.82 34.15 -24.35
C LEU BA 58 -11.22 34.10 -24.94
N TYR BA 59 -12.24 34.02 -24.08
CA TYR BA 59 -13.63 34.01 -24.55
C TYR BA 59 -13.97 35.31 -25.25
N ALA BA 60 -13.60 36.45 -24.65
CA ALA BA 60 -13.81 37.72 -25.32
C ALA BA 60 -13.17 37.75 -26.70
N VAL BA 61 -11.94 37.23 -26.78
CA VAL BA 61 -11.22 37.18 -28.06
C VAL BA 61 -12.00 36.37 -29.09
N GLU BA 62 -12.53 35.23 -28.67
CA GLU BA 62 -13.20 34.34 -29.61
C GLU BA 62 -14.52 34.92 -30.10
N LEU BA 63 -15.35 35.43 -29.20
CA LEU BA 63 -16.57 36.12 -29.62
C LEU BA 63 -16.26 37.16 -30.69
N GLU BA 64 -15.32 38.06 -30.38
CA GLU BA 64 -15.00 39.14 -31.31
C GLU BA 64 -14.36 38.64 -32.61
N HIS BA 65 -13.64 37.53 -32.55
CA HIS BA 65 -13.00 36.97 -33.74
C HIS BA 65 -14.04 36.49 -34.73
N TYR BA 66 -14.98 35.66 -34.26
CA TYR BA 66 -16.05 35.23 -35.15
C TYR BA 66 -16.83 36.43 -35.68
N GLU BA 67 -17.07 37.42 -34.83
CA GLU BA 67 -17.76 38.62 -35.28
C GLU BA 67 -17.02 39.30 -36.43
N LYS BA 68 -15.69 39.35 -36.38
CA LYS BA 68 -14.94 40.00 -37.46
C LYS BA 68 -14.93 39.16 -38.73
N LEU BA 69 -14.89 37.83 -38.59
CA LEU BA 69 -14.87 36.98 -39.77
C LEU BA 69 -16.23 36.95 -40.48
N GLU BA 70 -17.32 36.83 -39.74
CA GLU BA 70 -18.63 36.64 -40.36
C GLU BA 70 -19.44 37.92 -40.49
N GLY BA 71 -18.99 39.02 -39.90
CA GLY BA 71 -19.77 40.23 -40.04
C GLY BA 71 -21.04 40.28 -39.23
N VAL BA 72 -21.21 39.38 -38.27
CA VAL BA 72 -22.39 39.44 -37.41
C VAL BA 72 -22.12 38.67 -36.12
N PRO BA 73 -22.50 39.18 -34.93
CA PRO BA 73 -22.24 38.41 -33.71
C PRO BA 73 -23.01 37.11 -33.72
N LEU BA 74 -22.48 36.12 -33.01
CA LEU BA 74 -23.21 34.89 -32.76
C LEU BA 74 -24.53 35.20 -32.08
N THR BA 75 -25.49 34.29 -32.18
CA THR BA 75 -26.67 34.40 -31.33
C THR BA 75 -26.29 34.07 -29.89
N PHE BA 76 -27.17 34.46 -28.95
CA PHE BA 76 -26.89 34.16 -27.56
C PHE BA 76 -26.68 32.67 -27.34
N ALA BA 77 -27.35 31.85 -28.15
CA ALA BA 77 -27.17 30.40 -28.06
C ALA BA 77 -25.76 29.98 -28.43
N GLY BA 78 -25.21 30.52 -29.52
CA GLY BA 78 -23.85 30.18 -29.89
C GLY BA 78 -22.84 30.59 -28.82
N LYS BA 79 -22.98 31.81 -28.29
CA LYS BA 79 -22.12 32.26 -27.20
C LYS BA 79 -22.16 31.29 -26.03
N ILE BA 80 -23.38 30.95 -25.58
CA ILE BA 80 -23.52 29.96 -24.52
C ILE BA 80 -22.73 28.70 -24.85
N ASN BA 81 -22.81 28.26 -26.10
CA ASN BA 81 -22.16 27.00 -26.47
C ASN BA 81 -20.65 27.11 -26.37
N ARG BA 82 -20.08 28.18 -26.91
CA ARG BA 82 -18.62 28.31 -26.89
C ARG BA 82 -18.10 28.38 -25.46
N LEU BA 83 -18.74 29.20 -24.61
CA LEU BA 83 -18.36 29.25 -23.21
C LEU BA 83 -18.40 27.88 -22.56
N ALA BA 84 -19.47 27.13 -22.84
CA ALA BA 84 -19.61 25.76 -22.32
C ALA BA 84 -18.47 24.86 -22.77
N ILE BA 85 -18.02 25.01 -24.01
CA ILE BA 85 -16.96 24.15 -24.53
C ILE BA 85 -15.63 24.48 -23.87
N MET BA 86 -15.35 25.77 -23.68
CA MET BA 86 -14.19 26.15 -22.90
C MET BA 86 -14.21 25.52 -21.51
N VAL BA 87 -15.35 25.67 -20.80
CA VAL BA 87 -15.46 25.14 -19.44
C VAL BA 87 -15.23 23.64 -19.43
N ARG BA 88 -15.84 22.93 -20.38
CA ARG BA 88 -15.62 21.50 -20.50
C ARG BA 88 -14.16 21.17 -20.76
N GLY BA 89 -13.45 22.05 -21.47
CA GLY BA 89 -12.04 21.82 -21.73
C GLY BA 89 -11.15 21.94 -20.50
N ASN BA 90 -11.55 22.77 -19.53
CA ASN BA 90 -10.74 22.89 -18.34
C ASN BA 90 -11.00 21.78 -17.31
N LEU BA 91 -11.81 20.77 -17.65
CA LEU BA 91 -12.25 19.82 -16.64
C LEU BA 91 -11.09 19.01 -16.04
N ALA BA 92 -10.15 18.58 -16.88
CA ALA BA 92 -9.01 17.81 -16.37
C ALA BA 92 -8.24 18.58 -15.31
N ALA BA 93 -7.98 19.86 -15.58
CA ALA BA 93 -7.26 20.71 -14.63
C ALA BA 93 -8.12 21.06 -13.42
N ALA BA 94 -9.44 21.11 -13.58
CA ALA BA 94 -10.34 21.38 -12.45
C ALA BA 94 -10.32 20.23 -11.45
N MET BA 95 -10.19 18.99 -11.93
CA MET BA 95 -10.00 17.87 -11.00
C MET BA 95 -8.66 17.95 -10.28
N GLN BA 96 -7.65 18.52 -10.93
CA GLN BA 96 -6.36 18.74 -10.29
C GLN BA 96 -6.35 19.96 -9.38
N GLY BA 97 -7.48 20.62 -9.19
CA GLY BA 97 -7.55 21.81 -8.35
C GLY BA 97 -7.66 23.14 -9.07
N LEU BA 98 -7.45 23.26 -10.37
CA LEU BA 98 -7.52 24.57 -11.03
C LEU BA 98 -8.92 24.85 -11.56
N LEU BA 99 -9.95 24.79 -10.70
CA LEU BA 99 -11.34 24.91 -11.15
C LEU BA 99 -11.74 26.37 -11.34
N ALA BA 100 -12.46 26.66 -12.41
CA ALA BA 100 -12.99 28.01 -12.65
C ALA BA 100 -14.40 27.89 -13.21
N LEU BA 101 -15.37 28.53 -12.52
CA LEU BA 101 -16.76 28.45 -12.95
C LEU BA 101 -17.26 29.82 -13.38
N PRO BA 102 -17.80 29.91 -14.59
CA PRO BA 102 -18.34 31.17 -15.11
C PRO BA 102 -19.85 31.29 -14.96
N LEU BA 103 -20.28 32.53 -14.75
CA LEU BA 103 -21.68 32.94 -14.74
C LEU BA 103 -21.80 34.02 -15.81
N LEU BA 104 -22.70 33.80 -16.76
CA LEU BA 104 -22.76 34.61 -17.98
C LEU BA 104 -24.08 35.37 -18.00
N ALA BA 105 -24.00 36.69 -18.07
CA ALA BA 105 -25.17 37.55 -18.18
C ALA BA 105 -25.18 38.21 -19.53
N GLY BA 106 -26.33 38.22 -20.18
CA GLY BA 106 -26.40 38.83 -21.49
C GLY BA 106 -27.77 39.45 -21.73
N TYR BA 107 -27.82 40.31 -22.73
CA TYR BA 107 -29.07 40.92 -23.15
C TYR BA 107 -29.31 40.52 -24.60
N ASP BA 108 -30.30 39.68 -24.82
CA ASP BA 108 -30.59 39.20 -26.17
C ASP BA 108 -31.31 40.30 -26.94
N ILE BA 109 -30.66 40.80 -27.99
CA ILE BA 109 -31.30 41.79 -28.84
C ILE BA 109 -32.37 41.15 -29.71
N HIS BA 110 -32.25 39.86 -30.01
CA HIS BA 110 -33.19 39.17 -30.90
C HIS BA 110 -34.41 38.62 -30.19
N ALA BA 111 -34.46 38.68 -28.86
CA ALA BA 111 -35.62 38.18 -28.15
C ALA BA 111 -36.86 38.95 -28.58
N SER BA 112 -38.03 38.34 -28.37
CA SER BA 112 -39.28 38.95 -28.80
C SER BA 112 -39.68 40.11 -27.90
N ASP BA 113 -39.83 39.85 -26.60
CA ASP BA 113 -40.20 40.90 -25.64
C ASP BA 113 -38.95 41.57 -25.08
N PRO BA 114 -38.79 42.89 -25.29
CA PRO BA 114 -37.63 43.58 -24.74
C PRO BA 114 -37.58 43.57 -23.22
N GLN BA 115 -38.75 43.60 -22.55
CA GLN BA 115 -38.76 43.65 -21.09
C GLN BA 115 -38.24 42.37 -20.46
N SER BA 116 -38.17 41.26 -21.20
CA SER BA 116 -37.64 40.01 -20.66
C SER BA 116 -36.54 39.45 -21.53
N ALA BA 117 -35.83 40.29 -22.29
CA ALA BA 117 -34.69 39.85 -23.06
C ALA BA 117 -33.44 39.60 -22.21
N GLY BA 118 -33.50 39.86 -20.91
CA GLY BA 118 -32.36 39.57 -20.06
C GLY BA 118 -32.10 38.08 -19.97
N ARG BA 119 -30.85 37.72 -19.76
CA ARG BA 119 -30.48 36.31 -19.79
C ARG BA 119 -29.41 36.04 -18.75
N ILE BA 120 -29.62 34.99 -17.94
CA ILE BA 120 -28.62 34.55 -17.00
C ILE BA 120 -28.37 33.07 -17.23
N VAL BA 121 -27.10 32.68 -17.25
CA VAL BA 121 -26.71 31.32 -17.58
C VAL BA 121 -25.64 30.86 -16.61
N SER BA 122 -25.80 29.65 -16.07
CA SER BA 122 -24.87 29.12 -15.09
C SER BA 122 -24.26 27.81 -15.59
N PHE BA 123 -23.02 27.56 -15.16
CA PHE BA 123 -22.26 26.41 -15.63
C PHE BA 123 -21.72 25.63 -14.43
N ASP BA 124 -21.55 24.33 -14.64
CA ASP BA 124 -20.86 23.48 -13.67
C ASP BA 124 -19.47 23.17 -14.21
N ALA BA 125 -18.70 22.41 -13.42
CA ALA BA 125 -17.35 22.06 -13.82
C ALA BA 125 -17.31 21.17 -15.04
N ALA BA 126 -18.40 20.49 -15.38
CA ALA BA 126 -18.42 19.55 -16.50
C ALA BA 126 -18.98 20.17 -17.77
N GLY BA 127 -19.12 21.50 -17.83
CA GLY BA 127 -19.50 22.16 -19.05
C GLY BA 127 -20.98 22.24 -19.33
N GLY BA 128 -21.79 21.44 -18.64
CA GLY BA 128 -23.23 21.61 -18.75
C GLY BA 128 -23.65 22.99 -18.29
N TRP BA 129 -24.70 23.50 -18.90
CA TRP BA 129 -25.18 24.84 -18.58
C TRP BA 129 -26.67 24.81 -18.38
N ASN BA 130 -27.18 25.87 -17.76
CA ASN BA 130 -28.60 25.95 -17.44
C ASN BA 130 -29.03 27.41 -17.52
N ILE BA 131 -30.13 27.65 -18.23
CA ILE BA 131 -30.69 28.99 -18.37
C ILE BA 131 -31.59 29.26 -17.18
N GLU BA 132 -31.15 30.15 -16.32
CA GLU BA 132 -31.89 30.44 -15.10
C GLU BA 132 -33.18 31.18 -15.42
N GLU BA 133 -34.24 30.80 -14.72
CA GLU BA 133 -35.57 31.33 -14.98
C GLU BA 133 -36.31 31.78 -13.73
N GLU BA 134 -35.71 31.63 -12.55
CA GLU BA 134 -36.25 32.22 -11.34
C GLU BA 134 -35.66 33.61 -11.06
N GLY BA 135 -34.99 34.23 -12.03
CA GLY BA 135 -34.68 35.64 -11.92
C GLY BA 135 -33.32 36.03 -11.37
N TYR BA 136 -32.51 35.09 -10.90
CA TYR BA 136 -31.23 35.49 -10.31
C TYR BA 136 -30.32 34.29 -10.19
N GLN BA 137 -29.05 34.56 -10.02
CA GLN BA 137 -28.09 33.48 -9.89
C GLN BA 137 -26.87 34.02 -9.15
N ALA BA 138 -26.03 33.11 -8.67
CA ALA BA 138 -24.79 33.53 -8.04
C ALA BA 138 -23.79 32.39 -8.14
N VAL BA 139 -22.51 32.71 -7.94
CA VAL BA 139 -21.46 31.71 -7.95
C VAL BA 139 -20.38 32.12 -6.95
N GLY BA 140 -19.71 31.12 -6.38
CA GLY BA 140 -18.62 31.33 -5.45
C GLY BA 140 -18.95 30.82 -4.05
N SER BA 141 -17.97 31.00 -3.15
CA SER BA 141 -18.10 30.47 -1.81
C SER BA 141 -19.28 31.08 -1.05
N GLY BA 142 -19.66 32.31 -1.37
CA GLY BA 142 -20.79 32.95 -0.73
C GLY BA 142 -22.08 32.80 -1.49
N SER BA 143 -22.11 31.97 -2.52
CA SER BA 143 -23.28 31.94 -3.40
C SER BA 143 -24.56 31.54 -2.67
N LEU BA 144 -24.47 30.62 -1.71
CA LEU BA 144 -25.70 30.17 -1.06
C LEU BA 144 -26.33 31.28 -0.23
N PHE BA 145 -25.50 32.03 0.50
CA PHE BA 145 -26.02 33.14 1.29
C PHE BA 145 -26.60 34.23 0.39
N ALA BA 146 -25.95 34.47 -0.75
CA ALA BA 146 -26.39 35.48 -1.70
C ALA BA 146 -27.73 35.12 -2.30
N LYS BA 147 -27.88 33.86 -2.74
CA LYS BA 147 -29.16 33.40 -3.28
C LYS BA 147 -30.26 33.45 -2.23
N SER BA 148 -29.96 32.98 -1.02
CA SER BA 148 -30.99 33.02 0.02
C SER BA 148 -31.35 34.45 0.39
N SER BA 149 -30.44 35.39 0.16
CA SER BA 149 -30.80 36.78 0.37
C SER BA 149 -31.67 37.30 -0.78
N MET BA 150 -31.31 36.98 -2.02
CA MET BA 150 -32.07 37.53 -3.13
C MET BA 150 -33.46 36.93 -3.23
N LYS BA 151 -33.66 35.70 -2.77
CA LYS BA 151 -34.99 35.09 -2.77
C LYS BA 151 -35.98 35.96 -2.02
N LYS BA 152 -35.54 36.55 -0.91
CA LYS BA 152 -36.42 37.40 -0.14
C LYS BA 152 -36.45 38.82 -0.69
N LEU BA 153 -35.30 39.35 -1.13
CA LEU BA 153 -35.26 40.75 -1.55
C LEU BA 153 -35.77 41.00 -2.96
N TYR BA 154 -36.09 39.95 -3.72
CA TYR BA 154 -36.26 40.09 -5.17
C TYR BA 154 -37.58 40.72 -5.56
N SER BA 155 -38.60 40.67 -4.70
CA SER BA 155 -39.86 41.36 -5.02
C SER BA 155 -39.68 42.86 -5.05
N GLN BA 156 -38.59 43.40 -4.49
CA GLN BA 156 -38.32 44.84 -4.51
C GLN BA 156 -37.75 45.32 -5.83
N VAL BA 157 -37.33 44.40 -6.70
CA VAL BA 157 -36.65 44.78 -7.94
C VAL BA 157 -37.69 45.23 -8.95
N THR BA 158 -37.61 46.50 -9.36
CA THR BA 158 -38.56 47.06 -10.31
C THR BA 158 -37.94 47.80 -11.48
N ASP BA 159 -36.64 48.07 -11.46
CA ASP BA 159 -35.98 48.85 -12.50
C ASP BA 159 -34.49 48.58 -12.40
N GLY BA 160 -33.70 49.40 -13.10
CA GLY BA 160 -32.26 49.22 -13.07
C GLY BA 160 -31.67 49.55 -11.70
N ASP BA 161 -32.13 50.63 -11.09
CA ASP BA 161 -31.51 51.05 -9.85
C ASP BA 161 -31.87 50.13 -8.67
N SER BA 162 -33.17 49.84 -8.49
CA SER BA 162 -33.54 48.93 -7.41
C SER BA 162 -32.85 47.57 -7.58
N GLY BA 163 -32.77 47.08 -8.82
CA GLY BA 163 -32.03 45.86 -9.06
C GLY BA 163 -30.58 45.96 -8.66
N LEU BA 164 -29.97 47.12 -8.91
CA LEU BA 164 -28.58 47.31 -8.47
C LEU BA 164 -28.46 47.26 -6.95
N ARG BA 165 -29.36 47.95 -6.24
CA ARG BA 165 -29.32 47.93 -4.79
C ARG BA 165 -29.47 46.53 -4.24
N VAL BA 166 -30.39 45.74 -4.81
CA VAL BA 166 -30.57 44.37 -4.37
C VAL BA 166 -29.31 43.56 -4.59
N ALA BA 167 -28.65 43.75 -5.73
CA ALA BA 167 -27.37 43.08 -5.97
C ALA BA 167 -26.38 43.40 -4.85
N VAL BA 168 -26.16 44.69 -4.59
CA VAL BA 168 -25.17 45.08 -3.57
C VAL BA 168 -25.52 44.49 -2.21
N GLU BA 169 -26.82 44.49 -1.87
CA GLU BA 169 -27.20 43.93 -0.58
C GLU BA 169 -26.90 42.44 -0.51
N ALA BA 170 -27.27 41.69 -1.55
CA ALA BA 170 -26.95 40.25 -1.58
C ALA BA 170 -25.48 40.00 -1.35
N LEU BA 171 -24.62 40.80 -2.03
CA LEU BA 171 -23.19 40.70 -1.77
C LEU BA 171 -22.87 40.97 -0.31
N TYR BA 172 -23.48 42.01 0.28
CA TYR BA 172 -23.23 42.33 1.69
C TYR BA 172 -23.55 41.16 2.61
N ASP BA 173 -24.58 40.37 2.29
CA ASP BA 173 -24.91 39.27 3.18
C ASP BA 173 -23.99 38.08 2.96
N ALA BA 174 -23.66 37.81 1.70
CA ALA BA 174 -22.60 36.84 1.42
C ALA BA 174 -21.38 37.13 2.27
N ALA BA 175 -20.82 38.34 2.17
CA ALA BA 175 -19.65 38.70 2.96
C ALA BA 175 -19.93 38.61 4.46
N ASP BA 176 -21.18 38.89 4.86
CA ASP BA 176 -21.47 38.94 6.28
C ASP BA 176 -21.38 37.56 6.92
N ASP BA 177 -21.65 36.51 6.14
CA ASP BA 177 -21.68 35.16 6.67
C ASP BA 177 -20.54 34.26 6.17
N ASP BA 178 -19.68 34.77 5.30
CA ASP BA 178 -18.54 34.02 4.79
C ASP BA 178 -17.31 34.91 4.81
N SER BA 179 -16.17 34.34 5.21
CA SER BA 179 -14.96 35.13 5.42
C SER BA 179 -14.13 35.30 4.17
N ALA BA 180 -14.30 34.42 3.17
CA ALA BA 180 -13.60 34.51 1.89
C ALA BA 180 -14.18 35.58 0.97
N THR BA 181 -15.31 36.18 1.31
CA THR BA 181 -15.93 37.24 0.53
C THR BA 181 -15.74 38.56 1.25
N GLY BA 182 -15.19 39.55 0.55
CA GLY BA 182 -14.96 40.85 1.14
C GLY BA 182 -16.21 41.73 1.03
N GLY BA 183 -16.51 42.46 2.09
CA GLY BA 183 -17.55 43.46 2.07
C GLY BA 183 -17.01 44.82 1.67
N PRO BA 184 -17.90 45.82 1.62
CA PRO BA 184 -17.47 47.19 1.33
C PRO BA 184 -16.46 47.67 2.37
N ASP BA 185 -15.26 48.03 1.92
CA ASP BA 185 -14.24 48.55 2.82
C ASP BA 185 -14.43 50.06 2.89
N LEU BA 186 -15.00 50.53 4.01
CA LEU BA 186 -15.22 51.97 4.14
C LEU BA 186 -13.93 52.71 4.38
N VAL BA 187 -12.93 52.02 4.95
CA VAL BA 187 -11.68 52.69 5.29
C VAL BA 187 -10.87 53.01 4.04
N ARG BA 188 -10.65 52.00 3.19
CA ARG BA 188 -9.90 52.19 1.95
C ARG BA 188 -10.76 52.63 0.78
N GLY BA 189 -12.09 52.61 0.93
CA GLY BA 189 -12.95 53.06 -0.15
C GLY BA 189 -13.02 52.11 -1.33
N ILE BA 190 -13.08 50.81 -1.07
CA ILE BA 190 -13.13 49.80 -2.12
C ILE BA 190 -14.48 49.11 -2.05
N PHE BA 191 -15.22 49.13 -3.14
CA PHE BA 191 -16.60 48.66 -3.18
C PHE BA 191 -16.73 47.60 -4.26
N PRO BA 192 -17.82 46.82 -4.25
CA PRO BA 192 -18.00 45.80 -5.29
C PRO BA 192 -18.04 46.46 -6.66
N THR BA 193 -17.77 45.67 -7.69
CA THR BA 193 -17.89 46.19 -9.04
C THR BA 193 -19.19 45.69 -9.66
N ALA BA 194 -19.74 46.49 -10.57
CA ALA BA 194 -21.03 46.16 -11.14
C ALA BA 194 -21.07 46.52 -12.62
N VAL BA 195 -21.80 45.72 -13.38
CA VAL BA 195 -22.00 45.96 -14.81
C VAL BA 195 -23.50 45.91 -15.07
N ILE BA 196 -24.01 46.86 -15.84
CA ILE BA 196 -25.41 46.88 -16.22
C ILE BA 196 -25.53 46.72 -17.72
N ILE BA 197 -26.39 45.79 -18.14
CA ILE BA 197 -26.66 45.57 -19.55
C ILE BA 197 -28.13 45.80 -19.82
N ASP BA 198 -28.44 46.62 -20.82
CA ASP BA 198 -29.82 46.78 -21.28
C ASP BA 198 -29.78 46.98 -22.79
N ALA BA 199 -30.92 47.40 -23.34
CA ALA BA 199 -31.06 47.62 -24.79
C ALA BA 199 -29.89 48.37 -25.41
N ASP BA 200 -29.20 49.21 -24.66
CA ASP BA 200 -28.14 50.05 -25.21
C ASP BA 200 -26.74 49.47 -25.04
N GLY BA 201 -26.60 48.26 -24.54
CA GLY BA 201 -25.31 47.63 -24.36
C GLY BA 201 -24.94 47.44 -22.90
N ALA BA 202 -23.65 47.31 -22.67
CA ALA BA 202 -23.10 47.05 -21.34
C ALA BA 202 -22.24 48.23 -20.90
N VAL BA 203 -22.51 48.75 -19.71
CA VAL BA 203 -21.69 49.81 -19.13
C VAL BA 203 -21.32 49.44 -17.70
N ASP BA 204 -20.13 49.86 -17.30
CA ASP BA 204 -19.72 49.69 -15.91
C ASP BA 204 -20.41 50.73 -15.05
N VAL BA 205 -20.95 50.28 -13.93
CA VAL BA 205 -21.49 51.25 -12.98
C VAL BA 205 -20.34 52.05 -12.39
N PRO BA 206 -20.37 53.39 -12.44
CA PRO BA 206 -19.30 54.18 -11.83
C PRO BA 206 -19.31 54.02 -10.31
N GLU BA 207 -18.10 54.12 -9.73
CA GLU BA 207 -17.91 53.68 -8.35
C GLU BA 207 -18.81 54.44 -7.38
N SER BA 208 -19.02 55.74 -7.63
CA SER BA 208 -19.78 56.56 -6.67
C SER BA 208 -21.15 55.97 -6.37
N ARG BA 209 -21.85 55.47 -7.39
CA ARG BA 209 -23.18 54.93 -7.18
C ARG BA 209 -23.14 53.73 -6.23
N ILE BA 210 -22.17 52.82 -6.46
CA ILE BA 210 -22.03 51.68 -5.58
C ILE BA 210 -21.64 52.12 -4.18
N ALA BA 211 -20.85 53.19 -4.05
CA ALA BA 211 -20.47 53.69 -2.73
C ALA BA 211 -21.69 54.15 -1.95
N GLU BA 212 -22.59 54.92 -2.60
CA GLU BA 212 -23.77 55.42 -1.93
C GLU BA 212 -24.69 54.28 -1.51
N LEU BA 213 -24.93 53.33 -2.42
CA LEU BA 213 -25.78 52.18 -2.06
C LEU BA 213 -25.20 51.42 -0.87
N ALA BA 214 -23.88 51.16 -0.89
CA ALA BA 214 -23.27 50.45 0.22
C ALA BA 214 -23.41 51.22 1.53
N ARG BA 215 -23.19 52.54 1.51
CA ARG BA 215 -23.34 53.30 2.74
C ARG BA 215 -24.78 53.29 3.23
N ALA BA 216 -25.75 53.32 2.31
CA ALA BA 216 -27.15 53.23 2.73
C ALA BA 216 -27.43 51.91 3.43
N ILE BA 217 -26.92 50.80 2.87
CA ILE BA 217 -27.14 49.50 3.50
C ILE BA 217 -26.51 49.46 4.89
N ILE BA 218 -25.24 49.84 4.96
CA ILE BA 218 -24.51 49.80 6.23
C ILE BA 218 -25.22 50.64 7.29
N GLU BA 219 -25.73 51.83 6.93
CA GLU BA 219 -26.45 52.60 7.94
C GLU BA 219 -27.79 51.97 8.28
N SER BA 220 -28.39 51.26 7.32
CA SER BA 220 -29.66 50.62 7.63
C SER BA 220 -29.48 49.54 8.68
N ARG BA 221 -28.35 48.83 8.65
CA ARG BA 221 -28.17 47.71 9.57
C ARG BA 221 -27.74 48.13 10.98
N SER BA 222 -27.15 49.31 11.13
CA SER BA 222 -26.71 49.76 12.46
C SER BA 222 -27.87 50.01 13.44
N GLY CA 171 -31.24 -38.30 58.98
CA GLY CA 171 -32.04 -39.31 58.31
C GLY CA 171 -31.51 -39.67 56.94
N GLN CA 172 -32.31 -40.40 56.17
CA GLN CA 172 -31.97 -40.83 54.82
C GLN CA 172 -30.65 -41.59 54.74
N TYR CA 173 -30.40 -42.46 55.71
CA TYR CA 173 -29.17 -43.24 55.73
C TYR CA 173 -29.09 -44.18 54.52
N LEU CA 174 -27.90 -44.27 53.94
CA LEU CA 174 -27.67 -45.12 52.78
C LEU CA 174 -26.19 -45.40 52.59
N GLY DA 171 -3.78 -46.79 60.08
CA GLY DA 171 -3.37 -48.06 59.52
C GLY DA 171 -2.38 -47.89 58.38
N GLN DA 172 -2.14 -48.99 57.67
CA GLN DA 172 -1.23 -49.03 56.52
C GLN DA 172 0.17 -48.53 56.86
N TYR DA 173 0.69 -48.93 58.03
CA TYR DA 173 2.02 -48.51 58.44
C TYR DA 173 3.09 -49.06 57.51
N LEU DA 174 4.08 -48.24 57.20
CA LEU DA 174 5.17 -48.64 56.31
C LEU DA 174 6.36 -47.70 56.47
N GLY EA 171 18.35 -31.00 66.15
CA GLY EA 171 19.69 -31.54 65.96
C GLY EA 171 20.52 -30.68 65.03
N GLN EA 172 21.67 -31.21 64.62
CA GLN EA 172 22.60 -30.54 63.71
C GLN EA 172 23.04 -29.17 64.22
N TYR EA 173 23.30 -29.06 65.52
CA TYR EA 173 23.72 -27.79 66.10
C TYR EA 173 25.07 -27.36 65.55
N LEU EA 174 25.20 -26.06 65.27
CA LEU EA 174 26.43 -25.49 64.72
C LEU EA 174 26.47 -23.99 64.91
N GLY FA 171 19.04 -5.02 73.42
CA GLY FA 171 20.32 -4.37 73.60
C GLY FA 171 20.50 -3.17 72.68
N GLN FA 172 21.73 -2.66 72.64
CA GLN FA 172 22.09 -1.52 71.79
C GLN FA 172 21.22 -0.28 72.05
N TYR FA 173 20.93 -0.02 73.33
CA TYR FA 173 20.11 1.14 73.68
C TYR FA 173 20.81 2.44 73.31
N LEU FA 174 20.04 3.39 72.78
CA LEU FA 174 20.56 4.68 72.37
C LEU FA 174 19.44 5.71 72.23
N GLY GA 171 -1.59 13.05 73.72
CA GLY GA 171 -1.36 14.39 74.21
C GLY GA 171 -1.79 15.45 73.23
N GLN GA 172 -1.41 16.70 73.51
CA GLN GA 172 -1.73 17.85 72.67
C GLN GA 172 -3.22 18.02 72.42
N TYR GA 173 -4.03 17.81 73.46
CA TYR GA 173 -5.48 17.94 73.32
C TYR GA 173 -5.88 19.37 73.00
N LEU GA 174 -6.84 19.53 72.11
CA LEU GA 174 -7.32 20.83 71.69
C LEU GA 174 -8.69 20.73 71.01
N GLY HA 171 -28.08 8.44 69.28
CA GLY HA 171 -29.07 9.45 69.55
C GLY HA 171 -29.76 9.95 68.29
N GLN HA 172 -30.51 11.04 68.43
CA GLN HA 172 -31.23 11.67 67.32
C GLN HA 172 -32.17 10.71 66.59
N TYR HA 173 -32.87 9.86 67.34
CA TYR HA 173 -33.78 8.91 66.74
C TYR HA 173 -34.94 9.61 66.03
N LEU HA 174 -35.30 9.10 64.87
CA LEU HA 174 -36.39 9.67 64.08
C LEU HA 174 -36.90 8.68 63.04
N GLY IA 171 -41.14 -13.96 62.41
CA GLY IA 171 -42.54 -13.90 62.01
C GLY IA 171 -42.75 -14.21 60.54
N GLN IA 172 -43.96 -13.96 60.06
CA GLN IA 172 -44.33 -14.18 58.67
C GLN IA 172 -44.08 -15.61 58.20
N TYR IA 173 -44.39 -16.58 59.05
CA TYR IA 173 -44.18 -17.98 58.70
C TYR IA 173 -45.08 -18.40 57.53
N LEU IA 174 -44.51 -19.19 56.63
CA LEU IA 174 -45.24 -19.65 55.45
C LEU IA 174 -44.55 -20.85 54.82
#